data_2MWG
#
_entry.id   2MWG
#
loop_
_entity.id
_entity.type
_entity.pdbx_description
1 polymer 'Blue-light photoreceptor'
2 non-polymer 'FLAVIN MONONUCLEOTIDE'
#
_entity_poly.entity_id   1
_entity_poly.type   'polypeptide(L)'
_entity_poly.pdbx_seq_one_letter_code
;GASFQSFGIPGQLEVIKKALDHVRVGVVITDPALEDNPIVYVNQGFVQMTGYETEEILGKNCRFLQGKHTDPAEVDNIRT
ALQNKEPVTVQIQNYKKDGTMFWNELNIDPMEIEDKTYFVGIQNDITKQKEYEKLLEDSLTEITALSTPIVPIRNGISAL
PLVGNLTEERFNSIVCTLTNILSTSKDDYLIIDLSGLAQVNEQTADQIFKLSHLLKLTGTELIITGIKPELAMKMNKLDA
NFSSLKTYSNVKDAVKVLPIM
;
_entity_poly.pdbx_strand_id   A,B
#
loop_
_chem_comp.id
_chem_comp.type
_chem_comp.name
_chem_comp.formula
FMN non-polymer 'FLAVIN MONONUCLEOTIDE' 'C17 H21 N4 O9 P'
#
# COMPACT_ATOMS: atom_id res chain seq x y z
N GLY A 1 -9.32 17.02 -38.97
CA GLY A 1 -9.07 15.81 -39.78
C GLY A 1 -8.57 16.22 -41.17
N ALA A 2 -7.53 17.03 -41.20
CA ALA A 2 -6.96 17.50 -42.46
C ALA A 2 -5.48 17.92 -42.26
N SER A 3 -4.75 18.18 -43.32
CA SER A 3 -3.34 18.61 -43.27
C SER A 3 -3.24 20.06 -42.78
N PHE A 4 -4.36 20.75 -42.89
CA PHE A 4 -4.45 22.12 -42.37
C PHE A 4 -4.45 22.15 -40.82
N GLN A 5 -5.52 21.63 -40.23
CA GLN A 5 -5.64 21.58 -38.76
C GLN A 5 -4.63 20.64 -38.12
N SER A 6 -4.36 19.50 -38.79
CA SER A 6 -3.43 18.52 -38.22
C SER A 6 -2.07 19.15 -38.01
N PHE A 7 -1.64 19.95 -38.98
CA PHE A 7 -0.37 20.69 -38.87
C PHE A 7 0.83 19.80 -39.25
N GLY A 8 1.13 19.75 -40.55
CA GLY A 8 2.21 18.89 -41.05
C GLY A 8 3.56 19.30 -40.46
N ILE A 9 4.57 19.38 -41.32
CA ILE A 9 5.94 19.74 -40.89
C ILE A 9 6.65 18.52 -40.26
N PRO A 10 7.63 17.93 -40.92
CA PRO A 10 8.32 16.73 -40.36
C PRO A 10 9.06 17.05 -39.06
N GLY A 11 9.39 18.32 -38.85
CA GLY A 11 10.09 18.72 -37.62
C GLY A 11 9.23 18.47 -36.38
N GLN A 12 7.93 18.71 -36.50
CA GLN A 12 7.03 18.48 -35.39
C GLN A 12 6.98 17.00 -35.06
N LEU A 13 6.99 16.17 -36.10
CA LEU A 13 6.94 14.72 -35.95
C LEU A 13 8.16 14.17 -35.21
N GLU A 14 9.34 14.68 -35.52
CA GLU A 14 10.57 14.22 -34.87
C GLU A 14 10.44 14.52 -33.39
N VAL A 15 9.89 15.69 -33.04
CA VAL A 15 9.75 16.10 -31.63
C VAL A 15 8.89 15.12 -30.87
N ILE A 16 7.78 14.72 -31.45
CA ILE A 16 6.88 13.82 -30.77
C ILE A 16 7.61 12.49 -30.50
N LYS A 17 8.35 11.97 -31.47
CA LYS A 17 9.06 10.71 -31.25
C LYS A 17 10.10 10.82 -30.12
N LYS A 18 10.91 11.87 -30.12
CA LYS A 18 11.98 11.95 -29.12
C LYS A 18 11.34 11.96 -27.74
N ALA A 19 10.23 12.66 -27.58
CA ALA A 19 9.59 12.72 -26.29
C ALA A 19 9.18 11.32 -25.83
N LEU A 20 8.66 10.52 -26.75
CA LEU A 20 8.28 9.14 -26.43
C LEU A 20 9.51 8.34 -26.03
N ASP A 21 10.61 8.56 -26.75
CA ASP A 21 11.89 7.87 -26.49
C ASP A 21 12.47 8.20 -25.10
N HIS A 22 12.35 9.46 -24.67
CA HIS A 22 12.89 9.87 -23.38
C HIS A 22 12.31 9.05 -22.23
N VAL A 23 11.02 8.75 -22.28
CA VAL A 23 10.39 7.97 -21.22
C VAL A 23 9.91 6.63 -21.80
N ARG A 24 10.27 5.55 -21.11
CA ARG A 24 9.95 4.21 -21.57
C ARG A 24 8.46 3.90 -21.42
N VAL A 25 7.78 3.83 -22.57
CA VAL A 25 6.37 3.52 -22.62
C VAL A 25 6.14 2.61 -23.81
N GLY A 26 5.25 1.66 -23.67
CA GLY A 26 4.98 0.71 -24.74
C GLY A 26 3.75 1.08 -25.55
N VAL A 27 3.98 1.82 -26.64
CA VAL A 27 2.89 2.16 -27.55
C VAL A 27 3.32 1.70 -28.94
N VAL A 28 2.45 0.96 -29.62
CA VAL A 28 2.76 0.46 -30.95
C VAL A 28 1.57 0.64 -31.87
N ILE A 29 1.81 0.64 -33.18
CA ILE A 29 0.71 0.75 -34.14
C ILE A 29 0.73 -0.47 -35.03
N THR A 30 -0.44 -1.10 -35.14
CA THR A 30 -0.63 -2.26 -35.99
C THR A 30 -1.41 -1.85 -37.23
N ASP A 31 -1.43 -2.70 -38.23
CA ASP A 31 -2.19 -2.40 -39.45
C ASP A 31 -3.07 -3.58 -39.86
N PRO A 32 -4.37 -3.52 -39.64
CA PRO A 32 -5.27 -4.65 -40.01
C PRO A 32 -5.30 -4.88 -41.53
N ALA A 33 -4.96 -3.83 -42.27
CA ALA A 33 -4.92 -3.89 -43.73
C ALA A 33 -3.91 -4.92 -44.26
N LEU A 34 -2.80 -5.06 -43.54
CA LEU A 34 -1.76 -6.03 -43.91
C LEU A 34 -2.06 -7.40 -43.28
N GLU A 35 -1.38 -8.44 -43.77
CA GLU A 35 -1.64 -9.80 -43.28
C GLU A 35 -1.31 -10.00 -41.79
N ASP A 36 -2.24 -10.60 -41.07
CA ASP A 36 -2.08 -10.91 -39.65
C ASP A 36 -1.90 -9.64 -38.78
N ASN A 37 -2.35 -8.52 -39.32
CA ASN A 37 -2.23 -7.24 -38.63
C ASN A 37 -0.85 -7.10 -37.97
N PRO A 38 0.19 -7.01 -38.77
CA PRO A 38 1.59 -6.87 -38.29
C PRO A 38 1.85 -5.50 -37.67
N ILE A 39 2.86 -5.45 -36.80
CA ILE A 39 3.21 -4.19 -36.14
C ILE A 39 4.20 -3.44 -37.00
N VAL A 40 3.86 -2.18 -37.32
CA VAL A 40 4.72 -1.34 -38.14
C VAL A 40 5.43 -0.27 -37.33
N TYR A 41 4.71 0.38 -36.40
CA TYR A 41 5.33 1.43 -35.60
C TYR A 41 5.81 0.92 -34.26
N VAL A 42 7.10 1.13 -34.01
CA VAL A 42 7.73 0.73 -32.75
C VAL A 42 8.75 1.79 -32.34
N ASN A 43 8.82 2.11 -31.06
CA ASN A 43 9.79 3.09 -30.58
C ASN A 43 11.02 2.37 -30.03
N GLN A 44 12.11 3.10 -29.83
CA GLN A 44 13.33 2.51 -29.25
C GLN A 44 13.13 2.09 -27.81
N GLY A 45 12.38 2.89 -27.06
CA GLY A 45 12.12 2.61 -25.66
C GLY A 45 11.42 1.27 -25.50
N PHE A 46 10.69 0.85 -26.53
CA PHE A 46 9.99 -0.41 -26.43
C PHE A 46 11.06 -1.45 -26.18
N VAL A 47 12.16 -1.45 -26.96
CA VAL A 47 13.16 -2.50 -26.85
C VAL A 47 13.74 -2.59 -25.46
N GLN A 48 14.07 -1.46 -24.88
CA GLN A 48 14.64 -1.45 -23.55
C GLN A 48 13.66 -1.99 -22.52
N MET A 49 12.38 -1.67 -22.68
CA MET A 49 11.34 -2.20 -21.79
C MET A 49 11.12 -3.71 -21.92
N THR A 50 11.08 -4.22 -23.15
CA THR A 50 10.83 -5.65 -23.36
C THR A 50 12.14 -6.44 -23.43
N GLY A 51 13.21 -5.72 -23.74
CA GLY A 51 14.53 -6.36 -23.86
C GLY A 51 14.64 -7.10 -25.19
N TYR A 52 13.78 -6.74 -26.14
CA TYR A 52 13.78 -7.32 -27.48
C TYR A 52 14.20 -6.30 -28.54
N GLU A 53 15.00 -6.76 -29.48
CA GLU A 53 15.48 -5.89 -30.56
C GLU A 53 14.30 -5.46 -31.43
N THR A 54 14.39 -4.27 -32.00
CA THR A 54 13.33 -3.71 -32.82
C THR A 54 13.10 -4.50 -34.10
N GLU A 55 14.14 -5.09 -34.66
CA GLU A 55 13.96 -5.85 -35.90
C GLU A 55 13.10 -7.09 -35.67
N GLU A 56 13.34 -7.81 -34.56
CA GLU A 56 12.55 -8.99 -34.29
C GLU A 56 11.10 -8.59 -34.03
N ILE A 57 10.87 -7.54 -33.22
CA ILE A 57 9.50 -7.19 -32.87
C ILE A 57 8.66 -6.80 -34.07
N LEU A 58 9.19 -5.96 -34.95
CA LEU A 58 8.45 -5.55 -36.12
C LEU A 58 8.16 -6.79 -36.93
N GLY A 59 6.98 -6.84 -37.53
CA GLY A 59 6.63 -7.97 -38.39
C GLY A 59 6.06 -9.14 -37.61
N LYS A 60 6.00 -9.07 -36.27
CA LYS A 60 5.46 -10.19 -35.49
C LYS A 60 4.52 -9.71 -34.39
N ASN A 61 3.56 -10.56 -34.01
CA ASN A 61 2.59 -10.21 -32.99
C ASN A 61 3.19 -10.38 -31.60
N CYS A 62 2.68 -9.59 -30.67
CA CYS A 62 3.16 -9.65 -29.29
C CYS A 62 2.86 -11.00 -28.64
N ARG A 63 2.50 -11.99 -29.45
CA ARG A 63 2.19 -13.31 -28.91
C ARG A 63 3.40 -13.91 -28.18
N PHE A 64 4.59 -13.76 -28.74
CA PHE A 64 5.82 -14.34 -28.14
C PHE A 64 6.05 -13.92 -26.67
N LEU A 65 5.48 -12.81 -26.25
CA LEU A 65 5.57 -12.34 -24.86
C LEU A 65 4.85 -13.27 -23.87
N GLN A 66 3.73 -13.83 -24.33
CA GLN A 66 2.91 -14.70 -23.52
C GLN A 66 3.65 -15.96 -23.10
N GLY A 67 3.49 -16.37 -21.84
CA GLY A 67 4.13 -17.60 -21.36
C GLY A 67 3.29 -18.32 -20.29
N LYS A 68 3.96 -18.98 -19.35
CA LYS A 68 3.28 -19.76 -18.30
C LYS A 68 2.39 -18.91 -17.39
N HIS A 69 2.88 -17.73 -17.02
CA HIS A 69 2.16 -16.84 -16.11
C HIS A 69 1.01 -16.12 -16.84
N THR A 70 0.96 -16.27 -18.15
CA THR A 70 -0.08 -15.62 -18.93
C THR A 70 -1.44 -16.16 -18.52
N ASP A 71 -2.37 -15.26 -18.22
CA ASP A 71 -3.70 -15.65 -17.78
C ASP A 71 -4.61 -15.89 -18.99
N PRO A 72 -5.03 -17.10 -19.27
CA PRO A 72 -5.91 -17.39 -20.43
C PRO A 72 -7.22 -16.60 -20.40
N ALA A 73 -7.73 -16.31 -19.20
CA ALA A 73 -8.98 -15.57 -19.09
C ALA A 73 -8.84 -14.17 -19.66
N GLU A 74 -7.70 -13.54 -19.39
CA GLU A 74 -7.44 -12.20 -19.91
C GLU A 74 -7.35 -12.27 -21.45
N VAL A 75 -6.66 -13.30 -21.89
CA VAL A 75 -6.40 -13.50 -23.33
C VAL A 75 -7.74 -13.64 -24.03
N ASP A 76 -8.62 -14.40 -23.42
CA ASP A 76 -9.96 -14.62 -23.95
C ASP A 76 -10.78 -13.31 -23.97
N ASN A 77 -10.62 -12.48 -22.95
CA ASN A 77 -11.35 -11.19 -22.90
C ASN A 77 -10.93 -10.29 -24.06
N ILE A 78 -9.63 -10.31 -24.34
CA ILE A 78 -9.08 -9.53 -25.46
C ILE A 78 -9.64 -10.00 -26.82
N ARG A 79 -9.68 -11.30 -26.96
CA ARG A 79 -10.17 -11.95 -28.18
C ARG A 79 -11.65 -11.58 -28.36
N THR A 80 -12.40 -11.61 -27.24
CA THR A 80 -13.81 -11.24 -27.30
C THR A 80 -13.88 -9.77 -27.76
N ALA A 81 -13.09 -8.90 -27.10
CA ALA A 81 -13.26 -7.44 -27.31
C ALA A 81 -13.01 -7.05 -28.78
N LEU A 82 -12.00 -7.61 -29.43
CA LEU A 82 -11.70 -7.29 -30.83
C LEU A 82 -12.84 -7.70 -31.73
N GLN A 83 -13.42 -8.85 -31.44
CA GLN A 83 -14.56 -9.32 -32.21
C GLN A 83 -15.72 -8.36 -32.01
N ASN A 84 -15.81 -7.80 -30.81
CA ASN A 84 -16.87 -6.85 -30.47
C ASN A 84 -16.46 -5.43 -30.89
N LYS A 85 -15.24 -5.30 -31.40
CA LYS A 85 -14.73 -4.00 -31.83
C LYS A 85 -14.96 -2.95 -30.74
N GLU A 86 -14.81 -3.35 -29.48
CA GLU A 86 -15.00 -2.42 -28.36
C GLU A 86 -13.71 -2.34 -27.54
N PRO A 87 -13.35 -1.19 -27.00
CA PRO A 87 -12.09 -1.06 -26.20
C PRO A 87 -12.07 -1.93 -24.96
N VAL A 88 -10.89 -2.45 -24.64
CA VAL A 88 -10.71 -3.31 -23.46
C VAL A 88 -9.40 -2.98 -22.74
N THR A 89 -9.42 -3.01 -21.40
CA THR A 89 -8.18 -2.80 -20.64
C THR A 89 -7.99 -3.98 -19.69
N VAL A 90 -6.86 -4.67 -19.83
CA VAL A 90 -6.56 -5.80 -18.96
C VAL A 90 -5.08 -5.82 -18.54
N GLN A 91 -4.76 -6.49 -17.46
CA GLN A 91 -3.35 -6.63 -17.03
C GLN A 91 -2.95 -8.06 -17.38
N ILE A 92 -1.81 -8.31 -18.08
CA ILE A 92 -1.42 -9.68 -18.36
C ILE A 92 0.11 -9.90 -18.20
N GLN A 93 0.43 -10.95 -17.46
CA GLN A 93 1.82 -11.32 -17.18
C GLN A 93 2.56 -11.64 -18.49
N ASN A 94 3.80 -11.15 -18.62
CA ASN A 94 4.60 -11.34 -19.84
C ASN A 94 6.06 -11.69 -19.52
N TYR A 95 6.77 -12.31 -20.48
CA TYR A 95 8.16 -12.72 -20.28
C TYR A 95 9.14 -12.03 -21.24
N LYS A 96 10.28 -11.59 -20.72
CA LYS A 96 11.28 -10.90 -21.54
C LYS A 96 12.20 -11.87 -22.26
N LYS A 97 13.22 -11.33 -22.92
CA LYS A 97 14.21 -12.16 -23.61
C LYS A 97 14.96 -13.06 -22.59
N ASP A 98 15.34 -12.48 -21.46
CA ASP A 98 16.10 -13.23 -20.43
C ASP A 98 15.19 -14.04 -19.52
N GLY A 99 13.89 -14.08 -19.80
CA GLY A 99 12.96 -14.89 -19.00
C GLY A 99 12.43 -14.13 -17.80
N THR A 100 12.84 -12.90 -17.66
CA THR A 100 12.37 -12.09 -16.56
C THR A 100 10.86 -11.98 -16.73
N MET A 101 10.12 -12.10 -15.64
CA MET A 101 8.66 -11.99 -15.68
C MET A 101 8.20 -10.66 -15.15
N PHE A 102 7.35 -9.99 -15.93
CA PHE A 102 6.86 -8.68 -15.53
C PHE A 102 5.41 -8.52 -15.94
N TRP A 103 4.71 -7.61 -15.29
CA TRP A 103 3.30 -7.38 -15.61
C TRP A 103 3.21 -6.32 -16.68
N ASN A 104 2.23 -6.47 -17.59
CA ASN A 104 2.10 -5.53 -18.70
C ASN A 104 0.67 -5.10 -19.00
N GLU A 105 0.27 -3.89 -18.63
CA GLU A 105 -1.10 -3.49 -18.86
C GLU A 105 -1.31 -3.28 -20.34
N LEU A 106 -2.41 -3.82 -20.89
CA LEU A 106 -2.71 -3.67 -22.31
C LEU A 106 -4.04 -2.95 -22.55
N ASN A 107 -3.99 -1.87 -23.33
CA ASN A 107 -5.21 -1.14 -23.69
C ASN A 107 -5.37 -1.11 -25.21
N ILE A 108 -6.49 -1.63 -25.71
CA ILE A 108 -6.77 -1.67 -27.15
C ILE A 108 -8.03 -0.89 -27.50
N ASP A 109 -7.94 0.01 -28.48
CA ASP A 109 -9.09 0.83 -28.88
C ASP A 109 -9.15 0.96 -30.41
N PRO A 110 -10.25 0.60 -31.04
CA PRO A 110 -10.37 0.70 -32.52
C PRO A 110 -10.48 2.15 -33.00
N MET A 111 -10.00 2.37 -34.21
CA MET A 111 -10.03 3.70 -34.81
C MET A 111 -10.82 3.60 -36.11
N GLU A 112 -11.44 4.70 -36.57
CA GLU A 112 -12.16 4.70 -37.84
C GLU A 112 -11.65 5.87 -38.70
N ILE A 113 -10.68 5.58 -39.53
CA ILE A 113 -10.05 6.62 -40.38
C ILE A 113 -10.22 6.30 -41.84
N GLU A 114 -10.68 7.26 -42.66
CA GLU A 114 -10.78 7.03 -44.10
C GLU A 114 -11.53 5.73 -44.40
N ASP A 115 -12.54 5.45 -43.59
CA ASP A 115 -13.33 4.23 -43.73
C ASP A 115 -12.45 2.99 -43.61
N LYS A 116 -11.39 3.11 -42.83
CA LYS A 116 -10.48 2.00 -42.58
C LYS A 116 -10.30 1.82 -41.09
N THR A 117 -10.13 0.59 -40.61
CA THR A 117 -10.00 0.37 -39.17
C THR A 117 -8.55 0.63 -38.74
N TYR A 118 -8.22 0.40 -37.48
CA TYR A 118 -6.85 0.45 -37.00
C TYR A 118 -6.85 -0.14 -35.59
N PHE A 119 -5.69 -0.64 -35.14
CA PHE A 119 -5.54 -1.13 -33.78
C PHE A 119 -4.30 -0.50 -33.13
N VAL A 120 -4.36 -0.24 -31.82
CA VAL A 120 -3.21 0.32 -31.11
C VAL A 120 -3.02 -0.42 -29.81
N GLY A 121 -1.79 -0.75 -29.48
CA GLY A 121 -1.50 -1.44 -28.22
C GLY A 121 -0.76 -0.50 -27.30
N ILE A 122 -1.24 -0.34 -26.08
CA ILE A 122 -0.56 0.52 -25.12
C ILE A 122 -0.09 -0.36 -23.98
N GLN A 123 1.17 -0.27 -23.62
CA GLN A 123 1.71 -1.06 -22.53
C GLN A 123 2.26 -0.15 -21.45
N ASN A 124 1.65 -0.23 -20.27
CA ASN A 124 2.05 0.61 -19.14
C ASN A 124 2.58 -0.21 -17.98
N ASP A 125 3.87 -0.03 -17.68
CA ASP A 125 4.56 -0.79 -16.66
C ASP A 125 4.03 -0.58 -15.23
N ILE A 126 3.67 -1.71 -14.61
CA ILE A 126 3.14 -1.74 -13.24
C ILE A 126 4.28 -1.89 -12.23
N THR A 127 5.54 -1.93 -12.70
CA THR A 127 6.71 -2.14 -11.81
C THR A 127 6.86 -1.04 -10.76
N LYS A 128 6.68 0.23 -11.15
CA LYS A 128 6.84 1.32 -10.20
C LYS A 128 5.86 1.13 -9.05
N GLN A 129 4.63 0.76 -9.40
CA GLN A 129 3.62 0.49 -8.40
C GLN A 129 4.03 -0.69 -7.55
N LYS A 130 4.62 -1.72 -8.15
CA LYS A 130 5.01 -2.87 -7.33
C LYS A 130 6.02 -2.47 -6.30
N GLU A 131 6.96 -1.63 -6.70
CA GLU A 131 8.00 -1.20 -5.79
C GLU A 131 7.37 -0.45 -4.61
N TYR A 132 6.35 0.32 -4.90
CA TYR A 132 5.62 1.03 -3.85
C TYR A 132 5.00 0.03 -2.86
N GLU A 133 4.37 -1.03 -3.38
CA GLU A 133 3.73 -2.01 -2.51
C GLU A 133 4.79 -2.70 -1.66
N LYS A 134 5.93 -2.97 -2.26
CA LYS A 134 7.02 -3.62 -1.54
C LYS A 134 7.48 -2.75 -0.37
N LEU A 135 7.55 -1.44 -0.62
CA LEU A 135 8.01 -0.51 0.42
C LEU A 135 7.03 -0.63 1.59
N LEU A 136 5.74 -0.67 1.28
CA LEU A 136 4.71 -0.79 2.28
C LEU A 136 4.85 -2.08 3.04
N GLU A 137 5.14 -3.18 2.33
CA GLU A 137 5.26 -4.46 3.00
C GLU A 137 6.43 -4.42 3.99
N ASP A 138 7.53 -3.80 3.58
CA ASP A 138 8.70 -3.76 4.44
C ASP A 138 8.33 -3.06 5.74
N SER A 139 7.58 -1.98 5.61
CA SER A 139 7.07 -1.25 6.78
C SER A 139 6.18 -2.13 7.65
N LEU A 140 5.33 -2.94 7.01
CA LEU A 140 4.46 -3.84 7.76
C LEU A 140 5.30 -4.85 8.53
N THR A 141 6.35 -5.38 7.87
CA THR A 141 7.19 -6.41 8.49
C THR A 141 7.86 -5.89 9.75
N GLU A 142 8.43 -4.69 9.70
CA GLU A 142 9.07 -4.12 10.88
C GLU A 142 8.00 -3.89 11.94
N ILE A 143 6.87 -3.41 11.45
CA ILE A 143 5.70 -3.18 12.28
C ILE A 143 5.15 -4.50 12.86
N THR A 144 5.07 -5.55 12.04
CA THR A 144 4.53 -6.83 12.51
C THR A 144 5.36 -7.43 13.64
N ALA A 145 6.69 -7.46 13.52
CA ALA A 145 7.47 -8.04 14.61
C ALA A 145 7.27 -7.20 15.87
N LEU A 146 7.23 -5.88 15.69
CA LEU A 146 7.01 -4.97 16.81
C LEU A 146 5.65 -5.18 17.48
N SER A 147 4.58 -5.35 16.69
CA SER A 147 3.24 -5.51 17.30
C SER A 147 3.26 -6.73 18.20
N THR A 148 3.95 -7.74 17.67
CA THR A 148 4.11 -9.04 18.35
C THR A 148 4.01 -8.78 19.85
N PRO A 149 2.82 -8.63 20.38
CA PRO A 149 2.67 -8.25 21.81
C PRO A 149 3.22 -9.26 22.80
N ILE A 150 3.74 -8.71 23.87
CA ILE A 150 4.26 -9.47 24.99
C ILE A 150 3.41 -8.98 26.15
N VAL A 151 2.91 -9.85 27.02
CA VAL A 151 2.11 -9.40 28.14
C VAL A 151 1.97 -10.61 29.06
N PRO A 152 2.85 -10.80 30.00
CA PRO A 152 2.75 -12.00 30.85
C PRO A 152 1.44 -11.98 31.62
N ILE A 153 0.77 -13.13 31.69
CA ILE A 153 -0.49 -13.18 32.42
C ILE A 153 -0.27 -12.97 33.92
N ARG A 154 0.76 -13.65 34.46
CA ARG A 154 1.07 -13.55 35.89
C ARG A 154 2.53 -13.97 36.11
N ASN A 155 2.84 -14.44 37.31
CA ASN A 155 4.20 -14.87 37.63
C ASN A 155 4.42 -16.35 37.27
N GLY A 156 5.13 -16.54 36.18
CA GLY A 156 5.40 -17.87 35.66
C GLY A 156 4.33 -18.30 34.69
N ILE A 157 3.43 -17.39 34.32
CA ILE A 157 2.42 -17.67 33.31
C ILE A 157 2.52 -16.62 32.19
N SER A 158 2.66 -17.09 30.95
CA SER A 158 2.76 -16.21 29.78
C SER A 158 1.83 -16.69 28.69
N ALA A 159 1.34 -15.79 27.84
CA ALA A 159 0.49 -16.21 26.72
C ALA A 159 0.83 -15.44 25.45
N LEU A 160 0.78 -16.15 24.31
CA LEU A 160 1.08 -15.55 23.01
C LEU A 160 0.00 -15.96 21.98
N PRO A 161 -1.13 -15.30 22.00
CA PRO A 161 -2.25 -15.61 21.07
C PRO A 161 -1.95 -15.24 19.61
N LEU A 162 -2.53 -16.01 18.70
CA LEU A 162 -2.38 -15.75 17.26
C LEU A 162 -3.72 -15.41 16.61
N VAL A 163 -3.77 -14.28 15.92
CA VAL A 163 -4.99 -13.84 15.23
C VAL A 163 -4.67 -13.63 13.75
N GLY A 164 -5.50 -14.19 12.87
CA GLY A 164 -5.30 -14.04 11.41
C GLY A 164 -4.98 -15.38 10.75
N ASN A 165 -4.99 -15.38 9.41
CA ASN A 165 -4.73 -16.60 8.63
C ASN A 165 -3.25 -16.80 8.45
N LEU A 166 -2.67 -17.84 9.05
CA LEU A 166 -1.23 -18.05 8.94
C LEU A 166 -0.75 -18.55 7.58
N THR A 167 -0.17 -17.63 6.81
CA THR A 167 0.38 -17.96 5.48
C THR A 167 1.82 -18.45 5.60
N GLU A 168 2.35 -19.01 4.52
CA GLU A 168 3.72 -19.54 4.52
C GLU A 168 4.74 -18.40 4.67
N GLU A 169 4.40 -17.25 4.10
CA GLU A 169 5.29 -16.09 4.20
C GLU A 169 5.40 -15.61 5.66
N ARG A 170 4.27 -15.58 6.34
CA ARG A 170 4.18 -15.21 7.75
C ARG A 170 4.91 -16.23 8.65
N PHE A 171 4.94 -17.49 8.22
CA PHE A 171 5.57 -18.56 9.02
C PHE A 171 7.03 -18.24 9.37
N ASN A 172 7.74 -17.49 8.53
CA ASN A 172 9.15 -17.23 8.83
C ASN A 172 9.26 -16.49 10.17
N SER A 173 8.38 -15.55 10.43
CA SER A 173 8.44 -14.79 11.67
C SER A 173 8.31 -15.74 12.87
N ILE A 174 7.41 -16.71 12.76
CA ILE A 174 7.16 -17.68 13.83
C ILE A 174 8.38 -18.55 14.15
N VAL A 175 9.05 -19.05 13.12
CA VAL A 175 10.21 -19.90 13.35
C VAL A 175 11.29 -19.10 14.08
N CYS A 176 11.44 -17.84 13.69
CA CYS A 176 12.40 -16.95 14.32
C CYS A 176 12.05 -16.73 15.80
N THR A 177 10.76 -16.70 16.07
CA THR A 177 10.25 -16.51 17.43
C THR A 177 10.71 -17.65 18.33
N LEU A 178 11.11 -18.76 17.74
CA LEU A 178 11.51 -19.91 18.53
C LEU A 178 12.73 -19.51 19.38
N THR A 179 13.64 -18.75 18.78
CA THR A 179 14.83 -18.31 19.48
C THR A 179 14.43 -17.47 20.71
N ASN A 180 13.45 -16.59 20.53
CA ASN A 180 12.94 -15.75 21.60
C ASN A 180 12.34 -16.59 22.74
N ILE A 181 11.68 -17.69 22.40
CA ILE A 181 11.07 -18.55 23.43
C ILE A 181 12.13 -19.05 24.37
N LEU A 182 13.32 -19.35 23.86
CA LEU A 182 14.36 -19.89 24.73
C LEU A 182 14.68 -18.85 25.83
N SER A 183 14.72 -17.59 25.43
CA SER A 183 14.93 -16.50 26.39
C SER A 183 13.81 -16.46 27.42
N THR A 184 12.59 -16.80 27.00
CA THR A 184 11.42 -16.77 27.89
C THR A 184 11.23 -18.11 28.62
N SER A 185 12.32 -18.87 28.74
CA SER A 185 12.27 -20.17 29.40
C SER A 185 11.87 -20.03 30.87
N LYS A 186 12.06 -18.85 31.40
CA LYS A 186 11.75 -18.56 32.80
C LYS A 186 10.28 -18.80 33.10
N ASP A 187 9.40 -18.46 32.16
CA ASP A 187 7.97 -18.64 32.39
C ASP A 187 7.60 -20.13 32.32
N ASP A 188 7.15 -20.65 33.47
CA ASP A 188 6.80 -22.06 33.59
C ASP A 188 5.64 -22.47 32.68
N TYR A 189 4.60 -21.64 32.61
CA TYR A 189 3.44 -21.98 31.82
C TYR A 189 3.30 -21.02 30.64
N LEU A 190 3.09 -21.60 29.46
CA LEU A 190 2.89 -20.82 28.24
C LEU A 190 1.51 -21.19 27.68
N ILE A 191 0.66 -20.20 27.41
CA ILE A 191 -0.66 -20.49 26.82
C ILE A 191 -0.73 -19.89 25.41
N ILE A 192 -1.09 -20.72 24.42
CA ILE A 192 -1.21 -20.23 23.05
C ILE A 192 -2.67 -20.26 22.63
N ASP A 193 -3.22 -19.14 22.14
CA ASP A 193 -4.58 -19.08 21.65
C ASP A 193 -4.64 -19.31 20.13
N LEU A 194 -5.32 -20.37 19.74
CA LEU A 194 -5.56 -20.67 18.33
C LEU A 194 -6.95 -20.20 17.88
N SER A 195 -7.72 -19.70 18.83
CA SER A 195 -9.09 -19.22 18.57
C SER A 195 -9.11 -18.04 17.59
N GLY A 196 -8.11 -17.20 17.65
CA GLY A 196 -8.08 -16.07 16.72
C GLY A 196 -8.02 -16.60 15.29
N LEU A 197 -7.17 -17.61 15.15
CA LEU A 197 -6.93 -18.20 13.85
C LEU A 197 -8.19 -18.99 13.43
N ALA A 198 -8.67 -18.73 12.21
CA ALA A 198 -9.86 -19.41 11.73
C ALA A 198 -9.67 -20.94 11.70
N GLN A 199 -8.57 -21.35 11.08
CA GLN A 199 -8.29 -22.79 10.88
C GLN A 199 -6.88 -23.19 11.26
N VAL A 200 -6.66 -24.45 11.57
CA VAL A 200 -5.31 -24.89 11.89
C VAL A 200 -4.88 -25.92 10.85
N ASN A 201 -3.67 -25.74 10.32
CA ASN A 201 -3.14 -26.64 9.30
C ASN A 201 -2.50 -27.86 9.94
N GLU A 202 -2.42 -28.97 9.21
CA GLU A 202 -1.82 -30.18 9.78
C GLU A 202 -0.33 -29.94 10.05
N GLN A 203 0.34 -29.21 9.15
CA GLN A 203 1.77 -28.95 9.31
C GLN A 203 2.00 -28.23 10.64
N THR A 204 1.03 -27.43 11.04
CA THR A 204 1.08 -26.70 12.30
C THR A 204 1.18 -27.67 13.47
N ALA A 205 0.43 -28.76 13.42
CA ALA A 205 0.43 -29.71 14.52
C ALA A 205 1.86 -30.20 14.76
N ASP A 206 2.62 -30.42 13.70
CA ASP A 206 3.99 -30.90 13.84
C ASP A 206 4.81 -29.87 14.62
N GLN A 207 4.55 -28.61 14.36
CA GLN A 207 5.22 -27.53 15.08
C GLN A 207 4.87 -27.54 16.55
N ILE A 208 3.61 -27.83 16.88
CA ILE A 208 3.19 -27.84 18.28
C ILE A 208 3.97 -28.92 19.01
N PHE A 209 4.06 -30.10 18.39
CA PHE A 209 4.75 -31.23 19.02
C PHE A 209 6.23 -30.92 19.27
N LYS A 210 6.92 -30.32 18.30
CA LYS A 210 8.34 -30.04 18.51
C LYS A 210 8.51 -29.10 19.68
N LEU A 211 7.65 -28.10 19.77
CA LEU A 211 7.73 -27.13 20.86
C LEU A 211 7.51 -27.79 22.22
N SER A 212 6.54 -28.69 22.33
CA SER A 212 6.29 -29.31 23.62
C SER A 212 7.51 -30.08 24.08
N HIS A 213 8.16 -30.80 23.17
CA HIS A 213 9.33 -31.57 23.52
C HIS A 213 10.49 -30.70 23.98
N LEU A 214 10.76 -29.61 23.24
CA LEU A 214 11.83 -28.73 23.67
C LEU A 214 11.47 -28.15 25.03
N LEU A 215 10.20 -27.72 25.15
CA LEU A 215 9.71 -27.10 26.37
C LEU A 215 9.76 -28.05 27.55
N LYS A 216 9.41 -29.31 27.32
CA LYS A 216 9.42 -30.28 28.40
C LYS A 216 10.84 -30.39 28.97
N LEU A 217 11.84 -30.47 28.11
CA LEU A 217 13.22 -30.61 28.55
C LEU A 217 13.62 -29.39 29.37
N THR A 218 13.18 -28.23 28.93
CA THR A 218 13.49 -26.99 29.60
C THR A 218 12.64 -26.85 30.86
N GLY A 219 11.64 -27.71 31.03
CA GLY A 219 10.78 -27.61 32.21
C GLY A 219 9.66 -26.58 32.04
N THR A 220 9.08 -26.45 30.85
CA THR A 220 8.01 -25.46 30.65
C THR A 220 6.74 -26.10 30.10
N GLU A 221 5.72 -26.13 30.93
CA GLU A 221 4.42 -26.68 30.53
C GLU A 221 3.82 -25.85 29.38
N LEU A 222 3.24 -26.53 28.39
CA LEU A 222 2.60 -25.88 27.24
C LEU A 222 1.10 -26.13 27.26
N ILE A 223 0.31 -25.08 27.12
CA ILE A 223 -1.15 -25.17 27.11
C ILE A 223 -1.69 -24.68 25.77
N ILE A 224 -2.64 -25.43 25.18
CA ILE A 224 -3.24 -25.06 23.90
C ILE A 224 -4.73 -24.74 24.10
N THR A 225 -5.19 -23.62 23.55
CA THR A 225 -6.60 -23.23 23.71
C THR A 225 -7.21 -22.80 22.39
N GLY A 226 -8.54 -22.69 22.35
CA GLY A 226 -9.21 -22.24 21.14
C GLY A 226 -9.29 -23.37 20.12
N ILE A 227 -9.14 -24.57 20.64
CA ILE A 227 -9.22 -25.76 19.81
C ILE A 227 -10.69 -26.11 19.60
N LYS A 228 -11.07 -26.32 18.35
CA LYS A 228 -12.45 -26.68 18.03
C LYS A 228 -12.71 -28.14 18.39
N PRO A 229 -13.84 -28.49 18.97
CA PRO A 229 -14.13 -29.91 19.33
C PRO A 229 -13.97 -30.87 18.15
N GLU A 230 -14.41 -30.43 16.98
CA GLU A 230 -14.34 -31.28 15.78
C GLU A 230 -12.88 -31.58 15.45
N LEU A 231 -12.05 -30.57 15.60
CA LEU A 231 -10.61 -30.71 15.39
C LEU A 231 -9.96 -31.66 16.39
N ALA A 232 -10.36 -31.58 17.67
CA ALA A 232 -9.78 -32.45 18.69
C ALA A 232 -10.09 -33.91 18.42
N MET A 233 -11.29 -34.17 17.94
CA MET A 233 -11.68 -35.55 17.67
C MET A 233 -10.79 -36.12 16.58
N LYS A 234 -10.52 -35.30 15.57
CA LYS A 234 -9.63 -35.72 14.48
C LYS A 234 -8.22 -35.98 15.01
N MET A 235 -7.80 -35.13 15.93
CA MET A 235 -6.49 -35.24 16.58
C MET A 235 -6.38 -36.50 17.42
N ASN A 236 -7.46 -36.90 18.10
CA ASN A 236 -7.40 -38.06 18.96
C ASN A 236 -7.04 -39.28 18.15
N LYS A 237 -7.64 -39.39 16.97
CA LYS A 237 -7.38 -40.54 16.11
C LYS A 237 -5.89 -40.60 15.72
N LEU A 238 -5.34 -39.44 15.41
CA LEU A 238 -3.90 -39.32 15.08
C LEU A 238 -2.96 -39.72 16.23
N ASP A 239 -3.29 -39.31 17.45
CA ASP A 239 -2.45 -39.66 18.62
C ASP A 239 -3.16 -39.37 19.96
N ALA A 240 -3.14 -40.39 20.80
CA ALA A 240 -3.75 -40.28 22.14
C ALA A 240 -3.06 -39.19 22.97
N ASN A 241 -1.80 -38.96 22.67
CA ASN A 241 -0.98 -37.96 23.36
C ASN A 241 -1.56 -36.56 23.20
N PHE A 242 -2.26 -36.30 22.12
CA PHE A 242 -2.76 -34.96 21.89
C PHE A 242 -3.62 -34.54 23.09
N SER A 243 -4.45 -35.45 23.54
CA SER A 243 -5.32 -35.17 24.71
C SER A 243 -4.49 -34.90 25.97
N SER A 244 -3.25 -35.34 25.96
CA SER A 244 -2.33 -35.13 27.09
C SER A 244 -2.22 -33.64 27.44
N LEU A 245 -2.21 -32.77 26.43
CA LEU A 245 -2.04 -31.34 26.71
C LEU A 245 -3.36 -30.64 26.99
N LYS A 246 -3.41 -29.99 28.14
CA LYS A 246 -4.64 -29.34 28.59
C LYS A 246 -5.20 -28.46 27.46
N THR A 247 -6.51 -28.60 27.28
CA THR A 247 -7.25 -27.84 26.27
C THR A 247 -8.44 -27.10 26.88
N TYR A 248 -8.55 -25.82 26.54
CA TYR A 248 -9.65 -24.98 27.01
C TYR A 248 -10.53 -24.52 25.86
N SER A 249 -11.85 -24.49 26.08
CA SER A 249 -12.73 -24.07 25.02
C SER A 249 -12.37 -22.66 24.63
N ASN A 250 -12.11 -21.79 25.61
CA ASN A 250 -11.77 -20.40 25.34
C ASN A 250 -10.75 -19.87 26.34
N VAL A 251 -10.08 -18.80 25.94
CA VAL A 251 -9.05 -18.14 26.75
C VAL A 251 -9.60 -17.60 28.06
N LYS A 252 -10.76 -16.94 27.99
CA LYS A 252 -11.35 -16.38 29.19
C LYS A 252 -11.65 -17.50 30.17
N ASP A 253 -12.21 -18.60 29.65
CA ASP A 253 -12.57 -19.73 30.50
C ASP A 253 -11.32 -20.35 31.15
N ALA A 254 -10.23 -20.52 30.39
CA ALA A 254 -9.02 -21.12 30.96
C ALA A 254 -8.46 -20.21 32.05
N VAL A 255 -8.47 -18.93 31.75
CA VAL A 255 -7.93 -17.96 32.67
C VAL A 255 -8.72 -17.94 33.98
N LYS A 256 -10.04 -17.94 33.87
CA LYS A 256 -10.88 -17.92 35.06
C LYS A 256 -10.70 -19.18 35.90
N VAL A 257 -10.74 -20.35 35.27
CA VAL A 257 -10.56 -21.60 36.02
C VAL A 257 -9.15 -21.73 36.60
N LEU A 258 -8.14 -21.36 35.80
CA LEU A 258 -6.74 -21.50 36.24
C LEU A 258 -6.63 -21.41 37.76
N PRO A 259 -6.77 -20.25 38.35
CA PRO A 259 -6.67 -20.12 39.83
C PRO A 259 -7.77 -20.89 40.56
N ILE A 260 -7.41 -21.54 41.67
CA ILE A 260 -8.40 -22.29 42.46
C ILE A 260 -8.01 -22.38 43.94
N MET A 261 -6.72 -22.31 44.23
CA MET A 261 -6.23 -22.46 45.61
C MET A 261 -5.19 -21.38 45.93
N GLY B 1 16.40 10.61 -38.64
CA GLY B 1 16.25 12.10 -38.52
C GLY B 1 16.05 12.69 -39.90
N ALA B 2 15.05 12.19 -40.60
CA ALA B 2 14.73 12.66 -41.94
C ALA B 2 13.30 12.27 -42.31
N SER B 3 12.71 12.97 -43.29
CA SER B 3 11.35 12.68 -43.72
C SER B 3 11.24 11.24 -44.21
N PHE B 4 12.38 10.66 -44.67
CA PHE B 4 12.35 9.32 -45.20
C PHE B 4 12.08 8.32 -44.08
N GLN B 5 13.01 8.26 -43.14
CA GLN B 5 12.88 7.38 -41.99
C GLN B 5 11.74 7.79 -41.06
N SER B 6 11.55 9.09 -40.88
CA SER B 6 10.52 9.58 -39.97
C SER B 6 9.16 9.08 -40.42
N PHE B 7 8.93 9.14 -41.74
CA PHE B 7 7.69 8.63 -42.33
C PHE B 7 6.59 9.69 -42.24
N GLY B 8 6.51 10.56 -43.25
CA GLY B 8 5.52 11.64 -43.26
C GLY B 8 4.10 11.10 -43.28
N ILE B 9 3.26 11.68 -44.13
CA ILE B 9 1.85 11.27 -44.25
C ILE B 9 0.99 11.88 -43.12
N PRO B 10 0.15 12.85 -43.39
CA PRO B 10 -0.67 13.50 -42.32
C PRO B 10 -1.62 12.50 -41.65
N GLY B 11 -1.95 11.44 -42.37
CA GLY B 11 -2.84 10.41 -41.86
C GLY B 11 -2.25 9.73 -40.62
N GLN B 12 -0.95 9.48 -40.65
CA GLN B 12 -0.29 8.86 -39.50
C GLN B 12 -0.36 9.81 -38.29
N LEU B 13 -0.20 11.09 -38.57
CA LEU B 13 -0.20 12.12 -37.53
C LEU B 13 -1.55 12.19 -36.78
N GLU B 14 -2.65 12.11 -37.51
CA GLU B 14 -4.00 12.16 -36.91
C GLU B 14 -4.24 10.93 -35.98
N VAL B 15 -3.63 9.83 -36.41
CA VAL B 15 -3.67 8.57 -35.65
C VAL B 15 -3.02 8.73 -34.27
N ILE B 16 -1.85 9.35 -34.25
CA ILE B 16 -1.13 9.54 -33.00
C ILE B 16 -1.95 10.44 -32.05
N LYS B 17 -2.50 11.51 -32.60
CA LYS B 17 -3.29 12.45 -31.79
C LYS B 17 -4.55 11.82 -31.20
N LYS B 18 -5.29 11.03 -31.96
CA LYS B 18 -6.50 10.44 -31.39
C LYS B 18 -6.15 9.51 -30.24
N ALA B 19 -5.07 8.74 -30.41
CA ALA B 19 -4.67 7.81 -29.37
C ALA B 19 -4.34 8.54 -28.07
N LEU B 20 -3.70 9.69 -28.18
CA LEU B 20 -3.44 10.51 -27.00
C LEU B 20 -4.77 10.98 -26.37
N ASP B 21 -5.71 11.39 -27.23
CA ASP B 21 -7.02 11.90 -26.80
C ASP B 21 -7.83 10.83 -26.07
N HIS B 22 -7.76 9.60 -26.53
CA HIS B 22 -8.53 8.50 -25.92
C HIS B 22 -8.19 8.34 -24.44
N VAL B 23 -6.92 8.47 -24.07
CA VAL B 23 -6.52 8.35 -22.67
C VAL B 23 -5.99 9.70 -22.17
N ARG B 24 -6.51 10.14 -21.02
CA ARG B 24 -6.14 11.43 -20.46
C ARG B 24 -4.71 11.44 -19.92
N VAL B 25 -3.82 12.11 -20.65
CA VAL B 25 -2.43 12.24 -20.21
C VAL B 25 -1.89 13.62 -20.55
N GLY B 26 -1.23 14.25 -19.59
CA GLY B 26 -0.78 15.60 -19.81
C GLY B 26 0.61 15.67 -20.44
N VAL B 27 0.62 15.84 -21.76
CA VAL B 27 1.86 16.03 -22.49
C VAL B 27 1.71 17.32 -23.29
N VAL B 28 2.66 18.23 -23.19
CA VAL B 28 2.59 19.49 -23.94
C VAL B 28 3.95 19.86 -24.52
N ILE B 29 3.94 20.66 -25.58
CA ILE B 29 5.18 21.09 -26.22
C ILE B 29 5.33 22.62 -26.18
N THR B 30 6.50 23.01 -25.68
CA THR B 30 6.82 24.43 -25.48
C THR B 30 7.90 24.81 -26.47
N ASP B 31 8.02 26.11 -26.78
CA ASP B 31 9.00 26.55 -27.76
C ASP B 31 9.90 27.62 -27.16
N PRO B 32 11.12 27.30 -26.81
CA PRO B 32 12.05 28.30 -26.21
C PRO B 32 12.39 29.41 -27.20
N ALA B 33 12.21 29.13 -28.49
CA ALA B 33 12.50 30.13 -29.52
C ALA B 33 11.60 31.34 -29.34
N LEU B 34 10.31 31.14 -29.04
CA LEU B 34 9.39 32.27 -28.88
C LEU B 34 9.61 32.97 -27.54
N GLU B 35 8.77 33.95 -27.24
CA GLU B 35 8.89 34.71 -25.99
C GLU B 35 8.32 33.97 -24.77
N ASP B 36 9.11 33.92 -23.71
CA ASP B 36 8.69 33.28 -22.46
C ASP B 36 8.30 31.83 -22.71
N ASN B 37 8.98 31.15 -23.61
CA ASN B 37 8.70 29.76 -23.91
C ASN B 37 7.22 29.41 -23.74
N PRO B 38 6.38 29.93 -24.60
CA PRO B 38 4.92 29.67 -24.58
C PRO B 38 4.60 28.25 -25.03
N ILE B 39 3.44 27.75 -24.60
CA ILE B 39 3.02 26.41 -24.97
C ILE B 39 2.25 26.50 -26.28
N VAL B 40 2.64 25.65 -27.25
CA VAL B 40 1.98 25.62 -28.55
C VAL B 40 1.15 24.35 -28.75
N TYR B 41 1.69 23.20 -28.34
CA TYR B 41 0.96 21.94 -28.52
C TYR B 41 0.22 21.54 -27.26
N VAL B 42 -1.09 21.36 -27.40
CA VAL B 42 -1.94 20.92 -26.30
C VAL B 42 -2.99 19.95 -26.81
N ASN B 43 -3.30 18.90 -26.06
CA ASN B 43 -4.33 17.95 -26.47
C ASN B 43 -5.64 18.22 -25.75
N GLN B 44 -6.74 17.72 -26.29
CA GLN B 44 -8.06 17.91 -25.69
C GLN B 44 -8.15 17.28 -24.30
N GLY B 45 -7.51 16.14 -24.14
CA GLY B 45 -7.53 15.43 -22.86
C GLY B 45 -6.94 16.28 -21.74
N PHE B 46 -6.04 17.19 -22.11
CA PHE B 46 -5.41 18.07 -21.15
C PHE B 46 -6.47 18.92 -20.44
N VAL B 47 -7.42 19.41 -21.23
CA VAL B 47 -8.48 20.25 -20.72
C VAL B 47 -9.33 19.51 -19.70
N GLN B 48 -9.71 18.28 -20.00
CA GLN B 48 -10.52 17.51 -19.06
C GLN B 48 -9.75 17.27 -17.77
N MET B 49 -8.48 16.91 -17.90
CA MET B 49 -7.63 16.64 -16.73
C MET B 49 -7.43 17.87 -15.85
N THR B 50 -7.19 19.03 -16.46
CA THR B 50 -6.95 20.23 -15.68
C THR B 50 -8.22 21.05 -15.48
N GLY B 51 -9.23 20.77 -16.29
CA GLY B 51 -10.52 21.45 -16.18
C GLY B 51 -10.41 22.88 -16.73
N TYR B 52 -9.36 23.10 -17.51
CA TYR B 52 -9.09 24.41 -18.14
C TYR B 52 -9.31 24.32 -19.64
N GLU B 53 -9.81 25.40 -20.24
CA GLU B 53 -10.04 25.42 -21.67
C GLU B 53 -8.73 25.56 -22.45
N THR B 54 -8.70 24.97 -23.64
CA THR B 54 -7.49 24.97 -24.46
C THR B 54 -7.05 26.38 -24.84
N GLU B 55 -8.01 27.24 -25.09
CA GLU B 55 -7.68 28.60 -25.49
C GLU B 55 -6.93 29.36 -24.39
N GLU B 56 -7.33 29.17 -23.14
CA GLU B 56 -6.65 29.78 -21.99
C GLU B 56 -5.29 29.18 -21.66
N ILE B 57 -5.13 27.87 -21.89
CA ILE B 57 -3.83 27.25 -21.64
C ILE B 57 -2.82 27.80 -22.66
N LEU B 58 -3.12 27.58 -23.94
CA LEU B 58 -2.19 27.98 -24.99
C LEU B 58 -1.82 29.45 -24.82
N GLY B 59 -0.51 29.76 -24.94
CA GLY B 59 -0.03 31.14 -24.78
C GLY B 59 0.43 31.45 -23.34
N LYS B 60 0.18 30.52 -22.40
CA LYS B 60 0.50 30.78 -20.99
C LYS B 60 1.23 29.61 -20.33
N ASN B 61 2.08 29.97 -19.37
CA ASN B 61 2.87 28.99 -18.64
C ASN B 61 2.02 28.29 -17.57
N CYS B 62 2.36 27.04 -17.27
CA CYS B 62 1.61 26.25 -16.30
C CYS B 62 1.68 26.85 -14.88
N ARG B 63 2.22 28.06 -14.80
CA ARG B 63 2.42 28.74 -13.52
C ARG B 63 1.09 28.98 -12.76
N PHE B 64 0.01 29.20 -13.51
CA PHE B 64 -1.31 29.41 -12.89
C PHE B 64 -1.75 28.21 -12.04
N LEU B 65 -1.33 27.01 -12.37
CA LEU B 65 -1.74 25.82 -11.62
C LEU B 65 -1.24 25.94 -10.18
N GLN B 66 0.00 26.42 -10.03
CA GLN B 66 0.65 26.49 -8.73
C GLN B 66 -0.27 27.22 -7.73
N GLY B 67 -0.22 26.79 -6.47
CA GLY B 67 -1.02 27.44 -5.41
C GLY B 67 -0.42 27.19 -4.03
N LYS B 68 -1.28 27.24 -3.01
CA LYS B 68 -0.84 27.13 -1.61
C LYS B 68 -0.12 25.81 -1.34
N HIS B 69 -0.64 24.73 -1.88
CA HIS B 69 -0.09 23.41 -1.65
C HIS B 69 1.19 23.20 -2.45
N THR B 70 1.49 24.11 -3.37
CA THR B 70 2.68 23.97 -4.19
C THR B 70 3.90 23.98 -3.29
N ASP B 71 4.82 23.05 -3.53
CA ASP B 71 6.02 22.94 -2.73
C ASP B 71 7.14 23.79 -3.35
N PRO B 72 7.57 24.85 -2.71
CA PRO B 72 8.66 25.70 -3.27
C PRO B 72 9.91 24.88 -3.59
N ALA B 73 10.22 23.91 -2.73
CA ALA B 73 11.44 23.14 -2.89
C ALA B 73 11.43 22.42 -4.22
N GLU B 74 10.26 21.89 -4.58
CA GLU B 74 10.11 21.22 -5.86
C GLU B 74 10.24 22.22 -7.00
N VAL B 75 9.70 23.42 -6.79
CA VAL B 75 9.79 24.48 -7.80
C VAL B 75 11.25 24.84 -8.03
N ASP B 76 12.00 25.01 -6.94
CA ASP B 76 13.41 25.39 -7.02
C ASP B 76 14.21 24.31 -7.73
N ASN B 77 13.88 23.03 -7.49
CA ASN B 77 14.62 21.97 -8.14
C ASN B 77 14.44 22.10 -9.65
N ILE B 78 13.21 22.40 -10.08
CA ILE B 78 12.92 22.52 -11.50
C ILE B 78 13.70 23.67 -12.11
N ARG B 79 13.73 24.78 -11.41
CA ARG B 79 14.43 25.97 -11.87
C ARG B 79 15.92 25.63 -12.02
N THR B 80 16.45 24.91 -11.03
CA THR B 80 17.86 24.53 -11.06
C THR B 80 18.12 23.63 -12.28
N ALA B 81 17.25 22.67 -12.52
CA ALA B 81 17.45 21.70 -13.61
C ALA B 81 17.47 22.33 -15.00
N LEU B 82 16.57 23.28 -15.24
CA LEU B 82 16.53 23.93 -16.54
C LEU B 82 17.83 24.67 -16.78
N GLN B 83 18.32 25.36 -15.74
CA GLN B 83 19.56 26.09 -15.85
C GLN B 83 20.69 25.11 -16.15
N ASN B 84 20.56 23.91 -15.58
CA ASN B 84 21.55 22.85 -15.78
C ASN B 84 21.20 22.00 -16.99
N LYS B 85 20.17 22.40 -17.74
CA LYS B 85 19.82 21.67 -18.95
C LYS B 85 19.88 20.15 -18.74
N GLU B 86 19.46 19.70 -17.57
CA GLU B 86 19.45 18.26 -17.25
C GLU B 86 18.03 17.81 -16.90
N PRO B 87 17.61 16.64 -17.32
CA PRO B 87 16.21 16.17 -17.03
C PRO B 87 15.91 16.02 -15.54
N VAL B 88 14.69 16.40 -15.17
CA VAL B 88 14.28 16.33 -13.75
C VAL B 88 12.84 15.85 -13.58
N THR B 89 12.63 14.95 -12.62
CA THR B 89 11.29 14.42 -12.35
C THR B 89 10.91 14.73 -10.90
N VAL B 90 9.80 15.43 -10.74
CA VAL B 90 9.31 15.81 -9.41
C VAL B 90 7.80 15.66 -9.29
N GLN B 91 7.28 15.62 -8.06
CA GLN B 91 5.83 15.60 -7.86
C GLN B 91 5.38 16.89 -7.14
N ILE B 92 4.49 17.62 -7.78
CA ILE B 92 4.07 18.93 -7.29
C ILE B 92 2.55 19.06 -7.25
N GLN B 93 2.05 19.54 -6.12
CA GLN B 93 0.62 19.74 -5.95
C GLN B 93 0.14 20.89 -6.84
N ASN B 94 -1.07 20.75 -7.39
CA ASN B 94 -1.62 21.78 -8.27
C ASN B 94 -3.08 22.11 -7.89
N TYR B 95 -3.62 23.07 -8.62
CA TYR B 95 -5.02 23.48 -8.47
C TYR B 95 -5.78 23.48 -9.81
N LYS B 96 -7.07 23.15 -9.78
CA LYS B 96 -7.89 23.17 -10.99
C LYS B 96 -8.74 24.45 -11.04
N LYS B 97 -9.54 24.57 -12.09
CA LYS B 97 -10.40 25.73 -12.27
C LYS B 97 -11.40 25.85 -11.13
N ASP B 98 -11.92 24.73 -10.61
CA ASP B 98 -12.88 24.81 -9.50
C ASP B 98 -12.19 24.84 -8.12
N GLY B 99 -10.87 24.79 -8.09
CA GLY B 99 -10.14 24.82 -6.81
C GLY B 99 -9.82 23.42 -6.29
N THR B 100 -10.17 22.40 -7.06
CA THR B 100 -9.88 21.04 -6.63
C THR B 100 -8.36 20.84 -6.64
N MET B 101 -7.84 20.30 -5.57
CA MET B 101 -6.41 20.07 -5.44
C MET B 101 -6.10 18.68 -5.95
N PHE B 102 -4.99 18.51 -6.65
CA PHE B 102 -4.62 17.19 -7.12
C PHE B 102 -3.09 17.13 -7.27
N TRP B 103 -2.54 15.93 -7.37
CA TRP B 103 -1.08 15.80 -7.53
C TRP B 103 -0.72 15.66 -9.01
N ASN B 104 0.38 16.31 -9.38
CA ASN B 104 0.83 16.32 -10.77
C ASN B 104 2.32 16.02 -10.93
N GLU B 105 2.60 14.85 -11.46
CA GLU B 105 4.01 14.47 -11.69
C GLU B 105 4.54 15.15 -12.96
N LEU B 106 5.64 15.93 -12.82
CA LEU B 106 6.20 16.67 -13.95
C LEU B 106 7.57 16.13 -14.35
N ASN B 107 7.70 15.81 -15.64
CA ASN B 107 8.98 15.35 -16.20
C ASN B 107 9.40 16.33 -17.30
N ILE B 108 10.63 16.84 -17.19
CA ILE B 108 11.18 17.77 -18.18
C ILE B 108 12.47 17.19 -18.75
N ASP B 109 12.61 17.22 -20.07
CA ASP B 109 13.83 16.73 -20.72
C ASP B 109 14.17 17.60 -21.94
N PRO B 110 15.36 18.17 -22.01
CA PRO B 110 15.77 19.02 -23.16
C PRO B 110 15.96 18.23 -24.45
N MET B 111 15.76 18.87 -25.60
CA MET B 111 15.96 18.20 -26.89
C MET B 111 16.86 19.05 -27.76
N GLU B 112 17.72 18.40 -28.54
CA GLU B 112 18.63 19.11 -29.44
C GLU B 112 18.19 18.77 -30.85
N ILE B 113 17.55 19.70 -31.56
CA ILE B 113 17.13 19.46 -32.93
C ILE B 113 17.51 20.62 -33.86
N GLU B 114 18.20 20.30 -34.95
CA GLU B 114 18.60 21.32 -35.91
C GLU B 114 19.34 22.46 -35.19
N ASP B 115 20.15 22.08 -34.20
CA ASP B 115 20.90 23.06 -33.42
C ASP B 115 19.94 24.03 -32.71
N LYS B 116 18.79 23.52 -32.27
CA LYS B 116 17.83 24.31 -31.53
C LYS B 116 17.39 23.50 -30.30
N THR B 117 17.04 24.19 -29.23
CA THR B 117 16.65 23.51 -27.99
C THR B 117 15.14 23.46 -27.86
N TYR B 118 14.59 22.49 -27.16
CA TYR B 118 13.14 22.34 -27.00
C TYR B 118 12.78 21.73 -25.64
N PHE B 119 11.65 22.14 -25.08
CA PHE B 119 11.24 21.67 -23.74
C PHE B 119 9.88 21.01 -23.79
N VAL B 120 9.74 19.90 -23.07
CA VAL B 120 8.49 19.13 -23.07
C VAL B 120 8.05 18.87 -21.64
N GLY B 121 6.77 19.05 -21.39
CA GLY B 121 6.22 18.84 -20.07
C GLY B 121 5.28 17.64 -20.05
N ILE B 122 5.60 16.69 -19.19
CA ILE B 122 4.78 15.47 -19.08
C ILE B 122 4.09 15.46 -17.73
N GLN B 123 2.76 15.28 -17.74
CA GLN B 123 2.01 15.24 -16.50
C GLN B 123 1.33 13.89 -16.38
N ASN B 124 1.62 13.19 -15.29
CA ASN B 124 1.04 11.88 -15.03
C ASN B 124 0.25 11.94 -13.71
N ASP B 125 -1.03 11.59 -13.81
CA ASP B 125 -1.93 11.62 -12.67
C ASP B 125 -1.62 10.53 -11.63
N ILE B 126 -1.50 10.92 -10.35
CA ILE B 126 -1.24 9.98 -9.24
C ILE B 126 -2.57 9.70 -8.45
N THR B 127 -3.67 10.09 -9.10
CA THR B 127 -5.03 9.84 -8.59
C THR B 127 -5.37 8.34 -8.47
N LYS B 128 -5.02 7.55 -9.50
CA LYS B 128 -5.34 6.11 -9.49
C LYS B 128 -4.63 5.46 -8.31
N GLN B 129 -3.36 5.79 -8.15
CA GLN B 129 -2.51 5.27 -7.07
C GLN B 129 -3.03 5.71 -5.68
N LYS B 130 -3.55 6.92 -5.67
CA LYS B 130 -4.18 7.43 -4.46
C LYS B 130 -5.39 6.61 -4.12
N GLU B 131 -6.17 6.23 -5.11
CA GLU B 131 -7.34 5.44 -4.85
C GLU B 131 -6.90 4.11 -4.27
N TYR B 132 -5.85 3.53 -4.82
CA TYR B 132 -5.35 2.24 -4.35
C TYR B 132 -4.94 2.32 -2.88
N GLU B 133 -4.22 3.39 -2.50
CA GLU B 133 -3.77 3.51 -1.12
C GLU B 133 -4.98 3.66 -0.20
N LYS B 134 -6.00 4.34 -0.68
CA LYS B 134 -7.25 4.51 0.08
C LYS B 134 -7.93 3.18 0.31
N LEU B 135 -7.91 2.30 -0.69
CA LEU B 135 -8.51 0.98 -0.56
C LEU B 135 -7.79 0.19 0.53
N LEU B 136 -6.47 0.31 0.54
CA LEU B 136 -5.63 -0.33 1.55
C LEU B 136 -5.95 0.19 2.96
N GLU B 137 -6.13 1.49 3.03
CA GLU B 137 -6.42 2.15 4.30
C GLU B 137 -7.76 1.70 4.84
N ASP B 138 -8.73 1.50 3.94
CA ASP B 138 -10.02 1.02 4.39
C ASP B 138 -9.88 -0.37 5.01
N SER B 139 -9.08 -1.24 4.37
CA SER B 139 -8.86 -2.59 4.90
C SER B 139 -8.22 -2.50 6.28
N LEU B 140 -7.24 -1.61 6.40
CA LEU B 140 -6.51 -1.46 7.65
C LEU B 140 -7.48 -1.02 8.74
N THR B 141 -8.38 -0.13 8.37
CA THR B 141 -9.37 0.37 9.30
C THR B 141 -10.28 -0.74 9.83
N GLU B 142 -10.77 -1.63 8.96
CA GLU B 142 -11.62 -2.73 9.41
C GLU B 142 -10.75 -3.66 10.27
N ILE B 143 -9.54 -3.89 9.78
CA ILE B 143 -8.57 -4.72 10.45
C ILE B 143 -8.18 -4.12 11.81
N THR B 144 -7.96 -2.80 11.84
CA THR B 144 -7.55 -2.15 13.09
C THR B 144 -8.60 -2.28 14.20
N ALA B 145 -9.89 -2.06 13.90
CA ALA B 145 -10.90 -2.22 14.93
C ALA B 145 -10.92 -3.68 15.39
N LEU B 146 -10.81 -4.60 14.44
CA LEU B 146 -10.77 -6.03 14.73
C LEU B 146 -9.54 -6.44 15.54
N SER B 147 -8.36 -5.88 15.19
CA SER B 147 -7.17 -6.25 15.92
C SER B 147 -7.38 -5.87 17.33
N THR B 148 -7.95 -4.67 17.58
CA THR B 148 -8.24 -4.21 18.94
C THR B 148 -8.46 -5.40 19.85
N PRO B 149 -7.43 -5.96 20.37
CA PRO B 149 -7.54 -7.17 21.25
C PRO B 149 -8.32 -6.97 22.55
N ILE B 150 -8.98 -8.06 22.94
CA ILE B 150 -9.69 -8.12 24.20
C ILE B 150 -9.21 -9.35 24.95
N VAL B 151 -8.65 -9.14 26.13
CA VAL B 151 -8.14 -10.25 26.93
C VAL B 151 -8.24 -9.92 28.41
N PRO B 152 -9.30 -10.28 29.10
CA PRO B 152 -9.41 -9.93 30.53
C PRO B 152 -8.24 -10.56 31.29
N ILE B 153 -7.64 -9.81 32.20
CA ILE B 153 -6.54 -10.34 32.99
C ILE B 153 -7.03 -11.43 33.93
N ARG B 154 -8.17 -11.16 34.60
CA ARG B 154 -8.74 -12.12 35.57
C ARG B 154 -10.24 -11.80 35.72
N ASN B 155 -10.79 -12.16 36.87
CA ASN B 155 -12.19 -11.87 37.15
C ASN B 155 -12.32 -10.47 37.75
N GLY B 156 -12.87 -9.52 36.98
CA GLY B 156 -13.04 -8.17 37.46
C GLY B 156 -11.93 -7.28 36.94
N ILE B 157 -10.85 -7.90 36.45
CA ILE B 157 -9.69 -7.16 35.98
C ILE B 157 -9.55 -7.25 34.47
N SER B 158 -9.47 -6.09 33.82
CA SER B 158 -9.31 -6.02 32.37
C SER B 158 -8.24 -4.99 32.00
N ALA B 159 -7.54 -5.22 30.88
CA ALA B 159 -6.50 -4.30 30.45
C ALA B 159 -6.62 -4.04 28.96
N LEU B 160 -6.31 -2.80 28.53
CA LEU B 160 -6.38 -2.44 27.12
C LEU B 160 -5.15 -1.59 26.78
N PRO B 161 -4.02 -2.21 26.57
CA PRO B 161 -2.74 -1.48 26.24
C PRO B 161 -2.71 -0.85 24.85
N LEU B 162 -2.02 0.29 24.74
CA LEU B 162 -1.89 1.01 23.48
C LEU B 162 -0.44 0.96 23.01
N VAL B 163 -0.26 0.63 21.73
CA VAL B 163 1.07 0.57 21.13
C VAL B 163 1.06 1.40 19.84
N GLY B 164 2.06 2.27 19.63
CA GLY B 164 2.09 3.07 18.41
C GLY B 164 1.90 4.56 18.72
N ASN B 165 2.14 5.41 17.70
CA ASN B 165 2.02 6.87 17.90
C ASN B 165 0.61 7.40 17.62
N LEU B 166 -0.11 7.76 18.67
CA LEU B 166 -1.50 8.17 18.53
C LEU B 166 -1.70 9.48 17.75
N THR B 167 -2.16 9.30 16.49
CA THR B 167 -2.46 10.41 15.59
C THR B 167 -3.89 10.92 15.82
N GLU B 168 -4.19 12.05 15.21
CA GLU B 168 -5.53 12.61 15.29
C GLU B 168 -6.53 11.71 14.57
N GLU B 169 -6.15 11.11 13.45
CA GLU B 169 -7.05 10.25 12.67
C GLU B 169 -7.43 8.97 13.45
N ARG B 170 -6.41 8.45 14.08
CA ARG B 170 -6.51 7.26 14.94
C ARG B 170 -7.45 7.53 16.14
N PHE B 171 -7.41 8.76 16.63
CA PHE B 171 -8.22 9.17 17.77
C PHE B 171 -9.73 8.90 17.60
N ASN B 172 -10.23 8.86 16.39
CA ASN B 172 -11.66 8.61 16.19
C ASN B 172 -12.04 7.21 16.71
N SER B 173 -11.17 6.24 16.46
CA SER B 173 -11.44 4.88 16.92
C SER B 173 -11.57 4.83 18.46
N ILE B 174 -10.69 5.57 19.14
CA ILE B 174 -10.68 5.60 20.60
C ILE B 174 -11.95 6.20 21.20
N VAL B 175 -12.43 7.31 20.64
CA VAL B 175 -13.64 7.94 21.16
C VAL B 175 -14.81 6.96 21.02
N CYS B 176 -14.84 6.25 19.90
CA CYS B 176 -15.88 5.27 19.66
C CYS B 176 -15.80 4.14 20.69
N THR B 177 -14.59 3.80 21.09
CA THR B 177 -14.36 2.73 22.07
C THR B 177 -15.01 3.09 23.41
N LEU B 178 -15.30 4.36 23.59
CA LEU B 178 -15.88 4.86 24.82
C LEU B 178 -17.25 4.19 25.03
N THR B 179 -17.99 4.02 23.95
CA THR B 179 -19.27 3.34 24.02
C THR B 179 -19.10 1.88 24.48
N ASN B 180 -18.08 1.19 23.93
CA ASN B 180 -17.80 -0.20 24.30
C ASN B 180 -17.47 -0.31 25.80
N ILE B 181 -16.72 0.64 26.30
CA ILE B 181 -16.32 0.61 27.70
C ILE B 181 -17.55 0.58 28.62
N LEU B 182 -18.64 1.21 28.18
CA LEU B 182 -19.85 1.17 28.98
C LEU B 182 -20.33 -0.27 29.11
N SER B 183 -20.27 -1.04 28.03
CA SER B 183 -20.66 -2.44 28.07
C SER B 183 -19.75 -3.24 29.01
N THR B 184 -18.48 -2.83 29.07
CA THR B 184 -17.50 -3.55 29.90
C THR B 184 -17.52 -3.06 31.35
N SER B 185 -18.58 -2.37 31.72
CA SER B 185 -18.70 -1.78 33.06
C SER B 185 -18.64 -2.86 34.13
N LYS B 186 -18.83 -4.11 33.74
CA LYS B 186 -18.79 -5.20 34.70
C LYS B 186 -17.40 -5.32 35.33
N ASP B 187 -16.35 -5.13 34.54
CA ASP B 187 -14.99 -5.28 35.05
C ASP B 187 -14.65 -4.13 36.00
N ASP B 188 -14.45 -4.49 37.27
CA ASP B 188 -14.16 -3.51 38.32
C ASP B 188 -12.87 -2.74 38.09
N TYR B 189 -11.82 -3.44 37.67
CA TYR B 189 -10.52 -2.80 37.47
C TYR B 189 -10.13 -2.78 36.00
N LEU B 190 -9.72 -1.61 35.51
CA LEU B 190 -9.27 -1.46 34.13
C LEU B 190 -7.84 -0.90 34.04
N ILE B 191 -6.90 -1.66 33.45
CA ILE B 191 -5.51 -1.22 33.40
C ILE B 191 -5.13 -0.78 31.99
N ILE B 192 -4.63 0.44 31.84
CA ILE B 192 -4.24 0.93 30.52
C ILE B 192 -2.73 1.17 30.38
N ASP B 193 -2.09 0.45 29.45
CA ASP B 193 -0.62 0.56 29.29
C ASP B 193 -0.23 1.63 28.30
N LEU B 194 0.39 2.69 28.78
CA LEU B 194 0.85 3.78 27.91
C LEU B 194 2.32 3.55 27.53
N SER B 195 2.91 2.49 28.07
CA SER B 195 4.32 2.19 27.79
C SER B 195 4.54 1.96 26.31
N GLY B 196 3.61 1.29 25.65
CA GLY B 196 3.78 1.02 24.25
C GLY B 196 3.87 2.30 23.48
N LEU B 197 3.14 3.30 23.90
CA LEU B 197 3.17 4.58 23.23
C LEU B 197 4.48 5.30 23.55
N ALA B 198 5.13 5.85 22.52
CA ALA B 198 6.38 6.55 22.74
C ALA B 198 6.18 7.75 23.65
N GLN B 199 5.16 8.59 23.38
CA GLN B 199 4.92 9.80 24.18
C GLN B 199 3.44 10.00 24.52
N VAL B 200 3.16 10.87 25.47
CA VAL B 200 1.77 11.16 25.80
C VAL B 200 1.49 12.65 25.59
N ASN B 201 0.39 12.95 24.90
CA ASN B 201 0.01 14.33 24.61
C ASN B 201 -0.82 14.92 25.75
N GLU B 202 -0.70 16.24 25.93
CA GLU B 202 -1.42 16.94 26.99
C GLU B 202 -2.93 16.82 26.80
N GLN B 203 -3.39 16.78 25.56
CA GLN B 203 -4.81 16.61 25.28
C GLN B 203 -5.28 15.25 25.81
N THR B 204 -4.38 14.28 25.75
CA THR B 204 -4.67 12.93 26.22
C THR B 204 -5.03 12.95 27.71
N ALA B 205 -4.28 13.70 28.48
CA ALA B 205 -4.51 13.77 29.92
C ALA B 205 -5.92 14.24 30.24
N ASP B 206 -6.49 15.06 29.37
CA ASP B 206 -7.88 15.48 29.53
C ASP B 206 -8.83 14.29 29.37
N GLN B 207 -8.49 13.40 28.42
CA GLN B 207 -9.27 12.20 28.16
C GLN B 207 -9.21 11.23 29.35
N ILE B 208 -8.03 11.13 29.99
CA ILE B 208 -7.91 10.20 31.09
C ILE B 208 -8.87 10.66 32.19
N PHE B 209 -8.85 11.95 32.45
CA PHE B 209 -9.65 12.53 33.55
C PHE B 209 -11.16 12.31 33.33
N LYS B 210 -11.62 12.50 32.10
CA LYS B 210 -13.04 12.29 31.83
C LYS B 210 -13.41 10.84 32.09
N LEU B 211 -12.54 9.92 31.64
CA LEU B 211 -12.78 8.50 31.83
C LEU B 211 -12.85 8.11 33.31
N SER B 212 -11.96 8.64 34.14
CA SER B 212 -11.98 8.29 35.57
C SER B 212 -13.28 8.74 36.26
N HIS B 213 -13.76 9.90 35.85
CA HIS B 213 -15.01 10.43 36.41
C HIS B 213 -16.22 9.56 36.03
N LEU B 214 -16.32 9.19 34.75
CA LEU B 214 -17.41 8.33 34.30
C LEU B 214 -17.30 6.96 34.97
N LEU B 215 -16.05 6.49 35.02
CA LEU B 215 -15.75 5.19 35.62
C LEU B 215 -16.10 5.18 37.12
N LYS B 216 -15.75 6.25 37.82
CA LYS B 216 -15.99 6.34 39.26
C LYS B 216 -17.49 6.27 39.59
N LEU B 217 -18.31 6.93 38.78
CA LEU B 217 -19.75 6.88 38.95
C LEU B 217 -20.28 5.44 38.75
N THR B 218 -19.75 4.77 37.73
CA THR B 218 -20.16 3.41 37.40
C THR B 218 -19.59 2.43 38.41
N GLY B 219 -18.61 2.92 39.17
CA GLY B 219 -17.93 2.08 40.14
C GLY B 219 -16.93 1.22 39.37
N THR B 220 -15.92 1.86 38.79
CA THR B 220 -14.85 1.12 38.12
C THR B 220 -13.46 1.73 38.25
N GLU B 221 -12.61 1.14 39.09
CA GLU B 221 -11.30 1.72 39.32
C GLU B 221 -10.48 1.74 38.04
N LEU B 222 -9.73 2.82 37.85
CA LEU B 222 -8.88 3.00 36.66
C LEU B 222 -7.40 3.09 37.01
N ILE B 223 -6.61 2.19 36.45
CA ILE B 223 -5.17 2.13 36.73
C ILE B 223 -4.36 2.51 35.48
N ILE B 224 -3.42 3.44 35.67
CA ILE B 224 -2.58 3.89 34.54
C ILE B 224 -1.15 3.40 34.73
N THR B 225 -0.58 2.73 33.72
CA THR B 225 0.77 2.20 33.86
C THR B 225 1.64 2.48 32.63
N GLY B 226 2.93 2.49 32.88
CA GLY B 226 3.90 2.79 31.84
C GLY B 226 4.21 4.26 31.80
N ILE B 227 3.87 5.01 32.86
CA ILE B 227 4.11 6.44 32.87
C ILE B 227 5.55 6.76 33.26
N LYS B 228 6.19 7.54 32.43
CA LYS B 228 7.59 7.90 32.65
C LYS B 228 7.72 8.78 33.91
N PRO B 229 8.71 8.56 34.76
CA PRO B 229 8.88 9.39 35.99
C PRO B 229 8.94 10.88 35.69
N GLU B 230 9.58 11.25 34.57
CA GLU B 230 9.70 12.67 34.24
C GLU B 230 8.30 13.25 34.01
N LEU B 231 7.48 12.49 33.28
CA LEU B 231 6.12 12.89 32.97
C LEU B 231 5.27 13.05 34.26
N ALA B 232 5.44 12.12 35.19
CA ALA B 232 4.67 12.18 36.44
C ALA B 232 4.99 13.43 37.25
N MET B 233 6.25 13.84 37.24
CA MET B 233 6.65 15.05 37.95
C MET B 233 5.95 16.26 37.34
N LYS B 234 5.88 16.28 36.02
CA LYS B 234 5.20 17.38 35.31
C LYS B 234 3.69 17.42 35.70
N MET B 235 3.11 16.22 35.75
CA MET B 235 1.70 16.03 36.09
C MET B 235 1.41 16.46 37.53
N ASN B 236 2.35 16.23 38.41
CA ASN B 236 2.17 16.56 39.82
C ASN B 236 1.97 18.06 39.97
N LYS B 237 2.72 18.84 39.22
CA LYS B 237 2.57 20.27 39.27
C LYS B 237 1.17 20.67 38.79
N LEU B 238 0.68 20.05 37.70
CA LEU B 238 -0.64 20.41 37.18
C LEU B 238 -1.76 20.10 38.19
N ASP B 239 -1.68 18.94 38.81
CA ASP B 239 -2.73 18.54 39.77
C ASP B 239 -2.24 17.46 40.72
N ALA B 240 -2.47 17.62 42.03
CA ALA B 240 -2.08 16.57 42.94
C ALA B 240 -2.84 15.31 42.56
N ASN B 241 -4.15 15.47 42.34
CA ASN B 241 -5.06 14.35 42.05
C ASN B 241 -4.48 13.36 41.04
N PHE B 242 -3.51 13.78 40.29
CA PHE B 242 -2.90 12.88 39.34
C PHE B 242 -2.27 11.69 40.05
N SER B 243 -1.55 11.96 41.15
CA SER B 243 -0.95 10.88 41.91
C SER B 243 -2.07 9.94 42.34
N SER B 244 -3.19 10.48 42.79
CA SER B 244 -4.32 9.71 43.29
C SER B 244 -4.51 8.39 42.55
N LEU B 245 -4.25 8.34 41.27
CA LEU B 245 -4.44 7.09 40.53
C LEU B 245 -3.18 6.26 40.59
N LYS B 246 -3.29 4.97 40.90
CA LYS B 246 -2.13 4.11 41.00
C LYS B 246 -1.35 4.09 39.71
N THR B 247 -0.02 4.21 39.86
CA THR B 247 0.88 4.16 38.72
C THR B 247 1.98 3.13 38.91
N TYR B 248 2.15 2.26 37.92
CA TYR B 248 3.19 1.23 37.97
C TYR B 248 4.23 1.52 36.91
N SER B 249 5.49 1.23 37.24
CA SER B 249 6.59 1.48 36.29
C SER B 249 6.43 0.63 35.02
N ASN B 250 5.90 -0.57 35.21
CA ASN B 250 5.67 -1.48 34.08
C ASN B 250 4.44 -2.36 34.30
N VAL B 251 3.93 -2.91 33.20
CA VAL B 251 2.78 -3.82 33.22
C VAL B 251 3.10 -5.11 33.98
N LYS B 252 4.27 -5.70 33.71
CA LYS B 252 4.64 -6.95 34.35
C LYS B 252 4.71 -6.73 35.86
N ASP B 253 5.35 -5.63 36.25
CA ASP B 253 5.48 -5.30 37.66
C ASP B 253 4.13 -5.08 38.33
N ALA B 254 3.22 -4.38 37.69
CA ALA B 254 1.90 -4.15 38.28
C ALA B 254 1.15 -5.45 38.41
N VAL B 255 1.25 -6.31 37.40
CA VAL B 255 0.57 -7.58 37.42
C VAL B 255 1.09 -8.47 38.54
N LYS B 256 2.41 -8.57 38.67
CA LYS B 256 2.98 -9.44 39.69
C LYS B 256 2.58 -8.99 41.12
N VAL B 257 2.75 -7.70 41.36
CA VAL B 257 2.43 -7.11 42.66
C VAL B 257 0.93 -7.20 42.96
N LEU B 258 0.10 -6.94 41.95
CA LEU B 258 -1.35 -6.95 42.15
C LEU B 258 -1.77 -7.99 43.22
N PRO B 259 -1.70 -9.27 42.94
CA PRO B 259 -2.10 -10.31 43.95
C PRO B 259 -1.20 -10.26 45.17
N ILE B 260 -1.76 -10.46 46.39
CA ILE B 260 -0.93 -10.47 47.61
C ILE B 260 -1.62 -11.20 48.78
N MET B 261 -2.92 -11.44 48.67
CA MET B 261 -3.66 -12.13 49.72
C MET B 261 -4.72 -13.07 49.15
N1 FMN C . -0.51 -9.29 -25.74
C2 FMN C . 0.45 -9.26 -24.73
O2 FMN C . 0.53 -10.20 -23.94
N3 FMN C . 1.35 -8.18 -24.65
C4 FMN C . 1.27 -7.14 -25.58
O4 FMN C . 2.06 -6.20 -25.49
C4A FMN C . 0.31 -7.17 -26.58
N5 FMN C . 0.20 -6.14 -27.43
C5A FMN C . -0.75 -6.14 -28.38
C6 FMN C . -0.95 -5.01 -29.16
C7 FMN C . -2.01 -4.97 -30.06
C7M FMN C . -2.21 -3.82 -30.82
C8 FMN C . -2.86 -6.06 -30.19
C8M FMN C . -3.91 -6.04 -31.11
C9 FMN C . -2.65 -7.20 -29.42
C9A FMN C . -1.60 -7.24 -28.51
N10 FMN C . -1.43 -8.30 -27.70
C10 FMN C . -0.57 -8.24 -26.67
C1' FMN C . -2.14 -9.57 -27.97
C2' FMN C . -1.37 -10.30 -29.08
O2' FMN C . -0.58 -9.36 -29.81
C3' FMN C . -2.36 -10.98 -30.03
O3' FMN C . -3.36 -10.04 -30.44
C4' FMN C . -3.03 -12.16 -29.30
O4' FMN C . -2.03 -12.96 -28.67
C5' FMN C . -3.81 -13.01 -30.32
O5' FMN C . -2.90 -13.30 -31.39
P FMN C . -2.53 -14.83 -31.73
O1P FMN C . -1.31 -14.73 -32.54
O2P FMN C . -3.72 -15.31 -32.47
O3P FMN C . -2.35 -15.45 -30.40
HN3 FMN C . 2.05 -8.17 -23.93
H6 FMN C . -0.25 -4.18 -29.10
HM71 FMN C . -2.84 -3.12 -30.27
HM72 FMN C . -2.70 -4.09 -31.76
HM73 FMN C . -1.25 -3.35 -31.02
HM81 FMN C . -4.40 -5.07 -31.06
HM82 FMN C . -4.62 -6.82 -30.85
HM83 FMN C . -3.52 -6.20 -32.11
H9 FMN C . -3.30 -8.07 -29.54
H1'1 FMN C . -3.15 -9.46 -28.36
H1'2 FMN C . -2.07 -10.23 -27.11
H2' FMN C . -0.72 -11.05 -28.64
HO2' FMN C . -1.14 -8.94 -30.53
H3' FMN C . -1.82 -11.35 -30.91
HO3' FMN C . -2.95 -9.39 -31.08
H4' FMN C . -3.73 -11.77 -28.56
HO4' FMN C . -2.22 -13.01 -27.69
H5'1 FMN C . -4.64 -12.49 -30.79
H5'2 FMN C . -4.06 -13.96 -29.87
N1 FMN D . 4.55 23.40 -13.31
C2 FMN D . 3.41 22.83 -12.71
O2 FMN D . 3.15 23.05 -11.53
N3 FMN D . 2.55 22.05 -13.49
C4 FMN D . 2.83 21.83 -14.85
O4 FMN D . 2.06 21.13 -15.51
C4A FMN D . 3.96 22.37 -15.42
N5 FMN D . 4.27 22.11 -16.70
C5A FMN D . 5.38 22.61 -17.25
C6 FMN D . 5.75 22.22 -18.53
C7 FMN D . 6.96 22.64 -19.06
C7M FMN D . 7.34 22.21 -20.33
C8 FMN D . 7.80 23.48 -18.33
C8M FMN D . 9.00 23.92 -18.86
C9 FMN D . 7.41 23.89 -17.06
C9A FMN D . 6.21 23.45 -16.51
N10 FMN D . 5.86 23.78 -15.25
C10 FMN D . 4.82 23.16 -14.66
C1' FMN D . 6.57 24.85 -14.53
C2' FMN D . 6.02 26.19 -15.02
O2' FMN D . 5.39 26.01 -16.30
C3' FMN D . 7.15 27.21 -15.13
O3' FMN D . 8.22 26.64 -15.88
C4' FMN D . 7.64 27.59 -13.74
O4' FMN D . 6.52 27.91 -12.91
C5' FMN D . 8.57 28.81 -13.83
O5' FMN D . 7.87 29.79 -14.58
P FMN D . 7.54 31.23 -13.92
O1P FMN D . 6.48 31.77 -14.80
O2P FMN D . 8.83 31.95 -13.98
O3P FMN D . 7.09 30.88 -12.56
HN3 FMN D . 1.73 21.65 -13.07
H6 FMN D . 5.07 21.62 -19.13
HM71 FMN D . 7.87 21.26 -20.25
HM72 FMN D . 7.99 22.96 -20.79
HM73 FMN D . 6.45 22.08 -20.95
HM81 FMN D . 9.49 23.11 -19.36
HM82 FMN D . 9.63 24.29 -18.04
HM83 FMN D . 8.80 24.74 -19.55
H9 FMN D . 8.05 24.56 -16.48
H1'1 FMN D . 7.64 24.89 -14.74
H1'2 FMN D . 6.32 24.81 -13.47
H2' FMN D . 5.27 26.55 -14.31
HO2' FMN D . 6.10 26.09 -17.01
H3' FMN D . 6.78 28.10 -15.65
HO3' FMN D . 7.98 26.60 -16.85
H4' FMN D . 8.18 26.75 -13.30
HO4' FMN D . 6.52 27.31 -12.11
H5'1 FMN D . 9.49 28.62 -14.38
H5'2 FMN D . 8.71 29.23 -12.84
N GLY A 1 -9.30 17.15 -39.02
CA GLY A 1 -9.03 15.84 -39.68
C GLY A 1 -8.50 16.11 -41.10
N ALA A 2 -7.56 17.05 -41.21
CA ALA A 2 -6.98 17.37 -42.50
C ALA A 2 -5.52 17.73 -42.33
N SER A 3 -4.84 18.17 -43.42
CA SER A 3 -3.44 18.59 -43.37
C SER A 3 -3.31 20.07 -42.95
N PHE A 4 -4.47 20.71 -42.86
CA PHE A 4 -4.53 22.08 -42.33
C PHE A 4 -4.54 22.11 -40.77
N GLN A 5 -5.59 21.56 -40.18
CA GLN A 5 -5.73 21.51 -38.71
C GLN A 5 -4.68 20.61 -38.06
N SER A 6 -4.38 19.48 -38.71
CA SER A 6 -3.44 18.52 -38.13
C SER A 6 -2.08 19.19 -37.92
N PHE A 7 -1.67 19.98 -38.91
CA PHE A 7 -0.41 20.74 -38.82
C PHE A 7 0.78 19.87 -39.27
N GLY A 8 1.03 19.86 -40.58
CA GLY A 8 2.14 19.08 -41.14
C GLY A 8 3.48 19.49 -40.55
N ILE A 9 4.54 19.35 -41.36
CA ILE A 9 5.91 19.70 -40.93
C ILE A 9 6.61 18.48 -40.32
N PRO A 10 7.63 17.91 -40.95
CA PRO A 10 8.34 16.72 -40.40
C PRO A 10 9.05 17.03 -39.09
N GLY A 11 9.34 18.31 -38.84
CA GLY A 11 10.02 18.70 -37.61
C GLY A 11 9.17 18.40 -36.38
N GLN A 12 7.86 18.64 -36.49
CA GLN A 12 6.97 18.39 -35.37
C GLN A 12 6.93 16.90 -35.06
N LEU A 13 6.95 16.08 -36.10
CA LEU A 13 6.92 14.63 -35.96
C LEU A 13 8.14 14.08 -35.23
N GLU A 14 9.32 14.62 -35.54
CA GLU A 14 10.55 14.15 -34.91
C GLU A 14 10.45 14.44 -33.42
N VAL A 15 9.91 15.61 -33.05
CA VAL A 15 9.79 16.01 -31.64
C VAL A 15 8.92 15.03 -30.88
N ILE A 16 7.81 14.63 -31.47
CA ILE A 16 6.92 13.73 -30.77
C ILE A 16 7.63 12.40 -30.50
N LYS A 17 8.35 11.88 -31.50
CA LYS A 17 9.05 10.60 -31.28
C LYS A 17 10.12 10.71 -30.17
N LYS A 18 10.93 11.75 -30.19
CA LYS A 18 12.01 11.81 -29.20
C LYS A 18 11.40 11.83 -27.81
N ALA A 19 10.30 12.53 -27.64
CA ALA A 19 9.66 12.59 -26.33
C ALA A 19 9.24 11.20 -25.88
N LEU A 20 8.72 10.40 -26.79
CA LEU A 20 8.33 9.03 -26.49
C LEU A 20 9.56 8.21 -26.08
N ASP A 21 10.66 8.44 -26.78
CA ASP A 21 11.95 7.76 -26.51
C ASP A 21 12.50 8.09 -25.11
N HIS A 22 12.36 9.34 -24.67
CA HIS A 22 12.88 9.77 -23.37
C HIS A 22 12.28 8.93 -22.23
N VAL A 23 10.99 8.62 -22.31
CA VAL A 23 10.34 7.82 -21.27
C VAL A 23 9.88 6.50 -21.86
N ARG A 24 10.24 5.40 -21.17
CA ARG A 24 9.92 4.06 -21.66
C ARG A 24 8.43 3.74 -21.50
N VAL A 25 7.76 3.64 -22.64
CA VAL A 25 6.35 3.30 -22.68
C VAL A 25 6.14 2.40 -23.89
N GLY A 26 5.26 1.43 -23.75
CA GLY A 26 5.00 0.51 -24.83
C GLY A 26 3.77 0.89 -25.64
N VAL A 27 4.00 1.65 -26.70
CA VAL A 27 2.93 2.02 -27.62
C VAL A 27 3.35 1.58 -29.01
N VAL A 28 2.47 0.87 -29.71
CA VAL A 28 2.77 0.40 -31.06
C VAL A 28 1.56 0.59 -31.95
N ILE A 29 1.78 0.61 -33.27
CA ILE A 29 0.69 0.72 -34.22
C ILE A 29 0.68 -0.49 -35.10
N THR A 30 -0.49 -1.09 -35.24
CA THR A 30 -0.66 -2.27 -36.07
C THR A 30 -1.43 -1.86 -37.31
N ASP A 31 -1.44 -2.72 -38.32
CA ASP A 31 -2.16 -2.42 -39.56
C ASP A 31 -3.03 -3.61 -39.97
N PRO A 32 -4.32 -3.59 -39.73
CA PRO A 32 -5.20 -4.73 -40.08
C PRO A 32 -5.25 -4.98 -41.60
N ALA A 33 -4.93 -3.94 -42.34
CA ALA A 33 -4.90 -4.00 -43.82
C ALA A 33 -3.86 -5.00 -44.34
N LEU A 34 -2.73 -5.07 -43.65
CA LEU A 34 -1.67 -6.05 -43.98
C LEU A 34 -1.97 -7.42 -43.35
N GLU A 35 -1.37 -8.48 -43.88
CA GLU A 35 -1.63 -9.84 -43.40
C GLU A 35 -1.31 -10.03 -41.90
N ASP A 36 -2.22 -10.70 -41.20
CA ASP A 36 -2.06 -11.00 -39.76
C ASP A 36 -1.96 -9.73 -38.90
N ASN A 37 -2.40 -8.63 -39.46
CA ASN A 37 -2.31 -7.33 -38.79
C ASN A 37 -0.93 -7.16 -38.11
N PRO A 38 0.11 -7.06 -38.89
CA PRO A 38 1.52 -6.94 -38.39
C PRO A 38 1.79 -5.56 -37.76
N ILE A 39 2.79 -5.53 -36.89
CA ILE A 39 3.14 -4.28 -36.21
C ILE A 39 4.11 -3.51 -37.07
N VAL A 40 3.77 -2.24 -37.37
CA VAL A 40 4.60 -1.40 -38.22
C VAL A 40 5.37 -0.35 -37.40
N TYR A 41 4.68 0.31 -36.46
CA TYR A 41 5.33 1.35 -35.66
C TYR A 41 5.84 0.82 -34.34
N VAL A 42 7.13 1.02 -34.10
CA VAL A 42 7.76 0.64 -32.85
C VAL A 42 8.79 1.68 -32.45
N ASN A 43 8.87 2.01 -31.17
CA ASN A 43 9.85 3.01 -30.71
C ASN A 43 11.08 2.30 -30.17
N GLN A 44 12.16 3.05 -29.94
CA GLN A 44 13.38 2.47 -29.37
C GLN A 44 13.17 2.03 -27.92
N GLY A 45 12.41 2.81 -27.17
CA GLY A 45 12.14 2.51 -25.77
C GLY A 45 11.44 1.17 -25.65
N PHE A 46 10.71 0.77 -26.71
CA PHE A 46 10.02 -0.50 -26.62
C PHE A 46 11.11 -1.53 -26.39
N VAL A 47 12.20 -1.51 -27.17
CA VAL A 47 13.21 -2.55 -27.08
C VAL A 47 13.81 -2.63 -25.70
N GLN A 48 14.13 -1.50 -25.13
CA GLN A 48 14.73 -1.48 -23.80
C GLN A 48 13.77 -2.06 -22.75
N MET A 49 12.49 -1.74 -22.88
CA MET A 49 11.47 -2.30 -21.98
C MET A 49 11.27 -3.81 -22.12
N THR A 50 11.23 -4.31 -23.36
CA THR A 50 10.97 -5.74 -23.59
C THR A 50 12.26 -6.52 -23.70
N GLY A 51 13.34 -5.82 -24.02
CA GLY A 51 14.63 -6.45 -24.17
C GLY A 51 14.73 -7.19 -25.50
N TYR A 52 13.86 -6.81 -26.43
CA TYR A 52 13.82 -7.41 -27.77
C TYR A 52 14.20 -6.39 -28.84
N GLU A 53 15.02 -6.83 -29.79
CA GLU A 53 15.46 -5.96 -30.86
C GLU A 53 14.27 -5.53 -31.71
N THR A 54 14.33 -4.32 -32.24
CA THR A 54 13.26 -3.76 -33.06
C THR A 54 13.05 -4.54 -34.35
N GLU A 55 14.10 -5.13 -34.90
CA GLU A 55 13.93 -5.89 -36.14
C GLU A 55 13.09 -7.14 -35.91
N GLU A 56 13.33 -7.86 -34.82
CA GLU A 56 12.55 -9.04 -34.53
C GLU A 56 11.11 -8.65 -34.27
N ILE A 57 10.87 -7.60 -33.45
CA ILE A 57 9.51 -7.26 -33.07
C ILE A 57 8.68 -6.89 -34.29
N LEU A 58 9.20 -6.06 -35.21
CA LEU A 58 8.41 -5.65 -36.34
C LEU A 58 8.13 -6.87 -37.18
N GLY A 59 6.91 -6.95 -37.71
CA GLY A 59 6.55 -8.07 -38.56
C GLY A 59 6.01 -9.26 -37.76
N LYS A 60 5.93 -9.17 -36.43
CA LYS A 60 5.42 -10.29 -35.63
C LYS A 60 4.48 -9.80 -34.53
N ASN A 61 3.53 -10.65 -34.13
CA ASN A 61 2.56 -10.31 -33.10
C ASN A 61 3.15 -10.49 -31.71
N CYS A 62 2.65 -9.72 -30.77
CA CYS A 62 3.12 -9.77 -29.40
C CYS A 62 2.85 -11.13 -28.77
N ARG A 63 2.53 -12.14 -29.58
CA ARG A 63 2.23 -13.47 -29.05
C ARG A 63 3.44 -14.04 -28.32
N PHE A 64 4.63 -13.89 -28.87
CA PHE A 64 5.86 -14.43 -28.26
C PHE A 64 6.10 -14.00 -26.79
N LEU A 65 5.50 -12.88 -26.40
CA LEU A 65 5.59 -12.38 -25.02
C LEU A 65 4.90 -13.28 -24.00
N GLN A 66 3.79 -13.86 -24.42
CA GLN A 66 2.97 -14.73 -23.58
C GLN A 66 3.72 -16.00 -23.20
N GLY A 67 3.50 -16.50 -21.98
CA GLY A 67 4.18 -17.71 -21.52
C GLY A 67 3.35 -18.46 -20.46
N LYS A 68 4.04 -19.12 -19.53
CA LYS A 68 3.38 -19.92 -18.49
C LYS A 68 2.50 -19.06 -17.56
N HIS A 69 2.99 -17.88 -17.21
CA HIS A 69 2.26 -16.98 -16.31
C HIS A 69 1.13 -16.27 -17.04
N THR A 70 1.07 -16.45 -18.35
CA THR A 70 0.04 -15.79 -19.13
C THR A 70 -1.33 -16.31 -18.71
N ASP A 71 -2.24 -15.38 -18.41
CA ASP A 71 -3.58 -15.75 -17.95
C ASP A 71 -4.50 -15.99 -19.16
N PRO A 72 -4.89 -17.22 -19.43
CA PRO A 72 -5.80 -17.51 -20.57
C PRO A 72 -7.12 -16.74 -20.50
N ALA A 73 -7.61 -16.47 -19.30
CA ALA A 73 -8.85 -15.72 -19.15
C ALA A 73 -8.73 -14.31 -19.70
N GLU A 74 -7.58 -13.69 -19.45
CA GLU A 74 -7.32 -12.34 -19.96
C GLU A 74 -7.24 -12.42 -21.50
N VAL A 75 -6.54 -13.44 -21.97
CA VAL A 75 -6.28 -13.61 -23.38
C VAL A 75 -7.63 -13.74 -24.10
N ASP A 76 -8.51 -14.52 -23.49
CA ASP A 76 -9.85 -14.74 -24.02
C ASP A 76 -10.69 -13.43 -24.04
N ASN A 77 -10.52 -12.60 -23.02
CA ASN A 77 -11.24 -11.33 -22.95
C ASN A 77 -10.81 -10.42 -24.11
N ILE A 78 -9.51 -10.46 -24.39
CA ILE A 78 -8.96 -9.67 -25.51
C ILE A 78 -9.52 -10.11 -26.87
N ARG A 79 -9.56 -11.41 -27.03
CA ARG A 79 -10.07 -12.04 -28.24
C ARG A 79 -11.56 -11.67 -28.39
N THR A 80 -12.30 -11.73 -27.26
CA THR A 80 -13.72 -11.37 -27.30
C THR A 80 -13.85 -9.90 -27.74
N ALA A 81 -13.09 -9.01 -27.08
CA ALA A 81 -13.24 -7.56 -27.32
C ALA A 81 -12.99 -7.21 -28.79
N LEU A 82 -11.96 -7.78 -29.43
CA LEU A 82 -11.66 -7.49 -30.83
C LEU A 82 -12.78 -7.91 -31.75
N GLN A 83 -13.37 -9.05 -31.45
CA GLN A 83 -14.50 -9.54 -32.23
C GLN A 83 -15.65 -8.54 -32.08
N ASN A 84 -15.76 -7.96 -30.89
CA ASN A 84 -16.85 -7.03 -30.59
C ASN A 84 -16.44 -5.60 -30.95
N LYS A 85 -15.21 -5.45 -31.39
CA LYS A 85 -14.70 -4.14 -31.79
C LYS A 85 -14.95 -3.11 -30.71
N GLU A 86 -14.69 -3.47 -29.45
CA GLU A 86 -14.91 -2.55 -28.34
C GLU A 86 -13.62 -2.44 -27.51
N PRO A 87 -13.33 -1.29 -26.93
CA PRO A 87 -12.09 -1.14 -26.11
C PRO A 87 -12.06 -2.06 -24.89
N VAL A 88 -10.87 -2.56 -24.57
CA VAL A 88 -10.68 -3.44 -23.42
C VAL A 88 -9.39 -3.13 -22.70
N THR A 89 -9.39 -3.21 -21.36
CA THR A 89 -8.15 -3.02 -20.60
C THR A 89 -7.94 -4.22 -19.68
N VAL A 90 -6.81 -4.90 -19.83
CA VAL A 90 -6.49 -6.04 -18.98
C VAL A 90 -5.02 -6.03 -18.56
N GLN A 91 -4.69 -6.75 -17.49
CA GLN A 91 -3.29 -6.86 -17.06
C GLN A 91 -2.86 -8.26 -17.49
N ILE A 92 -1.65 -8.47 -18.13
CA ILE A 92 -1.25 -9.81 -18.46
C ILE A 92 0.28 -10.02 -18.29
N GLN A 93 0.62 -11.02 -17.50
CA GLN A 93 2.03 -11.37 -17.23
C GLN A 93 2.73 -11.71 -18.57
N ASN A 94 3.97 -11.20 -18.73
CA ASN A 94 4.74 -11.43 -19.95
C ASN A 94 6.20 -11.77 -19.62
N TYR A 95 6.91 -12.39 -20.57
CA TYR A 95 8.31 -12.79 -20.37
C TYR A 95 9.29 -12.08 -21.32
N LYS A 96 10.42 -11.59 -20.80
CA LYS A 96 11.41 -10.89 -21.61
C LYS A 96 12.37 -11.87 -22.30
N LYS A 97 13.37 -11.31 -22.97
CA LYS A 97 14.38 -12.13 -23.64
C LYS A 97 15.14 -12.99 -22.61
N ASP A 98 15.50 -12.39 -21.47
CA ASP A 98 16.26 -13.09 -20.43
C ASP A 98 15.36 -13.91 -19.51
N GLY A 99 14.07 -13.99 -19.81
CA GLY A 99 13.15 -14.82 -19.02
C GLY A 99 12.58 -14.08 -17.83
N THR A 100 12.99 -12.84 -17.67
CA THR A 100 12.48 -12.04 -16.57
C THR A 100 10.99 -11.96 -16.76
N MET A 101 10.22 -12.08 -15.67
CA MET A 101 8.77 -12.02 -15.74
C MET A 101 8.26 -10.69 -15.21
N PHE A 102 7.43 -10.03 -15.98
CA PHE A 102 6.94 -8.71 -15.59
C PHE A 102 5.48 -8.55 -15.98
N TRP A 103 4.77 -7.66 -15.30
CA TRP A 103 3.37 -7.45 -15.61
C TRP A 103 3.26 -6.39 -16.69
N ASN A 104 2.31 -6.56 -17.62
CA ASN A 104 2.18 -5.62 -18.72
C ASN A 104 0.74 -5.25 -19.02
N GLU A 105 0.28 -4.06 -18.59
CA GLU A 105 -1.10 -3.70 -18.83
C GLU A 105 -1.29 -3.51 -20.32
N LEU A 106 -2.39 -4.03 -20.85
CA LEU A 106 -2.67 -3.89 -22.28
C LEU A 106 -4.00 -3.18 -22.55
N ASN A 107 -3.95 -2.08 -23.30
CA ASN A 107 -5.18 -1.35 -23.66
C ASN A 107 -5.35 -1.33 -25.19
N ILE A 108 -6.50 -1.83 -25.66
CA ILE A 108 -6.78 -1.86 -27.10
C ILE A 108 -8.03 -1.07 -27.43
N ASP A 109 -7.94 -0.16 -28.41
CA ASP A 109 -9.07 0.67 -28.81
C ASP A 109 -9.16 0.77 -30.34
N PRO A 110 -10.28 0.42 -30.94
CA PRO A 110 -10.45 0.49 -32.43
C PRO A 110 -10.53 1.93 -32.94
N MET A 111 -10.10 2.10 -34.18
CA MET A 111 -10.13 3.42 -34.82
C MET A 111 -10.92 3.29 -36.11
N GLU A 112 -11.54 4.37 -36.60
CA GLU A 112 -12.25 4.34 -37.88
C GLU A 112 -11.76 5.53 -38.73
N ILE A 113 -10.81 5.25 -39.59
CA ILE A 113 -10.22 6.30 -40.45
C ILE A 113 -10.39 5.96 -41.92
N GLU A 114 -10.87 6.91 -42.74
CA GLU A 114 -10.98 6.65 -44.17
C GLU A 114 -11.69 5.35 -44.46
N ASP A 115 -12.71 5.06 -43.65
CA ASP A 115 -13.46 3.82 -43.78
C ASP A 115 -12.54 2.61 -43.63
N LYS A 116 -11.49 2.75 -42.83
CA LYS A 116 -10.55 1.67 -42.59
C LYS A 116 -10.40 1.48 -41.09
N THR A 117 -10.17 0.27 -40.62
CA THR A 117 -10.05 0.03 -39.18
C THR A 117 -8.61 0.31 -38.75
N TYR A 118 -8.24 0.00 -37.51
CA TYR A 118 -6.88 0.14 -37.01
C TYR A 118 -6.85 -0.45 -35.60
N PHE A 119 -5.67 -0.89 -35.15
CA PHE A 119 -5.52 -1.37 -33.78
C PHE A 119 -4.30 -0.70 -33.16
N VAL A 120 -4.35 -0.44 -31.85
CA VAL A 120 -3.21 0.14 -31.15
C VAL A 120 -2.98 -0.61 -29.86
N GLY A 121 -1.73 -0.94 -29.58
CA GLY A 121 -1.42 -1.62 -28.33
C GLY A 121 -0.73 -0.67 -27.40
N ILE A 122 -1.23 -0.56 -26.18
CA ILE A 122 -0.58 0.31 -25.21
C ILE A 122 -0.09 -0.56 -24.07
N GLN A 123 1.18 -0.42 -23.72
CA GLN A 123 1.75 -1.21 -22.64
C GLN A 123 2.23 -0.29 -21.53
N ASN A 124 1.56 -0.36 -20.38
CA ASN A 124 1.90 0.50 -19.24
C ASN A 124 2.42 -0.31 -18.06
N ASP A 125 3.71 -0.14 -17.76
CA ASP A 125 4.37 -0.89 -16.71
C ASP A 125 3.80 -0.66 -15.30
N ILE A 126 3.55 -1.78 -14.62
CA ILE A 126 3.00 -1.80 -13.25
C ILE A 126 4.14 -1.94 -12.24
N THR A 127 5.43 -1.94 -12.70
CA THR A 127 6.58 -2.10 -11.81
C THR A 127 6.70 -1.00 -10.75
N LYS A 128 6.46 0.25 -11.12
CA LYS A 128 6.60 1.35 -10.16
C LYS A 128 5.62 1.10 -9.01
N GLN A 129 4.42 0.68 -9.37
CA GLN A 129 3.41 0.35 -8.38
C GLN A 129 3.89 -0.82 -7.54
N LYS A 130 4.54 -1.82 -8.13
CA LYS A 130 4.98 -2.95 -7.30
C LYS A 130 5.97 -2.50 -6.27
N GLU A 131 6.87 -1.62 -6.67
CA GLU A 131 7.89 -1.14 -5.75
C GLU A 131 7.21 -0.41 -4.59
N TYR A 132 6.15 0.33 -4.91
CA TYR A 132 5.38 1.02 -3.88
C TYR A 132 4.79 0.02 -2.88
N GLU A 133 4.20 -1.07 -3.39
CA GLU A 133 3.59 -2.07 -2.52
C GLU A 133 4.67 -2.71 -1.67
N LYS A 134 5.83 -2.96 -2.26
CA LYS A 134 6.92 -3.58 -1.54
C LYS A 134 7.36 -2.69 -0.37
N LEU A 135 7.40 -1.38 -0.63
CA LEU A 135 7.86 -0.46 0.41
C LEU A 135 6.90 -0.58 1.60
N LEU A 136 5.61 -0.64 1.29
CA LEU A 136 4.59 -0.79 2.33
C LEU A 136 4.77 -2.10 3.06
N GLU A 137 5.07 -3.17 2.34
CA GLU A 137 5.23 -4.46 3.00
C GLU A 137 6.38 -4.40 3.99
N ASP A 138 7.49 -3.77 3.60
CA ASP A 138 8.64 -3.72 4.48
C ASP A 138 8.24 -2.99 5.76
N SER A 139 7.48 -1.91 5.60
CA SER A 139 6.96 -1.17 6.73
C SER A 139 6.04 -2.03 7.60
N LEU A 140 5.19 -2.83 6.97
CA LEU A 140 4.31 -3.72 7.71
C LEU A 140 5.12 -4.73 8.52
N THR A 141 6.18 -5.27 7.90
CA THR A 141 7.01 -6.29 8.53
C THR A 141 7.67 -5.75 9.79
N GLU A 142 8.24 -4.54 9.71
CA GLU A 142 8.87 -3.95 10.88
C GLU A 142 7.79 -3.70 11.93
N ILE A 143 6.66 -3.25 11.43
CA ILE A 143 5.48 -3.01 12.25
C ILE A 143 4.94 -4.33 12.83
N THR A 144 4.88 -5.40 12.02
CA THR A 144 4.33 -6.67 12.50
C THR A 144 5.15 -7.25 13.64
N ALA A 145 6.49 -7.28 13.53
CA ALA A 145 7.27 -7.85 14.63
C ALA A 145 7.06 -7.00 15.89
N LEU A 146 7.01 -5.67 15.69
CA LEU A 146 6.77 -4.75 16.81
C LEU A 146 5.40 -4.96 17.47
N SER A 147 4.34 -5.15 16.67
CA SER A 147 3.01 -5.31 17.26
C SER A 147 3.03 -6.52 18.18
N THR A 148 3.74 -7.53 17.67
CA THR A 148 3.91 -8.82 18.35
C THR A 148 3.76 -8.54 19.84
N PRO A 149 2.55 -8.46 20.35
CA PRO A 149 2.33 -8.09 21.76
C PRO A 149 2.90 -9.07 22.76
N ILE A 150 3.34 -8.49 23.85
CA ILE A 150 3.91 -9.21 24.98
C ILE A 150 3.05 -8.76 26.14
N VAL A 151 2.61 -9.63 27.03
CA VAL A 151 1.82 -9.20 28.15
C VAL A 151 1.74 -10.38 29.08
N PRO A 152 2.57 -10.46 30.09
CA PRO A 152 2.53 -11.62 31.01
C PRO A 152 1.19 -11.64 31.75
N ILE A 153 0.55 -12.79 31.81
CA ILE A 153 -0.72 -12.88 32.52
C ILE A 153 -0.51 -12.71 34.02
N ARG A 154 0.52 -13.40 34.55
CA ARG A 154 0.82 -13.34 36.00
C ARG A 154 2.29 -13.71 36.21
N ASN A 155 2.64 -14.11 37.42
CA ASN A 155 4.01 -14.49 37.73
C ASN A 155 4.26 -15.96 37.39
N GLY A 156 5.00 -16.13 36.31
CA GLY A 156 5.32 -17.46 35.79
C GLY A 156 4.25 -17.91 34.83
N ILE A 157 3.34 -17.01 34.44
CA ILE A 157 2.33 -17.35 33.45
C ILE A 157 2.35 -16.28 32.35
N SER A 158 2.56 -16.72 31.10
CA SER A 158 2.60 -15.81 29.94
C SER A 158 1.73 -16.35 28.82
N ALA A 159 1.17 -15.47 27.98
CA ALA A 159 0.36 -15.94 26.86
C ALA A 159 0.74 -15.21 25.55
N LEU A 160 0.77 -15.97 24.46
CA LEU A 160 1.10 -15.44 23.14
C LEU A 160 0.06 -15.89 22.11
N PRO A 161 -1.11 -15.29 22.11
CA PRO A 161 -2.21 -15.64 21.15
C PRO A 161 -1.89 -15.26 19.70
N LEU A 162 -2.43 -16.05 18.77
CA LEU A 162 -2.25 -15.79 17.34
C LEU A 162 -3.57 -15.51 16.66
N VAL A 163 -3.66 -14.41 15.92
CA VAL A 163 -4.88 -14.06 15.21
C VAL A 163 -4.55 -13.89 13.72
N GLY A 164 -5.34 -14.51 12.84
CA GLY A 164 -5.11 -14.38 11.39
C GLY A 164 -4.73 -15.73 10.75
N ASN A 165 -4.76 -15.77 9.42
CA ASN A 165 -4.46 -17.00 8.68
C ASN A 165 -2.96 -17.13 8.52
N LEU A 166 -2.33 -18.15 9.11
CA LEU A 166 -0.88 -18.27 9.03
C LEU A 166 -0.35 -18.76 7.69
N THR A 167 0.23 -17.83 6.91
CA THR A 167 0.79 -18.15 5.59
C THR A 167 2.24 -18.58 5.71
N GLU A 168 2.79 -19.12 4.63
CA GLU A 168 4.18 -19.59 4.63
C GLU A 168 5.17 -18.44 4.81
N GLU A 169 4.81 -17.29 4.24
CA GLU A 169 5.65 -16.10 4.35
C GLU A 169 5.73 -15.62 5.81
N ARG A 170 4.59 -15.65 6.47
CA ARG A 170 4.45 -15.28 7.86
C ARG A 170 5.21 -16.22 8.81
N PHE A 171 5.27 -17.51 8.45
CA PHE A 171 5.90 -18.51 9.30
C PHE A 171 7.35 -18.14 9.65
N ASN A 172 8.05 -17.38 8.79
CA ASN A 172 9.44 -17.06 9.11
C ASN A 172 9.51 -16.29 10.44
N SER A 173 8.60 -15.37 10.66
CA SER A 173 8.63 -14.59 11.90
C SER A 173 8.52 -15.51 13.12
N ILE A 174 7.67 -16.52 13.02
CA ILE A 174 7.45 -17.48 14.12
C ILE A 174 8.70 -18.27 14.47
N VAL A 175 9.41 -18.76 13.47
CA VAL A 175 10.61 -19.56 13.74
C VAL A 175 11.62 -18.69 14.49
N CYS A 176 11.73 -17.44 14.07
CA CYS A 176 12.64 -16.49 14.71
C CYS A 176 12.22 -16.28 16.18
N THR A 177 10.92 -16.31 16.42
CA THR A 177 10.38 -16.12 17.76
C THR A 177 10.88 -17.22 18.69
N LEU A 178 11.35 -18.32 18.13
CA LEU A 178 11.81 -19.43 18.96
C LEU A 178 12.97 -18.93 19.83
N THR A 179 13.85 -18.14 19.23
CA THR A 179 15.01 -17.61 19.94
C THR A 179 14.52 -16.76 21.14
N ASN A 180 13.50 -15.94 20.91
CA ASN A 180 12.91 -15.09 21.95
C ASN A 180 12.32 -15.96 23.09
N ILE A 181 11.76 -17.10 22.75
CA ILE A 181 11.15 -17.99 23.75
C ILE A 181 12.21 -18.40 24.76
N LEU A 182 13.42 -18.70 24.29
CA LEU A 182 14.44 -19.18 25.21
C LEU A 182 14.71 -18.08 26.27
N SER A 183 14.73 -16.85 25.82
CA SER A 183 14.89 -15.72 26.74
C SER A 183 13.72 -15.67 27.75
N THR A 184 12.52 -16.06 27.30
CA THR A 184 11.33 -16.05 28.16
C THR A 184 11.17 -17.37 28.92
N SER A 185 12.29 -18.08 29.10
CA SER A 185 12.26 -19.37 29.80
C SER A 185 11.86 -19.20 31.26
N LYS A 186 11.99 -17.98 31.75
CA LYS A 186 11.68 -17.67 33.14
C LYS A 186 10.20 -17.95 33.44
N ASP A 187 9.33 -17.68 32.47
CA ASP A 187 7.90 -17.92 32.69
C ASP A 187 7.59 -19.42 32.64
N ASP A 188 7.15 -19.94 33.79
CA ASP A 188 6.87 -21.37 33.94
C ASP A 188 5.75 -21.85 33.02
N TYR A 189 4.68 -21.08 32.93
CA TYR A 189 3.54 -21.48 32.12
C TYR A 189 3.40 -20.58 30.89
N LEU A 190 3.23 -21.20 29.74
CA LEU A 190 3.03 -20.50 28.49
C LEU A 190 1.69 -20.93 27.92
N ILE A 191 0.81 -19.99 27.57
CA ILE A 191 -0.48 -20.35 26.97
C ILE A 191 -0.55 -19.78 25.54
N ILE A 192 -0.87 -20.64 24.57
CA ILE A 192 -1.00 -20.21 23.19
C ILE A 192 -2.45 -20.32 22.75
N ASP A 193 -3.02 -19.24 22.21
CA ASP A 193 -4.39 -19.27 21.71
C ASP A 193 -4.42 -19.54 20.19
N LEU A 194 -5.05 -20.65 19.85
CA LEU A 194 -5.25 -21.03 18.45
C LEU A 194 -6.64 -20.60 17.96
N SER A 195 -7.45 -20.09 18.89
CA SER A 195 -8.80 -19.62 18.58
C SER A 195 -8.81 -18.46 17.58
N GLY A 196 -7.81 -17.60 17.65
CA GLY A 196 -7.78 -16.48 16.71
C GLY A 196 -7.68 -17.03 15.28
N LEU A 197 -6.84 -18.02 15.18
CA LEU A 197 -6.54 -18.66 13.91
C LEU A 197 -7.76 -19.49 13.49
N ALA A 198 -8.24 -19.27 12.25
CA ALA A 198 -9.42 -19.99 11.77
C ALA A 198 -9.17 -21.51 11.75
N GLN A 199 -8.02 -21.87 11.20
CA GLN A 199 -7.68 -23.29 11.00
C GLN A 199 -6.27 -23.66 11.45
N VAL A 200 -6.04 -24.92 11.76
CA VAL A 200 -4.71 -25.33 12.16
C VAL A 200 -4.19 -26.36 11.16
N ASN A 201 -2.95 -26.17 10.71
CA ASN A 201 -2.35 -27.05 9.70
C ASN A 201 -1.61 -28.19 10.36
N GLU A 202 -1.45 -29.31 9.65
CA GLU A 202 -0.76 -30.46 10.24
C GLU A 202 0.70 -30.10 10.52
N GLN A 203 1.32 -29.34 9.62
CA GLN A 203 2.73 -28.96 9.78
C GLN A 203 2.89 -28.21 11.11
N THR A 204 1.85 -27.48 11.48
CA THR A 204 1.83 -26.75 12.73
C THR A 204 1.96 -27.71 13.91
N ALA A 205 1.25 -28.84 13.84
CA ALA A 205 1.27 -29.78 14.96
C ALA A 205 2.71 -30.21 15.22
N ASP A 206 3.50 -30.43 14.18
CA ASP A 206 4.88 -30.86 14.35
C ASP A 206 5.64 -29.79 15.11
N GLN A 207 5.32 -28.54 14.83
CA GLN A 207 5.97 -27.41 15.53
C GLN A 207 5.59 -27.41 17.01
N ILE A 208 4.34 -27.73 17.33
CA ILE A 208 3.90 -27.72 18.72
C ILE A 208 4.70 -28.75 19.49
N PHE A 209 4.85 -29.94 18.90
CA PHE A 209 5.56 -31.03 19.57
C PHE A 209 7.03 -30.67 19.83
N LYS A 210 7.71 -30.06 18.87
CA LYS A 210 9.10 -29.73 19.07
C LYS A 210 9.21 -28.73 20.23
N LEU A 211 8.31 -27.75 20.25
CA LEU A 211 8.33 -26.74 21.30
C LEU A 211 8.09 -27.36 22.68
N SER A 212 7.16 -28.30 22.79
CA SER A 212 6.92 -28.90 24.10
C SER A 212 8.15 -29.59 24.62
N HIS A 213 8.87 -30.29 23.75
CA HIS A 213 10.07 -31.00 24.16
C HIS A 213 11.16 -30.03 24.61
N LEU A 214 11.39 -28.96 23.84
CA LEU A 214 12.41 -28.00 24.25
C LEU A 214 12.00 -27.41 25.58
N LEU A 215 10.73 -27.00 25.67
CA LEU A 215 10.19 -26.37 26.85
C LEU A 215 10.26 -27.29 28.07
N LYS A 216 9.97 -28.56 27.89
CA LYS A 216 10.00 -29.49 29.01
C LYS A 216 11.41 -29.53 29.59
N LEU A 217 12.43 -29.58 28.75
CA LEU A 217 13.81 -29.61 29.21
C LEU A 217 14.12 -28.34 29.99
N THR A 218 13.62 -27.23 29.51
CA THR A 218 13.84 -25.94 30.15
C THR A 218 12.97 -25.80 31.39
N GLY A 219 12.00 -26.71 31.57
CA GLY A 219 11.12 -26.63 32.73
C GLY A 219 9.96 -25.66 32.52
N THR A 220 9.41 -25.55 31.31
CA THR A 220 8.29 -24.62 31.09
C THR A 220 7.05 -25.35 30.52
N GLU A 221 6.04 -25.44 31.33
CA GLU A 221 4.78 -26.07 30.92
C GLU A 221 4.17 -25.31 29.74
N LEU A 222 3.66 -26.04 28.75
CA LEU A 222 3.00 -25.44 27.58
C LEU A 222 1.51 -25.80 27.59
N ILE A 223 0.66 -24.80 27.39
CA ILE A 223 -0.79 -24.99 27.36
C ILE A 223 -1.32 -24.57 25.99
N ILE A 224 -2.22 -25.38 25.41
CA ILE A 224 -2.79 -25.10 24.07
C ILE A 224 -4.30 -24.87 24.21
N THR A 225 -4.81 -23.80 23.61
CA THR A 225 -6.24 -23.50 23.70
C THR A 225 -6.84 -23.13 22.36
N GLY A 226 -8.17 -23.08 22.28
CA GLY A 226 -8.84 -22.72 21.05
C GLY A 226 -8.85 -23.89 20.08
N ILE A 227 -8.71 -25.06 20.66
CA ILE A 227 -8.70 -26.29 19.90
C ILE A 227 -10.13 -26.74 19.69
N LYS A 228 -10.49 -27.01 18.43
CA LYS A 228 -11.84 -27.44 18.11
C LYS A 228 -12.02 -28.90 18.56
N PRO A 229 -13.16 -29.29 19.10
CA PRO A 229 -13.36 -30.70 19.54
C PRO A 229 -13.12 -31.71 18.42
N GLU A 230 -13.56 -31.38 17.21
CA GLU A 230 -13.38 -32.27 16.08
C GLU A 230 -11.89 -32.45 15.76
N LEU A 231 -11.16 -31.35 15.92
CA LEU A 231 -9.71 -31.35 15.72
C LEU A 231 -8.98 -32.24 16.74
N ALA A 232 -9.39 -32.19 18.01
CA ALA A 232 -8.75 -32.99 19.04
C ALA A 232 -8.97 -34.48 18.79
N MET A 233 -10.16 -34.83 18.31
CA MET A 233 -10.48 -36.22 18.06
C MET A 233 -9.54 -36.78 17.00
N LYS A 234 -9.29 -35.97 15.97
CA LYS A 234 -8.35 -36.37 14.92
C LYS A 234 -6.95 -36.53 15.47
N MET A 235 -6.58 -35.61 16.37
CA MET A 235 -5.28 -35.64 17.04
C MET A 235 -5.15 -36.84 17.97
N ASN A 236 -6.24 -37.23 18.65
CA ASN A 236 -6.16 -38.33 19.60
C ASN A 236 -5.73 -39.59 18.88
N LYS A 237 -6.29 -39.80 17.70
CA LYS A 237 -5.95 -41.00 16.92
C LYS A 237 -4.45 -41.01 16.59
N LEU A 238 -3.92 -39.85 16.26
CA LEU A 238 -2.49 -39.69 15.94
C LEU A 238 -1.57 -40.01 17.13
N ASP A 239 -1.94 -39.58 18.34
CA ASP A 239 -1.11 -39.83 19.52
C ASP A 239 -1.85 -39.53 20.84
N ALA A 240 -1.80 -40.50 21.73
CA ALA A 240 -2.42 -40.38 23.06
C ALA A 240 -1.79 -39.21 23.84
N ASN A 241 -0.54 -38.92 23.51
CA ASN A 241 0.21 -37.84 24.15
C ASN A 241 -0.45 -36.49 23.93
N PHE A 242 -1.10 -36.30 22.81
CA PHE A 242 -1.67 -34.99 22.51
C PHE A 242 -2.60 -34.58 23.64
N SER A 243 -3.42 -35.52 24.09
CA SER A 243 -4.34 -35.25 25.20
C SER A 243 -3.56 -34.90 26.50
N SER A 244 -2.31 -35.29 26.55
CA SER A 244 -1.43 -35.00 27.70
C SER A 244 -1.36 -33.49 27.99
N LEU A 245 -1.34 -32.67 26.94
CA LEU A 245 -1.32 -31.22 27.15
C LEU A 245 -2.71 -30.63 27.39
N LYS A 246 -2.79 -29.84 28.45
CA LYS A 246 -4.07 -29.23 28.85
C LYS A 246 -4.66 -28.45 27.69
N THR A 247 -5.96 -28.65 27.49
CA THR A 247 -6.72 -27.99 26.43
C THR A 247 -7.95 -27.28 27.00
N TYR A 248 -8.13 -26.03 26.59
CA TYR A 248 -9.27 -25.23 27.00
C TYR A 248 -10.13 -24.82 25.82
N SER A 249 -11.46 -24.84 26.02
CA SER A 249 -12.34 -24.52 24.93
C SER A 249 -12.05 -23.09 24.50
N ASN A 250 -11.87 -22.20 25.47
CA ASN A 250 -11.58 -20.79 25.16
C ASN A 250 -10.59 -20.19 26.17
N VAL A 251 -9.98 -19.09 25.74
CA VAL A 251 -8.98 -18.36 26.56
C VAL A 251 -9.60 -17.82 27.84
N LYS A 252 -10.77 -17.22 27.75
CA LYS A 252 -11.41 -16.66 28.92
C LYS A 252 -11.67 -17.76 29.93
N ASP A 253 -12.16 -18.89 29.44
CA ASP A 253 -12.47 -20.01 30.31
C ASP A 253 -11.20 -20.55 31.00
N ALA A 254 -10.09 -20.67 30.27
CA ALA A 254 -8.86 -21.19 30.90
C ALA A 254 -8.37 -20.22 31.97
N VAL A 255 -8.45 -18.95 31.62
CA VAL A 255 -8.00 -17.92 32.53
C VAL A 255 -8.83 -17.90 33.81
N LYS A 256 -10.15 -17.97 33.67
CA LYS A 256 -11.02 -17.97 34.83
C LYS A 256 -10.79 -19.20 35.69
N VAL A 257 -10.75 -20.39 35.09
CA VAL A 257 -10.53 -21.59 35.89
C VAL A 257 -9.15 -21.64 36.52
N LEU A 258 -8.13 -21.24 35.75
CA LEU A 258 -6.75 -21.32 36.23
C LEU A 258 -6.68 -21.15 37.75
N PRO A 259 -6.87 -19.97 38.29
CA PRO A 259 -6.81 -19.79 39.78
C PRO A 259 -7.92 -20.57 40.49
N ILE A 260 -7.57 -21.16 41.64
CA ILE A 260 -8.56 -21.91 42.43
C ILE A 260 -8.21 -21.93 43.92
N MET A 261 -6.91 -21.90 44.23
CA MET A 261 -6.46 -21.98 45.63
C MET A 261 -5.54 -20.83 45.97
N GLY B 1 16.40 10.48 -38.82
CA GLY B 1 16.23 11.93 -38.53
C GLY B 1 16.00 12.68 -39.83
N ALA B 2 15.10 12.14 -40.64
CA ALA B 2 14.79 12.73 -41.93
C ALA B 2 13.34 12.43 -42.29
N SER B 3 12.87 13.00 -43.40
CA SER B 3 11.51 12.77 -43.85
C SER B 3 11.35 11.35 -44.41
N PHE B 4 12.47 10.64 -44.62
CA PHE B 4 12.41 9.29 -45.17
C PHE B 4 12.13 8.28 -44.07
N GLN B 5 13.06 8.23 -43.11
CA GLN B 5 12.94 7.33 -41.96
C GLN B 5 11.77 7.71 -41.05
N SER B 6 11.56 9.01 -40.85
CA SER B 6 10.50 9.47 -39.95
C SER B 6 9.17 8.95 -40.44
N PHE B 7 8.96 9.04 -41.76
CA PHE B 7 7.72 8.53 -42.37
C PHE B 7 6.62 9.60 -42.36
N GLY B 8 6.60 10.45 -43.38
CA GLY B 8 5.62 11.53 -43.47
C GLY B 8 4.20 10.97 -43.51
N ILE B 9 3.31 11.70 -44.19
CA ILE B 9 1.90 11.30 -44.31
C ILE B 9 1.06 11.93 -43.18
N PRO B 10 0.16 12.87 -43.46
CA PRO B 10 -0.66 13.51 -42.39
C PRO B 10 -1.58 12.50 -41.70
N GLY B 11 -1.89 11.42 -42.41
CA GLY B 11 -2.77 10.38 -41.89
C GLY B 11 -2.19 9.75 -40.63
N GLN B 12 -0.88 9.49 -40.63
CA GLN B 12 -0.24 8.89 -39.47
C GLN B 12 -0.33 9.85 -38.27
N LEU B 13 -0.15 11.13 -38.56
CA LEU B 13 -0.16 12.17 -37.52
C LEU B 13 -1.52 12.24 -36.79
N GLU B 14 -2.62 12.15 -37.53
CA GLU B 14 -3.97 12.22 -36.94
C GLU B 14 -4.23 10.99 -36.01
N VAL B 15 -3.62 9.89 -36.43
CA VAL B 15 -3.68 8.62 -35.67
C VAL B 15 -3.04 8.79 -34.30
N ILE B 16 -1.87 9.39 -34.27
CA ILE B 16 -1.16 9.57 -33.01
C ILE B 16 -1.95 10.46 -32.06
N LYS B 17 -2.49 11.55 -32.61
CA LYS B 17 -3.27 12.50 -31.80
C LYS B 17 -4.54 11.91 -31.22
N LYS B 18 -5.29 11.11 -31.98
CA LYS B 18 -6.52 10.54 -31.44
C LYS B 18 -6.19 9.61 -30.28
N ALA B 19 -5.13 8.83 -30.44
CA ALA B 19 -4.74 7.89 -29.40
C ALA B 19 -4.40 8.62 -28.10
N LEU B 20 -3.76 9.78 -28.22
CA LEU B 20 -3.48 10.60 -27.04
C LEU B 20 -4.80 11.07 -26.39
N ASP B 21 -5.74 11.48 -27.25
CA ASP B 21 -7.05 11.97 -26.80
C ASP B 21 -7.85 10.88 -26.05
N HIS B 22 -7.77 9.65 -26.52
CA HIS B 22 -8.52 8.55 -25.90
C HIS B 22 -8.15 8.40 -24.42
N VAL B 23 -6.88 8.55 -24.07
CA VAL B 23 -6.47 8.43 -22.66
C VAL B 23 -5.95 9.78 -22.18
N ARG B 24 -6.45 10.23 -21.02
CA ARG B 24 -6.08 11.53 -20.48
C ARG B 24 -4.66 11.55 -19.91
N VAL B 25 -3.77 12.24 -20.63
CA VAL B 25 -2.39 12.38 -20.17
C VAL B 25 -1.87 13.77 -20.52
N GLY B 26 -1.23 14.41 -19.56
CA GLY B 26 -0.76 15.75 -19.80
C GLY B 26 0.62 15.80 -20.44
N VAL B 27 0.63 15.94 -21.76
CA VAL B 27 1.87 16.11 -22.50
C VAL B 27 1.71 17.38 -23.34
N VAL B 28 2.68 18.29 -23.24
CA VAL B 28 2.62 19.52 -24.03
C VAL B 28 4.00 19.86 -24.59
N ILE B 29 4.00 20.66 -25.65
CA ILE B 29 5.27 21.09 -26.29
C ILE B 29 5.43 22.61 -26.26
N THR B 30 6.61 23.00 -25.78
CA THR B 30 6.93 24.41 -25.57
C THR B 30 8.01 24.81 -26.55
N ASP B 31 8.08 26.09 -26.90
CA ASP B 31 9.05 26.55 -27.87
C ASP B 31 9.93 27.64 -27.27
N PRO B 32 11.14 27.32 -26.88
CA PRO B 32 12.05 28.33 -26.26
C PRO B 32 12.41 29.43 -27.24
N ALA B 33 12.26 29.15 -28.55
CA ALA B 33 12.56 30.16 -29.56
C ALA B 33 11.63 31.36 -29.39
N LEU B 34 10.34 31.13 -29.13
CA LEU B 34 9.40 32.24 -28.95
C LEU B 34 9.63 32.94 -27.60
N GLU B 35 8.82 33.97 -27.32
CA GLU B 35 8.95 34.73 -26.08
C GLU B 35 8.39 33.99 -24.86
N ASP B 36 9.17 34.00 -23.78
CA ASP B 36 8.76 33.35 -22.53
C ASP B 36 8.39 31.89 -22.77
N ASN B 37 9.14 31.20 -23.63
CA ASN B 37 8.86 29.82 -23.95
C ASN B 37 7.37 29.47 -23.79
N PRO B 38 6.53 29.97 -24.66
CA PRO B 38 5.06 29.71 -24.64
C PRO B 38 4.73 28.29 -25.07
N ILE B 39 3.59 27.79 -24.62
CA ILE B 39 3.16 26.43 -24.98
C ILE B 39 2.41 26.52 -26.31
N VAL B 40 2.80 25.65 -27.26
CA VAL B 40 2.16 25.63 -28.58
C VAL B 40 1.28 24.40 -28.78
N TYR B 41 1.78 23.22 -28.37
CA TYR B 41 1.02 21.99 -28.56
C TYR B 41 0.27 21.60 -27.30
N VAL B 42 -1.05 21.43 -27.44
CA VAL B 42 -1.91 21.01 -26.35
C VAL B 42 -2.97 20.05 -26.88
N ASN B 43 -3.30 19.00 -26.12
CA ASN B 43 -4.32 18.06 -26.56
C ASN B 43 -5.64 18.33 -25.84
N GLN B 44 -6.73 17.80 -26.39
CA GLN B 44 -8.06 17.98 -25.79
C GLN B 44 -8.14 17.36 -24.41
N GLY B 45 -7.50 16.22 -24.22
CA GLY B 45 -7.51 15.52 -22.93
C GLY B 45 -6.91 16.41 -21.84
N PHE B 46 -6.02 17.30 -22.23
CA PHE B 46 -5.38 18.21 -21.28
C PHE B 46 -6.44 19.07 -20.60
N VAL B 47 -7.39 19.55 -21.40
CA VAL B 47 -8.46 20.40 -20.90
C VAL B 47 -9.32 19.66 -19.90
N GLN B 48 -9.69 18.43 -20.20
CA GLN B 48 -10.53 17.67 -19.28
C GLN B 48 -9.79 17.44 -17.97
N MET B 49 -8.53 17.06 -18.05
CA MET B 49 -7.71 16.81 -16.88
C MET B 49 -7.50 18.05 -16.01
N THR B 50 -7.26 19.20 -16.63
CA THR B 50 -7.01 20.41 -15.86
C THR B 50 -8.26 21.27 -15.70
N GLY B 51 -9.27 20.98 -16.51
CA GLY B 51 -10.54 21.69 -16.43
C GLY B 51 -10.39 23.11 -16.96
N TYR B 52 -9.32 23.33 -17.73
CA TYR B 52 -9.03 24.63 -18.35
C TYR B 52 -9.22 24.54 -19.85
N GLU B 53 -9.71 25.61 -20.46
CA GLU B 53 -9.91 25.62 -21.90
C GLU B 53 -8.59 25.73 -22.65
N THR B 54 -8.54 25.12 -23.82
CA THR B 54 -7.33 25.10 -24.63
C THR B 54 -6.89 26.51 -25.05
N GLU B 55 -7.85 27.37 -25.31
CA GLU B 55 -7.54 28.73 -25.70
C GLU B 55 -6.79 29.50 -24.59
N GLU B 56 -7.22 29.31 -23.36
CA GLU B 56 -6.55 29.91 -22.20
C GLU B 56 -5.20 29.28 -21.84
N ILE B 57 -5.06 27.95 -22.05
CA ILE B 57 -3.76 27.36 -21.78
C ILE B 57 -2.71 27.93 -22.76
N LEU B 58 -3.04 27.83 -24.05
CA LEU B 58 -2.07 28.14 -25.11
C LEU B 58 -1.66 29.61 -24.99
N GLY B 59 -0.34 29.85 -25.03
CA GLY B 59 0.19 31.21 -24.87
C GLY B 59 0.59 31.55 -23.42
N LYS B 60 0.35 30.61 -22.50
CA LYS B 60 0.66 30.86 -21.08
C LYS B 60 1.40 29.70 -20.42
N ASN B 61 2.23 30.05 -19.45
CA ASN B 61 3.00 29.06 -18.71
C ASN B 61 2.14 28.38 -17.64
N CYS B 62 2.48 27.14 -17.32
CA CYS B 62 1.72 26.35 -16.35
C CYS B 62 1.76 26.96 -14.93
N ARG B 63 2.31 28.17 -14.85
CA ARG B 63 2.49 28.87 -13.58
C ARG B 63 1.15 29.09 -12.85
N PHE B 64 0.07 29.28 -13.59
CA PHE B 64 -1.24 29.49 -12.98
C PHE B 64 -1.69 28.28 -12.13
N LEU B 65 -1.27 27.07 -12.50
CA LEU B 65 -1.69 25.88 -11.76
C LEU B 65 -1.21 25.96 -10.32
N GLN B 66 0.03 26.41 -10.14
CA GLN B 66 0.65 26.48 -8.83
C GLN B 66 -0.29 27.23 -7.85
N GLY B 67 -0.19 26.88 -6.57
CA GLY B 67 -0.98 27.54 -5.53
C GLY B 67 -0.40 27.32 -4.13
N LYS B 68 -1.27 27.40 -3.13
CA LYS B 68 -0.85 27.29 -1.71
C LYS B 68 -0.15 25.97 -1.42
N HIS B 69 -0.67 24.89 -2.00
CA HIS B 69 -0.12 23.56 -1.78
C HIS B 69 1.16 23.35 -2.59
N THR B 70 1.46 24.28 -3.50
CA THR B 70 2.65 24.14 -4.31
C THR B 70 3.87 24.12 -3.43
N ASP B 71 4.77 23.17 -3.69
CA ASP B 71 5.97 23.03 -2.88
C ASP B 71 7.11 23.87 -3.47
N PRO B 72 7.52 24.95 -2.82
CA PRO B 72 8.63 25.78 -3.36
C PRO B 72 9.89 24.95 -3.64
N ALA B 73 10.17 23.97 -2.77
CA ALA B 73 11.37 23.18 -2.91
C ALA B 73 11.35 22.43 -4.24
N GLU B 74 10.18 21.93 -4.60
CA GLU B 74 10.03 21.26 -5.86
C GLU B 74 10.18 22.27 -7.01
N VAL B 75 9.64 23.46 -6.82
CA VAL B 75 9.74 24.51 -7.84
C VAL B 75 11.21 24.86 -8.07
N ASP B 76 11.95 25.03 -6.98
CA ASP B 76 13.36 25.41 -7.06
C ASP B 76 14.17 24.33 -7.76
N ASN B 77 13.84 23.06 -7.52
CA ASN B 77 14.57 21.99 -8.18
C ASN B 77 14.37 22.12 -9.69
N ILE B 78 13.15 22.42 -10.10
CA ILE B 78 12.84 22.54 -11.53
C ILE B 78 13.64 23.68 -12.14
N ARG B 79 13.68 24.79 -11.45
CA ARG B 79 14.42 25.96 -11.91
C ARG B 79 15.90 25.61 -12.03
N THR B 80 16.40 24.89 -11.04
CA THR B 80 17.81 24.50 -11.03
C THR B 80 18.10 23.60 -12.25
N ALA B 81 17.23 22.63 -12.50
CA ALA B 81 17.44 21.69 -13.62
C ALA B 81 17.47 22.36 -14.99
N LEU B 82 16.58 23.31 -15.20
CA LEU B 82 16.52 23.99 -16.50
C LEU B 82 17.83 24.73 -16.73
N GLN B 83 18.33 25.38 -15.69
CA GLN B 83 19.57 26.12 -15.79
C GLN B 83 20.69 25.16 -16.12
N ASN B 84 20.60 23.96 -15.55
CA ASN B 84 21.61 22.92 -15.77
C ASN B 84 21.23 22.05 -16.95
N LYS B 85 20.18 22.40 -17.68
CA LYS B 85 19.82 21.65 -18.88
C LYS B 85 19.91 20.13 -18.67
N GLU B 86 19.36 19.68 -17.54
CA GLU B 86 19.38 18.25 -17.23
C GLU B 86 17.96 17.77 -16.89
N PRO B 87 17.58 16.55 -17.26
CA PRO B 87 16.20 16.05 -16.97
C PRO B 87 15.90 15.96 -15.47
N VAL B 88 14.68 16.33 -15.10
CA VAL B 88 14.27 16.29 -13.69
C VAL B 88 12.84 15.81 -13.52
N THR B 89 12.61 14.95 -12.53
CA THR B 89 11.26 14.45 -12.26
C THR B 89 10.88 14.79 -10.81
N VAL B 90 9.76 15.50 -10.66
CA VAL B 90 9.27 15.90 -9.34
C VAL B 90 7.76 15.73 -9.21
N GLN B 91 7.26 15.74 -7.97
CA GLN B 91 5.81 15.69 -7.76
C GLN B 91 5.35 17.00 -7.11
N ILE B 92 4.46 17.70 -7.79
CA ILE B 92 3.98 19.01 -7.33
C ILE B 92 2.46 19.09 -7.31
N GLN B 93 1.94 19.58 -6.18
CA GLN B 93 0.51 19.77 -6.02
C GLN B 93 0.04 20.93 -6.89
N ASN B 94 -1.16 20.81 -7.45
CA ASN B 94 -1.70 21.83 -8.34
C ASN B 94 -3.16 22.17 -7.97
N TYR B 95 -3.73 23.09 -8.75
CA TYR B 95 -5.11 23.53 -8.59
C TYR B 95 -5.87 23.50 -9.92
N LYS B 96 -7.17 23.19 -9.87
CA LYS B 96 -8.00 23.20 -11.08
C LYS B 96 -8.88 24.45 -11.13
N LYS B 97 -9.64 24.58 -12.21
CA LYS B 97 -10.52 25.72 -12.38
C LYS B 97 -11.55 25.78 -11.26
N ASP B 98 -12.04 24.63 -10.76
CA ASP B 98 -13.01 24.66 -9.66
C ASP B 98 -12.32 24.68 -8.27
N GLY B 99 -10.99 24.64 -8.23
CA GLY B 99 -10.27 24.71 -6.96
C GLY B 99 -9.94 23.33 -6.42
N THR B 100 -10.26 22.29 -7.18
CA THR B 100 -9.93 20.95 -6.74
C THR B 100 -8.42 20.78 -6.75
N MET B 101 -7.88 20.31 -5.64
CA MET B 101 -6.45 20.08 -5.52
C MET B 101 -6.14 18.69 -6.01
N PHE B 102 -5.02 18.51 -6.71
CA PHE B 102 -4.66 17.18 -7.19
C PHE B 102 -3.13 17.10 -7.34
N TRP B 103 -2.58 15.91 -7.42
CA TRP B 103 -1.13 15.77 -7.57
C TRP B 103 -0.76 15.62 -9.04
N ASN B 104 0.33 16.30 -9.40
CA ASN B 104 0.78 16.31 -10.79
C ASN B 104 2.29 16.04 -10.94
N GLU B 105 2.60 14.87 -11.42
CA GLU B 105 4.02 14.50 -11.61
C GLU B 105 4.55 15.21 -12.87
N LEU B 106 5.63 15.98 -12.72
CA LEU B 106 6.20 16.75 -13.84
C LEU B 106 7.57 16.20 -14.26
N ASN B 107 7.69 15.88 -15.54
CA ASN B 107 8.96 15.41 -16.10
C ASN B 107 9.40 16.38 -17.19
N ILE B 108 10.64 16.84 -17.10
CA ILE B 108 11.22 17.78 -18.07
C ILE B 108 12.48 17.18 -18.65
N ASP B 109 12.64 17.22 -19.97
CA ASP B 109 13.83 16.70 -20.64
C ASP B 109 14.21 17.58 -21.83
N PRO B 110 15.41 18.13 -21.87
CA PRO B 110 15.85 19.01 -23.00
C PRO B 110 16.04 18.26 -24.30
N MET B 111 15.87 18.95 -25.43
CA MET B 111 16.06 18.32 -26.74
C MET B 111 16.98 19.19 -27.59
N GLU B 112 17.86 18.56 -28.36
CA GLU B 112 18.76 19.29 -29.24
C GLU B 112 18.34 18.93 -30.65
N ILE B 113 17.72 19.88 -31.38
CA ILE B 113 17.33 19.63 -32.77
C ILE B 113 17.71 20.81 -33.69
N GLU B 114 18.41 20.49 -34.78
CA GLU B 114 18.81 21.53 -35.73
C GLU B 114 19.53 22.66 -35.00
N ASP B 115 20.34 22.30 -34.01
CA ASP B 115 21.07 23.28 -33.20
C ASP B 115 20.10 24.21 -32.49
N LYS B 116 18.97 23.67 -32.05
CA LYS B 116 17.95 24.44 -31.33
C LYS B 116 17.55 23.65 -30.08
N THR B 117 17.09 24.36 -29.05
CA THR B 117 16.71 23.69 -27.80
C THR B 117 15.20 23.64 -27.67
N TYR B 118 14.65 22.65 -26.98
CA TYR B 118 13.20 22.50 -26.85
C TYR B 118 12.84 21.86 -25.51
N PHE B 119 11.69 22.25 -24.95
CA PHE B 119 11.26 21.75 -23.62
C PHE B 119 9.91 21.08 -23.71
N VAL B 120 9.75 19.95 -23.00
CA VAL B 120 8.50 19.19 -23.03
C VAL B 120 8.03 18.95 -21.61
N GLY B 121 6.74 19.19 -21.38
CA GLY B 121 6.17 18.98 -20.07
C GLY B 121 5.28 17.74 -20.05
N ILE B 122 5.62 16.80 -19.18
CA ILE B 122 4.83 15.58 -19.06
C ILE B 122 4.11 15.59 -17.73
N GLN B 123 2.79 15.38 -17.76
CA GLN B 123 2.01 15.34 -16.53
C GLN B 123 1.38 13.95 -16.41
N ASN B 124 1.73 13.25 -15.33
CA ASN B 124 1.21 11.92 -15.07
C ASN B 124 0.43 11.96 -13.75
N ASP B 125 -0.84 11.60 -13.84
CA ASP B 125 -1.74 11.61 -12.69
C ASP B 125 -1.40 10.52 -11.68
N ILE B 126 -1.35 10.87 -10.36
CA ILE B 126 -1.08 9.92 -9.28
C ILE B 126 -2.41 9.64 -8.49
N THR B 127 -3.50 10.00 -9.15
CA THR B 127 -4.87 9.76 -8.66
C THR B 127 -5.20 8.25 -8.52
N LYS B 128 -4.82 7.45 -9.52
CA LYS B 128 -5.12 6.01 -9.50
C LYS B 128 -4.42 5.38 -8.28
N GLN B 129 -3.16 5.75 -8.09
CA GLN B 129 -2.34 5.25 -6.99
C GLN B 129 -2.90 5.69 -5.62
N LYS B 130 -3.45 6.88 -5.64
CA LYS B 130 -4.15 7.38 -4.46
C LYS B 130 -5.34 6.53 -4.14
N GLU B 131 -6.07 6.12 -5.15
CA GLU B 131 -7.22 5.29 -4.91
C GLU B 131 -6.75 3.96 -4.33
N TYR B 132 -5.68 3.41 -4.87
CA TYR B 132 -5.14 2.15 -4.38
C TYR B 132 -4.74 2.23 -2.92
N GLU B 133 -4.07 3.31 -2.52
CA GLU B 133 -3.65 3.45 -1.13
C GLU B 133 -4.88 3.56 -0.24
N LYS B 134 -5.90 4.24 -0.74
CA LYS B 134 -7.15 4.39 -0.01
C LYS B 134 -7.82 3.05 0.22
N LEU B 135 -7.77 2.17 -0.77
CA LEU B 135 -8.37 0.85 -0.65
C LEU B 135 -7.67 0.06 0.46
N LEU B 136 -6.36 0.20 0.50
CA LEU B 136 -5.54 -0.45 1.54
C LEU B 136 -5.89 0.08 2.95
N GLU B 137 -6.08 1.39 2.99
CA GLU B 137 -6.39 2.06 4.25
C GLU B 137 -7.74 1.60 4.79
N ASP B 138 -8.70 1.38 3.90
CA ASP B 138 -9.98 0.87 4.33
C ASP B 138 -9.82 -0.52 4.93
N SER B 139 -9.01 -1.37 4.26
CA SER B 139 -8.76 -2.73 4.77
C SER B 139 -8.11 -2.65 6.14
N LEU B 140 -7.13 -1.77 6.26
CA LEU B 140 -6.37 -1.62 7.50
C LEU B 140 -7.33 -1.21 8.60
N THR B 141 -8.24 -0.32 8.26
CA THR B 141 -9.23 0.15 9.22
C THR B 141 -10.12 -0.99 9.73
N GLU B 142 -10.61 -1.85 8.83
CA GLU B 142 -11.44 -2.97 9.27
C GLU B 142 -10.58 -3.91 10.10
N ILE B 143 -9.37 -4.11 9.61
CA ILE B 143 -8.38 -4.96 10.27
C ILE B 143 -7.99 -4.36 11.63
N THR B 144 -7.79 -3.04 11.68
CA THR B 144 -7.37 -2.40 12.92
C THR B 144 -8.42 -2.56 14.04
N ALA B 145 -9.71 -2.34 13.75
CA ALA B 145 -10.71 -2.50 14.79
C ALA B 145 -10.73 -3.96 15.24
N LEU B 146 -10.61 -4.88 14.27
CA LEU B 146 -10.56 -6.32 14.56
C LEU B 146 -9.32 -6.73 15.35
N SER B 147 -8.16 -6.14 15.02
CA SER B 147 -6.95 -6.51 15.73
C SER B 147 -7.14 -6.13 17.16
N THR B 148 -7.75 -4.94 17.40
CA THR B 148 -8.05 -4.49 18.76
C THR B 148 -8.22 -5.68 19.69
N PRO B 149 -7.15 -6.20 20.22
CA PRO B 149 -7.20 -7.41 21.09
C PRO B 149 -8.03 -7.26 22.36
N ILE B 150 -8.67 -8.37 22.74
CA ILE B 150 -9.40 -8.46 23.99
C ILE B 150 -8.90 -9.69 24.74
N VAL B 151 -8.45 -9.45 25.95
CA VAL B 151 -7.90 -10.55 26.77
C VAL B 151 -8.06 -10.26 28.25
N PRO B 152 -9.08 -10.75 28.91
CA PRO B 152 -9.24 -10.46 30.36
C PRO B 152 -8.08 -11.05 31.13
N ILE B 153 -7.48 -10.27 32.02
CA ILE B 153 -6.37 -10.78 32.80
C ILE B 153 -6.84 -11.85 33.80
N ARG B 154 -7.97 -11.56 34.49
CA ARG B 154 -8.56 -12.50 35.46
C ARG B 154 -10.05 -12.21 35.58
N ASN B 155 -10.63 -12.61 36.68
CA ASN B 155 -12.05 -12.38 36.91
C ASN B 155 -12.26 -11.00 37.52
N GLY B 156 -12.84 -10.07 36.75
CA GLY B 156 -13.05 -8.71 37.21
C GLY B 156 -11.93 -7.80 36.68
N ILE B 157 -10.82 -8.40 36.29
CA ILE B 157 -9.66 -7.63 35.83
C ILE B 157 -9.45 -7.77 34.32
N SER B 158 -9.42 -6.61 33.64
CA SER B 158 -9.21 -6.56 32.19
C SER B 158 -8.18 -5.49 31.84
N ALA B 159 -7.45 -5.69 30.74
CA ALA B 159 -6.44 -4.72 30.32
C ALA B 159 -6.61 -4.41 28.84
N LEU B 160 -6.31 -3.17 28.46
CA LEU B 160 -6.43 -2.75 27.06
C LEU B 160 -5.25 -1.85 26.72
N PRO B 161 -4.08 -2.42 26.54
CA PRO B 161 -2.83 -1.64 26.24
C PRO B 161 -2.81 -1.01 24.84
N LEU B 162 -2.15 0.15 24.74
CA LEU B 162 -2.04 0.88 23.48
C LEU B 162 -0.58 0.90 23.01
N VAL B 163 -0.38 0.62 21.73
CA VAL B 163 0.96 0.63 21.14
C VAL B 163 0.93 1.49 19.89
N GLY B 164 1.89 2.40 19.72
CA GLY B 164 1.92 3.24 18.51
C GLY B 164 1.66 4.71 18.84
N ASN B 165 1.91 5.59 17.87
CA ASN B 165 1.72 7.04 18.09
C ASN B 165 0.29 7.51 17.76
N LEU B 166 -0.47 7.83 18.80
CA LEU B 166 -1.88 8.20 18.62
C LEU B 166 -2.10 9.50 17.85
N THR B 167 -2.51 9.33 16.59
CA THR B 167 -2.84 10.44 15.68
C THR B 167 -4.29 10.90 15.88
N GLU B 168 -4.62 12.00 15.23
CA GLU B 168 -5.97 12.52 15.30
C GLU B 168 -6.95 11.59 14.59
N GLU B 169 -6.55 10.99 13.47
CA GLU B 169 -7.43 10.11 12.69
C GLU B 169 -7.76 8.81 13.46
N ARG B 170 -6.73 8.34 14.12
CA ARG B 170 -6.80 7.14 14.96
C ARG B 170 -7.77 7.34 16.15
N PHE B 171 -7.77 8.55 16.69
CA PHE B 171 -8.60 8.90 17.84
C PHE B 171 -10.09 8.59 17.65
N ASN B 172 -10.57 8.55 16.41
CA ASN B 172 -11.97 8.23 16.17
C ASN B 172 -12.31 6.81 16.67
N SER B 173 -11.41 5.87 16.44
CA SER B 173 -11.64 4.50 16.87
C SER B 173 -11.81 4.41 18.39
N ILE B 174 -10.98 5.18 19.11
CA ILE B 174 -11.01 5.20 20.57
C ILE B 174 -12.32 5.72 21.15
N VAL B 175 -12.84 6.80 20.59
CA VAL B 175 -14.08 7.38 21.12
C VAL B 175 -15.20 6.35 20.95
N CYS B 176 -15.19 5.65 19.82
CA CYS B 176 -16.18 4.61 19.57
C CYS B 176 -16.04 3.48 20.60
N THR B 177 -14.82 3.21 21.01
CA THR B 177 -14.53 2.14 21.98
C THR B 177 -15.24 2.44 23.31
N LEU B 178 -15.60 3.69 23.50
CA LEU B 178 -16.25 4.13 24.73
C LEU B 178 -17.57 3.38 24.90
N THR B 179 -18.28 3.20 23.80
CA THR B 179 -19.54 2.44 23.82
C THR B 179 -19.27 0.99 24.27
N ASN B 180 -18.22 0.38 23.73
CA ASN B 180 -17.87 -1.01 24.09
C ASN B 180 -17.55 -1.10 25.59
N ILE B 181 -16.85 -0.11 26.10
CA ILE B 181 -16.46 -0.11 27.51
C ILE B 181 -17.69 -0.25 28.41
N LEU B 182 -18.80 0.36 28.01
CA LEU B 182 -20.02 0.25 28.79
C LEU B 182 -20.43 -1.22 28.87
N SER B 183 -20.34 -1.94 27.77
CA SER B 183 -20.68 -3.36 27.76
C SER B 183 -19.73 -4.13 28.68
N THR B 184 -18.47 -3.69 28.76
CA THR B 184 -17.47 -4.38 29.57
C THR B 184 -17.52 -3.93 31.03
N SER B 185 -18.60 -3.28 31.41
CA SER B 185 -18.76 -2.73 32.77
C SER B 185 -18.68 -3.83 33.80
N LYS B 186 -18.84 -5.08 33.38
CA LYS B 186 -18.78 -6.20 34.30
C LYS B 186 -17.40 -6.28 34.97
N ASP B 187 -16.34 -6.05 34.20
CA ASP B 187 -14.98 -6.14 34.75
C ASP B 187 -14.72 -4.99 35.71
N ASP B 188 -14.51 -5.35 36.98
CA ASP B 188 -14.30 -4.37 38.04
C ASP B 188 -13.04 -3.53 37.86
N TYR B 189 -11.95 -4.19 37.45
CA TYR B 189 -10.69 -3.48 37.29
C TYR B 189 -10.29 -3.39 35.82
N LEU B 190 -9.92 -2.19 35.39
CA LEU B 190 -9.47 -1.97 34.02
C LEU B 190 -8.07 -1.34 33.96
N ILE B 191 -7.10 -2.03 33.37
CA ILE B 191 -5.71 -1.53 33.32
C ILE B 191 -5.35 -1.07 31.92
N ILE B 192 -4.87 0.18 31.81
CA ILE B 192 -4.48 0.72 30.50
C ILE B 192 -2.98 1.01 30.39
N ASP B 193 -2.29 0.33 29.48
CA ASP B 193 -0.85 0.51 29.35
C ASP B 193 -0.51 1.64 28.39
N LEU B 194 0.06 2.74 28.92
CA LEU B 194 0.50 3.85 28.08
C LEU B 194 1.97 3.66 27.71
N SER B 195 2.60 2.60 28.23
CA SER B 195 4.01 2.35 27.95
C SER B 195 4.23 2.14 26.46
N GLY B 196 3.30 1.46 25.80
CA GLY B 196 3.48 1.20 24.39
C GLY B 196 3.53 2.51 23.64
N LEU B 197 2.79 3.51 24.11
CA LEU B 197 2.77 4.79 23.44
C LEU B 197 4.04 5.56 23.80
N ALA B 198 4.69 6.12 22.78
CA ALA B 198 5.92 6.86 23.02
C ALA B 198 5.68 8.08 23.90
N GLN B 199 4.59 8.83 23.66
CA GLN B 199 4.30 10.05 24.42
C GLN B 199 2.81 10.19 24.80
N VAL B 200 2.50 11.03 25.74
CA VAL B 200 1.11 11.25 26.13
C VAL B 200 0.75 12.72 25.94
N ASN B 201 -0.39 12.96 25.29
CA ASN B 201 -0.83 14.32 24.98
C ASN B 201 -1.77 14.87 26.09
N GLU B 202 -1.70 16.19 26.28
CA GLU B 202 -2.51 16.85 27.30
C GLU B 202 -4.01 16.62 27.04
N GLN B 203 -4.40 16.55 25.77
CA GLN B 203 -5.81 16.30 25.44
C GLN B 203 -6.20 14.91 25.95
N THR B 204 -5.24 13.99 25.93
CA THR B 204 -5.47 12.63 26.40
C THR B 204 -5.84 12.64 27.88
N ALA B 205 -5.13 13.43 28.66
CA ALA B 205 -5.39 13.48 30.10
C ALA B 205 -6.84 13.90 30.39
N ASP B 206 -7.40 14.73 29.53
CA ASP B 206 -8.82 15.10 29.69
C ASP B 206 -9.72 13.87 29.49
N GLN B 207 -9.33 13.00 28.55
CA GLN B 207 -10.08 11.78 28.26
C GLN B 207 -10.01 10.80 29.43
N ILE B 208 -8.84 10.71 30.07
CA ILE B 208 -8.66 9.78 31.19
C ILE B 208 -9.60 10.16 32.35
N PHE B 209 -9.64 11.46 32.61
CA PHE B 209 -10.50 12.01 33.66
C PHE B 209 -12.01 11.74 33.40
N LYS B 210 -12.46 11.92 32.16
CA LYS B 210 -13.87 11.66 31.86
C LYS B 210 -14.17 10.18 32.09
N LEU B 211 -13.26 9.32 31.63
CA LEU B 211 -13.43 7.87 31.77
C LEU B 211 -13.50 7.43 33.23
N SER B 212 -12.65 7.98 34.09
CA SER B 212 -12.66 7.59 35.50
C SER B 212 -13.99 7.97 36.19
N HIS B 213 -14.54 9.10 35.77
CA HIS B 213 -15.83 9.53 36.31
C HIS B 213 -16.98 8.60 35.90
N LEU B 214 -17.03 8.27 34.60
CA LEU B 214 -18.07 7.37 34.10
C LEU B 214 -17.89 5.98 34.76
N LEU B 215 -16.63 5.57 34.82
CA LEU B 215 -16.28 4.27 35.40
C LEU B 215 -16.65 4.21 36.89
N LYS B 216 -16.36 5.27 37.63
CA LYS B 216 -16.63 5.30 39.06
C LYS B 216 -18.13 5.15 39.34
N LEU B 217 -18.96 5.79 38.51
CA LEU B 217 -20.41 5.65 38.65
C LEU B 217 -20.85 4.19 38.40
N THR B 218 -20.27 3.58 37.38
CA THR B 218 -20.59 2.19 37.01
C THR B 218 -19.99 1.23 38.01
N GLY B 219 -19.04 1.74 38.77
CA GLY B 219 -18.36 0.92 39.76
C GLY B 219 -17.30 0.11 39.03
N THR B 220 -16.35 0.82 38.43
CA THR B 220 -15.22 0.13 37.79
C THR B 220 -13.87 0.81 37.94
N GLU B 221 -13.00 0.26 38.78
CA GLU B 221 -11.74 0.91 39.07
C GLU B 221 -10.88 1.00 37.81
N LEU B 222 -10.20 2.14 37.65
CA LEU B 222 -9.31 2.38 36.50
C LEU B 222 -7.85 2.55 36.90
N ILE B 223 -7.00 1.68 36.38
CA ILE B 223 -5.57 1.71 36.67
C ILE B 223 -4.77 2.17 35.45
N ILE B 224 -3.89 3.17 35.66
CA ILE B 224 -3.08 3.70 34.55
C ILE B 224 -1.62 3.32 34.77
N THR B 225 -0.98 2.70 33.76
CA THR B 225 0.40 2.28 33.92
C THR B 225 1.27 2.63 32.72
N GLY B 226 2.55 2.70 32.99
CA GLY B 226 3.52 3.08 31.99
C GLY B 226 3.74 4.57 32.00
N ILE B 227 3.39 5.26 33.08
CA ILE B 227 3.56 6.69 33.13
C ILE B 227 4.97 7.07 33.57
N LYS B 228 5.61 7.87 32.77
CA LYS B 228 6.97 8.31 33.05
C LYS B 228 7.01 9.12 34.35
N PRO B 229 8.00 8.96 35.20
CA PRO B 229 8.07 9.76 36.47
C PRO B 229 8.02 11.26 36.23
N GLU B 230 8.67 11.73 35.15
CA GLU B 230 8.69 13.17 34.88
C GLU B 230 7.27 13.63 34.58
N LEU B 231 6.55 12.82 33.82
CA LEU B 231 5.17 13.12 33.43
C LEU B 231 4.26 13.21 34.66
N ALA B 232 4.45 12.30 35.61
CA ALA B 232 3.63 12.30 36.83
C ALA B 232 3.86 13.57 37.65
N MET B 233 5.09 14.04 37.68
CA MET B 233 5.38 15.25 38.44
C MET B 233 4.63 16.45 37.83
N LYS B 234 4.60 16.48 36.50
CA LYS B 234 3.89 17.57 35.81
C LYS B 234 2.38 17.50 36.15
N MET B 235 1.86 16.29 36.12
CA MET B 235 0.44 16.01 36.45
C MET B 235 0.12 16.34 37.92
N ASN B 236 1.08 16.10 38.78
CA ASN B 236 0.87 16.32 40.21
C ASN B 236 0.57 17.79 40.46
N LYS B 237 1.29 18.66 39.74
CA LYS B 237 1.04 20.08 39.88
C LYS B 237 -0.38 20.43 39.41
N LEU B 238 -0.82 19.84 38.29
CA LEU B 238 -2.16 20.15 37.78
C LEU B 238 -3.27 19.76 38.77
N ASP B 239 -3.16 18.57 39.34
CA ASP B 239 -4.20 18.10 40.28
C ASP B 239 -3.67 17.02 41.20
N ALA B 240 -3.95 17.10 42.50
CA ALA B 240 -3.53 16.04 43.39
C ALA B 240 -4.22 14.75 42.93
N ASN B 241 -5.53 14.87 42.70
CA ASN B 241 -6.37 13.74 42.33
C ASN B 241 -5.71 12.82 41.30
N PHE B 242 -4.75 13.34 40.56
CA PHE B 242 -4.07 12.50 39.59
C PHE B 242 -3.38 11.32 40.29
N SER B 243 -2.67 11.60 41.39
CA SER B 243 -2.00 10.53 42.11
C SER B 243 -3.05 9.52 42.51
N SER B 244 -4.18 9.97 43.02
CA SER B 244 -5.28 9.11 43.45
C SER B 244 -5.44 7.82 42.65
N LEU B 245 -5.22 7.87 41.33
CA LEU B 245 -5.26 6.64 40.54
C LEU B 245 -3.93 5.92 40.59
N LYS B 246 -3.96 4.60 40.80
CA LYS B 246 -2.72 3.83 40.94
C LYS B 246 -1.88 3.87 39.67
N THR B 247 -0.59 4.06 39.87
CA THR B 247 0.34 4.09 38.76
C THR B 247 1.48 3.10 38.95
N TYR B 248 1.71 2.26 37.95
CA TYR B 248 2.79 1.29 38.00
C TYR B 248 3.83 1.65 36.96
N SER B 249 5.10 1.44 37.29
CA SER B 249 6.19 1.76 36.37
C SER B 249 6.10 0.92 35.09
N ASN B 250 5.62 -0.31 35.24
CA ASN B 250 5.47 -1.22 34.11
C ASN B 250 4.28 -2.16 34.29
N VAL B 251 3.83 -2.72 33.16
CA VAL B 251 2.73 -3.69 33.15
C VAL B 251 3.09 -4.98 33.89
N LYS B 252 4.29 -5.49 33.63
CA LYS B 252 4.71 -6.73 34.27
C LYS B 252 4.73 -6.55 35.78
N ASP B 253 5.31 -5.42 36.21
CA ASP B 253 5.40 -5.11 37.63
C ASP B 253 4.02 -5.00 38.27
N ALA B 254 3.08 -4.33 37.61
CA ALA B 254 1.73 -4.21 38.18
C ALA B 254 1.05 -5.56 38.26
N VAL B 255 1.23 -6.38 37.24
CA VAL B 255 0.63 -7.68 37.22
C VAL B 255 1.18 -8.57 38.32
N LYS B 256 2.51 -8.58 38.48
CA LYS B 256 3.12 -9.43 39.49
C LYS B 256 2.68 -9.03 40.93
N VAL B 257 2.78 -7.74 41.19
CA VAL B 257 2.40 -7.20 42.49
C VAL B 257 0.91 -7.37 42.77
N LEU B 258 0.07 -7.14 41.76
CA LEU B 258 -1.38 -7.24 41.95
C LEU B 258 -1.75 -8.32 42.99
N PRO B 259 -1.63 -9.60 42.66
CA PRO B 259 -1.98 -10.70 43.62
C PRO B 259 -1.08 -10.66 44.85
N ILE B 260 -1.63 -10.94 46.05
CA ILE B 260 -0.81 -10.94 47.28
C ILE B 260 -1.46 -11.73 48.43
N MET B 261 -2.76 -11.98 48.34
CA MET B 261 -3.47 -12.71 49.40
C MET B 261 -4.41 -13.75 48.81
N1 FMN C . -0.49 -9.40 -25.91
C2 FMN C . 0.49 -9.38 -24.91
O2 FMN C . 0.65 -10.36 -24.18
N3 FMN C . 1.33 -8.27 -24.78
C4 FMN C . 1.17 -7.17 -25.64
O4 FMN C . 1.91 -6.20 -25.51
C4A FMN C . 0.19 -7.20 -26.62
N5 FMN C . 0.05 -6.15 -27.45
C5A FMN C . -0.90 -6.17 -28.40
C6 FMN C . -1.06 -5.06 -29.23
C7 FMN C . -2.11 -5.02 -30.14
C7M FMN C . -2.27 -3.90 -30.94
C8 FMN C . -2.99 -6.10 -30.24
C8M FMN C . -4.01 -6.10 -31.17
C9 FMN C . -2.80 -7.21 -29.41
C9A FMN C . -1.75 -7.25 -28.50
N10 FMN C . -1.54 -8.34 -27.75
C10 FMN C . -0.64 -8.30 -26.75
C1' FMN C . -2.19 -9.63 -28.08
C2' FMN C . -1.43 -10.25 -29.25
O2' FMN C . -0.80 -9.21 -30.01
C3' FMN C . -2.40 -11.02 -30.16
O3' FMN C . -3.42 -10.13 -30.62
C4' FMN C . -3.04 -12.16 -29.36
O4' FMN C . -2.02 -12.89 -28.66
C5' FMN C . -3.79 -13.10 -30.31
O5' FMN C . -2.89 -13.38 -31.39
P FMN C . -2.53 -14.90 -31.76
O1P FMN C . -1.30 -14.79 -32.57
O2P FMN C . -3.73 -15.36 -32.52
O3P FMN C . -2.34 -15.55 -30.45
HN3 FMN C . 2.04 -8.26 -24.08
H6 FMN C . -0.36 -4.23 -29.17
HM71 FMN C . -2.77 -3.12 -30.38
HM72 FMN C . -2.87 -4.16 -31.82
HM73 FMN C . -1.29 -3.54 -31.27
HM81 FMN C . -4.47 -5.11 -31.20
HM82 FMN C . -4.76 -6.84 -30.89
HM83 FMN C . -3.60 -6.35 -32.16
H9 FMN C . -3.50 -8.05 -29.47
H1'1 FMN C . -3.22 -9.53 -28.44
H1'2 FMN C . -2.07 -10.34 -27.26
H2' FMN C . -0.67 -10.93 -28.86
HO2' FMN C . -1.44 -8.85 -30.68
H3' FMN C . -1.85 -11.43 -31.00
HO3' FMN C . -3.01 -9.25 -30.86
H4' FMN C . -3.74 -11.74 -28.64
HO4' FMN C . -2.10 -12.72 -27.68
H5'1 FMN C . -4.66 -12.66 -30.77
H5'2 FMN C . -3.95 -14.05 -29.81
N1 FMN D . 4.63 23.36 -13.31
C2 FMN D . 3.48 22.83 -12.73
O2 FMN D . 3.17 23.12 -11.58
N3 FMN D . 2.66 21.98 -13.49
C4 FMN D . 3.00 21.67 -14.81
O4 FMN D . 2.28 20.92 -15.46
C4A FMN D . 4.15 22.21 -15.37
N5 FMN D . 4.48 21.91 -16.63
C5A FMN D . 5.58 22.43 -17.19
C6 FMN D . 5.93 22.10 -18.49
C7 FMN D . 7.14 22.54 -19.04
C7M FMN D . 7.47 22.18 -20.34
C8 FMN D . 7.98 23.34 -18.27
C8M FMN D . 9.16 23.83 -18.82
C9 FMN D . 7.62 23.69 -16.98
C9A FMN D . 6.43 23.24 -16.43
N10 FMN D . 6.03 23.62 -15.21
C10 FMN D . 4.97 23.05 -14.63
C1' FMN D . 6.72 24.75 -14.52
C2' FMN D . 6.17 26.04 -15.13
O2' FMN D . 5.72 25.80 -16.46
C3' FMN D . 7.26 27.10 -15.15
O3' FMN D . 8.38 26.63 -15.91
C4' FMN D . 7.72 27.40 -13.71
O4' FMN D . 6.57 27.63 -12.89
C5' FMN D . 8.61 28.65 -13.70
O5' FMN D . 7.93 29.64 -14.47
P FMN D . 7.62 31.08 -13.83
O1P FMN D . 6.57 31.65 -14.71
O2P FMN D . 8.92 31.78 -13.88
O3P FMN D . 7.15 30.76 -12.45
HN3 FMN D . 1.83 21.60 -13.08
H6 FMN D . 5.24 21.51 -19.10
HM71 FMN D . 7.88 21.17 -20.33
HM72 FMN D . 8.21 22.88 -20.72
HM73 FMN D . 6.58 22.21 -20.96
HM81 FMN D . 9.65 23.05 -19.40
HM82 FMN D . 9.82 24.14 -18.00
HM83 FMN D . 8.94 24.68 -19.45
H9 FMN D . 8.30 24.31 -16.38
H1'1 FMN D . 7.78 24.80 -14.68
H1'2 FMN D . 6.42 24.79 -13.47
H2' FMN D . 5.33 26.40 -14.53
HO2' FMN D . 6.49 25.87 -17.09
H3' FMN D . 6.88 28.02 -15.60
HO3' FMN D . 8.04 26.12 -16.71
H4' FMN D . 8.28 26.55 -13.33
HO4' FMN D . 6.48 26.89 -12.23
H5'1 FMN D . 9.58 28.51 -14.20
H5'2 FMN D . 8.66 29.04 -12.69
N GLY A 1 -9.28 16.88 -38.95
CA GLY A 1 -9.02 15.68 -39.79
C GLY A 1 -8.52 16.13 -41.16
N ALA A 2 -7.53 17.02 -41.15
CA ALA A 2 -6.95 17.52 -42.40
C ALA A 2 -5.50 17.93 -42.19
N SER A 3 -4.74 18.14 -43.26
CA SER A 3 -3.34 18.59 -43.18
C SER A 3 -3.24 20.05 -42.73
N PHE A 4 -4.38 20.73 -42.83
CA PHE A 4 -4.49 22.10 -42.31
C PHE A 4 -4.50 22.14 -40.75
N GLN A 5 -5.55 21.58 -40.16
CA GLN A 5 -5.70 21.53 -38.70
C GLN A 5 -4.66 20.61 -38.06
N SER A 6 -4.36 19.50 -38.72
CA SER A 6 -3.42 18.53 -38.16
C SER A 6 -2.07 19.19 -37.92
N PHE A 7 -1.64 19.99 -38.89
CA PHE A 7 -0.38 20.74 -38.76
C PHE A 7 0.83 19.89 -39.18
N GLY A 8 1.10 19.87 -40.49
CA GLY A 8 2.20 19.06 -41.02
C GLY A 8 3.55 19.46 -40.42
N ILE A 9 4.59 19.46 -41.24
CA ILE A 9 5.94 19.80 -40.80
C ILE A 9 6.65 18.57 -40.19
N PRO A 10 7.65 18.00 -40.85
CA PRO A 10 8.35 16.80 -40.30
C PRO A 10 9.07 17.09 -38.98
N GLY A 11 9.36 18.37 -38.73
CA GLY A 11 10.03 18.76 -37.48
C GLY A 11 9.15 18.48 -36.26
N GLN A 12 7.85 18.70 -36.42
CA GLN A 12 6.94 18.45 -35.32
C GLN A 12 6.91 16.96 -34.98
N LEU A 13 6.94 16.13 -36.01
CA LEU A 13 6.92 14.68 -35.87
C LEU A 13 8.16 14.16 -35.13
N GLU A 14 9.33 14.72 -35.43
CA GLU A 14 10.56 14.27 -34.79
C GLU A 14 10.45 14.56 -33.31
N VAL A 15 9.91 15.74 -32.95
CA VAL A 15 9.77 16.13 -31.55
C VAL A 15 8.90 15.15 -30.79
N ILE A 16 7.80 14.74 -31.39
CA ILE A 16 6.90 13.84 -30.70
C ILE A 16 7.62 12.52 -30.43
N LYS A 17 8.36 12.00 -31.42
CA LYS A 17 9.08 10.73 -31.20
C LYS A 17 10.12 10.85 -30.06
N LYS A 18 10.92 11.91 -30.05
CA LYS A 18 11.97 11.98 -29.05
C LYS A 18 11.33 11.97 -27.67
N ALA A 19 10.21 12.66 -27.52
CA ALA A 19 9.55 12.70 -26.23
C ALA A 19 9.16 11.29 -25.78
N LEU A 20 8.66 10.49 -26.71
CA LEU A 20 8.28 9.11 -26.40
C LEU A 20 9.52 8.31 -25.97
N ASP A 21 10.63 8.55 -26.67
CA ASP A 21 11.91 7.87 -26.37
C ASP A 21 12.45 8.22 -24.97
N HIS A 22 12.31 9.48 -24.57
CA HIS A 22 12.83 9.92 -23.26
C HIS A 22 12.23 9.11 -22.12
N VAL A 23 10.93 8.80 -22.19
CA VAL A 23 10.28 8.01 -21.15
C VAL A 23 9.84 6.67 -21.74
N ARG A 24 10.21 5.59 -21.05
CA ARG A 24 9.89 4.25 -21.52
C ARG A 24 8.40 3.93 -21.39
N VAL A 25 7.74 3.87 -22.55
CA VAL A 25 6.32 3.55 -22.61
C VAL A 25 6.12 2.64 -23.81
N GLY A 26 5.24 1.67 -23.67
CA GLY A 26 4.98 0.74 -24.75
C GLY A 26 3.76 1.11 -25.57
N VAL A 27 3.98 1.84 -26.65
CA VAL A 27 2.90 2.17 -27.57
C VAL A 27 3.32 1.70 -28.95
N VAL A 28 2.45 0.96 -29.63
CA VAL A 28 2.75 0.46 -30.96
C VAL A 28 1.55 0.65 -31.87
N ILE A 29 1.78 0.64 -33.18
CA ILE A 29 0.68 0.74 -34.14
C ILE A 29 0.71 -0.47 -35.03
N THR A 30 -0.44 -1.12 -35.14
CA THR A 30 -0.58 -2.30 -35.98
C THR A 30 -1.31 -1.88 -37.25
N ASP A 31 -1.32 -2.74 -38.25
CA ASP A 31 -2.02 -2.45 -39.49
C ASP A 31 -2.86 -3.65 -39.94
N PRO A 32 -4.15 -3.63 -39.72
CA PRO A 32 -5.02 -4.77 -40.11
C PRO A 32 -5.02 -4.98 -41.63
N ALA A 33 -4.68 -3.93 -42.37
CA ALA A 33 -4.64 -3.98 -43.83
C ALA A 33 -3.59 -4.99 -44.33
N LEU A 34 -2.48 -5.10 -43.62
CA LEU A 34 -1.43 -6.06 -43.97
C LEU A 34 -1.72 -7.43 -43.35
N GLU A 35 -1.11 -8.48 -43.86
CA GLU A 35 -1.36 -9.85 -43.37
C GLU A 35 -1.05 -10.03 -41.87
N ASP A 36 -1.96 -10.70 -41.17
CA ASP A 36 -1.80 -11.00 -39.74
C ASP A 36 -1.68 -9.74 -38.87
N ASN A 37 -2.17 -8.63 -39.40
CA ASN A 37 -2.10 -7.34 -38.72
C ASN A 37 -0.72 -7.17 -38.04
N PRO A 38 0.32 -7.03 -38.82
CA PRO A 38 1.72 -6.88 -38.32
C PRO A 38 1.96 -5.51 -37.68
N ILE A 39 2.97 -5.46 -36.81
CA ILE A 39 3.29 -4.21 -36.13
C ILE A 39 4.30 -3.43 -36.96
N VAL A 40 3.95 -2.18 -37.28
CA VAL A 40 4.82 -1.32 -38.09
C VAL A 40 5.52 -0.25 -37.25
N TYR A 41 4.79 0.39 -36.34
CA TYR A 41 5.39 1.45 -35.52
C TYR A 41 5.87 0.93 -34.19
N VAL A 42 7.15 1.17 -33.92
CA VAL A 42 7.74 0.78 -32.65
C VAL A 42 8.75 1.85 -32.22
N ASN A 43 8.78 2.17 -30.92
CA ASN A 43 9.73 3.17 -30.43
C ASN A 43 10.96 2.46 -29.86
N GLN A 44 12.03 3.21 -29.61
CA GLN A 44 13.24 2.64 -29.03
C GLN A 44 13.02 2.19 -27.58
N GLY A 45 12.23 2.97 -26.85
CA GLY A 45 11.94 2.66 -25.46
C GLY A 45 11.27 1.31 -25.34
N PHE A 46 10.56 0.90 -26.39
CA PHE A 46 9.88 -0.38 -26.33
C PHE A 46 10.97 -1.40 -26.09
N VAL A 47 12.07 -1.37 -26.85
CA VAL A 47 13.09 -2.41 -26.76
C VAL A 47 13.66 -2.50 -25.37
N GLN A 48 13.98 -1.37 -24.79
CA GLN A 48 14.56 -1.37 -23.45
C GLN A 48 13.58 -1.93 -22.41
N MET A 49 12.30 -1.62 -22.58
CA MET A 49 11.26 -2.17 -21.69
C MET A 49 11.05 -3.68 -21.83
N THR A 50 11.01 -4.18 -23.07
CA THR A 50 10.78 -5.61 -23.31
C THR A 50 12.09 -6.39 -23.34
N GLY A 51 13.16 -5.69 -23.65
CA GLY A 51 14.47 -6.33 -23.73
C GLY A 51 14.62 -7.07 -25.06
N TYR A 52 13.80 -6.70 -26.03
CA TYR A 52 13.83 -7.28 -27.38
C TYR A 52 14.24 -6.25 -28.43
N GLU A 53 15.02 -6.71 -29.40
CA GLU A 53 15.48 -5.83 -30.47
C GLU A 53 14.29 -5.39 -31.32
N THR A 54 14.38 -4.19 -31.88
CA THR A 54 13.32 -3.63 -32.71
C THR A 54 13.12 -4.42 -34.00
N GLU A 55 14.19 -4.98 -34.56
CA GLU A 55 14.04 -5.73 -35.80
C GLU A 55 13.20 -7.00 -35.58
N GLU A 56 13.46 -7.72 -34.49
CA GLU A 56 12.68 -8.92 -34.22
C GLU A 56 11.24 -8.54 -33.97
N ILE A 57 10.99 -7.49 -33.15
CA ILE A 57 9.60 -7.16 -32.76
C ILE A 57 8.73 -6.79 -33.95
N LEU A 58 9.19 -5.90 -34.78
CA LEU A 58 8.45 -5.55 -35.98
C LEU A 58 8.21 -6.84 -36.75
N GLY A 59 7.09 -6.91 -37.47
CA GLY A 59 6.79 -8.09 -38.28
C GLY A 59 6.25 -9.26 -37.48
N LYS A 60 6.18 -9.14 -36.14
CA LYS A 60 5.66 -10.26 -35.32
C LYS A 60 4.72 -9.76 -34.23
N ASN A 61 3.76 -10.60 -33.86
CA ASN A 61 2.77 -10.23 -32.84
C ASN A 61 3.35 -10.44 -31.45
N CYS A 62 2.84 -9.66 -30.51
CA CYS A 62 3.31 -9.73 -29.14
C CYS A 62 3.03 -11.10 -28.53
N ARG A 63 2.73 -12.10 -29.36
CA ARG A 63 2.43 -13.44 -28.86
C ARG A 63 3.64 -14.03 -28.13
N PHE A 64 4.84 -13.85 -28.67
CA PHE A 64 6.06 -14.39 -28.06
C PHE A 64 6.29 -13.97 -26.59
N LEU A 65 5.69 -12.87 -26.18
CA LEU A 65 5.78 -12.40 -24.80
C LEU A 65 5.08 -13.31 -23.80
N GLN A 66 3.97 -13.88 -24.25
CA GLN A 66 3.15 -14.77 -23.42
C GLN A 66 3.92 -16.03 -22.99
N GLY A 67 3.69 -16.49 -21.76
CA GLY A 67 4.37 -17.70 -21.27
C GLY A 67 3.55 -18.43 -20.20
N LYS A 68 4.24 -19.08 -19.26
CA LYS A 68 3.57 -19.87 -18.21
C LYS A 68 2.68 -19.01 -17.30
N HIS A 69 3.17 -17.83 -16.93
CA HIS A 69 2.44 -16.93 -16.05
C HIS A 69 1.30 -16.23 -16.78
N THR A 70 1.25 -16.39 -18.09
CA THR A 70 0.21 -15.75 -18.87
C THR A 70 -1.15 -16.30 -18.45
N ASP A 71 -2.09 -15.41 -18.17
CA ASP A 71 -3.42 -15.80 -17.74
C ASP A 71 -4.33 -16.03 -18.95
N PRO A 72 -4.71 -17.25 -19.26
CA PRO A 72 -5.60 -17.54 -20.42
C PRO A 72 -6.92 -16.78 -20.37
N ALA A 73 -7.44 -16.54 -19.17
CA ALA A 73 -8.71 -15.81 -19.05
C ALA A 73 -8.59 -14.40 -19.58
N GLU A 74 -7.45 -13.76 -19.31
CA GLU A 74 -7.19 -12.41 -19.80
C GLU A 74 -7.12 -12.45 -21.35
N VAL A 75 -6.42 -13.46 -21.82
CA VAL A 75 -6.16 -13.62 -23.25
C VAL A 75 -7.51 -13.75 -23.95
N ASP A 76 -8.38 -14.55 -23.36
CA ASP A 76 -9.72 -14.77 -23.89
C ASP A 76 -10.55 -13.47 -23.91
N ASN A 77 -10.41 -12.64 -22.88
CA ASN A 77 -11.13 -11.37 -22.81
C ASN A 77 -10.69 -10.45 -23.97
N ILE A 78 -9.40 -10.48 -24.24
CA ILE A 78 -8.84 -9.68 -25.36
C ILE A 78 -9.39 -10.14 -26.73
N ARG A 79 -9.42 -11.44 -26.88
CA ARG A 79 -9.91 -12.07 -28.09
C ARG A 79 -11.40 -11.72 -28.26
N THR A 80 -12.15 -11.77 -27.15
CA THR A 80 -13.56 -11.42 -27.20
C THR A 80 -13.69 -9.95 -27.64
N ALA A 81 -12.92 -9.06 -27.00
CA ALA A 81 -13.08 -7.61 -27.23
C ALA A 81 -12.85 -7.24 -28.71
N LEU A 82 -11.84 -7.82 -29.37
CA LEU A 82 -11.55 -7.52 -30.78
C LEU A 82 -12.70 -7.94 -31.68
N GLN A 83 -13.28 -9.10 -31.36
CA GLN A 83 -14.40 -9.59 -32.13
C GLN A 83 -15.56 -8.63 -31.94
N ASN A 84 -15.64 -8.03 -30.75
CA ASN A 84 -16.71 -7.08 -30.44
C ASN A 84 -16.29 -5.66 -30.80
N LYS A 85 -15.06 -5.52 -31.29
CA LYS A 85 -14.55 -4.22 -31.70
C LYS A 85 -14.80 -3.17 -30.61
N GLU A 86 -14.64 -3.56 -29.35
CA GLU A 86 -14.84 -2.63 -28.24
C GLU A 86 -13.56 -2.54 -27.40
N PRO A 87 -13.23 -1.37 -26.87
CA PRO A 87 -11.98 -1.22 -26.05
C PRO A 87 -11.96 -2.10 -24.80
N VAL A 88 -10.78 -2.62 -24.48
CA VAL A 88 -10.60 -3.48 -23.32
C VAL A 88 -9.30 -3.17 -22.60
N THR A 89 -9.31 -3.23 -21.26
CA THR A 89 -8.08 -3.04 -20.50
C THR A 89 -7.87 -4.24 -19.57
N VAL A 90 -6.75 -4.92 -19.73
CA VAL A 90 -6.42 -6.06 -18.86
C VAL A 90 -4.94 -6.06 -18.47
N GLN A 91 -4.60 -6.73 -17.38
CA GLN A 91 -3.19 -6.84 -16.96
C GLN A 91 -2.76 -8.24 -17.37
N ILE A 92 -1.58 -8.46 -18.02
CA ILE A 92 -1.16 -9.81 -18.35
C ILE A 92 0.37 -10.02 -18.14
N GLN A 93 0.69 -11.09 -17.42
CA GLN A 93 2.08 -11.44 -17.12
C GLN A 93 2.84 -11.77 -18.43
N ASN A 94 4.03 -11.18 -18.59
CA ASN A 94 4.84 -11.37 -19.81
C ASN A 94 6.29 -11.72 -19.47
N TYR A 95 7.00 -12.39 -20.40
CA TYR A 95 8.39 -12.80 -20.19
C TYR A 95 9.37 -12.11 -21.15
N LYS A 96 10.49 -11.61 -20.62
CA LYS A 96 11.49 -10.91 -21.43
C LYS A 96 12.44 -11.89 -22.12
N LYS A 97 13.45 -11.35 -22.79
CA LYS A 97 14.45 -12.17 -23.46
C LYS A 97 15.21 -13.05 -22.43
N ASP A 98 15.54 -12.45 -21.28
CA ASP A 98 16.30 -13.17 -20.23
C ASP A 98 15.39 -14.01 -19.33
N GLY A 99 14.10 -14.08 -19.65
CA GLY A 99 13.18 -14.92 -18.88
C GLY A 99 12.60 -14.18 -17.67
N THR A 100 13.02 -12.95 -17.50
CA THR A 100 12.50 -12.15 -16.41
C THR A 100 11.00 -12.06 -16.62
N MET A 101 10.23 -12.19 -15.55
CA MET A 101 8.77 -12.09 -15.64
C MET A 101 8.29 -10.77 -15.08
N PHE A 102 7.50 -10.06 -15.86
CA PHE A 102 7.02 -8.74 -15.43
C PHE A 102 5.58 -8.56 -15.84
N TRP A 103 4.88 -7.67 -15.15
CA TRP A 103 3.48 -7.42 -15.46
C TRP A 103 3.39 -6.36 -16.53
N ASN A 104 2.44 -6.52 -17.46
CA ASN A 104 2.32 -5.56 -18.57
C ASN A 104 0.87 -5.19 -18.89
N GLU A 105 0.44 -4.00 -18.46
CA GLU A 105 -0.96 -3.63 -18.69
C GLU A 105 -1.16 -3.47 -20.17
N LEU A 106 -2.28 -3.99 -20.69
CA LEU A 106 -2.59 -3.88 -22.11
C LEU A 106 -3.92 -3.18 -22.37
N ASN A 107 -3.87 -2.12 -23.18
CA ASN A 107 -5.10 -1.40 -23.55
C ASN A 107 -5.26 -1.36 -25.08
N ILE A 108 -6.41 -1.85 -25.57
CA ILE A 108 -6.68 -1.88 -27.01
C ILE A 108 -7.94 -1.09 -27.35
N ASP A 109 -7.83 -0.18 -28.33
CA ASP A 109 -8.97 0.65 -28.74
C ASP A 109 -9.03 0.75 -30.28
N PRO A 110 -10.11 0.34 -30.92
CA PRO A 110 -10.23 0.41 -32.41
C PRO A 110 -10.36 1.84 -32.92
N MET A 111 -9.89 2.04 -34.13
CA MET A 111 -9.94 3.36 -34.76
C MET A 111 -10.73 3.23 -36.06
N GLU A 112 -11.38 4.30 -36.53
CA GLU A 112 -12.09 4.27 -37.82
C GLU A 112 -11.60 5.46 -38.66
N ILE A 113 -10.62 5.19 -39.49
CA ILE A 113 -10.04 6.24 -40.36
C ILE A 113 -10.19 5.92 -41.82
N GLU A 114 -10.67 6.85 -42.64
CA GLU A 114 -10.79 6.63 -44.08
C GLU A 114 -11.53 5.33 -44.37
N ASP A 115 -12.53 5.05 -43.56
CA ASP A 115 -13.32 3.82 -43.69
C ASP A 115 -12.43 2.58 -43.56
N LYS A 116 -11.36 2.73 -42.77
CA LYS A 116 -10.45 1.61 -42.53
C LYS A 116 -10.29 1.45 -41.03
N THR A 117 -10.11 0.22 -40.54
CA THR A 117 -9.99 0.00 -39.09
C THR A 117 -8.55 0.28 -38.66
N TYR A 118 -8.20 0.02 -37.41
CA TYR A 118 -6.82 0.12 -36.94
C TYR A 118 -6.80 -0.47 -35.52
N PHE A 119 -5.62 -0.91 -35.07
CA PHE A 119 -5.46 -1.38 -33.69
C PHE A 119 -4.24 -0.71 -33.07
N VAL A 120 -4.30 -0.44 -31.76
CA VAL A 120 -3.16 0.15 -31.07
C VAL A 120 -2.92 -0.62 -29.78
N GLY A 121 -1.67 -0.92 -29.49
CA GLY A 121 -1.33 -1.62 -28.26
C GLY A 121 -0.62 -0.67 -27.33
N ILE A 122 -1.11 -0.56 -26.10
CA ILE A 122 -0.47 0.31 -25.13
C ILE A 122 -0.02 -0.54 -23.97
N GLN A 123 1.25 -0.39 -23.58
CA GLN A 123 1.78 -1.17 -22.47
C GLN A 123 2.27 -0.23 -21.37
N ASN A 124 1.64 -0.35 -20.21
CA ASN A 124 1.98 0.51 -19.06
C ASN A 124 2.50 -0.30 -17.87
N ASP A 125 3.79 -0.10 -17.57
CA ASP A 125 4.47 -0.88 -16.54
C ASP A 125 3.90 -0.67 -15.12
N ILE A 126 3.68 -1.82 -14.46
CA ILE A 126 3.14 -1.86 -13.09
C ILE A 126 4.28 -2.00 -12.08
N THR A 127 5.53 -2.02 -12.53
CA THR A 127 6.71 -2.19 -11.64
C THR A 127 6.84 -1.09 -10.59
N LYS A 128 6.63 0.16 -10.97
CA LYS A 128 6.79 1.26 -10.01
C LYS A 128 5.81 1.04 -8.86
N GLN A 129 4.60 0.64 -9.20
CA GLN A 129 3.59 0.34 -8.20
C GLN A 129 4.04 -0.81 -7.35
N LYS A 130 4.67 -1.83 -7.93
CA LYS A 130 5.08 -2.97 -7.10
C LYS A 130 6.07 -2.54 -6.07
N GLU A 131 6.99 -1.68 -6.45
CA GLU A 131 8.01 -1.23 -5.53
C GLU A 131 7.34 -0.47 -4.36
N TYR A 132 6.28 0.26 -4.69
CA TYR A 132 5.52 0.97 -3.65
C TYR A 132 4.91 -0.03 -2.67
N GLU A 133 4.30 -1.12 -3.19
CA GLU A 133 3.68 -2.11 -2.32
C GLU A 133 4.76 -2.78 -1.48
N LYS A 134 5.92 -3.03 -2.09
CA LYS A 134 7.01 -3.65 -1.36
C LYS A 134 7.44 -2.75 -0.20
N LEU A 135 7.49 -1.45 -0.47
CA LEU A 135 7.93 -0.51 0.57
C LEU A 135 6.95 -0.64 1.74
N LEU A 136 5.67 -0.71 1.42
CA LEU A 136 4.64 -0.85 2.44
C LEU A 136 4.82 -2.16 3.18
N GLU A 137 5.13 -3.24 2.47
CA GLU A 137 5.29 -4.53 3.14
C GLU A 137 6.44 -4.47 4.12
N ASP A 138 7.53 -3.81 3.73
CA ASP A 138 8.70 -3.76 4.60
C ASP A 138 8.29 -3.05 5.88
N SER A 139 7.50 -1.99 5.74
CA SER A 139 6.98 -1.26 6.88
C SER A 139 6.07 -2.14 7.74
N LEU A 140 5.24 -2.96 7.10
CA LEU A 140 4.36 -3.87 7.84
C LEU A 140 5.21 -4.87 8.63
N THR A 141 6.26 -5.38 8.01
CA THR A 141 7.13 -6.37 8.66
C THR A 141 7.80 -5.79 9.90
N GLU A 142 8.32 -4.58 9.81
CA GLU A 142 8.96 -3.97 10.97
C GLU A 142 7.91 -3.74 12.04
N ILE A 143 6.75 -3.29 11.57
CA ILE A 143 5.60 -3.06 12.42
C ILE A 143 5.08 -4.36 13.02
N THR A 144 5.01 -5.44 12.22
CA THR A 144 4.49 -6.72 12.74
C THR A 144 5.36 -7.27 13.86
N ALA A 145 6.69 -7.28 13.71
CA ALA A 145 7.51 -7.83 14.79
C ALA A 145 7.31 -6.98 16.04
N LEU A 146 7.25 -5.65 15.86
CA LEU A 146 7.00 -4.74 16.98
C LEU A 146 5.62 -4.95 17.61
N SER A 147 4.57 -5.14 16.81
CA SER A 147 3.23 -5.30 17.38
C SER A 147 3.24 -6.54 18.29
N THR A 148 4.00 -7.53 17.80
CA THR A 148 4.14 -8.83 18.46
C THR A 148 4.01 -8.55 19.95
N PRO A 149 2.82 -8.48 20.48
CA PRO A 149 2.64 -8.11 21.90
C PRO A 149 3.25 -9.09 22.89
N ILE A 150 3.73 -8.51 23.96
CA ILE A 150 4.29 -9.23 25.09
C ILE A 150 3.43 -8.77 26.23
N VAL A 151 3.01 -9.65 27.13
CA VAL A 151 2.23 -9.23 28.26
C VAL A 151 2.13 -10.43 29.17
N PRO A 152 2.99 -10.56 30.14
CA PRO A 152 2.93 -11.73 31.04
C PRO A 152 1.61 -11.72 31.82
N ILE A 153 1.04 -12.89 32.06
CA ILE A 153 -0.22 -12.95 32.78
C ILE A 153 0.03 -12.74 34.28
N ARG A 154 0.82 -13.64 34.87
CA ARG A 154 1.16 -13.55 36.31
C ARG A 154 2.63 -13.91 36.50
N ASN A 155 2.98 -14.32 37.71
CA ASN A 155 4.36 -14.68 38.01
C ASN A 155 4.65 -16.14 37.66
N GLY A 156 5.38 -16.29 36.56
CA GLY A 156 5.70 -17.60 36.04
C GLY A 156 4.64 -18.06 35.06
N ILE A 157 3.70 -17.18 34.71
CA ILE A 157 2.71 -17.51 33.70
C ILE A 157 2.76 -16.46 32.58
N SER A 158 2.94 -16.93 31.33
CA SER A 158 3.00 -16.04 30.16
C SER A 158 2.09 -16.56 29.05
N ALA A 159 1.57 -15.68 28.21
CA ALA A 159 0.73 -16.14 27.10
C ALA A 159 1.02 -15.36 25.81
N LEU A 160 0.98 -16.06 24.69
CA LEU A 160 1.25 -15.45 23.37
C LEU A 160 0.20 -15.89 22.35
N PRO A 161 -0.96 -15.26 22.36
CA PRO A 161 -2.06 -15.60 21.42
C PRO A 161 -1.76 -15.21 19.96
N LEU A 162 -2.33 -15.98 19.05
CA LEU A 162 -2.15 -15.73 17.60
C LEU A 162 -3.47 -15.44 16.92
N VAL A 163 -3.56 -14.33 16.19
CA VAL A 163 -4.78 -13.97 15.48
C VAL A 163 -4.45 -13.79 13.99
N GLY A 164 -5.23 -14.42 13.12
CA GLY A 164 -5.01 -14.28 11.66
C GLY A 164 -4.66 -15.61 11.01
N ASN A 165 -4.65 -15.63 9.66
CA ASN A 165 -4.36 -16.85 8.92
C ASN A 165 -2.87 -17.00 8.73
N LEU A 166 -2.25 -18.01 9.34
CA LEU A 166 -0.80 -18.17 9.23
C LEU A 166 -0.31 -18.65 7.87
N THR A 167 0.25 -17.74 7.08
CA THR A 167 0.80 -18.05 5.77
C THR A 167 2.25 -18.54 5.89
N GLU A 168 2.77 -19.10 4.81
CA GLU A 168 4.13 -19.61 4.83
C GLU A 168 5.16 -18.50 5.01
N GLU A 169 4.86 -17.33 4.44
CA GLU A 169 5.75 -16.19 4.57
C GLU A 169 5.83 -15.72 6.02
N ARG A 170 4.68 -15.70 6.69
CA ARG A 170 4.56 -15.33 8.08
C ARG A 170 5.30 -16.29 9.02
N PHE A 171 5.35 -17.58 8.64
CA PHE A 171 6.01 -18.60 9.47
C PHE A 171 7.45 -18.23 9.81
N ASN A 172 8.15 -17.45 8.99
CA ASN A 172 9.54 -17.15 9.30
C ASN A 172 9.60 -16.39 10.64
N SER A 173 8.69 -15.47 10.87
CA SER A 173 8.71 -14.71 12.11
C SER A 173 8.60 -15.65 13.32
N ILE A 174 7.73 -16.65 13.21
CA ILE A 174 7.51 -17.61 14.30
C ILE A 174 8.74 -18.44 14.63
N VAL A 175 9.43 -18.94 13.61
CA VAL A 175 10.62 -19.75 13.86
C VAL A 175 11.68 -18.91 14.57
N CYS A 176 11.80 -17.67 14.15
CA CYS A 176 12.74 -16.73 14.77
C CYS A 176 12.36 -16.48 16.23
N THR A 177 11.06 -16.48 16.50
CA THR A 177 10.54 -16.28 17.85
C THR A 177 11.01 -17.38 18.77
N LEU A 178 11.44 -18.51 18.20
CA LEU A 178 11.87 -19.64 19.02
C LEU A 178 13.05 -19.19 19.88
N THR A 179 13.94 -18.43 19.28
CA THR A 179 15.14 -17.95 20.00
C THR A 179 14.68 -17.11 21.22
N ASN A 180 13.70 -16.26 21.02
CA ASN A 180 13.14 -15.41 22.08
C ASN A 180 12.54 -16.28 23.22
N ILE A 181 11.93 -17.40 22.87
CA ILE A 181 11.32 -18.29 23.89
C ILE A 181 12.40 -18.74 24.86
N LEU A 182 13.59 -19.05 24.38
CA LEU A 182 14.63 -19.54 25.26
C LEU A 182 14.92 -18.46 26.33
N SER A 183 14.94 -17.23 25.88
CA SER A 183 15.13 -16.10 26.81
C SER A 183 13.97 -16.05 27.84
N THR A 184 12.78 -16.44 27.40
CA THR A 184 11.59 -16.42 28.28
C THR A 184 11.44 -17.75 29.04
N SER A 185 12.54 -18.47 29.19
CA SER A 185 12.52 -19.77 29.87
C SER A 185 12.11 -19.60 31.34
N LYS A 186 12.25 -18.38 31.83
CA LYS A 186 11.93 -18.08 33.22
C LYS A 186 10.46 -18.33 33.51
N ASP A 187 9.59 -18.05 32.56
CA ASP A 187 8.16 -18.25 32.76
C ASP A 187 7.81 -19.74 32.69
N ASP A 188 7.40 -20.28 33.85
CA ASP A 188 7.07 -21.70 33.97
C ASP A 188 5.90 -22.13 33.10
N TYR A 189 4.85 -21.31 33.04
CA TYR A 189 3.68 -21.66 32.26
C TYR A 189 3.55 -20.75 31.05
N LEU A 190 3.36 -21.36 29.88
CA LEU A 190 3.18 -20.63 28.64
C LEU A 190 1.81 -21.00 28.07
N ILE A 191 0.98 -20.03 27.73
CA ILE A 191 -0.34 -20.32 27.15
C ILE A 191 -0.40 -19.78 25.71
N ILE A 192 -0.76 -20.63 24.76
CA ILE A 192 -0.88 -20.19 23.37
C ILE A 192 -2.35 -20.26 22.95
N ASP A 193 -2.90 -19.16 22.42
CA ASP A 193 -4.27 -19.14 21.91
C ASP A 193 -4.29 -19.41 20.39
N LEU A 194 -4.96 -20.51 20.01
CA LEU A 194 -5.15 -20.86 18.62
C LEU A 194 -6.55 -20.43 18.14
N SER A 195 -7.35 -19.93 19.08
CA SER A 195 -8.72 -19.49 18.77
C SER A 195 -8.77 -18.35 17.77
N GLY A 196 -7.79 -17.47 17.82
CA GLY A 196 -7.79 -16.37 16.87
C GLY A 196 -7.70 -16.93 15.45
N LEU A 197 -6.83 -17.92 15.35
CA LEU A 197 -6.51 -18.53 14.06
C LEU A 197 -7.74 -19.33 13.61
N ALA A 198 -8.20 -19.10 12.37
CA ALA A 198 -9.41 -19.78 11.89
C ALA A 198 -9.21 -21.30 11.90
N GLN A 199 -8.05 -21.72 11.41
CA GLN A 199 -7.77 -23.15 11.23
C GLN A 199 -6.36 -23.51 11.62
N VAL A 200 -6.12 -24.79 11.94
CA VAL A 200 -4.79 -25.23 12.30
C VAL A 200 -4.34 -26.28 11.29
N ASN A 201 -3.13 -26.11 10.77
CA ASN A 201 -2.56 -27.01 9.77
C ASN A 201 -1.86 -28.18 10.44
N GLU A 202 -1.74 -29.31 9.74
CA GLU A 202 -1.08 -30.46 10.34
C GLU A 202 0.40 -30.15 10.61
N GLN A 203 1.05 -29.42 9.70
CA GLN A 203 2.46 -29.10 9.86
C GLN A 203 2.67 -28.35 11.17
N THR A 204 1.66 -27.57 11.55
CA THR A 204 1.68 -26.82 12.80
C THR A 204 1.79 -27.77 13.99
N ALA A 205 1.04 -28.87 13.95
CA ALA A 205 1.03 -29.79 15.08
C ALA A 205 2.46 -30.26 15.35
N ASP A 206 3.24 -30.50 14.31
CA ASP A 206 4.61 -30.98 14.50
C ASP A 206 5.40 -29.94 15.28
N GLN A 207 5.14 -28.67 14.99
CA GLN A 207 5.80 -27.58 15.69
C GLN A 207 5.40 -27.56 17.17
N ILE A 208 4.13 -27.84 17.46
CA ILE A 208 3.69 -27.80 18.86
C ILE A 208 4.43 -28.87 19.63
N PHE A 209 4.54 -30.06 19.04
CA PHE A 209 5.22 -31.17 19.71
C PHE A 209 6.69 -30.87 19.98
N LYS A 210 7.39 -30.28 19.00
CA LYS A 210 8.80 -30.01 19.22
C LYS A 210 8.96 -29.02 20.37
N LEU A 211 8.09 -28.01 20.41
CA LEU A 211 8.15 -27.01 21.46
C LEU A 211 7.92 -27.63 22.85
N SER A 212 6.97 -28.54 22.98
CA SER A 212 6.73 -29.13 24.29
C SER A 212 7.96 -29.86 24.78
N HIS A 213 8.64 -30.57 23.88
CA HIS A 213 9.83 -31.32 24.28
C HIS A 213 10.94 -30.39 24.73
N LEU A 214 11.21 -29.31 23.97
CA LEU A 214 12.25 -28.39 24.39
C LEU A 214 11.85 -27.78 25.73
N LEU A 215 10.60 -27.36 25.82
CA LEU A 215 10.07 -26.70 27.01
C LEU A 215 10.12 -27.63 28.21
N LYS A 216 9.79 -28.90 28.03
CA LYS A 216 9.79 -29.83 29.15
C LYS A 216 11.19 -29.91 29.75
N LEU A 217 12.21 -30.01 28.91
CA LEU A 217 13.58 -30.10 29.38
C LEU A 217 13.94 -28.84 30.16
N THR A 218 13.48 -27.70 29.67
CA THR A 218 13.72 -26.42 30.31
C THR A 218 12.83 -26.28 31.53
N GLY A 219 11.84 -27.17 31.71
CA GLY A 219 10.95 -27.07 32.85
C GLY A 219 9.81 -26.08 32.63
N THR A 220 9.31 -25.92 31.41
CA THR A 220 8.23 -24.96 31.16
C THR A 220 6.96 -25.65 30.64
N GLU A 221 5.94 -25.64 31.44
CA GLU A 221 4.65 -26.21 31.05
C GLU A 221 4.06 -25.44 29.88
N LEU A 222 3.50 -26.15 28.89
CA LEU A 222 2.87 -25.53 27.71
C LEU A 222 1.37 -25.81 27.73
N ILE A 223 0.57 -24.77 27.53
CA ILE A 223 -0.89 -24.88 27.51
C ILE A 223 -1.41 -24.46 26.12
N ILE A 224 -2.31 -25.27 25.55
CA ILE A 224 -2.88 -24.98 24.23
C ILE A 224 -4.40 -24.72 24.36
N THR A 225 -4.87 -23.64 23.75
CA THR A 225 -6.29 -23.28 23.85
C THR A 225 -6.88 -22.92 22.51
N GLY A 226 -8.21 -22.86 22.43
CA GLY A 226 -8.86 -22.50 21.18
C GLY A 226 -8.92 -23.69 20.22
N ILE A 227 -8.77 -24.85 20.81
CA ILE A 227 -8.79 -26.07 20.04
C ILE A 227 -10.24 -26.47 19.81
N LYS A 228 -10.58 -26.73 18.55
CA LYS A 228 -11.95 -27.11 18.22
C LYS A 228 -12.20 -28.56 18.63
N PRO A 229 -13.37 -28.90 19.15
CA PRO A 229 -13.65 -30.31 19.56
C PRO A 229 -13.42 -31.32 18.44
N GLU A 230 -13.80 -30.94 17.22
CA GLU A 230 -13.64 -31.84 16.08
C GLU A 230 -12.16 -32.11 15.82
N LEU A 231 -11.36 -31.06 15.97
CA LEU A 231 -9.91 -31.16 15.82
C LEU A 231 -9.27 -32.06 16.88
N ALA A 232 -9.72 -31.94 18.14
CA ALA A 232 -9.14 -32.75 19.21
C ALA A 232 -9.41 -34.23 18.97
N MET A 233 -10.60 -34.55 18.47
CA MET A 233 -10.96 -35.93 18.25
C MET A 233 -10.02 -36.54 17.21
N LYS A 234 -9.73 -35.77 16.18
CA LYS A 234 -8.81 -36.22 15.14
C LYS A 234 -7.40 -36.42 15.72
N MET A 235 -7.01 -35.53 16.63
CA MET A 235 -5.73 -35.60 17.31
C MET A 235 -5.63 -36.83 18.21
N ASN A 236 -6.72 -37.20 18.88
CA ASN A 236 -6.67 -38.33 19.79
C ASN A 236 -6.30 -39.58 19.02
N LYS A 237 -6.89 -39.73 17.86
CA LYS A 237 -6.62 -40.90 17.03
C LYS A 237 -5.12 -40.96 16.65
N LEU A 238 -4.57 -39.80 16.34
CA LEU A 238 -3.14 -39.68 16.01
C LEU A 238 -2.21 -40.03 17.18
N ASP A 239 -2.57 -39.58 18.39
CA ASP A 239 -1.74 -39.87 19.57
C ASP A 239 -2.46 -39.56 20.90
N ALA A 240 -2.48 -40.55 21.77
CA ALA A 240 -3.10 -40.42 23.10
C ALA A 240 -2.41 -39.30 23.91
N ASN A 241 -1.16 -39.05 23.58
CA ASN A 241 -0.36 -38.02 24.25
C ASN A 241 -0.94 -36.64 24.05
N PHE A 242 -1.57 -36.40 22.91
CA PHE A 242 -2.06 -35.07 22.64
C PHE A 242 -3.00 -34.62 23.77
N SER A 243 -3.86 -35.52 24.18
CA SER A 243 -4.80 -35.22 25.28
C SER A 243 -4.04 -34.91 26.59
N SER A 244 -2.79 -35.34 26.66
CA SER A 244 -1.95 -35.09 27.83
C SER A 244 -1.84 -33.60 28.15
N LEU A 245 -1.74 -32.77 27.11
CA LEU A 245 -1.63 -31.34 27.35
C LEU A 245 -2.97 -30.63 27.56
N LYS A 246 -3.09 -29.99 28.72
CA LYS A 246 -4.31 -29.29 29.07
C LYS A 246 -4.83 -28.51 27.86
N THR A 247 -6.15 -28.63 27.67
CA THR A 247 -6.85 -27.93 26.59
C THR A 247 -8.05 -27.16 27.15
N TYR A 248 -8.15 -25.91 26.72
CA TYR A 248 -9.27 -25.03 27.14
C TYR A 248 -10.09 -24.60 25.95
N SER A 249 -11.43 -24.57 26.12
CA SER A 249 -12.27 -24.20 25.02
C SER A 249 -11.93 -22.79 24.60
N ASN A 250 -11.74 -21.89 25.57
CA ASN A 250 -11.39 -20.50 25.26
C ASN A 250 -10.40 -19.93 26.29
N VAL A 251 -9.74 -18.84 25.88
CA VAL A 251 -8.74 -18.16 26.71
C VAL A 251 -9.35 -17.58 27.97
N LYS A 252 -10.50 -16.95 27.85
CA LYS A 252 -11.14 -16.34 29.01
C LYS A 252 -11.44 -17.41 30.04
N ASP A 253 -11.99 -18.52 29.57
CA ASP A 253 -12.35 -19.62 30.46
C ASP A 253 -11.11 -20.21 31.14
N ALA A 254 -10.00 -20.39 30.40
CA ALA A 254 -8.80 -20.97 30.99
C ALA A 254 -8.25 -20.04 32.07
N VAL A 255 -8.27 -18.76 31.73
CA VAL A 255 -7.76 -17.75 32.63
C VAL A 255 -8.59 -17.69 33.91
N LYS A 256 -9.92 -17.69 33.76
CA LYS A 256 -10.79 -17.65 34.93
C LYS A 256 -10.63 -18.88 35.79
N VAL A 257 -10.64 -20.08 35.20
CA VAL A 257 -10.49 -21.30 35.99
C VAL A 257 -9.10 -21.40 36.61
N LEU A 258 -8.06 -21.03 35.85
CA LEU A 258 -6.69 -21.15 36.33
C LEU A 258 -6.62 -21.03 37.86
N PRO A 259 -6.76 -19.85 38.42
CA PRO A 259 -6.68 -19.69 39.90
C PRO A 259 -7.82 -20.46 40.61
N ILE A 260 -7.48 -21.10 41.74
CA ILE A 260 -8.49 -21.83 42.52
C ILE A 260 -8.14 -21.88 44.00
N MET A 261 -6.86 -21.73 44.33
CA MET A 261 -6.42 -21.81 45.72
C MET A 261 -5.37 -20.75 46.02
N GLY B 1 16.36 10.68 -38.60
CA GLY B 1 16.23 12.16 -38.52
C GLY B 1 16.00 12.73 -39.91
N ALA B 2 15.04 12.16 -40.61
CA ALA B 2 14.73 12.61 -41.95
C ALA B 2 13.29 12.22 -42.30
N SER B 3 12.69 12.93 -43.27
CA SER B 3 11.34 12.64 -43.69
C SER B 3 11.24 11.21 -44.23
N PHE B 4 12.38 10.60 -44.66
CA PHE B 4 12.34 9.26 -45.17
C PHE B 4 12.09 8.26 -44.06
N GLN B 5 13.00 8.22 -43.10
CA GLN B 5 12.89 7.35 -41.94
C GLN B 5 11.75 7.76 -41.02
N SER B 6 11.54 9.07 -40.87
CA SER B 6 10.50 9.54 -39.97
C SER B 6 9.14 9.01 -40.41
N PHE B 7 8.90 9.05 -41.72
CA PHE B 7 7.65 8.53 -42.30
C PHE B 7 6.55 9.59 -42.25
N GLY B 8 6.51 10.45 -43.28
CA GLY B 8 5.53 11.53 -43.34
C GLY B 8 4.10 10.97 -43.34
N ILE B 9 3.23 11.60 -44.14
CA ILE B 9 1.83 11.21 -44.23
C ILE B 9 0.99 11.84 -43.10
N PRO B 10 0.12 12.80 -43.38
CA PRO B 10 -0.70 13.46 -42.31
C PRO B 10 -1.62 12.45 -41.61
N GLY B 11 -1.94 11.37 -42.31
CA GLY B 11 -2.81 10.35 -41.77
C GLY B 11 -2.20 9.71 -40.52
N GLN B 12 -0.89 9.49 -40.54
CA GLN B 12 -0.22 8.90 -39.40
C GLN B 12 -0.31 9.84 -38.19
N LEU B 13 -0.16 11.13 -38.47
CA LEU B 13 -0.18 12.15 -37.43
C LEU B 13 -1.55 12.21 -36.70
N GLU B 14 -2.64 12.11 -37.45
CA GLU B 14 -3.99 12.16 -36.86
C GLU B 14 -4.24 10.93 -35.94
N VAL B 15 -3.61 9.83 -36.36
CA VAL B 15 -3.67 8.57 -35.59
C VAL B 15 -3.02 8.73 -34.21
N ILE B 16 -1.85 9.35 -34.19
CA ILE B 16 -1.13 9.55 -32.95
C ILE B 16 -1.93 10.45 -32.01
N LYS B 17 -2.48 11.53 -32.56
CA LYS B 17 -3.27 12.47 -31.76
C LYS B 17 -4.54 11.86 -31.16
N LYS B 18 -5.27 11.05 -31.91
CA LYS B 18 -6.48 10.46 -31.34
C LYS B 18 -6.11 9.56 -30.17
N ALA B 19 -5.02 8.80 -30.33
CA ALA B 19 -4.61 7.87 -29.27
C ALA B 19 -4.29 8.62 -27.99
N LEU B 20 -3.67 9.79 -28.11
CA LEU B 20 -3.40 10.62 -26.93
C LEU B 20 -4.72 11.06 -26.29
N ASP B 21 -5.68 11.46 -27.14
CA ASP B 21 -7.00 11.94 -26.68
C ASP B 21 -7.79 10.85 -25.94
N HIS B 22 -7.70 9.62 -26.43
CA HIS B 22 -8.45 8.51 -25.82
C HIS B 22 -8.08 8.35 -24.34
N VAL B 23 -6.80 8.50 -24.00
CA VAL B 23 -6.38 8.38 -22.59
C VAL B 23 -5.85 9.74 -22.11
N ARG B 24 -6.38 10.19 -20.96
CA ARG B 24 -6.00 11.48 -20.42
C ARG B 24 -4.57 11.50 -19.88
N VAL B 25 -3.69 12.18 -20.63
CA VAL B 25 -2.31 12.33 -20.20
C VAL B 25 -1.77 13.69 -20.55
N GLY B 26 -1.11 14.34 -19.61
CA GLY B 26 -0.66 15.68 -19.84
C GLY B 26 0.71 15.74 -20.48
N VAL B 27 0.72 15.90 -21.79
CA VAL B 27 1.97 16.10 -22.53
C VAL B 27 1.80 17.39 -23.32
N VAL B 28 2.77 18.30 -23.21
CA VAL B 28 2.71 19.56 -23.96
C VAL B 28 4.07 19.91 -24.54
N ILE B 29 4.07 20.72 -25.60
CA ILE B 29 5.33 21.15 -26.24
C ILE B 29 5.46 22.67 -26.23
N THR B 30 6.60 23.08 -25.70
CA THR B 30 6.92 24.51 -25.51
C THR B 30 7.95 24.91 -26.54
N ASP B 31 8.04 26.20 -26.85
CA ASP B 31 8.97 26.67 -27.87
C ASP B 31 9.84 27.78 -27.28
N PRO B 32 11.06 27.48 -26.92
CA PRO B 32 11.98 28.51 -26.35
C PRO B 32 12.30 29.61 -27.35
N ALA B 33 12.12 29.30 -28.64
CA ALA B 33 12.38 30.29 -29.68
C ALA B 33 11.46 31.49 -29.51
N LEU B 34 10.17 31.26 -29.21
CA LEU B 34 9.24 32.38 -29.02
C LEU B 34 9.46 33.06 -27.66
N GLU B 35 8.65 34.10 -27.37
CA GLU B 35 8.80 34.87 -26.14
C GLU B 35 8.24 34.14 -24.92
N ASP B 36 9.03 34.13 -23.84
CA ASP B 36 8.63 33.50 -22.59
C ASP B 36 8.27 32.04 -22.82
N ASN B 37 8.99 31.36 -23.70
CA ASN B 37 8.73 29.96 -24.00
C ASN B 37 7.25 29.59 -23.83
N PRO B 38 6.41 30.05 -24.71
CA PRO B 38 4.96 29.78 -24.68
C PRO B 38 4.63 28.35 -25.10
N ILE B 39 3.49 27.85 -24.66
CA ILE B 39 3.08 26.50 -25.01
C ILE B 39 2.28 26.55 -26.32
N VAL B 40 2.67 25.71 -27.27
CA VAL B 40 2.00 25.65 -28.57
C VAL B 40 1.16 24.38 -28.73
N TYR B 41 1.72 23.24 -28.35
CA TYR B 41 1.00 21.97 -28.52
C TYR B 41 0.26 21.57 -27.24
N VAL B 42 -1.03 21.35 -27.38
CA VAL B 42 -1.86 20.92 -26.26
C VAL B 42 -2.90 19.92 -26.76
N ASN B 43 -3.19 18.88 -25.98
CA ASN B 43 -4.20 17.89 -26.38
C ASN B 43 -5.52 18.16 -25.64
N GLN B 44 -6.60 17.62 -26.17
CA GLN B 44 -7.93 17.80 -25.57
C GLN B 44 -7.99 17.18 -24.17
N GLY B 45 -7.32 16.06 -23.99
CA GLY B 45 -7.31 15.37 -22.69
C GLY B 45 -6.72 16.28 -21.60
N PHE B 46 -5.84 17.18 -22.01
CA PHE B 46 -5.21 18.10 -21.07
C PHE B 46 -6.28 18.95 -20.38
N VAL B 47 -7.23 19.42 -21.18
CA VAL B 47 -8.31 20.25 -20.68
C VAL B 47 -9.15 19.52 -19.64
N GLN B 48 -9.53 18.29 -19.93
CA GLN B 48 -10.34 17.53 -18.99
C GLN B 48 -9.57 17.31 -17.69
N MET B 49 -8.30 16.94 -17.81
CA MET B 49 -7.46 16.69 -16.64
C MET B 49 -7.25 17.93 -15.79
N THR B 50 -7.00 19.08 -16.42
CA THR B 50 -6.76 20.31 -15.66
C THR B 50 -8.04 21.12 -15.44
N GLY B 51 -9.04 20.83 -16.25
CA GLY B 51 -10.34 21.50 -16.12
C GLY B 51 -10.25 22.93 -16.66
N TYR B 52 -9.23 23.17 -17.47
CA TYR B 52 -9.00 24.47 -18.10
C TYR B 52 -9.20 24.38 -19.59
N GLU B 53 -9.70 25.45 -20.20
CA GLU B 53 -9.93 25.46 -21.64
C GLU B 53 -8.61 25.57 -22.41
N THR B 54 -8.59 24.97 -23.59
CA THR B 54 -7.39 24.94 -24.42
C THR B 54 -6.95 26.35 -24.83
N GLU B 55 -7.91 27.21 -25.10
CA GLU B 55 -7.59 28.57 -25.53
C GLU B 55 -6.84 29.35 -24.43
N GLU B 56 -7.26 29.19 -23.19
CA GLU B 56 -6.58 29.81 -22.04
C GLU B 56 -5.21 29.22 -21.68
N ILE B 57 -5.04 27.92 -21.90
CA ILE B 57 -3.75 27.26 -21.65
C ILE B 57 -2.75 27.83 -22.66
N LEU B 58 -2.96 27.52 -23.93
CA LEU B 58 -2.10 28.00 -24.99
C LEU B 58 -1.79 29.48 -24.77
N GLY B 59 -0.51 29.85 -24.91
CA GLY B 59 -0.07 31.24 -24.72
C GLY B 59 0.40 31.53 -23.28
N LYS B 60 0.16 30.59 -22.36
CA LYS B 60 0.48 30.83 -20.95
C LYS B 60 1.21 29.67 -20.30
N ASN B 61 2.07 30.03 -19.34
CA ASN B 61 2.86 29.04 -18.61
C ASN B 61 2.01 28.37 -17.53
N CYS B 62 2.34 27.13 -17.21
CA CYS B 62 1.60 26.36 -16.20
C CYS B 62 1.66 27.00 -14.81
N ARG B 63 2.19 28.22 -14.76
CA ARG B 63 2.38 28.94 -13.50
C ARG B 63 1.05 29.18 -12.75
N PHE B 64 -0.03 29.36 -13.49
CA PHE B 64 -1.35 29.57 -12.88
C PHE B 64 -1.79 28.37 -12.01
N LEU B 65 -1.36 27.17 -12.35
CA LEU B 65 -1.77 25.98 -11.59
C LEU B 65 -1.28 26.09 -10.15
N GLN B 66 -0.04 26.56 -10.00
CA GLN B 66 0.58 26.64 -8.68
C GLN B 66 -0.36 27.36 -7.71
N GLY B 67 -0.27 26.99 -6.42
CA GLY B 67 -1.06 27.64 -5.38
C GLY B 67 -0.47 27.41 -3.98
N LYS B 68 -1.33 27.45 -2.97
CA LYS B 68 -0.91 27.35 -1.57
C LYS B 68 -0.20 26.02 -1.29
N HIS B 69 -0.73 24.94 -1.83
CA HIS B 69 -0.17 23.61 -1.62
C HIS B 69 1.11 23.42 -2.43
N THR B 70 1.41 24.33 -3.34
CA THR B 70 2.60 24.20 -4.15
C THR B 70 3.83 24.21 -3.26
N ASP B 71 4.75 23.30 -3.51
CA ASP B 71 5.96 23.19 -2.70
C ASP B 71 7.07 24.03 -3.32
N PRO B 72 7.48 25.12 -2.70
CA PRO B 72 8.57 25.96 -3.28
C PRO B 72 9.84 25.14 -3.57
N ALA B 73 10.15 24.20 -2.68
CA ALA B 73 11.38 23.43 -2.83
C ALA B 73 11.35 22.66 -4.14
N GLU B 74 10.19 22.14 -4.48
CA GLU B 74 10.02 21.43 -5.74
C GLU B 74 10.17 22.41 -6.91
N VAL B 75 9.63 23.62 -6.74
CA VAL B 75 9.73 24.65 -7.78
C VAL B 75 11.21 25.00 -8.01
N ASP B 76 11.95 25.19 -6.92
CA ASP B 76 13.35 25.57 -7.01
C ASP B 76 14.17 24.48 -7.70
N ASN B 77 13.84 23.21 -7.44
CA ASN B 77 14.58 22.14 -8.11
C ASN B 77 14.37 22.26 -9.61
N ILE B 78 13.14 22.55 -10.03
CA ILE B 78 12.84 22.66 -11.46
C ILE B 78 13.61 23.80 -12.08
N ARG B 79 13.65 24.92 -11.39
CA ARG B 79 14.36 26.09 -11.87
C ARG B 79 15.84 25.75 -12.00
N THR B 80 16.37 25.05 -11.01
CA THR B 80 17.78 24.66 -11.02
C THR B 80 18.07 23.77 -12.24
N ALA B 81 17.20 22.80 -12.49
CA ALA B 81 17.41 21.85 -13.60
C ALA B 81 17.44 22.51 -14.97
N LEU B 82 16.56 23.46 -15.20
CA LEU B 82 16.53 24.14 -16.49
C LEU B 82 17.84 24.86 -16.72
N GLN B 83 18.33 25.52 -15.67
CA GLN B 83 19.57 26.26 -15.76
C GLN B 83 20.69 25.28 -16.07
N ASN B 84 20.57 24.08 -15.51
CA ASN B 84 21.56 23.02 -15.73
C ASN B 84 21.17 22.14 -16.91
N LYS B 85 20.12 22.53 -17.63
CA LYS B 85 19.75 21.78 -18.85
C LYS B 85 19.83 20.27 -18.62
N GLU B 86 19.39 19.82 -17.45
CA GLU B 86 19.40 18.39 -17.14
C GLU B 86 17.99 17.92 -16.79
N PRO B 87 17.58 16.72 -17.20
CA PRO B 87 16.19 16.24 -16.91
C PRO B 87 15.89 16.10 -15.41
N VAL B 88 14.67 16.48 -15.03
CA VAL B 88 14.28 16.43 -13.62
C VAL B 88 12.85 15.95 -13.43
N THR B 89 12.63 15.09 -12.43
CA THR B 89 11.29 14.59 -12.15
C THR B 89 10.91 14.93 -10.71
N VAL B 90 9.80 15.64 -10.55
CA VAL B 90 9.31 16.03 -9.23
C VAL B 90 7.79 15.89 -9.12
N GLN B 91 7.27 15.87 -7.89
CA GLN B 91 5.81 15.84 -7.70
C GLN B 91 5.35 17.14 -7.04
N ILE B 92 4.47 17.85 -7.71
CA ILE B 92 4.01 19.16 -7.25
C ILE B 92 2.49 19.24 -7.19
N GLN B 93 1.99 19.72 -6.06
CA GLN B 93 0.55 19.92 -5.86
C GLN B 93 0.07 21.07 -6.73
N ASN B 94 -1.10 20.91 -7.33
CA ASN B 94 -1.66 21.92 -8.22
C ASN B 94 -3.11 22.28 -7.84
N TYR B 95 -3.65 23.20 -8.59
CA TYR B 95 -5.06 23.67 -8.43
C TYR B 95 -5.82 23.67 -9.75
N LYS B 96 -7.11 23.31 -9.69
CA LYS B 96 -7.96 23.32 -10.90
C LYS B 96 -8.83 24.56 -10.93
N LYS B 97 -9.60 24.71 -12.00
CA LYS B 97 -10.47 25.85 -12.17
C LYS B 97 -11.49 25.94 -11.04
N ASP B 98 -11.98 24.80 -10.53
CA ASP B 98 -12.93 24.84 -9.41
C ASP B 98 -12.23 24.90 -8.03
N GLY B 99 -10.91 24.88 -8.02
CA GLY B 99 -10.16 24.95 -6.75
C GLY B 99 -9.82 23.58 -6.20
N THR B 100 -10.16 22.53 -6.94
CA THR B 100 -9.83 21.20 -6.49
C THR B 100 -8.31 21.01 -6.53
N MET B 101 -7.76 20.53 -5.44
CA MET B 101 -6.32 20.30 -5.35
C MET B 101 -6.04 18.89 -5.82
N PHE B 102 -4.96 18.69 -6.57
CA PHE B 102 -4.62 17.34 -7.03
C PHE B 102 -3.11 17.26 -7.21
N TRP B 103 -2.58 16.05 -7.26
CA TRP B 103 -1.12 15.89 -7.42
C TRP B 103 -0.77 15.73 -8.90
N ASN B 104 0.32 16.40 -9.29
CA ASN B 104 0.75 16.40 -10.68
C ASN B 104 2.24 16.14 -10.85
N GLU B 105 2.56 14.95 -11.32
CA GLU B 105 3.96 14.59 -11.52
C GLU B 105 4.51 15.30 -12.78
N LEU B 106 5.61 16.04 -12.61
CA LEU B 106 6.20 16.82 -13.71
C LEU B 106 7.56 16.29 -14.12
N ASN B 107 7.69 15.99 -15.42
CA ASN B 107 8.97 15.55 -15.98
C ASN B 107 9.39 16.51 -17.08
N ILE B 108 10.64 16.98 -17.01
CA ILE B 108 11.20 17.90 -18.01
C ILE B 108 12.46 17.30 -18.59
N ASP B 109 12.58 17.33 -19.92
CA ASP B 109 13.79 16.82 -20.59
C ASP B 109 14.13 17.70 -21.80
N PRO B 110 15.30 18.31 -21.84
CA PRO B 110 15.71 19.20 -22.99
C PRO B 110 15.93 18.43 -24.28
N MET B 111 15.73 19.08 -25.42
CA MET B 111 15.94 18.43 -26.71
C MET B 111 16.86 19.30 -27.57
N GLU B 112 17.72 18.67 -28.36
CA GLU B 112 18.63 19.40 -29.23
C GLU B 112 18.22 19.05 -30.63
N ILE B 113 17.58 19.97 -31.37
CA ILE B 113 17.18 19.71 -32.74
C ILE B 113 17.57 20.88 -33.68
N GLU B 114 18.25 20.55 -34.77
CA GLU B 114 18.65 21.58 -35.74
C GLU B 114 19.40 22.71 -35.02
N ASP B 115 20.20 22.33 -34.03
CA ASP B 115 20.96 23.30 -33.24
C ASP B 115 20.02 24.26 -32.52
N LYS B 116 18.88 23.75 -32.08
CA LYS B 116 17.90 24.54 -31.34
C LYS B 116 17.47 23.74 -30.11
N THR B 117 17.12 24.43 -29.04
CA THR B 117 16.73 23.75 -27.79
C THR B 117 15.22 23.70 -27.67
N TYR B 118 14.68 22.73 -26.96
CA TYR B 118 13.23 22.56 -26.81
C TYR B 118 12.87 21.95 -25.45
N PHE B 119 11.71 22.32 -24.93
CA PHE B 119 11.28 21.84 -23.60
C PHE B 119 9.93 21.17 -23.67
N VAL B 120 9.77 20.07 -22.95
CA VAL B 120 8.53 19.29 -22.97
C VAL B 120 8.04 19.06 -21.55
N GLY B 121 6.75 19.28 -21.34
CA GLY B 121 6.16 19.08 -20.04
C GLY B 121 5.26 17.85 -20.01
N ILE B 122 5.56 16.94 -19.10
CA ILE B 122 4.79 15.71 -18.99
C ILE B 122 4.11 15.67 -17.64
N GLN B 123 2.79 15.44 -17.64
CA GLN B 123 2.04 15.38 -16.39
C GLN B 123 1.41 14.00 -16.27
N ASN B 124 1.72 13.33 -15.16
CA ASN B 124 1.19 12.00 -14.89
C ASN B 124 0.41 12.03 -13.57
N ASP B 125 -0.87 11.72 -13.65
CA ASP B 125 -1.77 11.74 -12.50
C ASP B 125 -1.42 10.65 -11.47
N ILE B 126 -1.42 11.02 -10.16
CA ILE B 126 -1.14 10.07 -9.06
C ILE B 126 -2.46 9.79 -8.26
N THR B 127 -3.58 10.18 -8.90
CA THR B 127 -4.93 9.95 -8.38
C THR B 127 -5.26 8.44 -8.25
N LYS B 128 -4.90 7.65 -9.26
CA LYS B 128 -5.22 6.21 -9.25
C LYS B 128 -4.52 5.57 -8.06
N GLN B 129 -3.25 5.91 -7.89
CA GLN B 129 -2.42 5.39 -6.79
C GLN B 129 -2.96 5.83 -5.41
N LYS B 130 -3.51 7.02 -5.42
CA LYS B 130 -4.17 7.53 -4.23
C LYS B 130 -5.35 6.68 -3.87
N GLU B 131 -6.12 6.29 -4.86
CA GLU B 131 -7.28 5.47 -4.58
C GLU B 131 -6.80 4.15 -4.01
N TYR B 132 -5.73 3.59 -4.56
CA TYR B 132 -5.19 2.32 -4.08
C TYR B 132 -4.78 2.42 -2.61
N GLU B 133 -4.08 3.48 -2.24
CA GLU B 133 -3.64 3.64 -0.85
C GLU B 133 -4.86 3.77 0.05
N LYS B 134 -5.88 4.45 -0.45
CA LYS B 134 -7.13 4.62 0.28
C LYS B 134 -7.80 3.27 0.50
N LEU B 135 -7.76 2.39 -0.49
CA LEU B 135 -8.34 1.06 -0.37
C LEU B 135 -7.63 0.28 0.73
N LEU B 136 -6.32 0.42 0.76
CA LEU B 136 -5.47 -0.21 1.79
C LEU B 136 -5.82 0.34 3.19
N GLU B 137 -6.02 1.64 3.24
CA GLU B 137 -6.31 2.32 4.48
C GLU B 137 -7.66 1.87 5.02
N ASP B 138 -8.62 1.64 4.14
CA ASP B 138 -9.91 1.12 4.58
C ASP B 138 -9.73 -0.26 5.20
N SER B 139 -8.92 -1.11 4.56
CA SER B 139 -8.66 -2.45 5.08
C SER B 139 -8.02 -2.35 6.46
N LEU B 140 -7.05 -1.44 6.58
CA LEU B 140 -6.30 -1.27 7.81
C LEU B 140 -7.27 -0.86 8.91
N THR B 141 -8.20 0.01 8.55
CA THR B 141 -9.20 0.46 9.49
C THR B 141 -10.09 -0.69 9.99
N GLU B 142 -10.55 -1.56 9.08
CA GLU B 142 -11.39 -2.69 9.50
C GLU B 142 -10.54 -3.62 10.36
N ILE B 143 -9.32 -3.84 9.89
CA ILE B 143 -8.36 -4.68 10.57
C ILE B 143 -8.00 -4.10 11.94
N THR B 144 -7.78 -2.79 12.00
CA THR B 144 -7.40 -2.16 13.27
C THR B 144 -8.47 -2.32 14.35
N ALA B 145 -9.76 -2.09 14.02
CA ALA B 145 -10.79 -2.26 15.03
C ALA B 145 -10.82 -3.71 15.48
N LEU B 146 -10.70 -4.64 14.52
CA LEU B 146 -10.65 -6.07 14.80
C LEU B 146 -9.40 -6.47 15.60
N SER B 147 -8.25 -5.88 15.25
CA SER B 147 -7.02 -6.23 15.95
C SER B 147 -7.19 -5.84 17.36
N THR B 148 -7.80 -4.66 17.59
CA THR B 148 -8.10 -4.18 18.95
C THR B 148 -8.30 -5.37 19.88
N PRO B 149 -7.25 -5.88 20.45
CA PRO B 149 -7.34 -7.08 21.33
C PRO B 149 -8.19 -6.89 22.58
N ILE B 150 -8.82 -8.00 22.96
CA ILE B 150 -9.58 -8.09 24.19
C ILE B 150 -9.08 -9.31 24.96
N VAL B 151 -8.62 -9.08 26.18
CA VAL B 151 -8.11 -10.18 27.00
C VAL B 151 -8.24 -9.85 28.47
N PRO B 152 -9.29 -10.27 29.15
CA PRO B 152 -9.42 -9.96 30.60
C PRO B 152 -8.27 -10.59 31.38
N ILE B 153 -7.77 -9.90 32.39
CA ILE B 153 -6.67 -10.43 33.16
C ILE B 153 -7.17 -11.51 34.12
N ARG B 154 -8.12 -11.13 35.00
CA ARG B 154 -8.70 -12.08 35.96
C ARG B 154 -10.19 -11.79 36.08
N ASN B 155 -10.79 -12.17 37.19
CA ASN B 155 -12.21 -11.94 37.41
C ASN B 155 -12.40 -10.54 37.99
N GLY B 156 -12.98 -9.65 37.18
CA GLY B 156 -13.19 -8.27 37.62
C GLY B 156 -12.09 -7.36 37.09
N ILE B 157 -10.97 -7.96 36.67
CA ILE B 157 -9.82 -7.20 36.23
C ILE B 157 -9.65 -7.31 34.72
N SER B 158 -9.58 -6.14 34.06
CA SER B 158 -9.39 -6.06 32.61
C SER B 158 -8.33 -5.02 32.24
N ALA B 159 -7.62 -5.23 31.15
CA ALA B 159 -6.59 -4.29 30.72
C ALA B 159 -6.69 -4.04 29.23
N LEU B 160 -6.36 -2.82 28.79
CA LEU B 160 -6.41 -2.47 27.38
C LEU B 160 -5.20 -1.61 27.03
N PRO B 161 -4.04 -2.21 26.84
CA PRO B 161 -2.78 -1.46 26.52
C PRO B 161 -2.76 -0.84 25.12
N LEU B 162 -2.07 0.30 24.99
CA LEU B 162 -1.97 1.03 23.73
C LEU B 162 -0.52 1.03 23.26
N VAL B 163 -0.31 0.72 21.98
CA VAL B 163 1.02 0.73 21.39
C VAL B 163 1.00 1.59 20.13
N GLY B 164 1.96 2.49 19.95
CA GLY B 164 1.98 3.31 18.73
C GLY B 164 1.75 4.80 19.05
N ASN B 165 1.97 5.66 18.04
CA ASN B 165 1.80 7.11 18.23
C ASN B 165 0.39 7.61 17.90
N LEU B 166 -0.35 7.96 18.95
CA LEU B 166 -1.75 8.34 18.78
C LEU B 166 -1.95 9.65 17.98
N THR B 167 -2.39 9.47 16.72
CA THR B 167 -2.70 10.56 15.82
C THR B 167 -4.12 11.07 16.05
N GLU B 168 -4.43 12.20 15.42
CA GLU B 168 -5.77 12.75 15.52
C GLU B 168 -6.79 11.85 14.84
N GLU B 169 -6.44 11.25 13.72
CA GLU B 169 -7.37 10.38 12.97
C GLU B 169 -7.72 9.10 13.76
N ARG B 170 -6.68 8.61 14.39
CA ARG B 170 -6.75 7.40 15.23
C ARG B 170 -7.70 7.63 16.44
N PHE B 171 -7.68 8.83 16.96
CA PHE B 171 -8.50 9.21 18.11
C PHE B 171 -10.01 8.92 17.93
N ASN B 172 -10.50 8.86 16.70
CA ASN B 172 -11.91 8.54 16.49
C ASN B 172 -12.24 7.13 17.01
N SER B 173 -11.33 6.18 16.78
CA SER B 173 -11.56 4.82 17.23
C SER B 173 -11.71 4.77 18.76
N ILE B 174 -10.87 5.53 19.45
CA ILE B 174 -10.88 5.57 20.93
C ILE B 174 -12.17 6.14 21.51
N VAL B 175 -12.66 7.23 20.94
CA VAL B 175 -13.90 7.83 21.46
C VAL B 175 -15.04 6.84 21.30
N CYS B 176 -15.06 6.15 20.16
CA CYS B 176 -16.08 5.15 19.89
C CYS B 176 -15.98 4.00 20.90
N THR B 177 -14.75 3.68 21.31
CA THR B 177 -14.49 2.61 22.28
C THR B 177 -15.17 2.93 23.61
N LEU B 178 -15.48 4.20 23.82
CA LEU B 178 -16.09 4.66 25.06
C LEU B 178 -17.42 3.96 25.25
N THR B 179 -18.16 3.80 24.17
CA THR B 179 -19.44 3.08 24.24
C THR B 179 -19.22 1.63 24.71
N ASN B 180 -18.19 0.96 24.16
CA ASN B 180 -17.89 -0.43 24.54
C ASN B 180 -17.55 -0.51 26.04
N ILE B 181 -16.82 0.47 26.53
CA ILE B 181 -16.42 0.46 27.94
C ILE B 181 -17.65 0.39 28.85
N LEU B 182 -18.74 1.01 28.43
CA LEU B 182 -19.96 0.95 29.22
C LEU B 182 -20.41 -0.50 29.33
N SER B 183 -20.34 -1.26 28.22
CA SER B 183 -20.69 -2.66 28.25
C SER B 183 -19.76 -3.45 29.17
N THR B 184 -18.52 -3.02 29.25
CA THR B 184 -17.52 -3.71 30.06
C THR B 184 -17.54 -3.24 31.51
N SER B 185 -18.63 -2.59 31.90
CA SER B 185 -18.76 -2.02 33.23
C SER B 185 -18.70 -3.12 34.29
N LYS B 186 -18.88 -4.36 33.87
CA LYS B 186 -18.81 -5.48 34.81
C LYS B 186 -17.42 -5.57 35.44
N ASP B 187 -16.37 -5.33 34.65
CA ASP B 187 -15.00 -5.46 35.17
C ASP B 187 -14.68 -4.31 36.11
N ASP B 188 -14.50 -4.65 37.39
CA ASP B 188 -14.23 -3.67 38.43
C ASP B 188 -12.94 -2.91 38.23
N TYR B 189 -11.88 -3.62 37.83
CA TYR B 189 -10.59 -2.97 37.64
C TYR B 189 -10.20 -2.91 36.18
N LEU B 190 -9.80 -1.72 35.73
CA LEU B 190 -9.38 -1.53 34.34
C LEU B 190 -7.96 -0.96 34.25
N ILE B 191 -7.03 -1.69 33.62
CA ILE B 191 -5.63 -1.23 33.54
C ILE B 191 -5.27 -0.76 32.15
N ILE B 192 -4.74 0.46 32.04
CA ILE B 192 -4.36 0.99 30.74
C ILE B 192 -2.86 1.25 30.60
N ASP B 193 -2.20 0.55 29.67
CA ASP B 193 -0.75 0.69 29.50
C ASP B 193 -0.40 1.81 28.52
N LEU B 194 0.18 2.88 29.04
CA LEU B 194 0.63 3.99 28.19
C LEU B 194 2.10 3.81 27.82
N SER B 195 2.73 2.75 28.35
CA SER B 195 4.15 2.51 28.08
C SER B 195 4.39 2.28 26.61
N GLY B 196 3.48 1.62 25.94
CA GLY B 196 3.66 1.36 24.53
C GLY B 196 3.74 2.67 23.78
N LEU B 197 2.98 3.67 24.24
CA LEU B 197 2.96 4.94 23.56
C LEU B 197 4.24 5.71 23.88
N ALA B 198 4.87 6.27 22.84
CA ALA B 198 6.12 6.97 23.06
C ALA B 198 5.93 8.19 23.94
N GLN B 199 4.85 8.95 23.75
CA GLN B 199 4.60 10.15 24.54
C GLN B 199 3.11 10.30 24.89
N VAL B 200 2.82 11.16 25.87
CA VAL B 200 1.43 11.42 26.23
C VAL B 200 1.13 12.91 26.06
N ASN B 201 0.02 13.21 25.38
CA ASN B 201 -0.36 14.59 25.10
C ASN B 201 -1.26 15.16 26.21
N GLU B 202 -1.18 16.46 26.42
CA GLU B 202 -1.95 17.13 27.48
C GLU B 202 -3.46 16.94 27.25
N GLN B 203 -3.88 16.90 26.00
CA GLN B 203 -5.30 16.70 25.69
C GLN B 203 -5.74 15.31 26.19
N THR B 204 -4.82 14.37 26.14
CA THR B 204 -5.08 13.01 26.59
C THR B 204 -5.43 13.01 28.08
N ALA B 205 -4.68 13.77 28.86
CA ALA B 205 -4.91 13.81 30.30
C ALA B 205 -6.33 14.24 30.65
N ASP B 206 -6.91 15.08 29.79
CA ASP B 206 -8.31 15.48 30.00
C ASP B 206 -9.23 14.26 29.84
N GLN B 207 -8.90 13.39 28.88
CA GLN B 207 -9.67 12.18 28.62
C GLN B 207 -9.58 11.20 29.79
N ILE B 208 -8.40 11.08 30.39
CA ILE B 208 -8.20 10.14 31.49
C ILE B 208 -9.08 10.54 32.69
N PHE B 209 -9.08 11.84 32.95
CA PHE B 209 -9.91 12.41 34.03
C PHE B 209 -11.42 12.19 33.80
N LYS B 210 -11.90 12.40 32.57
CA LYS B 210 -13.32 12.18 32.31
C LYS B 210 -13.68 10.70 32.54
N LEU B 211 -12.79 9.81 32.08
CA LEU B 211 -13.01 8.38 32.22
C LEU B 211 -13.09 7.94 33.69
N SER B 212 -12.22 8.47 34.53
CA SER B 212 -12.23 8.09 35.95
C SER B 212 -13.54 8.50 36.64
N HIS B 213 -14.06 9.65 36.22
CA HIS B 213 -15.32 10.14 36.78
C HIS B 213 -16.51 9.24 36.39
N LEU B 214 -16.60 8.88 35.11
CA LEU B 214 -17.67 7.99 34.63
C LEU B 214 -17.52 6.61 35.28
N LEU B 215 -16.26 6.18 35.32
CA LEU B 215 -15.93 4.87 35.91
C LEU B 215 -16.27 4.82 37.42
N LYS B 216 -15.94 5.88 38.13
CA LYS B 216 -16.15 5.92 39.57
C LYS B 216 -17.65 5.81 39.90
N LEU B 217 -18.48 6.46 39.11
CA LEU B 217 -19.94 6.34 39.29
C LEU B 217 -20.42 4.90 39.05
N THR B 218 -19.88 4.28 38.01
CA THR B 218 -20.23 2.91 37.64
C THR B 218 -19.62 1.94 38.63
N GLY B 219 -18.65 2.45 39.38
CA GLY B 219 -17.94 1.61 40.34
C GLY B 219 -16.91 0.80 39.56
N THR B 220 -15.95 1.49 38.95
CA THR B 220 -14.88 0.79 38.24
C THR B 220 -13.50 1.41 38.39
N GLU B 221 -12.64 0.81 39.22
CA GLU B 221 -11.34 1.39 39.47
C GLU B 221 -10.52 1.44 38.18
N LEU B 222 -9.82 2.56 38.01
CA LEU B 222 -8.96 2.77 36.82
C LEU B 222 -7.48 2.88 37.17
N ILE B 223 -6.68 2.00 36.59
CA ILE B 223 -5.24 1.98 36.85
C ILE B 223 -4.45 2.43 35.63
N ILE B 224 -3.55 3.39 35.82
CA ILE B 224 -2.73 3.92 34.72
C ILE B 224 -1.28 3.49 34.91
N THR B 225 -0.68 2.88 33.88
CA THR B 225 0.72 2.43 34.01
C THR B 225 1.56 2.80 32.80
N GLY B 226 2.85 2.83 33.04
CA GLY B 226 3.80 3.21 32.02
C GLY B 226 4.06 4.69 32.04
N ILE B 227 3.69 5.37 33.11
CA ILE B 227 3.90 6.80 33.18
C ILE B 227 5.33 7.16 33.57
N LYS B 228 5.96 7.99 32.76
CA LYS B 228 7.34 8.36 32.99
C LYS B 228 7.46 9.19 34.27
N PRO B 229 8.49 9.01 35.07
CA PRO B 229 8.66 9.80 36.32
C PRO B 229 8.63 11.31 36.07
N GLU B 230 9.23 11.76 34.96
CA GLU B 230 9.26 13.19 34.68
C GLU B 230 7.83 13.69 34.49
N LEU B 231 7.05 12.92 33.74
CA LEU B 231 5.65 13.26 33.44
C LEU B 231 4.82 13.34 34.74
N ALA B 232 5.03 12.40 35.65
CA ALA B 232 4.27 12.38 36.90
C ALA B 232 4.56 13.62 37.75
N MET B 233 5.80 14.08 37.73
CA MET B 233 6.15 15.27 38.50
C MET B 233 5.39 16.48 37.94
N LYS B 234 5.30 16.56 36.61
CA LYS B 234 4.59 17.67 35.97
C LYS B 234 3.10 17.63 36.38
N MET B 235 2.56 16.42 36.39
CA MET B 235 1.15 16.17 36.75
C MET B 235 0.87 16.54 38.21
N ASN B 236 1.83 16.29 39.08
CA ASN B 236 1.65 16.57 40.49
C ASN B 236 1.43 18.06 40.70
N LYS B 237 2.17 18.88 39.96
CA LYS B 237 2.00 20.31 40.05
C LYS B 237 0.60 20.71 39.59
N LEU B 238 0.13 20.12 38.48
CA LEU B 238 -1.21 20.46 37.97
C LEU B 238 -2.32 20.09 38.98
N ASP B 239 -2.22 18.91 39.56
CA ASP B 239 -3.24 18.46 40.53
C ASP B 239 -2.73 17.38 41.44
N ALA B 240 -2.96 17.48 42.74
CA ALA B 240 -2.53 16.41 43.63
C ALA B 240 -3.30 15.15 43.22
N ASN B 241 -4.60 15.32 43.00
CA ASN B 241 -5.51 14.21 42.70
C ASN B 241 -4.93 13.26 41.66
N PHE B 242 -3.99 13.72 40.86
CA PHE B 242 -3.40 12.85 39.87
C PHE B 242 -2.72 11.66 40.55
N SER B 243 -1.95 11.94 41.60
CA SER B 243 -1.26 10.87 42.31
C SER B 243 -2.33 9.89 42.78
N SER B 244 -3.44 10.38 43.28
CA SER B 244 -4.51 9.54 43.80
C SER B 244 -4.71 8.24 43.03
N LEU B 245 -4.50 8.24 41.73
CA LEU B 245 -4.65 7.01 40.96
C LEU B 245 -3.36 6.22 40.95
N LYS B 246 -3.45 4.92 41.20
CA LYS B 246 -2.26 4.08 41.27
C LYS B 246 -1.48 4.15 39.97
N THR B 247 -0.16 4.29 40.11
CA THR B 247 0.73 4.33 38.97
C THR B 247 1.84 3.30 39.09
N TYR B 248 2.01 2.47 38.07
CA TYR B 248 3.06 1.46 38.06
C TYR B 248 4.08 1.79 36.97
N SER B 249 5.34 1.54 37.25
CA SER B 249 6.40 1.85 36.29
C SER B 249 6.26 1.02 35.01
N ASN B 250 5.77 -0.21 35.19
CA ASN B 250 5.54 -1.11 34.06
C ASN B 250 4.36 -2.04 34.27
N VAL B 251 3.84 -2.57 33.17
CA VAL B 251 2.72 -3.51 33.20
C VAL B 251 3.09 -4.81 33.91
N LYS B 252 4.27 -5.34 33.60
CA LYS B 252 4.68 -6.61 34.20
C LYS B 252 4.75 -6.46 35.71
N ASP B 253 5.39 -5.37 36.14
CA ASP B 253 5.52 -5.10 37.56
C ASP B 253 4.17 -4.92 38.26
N ALA B 254 3.25 -4.19 37.64
CA ALA B 254 1.94 -4.02 38.25
C ALA B 254 1.19 -5.33 38.34
N VAL B 255 1.30 -6.14 37.30
CA VAL B 255 0.65 -7.43 37.29
C VAL B 255 1.21 -8.35 38.36
N LYS B 256 2.55 -8.41 38.47
CA LYS B 256 3.16 -9.30 39.45
C LYS B 256 2.78 -8.89 40.89
N VAL B 257 2.92 -7.59 41.16
CA VAL B 257 2.62 -7.06 42.49
C VAL B 257 1.13 -7.18 42.81
N LEU B 258 0.27 -6.92 41.82
CA LEU B 258 -1.18 -6.98 42.05
C LEU B 258 -1.54 -8.03 43.12
N PRO B 259 -1.48 -9.31 42.81
CA PRO B 259 -1.84 -10.39 43.79
C PRO B 259 -0.92 -10.34 45.01
N ILE B 260 -1.44 -10.57 46.23
CA ILE B 260 -0.58 -10.59 47.44
C ILE B 260 -1.24 -11.36 48.59
N MET B 261 -2.53 -11.66 48.47
CA MET B 261 -3.23 -12.40 49.53
C MET B 261 -4.28 -13.34 48.96
N1 FMN C . -0.42 -9.28 -25.64
C2 FMN C . 0.50 -9.22 -24.58
O2 FMN C . 0.55 -10.14 -23.76
N3 FMN C . 1.36 -8.14 -24.47
C4 FMN C . 1.33 -7.11 -25.42
O4 FMN C . 2.12 -6.17 -25.33
C4A FMN C . 0.42 -7.18 -26.47
N5 FMN C . 0.35 -6.16 -27.36
C5A FMN C . -0.60 -6.17 -28.30
C6 FMN C . -0.75 -5.05 -29.12
C7 FMN C . -1.83 -4.99 -30.02
C7M FMN C . -2.00 -3.85 -30.79
C8 FMN C . -2.72 -6.06 -30.10
C8M FMN C . -3.75 -6.03 -31.03
C9 FMN C . -2.55 -7.17 -29.30
C9A FMN C . -1.49 -7.24 -28.40
N10 FMN C . -1.31 -8.31 -27.61
C10 FMN C . -0.45 -8.25 -26.58
C1' FMN C . -2.01 -9.58 -27.91
C2' FMN C . -1.25 -10.27 -29.04
O2' FMN C . -0.54 -9.28 -29.81
C3' FMN C . -2.23 -11.02 -29.95
O3' FMN C . -3.18 -10.09 -30.47
C4' FMN C . -2.94 -12.10 -29.15
O4' FMN C . -1.98 -12.81 -28.36
C5' FMN C . -3.64 -13.07 -30.11
O5' FMN C . -2.76 -13.26 -31.21
P FMN C . -2.32 -14.75 -31.65
O1P FMN C . -1.05 -14.54 -32.39
O2P FMN C . -3.45 -15.21 -32.48
O3P FMN C . -2.16 -15.46 -30.36
HN3 FMN C . 2.01 -8.08 -23.71
H6 FMN C . -0.01 -4.25 -29.10
HM71 FMN C . -2.73 -3.20 -30.32
HM72 FMN C . -2.35 -4.13 -31.79
HM73 FMN C . -1.04 -3.33 -30.88
HM81 FMN C . -4.30 -5.10 -30.93
HM82 FMN C . -4.43 -6.87 -30.83
HM83 FMN C . -3.34 -6.11 -32.04
H9 FMN C . -3.23 -8.02 -29.38
H1'1 FMN C . -3.02 -9.47 -28.29
H1'2 FMN C . -1.92 -10.27 -27.07
H2' FMN C . -0.53 -10.98 -28.63
HO2' FMN C . -1.19 -8.62 -30.18
H3' FMN C . -1.68 -11.47 -30.78
HO3' FMN C . -2.74 -9.22 -30.69
H4' FMN C . -3.68 -11.64 -28.49
HO4' FMN C . -2.25 -12.77 -27.40
H5'1 FMN C . -4.57 -12.69 -30.53
H5'2 FMN C . -3.73 -14.05 -29.62
N1 FMN D . 4.61 23.38 -13.27
C2 FMN D . 3.52 22.77 -12.65
O2 FMN D . 3.29 22.96 -11.46
N3 FMN D . 2.66 21.97 -13.41
C4 FMN D . 2.89 21.77 -14.78
O4 FMN D . 2.11 21.09 -15.44
C4A FMN D . 4.00 22.36 -15.38
N5 FMN D . 4.26 22.14 -16.68
C5A FMN D . 5.36 22.65 -17.24
C6 FMN D . 5.70 22.27 -18.53
C7 FMN D . 6.92 22.68 -19.08
C7M FMN D . 7.26 22.27 -20.36
C8 FMN D . 7.79 23.46 -18.33
C8M FMN D . 8.98 23.91 -18.87
C9 FMN D . 7.44 23.84 -17.03
C9A FMN D . 6.23 23.43 -16.49
N10 FMN D . 5.89 23.78 -15.24
C10 FMN D . 4.86 23.17 -14.64
C1' FMN D . 6.60 24.87 -14.53
C2' FMN D . 6.05 26.19 -15.07
O2' FMN D . 5.52 25.99 -16.39
C3' FMN D . 7.17 27.23 -15.13
O3' FMN D . 8.23 26.75 -15.96
C4' FMN D . 7.70 27.48 -13.72
O4' FMN D . 6.60 27.64 -12.82
C5' FMN D . 8.55 28.75 -13.71
O5' FMN D . 7.90 29.69 -14.56
P FMN D . 7.52 31.15 -14.02
O1P FMN D . 6.43 31.59 -14.92
O2P FMN D . 8.78 31.92 -14.16
O3P FMN D . 7.11 30.91 -12.62
HN3 FMN D . 1.87 21.53 -12.97
H6 FMN D . 4.98 21.73 -19.15
HM71 FMN D . 7.89 21.39 -20.30
HM72 FMN D . 7.80 23.06 -20.87
HM73 FMN D . 6.36 22.03 -20.92
HM81 FMN D . 9.52 23.08 -19.31
HM82 FMN D . 9.59 24.37 -18.09
HM83 FMN D . 8.77 24.65 -19.64
H9 FMN D . 8.12 24.45 -16.44
H1'1 FMN D . 7.66 24.90 -14.73
H1'2 FMN D . 6.34 24.87 -13.48
H2' FMN D . 5.26 26.55 -14.42
HO2' FMN D . 6.25 25.66 -16.99
H3' FMN D . 6.78 28.16 -15.54
HO3' FMN D . 7.85 26.24 -16.74
H4' FMN D . 8.31 26.64 -13.40
HO4' FMN D . 6.68 26.99 -12.07
H5'1 FMN D . 9.55 28.62 -14.13
H5'2 FMN D . 8.54 29.20 -12.71
N GLY A 1 -9.22 17.15 -38.97
CA GLY A 1 -8.98 15.91 -39.75
C GLY A 1 -8.50 16.27 -41.16
N ALA A 2 -7.40 17.01 -41.23
CA ALA A 2 -6.87 17.43 -42.50
C ALA A 2 -5.44 17.82 -42.35
N SER A 3 -4.70 18.24 -43.45
CA SER A 3 -3.35 18.69 -43.36
C SER A 3 -3.24 20.17 -42.94
N PHE A 4 -4.39 20.76 -42.78
CA PHE A 4 -4.47 22.14 -42.28
C PHE A 4 -4.50 22.21 -40.72
N GLN A 5 -5.55 21.65 -40.12
CA GLN A 5 -5.70 21.63 -38.66
C GLN A 5 -4.68 20.71 -38.00
N SER A 6 -4.42 19.56 -38.63
CA SER A 6 -3.50 18.57 -38.06
C SER A 6 -2.13 19.20 -37.85
N PHE A 7 -1.70 19.98 -38.84
CA PHE A 7 -0.43 20.72 -38.76
C PHE A 7 0.75 19.86 -39.21
N GLY A 8 1.02 19.87 -40.51
CA GLY A 8 2.12 19.09 -41.08
C GLY A 8 3.47 19.50 -40.48
N ILE A 9 4.50 19.49 -41.33
CA ILE A 9 5.87 19.83 -40.91
C ILE A 9 6.57 18.61 -40.29
N PRO A 10 7.58 18.03 -40.94
CA PRO A 10 8.28 16.83 -40.40
C PRO A 10 9.01 17.13 -39.08
N GLY A 11 9.33 18.41 -38.85
CA GLY A 11 10.01 18.80 -37.62
C GLY A 11 9.16 18.53 -36.38
N GLN A 12 7.86 18.76 -36.51
CA GLN A 12 6.96 18.52 -35.38
C GLN A 12 6.94 17.03 -35.05
N LEU A 13 6.97 16.19 -36.08
CA LEU A 13 6.94 14.75 -35.90
C LEU A 13 8.16 14.21 -35.14
N GLU A 14 9.35 14.73 -35.46
CA GLU A 14 10.55 14.26 -34.82
C GLU A 14 10.46 14.58 -33.33
N VAL A 15 9.91 15.74 -32.99
CA VAL A 15 9.77 16.16 -31.58
C VAL A 15 8.89 15.19 -30.82
N ILE A 16 7.78 14.79 -31.41
CA ILE A 16 6.88 13.89 -30.72
C ILE A 16 7.61 12.57 -30.42
N LYS A 17 8.35 12.05 -31.40
CA LYS A 17 9.06 10.78 -31.16
C LYS A 17 10.10 10.90 -30.03
N LYS A 18 10.90 11.96 -30.03
CA LYS A 18 11.96 12.04 -29.01
C LYS A 18 11.31 12.05 -27.64
N ALA A 19 10.19 12.75 -27.50
CA ALA A 19 9.52 12.81 -26.21
C ALA A 19 9.13 11.38 -25.75
N LEU A 20 8.61 10.59 -26.67
CA LEU A 20 8.23 9.22 -26.35
C LEU A 20 9.48 8.42 -25.94
N ASP A 21 10.59 8.64 -26.64
CA ASP A 21 11.86 7.97 -26.36
C ASP A 21 12.41 8.31 -24.96
N HIS A 22 12.27 9.56 -24.53
CA HIS A 22 12.80 9.97 -23.23
C HIS A 22 12.18 9.16 -22.09
N VAL A 23 10.89 8.86 -22.17
CA VAL A 23 10.23 8.08 -21.13
C VAL A 23 9.77 6.74 -21.71
N ARG A 24 10.11 5.66 -21.01
CA ARG A 24 9.78 4.31 -21.47
C ARG A 24 8.29 4.00 -21.34
N VAL A 25 7.63 3.92 -22.49
CA VAL A 25 6.21 3.59 -22.55
C VAL A 25 6.01 2.68 -23.74
N GLY A 26 5.13 1.71 -23.60
CA GLY A 26 4.88 0.77 -24.67
C GLY A 26 3.67 1.13 -25.51
N VAL A 27 3.90 1.86 -26.58
CA VAL A 27 2.84 2.19 -27.52
C VAL A 27 3.28 1.73 -28.90
N VAL A 28 2.41 0.99 -29.58
CA VAL A 28 2.73 0.52 -30.92
C VAL A 28 1.52 0.69 -31.83
N ILE A 29 1.76 0.71 -33.15
CA ILE A 29 0.66 0.80 -34.10
C ILE A 29 0.69 -0.44 -34.97
N THR A 30 -0.45 -1.09 -35.06
CA THR A 30 -0.62 -2.27 -35.90
C THR A 30 -1.34 -1.83 -37.17
N ASP A 31 -1.36 -2.71 -38.17
CA ASP A 31 -2.06 -2.38 -39.41
C ASP A 31 -2.91 -3.58 -39.85
N PRO A 32 -4.21 -3.56 -39.62
CA PRO A 32 -5.08 -4.72 -40.01
C PRO A 32 -5.11 -4.93 -41.53
N ALA A 33 -4.77 -3.87 -42.26
CA ALA A 33 -4.76 -3.89 -43.72
C ALA A 33 -3.73 -4.92 -44.29
N LEU A 34 -2.67 -5.13 -43.54
CA LEU A 34 -1.64 -6.12 -43.93
C LEU A 34 -1.97 -7.50 -43.37
N GLU A 35 -1.10 -8.49 -43.63
CA GLU A 35 -1.35 -9.86 -43.17
C GLU A 35 -1.08 -10.06 -41.67
N ASP A 36 -2.03 -10.67 -40.98
CA ASP A 36 -1.91 -10.98 -39.55
C ASP A 36 -1.79 -9.72 -38.67
N ASN A 37 -2.24 -8.60 -39.22
CA ASN A 37 -2.16 -7.31 -38.53
C ASN A 37 -0.78 -7.15 -37.85
N PRO A 38 0.25 -7.02 -38.63
CA PRO A 38 1.66 -6.87 -38.13
C PRO A 38 1.90 -5.50 -37.50
N ILE A 39 2.91 -5.43 -36.64
CA ILE A 39 3.23 -4.17 -35.97
C ILE A 39 4.24 -3.41 -36.82
N VAL A 40 3.87 -2.16 -37.17
CA VAL A 40 4.72 -1.32 -38.00
C VAL A 40 5.43 -0.24 -37.19
N TYR A 41 4.71 0.41 -36.27
CA TYR A 41 5.31 1.48 -35.47
C TYR A 41 5.80 0.98 -34.13
N VAL A 42 7.07 1.21 -33.87
CA VAL A 42 7.69 0.84 -32.61
C VAL A 42 8.71 1.90 -32.21
N ASN A 43 8.77 2.25 -30.92
CA ASN A 43 9.75 3.23 -30.46
C ASN A 43 10.98 2.51 -29.91
N GLN A 44 12.07 3.25 -29.71
CA GLN A 44 13.29 2.67 -29.13
C GLN A 44 13.09 2.23 -27.68
N GLY A 45 12.36 3.04 -26.92
CA GLY A 45 12.11 2.75 -25.52
C GLY A 45 11.39 1.42 -25.38
N PHE A 46 10.65 1.02 -26.42
CA PHE A 46 9.93 -0.24 -26.32
C PHE A 46 10.99 -1.29 -26.04
N VAL A 47 12.08 -1.30 -26.81
CA VAL A 47 13.09 -2.37 -26.68
C VAL A 47 13.67 -2.41 -25.28
N GLN A 48 14.00 -1.27 -24.73
CA GLN A 48 14.55 -1.23 -23.39
C GLN A 48 13.58 -1.76 -22.34
N MET A 49 12.30 -1.46 -22.53
CA MET A 49 11.26 -1.97 -21.63
C MET A 49 11.06 -3.50 -21.72
N THR A 50 11.05 -4.04 -22.93
CA THR A 50 10.81 -5.48 -23.11
C THR A 50 12.13 -6.24 -23.17
N GLY A 51 13.19 -5.53 -23.50
CA GLY A 51 14.50 -6.13 -23.61
C GLY A 51 14.63 -6.89 -24.93
N TYR A 52 13.77 -6.55 -25.87
CA TYR A 52 13.76 -7.17 -27.20
C TYR A 52 14.19 -6.16 -28.28
N GLU A 53 15.01 -6.63 -29.21
CA GLU A 53 15.47 -5.78 -30.29
C GLU A 53 14.29 -5.36 -31.16
N THR A 54 14.39 -4.17 -31.74
CA THR A 54 13.32 -3.63 -32.57
C THR A 54 13.11 -4.42 -33.85
N GLU A 55 14.16 -5.01 -34.42
CA GLU A 55 13.98 -5.76 -35.64
C GLU A 55 13.14 -7.02 -35.41
N GLU A 56 13.41 -7.73 -34.31
CA GLU A 56 12.65 -8.94 -34.03
C GLU A 56 11.19 -8.56 -33.80
N ILE A 57 10.94 -7.51 -33.01
CA ILE A 57 9.54 -7.17 -32.65
C ILE A 57 8.70 -6.78 -33.85
N LEU A 58 9.23 -5.94 -34.71
CA LEU A 58 8.49 -5.55 -35.91
C LEU A 58 8.24 -6.80 -36.73
N GLY A 59 7.08 -6.87 -37.39
CA GLY A 59 6.75 -8.02 -38.21
C GLY A 59 6.17 -9.18 -37.42
N LYS A 60 6.13 -9.10 -36.08
CA LYS A 60 5.58 -10.20 -35.28
C LYS A 60 4.63 -9.69 -34.20
N ASN A 61 3.66 -10.53 -33.83
CA ASN A 61 2.68 -10.17 -32.81
C ASN A 61 3.25 -10.38 -31.42
N CYS A 62 2.75 -9.61 -30.48
CA CYS A 62 3.21 -9.67 -29.11
C CYS A 62 2.92 -11.03 -28.49
N ARG A 63 2.61 -12.03 -29.32
CA ARG A 63 2.30 -13.37 -28.80
C ARG A 63 3.49 -13.95 -28.04
N PHE A 64 4.69 -13.78 -28.57
CA PHE A 64 5.91 -14.33 -27.93
C PHE A 64 6.11 -13.90 -26.47
N LEU A 65 5.50 -12.78 -26.07
CA LEU A 65 5.55 -12.30 -24.69
C LEU A 65 4.84 -13.22 -23.71
N GLN A 66 3.75 -13.78 -24.18
CA GLN A 66 2.87 -14.66 -23.37
C GLN A 66 3.58 -15.93 -22.96
N GLY A 67 3.46 -16.31 -21.68
CA GLY A 67 4.14 -17.52 -21.19
C GLY A 67 3.28 -18.25 -20.13
N LYS A 68 3.95 -18.91 -19.18
CA LYS A 68 3.25 -19.69 -18.15
C LYS A 68 2.35 -18.84 -17.25
N HIS A 69 2.83 -17.66 -16.87
CA HIS A 69 2.08 -16.78 -15.97
C HIS A 69 0.94 -16.08 -16.72
N THR A 70 0.93 -16.21 -18.03
CA THR A 70 -0.10 -15.58 -18.82
C THR A 70 -1.47 -16.14 -18.41
N ASP A 71 -2.40 -15.23 -18.14
CA ASP A 71 -3.74 -15.63 -17.71
C ASP A 71 -4.63 -15.86 -18.94
N PRO A 72 -5.02 -17.09 -19.22
CA PRO A 72 -5.89 -17.40 -20.40
C PRO A 72 -7.21 -16.63 -20.36
N ALA A 73 -7.73 -16.36 -19.17
CA ALA A 73 -9.00 -15.65 -19.07
C ALA A 73 -8.89 -14.23 -19.64
N GLU A 74 -7.75 -13.59 -19.35
CA GLU A 74 -7.50 -12.25 -19.85
C GLU A 74 -7.39 -12.31 -21.40
N VAL A 75 -6.67 -13.32 -21.85
CA VAL A 75 -6.40 -13.50 -23.28
C VAL A 75 -7.74 -13.67 -23.98
N ASP A 76 -8.62 -14.45 -23.37
CA ASP A 76 -9.95 -14.68 -23.91
C ASP A 76 -10.79 -13.37 -23.94
N ASN A 77 -10.65 -12.53 -22.93
CA ASN A 77 -11.38 -11.27 -22.89
C ASN A 77 -10.95 -10.36 -24.05
N ILE A 78 -9.65 -10.38 -24.33
CA ILE A 78 -9.10 -9.58 -25.43
C ILE A 78 -9.64 -10.02 -26.81
N ARG A 79 -9.67 -11.32 -26.97
CA ARG A 79 -10.13 -11.95 -28.20
C ARG A 79 -11.61 -11.59 -28.40
N THR A 80 -12.38 -11.65 -27.30
CA THR A 80 -13.80 -11.29 -27.38
C THR A 80 -13.89 -9.82 -27.83
N ALA A 81 -13.11 -8.94 -27.15
CA ALA A 81 -13.28 -7.49 -27.38
C ALA A 81 -13.03 -7.13 -28.83
N LEU A 82 -11.98 -7.71 -29.45
CA LEU A 82 -11.65 -7.41 -30.84
C LEU A 82 -12.76 -7.82 -31.79
N GLN A 83 -13.34 -8.98 -31.52
CA GLN A 83 -14.44 -9.45 -32.33
C GLN A 83 -15.62 -8.48 -32.17
N ASN A 84 -15.82 -8.03 -30.94
CA ASN A 84 -16.87 -7.06 -30.62
C ASN A 84 -16.49 -5.67 -31.18
N LYS A 85 -15.19 -5.48 -31.39
CA LYS A 85 -14.67 -4.19 -31.84
C LYS A 85 -14.95 -3.11 -30.80
N GLU A 86 -14.66 -3.41 -29.54
CA GLU A 86 -14.87 -2.44 -28.46
C GLU A 86 -13.61 -2.33 -27.59
N PRO A 87 -13.30 -1.18 -27.02
CA PRO A 87 -12.08 -1.03 -26.18
C PRO A 87 -12.07 -1.93 -24.94
N VAL A 88 -10.88 -2.43 -24.61
CA VAL A 88 -10.72 -3.33 -23.46
C VAL A 88 -9.42 -2.99 -22.72
N THR A 89 -9.44 -3.05 -21.38
CA THR A 89 -8.21 -2.84 -20.61
C THR A 89 -8.03 -4.02 -19.67
N VAL A 90 -6.93 -4.74 -19.83
CA VAL A 90 -6.64 -5.88 -18.95
C VAL A 90 -5.15 -5.92 -18.57
N GLN A 91 -4.84 -6.58 -17.45
CA GLN A 91 -3.43 -6.70 -17.03
C GLN A 91 -3.01 -8.12 -17.36
N ILE A 92 -1.89 -8.38 -18.11
CA ILE A 92 -1.50 -9.75 -18.36
C ILE A 92 0.04 -9.98 -18.17
N GLN A 93 0.34 -11.04 -17.43
CA GLN A 93 1.73 -11.41 -17.12
C GLN A 93 2.48 -11.76 -18.41
N ASN A 94 3.72 -11.25 -18.53
CA ASN A 94 4.54 -11.47 -19.73
C ASN A 94 6.00 -11.78 -19.38
N TYR A 95 6.74 -12.35 -20.33
CA TYR A 95 8.16 -12.74 -20.12
C TYR A 95 9.13 -12.04 -21.10
N LYS A 96 10.28 -11.60 -20.59
CA LYS A 96 11.28 -10.90 -21.43
C LYS A 96 12.23 -11.90 -22.10
N LYS A 97 13.28 -11.37 -22.71
CA LYS A 97 14.27 -12.21 -23.38
C LYS A 97 14.98 -13.11 -22.34
N ASP A 98 15.31 -12.55 -21.17
CA ASP A 98 16.03 -13.30 -20.13
C ASP A 98 15.09 -14.10 -19.24
N GLY A 99 13.81 -14.16 -19.57
CA GLY A 99 12.87 -14.97 -18.78
C GLY A 99 12.32 -14.20 -17.59
N THR A 100 12.77 -12.97 -17.43
CA THR A 100 12.28 -12.16 -16.33
C THR A 100 10.79 -12.03 -16.53
N MET A 101 10.01 -12.16 -15.46
CA MET A 101 8.56 -12.04 -15.54
C MET A 101 8.08 -10.71 -15.01
N PHE A 102 7.27 -10.03 -15.79
CA PHE A 102 6.78 -8.70 -15.39
C PHE A 102 5.33 -8.55 -15.79
N TRP A 103 4.63 -7.64 -15.15
CA TRP A 103 3.23 -7.41 -15.47
C TRP A 103 3.13 -6.35 -16.55
N ASN A 104 2.17 -6.50 -17.45
CA ASN A 104 2.04 -5.57 -18.57
C ASN A 104 0.63 -5.16 -18.89
N GLU A 105 0.19 -3.94 -18.51
CA GLU A 105 -1.18 -3.57 -18.75
C GLU A 105 -1.36 -3.37 -20.22
N LEU A 106 -2.44 -3.90 -20.77
CA LEU A 106 -2.70 -3.75 -22.21
C LEU A 106 -4.02 -3.04 -22.50
N ASN A 107 -3.95 -1.96 -23.26
CA ASN A 107 -5.16 -1.21 -23.66
C ASN A 107 -5.31 -1.19 -25.17
N ILE A 108 -6.45 -1.69 -25.67
CA ILE A 108 -6.71 -1.72 -27.11
C ILE A 108 -7.97 -0.94 -27.48
N ASP A 109 -7.86 -0.03 -28.45
CA ASP A 109 -9.00 0.79 -28.87
C ASP A 109 -9.05 0.91 -30.40
N PRO A 110 -10.17 0.58 -31.03
CA PRO A 110 -10.30 0.69 -32.51
C PRO A 110 -10.34 2.13 -33.00
N MET A 111 -9.88 2.32 -34.22
CA MET A 111 -9.88 3.65 -34.85
C MET A 111 -10.65 3.55 -36.16
N GLU A 112 -11.29 4.63 -36.62
CA GLU A 112 -12.00 4.61 -37.91
C GLU A 112 -11.45 5.81 -38.73
N ILE A 113 -10.51 5.51 -39.59
CA ILE A 113 -9.89 6.54 -40.44
C ILE A 113 -10.06 6.24 -41.91
N GLU A 114 -10.51 7.20 -42.72
CA GLU A 114 -10.62 6.98 -44.16
C GLU A 114 -11.37 5.71 -44.48
N ASP A 115 -12.39 5.43 -43.67
CA ASP A 115 -13.19 4.23 -43.83
C ASP A 115 -12.31 2.96 -43.68
N LYS A 116 -11.28 3.07 -42.85
CA LYS A 116 -10.37 1.95 -42.59
C LYS A 116 -10.23 1.76 -41.10
N THR A 117 -10.04 0.51 -40.64
CA THR A 117 -9.93 0.28 -39.20
C THR A 117 -8.49 0.52 -38.75
N TYR A 118 -8.16 0.27 -37.50
CA TYR A 118 -6.78 0.35 -37.00
C TYR A 118 -6.77 -0.28 -35.59
N PHE A 119 -5.62 -0.76 -35.15
CA PHE A 119 -5.47 -1.25 -33.78
C PHE A 119 -4.25 -0.60 -33.13
N VAL A 120 -4.30 -0.36 -31.82
CA VAL A 120 -3.16 0.19 -31.11
C VAL A 120 -2.99 -0.54 -29.80
N GLY A 121 -1.76 -0.85 -29.46
CA GLY A 121 -1.48 -1.52 -28.20
C GLY A 121 -0.73 -0.58 -27.29
N ILE A 122 -1.18 -0.45 -26.06
CA ILE A 122 -0.49 0.41 -25.10
C ILE A 122 -0.03 -0.48 -23.97
N GLN A 123 1.24 -0.39 -23.62
CA GLN A 123 1.78 -1.20 -22.53
C GLN A 123 2.31 -0.30 -21.43
N ASN A 124 1.69 -0.42 -20.26
CA ASN A 124 2.05 0.41 -19.11
C ASN A 124 2.57 -0.43 -17.94
N ASP A 125 3.84 -0.24 -17.62
CA ASP A 125 4.52 -1.03 -16.60
C ASP A 125 4.01 -0.80 -15.16
N ILE A 126 3.56 -1.90 -14.55
CA ILE A 126 3.04 -1.91 -13.19
C ILE A 126 4.19 -2.08 -12.18
N THR A 127 5.44 -2.14 -12.65
CA THR A 127 6.62 -2.34 -11.75
C THR A 127 6.78 -1.24 -10.71
N LYS A 128 6.59 0.02 -11.09
CA LYS A 128 6.76 1.11 -10.11
C LYS A 128 5.79 0.88 -8.95
N GLN A 129 4.58 0.49 -9.30
CA GLN A 129 3.58 0.18 -8.29
C GLN A 129 4.04 -1.01 -7.47
N LYS A 130 4.65 -2.02 -8.07
CA LYS A 130 5.06 -3.17 -7.26
C LYS A 130 6.06 -2.75 -6.22
N GLU A 131 6.98 -1.88 -6.62
CA GLU A 131 8.02 -1.44 -5.70
C GLU A 131 7.38 -0.69 -4.53
N TYR A 132 6.33 0.06 -4.83
CA TYR A 132 5.58 0.76 -3.78
C TYR A 132 4.97 -0.24 -2.80
N GLU A 133 4.35 -1.31 -3.31
CA GLU A 133 3.73 -2.30 -2.44
C GLU A 133 4.81 -2.98 -1.62
N LYS A 134 5.95 -3.24 -2.23
CA LYS A 134 7.05 -3.89 -1.52
C LYS A 134 7.51 -3.00 -0.37
N LEU A 135 7.57 -1.70 -0.61
CA LEU A 135 8.05 -0.78 0.41
C LEU A 135 7.11 -0.89 1.61
N LEU A 136 5.81 -0.94 1.32
CA LEU A 136 4.81 -1.07 2.36
C LEU A 136 4.98 -2.38 3.09
N GLU A 137 5.27 -3.46 2.37
CA GLU A 137 5.42 -4.76 3.03
C GLU A 137 6.58 -4.70 4.02
N ASP A 138 7.68 -4.08 3.61
CA ASP A 138 8.85 -4.02 4.49
C ASP A 138 8.45 -3.32 5.77
N SER A 139 7.70 -2.24 5.64
CA SER A 139 7.19 -1.52 6.80
C SER A 139 6.28 -2.39 7.66
N LEU A 140 5.41 -3.17 7.02
CA LEU A 140 4.52 -4.05 7.76
C LEU A 140 5.35 -5.08 8.54
N THR A 141 6.39 -5.62 7.90
CA THR A 141 7.22 -6.66 8.51
C THR A 141 7.90 -6.15 9.78
N GLU A 142 8.47 -4.95 9.71
CA GLU A 142 9.13 -4.39 10.89
C GLU A 142 8.07 -4.16 11.96
N ILE A 143 6.93 -3.68 11.49
CA ILE A 143 5.77 -3.46 12.33
C ILE A 143 5.24 -4.78 12.90
N THR A 144 5.16 -5.83 12.07
CA THR A 144 4.62 -7.11 12.55
C THR A 144 5.45 -7.71 13.68
N ALA A 145 6.79 -7.74 13.55
CA ALA A 145 7.59 -8.31 14.63
C ALA A 145 7.38 -7.48 15.90
N LEU A 146 7.33 -6.15 15.74
CA LEU A 146 7.11 -5.27 16.87
C LEU A 146 5.74 -5.48 17.54
N SER A 147 4.68 -5.65 16.75
CA SER A 147 3.35 -5.80 17.36
C SER A 147 3.33 -7.03 18.25
N THR A 148 4.07 -8.02 17.75
CA THR A 148 4.20 -9.33 18.41
C THR A 148 4.10 -9.06 19.92
N PRO A 149 2.91 -8.92 20.44
CA PRO A 149 2.76 -8.55 21.86
C PRO A 149 3.32 -9.55 22.84
N ILE A 150 3.88 -8.98 23.88
CA ILE A 150 4.41 -9.72 24.99
C ILE A 150 3.54 -9.27 26.13
N VAL A 151 3.05 -10.16 27.00
CA VAL A 151 2.23 -9.73 28.12
C VAL A 151 2.11 -10.92 29.03
N PRO A 152 2.99 -11.09 29.98
CA PRO A 152 2.91 -12.29 30.85
C PRO A 152 1.58 -12.29 31.60
N ILE A 153 0.92 -13.43 31.66
CA ILE A 153 -0.33 -13.50 32.39
C ILE A 153 -0.11 -13.33 33.88
N ARG A 154 0.90 -14.01 34.42
CA ARG A 154 1.23 -13.93 35.85
C ARG A 154 2.70 -14.34 36.05
N ASN A 155 3.03 -14.79 37.25
CA ASN A 155 4.39 -15.19 37.55
C ASN A 155 4.65 -16.66 37.17
N GLY A 156 5.36 -16.81 36.07
CA GLY A 156 5.67 -18.12 35.52
C GLY A 156 4.58 -18.56 34.57
N ILE A 157 3.65 -17.67 34.27
CA ILE A 157 2.63 -17.98 33.27
C ILE A 157 2.68 -16.90 32.17
N SER A 158 2.85 -17.34 30.91
CA SER A 158 2.91 -16.43 29.77
C SER A 158 2.01 -16.93 28.66
N ALA A 159 1.50 -16.04 27.82
CA ALA A 159 0.67 -16.47 26.69
C ALA A 159 1.01 -15.70 25.41
N LEU A 160 0.95 -16.41 24.28
CA LEU A 160 1.27 -15.83 22.97
C LEU A 160 0.20 -16.22 21.95
N PRO A 161 -0.95 -15.58 21.97
CA PRO A 161 -2.06 -15.87 21.02
C PRO A 161 -1.76 -15.47 19.57
N LEU A 162 -2.35 -16.21 18.64
CA LEU A 162 -2.18 -15.94 17.21
C LEU A 162 -3.51 -15.60 16.55
N VAL A 163 -3.57 -14.46 15.88
CA VAL A 163 -4.78 -14.04 15.18
C VAL A 163 -4.44 -13.81 13.69
N GLY A 164 -5.23 -14.37 12.81
CA GLY A 164 -5.00 -14.21 11.36
C GLY A 164 -4.71 -15.54 10.66
N ASN A 165 -4.71 -15.53 9.33
CA ASN A 165 -4.48 -16.75 8.55
C ASN A 165 -2.99 -16.97 8.38
N LEU A 166 -2.43 -18.03 8.96
CA LEU A 166 -0.98 -18.24 8.86
C LEU A 166 -0.50 -18.73 7.49
N THR A 167 0.07 -17.81 6.71
CA THR A 167 0.61 -18.12 5.39
C THR A 167 2.04 -18.64 5.51
N GLU A 168 2.56 -19.19 4.43
CA GLU A 168 3.92 -19.73 4.43
C GLU A 168 4.97 -18.62 4.61
N GLU A 169 4.67 -17.47 4.03
CA GLU A 169 5.58 -16.32 4.16
C GLU A 169 5.70 -15.88 5.64
N ARG A 170 4.55 -15.79 6.30
CA ARG A 170 4.48 -15.44 7.69
C ARG A 170 5.19 -16.46 8.59
N PHE A 171 5.19 -17.72 8.19
CA PHE A 171 5.79 -18.79 9.01
C PHE A 171 7.25 -18.48 9.36
N ASN A 172 7.98 -17.73 8.53
CA ASN A 172 9.39 -17.48 8.86
C ASN A 172 9.50 -16.75 10.20
N SER A 173 8.62 -15.81 10.45
CA SER A 173 8.67 -15.05 11.70
C SER A 173 8.53 -15.99 12.90
N ILE A 174 7.63 -16.97 12.77
CA ILE A 174 7.38 -17.93 13.86
C ILE A 174 8.61 -18.80 14.18
N VAL A 175 9.29 -19.30 13.17
CA VAL A 175 10.44 -20.17 13.42
C VAL A 175 11.50 -19.35 14.17
N CYS A 176 11.67 -18.10 13.77
CA CYS A 176 12.64 -17.21 14.42
C CYS A 176 12.27 -17.01 15.90
N THR A 177 10.97 -16.98 16.16
CA THR A 177 10.47 -16.81 17.52
C THR A 177 10.92 -17.96 18.40
N LEU A 178 11.31 -19.08 17.79
CA LEU A 178 11.71 -20.24 18.57
C LEU A 178 12.92 -19.84 19.43
N THR A 179 13.84 -19.08 18.82
CA THR A 179 15.04 -18.65 19.53
C THR A 179 14.65 -17.84 20.77
N ASN A 180 13.68 -16.95 20.61
CA ASN A 180 13.18 -16.11 21.72
C ASN A 180 12.58 -16.97 22.84
N ILE A 181 11.91 -18.06 22.49
CA ILE A 181 11.28 -18.94 23.49
C ILE A 181 12.34 -19.44 24.44
N LEU A 182 13.52 -19.75 23.94
CA LEU A 182 14.55 -20.29 24.84
C LEU A 182 14.87 -19.24 25.91
N SER A 183 14.92 -17.99 25.50
CA SER A 183 15.14 -16.89 26.44
C SER A 183 14.01 -16.83 27.48
N THR A 184 12.79 -17.17 27.06
CA THR A 184 11.62 -17.14 27.96
C THR A 184 11.42 -18.49 28.67
N SER A 185 12.51 -19.25 28.78
CA SER A 185 12.44 -20.56 29.42
C SER A 185 12.05 -20.43 30.90
N LYS A 186 12.25 -19.24 31.43
CA LYS A 186 11.96 -18.97 32.83
C LYS A 186 10.47 -19.19 33.13
N ASP A 187 9.60 -18.86 32.18
CA ASP A 187 8.17 -19.04 32.40
C ASP A 187 7.78 -20.52 32.36
N ASP A 188 7.35 -21.02 33.52
CA ASP A 188 6.97 -22.44 33.65
C ASP A 188 5.81 -22.84 32.76
N TYR A 189 4.78 -21.99 32.70
CA TYR A 189 3.60 -22.30 31.89
C TYR A 189 3.47 -21.35 30.71
N LEU A 190 3.24 -21.92 29.55
CA LEU A 190 3.06 -21.15 28.33
C LEU A 190 1.67 -21.49 27.78
N ILE A 191 0.86 -20.48 27.47
CA ILE A 191 -0.46 -20.75 26.89
C ILE A 191 -0.52 -20.14 25.47
N ILE A 192 -0.89 -20.95 24.50
CA ILE A 192 -1.01 -20.47 23.11
C ILE A 192 -2.47 -20.50 22.69
N ASP A 193 -2.99 -19.39 22.22
CA ASP A 193 -4.39 -19.32 21.73
C ASP A 193 -4.43 -19.53 20.19
N LEU A 194 -5.16 -20.55 19.79
CA LEU A 194 -5.38 -20.83 18.36
C LEU A 194 -6.77 -20.35 17.91
N SER A 195 -7.54 -19.83 18.87
CA SER A 195 -8.89 -19.33 18.60
C SER A 195 -8.91 -18.16 17.63
N GLY A 196 -7.87 -17.33 17.67
CA GLY A 196 -7.84 -16.21 16.76
C GLY A 196 -7.83 -16.75 15.32
N LEU A 197 -6.95 -17.71 15.15
CA LEU A 197 -6.73 -18.32 13.85
C LEU A 197 -8.01 -19.08 13.44
N ALA A 198 -8.49 -18.83 12.21
CA ALA A 198 -9.70 -19.48 11.74
C ALA A 198 -9.54 -21.00 11.72
N GLN A 199 -8.45 -21.43 11.08
CA GLN A 199 -8.19 -22.87 10.87
C GLN A 199 -6.76 -23.31 11.22
N VAL A 200 -6.55 -24.57 11.52
CA VAL A 200 -5.21 -25.02 11.83
C VAL A 200 -4.79 -26.04 10.80
N ASN A 201 -3.59 -25.86 10.24
CA ASN A 201 -3.06 -26.75 9.21
C ASN A 201 -2.41 -27.97 9.85
N GLU A 202 -2.32 -29.07 9.11
CA GLU A 202 -1.70 -30.28 9.68
C GLU A 202 -0.22 -30.02 9.95
N GLN A 203 0.45 -29.31 9.05
CA GLN A 203 1.88 -29.03 9.21
C GLN A 203 2.12 -28.33 10.53
N THR A 204 1.15 -27.55 10.96
CA THR A 204 1.20 -26.84 12.23
C THR A 204 1.31 -27.83 13.40
N ALA A 205 0.54 -28.91 13.35
CA ALA A 205 0.54 -29.86 14.45
C ALA A 205 1.96 -30.36 14.67
N ASP A 206 2.73 -30.58 13.60
CA ASP A 206 4.08 -31.08 13.75
C ASP A 206 4.93 -30.08 14.55
N GLN A 207 4.69 -28.81 14.31
CA GLN A 207 5.39 -27.75 15.05
C GLN A 207 5.02 -27.79 16.53
N ILE A 208 3.75 -28.05 16.83
CA ILE A 208 3.34 -28.07 18.23
C ILE A 208 4.10 -29.19 18.94
N PHE A 209 4.16 -30.36 18.30
CA PHE A 209 4.83 -31.51 18.91
C PHE A 209 6.31 -31.22 19.18
N LYS A 210 7.00 -30.61 18.22
CA LYS A 210 8.42 -30.36 18.43
C LYS A 210 8.60 -29.45 19.64
N LEU A 211 7.74 -28.44 19.75
CA LEU A 211 7.82 -27.49 20.85
C LEU A 211 7.59 -28.18 22.21
N SER A 212 6.63 -29.08 22.30
CA SER A 212 6.38 -29.73 23.59
C SER A 212 7.61 -30.49 24.04
N HIS A 213 8.26 -31.20 23.12
CA HIS A 213 9.44 -31.98 23.47
C HIS A 213 10.59 -31.08 23.92
N LEU A 214 10.85 -30.00 23.18
CA LEU A 214 11.94 -29.11 23.59
C LEU A 214 11.58 -28.53 24.95
N LEU A 215 10.34 -28.09 25.09
CA LEU A 215 9.86 -27.46 26.30
C LEU A 215 9.90 -28.43 27.48
N LYS A 216 9.52 -29.69 27.25
CA LYS A 216 9.51 -30.67 28.34
C LYS A 216 10.93 -30.81 28.90
N LEU A 217 11.92 -30.90 28.02
CA LEU A 217 13.31 -31.05 28.46
C LEU A 217 13.73 -29.84 29.27
N THR A 218 13.30 -28.67 28.83
CA THR A 218 13.62 -27.43 29.51
C THR A 218 12.76 -27.29 30.75
N GLY A 219 11.74 -28.13 30.91
CA GLY A 219 10.87 -28.04 32.07
C GLY A 219 9.77 -26.99 31.94
N THR A 220 9.15 -26.85 30.77
CA THR A 220 8.07 -25.85 30.61
C THR A 220 6.78 -26.48 30.08
N GLU A 221 5.77 -26.44 30.89
CA GLU A 221 4.45 -26.99 30.52
C GLU A 221 3.86 -26.13 29.38
N LEU A 222 3.29 -26.79 28.36
CA LEU A 222 2.68 -26.11 27.21
C LEU A 222 1.17 -26.33 27.25
N ILE A 223 0.40 -25.25 27.16
CA ILE A 223 -1.06 -25.31 27.16
C ILE A 223 -1.61 -24.80 25.82
N ILE A 224 -2.54 -25.55 25.22
CA ILE A 224 -3.13 -25.18 23.93
C ILE A 224 -4.62 -24.86 24.12
N THR A 225 -5.07 -23.72 23.58
CA THR A 225 -6.48 -23.32 23.74
C THR A 225 -7.08 -22.87 22.42
N GLY A 226 -8.40 -22.76 22.36
CA GLY A 226 -9.07 -22.30 21.16
C GLY A 226 -9.17 -23.42 20.14
N ILE A 227 -9.05 -24.63 20.67
CA ILE A 227 -9.14 -25.82 19.84
C ILE A 227 -10.62 -26.14 19.64
N LYS A 228 -11.01 -26.33 18.38
CA LYS A 228 -12.39 -26.64 18.07
C LYS A 228 -12.69 -28.11 18.42
N PRO A 229 -13.84 -28.43 18.98
CA PRO A 229 -14.17 -29.85 19.34
C PRO A 229 -14.02 -30.79 18.14
N GLU A 230 -14.42 -30.33 16.96
CA GLU A 230 -14.35 -31.15 15.76
C GLU A 230 -12.89 -31.46 15.43
N LEU A 231 -12.04 -30.46 15.61
CA LEU A 231 -10.61 -30.62 15.40
C LEU A 231 -9.97 -31.64 16.35
N ALA A 232 -10.34 -31.58 17.63
CA ALA A 232 -9.75 -32.49 18.61
C ALA A 232 -10.10 -33.94 18.30
N MET A 233 -11.31 -34.17 17.84
CA MET A 233 -11.74 -35.53 17.55
C MET A 233 -10.87 -36.11 16.44
N LYS A 234 -10.59 -35.29 15.45
CA LYS A 234 -9.70 -35.70 14.35
C LYS A 234 -8.29 -35.99 14.87
N MET A 235 -7.84 -35.15 15.80
CA MET A 235 -6.52 -35.30 16.42
C MET A 235 -6.43 -36.57 17.25
N ASN A 236 -7.51 -36.95 17.94
CA ASN A 236 -7.45 -38.12 18.82
C ASN A 236 -7.13 -39.35 18.00
N LYS A 237 -7.73 -39.44 16.83
CA LYS A 237 -7.50 -40.58 15.96
C LYS A 237 -6.02 -40.66 15.55
N LEU A 238 -5.44 -39.50 15.28
CA LEU A 238 -4.02 -39.39 14.94
C LEU A 238 -3.08 -39.83 16.10
N ASP A 239 -3.39 -39.45 17.32
CA ASP A 239 -2.54 -39.81 18.47
C ASP A 239 -3.21 -39.50 19.82
N ALA A 240 -3.23 -40.52 20.66
CA ALA A 240 -3.81 -40.41 22.00
C ALA A 240 -3.09 -39.34 22.83
N ASN A 241 -1.82 -39.13 22.52
CA ASN A 241 -0.99 -38.13 23.21
C ASN A 241 -1.55 -36.73 23.05
N PHE A 242 -2.27 -36.47 21.99
CA PHE A 242 -2.76 -35.12 21.75
C PHE A 242 -3.60 -34.68 22.96
N SER A 243 -4.43 -35.58 23.43
CA SER A 243 -5.27 -35.29 24.60
C SER A 243 -4.41 -35.03 25.86
N SER A 244 -3.18 -35.49 25.85
CA SER A 244 -2.24 -35.31 26.99
C SER A 244 -2.09 -33.84 27.34
N LEU A 245 -2.14 -32.97 26.34
CA LEU A 245 -1.98 -31.54 26.63
C LEU A 245 -3.31 -30.83 26.92
N LYS A 246 -3.36 -30.23 28.11
CA LYS A 246 -4.58 -29.55 28.56
C LYS A 246 -5.11 -28.68 27.46
N THR A 247 -6.44 -28.77 27.26
CA THR A 247 -7.14 -28.00 26.25
C THR A 247 -8.31 -27.22 26.87
N TYR A 248 -8.40 -25.94 26.51
CA TYR A 248 -9.46 -25.07 27.00
C TYR A 248 -10.32 -24.57 25.85
N SER A 249 -11.63 -24.52 26.06
CA SER A 249 -12.52 -24.08 24.99
C SER A 249 -12.13 -22.67 24.62
N ASN A 250 -11.88 -21.82 25.62
CA ASN A 250 -11.51 -20.44 25.37
C ASN A 250 -10.45 -19.93 26.37
N VAL A 251 -9.79 -18.85 25.98
CA VAL A 251 -8.74 -18.22 26.80
C VAL A 251 -9.28 -17.69 28.11
N LYS A 252 -10.41 -17.01 28.08
CA LYS A 252 -10.97 -16.45 29.29
C LYS A 252 -11.28 -17.57 30.27
N ASP A 253 -11.87 -18.63 29.77
CA ASP A 253 -12.23 -19.76 30.61
C ASP A 253 -11.00 -20.41 31.24
N ALA A 254 -9.93 -20.63 30.45
CA ALA A 254 -8.73 -21.26 31.01
C ALA A 254 -8.12 -20.37 32.09
N VAL A 255 -8.10 -19.08 31.78
CA VAL A 255 -7.53 -18.12 32.68
C VAL A 255 -8.32 -18.07 34.00
N LYS A 256 -9.64 -18.02 33.90
CA LYS A 256 -10.48 -17.99 35.08
C LYS A 256 -10.33 -19.25 35.92
N VAL A 257 -10.39 -20.43 35.30
CA VAL A 257 -10.23 -21.66 36.06
C VAL A 257 -8.82 -21.82 36.61
N LEU A 258 -7.81 -21.47 35.80
CA LEU A 258 -6.42 -21.65 36.22
C LEU A 258 -6.27 -21.57 37.74
N PRO A 259 -6.35 -20.40 38.34
CA PRO A 259 -6.20 -20.30 39.83
C PRO A 259 -7.32 -21.04 40.56
N ILE A 260 -6.96 -21.72 41.65
CA ILE A 260 -7.95 -22.45 42.45
C ILE A 260 -7.54 -22.56 43.92
N MET A 261 -6.23 -22.52 44.18
CA MET A 261 -5.73 -22.68 45.55
C MET A 261 -4.65 -21.65 45.85
N GLY B 1 16.33 10.48 -38.75
CA GLY B 1 16.23 11.97 -38.59
C GLY B 1 16.04 12.62 -39.95
N ALA B 2 14.98 12.21 -40.62
CA ALA B 2 14.69 12.75 -41.92
C ALA B 2 13.26 12.39 -42.30
N SER B 3 12.76 12.98 -43.41
CA SER B 3 11.41 12.71 -43.88
C SER B 3 11.25 11.27 -44.37
N PHE B 4 12.35 10.63 -44.62
CA PHE B 4 12.32 9.24 -45.14
C PHE B 4 12.06 8.24 -44.04
N GLN B 5 13.01 8.17 -43.10
CA GLN B 5 12.91 7.28 -41.95
C GLN B 5 11.78 7.66 -40.99
N SER B 6 11.61 8.97 -40.78
CA SER B 6 10.59 9.43 -39.85
C SER B 6 9.23 8.93 -40.32
N PHE B 7 8.98 9.03 -41.63
CA PHE B 7 7.74 8.54 -42.23
C PHE B 7 6.67 9.64 -42.20
N GLY B 8 6.61 10.44 -43.27
CA GLY B 8 5.63 11.53 -43.36
C GLY B 8 4.21 10.99 -43.37
N ILE B 9 3.35 11.63 -44.16
CA ILE B 9 1.93 11.25 -44.27
C ILE B 9 1.11 11.88 -43.13
N PRO B 10 0.22 12.85 -43.41
CA PRO B 10 -0.58 13.50 -42.32
C PRO B 10 -1.52 12.49 -41.64
N GLY B 11 -1.85 11.42 -42.37
CA GLY B 11 -2.74 10.40 -41.84
C GLY B 11 -2.16 9.73 -40.61
N GLN B 12 -0.85 9.50 -40.60
CA GLN B 12 -0.21 8.88 -39.45
C GLN B 12 -0.31 9.82 -38.24
N LEU B 13 -0.16 11.10 -38.51
CA LEU B 13 -0.17 12.12 -37.43
C LEU B 13 -1.52 12.17 -36.68
N GLU B 14 -2.62 12.10 -37.41
CA GLU B 14 -3.96 12.15 -36.81
C GLU B 14 -4.21 10.89 -35.91
N VAL B 15 -3.57 9.81 -36.34
CA VAL B 15 -3.62 8.53 -35.60
C VAL B 15 -2.97 8.67 -34.21
N ILE B 16 -1.80 9.30 -34.19
CA ILE B 16 -1.09 9.45 -32.94
C ILE B 16 -1.89 10.32 -31.98
N LYS B 17 -2.46 11.41 -32.52
CA LYS B 17 -3.24 12.33 -31.70
C LYS B 17 -4.50 11.71 -31.10
N LYS B 18 -5.24 10.91 -31.87
CA LYS B 18 -6.45 10.31 -31.30
C LYS B 18 -6.07 9.39 -30.15
N ALA B 19 -4.99 8.65 -30.33
CA ALA B 19 -4.56 7.70 -29.30
C ALA B 19 -4.24 8.43 -28.00
N LEU B 20 -3.61 9.59 -28.09
CA LEU B 20 -3.34 10.39 -26.91
C LEU B 20 -4.66 10.86 -26.26
N ASP B 21 -5.61 11.27 -27.11
CA ASP B 21 -6.92 11.76 -26.66
C ASP B 21 -7.72 10.68 -25.93
N HIS B 22 -7.64 9.44 -26.41
CA HIS B 22 -8.38 8.34 -25.78
C HIS B 22 -8.01 8.17 -24.30
N VAL B 23 -6.73 8.31 -23.97
CA VAL B 23 -6.30 8.18 -22.57
C VAL B 23 -5.77 9.52 -22.07
N ARG B 24 -6.27 9.95 -20.91
CA ARG B 24 -5.88 11.24 -20.34
C ARG B 24 -4.45 11.25 -19.81
N VAL B 25 -3.57 11.95 -20.54
CA VAL B 25 -2.20 12.09 -20.10
C VAL B 25 -1.68 13.47 -20.42
N GLY B 26 -1.02 14.09 -19.48
CA GLY B 26 -0.57 15.45 -19.70
C GLY B 26 0.80 15.53 -20.35
N VAL B 27 0.81 15.71 -21.66
CA VAL B 27 2.04 15.92 -22.40
C VAL B 27 1.86 17.20 -23.19
N VAL B 28 2.82 18.13 -23.09
CA VAL B 28 2.73 19.37 -23.85
C VAL B 28 4.10 19.73 -24.42
N ILE B 29 4.09 20.53 -25.50
CA ILE B 29 5.36 20.98 -26.11
C ILE B 29 5.50 22.51 -26.07
N THR B 30 6.62 22.90 -25.50
CA THR B 30 6.93 24.33 -25.32
C THR B 30 7.94 24.72 -26.35
N ASP B 31 8.05 26.01 -26.65
CA ASP B 31 9.00 26.47 -27.67
C ASP B 31 9.89 27.58 -27.07
N PRO B 32 11.10 27.28 -26.70
CA PRO B 32 12.01 28.30 -26.10
C PRO B 32 12.36 29.41 -27.10
N ALA B 33 12.16 29.13 -28.39
CA ALA B 33 12.47 30.12 -29.41
C ALA B 33 11.59 31.35 -29.24
N LEU B 34 10.32 31.16 -28.89
CA LEU B 34 9.40 32.31 -28.73
C LEU B 34 9.64 33.04 -27.39
N GLU B 35 8.68 33.87 -27.00
CA GLU B 35 8.80 34.64 -25.76
C GLU B 35 8.28 33.89 -24.54
N ASP B 36 9.09 33.84 -23.49
CA ASP B 36 8.72 33.20 -22.24
C ASP B 36 8.35 31.75 -22.48
N ASN B 37 9.04 31.09 -23.41
CA ASN B 37 8.78 29.68 -23.70
C ASN B 37 7.30 29.30 -23.53
N PRO B 38 6.45 29.80 -24.39
CA PRO B 38 4.98 29.53 -24.36
C PRO B 38 4.67 28.11 -24.80
N ILE B 39 3.52 27.60 -24.37
CA ILE B 39 3.11 26.25 -24.73
C ILE B 39 2.33 26.34 -26.04
N VAL B 40 2.74 25.52 -27.02
CA VAL B 40 2.08 25.50 -28.32
C VAL B 40 1.25 24.23 -28.54
N TYR B 41 1.79 23.07 -28.16
CA TYR B 41 1.07 21.81 -28.35
C TYR B 41 0.34 21.39 -27.09
N VAL B 42 -0.96 21.19 -27.23
CA VAL B 42 -1.80 20.74 -26.12
C VAL B 42 -2.85 19.77 -26.66
N ASN B 43 -3.16 18.71 -25.91
CA ASN B 43 -4.19 17.76 -26.35
C ASN B 43 -5.50 18.04 -25.61
N GLN B 44 -6.60 17.53 -26.16
CA GLN B 44 -7.92 17.73 -25.56
C GLN B 44 -8.01 17.09 -24.17
N GLY B 45 -7.39 15.92 -24.01
CA GLY B 45 -7.42 15.21 -22.73
C GLY B 45 -6.80 16.05 -21.62
N PHE B 46 -5.91 16.95 -21.99
CA PHE B 46 -5.25 17.83 -21.04
C PHE B 46 -6.29 18.66 -20.29
N VAL B 47 -7.24 19.18 -21.06
CA VAL B 47 -8.30 20.01 -20.52
C VAL B 47 -9.14 19.24 -19.51
N GLN B 48 -9.51 18.01 -19.84
CA GLN B 48 -10.33 17.22 -18.93
C GLN B 48 -9.55 16.96 -17.64
N MET B 49 -8.28 16.60 -17.77
CA MET B 49 -7.44 16.33 -16.61
C MET B 49 -7.25 17.53 -15.70
N THR B 50 -7.02 18.71 -16.28
CA THR B 50 -6.79 19.90 -15.47
C THR B 50 -8.08 20.72 -15.27
N GLY B 51 -9.08 20.43 -16.08
CA GLY B 51 -10.37 21.10 -15.98
C GLY B 51 -10.26 22.54 -16.49
N TYR B 52 -9.20 22.78 -17.29
CA TYR B 52 -8.96 24.09 -17.88
C TYR B 52 -9.18 24.04 -19.38
N GLU B 53 -9.69 25.12 -19.95
CA GLU B 53 -9.92 25.16 -21.38
C GLU B 53 -8.60 25.30 -22.16
N THR B 54 -8.59 24.74 -23.35
CA THR B 54 -7.39 24.74 -24.19
C THR B 54 -6.94 26.16 -24.56
N GLU B 55 -7.91 27.02 -24.81
CA GLU B 55 -7.57 28.39 -25.21
C GLU B 55 -6.85 29.15 -24.09
N GLU B 56 -7.25 28.94 -22.85
CA GLU B 56 -6.60 29.55 -21.69
C GLU B 56 -5.21 28.96 -21.35
N ILE B 57 -5.02 27.67 -21.62
CA ILE B 57 -3.73 27.05 -21.35
C ILE B 57 -2.72 27.64 -22.37
N LEU B 58 -2.99 27.38 -23.65
CA LEU B 58 -2.10 27.84 -24.71
C LEU B 58 -1.77 29.32 -24.52
N GLY B 59 -0.47 29.66 -24.64
CA GLY B 59 -0.01 31.04 -24.47
C GLY B 59 0.46 31.33 -23.04
N LYS B 60 0.20 30.41 -22.12
CA LYS B 60 0.55 30.63 -20.71
C LYS B 60 1.31 29.45 -20.08
N ASN B 61 2.18 29.79 -19.12
CA ASN B 61 2.95 28.80 -18.41
C ASN B 61 2.12 28.12 -17.32
N CYS B 62 2.46 26.86 -17.02
CA CYS B 62 1.72 26.08 -16.03
C CYS B 62 1.79 26.69 -14.62
N ARG B 63 2.33 27.91 -14.55
CA ARG B 63 2.51 28.61 -13.27
C ARG B 63 1.19 28.84 -12.52
N PHE B 64 0.09 29.02 -13.24
CA PHE B 64 -1.21 29.20 -12.60
C PHE B 64 -1.62 28.00 -11.74
N LEU B 65 -1.20 26.79 -12.11
CA LEU B 65 -1.58 25.59 -11.36
C LEU B 65 -1.03 25.68 -9.93
N GLN B 66 0.22 26.15 -9.82
CA GLN B 66 0.88 26.24 -8.52
C GLN B 66 -0.05 26.95 -7.53
N GLY B 67 -0.02 26.51 -6.26
CA GLY B 67 -0.79 27.14 -5.20
C GLY B 67 -0.17 26.91 -3.82
N LYS B 68 -1.02 26.94 -2.79
CA LYS B 68 -0.57 26.83 -1.40
C LYS B 68 0.16 25.52 -1.13
N HIS B 69 -0.38 24.44 -1.67
CA HIS B 69 0.20 23.11 -1.46
C HIS B 69 1.47 22.94 -2.30
N THR B 70 1.74 23.86 -3.19
CA THR B 70 2.93 23.76 -4.02
C THR B 70 4.15 23.76 -3.14
N ASP B 71 5.07 22.83 -3.40
CA ASP B 71 6.28 22.72 -2.61
C ASP B 71 7.39 23.59 -3.21
N PRO B 72 7.80 24.66 -2.58
CA PRO B 72 8.87 25.53 -3.14
C PRO B 72 10.14 24.72 -3.44
N ALA B 73 10.46 23.76 -2.57
CA ALA B 73 11.69 22.99 -2.74
C ALA B 73 11.66 22.27 -4.08
N GLU B 74 10.51 21.74 -4.42
CA GLU B 74 10.35 21.06 -5.70
C GLU B 74 10.47 22.07 -6.83
N VAL B 75 9.93 23.26 -6.63
CA VAL B 75 10.01 24.31 -7.65
C VAL B 75 11.47 24.70 -7.89
N ASP B 76 12.22 24.87 -6.81
CA ASP B 76 13.63 25.25 -6.89
C ASP B 76 14.44 24.17 -7.60
N ASN B 77 14.12 22.90 -7.37
CA ASN B 77 14.86 21.84 -8.03
C ASN B 77 14.66 21.98 -9.55
N ILE B 78 13.43 22.26 -9.96
CA ILE B 78 13.14 22.37 -11.39
C ILE B 78 13.89 23.52 -12.01
N ARG B 79 13.92 24.64 -11.33
CA ARG B 79 14.60 25.82 -11.82
C ARG B 79 16.08 25.52 -11.98
N THR B 80 16.63 24.82 -10.99
CA THR B 80 18.04 24.45 -11.03
C THR B 80 18.34 23.57 -12.26
N ALA B 81 17.48 22.60 -12.50
CA ALA B 81 17.66 21.65 -13.63
C ALA B 81 17.65 22.33 -14.99
N LEU B 82 16.72 23.26 -15.18
CA LEU B 82 16.63 23.94 -16.47
C LEU B 82 17.93 24.69 -16.72
N GLN B 83 18.45 25.35 -15.69
CA GLN B 83 19.69 26.10 -15.82
C GLN B 83 20.81 25.12 -16.15
N ASN B 84 20.77 23.96 -15.51
CA ASN B 84 21.75 22.92 -15.73
C ASN B 84 21.42 22.11 -16.97
N LYS B 85 20.29 22.39 -17.61
CA LYS B 85 19.93 21.68 -18.84
C LYS B 85 20.05 20.16 -18.67
N GLU B 86 19.47 19.65 -17.59
CA GLU B 86 19.49 18.20 -17.33
C GLU B 86 18.10 17.71 -16.95
N PRO B 87 17.71 16.51 -17.33
CA PRO B 87 16.33 16.01 -17.01
C PRO B 87 16.05 15.88 -15.52
N VAL B 88 14.83 16.27 -15.13
CA VAL B 88 14.44 16.20 -13.71
C VAL B 88 13.01 15.71 -13.52
N THR B 89 12.82 14.82 -12.57
CA THR B 89 11.48 14.30 -12.28
C THR B 89 11.12 14.61 -10.84
N VAL B 90 10.03 15.34 -10.65
CA VAL B 90 9.56 15.72 -9.31
C VAL B 90 8.04 15.61 -9.19
N GLN B 91 7.53 15.55 -7.95
CA GLN B 91 6.09 15.53 -7.74
C GLN B 91 5.66 16.82 -7.01
N ILE B 92 4.76 17.56 -7.66
CA ILE B 92 4.34 18.85 -7.16
C ILE B 92 2.83 18.97 -7.08
N GLN B 93 2.33 19.45 -5.95
CA GLN B 93 0.90 19.64 -5.72
C GLN B 93 0.40 20.81 -6.56
N ASN B 94 -0.81 20.67 -7.11
CA ASN B 94 -1.37 21.70 -7.97
C ASN B 94 -2.85 21.99 -7.61
N TYR B 95 -3.44 22.92 -8.36
CA TYR B 95 -4.85 23.29 -8.21
C TYR B 95 -5.59 23.29 -9.54
N LYS B 96 -6.89 22.99 -9.51
CA LYS B 96 -7.71 23.04 -10.73
C LYS B 96 -8.57 24.29 -10.74
N LYS B 97 -9.40 24.42 -11.76
CA LYS B 97 -10.28 25.56 -11.90
C LYS B 97 -11.25 25.67 -10.73
N ASP B 98 -11.73 24.54 -10.19
CA ASP B 98 -12.66 24.60 -9.05
C ASP B 98 -11.95 24.64 -7.69
N GLY B 99 -10.62 24.61 -7.68
CA GLY B 99 -9.87 24.66 -6.42
C GLY B 99 -9.56 23.27 -5.90
N THR B 100 -9.92 22.24 -6.65
CA THR B 100 -9.61 20.90 -6.24
C THR B 100 -8.09 20.69 -6.30
N MET B 101 -7.54 20.16 -5.22
CA MET B 101 -6.10 19.92 -5.14
C MET B 101 -5.82 18.53 -5.66
N PHE B 102 -4.71 18.35 -6.37
CA PHE B 102 -4.36 17.02 -6.87
C PHE B 102 -2.84 16.95 -7.03
N TRP B 103 -2.29 15.75 -7.14
CA TRP B 103 -0.85 15.61 -7.32
C TRP B 103 -0.50 15.47 -8.80
N ASN B 104 0.60 16.12 -9.17
CA ASN B 104 1.03 16.14 -10.56
C ASN B 104 2.55 15.87 -10.77
N GLU B 105 2.83 14.70 -11.25
CA GLU B 105 4.24 14.32 -11.50
C GLU B 105 4.73 15.04 -12.75
N LEU B 106 5.81 15.80 -12.62
CA LEU B 106 6.36 16.57 -13.75
C LEU B 106 7.72 16.05 -14.20
N ASN B 107 7.81 15.73 -15.50
CA ASN B 107 9.07 15.28 -16.09
C ASN B 107 9.48 16.27 -17.18
N ILE B 108 10.71 16.76 -17.09
CA ILE B 108 11.27 17.69 -18.08
C ILE B 108 12.54 17.10 -18.66
N ASP B 109 12.67 17.15 -20.00
CA ASP B 109 13.86 16.63 -20.66
C ASP B 109 14.20 17.52 -21.87
N PRO B 110 15.41 18.04 -21.97
CA PRO B 110 15.81 18.93 -23.11
C PRO B 110 15.95 18.15 -24.41
N MET B 111 15.74 18.84 -25.54
CA MET B 111 15.90 18.20 -26.86
C MET B 111 16.80 19.06 -27.73
N GLU B 112 17.66 18.41 -28.52
CA GLU B 112 18.55 19.14 -29.41
C GLU B 112 18.11 18.80 -30.80
N ILE B 113 17.52 19.76 -31.54
CA ILE B 113 17.08 19.52 -32.91
C ILE B 113 17.46 20.68 -33.85
N GLU B 114 18.12 20.34 -34.95
CA GLU B 114 18.50 21.35 -35.93
C GLU B 114 19.27 22.47 -35.23
N ASP B 115 20.08 22.10 -34.25
CA ASP B 115 20.87 23.06 -33.47
C ASP B 115 19.95 24.01 -32.73
N LYS B 116 18.82 23.49 -32.27
CA LYS B 116 17.86 24.28 -31.49
C LYS B 116 17.45 23.46 -30.26
N THR B 117 17.10 24.15 -29.17
CA THR B 117 16.72 23.47 -27.92
C THR B 117 15.21 23.44 -27.79
N TYR B 118 14.67 22.48 -27.06
CA TYR B 118 13.21 22.35 -26.89
C TYR B 118 12.87 21.74 -25.53
N PHE B 119 11.77 22.19 -24.93
CA PHE B 119 11.36 21.67 -23.60
C PHE B 119 9.97 21.03 -23.65
N VAL B 120 9.83 19.90 -22.95
CA VAL B 120 8.58 19.15 -22.95
C VAL B 120 8.14 18.89 -21.52
N GLY B 121 6.86 19.06 -21.26
CA GLY B 121 6.33 18.81 -19.93
C GLY B 121 5.38 17.62 -19.93
N ILE B 122 5.66 16.67 -19.05
CA ILE B 122 4.83 15.47 -18.94
C ILE B 122 4.15 15.47 -17.59
N GLN B 123 2.83 15.30 -17.59
CA GLN B 123 2.08 15.27 -16.34
C GLN B 123 1.42 13.91 -16.20
N ASN B 124 1.71 13.24 -15.10
CA ASN B 124 1.15 11.92 -14.82
C ASN B 124 0.39 11.99 -13.48
N ASP B 125 -0.87 11.61 -13.54
CA ASP B 125 -1.76 11.67 -12.38
C ASP B 125 -1.47 10.55 -11.37
N ILE B 126 -1.25 10.92 -10.09
CA ILE B 126 -1.00 9.95 -9.01
C ILE B 126 -2.32 9.72 -8.22
N THR B 127 -3.43 10.09 -8.87
CA THR B 127 -4.79 9.87 -8.34
C THR B 127 -5.14 8.37 -8.21
N LYS B 128 -4.82 7.57 -9.22
CA LYS B 128 -5.16 6.15 -9.20
C LYS B 128 -4.47 5.50 -8.01
N GLN B 129 -3.20 5.84 -7.83
CA GLN B 129 -2.37 5.31 -6.74
C GLN B 129 -2.91 5.76 -5.35
N LYS B 130 -3.44 6.96 -5.36
CA LYS B 130 -4.10 7.49 -4.18
C LYS B 130 -5.30 6.67 -3.83
N GLU B 131 -6.07 6.28 -4.84
CA GLU B 131 -7.24 5.48 -4.57
C GLU B 131 -6.78 4.15 -3.99
N TYR B 132 -5.72 3.57 -4.54
CA TYR B 132 -5.21 2.30 -4.07
C TYR B 132 -4.78 2.37 -2.60
N GLU B 133 -4.06 3.43 -2.22
CA GLU B 133 -3.63 3.56 -0.84
C GLU B 133 -4.85 3.70 0.08
N LYS B 134 -5.85 4.42 -0.42
CA LYS B 134 -7.10 4.61 0.31
C LYS B 134 -7.81 3.27 0.54
N LEU B 135 -7.78 2.40 -0.47
CA LEU B 135 -8.41 1.08 -0.35
C LEU B 135 -7.72 0.28 0.75
N LEU B 136 -6.40 0.39 0.78
CA LEU B 136 -5.59 -0.27 1.81
C LEU B 136 -5.91 0.24 3.21
N GLU B 137 -6.09 1.56 3.29
CA GLU B 137 -6.39 2.22 4.53
C GLU B 137 -7.74 1.77 5.06
N ASP B 138 -8.69 1.56 4.18
CA ASP B 138 -10.00 1.07 4.62
C ASP B 138 -9.85 -0.32 5.24
N SER B 139 -9.05 -1.20 4.59
CA SER B 139 -8.83 -2.54 5.10
C SER B 139 -8.17 -2.46 6.47
N LEU B 140 -7.18 -1.58 6.58
CA LEU B 140 -6.42 -1.44 7.81
C LEU B 140 -7.36 -0.99 8.91
N THR B 141 -8.27 -0.09 8.56
CA THR B 141 -9.24 0.41 9.51
C THR B 141 -10.15 -0.70 10.05
N GLU B 142 -10.66 -1.57 9.17
CA GLU B 142 -11.51 -2.66 9.63
C GLU B 142 -10.68 -3.60 10.47
N ILE B 143 -9.46 -3.83 9.99
CA ILE B 143 -8.50 -4.69 10.65
C ILE B 143 -8.10 -4.09 12.01
N THR B 144 -7.88 -2.77 12.05
CA THR B 144 -7.47 -2.13 13.31
C THR B 144 -8.51 -2.27 14.42
N ALA B 145 -9.80 -2.04 14.11
CA ALA B 145 -10.81 -2.19 15.15
C ALA B 145 -10.86 -3.65 15.62
N LEU B 146 -10.75 -4.57 14.67
CA LEU B 146 -10.71 -6.01 14.97
C LEU B 146 -9.47 -6.42 15.77
N SER B 147 -8.29 -5.85 15.40
CA SER B 147 -7.07 -6.23 16.11
C SER B 147 -7.26 -5.85 17.52
N THR B 148 -7.85 -4.66 17.75
CA THR B 148 -8.13 -4.19 19.12
C THR B 148 -8.37 -5.37 20.05
N PRO B 149 -7.32 -5.95 20.59
CA PRO B 149 -7.45 -7.17 21.45
C PRO B 149 -8.27 -7.00 22.72
N ILE B 150 -8.93 -8.11 23.11
CA ILE B 150 -9.66 -8.16 24.36
C ILE B 150 -9.14 -9.39 25.14
N VAL B 151 -8.56 -9.13 26.30
CA VAL B 151 -8.03 -10.23 27.12
C VAL B 151 -8.16 -9.89 28.59
N PRO B 152 -9.22 -10.28 29.27
CA PRO B 152 -9.33 -9.92 30.71
C PRO B 152 -8.16 -10.55 31.46
N ILE B 153 -7.55 -9.79 32.37
CA ILE B 153 -6.46 -10.32 33.14
C ILE B 153 -6.95 -11.39 34.12
N ARG B 154 -8.07 -11.12 34.80
CA ARG B 154 -8.65 -12.06 35.76
C ARG B 154 -10.14 -11.74 35.89
N ASN B 155 -10.72 -12.10 37.03
CA ASN B 155 -12.14 -11.83 37.28
C ASN B 155 -12.32 -10.45 37.85
N GLY B 156 -12.86 -9.51 37.06
CA GLY B 156 -13.04 -8.14 37.50
C GLY B 156 -11.91 -7.25 36.99
N ILE B 157 -10.81 -7.88 36.57
CA ILE B 157 -9.63 -7.15 36.12
C ILE B 157 -9.45 -7.27 34.61
N SER B 158 -9.38 -6.11 33.95
CA SER B 158 -9.19 -6.06 32.50
C SER B 158 -8.14 -5.01 32.12
N ALA B 159 -7.42 -5.24 31.02
CA ALA B 159 -6.40 -4.30 30.59
C ALA B 159 -6.55 -4.03 29.10
N LEU B 160 -6.22 -2.81 28.69
CA LEU B 160 -6.30 -2.42 27.28
C LEU B 160 -5.09 -1.58 26.91
N PRO B 161 -3.95 -2.22 26.69
CA PRO B 161 -2.68 -1.51 26.36
C PRO B 161 -2.66 -0.89 24.96
N LEU B 162 -1.96 0.25 24.82
CA LEU B 162 -1.85 0.95 23.55
C LEU B 162 -0.39 0.89 23.07
N VAL B 163 -0.21 0.56 21.79
CA VAL B 163 1.11 0.52 21.18
C VAL B 163 1.07 1.33 19.90
N GLY B 164 2.05 2.22 19.66
CA GLY B 164 2.07 3.00 18.43
C GLY B 164 1.88 4.50 18.73
N ASN B 165 2.12 5.35 17.73
CA ASN B 165 2.01 6.81 17.92
C ASN B 165 0.61 7.37 17.65
N LEU B 166 -0.08 7.74 18.71
CA LEU B 166 -1.48 8.18 18.60
C LEU B 166 -1.65 9.49 17.79
N THR B 167 -2.13 9.30 16.55
CA THR B 167 -2.43 10.40 15.64
C THR B 167 -3.85 10.94 15.87
N GLU B 168 -4.13 12.08 15.26
CA GLU B 168 -5.45 12.67 15.36
C GLU B 168 -6.49 11.76 14.69
N GLU B 169 -6.15 11.15 13.55
CA GLU B 169 -7.09 10.30 12.82
C GLU B 169 -7.47 9.03 13.63
N ARG B 170 -6.43 8.49 14.23
CA ARG B 170 -6.53 7.29 15.09
C ARG B 170 -7.45 7.55 16.29
N PHE B 171 -7.40 8.78 16.79
CA PHE B 171 -8.20 9.18 17.96
C PHE B 171 -9.69 8.93 17.82
N ASN B 172 -10.22 8.89 16.60
CA ASN B 172 -11.65 8.62 16.42
C ASN B 172 -12.02 7.23 16.95
N SER B 173 -11.17 6.25 16.69
CA SER B 173 -11.42 4.89 17.14
C SER B 173 -11.54 4.84 18.68
N ILE B 174 -10.67 5.57 19.35
CA ILE B 174 -10.64 5.62 20.83
C ILE B 174 -11.91 6.19 21.43
N VAL B 175 -12.40 7.29 20.88
CA VAL B 175 -13.61 7.92 21.44
C VAL B 175 -14.76 6.94 21.32
N CYS B 176 -14.82 6.25 20.19
CA CYS B 176 -15.88 5.25 19.97
C CYS B 176 -15.79 4.13 21.01
N THR B 177 -14.57 3.79 21.40
CA THR B 177 -14.34 2.74 22.39
C THR B 177 -14.98 3.11 23.72
N LEU B 178 -15.24 4.38 23.90
CA LEU B 178 -15.83 4.89 25.13
C LEU B 178 -17.19 4.24 25.34
N THR B 179 -17.94 4.08 24.26
CA THR B 179 -19.23 3.40 24.33
C THR B 179 -19.07 1.95 24.81
N ASN B 180 -18.07 1.24 24.27
CA ASN B 180 -17.82 -0.17 24.66
C ASN B 180 -17.48 -0.25 26.15
N ILE B 181 -16.70 0.69 26.63
CA ILE B 181 -16.28 0.68 28.03
C ILE B 181 -17.50 0.63 28.96
N LEU B 182 -18.59 1.26 28.54
CA LEU B 182 -19.80 1.23 29.34
C LEU B 182 -20.28 -0.21 29.46
N SER B 183 -20.24 -0.97 28.37
CA SER B 183 -20.63 -2.36 28.41
C SER B 183 -19.70 -3.17 29.33
N THR B 184 -18.44 -2.77 29.38
CA THR B 184 -17.46 -3.49 30.21
C THR B 184 -17.44 -2.98 31.65
N SER B 185 -18.50 -2.28 32.03
CA SER B 185 -18.59 -1.70 33.37
C SER B 185 -18.54 -2.77 34.44
N LYS B 186 -18.76 -4.02 34.05
CA LYS B 186 -18.73 -5.12 35.01
C LYS B 186 -17.34 -5.24 35.64
N ASP B 187 -16.29 -5.07 34.83
CA ASP B 187 -14.92 -5.21 35.34
C ASP B 187 -14.58 -4.08 36.30
N ASP B 188 -14.37 -4.46 37.56
CA ASP B 188 -14.07 -3.51 38.63
C ASP B 188 -12.76 -2.75 38.41
N TYR B 189 -11.73 -3.47 37.96
CA TYR B 189 -10.42 -2.85 37.76
C TYR B 189 -10.05 -2.83 36.28
N LEU B 190 -9.61 -1.65 35.82
CA LEU B 190 -9.18 -1.50 34.43
C LEU B 190 -7.75 -0.96 34.33
N ILE B 191 -6.84 -1.74 33.71
CA ILE B 191 -5.43 -1.32 33.60
C ILE B 191 -5.09 -0.89 32.19
N ILE B 192 -4.56 0.33 32.05
CA ILE B 192 -4.18 0.83 30.72
C ILE B 192 -2.67 1.06 30.56
N ASP B 193 -2.05 0.32 29.65
CA ASP B 193 -0.60 0.41 29.47
C ASP B 193 -0.20 1.48 28.46
N LEU B 194 0.46 2.55 28.92
CA LEU B 194 0.94 3.60 28.03
C LEU B 194 2.39 3.36 27.64
N SER B 195 2.99 2.29 28.17
CA SER B 195 4.40 1.99 27.88
C SER B 195 4.61 1.75 26.40
N GLY B 196 3.66 1.13 25.75
CA GLY B 196 3.82 0.84 24.34
C GLY B 196 3.95 2.14 23.58
N LEU B 197 3.22 3.15 24.01
CA LEU B 197 3.24 4.43 23.32
C LEU B 197 4.57 5.13 23.61
N ALA B 198 5.21 5.65 22.57
CA ALA B 198 6.48 6.33 22.77
C ALA B 198 6.30 7.53 23.67
N GLN B 199 5.32 8.41 23.41
CA GLN B 199 5.12 9.61 24.20
C GLN B 199 3.63 9.85 24.58
N VAL B 200 3.37 10.72 25.54
CA VAL B 200 1.98 11.02 25.87
C VAL B 200 1.73 12.51 25.67
N ASN B 201 0.64 12.83 24.95
CA ASN B 201 0.29 14.21 24.66
C ASN B 201 -0.55 14.81 25.81
N GLU B 202 -0.45 16.12 25.98
CA GLU B 202 -1.17 16.82 27.05
C GLU B 202 -2.69 16.69 26.86
N GLN B 203 -3.15 16.66 25.61
CA GLN B 203 -4.58 16.50 25.34
C GLN B 203 -5.06 15.15 25.88
N THR B 204 -4.16 14.17 25.84
CA THR B 204 -4.45 12.82 26.32
C THR B 204 -4.82 12.85 27.80
N ALA B 205 -4.06 13.60 28.59
CA ALA B 205 -4.30 13.68 30.01
C ALA B 205 -5.71 14.17 30.33
N ASP B 206 -6.26 15.00 29.47
CA ASP B 206 -7.64 15.45 29.65
C ASP B 206 -8.60 14.27 29.53
N GLN B 207 -8.32 13.37 28.60
CA GLN B 207 -9.13 12.17 28.38
C GLN B 207 -9.06 11.21 29.56
N ILE B 208 -7.88 11.08 30.16
CA ILE B 208 -7.71 10.17 31.29
C ILE B 208 -8.61 10.64 32.45
N PHE B 209 -8.58 11.95 32.67
CA PHE B 209 -9.37 12.58 33.74
C PHE B 209 -10.88 12.37 33.53
N LYS B 210 -11.37 12.54 32.31
CA LYS B 210 -12.79 12.36 32.07
C LYS B 210 -13.17 10.90 32.38
N LEU B 211 -12.32 9.97 31.95
CA LEU B 211 -12.57 8.54 32.15
C LEU B 211 -12.64 8.18 33.64
N SER B 212 -11.74 8.70 34.46
CA SER B 212 -11.75 8.38 35.89
C SER B 212 -13.05 8.83 36.57
N HIS B 213 -13.53 10.00 36.15
CA HIS B 213 -14.78 10.53 36.70
C HIS B 213 -16.00 9.67 36.33
N LEU B 214 -16.10 9.30 35.05
CA LEU B 214 -17.19 8.45 34.59
C LEU B 214 -17.09 7.07 35.27
N LEU B 215 -15.84 6.59 35.30
CA LEU B 215 -15.55 5.28 35.90
C LEU B 215 -15.89 5.28 37.41
N LYS B 216 -15.52 6.34 38.10
CA LYS B 216 -15.74 6.42 39.55
C LYS B 216 -17.24 6.39 39.87
N LEU B 217 -18.05 7.07 39.06
CA LEU B 217 -19.50 7.03 39.24
C LEU B 217 -20.05 5.60 39.04
N THR B 218 -19.54 4.94 38.02
CA THR B 218 -19.97 3.58 37.67
C THR B 218 -19.36 2.59 38.65
N GLY B 219 -18.39 3.08 39.40
CA GLY B 219 -17.70 2.23 40.37
C GLY B 219 -16.72 1.36 39.59
N THR B 220 -15.64 1.96 39.12
CA THR B 220 -14.61 1.19 38.40
C THR B 220 -13.22 1.76 38.50
N GLU B 221 -12.40 1.20 39.37
CA GLU B 221 -11.06 1.72 39.58
C GLU B 221 -10.25 1.70 38.28
N LEU B 222 -9.48 2.78 38.07
CA LEU B 222 -8.64 2.91 36.86
C LEU B 222 -7.16 2.96 37.18
N ILE B 223 -6.41 2.02 36.63
CA ILE B 223 -4.97 1.93 36.88
C ILE B 223 -4.18 2.31 35.62
N ILE B 224 -3.21 3.22 35.79
CA ILE B 224 -2.39 3.67 34.66
C ILE B 224 -0.97 3.16 34.83
N THR B 225 -0.41 2.49 33.83
CA THR B 225 0.95 1.96 33.94
C THR B 225 1.79 2.25 32.70
N GLY B 226 3.09 2.22 32.92
CA GLY B 226 4.03 2.52 31.87
C GLY B 226 4.38 3.99 31.85
N ILE B 227 4.06 4.72 32.91
CA ILE B 227 4.34 6.14 32.94
C ILE B 227 5.78 6.42 33.30
N LYS B 228 6.44 7.20 32.47
CA LYS B 228 7.84 7.53 32.68
C LYS B 228 8.01 8.39 33.94
N PRO B 229 9.03 8.17 34.76
CA PRO B 229 9.24 9.00 35.97
C PRO B 229 9.32 10.50 35.65
N GLU B 230 9.93 10.84 34.52
CA GLU B 230 10.07 12.26 34.16
C GLU B 230 8.67 12.85 33.98
N LEU B 231 7.82 12.08 33.28
CA LEU B 231 6.46 12.52 32.97
C LEU B 231 5.63 12.73 34.26
N ALA B 232 5.78 11.81 35.21
CA ALA B 232 5.01 11.91 36.47
C ALA B 232 5.38 13.17 37.24
N MET B 233 6.64 13.55 37.21
CA MET B 233 7.08 14.75 37.90
C MET B 233 6.39 15.98 37.30
N LYS B 234 6.29 16.00 35.97
CA LYS B 234 5.65 17.12 35.28
C LYS B 234 4.16 17.18 35.71
N MET B 235 3.55 16.01 35.76
CA MET B 235 2.13 15.85 36.12
C MET B 235 1.85 16.27 37.55
N ASN B 236 2.81 16.00 38.44
CA ASN B 236 2.64 16.32 39.84
C ASN B 236 2.46 17.82 40.02
N LYS B 237 3.22 18.59 39.26
CA LYS B 237 3.12 20.03 39.32
C LYS B 237 1.73 20.47 38.87
N LEU B 238 1.20 19.87 37.78
CA LEU B 238 -0.12 20.25 37.28
C LEU B 238 -1.25 19.97 38.31
N ASP B 239 -1.18 18.80 38.94
CA ASP B 239 -2.23 18.42 39.90
C ASP B 239 -1.76 17.34 40.84
N ALA B 240 -1.98 17.49 42.15
CA ALA B 240 -1.59 16.42 43.05
C ALA B 240 -2.38 15.18 42.66
N ASN B 241 -3.68 15.37 42.47
CA ASN B 241 -4.62 14.28 42.17
C ASN B 241 -4.07 13.30 41.15
N PHE B 242 -3.08 13.70 40.39
CA PHE B 242 -2.50 12.79 39.44
C PHE B 242 -1.93 11.56 40.16
N SER B 243 -1.20 11.81 41.25
CA SER B 243 -0.60 10.70 41.98
C SER B 243 -1.73 9.78 42.41
N SER B 244 -2.83 10.35 42.86
CA SER B 244 -3.98 9.60 43.37
C SER B 244 -4.24 8.30 42.63
N LEU B 245 -3.95 8.23 41.34
CA LEU B 245 -4.15 6.98 40.60
C LEU B 245 -2.90 6.13 40.65
N LYS B 246 -3.05 4.86 40.98
CA LYS B 246 -1.91 3.97 41.13
C LYS B 246 -1.12 3.90 39.82
N THR B 247 0.21 4.00 39.96
CA THR B 247 1.09 3.95 38.82
C THR B 247 2.16 2.89 38.97
N TYR B 248 2.30 2.03 37.98
CA TYR B 248 3.32 0.98 37.99
C TYR B 248 4.34 1.26 36.89
N SER B 249 5.60 0.94 37.17
CA SER B 249 6.67 1.18 36.21
C SER B 249 6.48 0.32 34.95
N ASN B 250 5.94 -0.88 35.15
CA ASN B 250 5.69 -1.79 34.05
C ASN B 250 4.44 -2.65 34.27
N VAL B 251 3.91 -3.20 33.19
CA VAL B 251 2.75 -4.08 33.24
C VAL B 251 3.04 -5.37 33.99
N LYS B 252 4.19 -5.98 33.72
CA LYS B 252 4.52 -7.25 34.36
C LYS B 252 4.59 -7.04 35.87
N ASP B 253 5.26 -5.96 36.27
CA ASP B 253 5.41 -5.64 37.68
C ASP B 253 4.08 -5.40 38.38
N ALA B 254 3.19 -4.64 37.75
CA ALA B 254 1.88 -4.39 38.36
C ALA B 254 1.09 -5.68 38.47
N VAL B 255 1.15 -6.49 37.44
CA VAL B 255 0.43 -7.75 37.44
C VAL B 255 0.95 -8.68 38.53
N LYS B 256 2.27 -8.80 38.64
CA LYS B 256 2.85 -9.71 39.64
C LYS B 256 2.48 -9.26 41.07
N VAL B 257 2.68 -7.98 41.33
CA VAL B 257 2.39 -7.41 42.64
C VAL B 257 0.89 -7.45 42.95
N LEU B 258 0.05 -7.15 41.95
CA LEU B 258 -1.40 -7.12 42.16
C LEU B 258 -1.83 -8.14 43.24
N PRO B 259 -1.84 -9.42 42.93
CA PRO B 259 -2.27 -10.45 43.94
C PRO B 259 -1.35 -10.45 45.17
N ILE B 260 -1.91 -10.61 46.39
CA ILE B 260 -1.07 -10.66 47.61
C ILE B 260 -1.78 -11.38 48.77
N MET B 261 -3.09 -11.58 48.66
CA MET B 261 -3.84 -12.24 49.73
C MET B 261 -4.93 -13.14 49.18
N1 FMN C . -0.34 -9.37 -25.86
C2 FMN C . 0.62 -9.30 -24.84
O2 FMN C . 0.79 -10.26 -24.08
N3 FMN C . 1.42 -8.15 -24.72
C4 FMN C . 1.24 -7.08 -25.61
O4 FMN C . 1.96 -6.09 -25.51
C4A FMN C . 0.28 -7.17 -26.61
N5 FMN C . 0.13 -6.15 -27.48
C5A FMN C . -0.81 -6.20 -28.43
C6 FMN C . -1.04 -5.10 -29.23
C7 FMN C . -2.11 -5.09 -30.12
C7M FMN C . -2.33 -3.97 -30.91
C8 FMN C . -2.95 -6.20 -30.21
C8M FMN C . -4.00 -6.22 -31.12
C9 FMN C . -2.71 -7.31 -29.40
C9A FMN C . -1.64 -7.32 -28.51
N10 FMN C . -1.39 -8.39 -27.74
C10 FMN C . -0.51 -8.29 -26.74
C1' FMN C . -2.07 -9.68 -28.01
C2' FMN C . -1.32 -10.35 -29.16
O2' FMN C . -0.56 -9.37 -29.87
C3' FMN C . -2.32 -11.00 -30.12
O3' FMN C . -3.25 -10.01 -30.59
C4' FMN C . -3.09 -12.10 -29.38
O4' FMN C . -2.16 -12.96 -28.71
C5' FMN C . -3.90 -12.92 -30.38
O5' FMN C . -3.03 -13.21 -31.47
P FMN C . -2.53 -14.73 -31.71
O1P FMN C . -1.18 -14.56 -32.32
O2P FMN C . -3.55 -15.30 -32.63
O3P FMN C . -2.53 -15.31 -30.36
HN3 FMN C . 2.09 -8.09 -23.99
H6 FMN C . -0.36 -4.25 -29.19
HM71 FMN C . -3.06 -3.32 -30.43
HM72 FMN C . -2.72 -4.28 -31.89
HM73 FMN C . -1.39 -3.43 -31.05
HM81 FMN C . -4.47 -5.24 -31.16
HM82 FMN C . -4.73 -6.96 -30.79
HM83 FMN C . -3.63 -6.49 -32.10
H9 FMN C . -3.37 -8.17 -29.47
H1'1 FMN C . -3.09 -9.59 -28.35
H1'2 FMN C . -1.93 -10.36 -27.16
H2' FMN C . -0.65 -11.11 -28.77
HO2' FMN C . -1.17 -8.81 -30.44
H3' FMN C . -1.79 -11.43 -30.97
HO3' FMN C . -2.75 -9.20 -30.89
H4' FMN C . -3.76 -11.65 -28.65
HO4' FMN C . -2.45 -13.10 -27.77
H5'1 FMN C . -4.74 -12.38 -30.82
H5'2 FMN C . -4.17 -13.89 -29.94
N1 FMN D . 4.59 23.47 -13.29
C2 FMN D . 3.44 22.88 -12.73
O2 FMN D . 3.10 23.17 -11.57
N3 FMN D . 2.67 22.01 -13.49
C4 FMN D . 3.03 21.73 -14.81
O4 FMN D . 2.32 20.99 -15.50
C4A FMN D . 4.16 22.31 -15.37
N5 FMN D . 4.49 22.09 -16.65
C5A FMN D . 5.60 22.61 -17.18
C6 FMN D . 6.00 22.26 -18.46
C7 FMN D . 7.22 22.69 -18.96
C7M FMN D . 7.61 22.31 -20.23
C8 FMN D . 8.04 23.51 -18.17
C8M FMN D . 9.24 23.99 -18.67
C9 FMN D . 7.63 23.88 -16.89
C9A FMN D . 6.40 23.44 -16.39
N10 FMN D . 6.00 23.79 -15.16
C10 FMN D . 4.95 23.18 -14.61
C1' FMN D . 6.68 24.88 -14.43
C2' FMN D . 6.16 26.20 -14.99
O2' FMN D . 5.57 25.98 -16.27
C3' FMN D . 7.31 27.20 -15.12
O3' FMN D . 8.33 26.64 -15.95
C4' FMN D . 7.90 27.50 -13.74
O4' FMN D . 6.84 27.83 -12.84
C5' FMN D . 8.87 28.67 -13.84
O5' FMN D . 8.22 29.69 -14.61
P FMN D . 7.74 31.05 -13.91
O1P FMN D . 6.55 31.45 -14.68
O2P FMN D . 8.90 31.95 -14.07
O3P FMN D . 7.46 30.65 -12.51
HN3 FMN D . 1.86 21.57 -13.10
H6 FMN D . 5.34 21.66 -19.08
HM71 FMN D . 8.24 21.43 -20.17
HM72 FMN D . 8.17 23.13 -20.70
HM73 FMN D . 6.73 22.09 -20.83
HM81 FMN D . 9.73 23.21 -19.25
HM82 FMN D . 9.88 24.27 -17.84
HM83 FMN D . 9.05 24.85 -19.31
H9 FMN D . 8.27 24.49 -16.28
H1'1 FMN D . 7.76 24.92 -14.58
H1'2 FMN D . 6.37 24.87 -13.38
H2' FMN D . 5.41 26.61 -14.30
HO2' FMN D . 6.28 25.84 -16.95
H3' FMN D . 6.94 28.12 -15.57
HO3' FMN D . 7.90 26.26 -16.78
H4' FMN D . 8.42 26.62 -13.37
HO4' FMN D . 6.94 27.29 -12.00
H5'1 FMN D . 9.79 28.45 -14.37
H5'2 FMN D . 9.02 29.11 -12.85
N GLY A 1 -9.14 17.02 -38.99
CA GLY A 1 -8.92 15.77 -39.77
C GLY A 1 -8.42 16.15 -41.17
N ALA A 2 -7.44 17.05 -41.21
CA ALA A 2 -6.87 17.49 -42.49
C ALA A 2 -5.42 17.95 -42.29
N SER A 3 -4.71 18.22 -43.39
CA SER A 3 -3.33 18.71 -43.33
C SER A 3 -3.28 20.17 -42.83
N PHE A 4 -4.47 20.81 -42.83
CA PHE A 4 -4.60 22.16 -42.30
C PHE A 4 -4.59 22.18 -40.75
N GLN A 5 -5.63 21.60 -40.16
CA GLN A 5 -5.77 21.54 -38.71
C GLN A 5 -4.73 20.63 -38.07
N SER A 6 -4.42 19.52 -38.72
CA SER A 6 -3.48 18.55 -38.16
C SER A 6 -2.14 19.20 -37.92
N PHE A 7 -1.69 20.01 -38.89
CA PHE A 7 -0.43 20.74 -38.78
C PHE A 7 0.78 19.91 -39.21
N GLY A 8 1.06 19.93 -40.51
CA GLY A 8 2.16 19.14 -41.07
C GLY A 8 3.50 19.58 -40.49
N ILE A 9 4.57 19.39 -41.27
CA ILE A 9 5.94 19.73 -40.84
C ILE A 9 6.63 18.51 -40.22
N PRO A 10 7.61 17.92 -40.87
CA PRO A 10 8.31 16.71 -40.32
C PRO A 10 9.04 17.01 -39.02
N GLY A 11 9.38 18.27 -38.79
CA GLY A 11 10.07 18.66 -37.56
C GLY A 11 9.21 18.41 -36.32
N GLN A 12 7.91 18.67 -36.46
CA GLN A 12 7.00 18.43 -35.34
C GLN A 12 6.94 16.93 -35.04
N LEU A 13 6.95 16.13 -36.09
CA LEU A 13 6.90 14.68 -35.98
C LEU A 13 8.11 14.11 -35.24
N GLU A 14 9.30 14.64 -35.52
CA GLU A 14 10.51 14.16 -34.87
C GLU A 14 10.40 14.46 -33.39
N VAL A 15 9.85 15.62 -33.05
CA VAL A 15 9.71 16.05 -31.63
C VAL A 15 8.86 15.06 -30.87
N ILE A 16 7.76 14.65 -31.46
CA ILE A 16 6.86 13.74 -30.78
C ILE A 16 7.58 12.43 -30.49
N LYS A 17 8.33 11.90 -31.46
CA LYS A 17 9.04 10.64 -31.22
C LYS A 17 10.08 10.75 -30.09
N LYS A 18 10.88 11.82 -30.09
CA LYS A 18 11.92 11.90 -29.07
C LYS A 18 11.29 11.90 -27.70
N ALA A 19 10.17 12.59 -27.55
CA ALA A 19 9.51 12.65 -26.25
C ALA A 19 9.10 11.24 -25.81
N LEU A 20 8.57 10.46 -26.73
CA LEU A 20 8.18 9.08 -26.44
C LEU A 20 9.41 8.25 -26.03
N ASP A 21 10.51 8.48 -26.74
CA ASP A 21 11.79 7.78 -26.48
C ASP A 21 12.37 8.12 -25.09
N HIS A 22 12.23 9.36 -24.65
CA HIS A 22 12.77 9.77 -23.35
C HIS A 22 12.15 8.95 -22.21
N VAL A 23 10.87 8.65 -22.30
CA VAL A 23 10.22 7.85 -21.25
C VAL A 23 9.77 6.52 -21.85
N ARG A 24 10.13 5.43 -21.16
CA ARG A 24 9.81 4.09 -21.63
C ARG A 24 8.33 3.77 -21.50
N VAL A 25 7.67 3.68 -22.66
CA VAL A 25 6.27 3.35 -22.75
C VAL A 25 6.07 2.44 -23.93
N GLY A 26 5.18 1.47 -23.80
CA GLY A 26 4.92 0.55 -24.89
C GLY A 26 3.70 0.92 -25.70
N VAL A 27 3.91 1.69 -26.76
CA VAL A 27 2.84 2.04 -27.67
C VAL A 27 3.27 1.62 -29.07
N VAL A 28 2.41 0.90 -29.77
CA VAL A 28 2.72 0.45 -31.12
C VAL A 28 1.51 0.64 -32.01
N ILE A 29 1.74 0.66 -33.33
CA ILE A 29 0.63 0.77 -34.27
C ILE A 29 0.65 -0.44 -35.17
N THR A 30 -0.52 -1.07 -35.32
CA THR A 30 -0.66 -2.23 -36.17
C THR A 30 -1.44 -1.81 -37.41
N ASP A 31 -1.44 -2.64 -38.43
CA ASP A 31 -2.17 -2.34 -39.65
C ASP A 31 -3.02 -3.53 -40.07
N PRO A 32 -4.31 -3.51 -39.85
CA PRO A 32 -5.19 -4.66 -40.21
C PRO A 32 -5.18 -4.92 -41.72
N ALA A 33 -4.87 -3.87 -42.49
CA ALA A 33 -4.85 -3.96 -43.96
C ALA A 33 -3.79 -4.95 -44.46
N LEU A 34 -2.64 -5.00 -43.77
CA LEU A 34 -1.58 -5.94 -44.11
C LEU A 34 -1.85 -7.31 -43.48
N GLU A 35 -1.28 -8.37 -44.05
CA GLU A 35 -1.55 -9.74 -43.56
C GLU A 35 -1.17 -9.94 -42.09
N ASP A 36 -2.05 -10.65 -41.37
CA ASP A 36 -1.86 -10.96 -39.95
C ASP A 36 -1.76 -9.68 -39.07
N ASN A 37 -2.26 -8.58 -39.62
CA ASN A 37 -2.18 -7.28 -38.94
C ASN A 37 -0.81 -7.09 -38.25
N PRO A 38 0.23 -6.96 -39.01
CA PRO A 38 1.63 -6.81 -38.51
C PRO A 38 1.87 -5.46 -37.85
N ILE A 39 2.86 -5.43 -36.95
CA ILE A 39 3.19 -4.18 -36.25
C ILE A 39 4.19 -3.39 -37.07
N VAL A 40 3.83 -2.14 -37.40
CA VAL A 40 4.69 -1.28 -38.20
C VAL A 40 5.39 -0.22 -37.36
N TYR A 41 4.66 0.40 -36.42
CA TYR A 41 5.26 1.47 -35.61
C TYR A 41 5.78 0.93 -34.29
N VAL A 42 7.06 1.17 -34.04
CA VAL A 42 7.71 0.77 -32.80
C VAL A 42 8.72 1.83 -32.39
N ASN A 43 8.82 2.12 -31.10
CA ASN A 43 9.79 3.12 -30.62
C ASN A 43 11.02 2.40 -30.09
N GLN A 44 12.10 3.16 -29.87
CA GLN A 44 13.33 2.58 -29.32
C GLN A 44 13.14 2.11 -27.87
N GLY A 45 12.39 2.89 -27.10
CA GLY A 45 12.12 2.56 -25.71
C GLY A 45 11.42 1.23 -25.60
N PHE A 46 10.70 0.84 -26.65
CA PHE A 46 9.99 -0.43 -26.58
C PHE A 46 11.05 -1.48 -26.34
N VAL A 47 12.15 -1.47 -27.11
CA VAL A 47 13.14 -2.53 -27.01
C VAL A 47 13.71 -2.63 -25.62
N GLN A 48 14.04 -1.53 -25.03
CA GLN A 48 14.61 -1.54 -23.70
C GLN A 48 13.63 -2.10 -22.66
N MET A 49 12.34 -1.77 -22.82
CA MET A 49 11.30 -2.31 -21.94
C MET A 49 11.07 -3.83 -22.08
N THR A 50 11.02 -4.32 -23.33
CA THR A 50 10.78 -5.75 -23.57
C THR A 50 12.08 -6.54 -23.63
N GLY A 51 13.16 -5.84 -23.94
CA GLY A 51 14.46 -6.48 -24.06
C GLY A 51 14.58 -7.22 -25.40
N TYR A 52 13.73 -6.84 -26.35
CA TYR A 52 13.73 -7.42 -27.70
C TYR A 52 14.14 -6.38 -28.74
N GLU A 53 14.97 -6.83 -29.68
CA GLU A 53 15.43 -5.95 -30.74
C GLU A 53 14.26 -5.48 -31.58
N THR A 54 14.36 -4.27 -32.11
CA THR A 54 13.31 -3.69 -32.94
C THR A 54 13.12 -4.44 -34.24
N GLU A 55 14.17 -5.00 -34.80
CA GLU A 55 14.03 -5.74 -36.05
C GLU A 55 13.18 -7.00 -35.86
N GLU A 56 13.42 -7.74 -34.78
CA GLU A 56 12.62 -8.92 -34.53
C GLU A 56 11.17 -8.51 -34.27
N ILE A 57 10.94 -7.47 -33.47
CA ILE A 57 9.57 -7.11 -33.08
C ILE A 57 8.71 -6.73 -34.26
N LEU A 58 9.17 -5.83 -35.11
CA LEU A 58 8.42 -5.46 -36.28
C LEU A 58 8.17 -6.72 -37.08
N GLY A 59 7.02 -6.78 -37.74
CA GLY A 59 6.71 -7.92 -38.60
C GLY A 59 6.12 -9.09 -37.84
N LYS A 60 6.09 -9.04 -36.50
CA LYS A 60 5.54 -10.16 -35.72
C LYS A 60 4.60 -9.69 -34.61
N ASN A 61 3.61 -10.52 -34.27
CA ASN A 61 2.64 -10.18 -33.25
C ASN A 61 3.22 -10.40 -31.86
N CYS A 62 2.74 -9.61 -30.91
CA CYS A 62 3.20 -9.70 -29.54
C CYS A 62 2.87 -11.06 -28.92
N ARG A 63 2.53 -12.05 -29.76
CA ARG A 63 2.20 -13.37 -29.25
C ARG A 63 3.39 -14.00 -28.51
N PHE A 64 4.60 -13.84 -29.03
CA PHE A 64 5.80 -14.43 -28.41
C PHE A 64 6.02 -14.00 -26.95
N LEU A 65 5.42 -12.89 -26.53
CA LEU A 65 5.52 -12.42 -25.14
C LEU A 65 4.79 -13.34 -24.16
N GLN A 66 3.69 -13.91 -24.64
CA GLN A 66 2.87 -14.80 -23.83
C GLN A 66 3.60 -16.08 -23.44
N GLY A 67 3.45 -16.52 -22.18
CA GLY A 67 4.12 -17.74 -21.73
C GLY A 67 3.27 -18.51 -20.69
N LYS A 68 3.94 -19.19 -19.75
CA LYS A 68 3.26 -19.99 -18.73
C LYS A 68 2.35 -19.15 -17.81
N HIS A 69 2.83 -17.98 -17.43
CA HIS A 69 2.09 -17.10 -16.52
C HIS A 69 0.94 -16.38 -17.26
N THR A 70 0.92 -16.53 -18.57
CA THR A 70 -0.12 -15.88 -19.36
C THR A 70 -1.49 -16.42 -18.97
N ASP A 71 -2.40 -15.51 -18.67
CA ASP A 71 -3.75 -15.89 -18.24
C ASP A 71 -4.64 -16.15 -19.47
N PRO A 72 -5.01 -17.38 -19.77
CA PRO A 72 -5.87 -17.69 -20.95
C PRO A 72 -7.19 -16.95 -20.93
N ALA A 73 -7.74 -16.70 -19.74
CA ALA A 73 -9.02 -15.99 -19.65
C ALA A 73 -8.89 -14.56 -20.16
N GLU A 74 -7.78 -13.92 -19.85
CA GLU A 74 -7.53 -12.55 -20.31
C GLU A 74 -7.42 -12.57 -21.84
N VAL A 75 -6.72 -13.57 -22.33
CA VAL A 75 -6.44 -13.71 -23.76
C VAL A 75 -7.76 -13.81 -24.49
N ASP A 76 -8.66 -14.61 -23.92
CA ASP A 76 -9.99 -14.80 -24.49
C ASP A 76 -10.80 -13.48 -24.49
N ASN A 77 -10.66 -12.67 -23.45
CA ASN A 77 -11.37 -11.38 -23.38
C ASN A 77 -10.90 -10.46 -24.51
N ILE A 78 -9.60 -10.48 -24.75
CA ILE A 78 -9.00 -9.64 -25.81
C ILE A 78 -9.53 -10.04 -27.22
N ARG A 79 -9.57 -11.34 -27.42
CA ARG A 79 -10.03 -11.92 -28.68
C ARG A 79 -11.52 -11.54 -28.85
N THR A 80 -12.28 -11.64 -27.76
CA THR A 80 -13.70 -11.29 -27.83
C THR A 80 -13.84 -9.81 -28.23
N ALA A 81 -13.12 -8.92 -27.53
CA ALA A 81 -13.27 -7.47 -27.72
C ALA A 81 -12.99 -7.08 -29.19
N LEU A 82 -11.95 -7.62 -29.83
CA LEU A 82 -11.62 -7.28 -31.20
C LEU A 82 -12.72 -7.67 -32.16
N GLN A 83 -13.32 -8.83 -31.90
CA GLN A 83 -14.42 -9.29 -32.72
C GLN A 83 -15.59 -8.35 -32.52
N ASN A 84 -15.71 -7.79 -31.30
CA ASN A 84 -16.79 -6.87 -30.97
C ASN A 84 -16.39 -5.43 -31.31
N LYS A 85 -15.16 -5.26 -31.79
CA LYS A 85 -14.67 -3.93 -32.16
C LYS A 85 -14.92 -2.93 -31.04
N GLU A 86 -14.69 -3.34 -29.79
CA GLU A 86 -14.90 -2.46 -28.64
C GLU A 86 -13.63 -2.40 -27.80
N PRO A 87 -13.29 -1.27 -27.21
CA PRO A 87 -12.06 -1.15 -26.38
C PRO A 87 -12.06 -2.08 -25.16
N VAL A 88 -10.88 -2.61 -24.84
CA VAL A 88 -10.74 -3.52 -23.70
C VAL A 88 -9.45 -3.23 -22.94
N THR A 89 -9.48 -3.33 -21.60
CA THR A 89 -8.27 -3.16 -20.81
C THR A 89 -8.08 -4.38 -19.92
N VAL A 90 -6.94 -5.05 -20.06
CA VAL A 90 -6.62 -6.21 -19.22
C VAL A 90 -5.15 -6.20 -18.79
N GLN A 91 -4.83 -6.89 -17.70
CA GLN A 91 -3.43 -7.01 -17.25
C GLN A 91 -3.00 -8.40 -17.68
N ILE A 92 -1.80 -8.59 -18.28
CA ILE A 92 -1.38 -9.94 -18.65
C ILE A 92 0.15 -10.16 -18.44
N GLN A 93 0.46 -11.27 -17.78
CA GLN A 93 1.85 -11.64 -17.47
C GLN A 93 2.60 -11.93 -18.78
N ASN A 94 3.82 -11.36 -18.90
CA ASN A 94 4.63 -11.54 -20.11
C ASN A 94 6.08 -11.86 -19.77
N TYR A 95 6.81 -12.51 -20.71
CA TYR A 95 8.20 -12.92 -20.47
C TYR A 95 9.19 -12.20 -21.41
N LYS A 96 10.30 -11.71 -20.86
CA LYS A 96 11.30 -10.98 -21.66
C LYS A 96 12.26 -11.94 -22.38
N LYS A 97 13.27 -11.38 -23.01
CA LYS A 97 14.29 -12.18 -23.69
C LYS A 97 15.03 -13.07 -22.67
N ASP A 98 15.38 -12.48 -21.50
CA ASP A 98 16.11 -13.22 -20.47
C ASP A 98 15.19 -14.06 -19.60
N GLY A 99 13.90 -14.12 -19.94
CA GLY A 99 12.97 -14.98 -19.19
C GLY A 99 12.39 -14.28 -17.97
N THR A 100 12.80 -13.04 -17.77
CA THR A 100 12.29 -12.28 -16.66
C THR A 100 10.78 -12.20 -16.84
N MET A 101 10.03 -12.37 -15.76
CA MET A 101 8.58 -12.28 -15.82
C MET A 101 8.09 -10.95 -15.27
N PHE A 102 7.26 -10.26 -16.05
CA PHE A 102 6.79 -8.96 -15.64
C PHE A 102 5.33 -8.80 -16.02
N TRP A 103 4.64 -7.87 -15.37
CA TRP A 103 3.24 -7.64 -15.70
C TRP A 103 3.14 -6.55 -16.73
N ASN A 104 2.21 -6.70 -17.69
CA ASN A 104 2.09 -5.74 -18.77
C ASN A 104 0.65 -5.36 -19.10
N GLU A 105 0.20 -4.18 -18.70
CA GLU A 105 -1.18 -3.80 -18.93
C GLU A 105 -1.35 -3.59 -20.42
N LEU A 106 -2.46 -4.08 -20.97
CA LEU A 106 -2.73 -3.92 -22.40
C LEU A 106 -4.04 -3.19 -22.67
N ASN A 107 -3.98 -2.09 -23.43
CA ASN A 107 -5.18 -1.36 -23.81
C ASN A 107 -5.34 -1.32 -25.33
N ILE A 108 -6.49 -1.80 -25.82
CA ILE A 108 -6.75 -1.84 -27.26
C ILE A 108 -8.00 -1.04 -27.61
N ASP A 109 -7.90 -0.13 -28.58
CA ASP A 109 -9.03 0.70 -28.99
C ASP A 109 -9.07 0.88 -30.52
N PRO A 110 -10.15 0.52 -31.18
CA PRO A 110 -10.27 0.66 -32.67
C PRO A 110 -10.38 2.12 -33.11
N MET A 111 -9.90 2.38 -34.32
CA MET A 111 -9.95 3.75 -34.84
C MET A 111 -10.71 3.67 -36.17
N GLU A 112 -11.37 4.74 -36.62
CA GLU A 112 -12.05 4.74 -37.93
C GLU A 112 -11.52 5.93 -38.75
N ILE A 113 -10.59 5.63 -39.63
CA ILE A 113 -9.95 6.66 -40.47
C ILE A 113 -10.14 6.39 -41.93
N GLU A 114 -10.57 7.39 -42.72
CA GLU A 114 -10.71 7.20 -44.17
C GLU A 114 -11.45 5.91 -44.49
N ASP A 115 -12.47 5.62 -43.70
CA ASP A 115 -13.26 4.41 -43.87
C ASP A 115 -12.38 3.16 -43.74
N LYS A 116 -11.33 3.27 -42.94
CA LYS A 116 -10.43 2.14 -42.69
C LYS A 116 -10.30 1.95 -41.20
N THR A 117 -10.10 0.72 -40.73
CA THR A 117 -10.00 0.48 -39.29
C THR A 117 -8.55 0.70 -38.83
N TYR A 118 -8.22 0.38 -37.59
CA TYR A 118 -6.85 0.43 -37.11
C TYR A 118 -6.84 -0.21 -35.71
N PHE A 119 -5.69 -0.69 -35.27
CA PHE A 119 -5.55 -1.19 -33.90
C PHE A 119 -4.31 -0.56 -33.26
N VAL A 120 -4.38 -0.29 -31.95
CA VAL A 120 -3.23 0.26 -31.24
C VAL A 120 -3.03 -0.51 -29.95
N GLY A 121 -1.80 -0.91 -29.68
CA GLY A 121 -1.49 -1.62 -28.45
C GLY A 121 -0.76 -0.71 -27.52
N ILE A 122 -1.23 -0.60 -26.28
CA ILE A 122 -0.55 0.25 -25.31
C ILE A 122 -0.08 -0.65 -24.18
N GLN A 123 1.18 -0.55 -23.81
CA GLN A 123 1.71 -1.35 -22.72
C GLN A 123 2.23 -0.45 -21.61
N ASN A 124 1.59 -0.54 -20.45
CA ASN A 124 1.96 0.32 -19.31
C ASN A 124 2.45 -0.50 -18.11
N ASP A 125 3.72 -0.31 -17.78
CA ASP A 125 4.38 -1.11 -16.74
C ASP A 125 3.80 -0.91 -15.33
N ILE A 126 3.51 -2.06 -14.71
CA ILE A 126 2.95 -2.11 -13.35
C ILE A 126 4.08 -2.30 -12.33
N THR A 127 5.34 -2.34 -12.78
CA THR A 127 6.52 -2.55 -11.90
C THR A 127 6.69 -1.47 -10.83
N LYS A 128 6.50 -0.21 -11.19
CA LYS A 128 6.71 0.87 -10.23
C LYS A 128 5.74 0.66 -9.07
N GLN A 129 4.53 0.30 -9.39
CA GLN A 129 3.52 0.02 -8.38
C GLN A 129 3.95 -1.16 -7.54
N LYS A 130 4.53 -2.18 -8.12
CA LYS A 130 4.93 -3.33 -7.29
C LYS A 130 5.95 -2.91 -6.27
N GLU A 131 6.88 -2.08 -6.68
CA GLU A 131 7.92 -1.63 -5.76
C GLU A 131 7.29 -0.88 -4.61
N TYR A 132 6.25 -0.11 -4.92
CA TYR A 132 5.50 0.61 -3.88
C TYR A 132 4.86 -0.38 -2.90
N GLU A 133 4.22 -1.43 -3.42
CA GLU A 133 3.56 -2.41 -2.55
C GLU A 133 4.62 -3.12 -1.71
N LYS A 134 5.77 -3.42 -2.32
CA LYS A 134 6.84 -4.09 -1.61
C LYS A 134 7.32 -3.22 -0.44
N LEU A 135 7.40 -1.92 -0.70
CA LEU A 135 7.90 -1.00 0.34
C LEU A 135 6.93 -1.11 1.52
N LEU A 136 5.64 -1.13 1.23
CA LEU A 136 4.64 -1.25 2.26
C LEU A 136 4.77 -2.56 3.00
N GLU A 137 5.03 -3.65 2.28
CA GLU A 137 5.15 -4.95 2.93
C GLU A 137 6.33 -4.93 3.89
N ASP A 138 7.43 -4.32 3.47
CA ASP A 138 8.62 -4.30 4.31
C ASP A 138 8.26 -3.57 5.61
N SER A 139 7.51 -2.49 5.47
CA SER A 139 7.04 -1.75 6.63
C SER A 139 6.13 -2.59 7.52
N LEU A 140 5.27 -3.40 6.91
CA LEU A 140 4.38 -4.28 7.68
C LEU A 140 5.21 -5.29 8.47
N THR A 141 6.25 -5.83 7.82
CA THR A 141 7.10 -6.85 8.47
C THR A 141 7.78 -6.29 9.70
N GLU A 142 8.35 -5.09 9.59
CA GLU A 142 9.00 -4.49 10.74
C GLU A 142 7.95 -4.23 11.82
N ILE A 143 6.81 -3.76 11.35
CA ILE A 143 5.65 -3.53 12.18
C ILE A 143 5.11 -4.84 12.77
N THR A 144 5.02 -5.90 11.96
CA THR A 144 4.47 -7.17 12.44
C THR A 144 5.31 -7.77 13.58
N ALA A 145 6.63 -7.82 13.44
CA ALA A 145 7.43 -8.39 14.52
C ALA A 145 7.25 -7.54 15.78
N LEU A 146 7.21 -6.22 15.60
CA LEU A 146 7.01 -5.31 16.72
C LEU A 146 5.64 -5.49 17.40
N SER A 147 4.56 -5.66 16.62
CA SER A 147 3.24 -5.78 17.23
C SER A 147 3.26 -6.99 18.16
N THR A 148 3.91 -8.04 17.64
CA THR A 148 4.03 -9.33 18.33
C THR A 148 3.91 -9.03 19.82
N PRO A 149 2.72 -8.93 20.35
CA PRO A 149 2.56 -8.56 21.77
C PRO A 149 3.16 -9.58 22.74
N ILE A 150 3.68 -9.01 23.80
CA ILE A 150 4.22 -9.76 24.92
C ILE A 150 3.36 -9.30 26.07
N VAL A 151 2.88 -10.16 26.95
CA VAL A 151 2.10 -9.71 28.09
C VAL A 151 1.95 -10.92 28.98
N PRO A 152 2.79 -11.09 29.96
CA PRO A 152 2.67 -12.27 30.84
C PRO A 152 1.33 -12.25 31.55
N ILE A 153 0.65 -13.40 31.61
CA ILE A 153 -0.63 -13.44 32.29
C ILE A 153 -0.43 -13.25 33.80
N ARG A 154 0.58 -13.94 34.35
CA ARG A 154 0.89 -13.86 35.78
C ARG A 154 2.36 -14.24 36.01
N ASN A 155 2.68 -14.66 37.22
CA ASN A 155 4.06 -15.04 37.54
C ASN A 155 4.31 -16.51 37.21
N GLY A 156 5.06 -16.69 36.12
CA GLY A 156 5.37 -18.01 35.61
C GLY A 156 4.31 -18.47 34.64
N ILE A 157 3.37 -17.58 34.27
CA ILE A 157 2.39 -17.90 33.26
C ILE A 157 2.45 -16.84 32.15
N SER A 158 2.62 -17.30 30.90
CA SER A 158 2.71 -16.40 29.74
C SER A 158 1.79 -16.89 28.62
N ALA A 159 1.31 -16.00 27.77
CA ALA A 159 0.46 -16.42 26.64
C ALA A 159 0.83 -15.66 25.36
N LEU A 160 0.78 -16.38 24.24
CA LEU A 160 1.11 -15.81 22.93
C LEU A 160 0.07 -16.21 21.89
N PRO A 161 -1.07 -15.55 21.87
CA PRO A 161 -2.17 -15.86 20.91
C PRO A 161 -1.83 -15.48 19.46
N LEU A 162 -2.42 -16.21 18.54
CA LEU A 162 -2.23 -15.96 17.09
C LEU A 162 -3.54 -15.56 16.41
N VAL A 163 -3.56 -14.41 15.74
CA VAL A 163 -4.76 -13.96 15.06
C VAL A 163 -4.44 -13.77 13.57
N GLY A 164 -5.27 -14.33 12.70
CA GLY A 164 -5.04 -14.19 11.23
C GLY A 164 -4.76 -15.54 10.57
N ASN A 165 -4.75 -15.57 9.23
CA ASN A 165 -4.52 -16.81 8.49
C ASN A 165 -3.03 -17.02 8.31
N LEU A 166 -2.47 -18.05 8.94
CA LEU A 166 -1.03 -18.28 8.83
C LEU A 166 -0.54 -18.76 7.47
N THR A 167 0.07 -17.85 6.73
CA THR A 167 0.63 -18.17 5.40
C THR A 167 2.06 -18.70 5.55
N GLU A 168 2.59 -19.26 4.48
CA GLU A 168 3.94 -19.82 4.49
C GLU A 168 4.99 -18.73 4.69
N GLU A 169 4.71 -17.55 4.11
CA GLU A 169 5.61 -16.43 4.27
C GLU A 169 5.71 -15.99 5.74
N ARG A 170 4.55 -15.97 6.39
CA ARG A 170 4.42 -15.61 7.79
C ARG A 170 5.12 -16.61 8.72
N PHE A 171 5.10 -17.89 8.33
CA PHE A 171 5.72 -18.96 9.14
C PHE A 171 7.19 -18.66 9.49
N ASN A 172 7.91 -17.91 8.66
CA ASN A 172 9.31 -17.65 8.98
C ASN A 172 9.41 -16.92 10.31
N SER A 173 8.53 -15.97 10.56
CA SER A 173 8.59 -15.23 11.82
C SER A 173 8.44 -16.16 13.02
N ILE A 174 7.55 -17.13 12.90
CA ILE A 174 7.29 -18.08 13.98
C ILE A 174 8.50 -18.94 14.33
N VAL A 175 9.20 -19.45 13.32
CA VAL A 175 10.36 -20.30 13.57
C VAL A 175 11.42 -19.47 14.30
N CYS A 176 11.57 -18.22 13.89
CA CYS A 176 12.53 -17.31 14.52
C CYS A 176 12.15 -17.08 15.99
N THR A 177 10.86 -17.07 16.26
CA THR A 177 10.34 -16.87 17.61
C THR A 177 10.78 -18.01 18.51
N LEU A 178 11.17 -19.14 17.93
CA LEU A 178 11.56 -20.29 18.72
C LEU A 178 12.76 -19.90 19.57
N THR A 179 13.69 -19.17 18.98
CA THR A 179 14.89 -18.74 19.69
C THR A 179 14.51 -17.88 20.92
N ASN A 180 13.56 -16.99 20.72
CA ASN A 180 13.07 -16.12 21.81
C ASN A 180 12.42 -16.95 22.93
N ILE A 181 11.72 -18.03 22.58
CA ILE A 181 11.06 -18.87 23.59
C ILE A 181 12.08 -19.38 24.58
N LEU A 182 13.27 -19.73 24.13
CA LEU A 182 14.27 -20.28 25.03
C LEU A 182 14.57 -19.24 26.12
N SER A 183 14.67 -17.99 25.70
CA SER A 183 14.89 -16.90 26.65
C SER A 183 13.72 -16.81 27.66
N THR A 184 12.52 -17.16 27.20
CA THR A 184 11.33 -17.11 28.07
C THR A 184 11.12 -18.43 28.81
N SER A 185 12.19 -19.19 28.97
CA SER A 185 12.13 -20.49 29.64
C SER A 185 11.71 -20.31 31.11
N LYS A 186 11.90 -19.13 31.61
CA LYS A 186 11.58 -18.81 33.00
C LYS A 186 10.08 -19.02 33.28
N ASP A 187 9.24 -18.69 32.31
CA ASP A 187 7.80 -18.85 32.50
C ASP A 187 7.41 -20.34 32.42
N ASP A 188 6.96 -20.86 33.57
CA ASP A 188 6.61 -22.29 33.69
C ASP A 188 5.45 -22.68 32.79
N TYR A 189 4.42 -21.83 32.71
CA TYR A 189 3.25 -22.16 31.90
C TYR A 189 3.15 -21.22 30.69
N LEU A 190 2.95 -21.80 29.53
CA LEU A 190 2.79 -21.05 28.29
C LEU A 190 1.41 -21.37 27.73
N ILE A 191 0.59 -20.37 27.42
CA ILE A 191 -0.72 -20.62 26.82
C ILE A 191 -0.77 -20.05 25.40
N ILE A 192 -1.13 -20.87 24.42
CA ILE A 192 -1.23 -20.41 23.05
C ILE A 192 -2.69 -20.43 22.62
N ASP A 193 -3.23 -19.32 22.10
CA ASP A 193 -4.60 -19.27 21.60
C ASP A 193 -4.61 -19.48 20.07
N LEU A 194 -5.31 -20.54 19.63
CA LEU A 194 -5.52 -20.80 18.22
C LEU A 194 -6.88 -20.26 17.75
N SER A 195 -7.66 -19.73 18.69
CA SER A 195 -9.00 -19.21 18.38
C SER A 195 -8.97 -18.04 17.42
N GLY A 196 -7.93 -17.22 17.49
CA GLY A 196 -7.85 -16.09 16.56
C GLY A 196 -7.77 -16.64 15.14
N LEU A 197 -6.96 -17.68 15.03
CA LEU A 197 -6.70 -18.30 13.74
C LEU A 197 -7.96 -19.05 13.29
N ALA A 198 -8.42 -18.77 12.05
CA ALA A 198 -9.65 -19.41 11.58
C ALA A 198 -9.49 -20.95 11.54
N GLN A 199 -8.37 -21.38 10.94
CA GLN A 199 -8.13 -22.81 10.72
C GLN A 199 -6.74 -23.22 11.13
N VAL A 200 -6.56 -24.52 11.44
CA VAL A 200 -5.27 -25.01 11.82
C VAL A 200 -4.82 -26.06 10.78
N ASN A 201 -3.58 -25.93 10.33
CA ASN A 201 -3.04 -26.84 9.31
C ASN A 201 -2.36 -28.04 9.97
N GLU A 202 -2.29 -29.16 9.26
CA GLU A 202 -1.66 -30.35 9.84
C GLU A 202 -0.18 -30.09 10.11
N GLN A 203 0.48 -29.36 9.21
CA GLN A 203 1.91 -29.09 9.36
C GLN A 203 2.15 -28.36 10.68
N THR A 204 1.17 -27.57 11.07
CA THR A 204 1.21 -26.84 12.33
C THR A 204 1.30 -27.82 13.52
N ALA A 205 0.53 -28.90 13.46
CA ALA A 205 0.51 -29.84 14.57
C ALA A 205 1.92 -30.36 14.80
N ASP A 206 2.68 -30.59 13.74
CA ASP A 206 4.03 -31.12 13.90
C ASP A 206 4.86 -30.13 14.72
N GLN A 207 4.65 -28.86 14.46
CA GLN A 207 5.35 -27.81 15.21
C GLN A 207 4.94 -27.82 16.68
N ILE A 208 3.66 -28.07 16.96
CA ILE A 208 3.19 -28.05 18.34
C ILE A 208 3.91 -29.16 19.11
N PHE A 209 3.99 -30.34 18.49
CA PHE A 209 4.65 -31.47 19.15
C PHE A 209 6.14 -31.18 19.42
N LYS A 210 6.84 -30.57 18.48
CA LYS A 210 8.25 -30.31 18.70
C LYS A 210 8.41 -29.38 19.89
N LEU A 211 7.55 -28.37 19.97
CA LEU A 211 7.61 -27.42 21.08
C LEU A 211 7.37 -28.09 22.43
N SER A 212 6.41 -29.01 22.52
CA SER A 212 6.15 -29.64 23.80
C SER A 212 7.39 -30.40 24.25
N HIS A 213 8.06 -31.11 23.33
CA HIS A 213 9.24 -31.88 23.70
C HIS A 213 10.37 -30.98 24.18
N LEU A 214 10.65 -29.88 23.45
CA LEU A 214 11.72 -28.99 23.88
C LEU A 214 11.33 -28.41 25.23
N LEU A 215 10.09 -27.96 25.33
CA LEU A 215 9.57 -27.33 26.54
C LEU A 215 9.60 -28.29 27.72
N LYS A 216 9.25 -29.55 27.49
CA LYS A 216 9.21 -30.51 28.58
C LYS A 216 10.60 -30.62 29.20
N LEU A 217 11.64 -30.72 28.37
CA LEU A 217 13.00 -30.85 28.87
C LEU A 217 13.37 -29.62 29.69
N THR A 218 12.94 -28.47 29.23
CA THR A 218 13.22 -27.22 29.90
C THR A 218 12.34 -27.08 31.13
N GLY A 219 11.32 -27.94 31.28
CA GLY A 219 10.43 -27.84 32.42
C GLY A 219 9.33 -26.81 32.24
N THR A 220 8.79 -26.63 31.02
CA THR A 220 7.75 -25.63 30.81
C THR A 220 6.47 -26.27 30.25
N GLU A 221 5.43 -26.25 31.03
CA GLU A 221 4.13 -26.78 30.61
C GLU A 221 3.56 -25.95 29.45
N LEU A 222 3.01 -26.62 28.42
CA LEU A 222 2.41 -25.95 27.28
C LEU A 222 0.90 -26.21 27.27
N ILE A 223 0.13 -25.14 27.11
CA ILE A 223 -1.34 -25.22 27.06
C ILE A 223 -1.85 -24.76 25.71
N ILE A 224 -2.77 -25.52 25.10
CA ILE A 224 -3.33 -25.17 23.79
C ILE A 224 -4.84 -24.87 23.94
N THR A 225 -5.28 -23.76 23.36
CA THR A 225 -6.69 -23.36 23.48
C THR A 225 -7.28 -22.94 22.15
N GLY A 226 -8.60 -22.83 22.09
CA GLY A 226 -9.24 -22.39 20.85
C GLY A 226 -9.31 -23.54 19.85
N ILE A 227 -9.20 -24.74 20.40
CA ILE A 227 -9.27 -25.93 19.59
C ILE A 227 -10.73 -26.27 19.33
N LYS A 228 -11.07 -26.47 18.07
CA LYS A 228 -12.45 -26.80 17.71
C LYS A 228 -12.74 -28.27 18.06
N PRO A 229 -13.91 -28.60 18.57
CA PRO A 229 -14.23 -30.02 18.92
C PRO A 229 -14.01 -30.97 17.74
N GLU A 230 -14.37 -30.53 16.55
CA GLU A 230 -14.22 -31.37 15.36
C GLU A 230 -12.74 -31.66 15.09
N LEU A 231 -11.92 -30.64 15.31
CA LEU A 231 -10.48 -30.77 15.17
C LEU A 231 -9.87 -31.74 16.18
N ALA A 232 -10.31 -31.68 17.45
CA ALA A 232 -9.76 -32.57 18.47
C ALA A 232 -10.06 -34.03 18.16
N MET A 233 -11.25 -34.29 17.64
CA MET A 233 -11.63 -35.65 17.34
C MET A 233 -10.72 -36.21 16.26
N LYS A 234 -10.42 -35.38 15.27
CA LYS A 234 -9.51 -35.78 14.19
C LYS A 234 -8.10 -36.03 14.75
N MET A 235 -7.69 -35.16 15.67
CA MET A 235 -6.40 -35.26 16.35
C MET A 235 -6.32 -36.52 17.20
N ASN A 236 -7.41 -36.89 17.88
CA ASN A 236 -7.36 -38.04 18.76
C ASN A 236 -7.04 -39.28 17.94
N LYS A 237 -7.64 -39.39 16.79
CA LYS A 237 -7.41 -40.55 15.93
C LYS A 237 -5.93 -40.66 15.55
N LEU A 238 -5.33 -39.52 15.26
CA LEU A 238 -3.89 -39.45 14.93
C LEU A 238 -2.98 -39.86 16.09
N ASP A 239 -3.30 -39.43 17.32
CA ASP A 239 -2.49 -39.78 18.49
C ASP A 239 -3.21 -39.49 19.82
N ALA A 240 -3.28 -40.52 20.65
CA ALA A 240 -3.93 -40.40 21.96
C ALA A 240 -3.21 -39.35 22.83
N ASN A 241 -1.94 -39.13 22.55
CA ASN A 241 -1.12 -38.16 23.27
C ASN A 241 -1.67 -36.75 23.11
N PHE A 242 -2.30 -36.46 22.00
CA PHE A 242 -2.77 -35.12 21.75
C PHE A 242 -3.68 -34.67 22.91
N SER A 243 -4.56 -35.56 23.31
CA SER A 243 -5.48 -35.27 24.44
C SER A 243 -4.69 -35.03 25.75
N SER A 244 -3.47 -35.51 25.79
CA SER A 244 -2.60 -35.32 26.96
C SER A 244 -2.46 -33.84 27.32
N LEU A 245 -2.38 -32.97 26.30
CA LEU A 245 -2.21 -31.54 26.58
C LEU A 245 -3.53 -30.81 26.83
N LYS A 246 -3.60 -30.17 28.00
CA LYS A 246 -4.82 -29.49 28.41
C LYS A 246 -5.33 -28.62 27.28
N THR A 247 -6.65 -28.71 27.06
CA THR A 247 -7.33 -27.93 26.03
C THR A 247 -8.55 -27.18 26.62
N TYR A 248 -8.62 -25.90 26.27
CA TYR A 248 -9.73 -25.05 26.73
C TYR A 248 -10.56 -24.56 25.55
N SER A 249 -11.88 -24.55 25.71
CA SER A 249 -12.72 -24.12 24.62
C SER A 249 -12.35 -22.71 24.25
N ASN A 250 -12.14 -21.85 25.25
CA ASN A 250 -11.78 -20.46 25.00
C ASN A 250 -10.77 -19.95 26.04
N VAL A 251 -10.07 -18.88 25.66
CA VAL A 251 -9.04 -18.24 26.49
C VAL A 251 -9.62 -17.70 27.79
N LYS A 252 -10.75 -17.02 27.70
CA LYS A 252 -11.35 -16.45 28.90
C LYS A 252 -11.69 -17.55 29.87
N ASP A 253 -12.26 -18.63 29.36
CA ASP A 253 -12.65 -19.75 30.21
C ASP A 253 -11.42 -20.39 30.88
N ALA A 254 -10.32 -20.57 30.13
CA ALA A 254 -9.13 -21.17 30.73
C ALA A 254 -8.57 -20.28 31.83
N VAL A 255 -8.58 -19.00 31.52
CA VAL A 255 -8.02 -18.03 32.44
C VAL A 255 -8.84 -17.99 33.73
N LYS A 256 -10.16 -17.97 33.61
CA LYS A 256 -11.02 -17.93 34.78
C LYS A 256 -10.87 -19.19 35.62
N VAL A 257 -10.91 -20.37 35.00
CA VAL A 257 -10.76 -21.61 35.76
C VAL A 257 -9.39 -21.75 36.37
N LEU A 258 -8.34 -21.38 35.62
CA LEU A 258 -6.97 -21.54 36.09
C LEU A 258 -6.90 -21.47 37.62
N PRO A 259 -7.00 -20.31 38.23
CA PRO A 259 -6.92 -20.22 39.71
C PRO A 259 -8.07 -20.97 40.40
N ILE A 260 -7.76 -21.67 41.50
CA ILE A 260 -8.80 -22.38 42.25
C ILE A 260 -8.45 -22.50 43.73
N MET A 261 -7.15 -22.47 44.05
CA MET A 261 -6.70 -22.64 45.45
C MET A 261 -5.65 -21.61 45.80
N GLY B 1 16.24 10.50 -38.67
CA GLY B 1 16.15 11.98 -38.51
C GLY B 1 15.94 12.63 -39.86
N ALA B 2 15.02 12.08 -40.61
CA ALA B 2 14.72 12.60 -41.94
C ALA B 2 13.30 12.19 -42.34
N SER B 3 12.75 12.87 -43.37
CA SER B 3 11.43 12.55 -43.86
C SER B 3 11.33 11.11 -44.34
N PHE B 4 12.49 10.50 -44.65
CA PHE B 4 12.49 9.13 -45.14
C PHE B 4 12.21 8.14 -44.02
N GLN B 5 13.11 8.11 -43.05
CA GLN B 5 12.99 7.24 -41.89
C GLN B 5 11.83 7.65 -40.99
N SER B 6 11.61 8.96 -40.84
CA SER B 6 10.57 9.42 -39.94
C SER B 6 9.23 8.90 -40.38
N PHE B 7 8.99 8.95 -41.70
CA PHE B 7 7.75 8.45 -42.30
C PHE B 7 6.66 9.51 -42.26
N GLY B 8 6.60 10.33 -43.32
CA GLY B 8 5.62 11.41 -43.41
C GLY B 8 4.20 10.85 -43.47
N ILE B 9 3.30 11.61 -44.11
CA ILE B 9 1.88 11.22 -44.23
C ILE B 9 1.05 11.84 -43.08
N PRO B 10 0.21 12.82 -43.35
CA PRO B 10 -0.60 13.48 -42.26
C PRO B 10 -1.56 12.49 -41.59
N GLY B 11 -1.91 11.45 -42.32
CA GLY B 11 -2.82 10.43 -41.80
C GLY B 11 -2.21 9.75 -40.56
N GLN B 12 -0.91 9.49 -40.58
CA GLN B 12 -0.26 8.87 -39.44
C GLN B 12 -0.31 9.84 -38.24
N LEU B 13 -0.13 11.11 -38.54
CA LEU B 13 -0.11 12.16 -37.51
C LEU B 13 -1.46 12.24 -36.76
N GLU B 14 -2.56 12.16 -37.48
CA GLU B 14 -3.91 12.23 -36.88
C GLU B 14 -4.16 10.99 -35.96
N VAL B 15 -3.55 9.89 -36.39
CA VAL B 15 -3.62 8.62 -35.63
C VAL B 15 -2.98 8.79 -34.24
N ILE B 16 -1.81 9.40 -34.21
CA ILE B 16 -1.10 9.58 -32.97
C ILE B 16 -1.91 10.47 -32.01
N LYS B 17 -2.46 11.55 -32.55
CA LYS B 17 -3.25 12.48 -31.74
C LYS B 17 -4.52 11.86 -31.15
N LYS B 18 -5.25 11.06 -31.91
CA LYS B 18 -6.45 10.45 -31.34
C LYS B 18 -6.09 9.54 -30.18
N ALA B 19 -5.01 8.78 -30.34
CA ALA B 19 -4.61 7.85 -29.31
C ALA B 19 -4.26 8.58 -28.02
N LEU B 20 -3.62 9.73 -28.14
CA LEU B 20 -3.34 10.55 -26.96
C LEU B 20 -4.66 11.04 -26.32
N ASP B 21 -5.60 11.45 -27.17
CA ASP B 21 -6.91 11.96 -26.74
C ASP B 21 -7.73 10.91 -26.01
N HIS B 22 -7.66 9.67 -26.47
CA HIS B 22 -8.43 8.58 -25.84
C HIS B 22 -8.05 8.43 -24.37
N VAL B 23 -6.78 8.57 -24.02
CA VAL B 23 -6.36 8.45 -22.62
C VAL B 23 -5.85 9.80 -22.14
N ARG B 24 -6.36 10.25 -20.99
CA ARG B 24 -6.00 11.55 -20.43
C ARG B 24 -4.57 11.56 -19.89
N VAL B 25 -3.69 12.27 -20.62
CA VAL B 25 -2.31 12.43 -20.19
C VAL B 25 -1.78 13.80 -20.52
N GLY B 26 -1.10 14.43 -19.57
CA GLY B 26 -0.66 15.78 -19.81
C GLY B 26 0.72 15.84 -20.45
N VAL B 27 0.73 15.96 -21.76
CA VAL B 27 1.97 16.14 -22.50
C VAL B 27 1.82 17.41 -23.33
N VAL B 28 2.78 18.32 -23.25
CA VAL B 28 2.73 19.54 -24.04
C VAL B 28 4.10 19.89 -24.61
N ILE B 29 4.10 20.67 -25.69
CA ILE B 29 5.37 21.09 -26.31
C ILE B 29 5.51 22.62 -26.29
N THR B 30 6.68 23.01 -25.81
CA THR B 30 7.01 24.43 -25.60
C THR B 30 8.10 24.81 -26.58
N ASP B 31 8.16 26.09 -26.96
CA ASP B 31 9.14 26.55 -27.94
C ASP B 31 10.01 27.64 -27.33
N PRO B 32 11.24 27.33 -26.96
CA PRO B 32 12.14 28.33 -26.34
C PRO B 32 12.48 29.46 -27.31
N ALA B 33 12.35 29.18 -28.60
CA ALA B 33 12.62 30.20 -29.62
C ALA B 33 11.67 31.37 -29.43
N LEU B 34 10.38 31.12 -29.18
CA LEU B 34 9.41 32.22 -29.01
C LEU B 34 9.58 32.89 -27.64
N GLU B 35 8.88 34.02 -27.44
CA GLU B 35 9.00 34.79 -26.21
C GLU B 35 8.40 34.09 -25.00
N ASP B 36 9.15 34.08 -23.90
CA ASP B 36 8.70 33.44 -22.66
C ASP B 36 8.36 31.98 -22.90
N ASN B 37 9.10 31.31 -23.79
CA ASN B 37 8.85 29.90 -24.10
C ASN B 37 7.38 29.52 -23.92
N PRO B 38 6.53 29.99 -24.80
CA PRO B 38 5.07 29.72 -24.76
C PRO B 38 4.74 28.28 -25.15
N ILE B 39 3.61 27.77 -24.69
CA ILE B 39 3.19 26.42 -25.03
C ILE B 39 2.40 26.48 -26.34
N VAL B 40 2.80 25.62 -27.30
CA VAL B 40 2.13 25.56 -28.59
C VAL B 40 1.30 24.29 -28.77
N TYR B 41 1.84 23.15 -28.35
CA TYR B 41 1.12 21.89 -28.52
C TYR B 41 0.35 21.53 -27.27
N VAL B 42 -0.95 21.32 -27.43
CA VAL B 42 -1.83 20.91 -26.34
C VAL B 42 -2.88 19.94 -26.86
N ASN B 43 -3.23 18.92 -26.08
CA ASN B 43 -4.25 17.96 -26.51
C ASN B 43 -5.58 18.26 -25.81
N GLN B 44 -6.67 17.73 -26.35
CA GLN B 44 -8.00 17.94 -25.77
C GLN B 44 -8.10 17.34 -24.36
N GLY B 45 -7.48 16.19 -24.17
CA GLY B 45 -7.49 15.52 -22.86
C GLY B 45 -6.87 16.39 -21.78
N PHE B 46 -5.99 17.28 -22.18
CA PHE B 46 -5.31 18.17 -21.25
C PHE B 46 -6.36 19.04 -20.53
N VAL B 47 -7.31 19.53 -21.31
CA VAL B 47 -8.37 20.40 -20.81
C VAL B 47 -9.20 19.67 -19.76
N GLN B 48 -9.60 18.45 -20.04
CA GLN B 48 -10.42 17.71 -19.09
C GLN B 48 -9.64 17.48 -17.80
N MET B 49 -8.38 17.09 -17.93
CA MET B 49 -7.54 16.82 -16.75
C MET B 49 -7.31 18.08 -15.89
N THR B 50 -7.05 19.21 -16.53
CA THR B 50 -6.79 20.44 -15.76
C THR B 50 -8.05 21.27 -15.57
N GLY B 51 -9.06 20.99 -16.37
CA GLY B 51 -10.33 21.69 -16.24
C GLY B 51 -10.22 23.11 -16.79
N TYR B 52 -9.17 23.33 -17.57
CA TYR B 52 -8.91 24.62 -18.22
C TYR B 52 -9.11 24.53 -19.71
N GLU B 53 -9.65 25.58 -20.31
CA GLU B 53 -9.88 25.60 -21.74
C GLU B 53 -8.57 25.70 -22.52
N THR B 54 -8.54 25.08 -23.71
CA THR B 54 -7.34 25.04 -24.52
C THR B 54 -6.90 26.44 -24.96
N GLU B 55 -7.87 27.30 -25.23
CA GLU B 55 -7.55 28.65 -25.68
C GLU B 55 -6.80 29.43 -24.59
N GLU B 56 -7.19 29.26 -23.33
CA GLU B 56 -6.50 29.89 -22.20
C GLU B 56 -5.14 29.27 -21.86
N ILE B 57 -4.99 27.97 -22.07
CA ILE B 57 -3.71 27.33 -21.85
C ILE B 57 -2.71 27.90 -22.87
N LEU B 58 -2.85 27.48 -24.08
CA LEU B 58 -1.99 27.97 -25.18
C LEU B 58 -1.68 29.46 -24.98
N GLY B 59 -0.40 29.81 -25.11
CA GLY B 59 0.04 31.20 -24.94
C GLY B 59 0.56 31.51 -23.52
N LYS B 60 0.30 30.60 -22.56
CA LYS B 60 0.63 30.87 -21.17
C LYS B 60 1.36 29.70 -20.50
N ASN B 61 2.23 30.06 -19.56
CA ASN B 61 3.02 29.07 -18.82
C ASN B 61 2.16 28.42 -17.74
N CYS B 62 2.47 27.16 -17.44
CA CYS B 62 1.72 26.40 -16.43
C CYS B 62 1.82 27.02 -15.02
N ARG B 63 2.38 28.22 -14.96
CA ARG B 63 2.60 28.93 -13.70
C ARG B 63 1.29 29.17 -12.93
N PHE B 64 0.20 29.39 -13.64
CA PHE B 64 -1.10 29.60 -13.01
C PHE B 64 -1.55 28.41 -12.15
N LEU B 65 -1.12 27.21 -12.49
CA LEU B 65 -1.51 26.01 -11.74
C LEU B 65 -1.02 26.12 -10.31
N GLN B 66 0.22 26.60 -10.15
CA GLN B 66 0.85 26.69 -8.84
C GLN B 66 -0.06 27.44 -7.87
N GLY B 67 -0.04 27.03 -6.59
CA GLY B 67 -0.82 27.72 -5.56
C GLY B 67 -0.21 27.52 -4.16
N LYS B 68 -1.07 27.59 -3.16
CA LYS B 68 -0.63 27.50 -1.74
C LYS B 68 0.08 26.18 -1.45
N HIS B 69 -0.44 25.10 -1.99
CA HIS B 69 0.13 23.77 -1.76
C HIS B 69 1.40 23.57 -2.57
N THR B 70 1.69 24.48 -3.49
CA THR B 70 2.88 24.35 -4.31
C THR B 70 4.11 24.36 -3.43
N ASP B 71 5.02 23.42 -3.68
CA ASP B 71 6.23 23.31 -2.89
C ASP B 71 7.33 24.17 -3.49
N PRO B 72 7.73 25.25 -2.86
CA PRO B 72 8.79 26.13 -3.42
C PRO B 72 10.07 25.34 -3.73
N ALA B 73 10.41 24.38 -2.86
CA ALA B 73 11.66 23.64 -3.01
C ALA B 73 11.64 22.88 -4.32
N GLU B 74 10.48 22.32 -4.64
CA GLU B 74 10.33 21.59 -5.89
C GLU B 74 10.45 22.55 -7.07
N VAL B 75 9.91 23.76 -6.91
CA VAL B 75 9.99 24.78 -7.95
C VAL B 75 11.45 25.12 -8.22
N ASP B 76 12.21 25.32 -7.15
CA ASP B 76 13.63 25.69 -7.27
C ASP B 76 14.42 24.59 -7.97
N ASN B 77 14.09 23.33 -7.70
CA ASN B 77 14.81 22.26 -8.35
C ASN B 77 14.57 22.35 -9.86
N ILE B 78 13.33 22.63 -10.26
CA ILE B 78 12.99 22.71 -11.67
C ILE B 78 13.75 23.83 -12.35
N ARG B 79 13.81 24.96 -11.70
CA ARG B 79 14.50 26.12 -12.24
C ARG B 79 15.99 25.78 -12.39
N THR B 80 16.54 25.10 -11.38
CA THR B 80 17.94 24.73 -11.39
C THR B 80 18.23 23.80 -12.59
N ALA B 81 17.38 22.81 -12.80
CA ALA B 81 17.59 21.84 -13.89
C ALA B 81 17.59 22.46 -15.28
N LEU B 82 16.68 23.40 -15.51
CA LEU B 82 16.60 24.03 -16.83
C LEU B 82 17.90 24.77 -17.10
N GLN B 83 18.41 25.45 -16.09
CA GLN B 83 19.64 26.21 -16.22
C GLN B 83 20.76 25.22 -16.51
N ASN B 84 20.65 24.04 -15.92
CA ASN B 84 21.66 22.99 -16.09
C ASN B 84 21.29 22.08 -17.25
N LYS B 85 20.25 22.44 -18.01
CA LYS B 85 19.89 21.67 -19.20
C LYS B 85 19.98 20.16 -18.94
N GLU B 86 19.46 19.75 -17.79
CA GLU B 86 19.46 18.32 -17.43
C GLU B 86 18.05 17.88 -17.04
N PRO B 87 17.63 16.68 -17.41
CA PRO B 87 16.25 16.22 -17.08
C PRO B 87 15.96 16.12 -15.59
N VAL B 88 14.75 16.50 -15.19
CA VAL B 88 14.38 16.49 -13.77
C VAL B 88 12.95 16.03 -13.55
N THR B 89 12.76 15.18 -12.54
CA THR B 89 11.42 14.67 -12.21
C THR B 89 11.05 15.04 -10.78
N VAL B 90 9.93 15.74 -10.64
CA VAL B 90 9.44 16.15 -9.31
C VAL B 90 7.93 15.98 -9.19
N GLN B 91 7.42 15.95 -7.95
CA GLN B 91 5.97 15.91 -7.74
C GLN B 91 5.50 17.21 -7.09
N ILE B 92 4.61 17.92 -7.78
CA ILE B 92 4.15 19.22 -7.34
C ILE B 92 2.64 19.32 -7.26
N GLN B 93 2.15 19.84 -6.15
CA GLN B 93 0.71 20.05 -5.95
C GLN B 93 0.23 21.19 -6.84
N ASN B 94 -0.95 21.03 -7.41
CA ASN B 94 -1.51 22.03 -8.31
C ASN B 94 -2.97 22.37 -7.93
N TYR B 95 -3.52 23.30 -8.67
CA TYR B 95 -4.93 23.73 -8.51
C TYR B 95 -5.70 23.71 -9.83
N LYS B 96 -6.98 23.34 -9.79
CA LYS B 96 -7.81 23.33 -11.00
C LYS B 96 -8.68 24.58 -11.06
N LYS B 97 -9.47 24.68 -12.13
CA LYS B 97 -10.35 25.83 -12.31
C LYS B 97 -11.37 25.92 -11.18
N ASP B 98 -11.86 24.80 -10.66
CA ASP B 98 -12.80 24.85 -9.53
C ASP B 98 -12.10 24.93 -8.17
N GLY B 99 -10.77 24.92 -8.15
CA GLY B 99 -10.03 25.00 -6.89
C GLY B 99 -9.70 23.64 -6.31
N THR B 100 -10.02 22.59 -7.04
CA THR B 100 -9.71 21.25 -6.57
C THR B 100 -8.19 21.06 -6.56
N MET B 101 -7.66 20.59 -5.46
CA MET B 101 -6.23 20.34 -5.33
C MET B 101 -5.94 18.95 -5.83
N PHE B 102 -4.84 18.75 -6.54
CA PHE B 102 -4.49 17.42 -7.03
C PHE B 102 -2.96 17.34 -7.16
N TRP B 103 -2.43 16.13 -7.25
CA TRP B 103 -0.98 15.98 -7.41
C TRP B 103 -0.63 15.79 -8.88
N ASN B 104 0.46 16.46 -9.27
CA ASN B 104 0.89 16.45 -10.67
C ASN B 104 2.38 16.19 -10.85
N GLU B 105 2.69 15.04 -11.36
CA GLU B 105 4.11 14.67 -11.56
C GLU B 105 4.63 15.35 -12.84
N LEU B 106 5.73 16.09 -12.71
CA LEU B 106 6.30 16.84 -13.85
C LEU B 106 7.65 16.28 -14.28
N ASN B 107 7.75 15.95 -15.56
CA ASN B 107 9.01 15.48 -16.13
C ASN B 107 9.44 16.46 -17.24
N ILE B 108 10.69 16.92 -17.15
CA ILE B 108 11.25 17.85 -18.14
C ILE B 108 12.52 17.25 -18.73
N ASP B 109 12.65 17.27 -20.06
CA ASP B 109 13.85 16.75 -20.72
C ASP B 109 14.16 17.58 -21.97
N PRO B 110 15.34 18.17 -22.07
CA PRO B 110 15.74 19.01 -23.25
C PRO B 110 15.95 18.19 -24.51
N MET B 111 15.74 18.81 -25.69
CA MET B 111 15.94 18.06 -26.94
C MET B 111 16.84 18.92 -27.84
N GLU B 112 17.73 18.27 -28.60
CA GLU B 112 18.62 18.99 -29.51
C GLU B 112 18.16 18.64 -30.90
N ILE B 113 17.55 19.59 -31.62
CA ILE B 113 17.12 19.35 -32.99
C ILE B 113 17.56 20.48 -33.95
N GLU B 114 18.20 20.09 -35.05
CA GLU B 114 18.62 21.08 -36.04
C GLU B 114 19.38 22.22 -35.36
N ASP B 115 20.18 21.88 -34.38
CA ASP B 115 20.95 22.86 -33.62
C ASP B 115 20.01 23.84 -32.90
N LYS B 116 18.89 23.31 -32.41
CA LYS B 116 17.93 24.12 -31.66
C LYS B 116 17.52 23.33 -30.41
N THR B 117 17.15 24.03 -29.35
CA THR B 117 16.78 23.36 -28.10
C THR B 117 15.29 23.35 -27.95
N TYR B 118 14.72 22.41 -27.22
CA TYR B 118 13.27 22.28 -27.03
C TYR B 118 12.92 21.71 -25.66
N PHE B 119 11.78 22.13 -25.10
CA PHE B 119 11.38 21.67 -23.75
C PHE B 119 10.01 21.02 -23.79
N VAL B 120 9.85 19.91 -23.09
CA VAL B 120 8.59 19.17 -23.09
C VAL B 120 8.13 18.94 -21.67
N GLY B 121 6.86 19.22 -21.42
CA GLY B 121 6.29 19.04 -20.10
C GLY B 121 5.36 17.85 -20.06
N ILE B 122 5.64 16.92 -19.14
CA ILE B 122 4.82 15.71 -19.03
C ILE B 122 4.13 15.72 -17.68
N GLN B 123 2.81 15.55 -17.68
CA GLN B 123 2.05 15.51 -16.43
C GLN B 123 1.38 14.15 -16.30
N ASN B 124 1.72 13.45 -15.22
CA ASN B 124 1.16 12.12 -14.96
C ASN B 124 0.41 12.15 -13.62
N ASP B 125 -0.86 11.84 -13.68
CA ASP B 125 -1.74 11.86 -12.52
C ASP B 125 -1.38 10.78 -11.48
N ILE B 126 -1.34 11.17 -10.19
CA ILE B 126 -1.05 10.23 -9.08
C ILE B 126 -2.37 9.98 -8.26
N THR B 127 -3.48 10.37 -8.90
CA THR B 127 -4.84 10.19 -8.37
C THR B 127 -5.21 8.70 -8.22
N LYS B 128 -4.89 7.88 -9.23
CA LYS B 128 -5.26 6.46 -9.20
C LYS B 128 -4.57 5.80 -8.00
N GLN B 129 -3.29 6.10 -7.84
CA GLN B 129 -2.47 5.54 -6.76
C GLN B 129 -3.01 5.98 -5.37
N LYS B 130 -3.52 7.19 -5.36
CA LYS B 130 -4.16 7.71 -4.17
C LYS B 130 -5.37 6.90 -3.83
N GLU B 131 -6.16 6.53 -4.82
CA GLU B 131 -7.33 5.74 -4.57
C GLU B 131 -6.88 4.41 -4.00
N TYR B 132 -5.83 3.82 -4.56
CA TYR B 132 -5.33 2.54 -4.10
C TYR B 132 -4.89 2.61 -2.63
N GLU B 133 -4.16 3.66 -2.27
CA GLU B 133 -3.69 3.79 -0.89
C GLU B 133 -4.89 3.96 0.04
N LYS B 134 -5.89 4.67 -0.44
CA LYS B 134 -7.12 4.89 0.32
C LYS B 134 -7.84 3.56 0.55
N LEU B 135 -7.84 2.68 -0.44
CA LEU B 135 -8.47 1.38 -0.32
C LEU B 135 -7.79 0.56 0.78
N LEU B 136 -6.46 0.65 0.80
CA LEU B 136 -5.65 -0.02 1.82
C LEU B 136 -5.97 0.52 3.23
N GLU B 137 -6.12 1.83 3.29
CA GLU B 137 -6.38 2.52 4.53
C GLU B 137 -7.74 2.13 5.07
N ASP B 138 -8.72 1.95 4.18
CA ASP B 138 -10.01 1.48 4.62
C ASP B 138 -9.90 0.08 5.22
N SER B 139 -9.11 -0.79 4.57
CA SER B 139 -8.93 -2.16 5.08
C SER B 139 -8.28 -2.09 6.48
N LEU B 140 -7.29 -1.24 6.61
CA LEU B 140 -6.55 -1.12 7.85
C LEU B 140 -7.51 -0.69 8.95
N THR B 141 -8.40 0.21 8.60
CA THR B 141 -9.40 0.69 9.54
C THR B 141 -10.32 -0.43 10.02
N GLU B 142 -10.81 -1.29 9.11
CA GLU B 142 -11.66 -2.40 9.51
C GLU B 142 -10.82 -3.36 10.36
N ILE B 143 -9.61 -3.58 9.88
CA ILE B 143 -8.65 -4.43 10.56
C ILE B 143 -8.28 -3.85 11.93
N THR B 144 -8.03 -2.54 11.97
CA THR B 144 -7.62 -1.90 13.23
C THR B 144 -8.68 -2.03 14.34
N ALA B 145 -9.96 -1.79 14.02
CA ALA B 145 -10.97 -1.94 15.06
C ALA B 145 -11.02 -3.39 15.51
N LEU B 146 -10.94 -4.32 14.56
CA LEU B 146 -10.92 -5.75 14.84
C LEU B 146 -9.69 -6.20 15.63
N SER B 147 -8.51 -5.63 15.29
CA SER B 147 -7.32 -6.03 16.00
C SER B 147 -7.48 -5.68 17.43
N THR B 148 -8.02 -4.48 17.70
CA THR B 148 -8.31 -4.05 19.08
C THR B 148 -8.51 -5.26 19.98
N PRO B 149 -7.46 -5.80 20.51
CA PRO B 149 -7.58 -7.01 21.36
C PRO B 149 -8.42 -6.79 22.61
N ILE B 150 -9.12 -7.86 23.02
CA ILE B 150 -9.84 -7.90 24.28
C ILE B 150 -9.34 -9.14 25.01
N VAL B 151 -8.86 -8.93 26.21
CA VAL B 151 -8.34 -10.04 27.02
C VAL B 151 -8.41 -9.71 28.51
N PRO B 152 -9.46 -10.12 29.23
CA PRO B 152 -9.53 -9.79 30.67
C PRO B 152 -8.34 -10.40 31.40
N ILE B 153 -7.72 -9.64 32.29
CA ILE B 153 -6.59 -10.16 33.04
C ILE B 153 -7.06 -11.24 34.02
N ARG B 154 -8.19 -10.97 34.70
CA ARG B 154 -8.77 -11.92 35.66
C ARG B 154 -10.27 -11.63 35.80
N ASN B 155 -10.85 -12.01 36.92
CA ASN B 155 -12.26 -11.76 37.16
C ASN B 155 -12.43 -10.39 37.77
N GLY B 156 -13.01 -9.47 37.00
CA GLY B 156 -13.22 -8.10 37.46
C GLY B 156 -12.11 -7.19 36.95
N ILE B 157 -11.01 -7.78 36.49
CA ILE B 157 -9.85 -7.02 36.05
C ILE B 157 -9.68 -7.14 34.54
N SER B 158 -9.60 -5.97 33.88
CA SER B 158 -9.43 -5.91 32.43
C SER B 158 -8.36 -4.88 32.05
N ALA B 159 -7.66 -5.11 30.93
CA ALA B 159 -6.63 -4.19 30.48
C ALA B 159 -6.79 -3.90 29.00
N LEU B 160 -6.44 -2.68 28.59
CA LEU B 160 -6.54 -2.29 27.18
C LEU B 160 -5.33 -1.43 26.80
N PRO B 161 -4.20 -2.04 26.57
CA PRO B 161 -2.94 -1.31 26.23
C PRO B 161 -2.94 -0.67 24.84
N LEU B 162 -2.22 0.46 24.69
CA LEU B 162 -2.13 1.17 23.42
C LEU B 162 -0.69 1.06 22.90
N VAL B 163 -0.55 0.76 21.62
CA VAL B 163 0.77 0.67 20.99
C VAL B 163 0.76 1.52 19.72
N GLY B 164 1.77 2.37 19.51
CA GLY B 164 1.80 3.20 18.31
C GLY B 164 1.63 4.69 18.65
N ASN B 165 1.85 5.55 17.66
CA ASN B 165 1.76 7.00 17.89
C ASN B 165 0.36 7.56 17.60
N LEU B 166 -0.35 7.91 18.67
CA LEU B 166 -1.74 8.34 18.55
C LEU B 166 -1.94 9.64 17.76
N THR B 167 -2.41 9.47 16.50
CA THR B 167 -2.73 10.57 15.61
C THR B 167 -4.14 11.11 15.89
N GLU B 168 -4.45 12.23 15.27
CA GLU B 168 -5.77 12.81 15.40
C GLU B 168 -6.81 11.92 14.73
N GLU B 169 -6.48 11.31 13.60
CA GLU B 169 -7.43 10.45 12.87
C GLU B 169 -7.78 9.17 13.68
N ARG B 170 -6.74 8.67 14.29
CA ARG B 170 -6.82 7.49 15.16
C ARG B 170 -7.74 7.74 16.38
N PHE B 171 -7.66 8.96 16.90
CA PHE B 171 -8.45 9.36 18.06
C PHE B 171 -9.97 9.12 17.91
N ASN B 172 -10.48 9.08 16.70
CA ASN B 172 -11.91 8.82 16.51
C ASN B 172 -12.28 7.42 17.04
N SER B 173 -11.43 6.45 16.79
CA SER B 173 -11.69 5.09 17.25
C SER B 173 -11.81 5.03 18.78
N ILE B 174 -10.93 5.76 19.46
CA ILE B 174 -10.91 5.79 20.93
C ILE B 174 -12.19 6.38 21.54
N VAL B 175 -12.68 7.48 20.99
CA VAL B 175 -13.89 8.09 21.54
C VAL B 175 -15.05 7.12 21.39
N CYS B 176 -15.09 6.44 20.26
CA CYS B 176 -16.12 5.44 20.00
C CYS B 176 -16.05 4.29 21.02
N THR B 177 -14.82 3.95 21.42
CA THR B 177 -14.59 2.89 22.39
C THR B 177 -15.23 3.23 23.73
N LEU B 178 -15.50 4.50 23.93
CA LEU B 178 -16.06 5.00 25.17
C LEU B 178 -17.42 4.36 25.39
N THR B 179 -18.19 4.22 24.32
CA THR B 179 -19.49 3.56 24.40
C THR B 179 -19.33 2.10 24.84
N ASN B 180 -18.35 1.39 24.28
CA ASN B 180 -18.10 -0.02 24.64
C ASN B 180 -17.73 -0.14 26.11
N ILE B 181 -16.92 0.78 26.59
CA ILE B 181 -16.47 0.73 27.97
C ILE B 181 -17.65 0.69 28.94
N LEU B 182 -18.75 1.33 28.57
CA LEU B 182 -19.93 1.29 29.41
C LEU B 182 -20.42 -0.14 29.54
N SER B 183 -20.41 -0.89 28.44
CA SER B 183 -20.80 -2.30 28.48
C SER B 183 -19.87 -3.10 29.38
N THR B 184 -18.60 -2.70 29.42
CA THR B 184 -17.59 -3.42 30.20
C THR B 184 -17.59 -2.95 31.66
N SER B 185 -18.65 -2.28 32.07
CA SER B 185 -18.75 -1.71 33.41
C SER B 185 -18.67 -2.81 34.47
N LYS B 186 -18.89 -4.05 34.05
CA LYS B 186 -18.82 -5.18 34.97
C LYS B 186 -17.42 -5.30 35.58
N ASP B 187 -16.39 -5.09 34.76
CA ASP B 187 -15.01 -5.24 35.25
C ASP B 187 -14.65 -4.09 36.19
N ASP B 188 -14.44 -4.45 37.46
CA ASP B 188 -14.15 -3.48 38.51
C ASP B 188 -12.86 -2.71 38.28
N TYR B 189 -11.81 -3.43 37.85
CA TYR B 189 -10.52 -2.79 37.65
C TYR B 189 -10.16 -2.75 36.16
N LEU B 190 -9.74 -1.58 35.69
CA LEU B 190 -9.32 -1.42 34.30
C LEU B 190 -7.90 -0.87 34.18
N ILE B 191 -6.99 -1.63 33.54
CA ILE B 191 -5.58 -1.22 33.45
C ILE B 191 -5.23 -0.78 32.06
N ILE B 192 -4.70 0.45 31.92
CA ILE B 192 -4.33 0.96 30.60
C ILE B 192 -2.82 1.20 30.44
N ASP B 193 -2.18 0.49 29.50
CA ASP B 193 -0.73 0.60 29.33
C ASP B 193 -0.37 1.67 28.31
N LEU B 194 0.27 2.74 28.77
CA LEU B 194 0.73 3.81 27.89
C LEU B 194 2.18 3.54 27.45
N SER B 195 2.77 2.46 27.96
CA SER B 195 4.16 2.14 27.64
C SER B 195 4.33 1.90 26.15
N GLY B 196 3.36 1.26 25.51
CA GLY B 196 3.48 1.00 24.11
C GLY B 196 3.58 2.30 23.36
N LEU B 197 2.90 3.33 23.84
CA LEU B 197 2.88 4.60 23.16
C LEU B 197 4.21 5.32 23.44
N ALA B 198 4.84 5.86 22.40
CA ALA B 198 6.11 6.51 22.58
C ALA B 198 6.00 7.75 23.45
N GLN B 199 4.95 8.56 23.25
CA GLN B 199 4.75 9.79 24.03
C GLN B 199 3.28 9.97 24.44
N VAL B 200 3.04 10.88 25.39
CA VAL B 200 1.68 11.17 25.81
C VAL B 200 1.41 12.66 25.62
N ASN B 201 0.26 12.98 25.01
CA ASN B 201 -0.11 14.37 24.73
C ASN B 201 -0.97 14.94 25.85
N GLU B 202 -0.85 16.24 26.06
CA GLU B 202 -1.59 16.92 27.12
C GLU B 202 -3.10 16.80 26.92
N GLN B 203 -3.55 16.78 25.67
CA GLN B 203 -4.97 16.61 25.38
C GLN B 203 -5.45 15.25 25.87
N THR B 204 -4.55 14.28 25.83
CA THR B 204 -4.84 12.93 26.30
C THR B 204 -5.19 12.95 27.78
N ALA B 205 -4.42 13.70 28.56
CA ALA B 205 -4.63 13.75 30.01
C ALA B 205 -6.03 14.25 30.36
N ASP B 206 -6.59 15.09 29.49
CA ASP B 206 -7.96 15.55 29.70
C ASP B 206 -8.93 14.36 29.58
N GLN B 207 -8.65 13.46 28.64
CA GLN B 207 -9.47 12.27 28.43
C GLN B 207 -9.36 11.29 29.61
N ILE B 208 -8.18 11.18 30.17
CA ILE B 208 -7.96 10.26 31.30
C ILE B 208 -8.81 10.68 32.49
N PHE B 209 -8.80 11.98 32.73
CA PHE B 209 -9.61 12.58 33.80
C PHE B 209 -11.13 12.37 33.60
N LYS B 210 -11.61 12.53 32.37
CA LYS B 210 -13.04 12.33 32.12
C LYS B 210 -13.41 10.88 32.40
N LEU B 211 -12.54 9.95 31.97
CA LEU B 211 -12.78 8.53 32.17
C LEU B 211 -12.84 8.15 33.66
N SER B 212 -11.96 8.69 34.48
CA SER B 212 -11.96 8.36 35.91
C SER B 212 -13.26 8.82 36.58
N HIS B 213 -13.76 9.98 36.14
CA HIS B 213 -15.01 10.49 36.71
C HIS B 213 -16.22 9.61 36.33
N LEU B 214 -16.33 9.24 35.06
CA LEU B 214 -17.41 8.37 34.61
C LEU B 214 -17.30 6.99 35.27
N LEU B 215 -16.05 6.52 35.31
CA LEU B 215 -15.74 5.22 35.90
C LEU B 215 -16.07 5.20 37.41
N LYS B 216 -15.71 6.27 38.10
CA LYS B 216 -15.89 6.35 39.55
C LYS B 216 -17.38 6.26 39.92
N LEU B 217 -18.23 6.91 39.12
CA LEU B 217 -19.67 6.83 39.33
C LEU B 217 -20.19 5.39 39.13
N THR B 218 -19.68 4.73 38.10
CA THR B 218 -20.07 3.36 37.77
C THR B 218 -19.47 2.38 38.76
N GLY B 219 -18.47 2.87 39.48
CA GLY B 219 -17.77 2.03 40.45
C GLY B 219 -16.78 1.18 39.66
N THR B 220 -15.78 1.81 39.06
CA THR B 220 -14.74 1.07 38.34
C THR B 220 -13.35 1.68 38.44
N GLU B 221 -12.48 1.09 39.26
CA GLU B 221 -11.16 1.66 39.46
C GLU B 221 -10.37 1.68 38.16
N LEU B 222 -9.65 2.78 37.94
CA LEU B 222 -8.83 2.95 36.73
C LEU B 222 -7.33 3.05 37.05
N ILE B 223 -6.55 2.14 36.48
CA ILE B 223 -5.11 2.09 36.72
C ILE B 223 -4.33 2.48 35.48
N ILE B 224 -3.39 3.42 35.66
CA ILE B 224 -2.58 3.91 34.53
C ILE B 224 -1.14 3.44 34.69
N THR B 225 -0.57 2.78 33.67
CA THR B 225 0.80 2.28 33.78
C THR B 225 1.64 2.59 32.56
N GLY B 226 2.93 2.58 32.78
CA GLY B 226 3.89 2.92 31.74
C GLY B 226 4.18 4.39 31.71
N ILE B 227 3.86 5.11 32.78
CA ILE B 227 4.10 6.54 32.81
C ILE B 227 5.55 6.85 33.15
N LYS B 228 6.17 7.64 32.31
CA LYS B 228 7.57 8.00 32.49
C LYS B 228 7.73 8.87 33.75
N PRO B 229 8.77 8.68 34.54
CA PRO B 229 8.99 9.52 35.76
C PRO B 229 9.00 11.01 35.45
N GLU B 230 9.57 11.40 34.30
CA GLU B 230 9.63 12.80 33.96
C GLU B 230 8.21 13.33 33.79
N LEU B 231 7.38 12.53 33.12
CA LEU B 231 5.99 12.90 32.84
C LEU B 231 5.18 13.06 34.14
N ALA B 232 5.40 12.17 35.09
CA ALA B 232 4.66 12.22 36.36
C ALA B 232 4.99 13.49 37.13
N MET B 233 6.24 13.91 37.08
CA MET B 233 6.64 15.14 37.78
C MET B 233 5.91 16.34 37.16
N LYS B 234 5.80 16.35 35.84
CA LYS B 234 5.11 17.44 35.13
C LYS B 234 3.62 17.45 35.54
N MET B 235 3.05 16.26 35.56
CA MET B 235 1.64 16.04 35.94
C MET B 235 1.36 16.43 37.39
N ASN B 236 2.33 16.18 38.25
CA ASN B 236 2.18 16.50 39.67
C ASN B 236 2.00 18.00 39.85
N LYS B 237 2.75 18.78 39.08
CA LYS B 237 2.64 20.22 39.17
C LYS B 237 1.24 20.66 38.73
N LEU B 238 0.72 20.08 37.63
CA LEU B 238 -0.61 20.48 37.16
C LEU B 238 -1.71 20.16 38.20
N ASP B 239 -1.65 18.98 38.78
CA ASP B 239 -2.66 18.59 39.78
C ASP B 239 -2.15 17.52 40.71
N ALA B 240 -2.34 17.66 42.02
CA ALA B 240 -1.91 16.61 42.92
C ALA B 240 -2.71 15.36 42.56
N ASN B 241 -4.02 15.54 42.37
CA ASN B 241 -4.96 14.44 42.13
C ASN B 241 -4.42 13.45 41.11
N PHE B 242 -3.46 13.86 40.31
CA PHE B 242 -2.91 12.95 39.33
C PHE B 242 -2.26 11.76 40.04
N SER B 243 -1.47 12.03 41.09
CA SER B 243 -0.82 10.94 41.80
C SER B 243 -1.91 10.01 42.29
N SER B 244 -2.99 10.55 42.83
CA SER B 244 -4.10 9.77 43.35
C SER B 244 -4.31 8.46 42.61
N LEU B 245 -4.10 8.42 41.31
CA LEU B 245 -4.33 7.19 40.58
C LEU B 245 -3.07 6.34 40.58
N LYS B 246 -3.20 5.06 40.90
CA LYS B 246 -2.05 4.17 40.98
C LYS B 246 -1.30 4.15 39.67
N THR B 247 0.03 4.25 39.78
CA THR B 247 0.90 4.20 38.61
C THR B 247 1.99 3.16 38.77
N TYR B 248 2.15 2.30 37.78
CA TYR B 248 3.20 1.28 37.80
C TYR B 248 4.20 1.57 36.69
N SER B 249 5.48 1.31 36.97
CA SER B 249 6.53 1.57 35.99
C SER B 249 6.35 0.71 34.74
N ASN B 250 5.85 -0.50 34.95
CA ASN B 250 5.59 -1.43 33.85
C ASN B 250 4.38 -2.30 34.10
N VAL B 251 3.82 -2.84 33.01
CA VAL B 251 2.67 -3.74 33.07
C VAL B 251 2.99 -5.04 33.81
N LYS B 252 4.14 -5.63 33.50
CA LYS B 252 4.52 -6.89 34.14
C LYS B 252 4.62 -6.69 35.64
N ASP B 253 5.29 -5.61 36.03
CA ASP B 253 5.45 -5.29 37.44
C ASP B 253 4.11 -5.07 38.14
N ALA B 254 3.19 -4.36 37.52
CA ALA B 254 1.88 -4.15 38.14
C ALA B 254 1.12 -5.44 38.27
N VAL B 255 1.21 -6.27 37.25
CA VAL B 255 0.52 -7.53 37.27
C VAL B 255 1.05 -8.44 38.35
N LYS B 256 2.38 -8.54 38.47
CA LYS B 256 2.97 -9.44 39.47
C LYS B 256 2.60 -8.99 40.91
N VAL B 257 2.78 -7.70 41.15
CA VAL B 257 2.48 -7.14 42.47
C VAL B 257 0.99 -7.23 42.81
N LEU B 258 0.14 -6.98 41.82
CA LEU B 258 -1.31 -7.00 42.06
C LEU B 258 -1.68 -8.02 43.16
N PRO B 259 -1.66 -9.30 42.88
CA PRO B 259 -2.05 -10.32 43.91
C PRO B 259 -1.10 -10.28 45.10
N ILE B 260 -1.61 -10.46 46.34
CA ILE B 260 -0.73 -10.49 47.52
C ILE B 260 -1.39 -11.20 48.71
N MET B 261 -2.70 -11.41 48.65
CA MET B 261 -3.41 -12.08 49.74
C MET B 261 -4.49 -13.01 49.22
N1 FMN C . -0.56 -9.25 -25.68
C2 FMN C . 0.37 -9.17 -24.63
O2 FMN C . 0.44 -10.07 -23.80
N3 FMN C . 1.23 -8.07 -24.54
C4 FMN C . 1.16 -7.05 -25.50
O4 FMN C . 1.90 -6.07 -25.39
C4A FMN C . 0.26 -7.14 -26.55
N5 FMN C . 0.20 -6.17 -27.47
C5A FMN C . -0.74 -6.21 -28.43
C6 FMN C . -0.90 -5.11 -29.27
C7 FMN C . -1.98 -5.07 -30.16
C7M FMN C . -2.15 -3.95 -30.97
C8 FMN C . -2.87 -6.13 -30.22
C8M FMN C . -3.93 -6.13 -31.12
C9 FMN C . -2.69 -7.24 -29.38
C9A FMN C . -1.62 -7.27 -28.50
N10 FMN C . -1.45 -8.33 -27.68
C10 FMN C . -0.59 -8.24 -26.65
C1' FMN C . -2.12 -9.62 -27.96
C2' FMN C . -1.42 -10.25 -29.17
O2' FMN C . -0.74 -9.23 -29.91
C3' FMN C . -2.45 -10.93 -30.07
O3' FMN C . -3.51 -10.01 -30.36
C4' FMN C . -3.02 -12.16 -29.35
O4' FMN C . -1.94 -12.94 -28.83
C5' FMN C . -3.84 -13.00 -30.34
O5' FMN C . -2.99 -13.24 -31.46
P FMN C . -2.47 -14.73 -31.78
O1P FMN C . -1.04 -14.53 -32.09
O2P FMN C . -3.29 -15.15 -32.93
O3P FMN C . -2.73 -15.47 -30.52
HN3 FMN C . 1.89 -8.01 -23.80
H6 FMN C . -0.17 -4.30 -29.27
HM71 FMN C . -2.90 -3.30 -30.54
HM72 FMN C . -2.47 -4.28 -31.96
HM73 FMN C . -1.20 -3.43 -31.06
HM81 FMN C . -4.30 -5.10 -31.23
HM82 FMN C . -4.73 -6.76 -30.74
HM83 FMN C . -3.58 -6.49 -32.08
H9 FMN C . -3.38 -8.07 -29.43
H1'1 FMN C . -3.16 -9.53 -28.26
H1'2 FMN C . -1.95 -10.32 -27.15
H2' FMN C . -0.69 -10.99 -28.82
HO2' FMN C . -0.90 -9.36 -30.88
H3' FMN C . -1.98 -11.25 -30.99
HO3' FMN C . -3.13 -9.18 -30.75
H4' FMN C . -3.66 -11.83 -28.53
HO4' FMN C . -2.30 -13.60 -28.16
H5'1 FMN C . -4.71 -12.51 -30.72
H5'2 FMN C . -4.03 -13.98 -29.90
N1 FMN D . 4.64 23.25 -13.28
C2 FMN D . 3.54 22.62 -12.69
O2 FMN D . 3.30 22.79 -11.49
N3 FMN D . 2.70 21.82 -13.47
C4 FMN D . 2.96 21.63 -14.83
O4 FMN D . 2.25 20.89 -15.49
C4A FMN D . 4.06 22.26 -15.41
N5 FMN D . 4.32 22.09 -16.72
C5A FMN D . 5.43 22.62 -17.26
C6 FMN D . 5.78 22.29 -18.56
C7 FMN D . 7.01 22.70 -19.07
C7M FMN D . 7.36 22.33 -20.37
C8 FMN D . 7.87 23.46 -18.29
C8M FMN D . 9.09 23.89 -18.80
C9 FMN D . 7.51 23.79 -16.99
C9A FMN D . 6.28 23.38 -16.47
N10 FMN D . 5.93 23.70 -15.22
C10 FMN D . 4.89 23.07 -14.65
C1' FMN D . 6.62 24.79 -14.49
C2' FMN D . 6.16 26.11 -15.11
O2' FMN D . 5.66 25.86 -16.43
C3' FMN D . 7.34 27.09 -15.17
O3' FMN D . 8.46 26.45 -15.80
C4' FMN D . 7.72 27.53 -13.76
O4' FMN D . 6.55 27.92 -13.05
C5' FMN D . 8.70 28.70 -13.82
O5' FMN D . 8.09 29.69 -14.66
P FMN D . 7.61 31.09 -14.04
O1P FMN D . 6.27 31.30 -14.64
O2P FMN D . 8.64 32.05 -14.49
O3P FMN D . 7.59 30.84 -12.58
HN3 FMN D . 1.91 21.35 -13.05
H6 FMN D . 5.08 21.75 -19.19
HM71 FMN D . 8.02 21.47 -20.34
HM72 FMN D . 7.87 23.16 -20.85
HM73 FMN D . 6.46 22.09 -20.93
HM81 FMN D . 9.50 23.14 -19.46
HM82 FMN D . 9.78 24.06 -17.98
HM83 FMN D . 8.93 24.82 -19.34
H9 FMN D . 8.18 24.39 -16.37
H1'1 FMN D . 7.69 24.79 -14.60
H1'2 FMN D . 6.27 24.83 -13.46
H2' FMN D . 5.37 26.54 -14.49
HO2' FMN D . 6.00 26.57 -17.05
H3' FMN D . 7.05 27.97 -15.75
HO3' FMN D . 8.19 26.15 -16.72
H4' FMN D . 8.19 26.69 -13.24
HO4' FMN D . 6.74 27.92 -12.07
H5'1 FMN D . 9.65 28.47 -14.29
H5'2 FMN D . 8.77 29.16 -12.84
N GLY A 1 -9.40 16.95 -39.10
CA GLY A 1 -8.91 15.75 -39.83
C GLY A 1 -8.41 16.16 -41.21
N ALA A 2 -7.45 17.06 -41.23
CA ALA A 2 -6.88 17.55 -42.49
C ALA A 2 -5.41 17.97 -42.29
N SER A 3 -4.65 18.22 -43.36
CA SER A 3 -3.26 18.67 -43.26
C SER A 3 -3.18 20.10 -42.75
N PHE A 4 -4.30 20.79 -42.88
CA PHE A 4 -4.40 22.15 -42.33
C PHE A 4 -4.44 22.16 -40.78
N GLN A 5 -5.53 21.65 -40.21
CA GLN A 5 -5.70 21.58 -38.75
C GLN A 5 -4.71 20.62 -38.08
N SER A 6 -4.44 19.51 -38.74
CA SER A 6 -3.52 18.51 -38.18
C SER A 6 -2.15 19.11 -37.96
N PHE A 7 -1.71 19.93 -38.92
CA PHE A 7 -0.44 20.66 -38.81
C PHE A 7 0.75 19.78 -39.23
N GLY A 8 1.08 19.82 -40.53
CA GLY A 8 2.17 19.00 -41.06
C GLY A 8 3.51 19.40 -40.46
N ILE A 9 4.55 19.39 -41.30
CA ILE A 9 5.92 19.74 -40.88
C ILE A 9 6.62 18.52 -40.25
N PRO A 10 7.62 17.95 -40.90
CA PRO A 10 8.31 16.74 -40.34
C PRO A 10 9.04 17.04 -39.03
N GLY A 11 9.37 18.30 -38.80
CA GLY A 11 10.06 18.68 -37.57
C GLY A 11 9.20 18.42 -36.33
N GLN A 12 7.91 18.67 -36.46
CA GLN A 12 7.00 18.45 -35.35
C GLN A 12 6.96 16.97 -35.00
N LEU A 13 6.97 16.13 -36.03
CA LEU A 13 6.92 14.68 -35.86
C LEU A 13 8.14 14.12 -35.12
N GLU A 14 9.32 14.64 -35.45
CA GLU A 14 10.55 14.16 -34.81
C GLU A 14 10.47 14.49 -33.33
N VAL A 15 9.95 15.68 -32.99
CA VAL A 15 9.83 16.09 -31.58
C VAL A 15 8.94 15.14 -30.80
N ILE A 16 7.82 14.76 -31.40
CA ILE A 16 6.90 13.89 -30.70
C ILE A 16 7.58 12.55 -30.42
N LYS A 17 8.31 12.01 -31.40
CA LYS A 17 8.99 10.72 -31.17
C LYS A 17 10.04 10.82 -30.06
N LYS A 18 10.86 11.86 -30.06
CA LYS A 18 11.94 11.92 -29.07
C LYS A 18 11.33 11.93 -27.69
N ALA A 19 10.23 12.66 -27.54
CA ALA A 19 9.58 12.73 -26.23
C ALA A 19 9.16 11.33 -25.76
N LEU A 20 8.62 10.55 -26.68
CA LEU A 20 8.23 9.16 -26.37
C LEU A 20 9.46 8.35 -25.96
N ASP A 21 10.56 8.56 -26.67
CA ASP A 21 11.84 7.87 -26.39
C ASP A 21 12.40 8.23 -25.01
N HIS A 22 12.27 9.49 -24.60
CA HIS A 22 12.80 9.92 -23.30
C HIS A 22 12.20 9.11 -22.15
N VAL A 23 10.91 8.81 -22.21
CA VAL A 23 10.25 8.03 -21.17
C VAL A 23 9.81 6.69 -21.74
N ARG A 24 10.19 5.60 -21.06
CA ARG A 24 9.90 4.26 -21.52
C ARG A 24 8.41 3.92 -21.38
N VAL A 25 7.74 3.87 -22.54
CA VAL A 25 6.32 3.54 -22.59
C VAL A 25 6.12 2.64 -23.80
N GLY A 26 5.23 1.69 -23.66
CA GLY A 26 4.97 0.76 -24.75
C GLY A 26 3.74 1.13 -25.56
N VAL A 27 3.97 1.87 -26.65
CA VAL A 27 2.89 2.21 -27.55
C VAL A 27 3.31 1.76 -28.95
N VAL A 28 2.44 1.03 -29.62
CA VAL A 28 2.74 0.54 -30.97
C VAL A 28 1.53 0.70 -31.87
N ILE A 29 1.76 0.72 -33.18
CA ILE A 29 0.65 0.79 -34.13
C ILE A 29 0.69 -0.43 -35.01
N THR A 30 -0.45 -1.09 -35.11
CA THR A 30 -0.62 -2.26 -35.96
C THR A 30 -1.35 -1.84 -37.22
N ASP A 31 -1.40 -2.72 -38.21
CA ASP A 31 -2.12 -2.41 -39.44
C ASP A 31 -3.00 -3.59 -39.87
N PRO A 32 -4.29 -3.57 -39.64
CA PRO A 32 -5.17 -4.70 -40.02
C PRO A 32 -5.20 -4.91 -41.53
N ALA A 33 -4.85 -3.86 -42.26
CA ALA A 33 -4.82 -3.91 -43.74
C ALA A 33 -3.82 -4.94 -44.26
N LEU A 34 -2.71 -5.11 -43.54
CA LEU A 34 -1.69 -6.10 -43.91
C LEU A 34 -2.02 -7.46 -43.30
N GLU A 35 -1.26 -8.49 -43.67
CA GLU A 35 -1.54 -9.87 -43.19
C GLU A 35 -1.26 -10.05 -41.70
N ASP A 36 -2.21 -10.66 -41.00
CA ASP A 36 -2.09 -10.96 -39.57
C ASP A 36 -1.93 -9.70 -38.70
N ASN A 37 -2.37 -8.58 -39.25
CA ASN A 37 -2.25 -7.29 -38.55
C ASN A 37 -0.86 -7.14 -37.90
N PRO A 38 0.17 -7.05 -38.69
CA PRO A 38 1.57 -6.91 -38.21
C PRO A 38 1.83 -5.54 -37.58
N ILE A 39 2.82 -5.50 -36.69
CA ILE A 39 3.17 -4.26 -36.03
C ILE A 39 4.18 -3.50 -36.87
N VAL A 40 3.83 -2.25 -37.24
CA VAL A 40 4.70 -1.42 -38.07
C VAL A 40 5.43 -0.35 -37.25
N TYR A 41 4.70 0.34 -36.37
CA TYR A 41 5.32 1.40 -35.57
C TYR A 41 5.81 0.89 -34.24
N VAL A 42 7.10 1.11 -33.99
CA VAL A 42 7.72 0.72 -32.74
C VAL A 42 8.75 1.78 -32.33
N ASN A 43 8.82 2.10 -31.05
CA ASN A 43 9.80 3.08 -30.57
C ASN A 43 11.03 2.36 -30.03
N GLN A 44 12.12 3.09 -29.82
CA GLN A 44 13.33 2.51 -29.23
C GLN A 44 13.13 2.08 -27.79
N GLY A 45 12.38 2.89 -27.03
CA GLY A 45 12.11 2.60 -25.63
C GLY A 45 11.40 1.28 -25.49
N PHE A 46 10.68 0.87 -26.52
CA PHE A 46 9.98 -0.40 -26.42
C PHE A 46 11.03 -1.44 -26.16
N VAL A 47 12.13 -1.45 -26.93
CA VAL A 47 13.13 -2.51 -26.81
C VAL A 47 13.71 -2.57 -25.41
N GLN A 48 14.04 -1.44 -24.87
CA GLN A 48 14.63 -1.42 -23.53
C GLN A 48 13.65 -1.94 -22.48
N MET A 49 12.37 -1.61 -22.64
CA MET A 49 11.33 -2.14 -21.75
C MET A 49 11.09 -3.64 -21.86
N THR A 50 11.04 -4.17 -23.10
CA THR A 50 10.79 -5.60 -23.30
C THR A 50 12.08 -6.39 -23.32
N GLY A 51 13.16 -5.72 -23.65
CA GLY A 51 14.46 -6.37 -23.73
C GLY A 51 14.59 -7.13 -25.05
N TYR A 52 13.74 -6.79 -26.01
CA TYR A 52 13.73 -7.40 -27.34
C TYR A 52 14.16 -6.41 -28.41
N GLU A 53 14.97 -6.89 -29.35
CA GLU A 53 15.44 -6.05 -30.44
C GLU A 53 14.26 -5.61 -31.29
N THR A 54 14.36 -4.41 -31.87
CA THR A 54 13.30 -3.85 -32.69
C THR A 54 13.07 -4.63 -33.98
N GLU A 55 14.10 -5.22 -34.55
CA GLU A 55 13.92 -5.97 -35.77
C GLU A 55 13.08 -7.22 -35.54
N GLU A 56 13.33 -7.93 -34.44
CA GLU A 56 12.54 -9.11 -34.15
C GLU A 56 11.09 -8.70 -33.90
N ILE A 57 10.86 -7.66 -33.07
CA ILE A 57 9.49 -7.29 -32.73
C ILE A 57 8.65 -6.92 -33.93
N LEU A 58 9.15 -6.02 -34.77
CA LEU A 58 8.42 -5.64 -35.97
C LEU A 58 8.14 -6.90 -36.75
N GLY A 59 6.99 -6.94 -37.41
CA GLY A 59 6.64 -8.08 -38.24
C GLY A 59 6.04 -9.25 -37.46
N LYS A 60 5.97 -9.17 -36.12
CA LYS A 60 5.40 -10.26 -35.33
C LYS A 60 4.47 -9.76 -34.25
N ASN A 61 3.50 -10.59 -33.85
CA ASN A 61 2.53 -10.22 -32.84
C ASN A 61 3.11 -10.40 -31.45
N CYS A 62 2.64 -9.60 -30.52
CA CYS A 62 3.11 -9.65 -29.15
C CYS A 62 2.79 -10.99 -28.50
N ARG A 63 2.45 -12.00 -29.31
CA ARG A 63 2.11 -13.31 -28.77
C ARG A 63 3.30 -13.92 -28.02
N PHE A 64 4.50 -13.79 -28.56
CA PHE A 64 5.70 -14.38 -27.95
C PHE A 64 5.94 -13.95 -26.48
N LEU A 65 5.37 -12.83 -26.09
CA LEU A 65 5.47 -12.35 -24.70
C LEU A 65 4.76 -13.26 -23.70
N GLN A 66 3.62 -13.80 -24.14
CA GLN A 66 2.80 -14.67 -23.32
C GLN A 66 3.52 -15.95 -22.91
N GLY A 67 3.37 -16.35 -21.65
CA GLY A 67 4.02 -17.58 -21.17
C GLY A 67 3.18 -18.31 -20.10
N LYS A 68 3.84 -18.97 -19.15
CA LYS A 68 3.16 -19.75 -18.11
C LYS A 68 2.29 -18.87 -17.19
N HIS A 69 2.79 -17.71 -16.84
CA HIS A 69 2.08 -16.80 -15.94
C HIS A 69 0.95 -16.08 -16.66
N THR A 70 0.90 -16.22 -17.97
CA THR A 70 -0.14 -15.57 -18.76
C THR A 70 -1.50 -16.13 -18.36
N ASP A 71 -2.42 -15.22 -18.04
CA ASP A 71 -3.76 -15.62 -17.60
C ASP A 71 -4.67 -15.84 -18.82
N PRO A 72 -5.10 -17.05 -19.12
CA PRO A 72 -5.99 -17.31 -20.28
C PRO A 72 -7.30 -16.52 -20.23
N ALA A 73 -7.78 -16.23 -19.02
CA ALA A 73 -9.02 -15.47 -18.88
C ALA A 73 -8.87 -14.07 -19.46
N GLU A 74 -7.72 -13.46 -19.21
CA GLU A 74 -7.44 -12.13 -19.74
C GLU A 74 -7.35 -12.21 -21.27
N VAL A 75 -6.67 -13.24 -21.72
CA VAL A 75 -6.42 -13.45 -23.15
C VAL A 75 -7.77 -13.58 -23.85
N ASP A 76 -8.65 -14.33 -23.23
CA ASP A 76 -9.99 -14.54 -23.77
C ASP A 76 -10.80 -13.23 -23.79
N ASN A 77 -10.64 -12.38 -22.78
CA ASN A 77 -11.35 -11.12 -22.72
C ASN A 77 -10.94 -10.21 -23.88
N ILE A 78 -9.65 -10.23 -24.18
CA ILE A 78 -9.10 -9.45 -25.30
C ILE A 78 -9.67 -9.91 -26.67
N ARG A 79 -9.71 -11.21 -26.81
CA ARG A 79 -10.21 -11.85 -28.02
C ARG A 79 -11.70 -11.48 -28.19
N THR A 80 -12.43 -11.50 -27.07
CA THR A 80 -13.84 -11.13 -27.11
C THR A 80 -13.91 -9.66 -27.60
N ALA A 81 -13.11 -8.77 -26.97
CA ALA A 81 -13.26 -7.33 -27.23
C ALA A 81 -13.02 -6.99 -28.70
N LEU A 82 -12.02 -7.60 -29.35
CA LEU A 82 -11.72 -7.32 -30.74
C LEU A 82 -12.88 -7.69 -31.65
N GLN A 83 -13.49 -8.84 -31.35
CA GLN A 83 -14.64 -9.28 -32.13
C GLN A 83 -15.77 -8.26 -31.95
N ASN A 84 -15.92 -7.79 -30.71
CA ASN A 84 -16.93 -6.78 -30.38
C ASN A 84 -16.54 -5.41 -30.95
N LYS A 85 -15.24 -5.25 -31.20
CA LYS A 85 -14.71 -3.97 -31.68
C LYS A 85 -14.96 -2.88 -30.64
N GLU A 86 -14.72 -3.19 -29.36
CA GLU A 86 -14.90 -2.21 -28.29
C GLU A 86 -13.61 -2.11 -27.46
N PRO A 87 -13.31 -0.97 -26.88
CA PRO A 87 -12.07 -0.83 -26.06
C PRO A 87 -12.05 -1.73 -24.83
N VAL A 88 -10.86 -2.24 -24.51
CA VAL A 88 -10.68 -3.13 -23.37
C VAL A 88 -9.39 -2.81 -22.62
N THR A 89 -9.40 -2.88 -21.28
CA THR A 89 -8.17 -2.68 -20.52
C THR A 89 -7.97 -3.87 -19.59
N VAL A 90 -6.84 -4.56 -19.72
CA VAL A 90 -6.54 -5.69 -18.86
C VAL A 90 -5.06 -5.70 -18.44
N GLN A 91 -4.75 -6.38 -17.34
CA GLN A 91 -3.34 -6.52 -16.92
C GLN A 91 -2.94 -7.94 -17.27
N ILE A 92 -1.80 -8.20 -17.96
CA ILE A 92 -1.41 -9.57 -18.26
C ILE A 92 0.12 -9.80 -18.10
N GLN A 93 0.44 -10.82 -17.33
CA GLN A 93 1.84 -11.20 -17.06
C GLN A 93 2.56 -11.55 -18.38
N ASN A 94 3.79 -11.08 -18.53
CA ASN A 94 4.58 -11.33 -19.75
C ASN A 94 6.03 -11.67 -19.42
N TYR A 95 6.73 -12.32 -20.36
CA TYR A 95 8.13 -12.76 -20.15
C TYR A 95 9.12 -12.11 -21.13
N LYS A 96 10.28 -11.67 -20.62
CA LYS A 96 11.28 -10.99 -21.46
C LYS A 96 12.22 -11.99 -22.12
N LYS A 97 13.26 -11.47 -22.78
CA LYS A 97 14.24 -12.33 -23.43
C LYS A 97 14.96 -13.21 -22.38
N ASP A 98 15.35 -12.60 -21.26
CA ASP A 98 16.08 -13.33 -20.21
C ASP A 98 15.14 -14.13 -19.29
N GLY A 99 13.85 -14.17 -19.60
CA GLY A 99 12.92 -14.99 -18.83
C GLY A 99 12.36 -14.22 -17.63
N THR A 100 12.79 -12.99 -17.47
CA THR A 100 12.30 -12.18 -16.38
C THR A 100 10.79 -12.05 -16.58
N MET A 101 10.03 -12.16 -15.51
CA MET A 101 8.57 -12.03 -15.58
C MET A 101 8.12 -10.69 -15.06
N PHE A 102 7.30 -10.00 -15.84
CA PHE A 102 6.84 -8.67 -15.45
C PHE A 102 5.38 -8.50 -15.84
N TRP A 103 4.71 -7.56 -15.20
CA TRP A 103 3.30 -7.31 -15.51
C TRP A 103 3.22 -6.26 -16.60
N ASN A 104 2.25 -6.41 -17.51
CA ASN A 104 2.14 -5.48 -18.63
C ASN A 104 0.71 -5.06 -18.96
N GLU A 105 0.29 -3.86 -18.54
CA GLU A 105 -1.09 -3.47 -18.77
C GLU A 105 -1.29 -3.31 -20.26
N LEU A 106 -2.41 -3.83 -20.77
CA LEU A 106 -2.70 -3.73 -22.20
C LEU A 106 -4.01 -2.99 -22.47
N ASN A 107 -3.94 -1.93 -23.28
CA ASN A 107 -5.13 -1.17 -23.66
C ASN A 107 -5.30 -1.15 -25.18
N ILE A 108 -6.45 -1.64 -25.66
CA ILE A 108 -6.73 -1.69 -27.09
C ILE A 108 -7.97 -0.88 -27.44
N ASP A 109 -7.85 0.03 -28.42
CA ASP A 109 -8.97 0.88 -28.82
C ASP A 109 -9.05 0.97 -30.35
N PRO A 110 -10.18 0.61 -30.95
CA PRO A 110 -10.35 0.68 -32.43
C PRO A 110 -10.47 2.12 -32.93
N MET A 111 -10.03 2.32 -34.16
CA MET A 111 -10.09 3.64 -34.78
C MET A 111 -10.86 3.51 -36.09
N GLU A 112 -11.48 4.59 -36.58
CA GLU A 112 -12.19 4.57 -37.86
C GLU A 112 -11.68 5.73 -38.72
N ILE A 113 -10.71 5.44 -39.56
CA ILE A 113 -10.10 6.46 -40.43
C ILE A 113 -10.26 6.11 -41.88
N GLU A 114 -10.72 7.04 -42.71
CA GLU A 114 -10.82 6.79 -44.15
C GLU A 114 -11.55 5.48 -44.42
N ASP A 115 -12.55 5.21 -43.62
CA ASP A 115 -13.34 3.97 -43.76
C ASP A 115 -12.45 2.75 -43.61
N LYS A 116 -11.38 2.89 -42.84
CA LYS A 116 -10.46 1.78 -42.58
C LYS A 116 -10.31 1.62 -41.08
N THR A 117 -10.11 0.38 -40.59
CA THR A 117 -9.99 0.18 -39.15
C THR A 117 -8.54 0.46 -38.71
N TYR A 118 -8.20 0.20 -37.46
CA TYR A 118 -6.83 0.30 -36.97
C TYR A 118 -6.83 -0.30 -35.56
N PHE A 119 -5.67 -0.81 -35.12
CA PHE A 119 -5.51 -1.28 -33.74
C PHE A 119 -4.27 -0.64 -33.12
N VAL A 120 -4.32 -0.34 -31.82
CA VAL A 120 -3.17 0.22 -31.12
C VAL A 120 -2.98 -0.50 -29.81
N GLY A 121 -1.75 -0.86 -29.50
CA GLY A 121 -1.47 -1.53 -28.23
C GLY A 121 -0.74 -0.58 -27.32
N ILE A 122 -1.22 -0.42 -26.09
CA ILE A 122 -0.56 0.46 -25.15
C ILE A 122 -0.10 -0.40 -23.99
N GLN A 123 1.17 -0.28 -23.63
CA GLN A 123 1.72 -1.04 -22.52
C GLN A 123 2.22 -0.12 -21.44
N ASN A 124 1.59 -0.20 -20.27
CA ASN A 124 1.95 0.67 -19.14
C ASN A 124 2.49 -0.12 -17.96
N ASP A 125 3.79 0.10 -17.68
CA ASP A 125 4.50 -0.63 -16.63
C ASP A 125 3.95 -0.39 -15.22
N ILE A 126 3.68 -1.51 -14.54
CA ILE A 126 3.16 -1.50 -13.15
C ILE A 126 4.29 -1.65 -12.14
N THR A 127 5.55 -1.69 -12.61
CA THR A 127 6.73 -1.87 -11.71
C THR A 127 6.85 -0.76 -10.67
N LYS A 128 6.65 0.50 -11.05
CA LYS A 128 6.79 1.60 -10.08
C LYS A 128 5.80 1.37 -8.95
N GLN A 129 4.59 0.96 -9.30
CA GLN A 129 3.57 0.66 -8.31
C GLN A 129 4.01 -0.51 -7.47
N LYS A 130 4.63 -1.52 -8.06
CA LYS A 130 5.03 -2.68 -7.23
C LYS A 130 6.03 -2.26 -6.20
N GLU A 131 6.96 -1.42 -6.61
CA GLU A 131 8.00 -0.97 -5.70
C GLU A 131 7.36 -0.21 -4.53
N TYR A 132 6.31 0.54 -4.84
CA TYR A 132 5.56 1.26 -3.81
C TYR A 132 4.94 0.27 -2.81
N GLU A 133 4.34 -0.82 -3.33
CA GLU A 133 3.73 -1.82 -2.45
C GLU A 133 4.82 -2.47 -1.60
N LYS A 134 5.97 -2.72 -2.21
CA LYS A 134 7.07 -3.35 -1.48
C LYS A 134 7.51 -2.45 -0.32
N LEU A 135 7.57 -1.15 -0.59
CA LEU A 135 8.01 -0.22 0.44
C LEU A 135 7.03 -0.34 1.62
N LEU A 136 5.75 -0.39 1.30
CA LEU A 136 4.71 -0.50 2.32
C LEU A 136 4.86 -1.80 3.08
N GLU A 137 5.17 -2.89 2.37
CA GLU A 137 5.31 -4.18 3.04
C GLU A 137 6.45 -4.11 4.05
N ASP A 138 7.55 -3.46 3.67
CA ASP A 138 8.70 -3.40 4.57
C ASP A 138 8.25 -2.69 5.85
N SER A 139 7.48 -1.63 5.68
CA SER A 139 6.94 -0.89 6.82
C SER A 139 6.04 -1.76 7.67
N LEU A 140 5.20 -2.57 7.04
CA LEU A 140 4.32 -3.47 7.77
C LEU A 140 5.15 -4.48 8.56
N THR A 141 6.19 -5.01 7.93
CA THR A 141 7.03 -6.04 8.54
C THR A 141 7.68 -5.52 9.82
N GLU A 142 8.26 -4.32 9.77
CA GLU A 142 8.90 -3.76 10.95
C GLU A 142 7.82 -3.53 12.01
N ILE A 143 6.68 -3.06 11.53
CA ILE A 143 5.52 -2.83 12.36
C ILE A 143 4.98 -4.15 12.93
N THR A 144 4.90 -5.21 12.10
CA THR A 144 4.38 -6.50 12.58
C THR A 144 5.22 -7.08 13.70
N ALA A 145 6.55 -7.10 13.56
CA ALA A 145 7.37 -7.68 14.63
C ALA A 145 7.18 -6.85 15.89
N LEU A 146 7.13 -5.52 15.72
CA LEU A 146 6.92 -4.62 16.85
C LEU A 146 5.56 -4.82 17.52
N SER A 147 4.49 -5.00 16.73
CA SER A 147 3.15 -5.16 17.33
C SER A 147 3.17 -6.41 18.22
N THR A 148 3.87 -7.40 17.69
CA THR A 148 4.05 -8.70 18.35
C THR A 148 3.91 -8.47 19.85
N PRO A 149 2.71 -8.35 20.35
CA PRO A 149 2.51 -7.97 21.78
C PRO A 149 3.08 -8.97 22.78
N ILE A 150 3.58 -8.40 23.85
CA ILE A 150 4.10 -9.14 24.99
C ILE A 150 3.25 -8.66 26.12
N VAL A 151 2.75 -9.52 27.00
CA VAL A 151 1.96 -9.07 28.13
C VAL A 151 1.82 -10.27 29.06
N PRO A 152 2.69 -10.43 30.01
CA PRO A 152 2.59 -11.61 30.89
C PRO A 152 1.26 -11.57 31.65
N ILE A 153 0.58 -12.70 31.73
CA ILE A 153 -0.69 -12.74 32.44
C ILE A 153 -0.47 -12.52 33.94
N ARG A 154 0.55 -13.20 34.49
CA ARG A 154 0.86 -13.09 35.93
C ARG A 154 2.33 -13.48 36.14
N ASN A 155 2.66 -13.91 37.35
CA ASN A 155 4.03 -14.31 37.67
C ASN A 155 4.28 -15.79 37.35
N GLY A 156 5.00 -15.99 36.26
CA GLY A 156 5.29 -17.32 35.77
C GLY A 156 4.22 -17.80 34.82
N ILE A 157 3.30 -16.89 34.44
CA ILE A 157 2.30 -17.22 33.45
C ILE A 157 2.34 -16.17 32.32
N SER A 158 2.49 -16.64 31.08
CA SER A 158 2.54 -15.75 29.91
C SER A 158 1.64 -16.27 28.81
N ALA A 159 1.13 -15.39 27.95
CA ALA A 159 0.30 -15.85 26.84
C ALA A 159 0.63 -15.10 25.55
N LEU A 160 0.60 -15.83 24.44
CA LEU A 160 0.91 -15.27 23.12
C LEU A 160 -0.13 -15.71 22.09
N PRO A 161 -1.29 -15.09 22.08
CA PRO A 161 -2.40 -15.44 21.14
C PRO A 161 -2.10 -15.05 19.69
N LEU A 162 -2.69 -15.81 18.77
CA LEU A 162 -2.53 -15.54 17.33
C LEU A 162 -3.87 -15.21 16.69
N VAL A 163 -3.91 -14.09 15.96
CA VAL A 163 -5.13 -13.66 15.28
C VAL A 163 -4.82 -13.50 13.79
N GLY A 164 -5.66 -14.07 12.93
CA GLY A 164 -5.47 -13.94 11.48
C GLY A 164 -5.15 -15.30 10.81
N ASN A 165 -5.17 -15.31 9.48
CA ASN A 165 -4.91 -16.53 8.72
C ASN A 165 -3.42 -16.72 8.54
N LEU A 166 -2.83 -17.76 9.12
CA LEU A 166 -1.40 -17.96 9.02
C LEU A 166 -0.89 -18.42 7.66
N THR A 167 -0.29 -17.50 6.93
CA THR A 167 0.28 -17.80 5.60
C THR A 167 1.72 -18.29 5.73
N GLU A 168 2.24 -18.86 4.66
CA GLU A 168 3.61 -19.38 4.66
C GLU A 168 4.64 -18.27 4.80
N GLU A 169 4.30 -17.11 4.22
CA GLU A 169 5.19 -15.94 4.32
C GLU A 169 5.30 -15.46 5.78
N ARG A 170 4.16 -15.46 6.46
CA ARG A 170 4.05 -15.10 7.86
C ARG A 170 4.81 -16.09 8.77
N PHE A 171 4.84 -17.37 8.37
CA PHE A 171 5.49 -18.41 9.18
C PHE A 171 6.95 -18.07 9.51
N ASN A 172 7.65 -17.30 8.68
CA ASN A 172 9.04 -17.01 8.98
C ASN A 172 9.14 -16.26 10.33
N SER A 173 8.24 -15.33 10.58
CA SER A 173 8.29 -14.57 11.82
C SER A 173 8.18 -15.51 13.03
N ILE A 174 7.29 -16.50 12.93
CA ILE A 174 7.06 -17.45 14.02
C ILE A 174 8.29 -18.29 14.36
N VAL A 175 8.97 -18.80 13.35
CA VAL A 175 10.14 -19.64 13.61
C VAL A 175 11.20 -18.80 14.33
N CYS A 176 11.34 -17.56 13.91
CA CYS A 176 12.29 -16.64 14.53
C CYS A 176 11.93 -16.42 16.01
N THR A 177 10.64 -16.43 16.29
CA THR A 177 10.14 -16.24 17.65
C THR A 177 10.62 -17.37 18.54
N LEU A 178 11.02 -18.50 17.95
CA LEU A 178 11.46 -19.63 18.75
C LEU A 178 12.68 -19.20 19.57
N THR A 179 13.57 -18.45 18.94
CA THR A 179 14.77 -17.97 19.62
C THR A 179 14.35 -17.13 20.84
N ASN A 180 13.37 -16.27 20.66
CA ASN A 180 12.84 -15.42 21.74
C ASN A 180 12.25 -16.28 22.88
N ILE A 181 11.59 -17.37 22.53
CA ILE A 181 10.98 -18.24 23.56
C ILE A 181 12.04 -18.73 24.51
N LEU A 182 13.22 -19.03 24.01
CA LEU A 182 14.27 -19.56 24.89
C LEU A 182 14.58 -18.51 25.98
N SER A 183 14.62 -17.26 25.57
CA SER A 183 14.84 -16.16 26.51
C SER A 183 13.69 -16.11 27.54
N THR A 184 12.49 -16.47 27.12
CA THR A 184 11.31 -16.41 28.00
C THR A 184 11.12 -17.74 28.75
N SER A 185 12.21 -18.48 28.92
CA SER A 185 12.16 -19.77 29.62
C SER A 185 11.76 -19.58 31.08
N LYS A 186 11.91 -18.37 31.57
CA LYS A 186 11.61 -18.04 32.95
C LYS A 186 10.13 -18.30 33.26
N ASP A 187 9.26 -18.02 32.29
CA ASP A 187 7.82 -18.21 32.51
C ASP A 187 7.46 -19.69 32.49
N ASP A 188 7.04 -20.20 33.64
CA ASP A 188 6.69 -21.62 33.79
C ASP A 188 5.52 -22.03 32.91
N TYR A 189 4.48 -21.20 32.85
CA TYR A 189 3.31 -21.54 32.06
C TYR A 189 3.18 -20.61 30.85
N LEU A 190 2.98 -21.21 29.69
CA LEU A 190 2.78 -20.47 28.45
C LEU A 190 1.41 -20.86 27.90
N ILE A 191 0.57 -19.87 27.56
CA ILE A 191 -0.74 -20.18 26.99
C ILE A 191 -0.83 -19.61 25.57
N ILE A 192 -1.18 -20.44 24.60
CA ILE A 192 -1.32 -19.97 23.22
C ILE A 192 -2.77 -20.04 22.79
N ASP A 193 -3.35 -18.94 22.30
CA ASP A 193 -4.72 -18.92 21.81
C ASP A 193 -4.76 -19.15 20.29
N LEU A 194 -5.40 -20.23 19.89
CA LEU A 194 -5.61 -20.53 18.47
C LEU A 194 -7.00 -20.06 18.00
N SER A 195 -7.79 -19.56 18.95
CA SER A 195 -9.14 -19.07 18.64
C SER A 195 -9.15 -17.91 17.65
N GLY A 196 -8.13 -17.08 17.70
CA GLY A 196 -8.08 -15.96 16.76
C GLY A 196 -8.05 -16.52 15.34
N LEU A 197 -7.23 -17.55 15.20
CA LEU A 197 -7.01 -18.17 13.91
C LEU A 197 -8.26 -18.97 13.52
N ALA A 198 -8.76 -18.74 12.31
CA ALA A 198 -9.98 -19.42 11.86
C ALA A 198 -9.76 -20.96 11.82
N GLN A 199 -8.66 -21.36 11.20
CA GLN A 199 -8.37 -22.79 10.99
C GLN A 199 -6.95 -23.18 11.37
N VAL A 200 -6.72 -24.44 11.69
CA VAL A 200 -5.38 -24.87 12.01
C VAL A 200 -4.93 -25.91 11.00
N ASN A 201 -3.73 -25.73 10.48
CA ASN A 201 -3.18 -26.64 9.46
C ASN A 201 -2.49 -27.82 10.12
N GLU A 202 -2.37 -28.94 9.40
CA GLU A 202 -1.73 -30.11 9.99
C GLU A 202 -0.25 -29.82 10.25
N GLN A 203 0.39 -29.09 9.35
CA GLN A 203 1.82 -28.79 9.51
C GLN A 203 2.03 -28.07 10.83
N THR A 204 1.04 -27.31 11.23
CA THR A 204 1.07 -26.58 12.49
C THR A 204 1.20 -27.55 13.67
N ALA A 205 0.46 -28.65 13.62
CA ALA A 205 0.46 -29.59 14.73
C ALA A 205 1.90 -30.06 14.98
N ASP A 206 2.67 -30.27 13.92
CA ASP A 206 4.04 -30.74 14.09
C ASP A 206 4.84 -29.71 14.86
N GLN A 207 4.57 -28.44 14.60
CA GLN A 207 5.23 -27.35 15.32
C GLN A 207 4.87 -27.37 16.80
N ILE A 208 3.61 -27.65 17.11
CA ILE A 208 3.19 -27.65 18.51
C ILE A 208 3.96 -28.73 19.26
N PHE A 209 4.05 -29.91 18.65
CA PHE A 209 4.73 -31.05 19.28
C PHE A 209 6.21 -30.74 19.54
N LYS A 210 6.90 -30.13 18.57
CA LYS A 210 8.31 -29.85 18.77
C LYS A 210 8.47 -28.90 19.94
N LEU A 211 7.60 -27.89 20.02
CA LEU A 211 7.68 -26.91 21.09
C LEU A 211 7.48 -27.56 22.47
N SER A 212 6.52 -28.48 22.60
CA SER A 212 6.30 -29.09 23.90
C SER A 212 7.55 -29.84 24.34
N HIS A 213 8.19 -30.55 23.42
CA HIS A 213 9.39 -31.30 23.77
C HIS A 213 10.52 -30.39 24.20
N LEU A 214 10.77 -29.30 23.45
CA LEU A 214 11.82 -28.39 23.86
C LEU A 214 11.45 -27.82 25.22
N LEU A 215 10.20 -27.39 25.36
CA LEU A 215 9.70 -26.77 26.57
C LEU A 215 9.77 -27.71 27.75
N LYS A 216 9.43 -28.98 27.54
CA LYS A 216 9.43 -29.93 28.64
C LYS A 216 10.85 -30.04 29.19
N LEU A 217 11.85 -30.12 28.32
CA LEU A 217 13.24 -30.23 28.75
C LEU A 217 13.62 -29.00 29.57
N THR A 218 13.15 -27.86 29.12
CA THR A 218 13.43 -26.60 29.81
C THR A 218 12.57 -26.47 31.06
N GLY A 219 11.57 -27.35 31.21
CA GLY A 219 10.70 -27.26 32.37
C GLY A 219 9.59 -26.21 32.22
N THR A 220 9.01 -26.06 31.02
CA THR A 220 7.95 -25.06 30.85
C THR A 220 6.66 -25.69 30.32
N GLU A 221 5.65 -25.69 31.15
CA GLU A 221 4.33 -26.23 30.76
C GLU A 221 3.74 -25.42 29.59
N LEU A 222 3.18 -26.12 28.61
CA LEU A 222 2.54 -25.48 27.44
C LEU A 222 1.05 -25.78 27.45
N ILE A 223 0.23 -24.75 27.30
CA ILE A 223 -1.23 -24.89 27.27
C ILE A 223 -1.77 -24.42 25.92
N ILE A 224 -2.70 -25.20 25.33
CA ILE A 224 -3.29 -24.86 24.04
C ILE A 224 -4.79 -24.56 24.23
N THR A 225 -5.27 -23.45 23.68
CA THR A 225 -6.68 -23.08 23.84
C THR A 225 -7.31 -22.68 22.52
N GLY A 226 -8.64 -22.57 22.50
CA GLY A 226 -9.32 -22.14 21.28
C GLY A 226 -9.39 -23.30 20.28
N ILE A 227 -9.24 -24.49 20.82
CA ILE A 227 -9.31 -25.69 20.02
C ILE A 227 -10.78 -26.05 19.81
N LYS A 228 -11.16 -26.27 18.56
CA LYS A 228 -12.54 -26.63 18.24
C LYS A 228 -12.79 -28.09 18.62
N PRO A 229 -13.94 -28.45 19.17
CA PRO A 229 -14.21 -29.87 19.55
C PRO A 229 -14.01 -30.83 18.38
N GLU A 230 -14.41 -30.42 17.19
CA GLU A 230 -14.29 -31.28 16.02
C GLU A 230 -12.83 -31.56 15.71
N LEU A 231 -12.01 -30.54 15.88
CA LEU A 231 -10.57 -30.66 15.69
C LEU A 231 -9.92 -31.59 16.70
N ALA A 232 -10.33 -31.52 17.97
CA ALA A 232 -9.74 -32.39 19.00
C ALA A 232 -10.06 -33.85 18.73
N MET A 233 -11.27 -34.11 18.25
CA MET A 233 -11.67 -35.48 17.99
C MET A 233 -10.77 -36.07 16.91
N LYS A 234 -10.49 -35.27 15.89
CA LYS A 234 -9.60 -35.69 14.81
C LYS A 234 -8.19 -35.95 15.35
N MET A 235 -7.75 -35.07 16.24
CA MET A 235 -6.44 -35.18 16.88
C MET A 235 -6.33 -36.41 17.76
N ASN A 236 -7.41 -36.79 18.45
CA ASN A 236 -7.34 -37.93 19.35
C ASN A 236 -6.98 -39.17 18.56
N LYS A 237 -7.57 -39.31 17.39
CA LYS A 237 -7.30 -40.47 16.55
C LYS A 237 -5.81 -40.53 16.17
N LEU A 238 -5.25 -39.38 15.88
CA LEU A 238 -3.81 -39.25 15.54
C LEU A 238 -2.89 -39.65 16.70
N ASP A 239 -3.23 -39.25 17.93
CA ASP A 239 -2.40 -39.61 19.09
C ASP A 239 -3.09 -39.29 20.44
N ALA A 240 -3.09 -40.28 21.31
CA ALA A 240 -3.69 -40.13 22.64
C ALA A 240 -2.97 -39.02 23.44
N ASN A 241 -1.72 -38.80 23.10
CA ASN A 241 -0.89 -37.78 23.76
C ASN A 241 -1.48 -36.39 23.59
N PHE A 242 -2.17 -36.13 22.50
CA PHE A 242 -2.68 -34.81 22.25
C PHE A 242 -3.54 -34.37 23.44
N SER A 243 -4.37 -35.28 23.91
CA SER A 243 -5.24 -34.99 25.06
C SER A 243 -4.41 -34.69 26.33
N SER A 244 -3.15 -35.10 26.32
CA SER A 244 -2.24 -34.84 27.44
C SER A 244 -2.16 -33.36 27.75
N LEU A 245 -2.20 -32.50 26.73
CA LEU A 245 -2.06 -31.07 26.97
C LEU A 245 -3.39 -30.39 27.23
N LYS A 246 -3.49 -29.81 28.41
CA LYS A 246 -4.73 -29.13 28.83
C LYS A 246 -5.28 -28.31 27.68
N THR A 247 -6.60 -28.43 27.50
CA THR A 247 -7.32 -27.69 26.47
C THR A 247 -8.51 -26.92 27.08
N TYR A 248 -8.61 -25.65 26.68
CA TYR A 248 -9.69 -24.79 27.14
C TYR A 248 -10.55 -24.33 25.98
N SER A 249 -11.88 -24.27 26.21
CA SER A 249 -12.76 -23.87 25.15
C SER A 249 -12.42 -22.45 24.75
N ASN A 250 -12.13 -21.59 25.73
CA ASN A 250 -11.81 -20.20 25.44
C ASN A 250 -10.77 -19.65 26.44
N VAL A 251 -10.13 -18.56 26.02
CA VAL A 251 -9.11 -17.89 26.83
C VAL A 251 -9.66 -17.34 28.14
N LYS A 252 -10.82 -16.69 28.06
CA LYS A 252 -11.42 -16.12 29.27
C LYS A 252 -11.71 -17.23 30.26
N ASP A 253 -12.27 -18.32 29.77
CA ASP A 253 -12.62 -19.44 30.62
C ASP A 253 -11.37 -20.07 31.27
N ALA A 254 -10.29 -20.24 30.51
CA ALA A 254 -9.08 -20.83 31.08
C ALA A 254 -8.50 -19.91 32.15
N VAL A 255 -8.52 -18.63 31.84
CA VAL A 255 -7.98 -17.64 32.74
C VAL A 255 -8.78 -17.60 34.04
N LYS A 256 -10.12 -17.60 33.91
CA LYS A 256 -10.97 -17.57 35.10
C LYS A 256 -10.80 -18.82 35.94
N VAL A 257 -10.82 -20.00 35.33
CA VAL A 257 -10.65 -21.24 36.09
C VAL A 257 -9.26 -21.35 36.69
N LEU A 258 -8.23 -20.97 35.92
CA LEU A 258 -6.84 -21.11 36.37
C LEU A 258 -6.74 -20.99 37.89
N PRO A 259 -6.89 -19.83 38.47
CA PRO A 259 -6.77 -19.68 39.95
C PRO A 259 -7.86 -20.45 40.70
N ILE A 260 -7.48 -21.10 41.81
CA ILE A 260 -8.45 -21.85 42.62
C ILE A 260 -8.03 -21.91 44.08
N MET A 261 -6.74 -21.85 44.36
CA MET A 261 -6.24 -21.97 45.74
C MET A 261 -5.15 -20.94 46.00
N GLY B 1 16.51 10.70 -38.68
CA GLY B 1 16.13 12.15 -38.56
C GLY B 1 15.92 12.74 -39.93
N ALA B 2 15.00 12.15 -40.67
CA ALA B 2 14.69 12.61 -42.02
C ALA B 2 13.26 12.21 -42.40
N SER B 3 12.68 12.89 -43.38
CA SER B 3 11.32 12.60 -43.81
C SER B 3 11.20 11.16 -44.28
N PHE B 4 12.32 10.57 -44.65
CA PHE B 4 12.32 9.21 -45.17
C PHE B 4 12.07 8.22 -44.05
N GLN B 5 13.02 8.16 -43.12
CA GLN B 5 12.92 7.30 -41.96
C GLN B 5 11.81 7.73 -41.00
N SER B 6 11.63 9.04 -40.82
CA SER B 6 10.61 9.53 -39.91
C SER B 6 9.24 9.04 -40.34
N PHE B 7 9.00 9.08 -41.65
CA PHE B 7 7.75 8.58 -42.24
C PHE B 7 6.67 9.67 -42.18
N GLY B 8 6.56 10.45 -43.26
CA GLY B 8 5.58 11.53 -43.32
C GLY B 8 4.16 11.00 -43.33
N ILE B 9 3.29 11.63 -44.13
CA ILE B 9 1.87 11.25 -44.24
C ILE B 9 1.05 11.88 -43.10
N PRO B 10 0.16 12.82 -43.38
CA PRO B 10 -0.63 13.49 -42.31
C PRO B 10 -1.58 12.50 -41.61
N GLY B 11 -1.92 11.43 -42.31
CA GLY B 11 -2.81 10.42 -41.78
C GLY B 11 -2.22 9.76 -40.53
N GLN B 12 -0.92 9.50 -40.55
CA GLN B 12 -0.27 8.90 -39.39
C GLN B 12 -0.35 9.84 -38.18
N LEU B 13 -0.17 11.13 -38.47
CA LEU B 13 -0.17 12.15 -37.43
C LEU B 13 -1.52 12.23 -36.69
N GLU B 14 -2.62 12.16 -37.42
CA GLU B 14 -3.98 12.25 -36.83
C GLU B 14 -4.24 11.00 -35.91
N VAL B 15 -3.65 9.90 -36.34
CA VAL B 15 -3.73 8.64 -35.59
C VAL B 15 -3.07 8.77 -34.22
N ILE B 16 -1.88 9.37 -34.21
CA ILE B 16 -1.14 9.52 -32.97
C ILE B 16 -1.91 10.44 -32.01
N LYS B 17 -2.45 11.53 -32.55
CA LYS B 17 -3.20 12.48 -31.74
C LYS B 17 -4.48 11.90 -31.13
N LYS B 18 -5.23 11.11 -31.89
CA LYS B 18 -6.46 10.54 -31.31
C LYS B 18 -6.11 9.62 -30.16
N ALA B 19 -5.06 8.83 -30.33
CA ALA B 19 -4.66 7.89 -29.29
C ALA B 19 -4.32 8.63 -28.01
N LEU B 20 -3.67 9.78 -28.12
CA LEU B 20 -3.38 10.59 -26.94
C LEU B 20 -4.70 11.09 -26.30
N ASP B 21 -5.64 11.49 -27.16
CA ASP B 21 -6.95 12.00 -26.71
C ASP B 21 -7.76 10.92 -25.98
N HIS B 22 -7.68 9.69 -26.46
CA HIS B 22 -8.44 8.59 -25.84
C HIS B 22 -8.08 8.43 -24.37
N VAL B 23 -6.81 8.57 -24.01
CA VAL B 23 -6.40 8.45 -22.61
C VAL B 23 -5.88 9.82 -22.12
N ARG B 24 -6.40 10.27 -20.98
CA ARG B 24 -6.05 11.57 -20.44
C ARG B 24 -4.62 11.61 -19.88
N VAL B 25 -3.74 12.27 -20.63
CA VAL B 25 -2.35 12.41 -20.19
C VAL B 25 -1.82 13.78 -20.55
N GLY B 26 -1.15 14.42 -19.62
CA GLY B 26 -0.69 15.77 -19.87
C GLY B 26 0.68 15.82 -20.51
N VAL B 27 0.69 15.97 -21.83
CA VAL B 27 1.94 16.15 -22.56
C VAL B 27 1.79 17.42 -23.39
N VAL B 28 2.76 18.33 -23.28
CA VAL B 28 2.69 19.57 -24.05
C VAL B 28 4.07 19.94 -24.62
N ILE B 29 4.06 20.73 -25.69
CA ILE B 29 5.33 21.16 -26.31
C ILE B 29 5.48 22.68 -26.29
N THR B 30 6.59 23.10 -25.72
CA THR B 30 6.92 24.52 -25.56
C THR B 30 7.96 24.90 -26.59
N ASP B 31 8.08 26.20 -26.89
CA ASP B 31 9.05 26.64 -27.89
C ASP B 31 9.94 27.73 -27.30
N PRO B 32 11.15 27.41 -26.93
CA PRO B 32 12.09 28.42 -26.34
C PRO B 32 12.43 29.52 -27.36
N ALA B 33 12.23 29.21 -28.64
CA ALA B 33 12.51 30.20 -29.69
C ALA B 33 11.63 31.42 -29.50
N LEU B 34 10.36 31.24 -29.17
CA LEU B 34 9.45 32.38 -28.99
C LEU B 34 9.69 33.08 -27.66
N GLU B 35 8.83 34.04 -27.33
CA GLU B 35 8.97 34.81 -26.08
C GLU B 35 8.43 34.05 -24.86
N ASP B 36 9.25 34.02 -23.82
CA ASP B 36 8.87 33.38 -22.56
C ASP B 36 8.45 31.94 -22.79
N ASN B 37 9.15 31.23 -23.67
CA ASN B 37 8.84 29.83 -23.95
C ASN B 37 7.36 29.51 -23.78
N PRO B 38 6.53 30.02 -24.65
CA PRO B 38 5.06 29.77 -24.63
C PRO B 38 4.72 28.35 -25.06
N ILE B 39 3.58 27.85 -24.59
CA ILE B 39 3.15 26.51 -24.95
C ILE B 39 2.37 26.59 -26.25
N VAL B 40 2.77 25.75 -27.23
CA VAL B 40 2.10 25.73 -28.54
C VAL B 40 1.26 24.47 -28.73
N TYR B 41 1.79 23.31 -28.38
CA TYR B 41 1.06 22.06 -28.56
C TYR B 41 0.32 21.67 -27.29
N VAL B 42 -0.99 21.49 -27.43
CA VAL B 42 -1.85 21.07 -26.33
C VAL B 42 -2.91 20.09 -26.85
N ASN B 43 -3.23 19.07 -26.07
CA ASN B 43 -4.26 18.11 -26.49
C ASN B 43 -5.57 18.41 -25.77
N GLN B 44 -6.67 17.89 -26.30
CA GLN B 44 -7.99 18.08 -25.70
C GLN B 44 -8.08 17.46 -24.32
N GLY B 45 -7.46 16.31 -24.15
CA GLY B 45 -7.47 15.61 -22.86
C GLY B 45 -6.86 16.48 -21.76
N PHE B 46 -5.97 17.37 -22.14
CA PHE B 46 -5.31 18.25 -21.19
C PHE B 46 -6.37 19.11 -20.46
N VAL B 47 -7.31 19.62 -21.25
CA VAL B 47 -8.38 20.46 -20.73
C VAL B 47 -9.22 19.71 -19.70
N GLN B 48 -9.61 18.49 -20.02
CA GLN B 48 -10.42 17.72 -19.08
C GLN B 48 -9.65 17.48 -17.79
N MET B 49 -8.40 17.09 -17.92
CA MET B 49 -7.55 16.82 -16.75
C MET B 49 -7.33 18.05 -15.88
N THR B 50 -7.08 19.20 -16.50
CA THR B 50 -6.81 20.41 -15.72
C THR B 50 -8.08 21.23 -15.49
N GLY B 51 -9.10 20.96 -16.28
CA GLY B 51 -10.38 21.66 -16.13
C GLY B 51 -10.26 23.09 -16.66
N TYR B 52 -9.23 23.33 -17.44
CA TYR B 52 -8.98 24.63 -18.06
C TYR B 52 -9.18 24.56 -19.56
N GLU B 53 -9.67 25.65 -20.15
CA GLU B 53 -9.90 25.68 -21.58
C GLU B 53 -8.58 25.80 -22.36
N THR B 54 -8.56 25.19 -23.54
CA THR B 54 -7.36 25.16 -24.37
C THR B 54 -6.90 26.56 -24.76
N GLU B 55 -7.85 27.43 -25.04
CA GLU B 55 -7.51 28.79 -25.46
C GLU B 55 -6.76 29.55 -24.34
N GLU B 56 -7.18 29.37 -23.10
CA GLU B 56 -6.51 29.98 -21.94
C GLU B 56 -5.15 29.36 -21.59
N ILE B 57 -4.98 28.07 -21.85
CA ILE B 57 -3.70 27.42 -21.60
C ILE B 57 -2.70 27.99 -22.65
N LEU B 58 -2.89 27.59 -23.87
CA LEU B 58 -2.04 28.07 -24.97
C LEU B 58 -1.69 29.55 -24.75
N GLY B 59 -0.41 29.88 -24.91
CA GLY B 59 0.06 31.27 -24.74
C GLY B 59 0.58 31.56 -23.32
N LYS B 60 0.34 30.63 -22.38
CA LYS B 60 0.69 30.88 -20.98
C LYS B 60 1.43 29.71 -20.33
N ASN B 61 2.27 30.06 -19.36
CA ASN B 61 3.06 29.06 -18.64
C ASN B 61 2.21 28.38 -17.56
N CYS B 62 2.52 27.13 -17.28
CA CYS B 62 1.76 26.35 -16.28
C CYS B 62 1.86 26.96 -14.87
N ARG B 63 2.41 28.16 -14.79
CA ARG B 63 2.63 28.85 -13.53
C ARG B 63 1.32 29.11 -12.76
N PHE B 64 0.24 29.35 -13.47
CA PHE B 64 -1.07 29.56 -12.84
C PHE B 64 -1.51 28.37 -11.98
N LEU B 65 -1.11 27.15 -12.33
CA LEU B 65 -1.53 25.97 -11.57
C LEU B 65 -1.02 26.07 -10.13
N GLN B 66 0.22 26.53 -10.00
CA GLN B 66 0.86 26.60 -8.68
C GLN B 66 -0.05 27.35 -7.70
N GLY B 67 0.00 26.92 -6.42
CA GLY B 67 -0.78 27.59 -5.38
C GLY B 67 -0.18 27.36 -3.99
N LYS B 68 -1.04 27.42 -2.97
CA LYS B 68 -0.60 27.30 -1.57
C LYS B 68 0.09 25.97 -1.29
N HIS B 69 -0.45 24.90 -1.84
CA HIS B 69 0.09 23.56 -1.62
C HIS B 69 1.35 23.34 -2.43
N THR B 70 1.65 24.25 -3.36
CA THR B 70 2.84 24.09 -4.17
C THR B 70 4.07 24.12 -3.28
N ASP B 71 4.98 23.18 -3.51
CA ASP B 71 6.19 23.10 -2.70
C ASP B 71 7.32 23.90 -3.33
N PRO B 72 7.75 24.98 -2.73
CA PRO B 72 8.85 25.80 -3.31
C PRO B 72 10.10 24.95 -3.61
N ALA B 73 10.37 23.99 -2.74
CA ALA B 73 11.59 23.18 -2.90
C ALA B 73 11.54 22.44 -4.23
N GLU B 74 10.38 21.95 -4.58
CA GLU B 74 10.19 21.29 -5.86
C GLU B 74 10.34 22.29 -7.00
N VAL B 75 9.81 23.50 -6.80
CA VAL B 75 9.91 24.55 -7.81
C VAL B 75 11.38 24.88 -8.05
N ASP B 76 12.13 25.05 -6.96
CA ASP B 76 13.54 25.41 -7.04
C ASP B 76 14.34 24.32 -7.75
N ASN B 77 13.99 23.07 -7.51
CA ASN B 77 14.72 21.99 -8.17
C ASN B 77 14.54 22.12 -9.68
N ILE B 78 13.32 22.41 -10.12
CA ILE B 78 13.04 22.53 -11.54
C ILE B 78 13.83 23.67 -12.15
N ARG B 79 13.86 24.79 -11.47
CA ARG B 79 14.58 25.96 -11.93
C ARG B 79 16.07 25.61 -12.07
N THR B 80 16.58 24.88 -11.08
CA THR B 80 17.98 24.46 -11.10
C THR B 80 18.25 23.59 -12.33
N ALA B 81 17.37 22.65 -12.60
CA ALA B 81 17.55 21.70 -13.73
C ALA B 81 17.57 22.36 -15.09
N LEU B 82 16.70 23.35 -15.29
CA LEU B 82 16.66 24.02 -16.58
C LEU B 82 17.99 24.73 -16.83
N GLN B 83 18.52 25.37 -15.80
CA GLN B 83 19.78 26.08 -15.94
C GLN B 83 20.87 25.05 -16.27
N ASN B 84 20.77 23.90 -15.63
CA ASN B 84 21.72 22.81 -15.84
C ASN B 84 21.37 22.01 -17.09
N LYS B 85 20.25 22.33 -17.73
CA LYS B 85 19.88 21.66 -18.97
C LYS B 85 19.94 20.13 -18.81
N GLU B 86 19.43 19.63 -17.69
CA GLU B 86 19.42 18.18 -17.43
C GLU B 86 18.01 17.71 -17.06
N PRO B 87 17.62 16.51 -17.44
CA PRO B 87 16.24 16.01 -17.13
C PRO B 87 15.94 15.92 -15.63
N VAL B 88 14.72 16.31 -15.27
CA VAL B 88 14.33 16.28 -13.85
C VAL B 88 12.88 15.80 -13.65
N THR B 89 12.68 14.93 -12.66
CA THR B 89 11.33 14.43 -12.38
C THR B 89 10.96 14.77 -10.95
N VAL B 90 9.85 15.47 -10.78
CA VAL B 90 9.37 15.87 -9.46
C VAL B 90 7.86 15.71 -9.32
N GLN B 91 7.35 15.70 -8.09
CA GLN B 91 5.90 15.68 -7.87
C GLN B 91 5.46 16.97 -7.16
N ILE B 92 4.58 17.72 -7.84
CA ILE B 92 4.16 19.03 -7.34
C ILE B 92 2.65 19.14 -7.29
N GLN B 93 2.14 19.63 -6.17
CA GLN B 93 0.72 19.85 -5.99
C GLN B 93 0.26 21.02 -6.85
N ASN B 94 -0.95 20.93 -7.38
CA ASN B 94 -1.49 21.98 -8.26
C ASN B 94 -2.95 22.33 -7.87
N TYR B 95 -3.50 23.27 -8.62
CA TYR B 95 -4.90 23.71 -8.44
C TYR B 95 -5.65 23.75 -9.77
N LYS B 96 -6.96 23.45 -9.72
CA LYS B 96 -7.79 23.49 -10.93
C LYS B 96 -8.67 24.75 -10.93
N LYS B 97 -9.46 24.89 -11.98
CA LYS B 97 -10.33 26.05 -12.13
C LYS B 97 -11.32 26.14 -10.98
N ASP B 98 -11.82 25.02 -10.47
CA ASP B 98 -12.76 25.07 -9.34
C ASP B 98 -12.06 25.10 -7.97
N GLY B 99 -10.73 25.06 -7.96
CA GLY B 99 -9.99 25.09 -6.69
C GLY B 99 -9.67 23.71 -6.16
N THR B 100 -10.02 22.68 -6.91
CA THR B 100 -9.71 21.32 -6.48
C THR B 100 -8.20 21.11 -6.54
N MET B 101 -7.65 20.61 -5.46
CA MET B 101 -6.21 20.36 -5.38
C MET B 101 -5.95 18.97 -5.90
N PHE B 102 -4.84 18.76 -6.60
CA PHE B 102 -4.50 17.43 -7.09
C PHE B 102 -2.98 17.34 -7.25
N TRP B 103 -2.46 16.13 -7.36
CA TRP B 103 -1.01 15.96 -7.53
C TRP B 103 -0.67 15.82 -9.02
N ASN B 104 0.44 16.47 -9.40
CA ASN B 104 0.87 16.48 -10.80
C ASN B 104 2.35 16.20 -10.98
N GLU B 105 2.63 15.01 -11.44
CA GLU B 105 4.04 14.62 -11.67
C GLU B 105 4.59 15.33 -12.92
N LEU B 106 5.70 16.08 -12.76
CA LEU B 106 6.27 16.85 -13.87
C LEU B 106 7.62 16.28 -14.31
N ASN B 107 7.72 15.99 -15.61
CA ASN B 107 8.98 15.52 -16.19
C ASN B 107 9.41 16.50 -17.28
N ILE B 108 10.65 16.96 -17.20
CA ILE B 108 11.23 17.88 -18.19
C ILE B 108 12.48 17.27 -18.78
N ASP B 109 12.60 17.29 -20.11
CA ASP B 109 13.78 16.75 -20.79
C ASP B 109 14.16 17.65 -21.99
N PRO B 110 15.35 18.19 -22.02
CA PRO B 110 15.81 19.05 -23.16
C PRO B 110 16.02 18.26 -24.45
N MET B 111 15.86 18.93 -25.59
CA MET B 111 16.07 18.26 -26.88
C MET B 111 16.96 19.14 -27.76
N GLU B 112 17.85 18.50 -28.53
CA GLU B 112 18.74 19.23 -29.42
C GLU B 112 18.29 18.89 -30.83
N ILE B 113 17.66 19.83 -31.55
CA ILE B 113 17.25 19.60 -32.91
C ILE B 113 17.63 20.78 -33.82
N GLU B 114 18.32 20.46 -34.92
CA GLU B 114 18.71 21.50 -35.88
C GLU B 114 19.44 22.64 -35.15
N ASP B 115 20.26 22.26 -34.17
CA ASP B 115 20.99 23.23 -33.37
C ASP B 115 20.04 24.19 -32.68
N LYS B 116 18.90 23.68 -32.23
CA LYS B 116 17.92 24.47 -31.49
C LYS B 116 17.49 23.66 -30.26
N THR B 117 17.13 24.35 -29.19
CA THR B 117 16.74 23.67 -27.95
C THR B 117 15.24 23.64 -27.82
N TYR B 118 14.67 22.65 -27.13
CA TYR B 118 13.22 22.51 -26.97
C TYR B 118 12.86 21.91 -25.61
N PHE B 119 11.72 22.32 -25.05
CA PHE B 119 11.32 21.84 -23.72
C PHE B 119 9.95 21.20 -23.77
N VAL B 120 9.79 20.07 -23.08
CA VAL B 120 8.53 19.32 -23.09
C VAL B 120 8.09 19.05 -21.66
N GLY B 121 6.81 19.29 -21.39
CA GLY B 121 6.26 19.07 -20.07
C GLY B 121 5.34 17.86 -20.06
N ILE B 122 5.66 16.90 -19.20
CA ILE B 122 4.86 15.69 -19.10
C ILE B 122 4.15 15.67 -17.75
N GLN B 123 2.84 15.47 -17.76
CA GLN B 123 2.08 15.41 -16.52
C GLN B 123 1.44 14.05 -16.40
N ASN B 124 1.74 13.36 -15.29
CA ASN B 124 1.19 12.04 -15.03
C ASN B 124 0.37 12.08 -13.73
N ASP B 125 -0.89 11.73 -13.86
CA ASP B 125 -1.82 11.72 -12.73
C ASP B 125 -1.51 10.61 -11.71
N ILE B 126 -1.46 10.97 -10.41
CA ILE B 126 -1.20 10.01 -9.32
C ILE B 126 -2.53 9.76 -8.53
N THR B 127 -3.63 10.12 -9.18
CA THR B 127 -5.00 9.89 -8.66
C THR B 127 -5.32 8.38 -8.53
N LYS B 128 -4.97 7.58 -9.55
CA LYS B 128 -5.28 6.14 -9.51
C LYS B 128 -4.56 5.51 -8.31
N GLN B 129 -3.30 5.86 -8.15
CA GLN B 129 -2.46 5.37 -7.06
C GLN B 129 -3.00 5.81 -5.69
N LYS B 130 -3.52 7.02 -5.68
CA LYS B 130 -4.16 7.54 -4.48
C LYS B 130 -5.37 6.71 -4.13
N GLU B 131 -6.14 6.34 -5.13
CA GLU B 131 -7.31 5.54 -4.86
C GLU B 131 -6.86 4.21 -4.30
N TYR B 132 -5.80 3.63 -4.85
CA TYR B 132 -5.29 2.36 -4.37
C TYR B 132 -4.88 2.45 -2.89
N GLU B 133 -4.18 3.52 -2.52
CA GLU B 133 -3.76 3.67 -1.12
C GLU B 133 -4.99 3.81 -0.23
N LYS B 134 -6.00 4.49 -0.72
CA LYS B 134 -7.25 4.66 0.01
C LYS B 134 -7.93 3.32 0.24
N LEU B 135 -7.90 2.43 -0.76
CA LEU B 135 -8.49 1.11 -0.63
C LEU B 135 -7.78 0.33 0.47
N LEU B 136 -6.46 0.45 0.49
CA LEU B 136 -5.63 -0.19 1.51
C LEU B 136 -5.94 0.34 2.91
N GLU B 137 -6.13 1.64 2.98
CA GLU B 137 -6.44 2.32 4.23
C GLU B 137 -7.77 1.85 4.77
N ASP B 138 -8.72 1.59 3.90
CA ASP B 138 -10.00 1.07 4.36
C ASP B 138 -9.81 -0.31 4.98
N SER B 139 -8.99 -1.15 4.33
CA SER B 139 -8.73 -2.49 4.85
C SER B 139 -8.08 -2.38 6.23
N LEU B 140 -7.10 -1.51 6.33
CA LEU B 140 -6.35 -1.33 7.56
C LEU B 140 -7.31 -0.88 8.66
N THR B 141 -8.22 -0.01 8.29
CA THR B 141 -9.20 0.49 9.23
C THR B 141 -10.09 -0.62 9.79
N GLU B 142 -10.59 -1.51 8.92
CA GLU B 142 -11.44 -2.61 9.40
C GLU B 142 -10.58 -3.53 10.26
N ILE B 143 -9.37 -3.76 9.76
CA ILE B 143 -8.39 -4.60 10.44
C ILE B 143 -8.00 -3.98 11.80
N THR B 144 -7.78 -2.67 11.82
CA THR B 144 -7.38 -1.99 13.07
C THR B 144 -8.46 -2.12 14.17
N ALA B 145 -9.74 -1.88 13.84
CA ALA B 145 -10.76 -2.03 14.86
C ALA B 145 -10.81 -3.47 15.34
N LEU B 146 -10.70 -4.41 14.40
CA LEU B 146 -10.67 -5.84 14.71
C LEU B 146 -9.44 -6.25 15.52
N SER B 147 -8.27 -5.70 15.17
CA SER B 147 -7.07 -6.05 15.91
C SER B 147 -7.26 -5.63 17.31
N THR B 148 -7.85 -4.44 17.51
CA THR B 148 -8.15 -3.95 18.87
C THR B 148 -8.35 -5.10 19.82
N PRO B 149 -7.29 -5.64 20.36
CA PRO B 149 -7.37 -6.84 21.24
C PRO B 149 -8.17 -6.65 22.52
N ILE B 150 -8.81 -7.75 22.93
CA ILE B 150 -9.52 -7.81 24.18
C ILE B 150 -9.03 -9.05 24.94
N VAL B 151 -8.51 -8.83 26.13
CA VAL B 151 -7.97 -9.93 26.93
C VAL B 151 -8.09 -9.60 28.41
N PRO B 152 -9.14 -9.98 29.09
CA PRO B 152 -9.24 -9.65 30.53
C PRO B 152 -8.07 -10.30 31.27
N ILE B 153 -7.44 -9.55 32.17
CA ILE B 153 -6.34 -10.09 32.94
C ILE B 153 -6.82 -11.18 33.90
N ARG B 154 -7.95 -10.90 34.58
CA ARG B 154 -8.53 -11.86 35.54
C ARG B 154 -10.02 -11.55 35.68
N ASN B 155 -10.61 -11.93 36.80
CA ASN B 155 -12.02 -11.67 37.05
C ASN B 155 -12.20 -10.29 37.66
N GLY B 156 -12.74 -9.34 36.88
CA GLY B 156 -12.94 -7.99 37.37
C GLY B 156 -11.83 -7.09 36.87
N ILE B 157 -10.73 -7.69 36.43
CA ILE B 157 -9.57 -6.94 35.98
C ILE B 157 -9.38 -7.05 34.47
N SER B 158 -9.29 -5.89 33.82
CA SER B 158 -9.09 -5.82 32.37
C SER B 158 -8.03 -4.79 32.01
N ALA B 159 -7.31 -5.01 30.91
CA ALA B 159 -6.29 -4.06 30.48
C ALA B 159 -6.42 -3.79 29.00
N LEU B 160 -6.11 -2.56 28.59
CA LEU B 160 -6.20 -2.17 27.18
C LEU B 160 -5.00 -1.28 26.83
N PRO B 161 -3.84 -1.87 26.63
CA PRO B 161 -2.58 -1.12 26.34
C PRO B 161 -2.54 -0.50 24.92
N LEU B 162 -1.83 0.62 24.79
CA LEU B 162 -1.70 1.32 23.52
C LEU B 162 -0.24 1.25 23.05
N VAL B 163 -0.07 0.95 21.76
CA VAL B 163 1.26 0.88 21.15
C VAL B 163 1.26 1.75 19.90
N GLY B 164 2.27 2.60 19.70
CA GLY B 164 2.33 3.41 18.48
C GLY B 164 2.13 4.90 18.80
N ASN B 165 2.36 5.76 17.79
CA ASN B 165 2.23 7.21 17.99
C ASN B 165 0.82 7.74 17.69
N LEU B 166 0.11 8.11 18.75
CA LEU B 166 -1.29 8.51 18.60
C LEU B 166 -1.48 9.80 17.77
N THR B 167 -1.98 9.58 16.53
CA THR B 167 -2.28 10.67 15.61
C THR B 167 -3.71 11.20 15.86
N GLU B 168 -4.00 12.32 15.23
CA GLU B 168 -5.34 12.89 15.32
C GLU B 168 -6.35 12.00 14.60
N GLU B 169 -5.97 11.40 13.48
CA GLU B 169 -6.88 10.53 12.70
C GLU B 169 -7.26 9.26 13.49
N ARG B 170 -6.25 8.76 14.15
CA ARG B 170 -6.34 7.57 15.02
C ARG B 170 -7.30 7.85 16.20
N PHE B 171 -7.26 9.07 16.70
CA PHE B 171 -8.09 9.47 17.84
C PHE B 171 -9.59 9.20 17.65
N ASN B 172 -10.08 9.13 16.43
CA ASN B 172 -11.50 8.84 16.22
C ASN B 172 -11.86 7.45 16.75
N SER B 173 -10.99 6.48 16.53
CA SER B 173 -11.24 5.12 16.99
C SER B 173 -11.40 5.08 18.52
N ILE B 174 -10.54 5.82 19.21
CA ILE B 174 -10.54 5.86 20.67
C ILE B 174 -11.82 6.43 21.27
N VAL B 175 -12.31 7.52 20.72
CA VAL B 175 -13.52 8.13 21.25
C VAL B 175 -14.68 7.16 21.09
N CYS B 176 -14.71 6.46 19.97
CA CYS B 176 -15.74 5.46 19.71
C CYS B 176 -15.66 4.34 20.76
N THR B 177 -14.45 4.03 21.18
CA THR B 177 -14.22 2.97 22.18
C THR B 177 -14.90 3.33 23.50
N LEU B 178 -15.18 4.61 23.67
CA LEU B 178 -15.79 5.11 24.89
C LEU B 178 -17.16 4.45 25.06
N THR B 179 -17.88 4.28 23.97
CA THR B 179 -19.17 3.60 24.00
C THR B 179 -18.99 2.15 24.48
N ASN B 180 -17.97 1.46 23.96
CA ASN B 180 -17.69 0.07 24.35
C ASN B 180 -17.37 -0.02 25.83
N ILE B 181 -16.61 0.93 26.33
CA ILE B 181 -16.20 0.91 27.72
C ILE B 181 -17.42 0.90 28.64
N LEU B 182 -18.52 1.52 28.21
CA LEU B 182 -19.73 1.48 29.01
C LEU B 182 -20.20 0.04 29.15
N SER B 183 -20.15 -0.72 28.07
CA SER B 183 -20.53 -2.13 28.11
C SER B 183 -19.62 -2.92 29.03
N THR B 184 -18.36 -2.51 29.11
CA THR B 184 -17.37 -3.24 29.91
C THR B 184 -17.38 -2.77 31.36
N SER B 185 -18.46 -2.11 31.75
CA SER B 185 -18.58 -1.54 33.10
C SER B 185 -18.52 -2.64 34.15
N LYS B 186 -18.69 -3.89 33.73
CA LYS B 186 -18.63 -5.01 34.66
C LYS B 186 -17.25 -5.10 35.31
N ASP B 187 -16.19 -4.89 34.53
CA ASP B 187 -14.83 -5.02 35.06
C ASP B 187 -14.50 -3.88 36.02
N ASP B 188 -14.32 -4.24 37.29
CA ASP B 188 -14.04 -3.28 38.36
C ASP B 188 -12.74 -2.51 38.14
N TYR B 189 -11.69 -3.23 37.72
CA TYR B 189 -10.39 -2.60 37.53
C TYR B 189 -10.01 -2.56 36.05
N LEU B 190 -9.59 -1.39 35.59
CA LEU B 190 -9.15 -1.22 34.20
C LEU B 190 -7.73 -0.64 34.12
N ILE B 191 -6.79 -1.40 33.54
CA ILE B 191 -5.39 -0.94 33.46
C ILE B 191 -5.02 -0.51 32.06
N ILE B 192 -4.51 0.72 31.92
CA ILE B 192 -4.10 1.21 30.60
C ILE B 192 -2.59 1.47 30.47
N ASP B 193 -1.93 0.76 29.57
CA ASP B 193 -0.47 0.88 29.42
C ASP B 193 -0.09 1.96 28.42
N LEU B 194 0.50 3.05 28.90
CA LEU B 194 0.96 4.13 28.01
C LEU B 194 2.42 3.90 27.62
N SER B 195 3.02 2.83 28.15
CA SER B 195 4.42 2.53 27.86
C SER B 195 4.62 2.31 26.37
N GLY B 196 3.67 1.68 25.71
CA GLY B 196 3.82 1.41 24.31
C GLY B 196 3.96 2.70 23.55
N LEU B 197 3.26 3.73 24.00
CA LEU B 197 3.31 5.01 23.33
C LEU B 197 4.61 5.72 23.68
N ALA B 198 5.28 6.26 22.67
CA ALA B 198 6.54 6.95 22.91
C ALA B 198 6.34 8.18 23.78
N GLN B 199 5.31 9.00 23.51
CA GLN B 199 5.08 10.23 24.27
C GLN B 199 3.59 10.44 24.61
N VAL B 200 3.30 11.30 25.56
CA VAL B 200 1.90 11.58 25.90
C VAL B 200 1.62 13.06 25.70
N ASN B 201 0.52 13.36 25.02
CA ASN B 201 0.15 14.74 24.71
C ASN B 201 -0.73 15.32 25.83
N GLU B 202 -0.64 16.64 26.01
CA GLU B 202 -1.40 17.33 27.05
C GLU B 202 -2.90 17.18 26.84
N GLN B 203 -3.34 17.12 25.59
CA GLN B 203 -4.75 16.93 25.29
C GLN B 203 -5.21 15.57 25.81
N THR B 204 -4.30 14.61 25.79
CA THR B 204 -4.58 13.27 26.28
C THR B 204 -4.95 13.31 27.76
N ALA B 205 -4.21 14.07 28.54
CA ALA B 205 -4.45 14.15 29.98
C ALA B 205 -5.87 14.61 30.29
N ASP B 206 -6.45 15.42 29.41
CA ASP B 206 -7.83 15.83 29.57
C ASP B 206 -8.77 14.62 29.43
N GLN B 207 -8.43 13.74 28.49
CA GLN B 207 -9.20 12.52 28.25
C GLN B 207 -9.14 11.57 29.44
N ILE B 208 -7.97 11.45 30.06
CA ILE B 208 -7.84 10.53 31.17
C ILE B 208 -8.78 10.99 32.28
N PHE B 209 -8.75 12.29 32.54
CA PHE B 209 -9.55 12.87 33.63
C PHE B 209 -11.05 12.67 33.42
N LYS B 210 -11.53 12.84 32.19
CA LYS B 210 -12.94 12.64 31.92
C LYS B 210 -13.30 11.17 32.18
N LEU B 211 -12.43 10.27 31.76
CA LEU B 211 -12.67 8.83 31.92
C LEU B 211 -12.76 8.43 33.40
N SER B 212 -11.89 8.96 34.26
CA SER B 212 -11.93 8.62 35.68
C SER B 212 -13.24 9.09 36.34
N HIS B 213 -13.72 10.24 35.89
CA HIS B 213 -14.98 10.77 36.41
C HIS B 213 -16.18 9.90 36.02
N LEU B 214 -16.25 9.52 34.74
CA LEU B 214 -17.32 8.64 34.27
C LEU B 214 -17.21 7.27 34.96
N LEU B 215 -15.97 6.81 35.03
CA LEU B 215 -15.67 5.51 35.64
C LEU B 215 -16.04 5.50 37.14
N LYS B 216 -15.68 6.56 37.84
CA LYS B 216 -15.92 6.65 39.29
C LYS B 216 -17.43 6.60 39.59
N LEU B 217 -18.23 7.26 38.77
CA LEU B 217 -19.68 7.21 38.92
C LEU B 217 -20.21 5.77 38.73
N THR B 218 -19.66 5.09 37.74
CA THR B 218 -20.07 3.72 37.41
C THR B 218 -19.49 2.76 38.43
N GLY B 219 -18.50 3.25 39.17
CA GLY B 219 -17.80 2.41 40.15
C GLY B 219 -16.82 1.53 39.38
N THR B 220 -15.78 2.15 38.82
CA THR B 220 -14.74 1.38 38.13
C THR B 220 -13.35 1.97 38.24
N GLU B 221 -12.49 1.36 39.06
CA GLU B 221 -11.17 1.91 39.31
C GLU B 221 -10.36 1.95 38.01
N LEU B 222 -9.61 3.05 37.83
CA LEU B 222 -8.76 3.23 36.65
C LEU B 222 -7.28 3.36 37.01
N ILE B 223 -6.47 2.47 36.46
CA ILE B 223 -5.03 2.44 36.74
C ILE B 223 -4.22 2.83 35.51
N ILE B 224 -3.30 3.78 35.69
CA ILE B 224 -2.46 4.25 34.57
C ILE B 224 -1.03 3.78 34.77
N THR B 225 -0.45 3.09 33.78
CA THR B 225 0.91 2.57 33.93
C THR B 225 1.78 2.86 32.71
N GLY B 226 3.08 2.87 32.98
CA GLY B 226 4.05 3.19 31.96
C GLY B 226 4.36 4.67 31.94
N ILE B 227 4.00 5.40 32.99
CA ILE B 227 4.25 6.82 33.02
C ILE B 227 5.69 7.13 33.42
N LYS B 228 6.35 7.90 32.59
CA LYS B 228 7.74 8.26 32.83
C LYS B 228 7.86 9.13 34.08
N PRO B 229 8.88 8.94 34.92
CA PRO B 229 9.04 9.77 36.15
C PRO B 229 9.06 11.27 35.84
N GLU B 230 9.66 11.66 34.72
CA GLU B 230 9.75 13.07 34.39
C GLU B 230 8.34 13.62 34.18
N LEU B 231 7.53 12.84 33.45
CA LEU B 231 6.15 13.23 33.15
C LEU B 231 5.31 13.38 34.43
N ALA B 232 5.48 12.46 35.37
CA ALA B 232 4.72 12.52 36.62
C ALA B 232 5.06 13.76 37.42
N MET B 233 6.33 14.17 37.40
CA MET B 233 6.72 15.37 38.11
C MET B 233 6.02 16.60 37.52
N LYS B 234 5.94 16.63 36.19
CA LYS B 234 5.26 17.74 35.50
C LYS B 234 3.77 17.77 35.90
N MET B 235 3.17 16.58 35.91
CA MET B 235 1.76 16.39 36.24
C MET B 235 1.45 16.79 37.69
N ASN B 236 2.39 16.54 38.57
CA ASN B 236 2.21 16.84 39.98
C ASN B 236 1.99 18.34 40.16
N LYS B 237 2.74 19.14 39.43
CA LYS B 237 2.59 20.58 39.49
C LYS B 237 1.18 20.97 39.02
N LEU B 238 0.69 20.35 37.93
CA LEU B 238 -0.63 20.70 37.41
C LEU B 238 -1.74 20.41 38.43
N ASP B 239 -1.67 19.25 39.08
CA ASP B 239 -2.70 18.88 40.06
C ASP B 239 -2.23 17.77 40.98
N ALA B 240 -2.47 17.90 42.28
CA ALA B 240 -2.07 16.83 43.17
C ALA B 240 -2.86 15.58 42.77
N ASN B 241 -4.15 15.77 42.52
CA ASN B 241 -5.07 14.67 42.22
C ASN B 241 -4.50 13.69 41.21
N PHE B 242 -3.53 14.10 40.45
CA PHE B 242 -2.91 13.20 39.50
C PHE B 242 -2.29 12.00 40.22
N SER B 243 -1.56 12.26 41.30
CA SER B 243 -0.96 11.18 42.06
C SER B 243 -2.09 10.23 42.46
N SER B 244 -3.21 10.78 42.91
CA SER B 244 -4.34 10.00 43.38
C SER B 244 -4.54 8.68 42.62
N LEU B 245 -4.22 8.64 41.34
CA LEU B 245 -4.36 7.40 40.60
C LEU B 245 -3.09 6.60 40.68
N LYS B 246 -3.19 5.30 40.98
CA LYS B 246 -2.01 4.47 41.11
C LYS B 246 -1.21 4.45 39.81
N THR B 247 0.11 4.56 39.98
CA THR B 247 1.03 4.54 38.85
C THR B 247 2.09 3.48 39.01
N TYR B 248 2.25 2.63 38.01
CA TYR B 248 3.28 1.58 38.04
C TYR B 248 4.33 1.86 36.97
N SER B 249 5.57 1.56 37.29
CA SER B 249 6.67 1.80 36.35
C SER B 249 6.51 0.96 35.07
N ASN B 250 5.98 -0.25 35.25
CA ASN B 250 5.74 -1.14 34.13
C ASN B 250 4.52 -2.03 34.34
N VAL B 251 4.02 -2.58 33.24
CA VAL B 251 2.87 -3.50 33.27
C VAL B 251 3.19 -4.78 34.03
N LYS B 252 4.35 -5.37 33.76
CA LYS B 252 4.72 -6.63 34.40
C LYS B 252 4.78 -6.42 35.91
N ASP B 253 5.42 -5.33 36.31
CA ASP B 253 5.55 -5.01 37.73
C ASP B 253 4.21 -4.78 38.40
N ALA B 254 3.30 -4.06 37.75
CA ALA B 254 1.98 -3.84 38.34
C ALA B 254 1.21 -5.14 38.45
N VAL B 255 1.32 -5.97 37.42
CA VAL B 255 0.64 -7.24 37.44
C VAL B 255 1.17 -8.15 38.54
N LYS B 256 2.49 -8.24 38.66
CA LYS B 256 3.08 -9.12 39.68
C LYS B 256 2.69 -8.67 41.10
N VAL B 257 2.86 -7.38 41.34
CA VAL B 257 2.54 -6.80 42.66
C VAL B 257 1.05 -6.89 42.97
N LEU B 258 0.21 -6.64 41.96
CA LEU B 258 -1.25 -6.68 42.16
C LEU B 258 -1.65 -7.71 43.24
N PRO B 259 -1.58 -8.99 42.95
CA PRO B 259 -2.00 -10.04 43.95
C PRO B 259 -1.12 -10.01 45.19
N ILE B 260 -1.70 -10.20 46.39
CA ILE B 260 -0.89 -10.22 47.62
C ILE B 260 -1.59 -10.95 48.78
N MET B 261 -2.91 -11.15 48.66
CA MET B 261 -3.66 -11.84 49.71
C MET B 261 -4.76 -12.73 49.13
N1 FMN C . -0.44 -9.28 -25.67
C2 FMN C . 0.50 -9.24 -24.64
O2 FMN C . 0.59 -10.18 -23.84
N3 FMN C . 1.36 -8.14 -24.52
C4 FMN C . 1.27 -7.08 -25.44
O4 FMN C . 2.04 -6.12 -25.33
C4A FMN C . 0.33 -7.12 -26.45
N5 FMN C . 0.21 -6.09 -27.30
C5A FMN C . -0.73 -6.10 -28.26
C6 FMN C . -0.91 -4.98 -29.06
C7 FMN C . -1.96 -4.94 -29.98
C7M FMN C . -2.15 -3.80 -30.75
C8 FMN C . -2.82 -6.03 -30.09
C8M FMN C . -3.84 -6.03 -31.03
C9 FMN C . -2.64 -7.15 -29.29
C9A FMN C . -1.59 -7.19 -28.37
N10 FMN C . -1.40 -8.26 -27.59
C10 FMN C . -0.52 -8.21 -26.58
C1' FMN C . -2.13 -9.53 -27.86
C2' FMN C . -1.41 -10.24 -29.01
O2' FMN C . -0.64 -9.29 -29.75
C3' FMN C . -2.42 -10.92 -29.91
O3' FMN C . -3.40 -9.97 -30.33
C4' FMN C . -3.12 -12.05 -29.15
O4' FMN C . -2.13 -12.88 -28.53
C5' FMN C . -3.95 -12.90 -30.12
O5' FMN C . -3.11 -13.18 -31.24
P FMN C . -2.68 -14.69 -31.57
O1P FMN C . -1.31 -14.56 -32.12
O2P FMN C . -3.70 -15.15 -32.54
O3P FMN C . -2.74 -15.37 -30.25
HN3 FMN C . 2.04 -8.11 -23.79
H6 FMN C . -0.21 -4.16 -29.01
HM71 FMN C . -2.84 -3.13 -30.25
HM72 FMN C . -2.57 -4.08 -31.72
HM73 FMN C . -1.19 -3.30 -30.90
HM81 FMN C . -4.26 -5.03 -31.12
HM82 FMN C . -4.62 -6.72 -30.73
HM83 FMN C . -3.44 -6.34 -32.00
H9 FMN C . -3.30 -8.00 -29.38
H1'1 FMN C . -3.15 -9.40 -28.21
H1'2 FMN C . -2.04 -10.21 -27.01
H2' FMN C . -0.73 -10.99 -28.59
HO2' FMN C . -1.26 -8.77 -30.35
H3' FMN C . -1.92 -11.34 -30.78
HO3' FMN C . -2.95 -9.23 -30.83
H4' FMN C . -3.77 -11.63 -28.39
HO4' FMN C . -2.19 -12.78 -27.53
H5'1 FMN C . -4.81 -12.38 -30.53
H5'2 FMN C . -4.17 -13.86 -29.67
N1 FMN D . 4.61 23.50 -13.31
C2 FMN D . 3.48 22.92 -12.72
O2 FMN D . 3.22 23.16 -11.54
N3 FMN D . 2.65 22.09 -13.46
C4 FMN D . 2.93 21.83 -14.81
O4 FMN D . 2.18 21.11 -15.46
C4A FMN D . 4.04 22.41 -15.40
N5 FMN D . 4.35 22.14 -16.68
C5A FMN D . 5.46 22.63 -17.24
C6 FMN D . 5.81 22.25 -18.52
C7 FMN D . 7.02 22.68 -19.07
C7M FMN D . 7.37 22.27 -20.35
C8 FMN D . 7.86 23.49 -18.32
C8M FMN D . 9.05 23.98 -18.88
C9 FMN D . 7.50 23.88 -17.04
C9A FMN D . 6.30 23.45 -16.49
N10 FMN D . 5.94 23.81 -15.25
C10 FMN D . 4.88 23.23 -14.66
C1' FMN D . 6.68 24.88 -14.54
C2' FMN D . 6.17 26.22 -15.06
O2' FMN D . 5.60 26.04 -16.36
C3' FMN D . 7.33 27.21 -15.16
O3' FMN D . 8.39 26.64 -15.93
C4' FMN D . 7.84 27.54 -13.76
O4' FMN D . 6.74 27.89 -12.92
C5' FMN D . 8.83 28.70 -13.82
O5' FMN D . 8.21 29.72 -14.62
P FMN D . 7.82 31.13 -13.98
O1P FMN D . 6.58 31.51 -14.70
O2P FMN D . 8.99 31.99 -14.27
O3P FMN D . 7.62 30.82 -12.55
HN3 FMN D . 1.84 21.67 -13.04
H6 FMN D . 5.13 21.66 -19.12
HM71 FMN D . 7.97 21.35 -20.29
HM72 FMN D . 7.96 23.05 -20.84
HM73 FMN D . 6.47 22.07 -20.94
HM81 FMN D . 9.50 23.21 -19.50
HM82 FMN D . 9.73 24.24 -18.08
HM83 FMN D . 8.83 24.85 -19.48
H9 FMN D . 8.17 24.52 -16.45
H1'1 FMN D . 7.75 24.89 -14.72
H1'2 FMN D . 6.41 24.88 -13.48
H2' FMN D . 5.42 26.62 -14.39
HO2' FMN D . 6.33 25.95 -17.04
H3' FMN D . 7.00 28.13 -15.64
HO3' FMN D . 8.06 26.42 -16.85
H4' FMN D . 8.35 26.66 -13.33
HO4' FMN D . 6.61 27.19 -12.21
H5'1 FMN D . 9.77 28.47 -14.31
H5'2 FMN D . 8.94 29.15 -12.82
N GLY A 1 -9.28 17.03 -38.99
CA GLY A 1 -8.98 15.79 -39.76
C GLY A 1 -8.50 16.17 -41.16
N ALA A 2 -7.48 17.03 -41.21
CA ALA A 2 -6.94 17.49 -42.48
C ALA A 2 -5.52 17.86 -42.31
N SER A 3 -4.82 18.22 -43.39
CA SER A 3 -3.42 18.66 -43.36
C SER A 3 -3.28 20.16 -42.93
N PHE A 4 -4.40 20.73 -42.79
CA PHE A 4 -4.50 22.15 -42.26
C PHE A 4 -4.51 22.20 -40.72
N GLN A 5 -5.54 21.64 -40.11
CA GLN A 5 -5.68 21.60 -38.66
C GLN A 5 -4.66 20.67 -37.99
N SER A 6 -4.40 19.53 -38.64
CA SER A 6 -3.47 18.56 -38.07
C SER A 6 -2.10 19.18 -37.87
N PHE A 7 -1.68 19.97 -38.84
CA PHE A 7 -0.40 20.70 -38.75
C PHE A 7 0.78 19.84 -39.19
N GLY A 8 1.07 19.85 -40.50
CA GLY A 8 2.17 19.06 -41.05
C GLY A 8 3.51 19.47 -40.45
N ILE A 9 4.55 19.47 -41.29
CA ILE A 9 5.91 19.82 -40.86
C ILE A 9 6.63 18.59 -40.27
N PRO A 10 7.65 18.05 -40.91
CA PRO A 10 8.35 16.85 -40.38
C PRO A 10 9.06 17.14 -39.06
N GLY A 11 9.37 18.41 -38.79
CA GLY A 11 10.05 18.78 -37.54
C GLY A 11 9.20 18.48 -36.32
N GLN A 12 7.90 18.73 -36.43
CA GLN A 12 7.00 18.48 -35.32
C GLN A 12 6.96 16.99 -35.01
N LEU A 13 6.98 16.18 -36.06
CA LEU A 13 6.95 14.72 -35.93
C LEU A 13 8.17 14.16 -35.20
N GLU A 14 9.35 14.69 -35.51
CA GLU A 14 10.57 14.23 -34.88
C GLU A 14 10.48 14.51 -33.39
N VAL A 15 9.95 15.68 -33.03
CA VAL A 15 9.82 16.06 -31.61
C VAL A 15 8.94 15.09 -30.85
N ILE A 16 7.83 14.69 -31.44
CA ILE A 16 6.93 13.79 -30.75
C ILE A 16 7.65 12.47 -30.48
N LYS A 17 8.38 11.95 -31.48
CA LYS A 17 9.08 10.68 -31.28
C LYS A 17 10.15 10.78 -30.16
N LYS A 18 10.97 11.83 -30.16
CA LYS A 18 12.03 11.89 -29.15
C LYS A 18 11.39 11.90 -27.77
N ALA A 19 10.28 12.61 -27.62
CA ALA A 19 9.61 12.65 -26.32
C ALA A 19 9.21 11.25 -25.87
N LEU A 20 8.69 10.45 -26.80
CA LEU A 20 8.32 9.07 -26.51
C LEU A 20 9.55 8.27 -26.09
N ASP A 21 10.67 8.50 -26.80
CA ASP A 21 11.94 7.83 -26.52
C ASP A 21 12.49 8.15 -25.12
N HIS A 22 12.36 9.40 -24.69
CA HIS A 22 12.89 9.81 -23.39
C HIS A 22 12.29 8.99 -22.25
N VAL A 23 11.00 8.69 -22.32
CA VAL A 23 10.35 7.89 -21.27
C VAL A 23 9.89 6.56 -21.86
N ARG A 24 10.23 5.47 -21.17
CA ARG A 24 9.88 4.13 -21.67
C ARG A 24 8.39 3.83 -21.53
N VAL A 25 7.74 3.74 -22.67
CA VAL A 25 6.31 3.42 -22.73
C VAL A 25 6.10 2.50 -23.91
N GLY A 26 5.21 1.54 -23.77
CA GLY A 26 4.96 0.60 -24.82
C GLY A 26 3.74 0.96 -25.65
N VAL A 27 3.98 1.72 -26.71
CA VAL A 27 2.90 2.07 -27.64
C VAL A 27 3.35 1.62 -29.04
N VAL A 28 2.49 0.91 -29.72
CA VAL A 28 2.79 0.43 -31.07
C VAL A 28 1.59 0.61 -31.97
N ILE A 29 1.81 0.63 -33.29
CA ILE A 29 0.71 0.72 -34.25
C ILE A 29 0.74 -0.51 -35.12
N THR A 30 -0.42 -1.14 -35.23
CA THR A 30 -0.58 -2.32 -36.06
C THR A 30 -1.35 -1.90 -37.29
N ASP A 31 -1.37 -2.75 -38.30
CA ASP A 31 -2.10 -2.42 -39.53
C ASP A 31 -2.95 -3.62 -39.96
N PRO A 32 -4.24 -3.62 -39.70
CA PRO A 32 -5.12 -4.78 -40.07
C PRO A 32 -5.18 -4.98 -41.60
N ALA A 33 -4.86 -3.91 -42.32
CA ALA A 33 -4.88 -3.95 -43.80
C ALA A 33 -3.85 -4.96 -44.36
N LEU A 34 -2.73 -5.10 -43.68
CA LEU A 34 -1.69 -6.06 -44.09
C LEU A 34 -1.97 -7.45 -43.50
N GLU A 35 -1.21 -8.46 -43.91
CA GLU A 35 -1.43 -9.83 -43.44
C GLU A 35 -1.13 -10.02 -41.94
N ASP A 36 -2.04 -10.67 -41.24
CA ASP A 36 -1.88 -10.97 -39.82
C ASP A 36 -1.77 -9.72 -38.93
N ASN A 37 -2.24 -8.61 -39.48
CA ASN A 37 -2.15 -7.31 -38.79
C ASN A 37 -0.76 -7.13 -38.14
N PRO A 38 0.26 -6.98 -38.94
CA PRO A 38 1.67 -6.83 -38.48
C PRO A 38 1.92 -5.47 -37.81
N ILE A 39 2.94 -5.43 -36.96
CA ILE A 39 3.27 -4.19 -36.25
C ILE A 39 4.23 -3.39 -37.11
N VAL A 40 3.87 -2.14 -37.40
CA VAL A 40 4.71 -1.27 -38.22
C VAL A 40 5.42 -0.20 -37.39
N TYR A 41 4.71 0.41 -36.44
CA TYR A 41 5.31 1.48 -35.62
C TYR A 41 5.81 0.95 -34.29
N VAL A 42 7.09 1.17 -34.05
CA VAL A 42 7.71 0.76 -32.80
C VAL A 42 8.74 1.84 -32.40
N ASN A 43 8.81 2.15 -31.10
CA ASN A 43 9.77 3.15 -30.62
C ASN A 43 11.02 2.44 -30.11
N GLN A 44 12.10 3.19 -29.91
CA GLN A 44 13.35 2.62 -29.36
C GLN A 44 13.18 2.15 -27.92
N GLY A 45 12.45 2.93 -27.13
CA GLY A 45 12.23 2.61 -25.73
C GLY A 45 11.50 1.27 -25.62
N PHE A 46 10.76 0.88 -26.66
CA PHE A 46 10.06 -0.38 -26.58
C PHE A 46 11.13 -1.42 -26.36
N VAL A 47 12.21 -1.41 -27.15
CA VAL A 47 13.23 -2.47 -27.04
C VAL A 47 13.81 -2.53 -25.65
N GLN A 48 14.14 -1.40 -25.08
CA GLN A 48 14.70 -1.40 -23.74
C GLN A 48 13.72 -1.93 -22.70
N MET A 49 12.44 -1.65 -22.89
CA MET A 49 11.39 -2.14 -22.01
C MET A 49 11.18 -3.66 -22.10
N THR A 50 11.19 -4.20 -23.32
CA THR A 50 10.94 -5.63 -23.51
C THR A 50 12.24 -6.42 -23.59
N GLY A 51 13.31 -5.70 -23.92
CA GLY A 51 14.62 -6.32 -24.04
C GLY A 51 14.75 -7.05 -25.37
N TYR A 52 13.86 -6.70 -26.31
CA TYR A 52 13.86 -7.30 -27.64
C TYR A 52 14.27 -6.29 -28.71
N GLU A 53 15.10 -6.73 -29.64
CA GLU A 53 15.55 -5.86 -30.71
C GLU A 53 14.38 -5.43 -31.57
N THR A 54 14.45 -4.23 -32.11
CA THR A 54 13.37 -3.67 -32.94
C THR A 54 13.17 -4.44 -34.23
N GLU A 55 14.23 -4.99 -34.81
CA GLU A 55 14.06 -5.73 -36.04
C GLU A 55 13.25 -7.02 -35.83
N GLU A 56 13.54 -7.74 -34.76
CA GLU A 56 12.80 -8.97 -34.48
C GLU A 56 11.33 -8.62 -34.22
N ILE A 57 11.08 -7.58 -33.39
CA ILE A 57 9.68 -7.26 -33.01
C ILE A 57 8.81 -6.87 -34.19
N LEU A 58 9.27 -5.97 -35.02
CA LEU A 58 8.48 -5.57 -36.19
C LEU A 58 8.20 -6.83 -37.00
N GLY A 59 7.03 -6.87 -37.63
CA GLY A 59 6.67 -8.02 -38.46
C GLY A 59 6.14 -9.20 -37.67
N LYS A 60 6.11 -9.11 -36.34
CA LYS A 60 5.59 -10.23 -35.53
C LYS A 60 4.64 -9.76 -34.43
N ASN A 61 3.70 -10.63 -34.06
CA ASN A 61 2.73 -10.32 -33.02
C ASN A 61 3.33 -10.51 -31.64
N CYS A 62 2.85 -9.73 -30.70
CA CYS A 62 3.34 -9.80 -29.33
C CYS A 62 3.05 -11.16 -28.71
N ARG A 63 2.75 -12.16 -29.54
CA ARG A 63 2.47 -13.49 -29.02
C ARG A 63 3.69 -14.07 -28.28
N PHE A 64 4.86 -13.87 -28.83
CA PHE A 64 6.09 -14.41 -28.23
C PHE A 64 6.33 -13.97 -26.77
N LEU A 65 5.69 -12.89 -26.33
CA LEU A 65 5.79 -12.42 -24.94
C LEU A 65 5.11 -13.37 -23.96
N GLN A 66 4.01 -13.94 -24.42
CA GLN A 66 3.17 -14.82 -23.61
C GLN A 66 3.90 -16.10 -23.21
N GLY A 67 3.77 -16.54 -21.95
CA GLY A 67 4.47 -17.73 -21.49
C GLY A 67 3.65 -18.48 -20.43
N LYS A 68 4.34 -19.15 -19.50
CA LYS A 68 3.67 -19.96 -18.46
C LYS A 68 2.78 -19.13 -17.54
N HIS A 69 3.25 -17.94 -17.17
CA HIS A 69 2.50 -17.06 -16.26
C HIS A 69 1.34 -16.39 -16.98
N THR A 70 1.31 -16.52 -18.29
CA THR A 70 0.24 -15.90 -19.06
C THR A 70 -1.10 -16.46 -18.63
N ASP A 71 -2.04 -15.56 -18.33
CA ASP A 71 -3.36 -15.98 -17.88
C ASP A 71 -4.26 -16.22 -19.11
N PRO A 72 -4.66 -17.44 -19.38
CA PRO A 72 -5.56 -17.75 -20.54
C PRO A 72 -6.87 -16.98 -20.51
N ALA A 73 -7.38 -16.69 -19.31
CA ALA A 73 -8.65 -15.97 -19.18
C ALA A 73 -8.53 -14.57 -19.76
N GLU A 74 -7.40 -13.92 -19.48
CA GLU A 74 -7.16 -12.58 -19.99
C GLU A 74 -7.05 -12.64 -21.52
N VAL A 75 -6.30 -13.63 -22.00
CA VAL A 75 -6.06 -13.80 -23.42
C VAL A 75 -7.40 -13.96 -24.10
N ASP A 76 -8.27 -14.76 -23.49
CA ASP A 76 -9.61 -15.00 -24.02
C ASP A 76 -10.47 -13.72 -24.02
N ASN A 77 -10.31 -12.89 -23.00
CA ASN A 77 -11.06 -11.64 -22.93
C ASN A 77 -10.67 -10.72 -24.10
N ILE A 78 -9.37 -10.72 -24.39
CA ILE A 78 -8.85 -9.89 -25.49
C ILE A 78 -9.42 -10.33 -26.86
N ARG A 79 -9.42 -11.62 -27.04
CA ARG A 79 -9.90 -12.24 -28.27
C ARG A 79 -11.39 -11.89 -28.44
N THR A 80 -12.14 -11.99 -27.33
CA THR A 80 -13.56 -11.67 -27.36
C THR A 80 -13.72 -10.18 -27.76
N ALA A 81 -12.94 -9.28 -27.10
CA ALA A 81 -13.14 -7.84 -27.30
C ALA A 81 -12.90 -7.46 -28.74
N LEU A 82 -11.87 -8.01 -29.38
CA LEU A 82 -11.54 -7.67 -30.78
C LEU A 82 -12.66 -8.07 -31.72
N GLN A 83 -13.24 -9.22 -31.47
CA GLN A 83 -14.36 -9.67 -32.28
C GLN A 83 -15.52 -8.69 -32.10
N ASN A 84 -15.71 -8.24 -30.88
CA ASN A 84 -16.75 -7.26 -30.54
C ASN A 84 -16.39 -5.89 -31.11
N LYS A 85 -15.09 -5.69 -31.30
CA LYS A 85 -14.57 -4.40 -31.75
C LYS A 85 -14.82 -3.33 -30.71
N GLU A 86 -14.59 -3.66 -29.44
CA GLU A 86 -14.79 -2.70 -28.35
C GLU A 86 -13.50 -2.60 -27.52
N PRO A 87 -13.20 -1.46 -26.94
CA PRO A 87 -11.94 -1.30 -26.12
C PRO A 87 -11.90 -2.23 -24.91
N VAL A 88 -10.71 -2.71 -24.61
CA VAL A 88 -10.51 -3.62 -23.47
C VAL A 88 -9.19 -3.28 -22.76
N THR A 89 -9.18 -3.35 -21.41
CA THR A 89 -7.93 -3.14 -20.67
C THR A 89 -7.73 -4.30 -19.71
N VAL A 90 -6.63 -5.01 -19.87
CA VAL A 90 -6.32 -6.14 -18.99
C VAL A 90 -4.84 -6.15 -18.60
N GLN A 91 -4.50 -6.82 -17.49
CA GLN A 91 -3.09 -6.93 -17.08
C GLN A 91 -2.66 -8.33 -17.47
N ILE A 92 -1.53 -8.56 -18.20
CA ILE A 92 -1.12 -9.94 -18.50
C ILE A 92 0.41 -10.16 -18.33
N GLN A 93 0.75 -11.21 -17.57
CA GLN A 93 2.14 -11.56 -17.29
C GLN A 93 2.87 -11.91 -18.60
N ASN A 94 4.09 -11.35 -18.76
CA ASN A 94 4.90 -11.56 -19.97
C ASN A 94 6.36 -11.88 -19.65
N TYR A 95 7.08 -12.48 -20.61
CA TYR A 95 8.49 -12.85 -20.41
C TYR A 95 9.46 -12.15 -21.39
N LYS A 96 10.60 -11.69 -20.89
CA LYS A 96 11.58 -10.98 -21.72
C LYS A 96 12.54 -11.95 -22.42
N LYS A 97 13.57 -11.39 -23.06
CA LYS A 97 14.56 -12.21 -23.74
C LYS A 97 15.31 -13.12 -22.73
N ASP A 98 15.66 -12.55 -21.57
CA ASP A 98 16.41 -13.29 -20.55
C ASP A 98 15.48 -14.13 -19.64
N GLY A 99 14.20 -14.21 -19.96
CA GLY A 99 13.28 -15.05 -19.16
C GLY A 99 12.73 -14.28 -17.97
N THR A 100 13.18 -13.06 -17.78
CA THR A 100 12.68 -12.26 -16.69
C THR A 100 11.19 -12.15 -16.90
N MET A 101 10.42 -12.27 -15.84
CA MET A 101 8.95 -12.18 -15.93
C MET A 101 8.46 -10.87 -15.34
N PHE A 102 7.64 -10.18 -16.11
CA PHE A 102 7.13 -8.88 -15.67
C PHE A 102 5.68 -8.72 -16.06
N TRP A 103 4.97 -7.84 -15.38
CA TRP A 103 3.56 -7.61 -15.70
C TRP A 103 3.45 -6.54 -16.76
N ASN A 104 2.48 -6.67 -17.65
CA ASN A 104 2.34 -5.73 -18.75
C ASN A 104 0.91 -5.35 -19.04
N GLU A 105 0.48 -4.16 -18.60
CA GLU A 105 -0.90 -3.77 -18.81
C GLU A 105 -1.12 -3.57 -20.29
N LEU A 106 -2.24 -4.07 -20.82
CA LEU A 106 -2.52 -3.95 -22.25
C LEU A 106 -3.83 -3.22 -22.53
N ASN A 107 -3.76 -2.16 -23.31
CA ASN A 107 -4.98 -1.41 -23.69
C ASN A 107 -5.15 -1.39 -25.21
N ILE A 108 -6.30 -1.88 -25.69
CA ILE A 108 -6.57 -1.92 -27.14
C ILE A 108 -7.84 -1.14 -27.48
N ASP A 109 -7.71 -0.23 -28.45
CA ASP A 109 -8.86 0.60 -28.87
C ASP A 109 -8.91 0.74 -30.41
N PRO A 110 -10.01 0.40 -31.03
CA PRO A 110 -10.16 0.51 -32.52
C PRO A 110 -10.26 1.97 -32.98
N MET A 111 -9.82 2.18 -34.21
CA MET A 111 -9.85 3.52 -34.82
C MET A 111 -10.62 3.40 -36.13
N GLU A 112 -11.27 4.47 -36.59
CA GLU A 112 -11.98 4.45 -37.88
C GLU A 112 -11.48 5.64 -38.71
N ILE A 113 -10.52 5.37 -39.57
CA ILE A 113 -9.94 6.41 -40.43
C ILE A 113 -10.10 6.10 -41.90
N GLU A 114 -10.58 7.06 -42.71
CA GLU A 114 -10.68 6.84 -44.15
C GLU A 114 -11.40 5.55 -44.47
N ASP A 115 -12.43 5.26 -43.69
CA ASP A 115 -13.20 4.04 -43.85
C ASP A 115 -12.32 2.80 -43.70
N LYS A 116 -11.29 2.91 -42.86
CA LYS A 116 -10.37 1.79 -42.62
C LYS A 116 -10.23 1.61 -41.11
N THR A 117 -10.00 0.38 -40.64
CA THR A 117 -9.89 0.14 -39.21
C THR A 117 -8.45 0.38 -38.78
N TYR A 118 -8.11 0.09 -37.53
CA TYR A 118 -6.73 0.18 -37.03
C TYR A 118 -6.69 -0.45 -35.65
N PHE A 119 -5.53 -0.93 -35.21
CA PHE A 119 -5.38 -1.46 -33.85
C PHE A 119 -4.18 -0.80 -33.21
N VAL A 120 -4.24 -0.58 -31.90
CA VAL A 120 -3.12 0.01 -31.17
C VAL A 120 -2.91 -0.73 -29.88
N GLY A 121 -1.66 -1.04 -29.57
CA GLY A 121 -1.36 -1.72 -28.31
C GLY A 121 -0.61 -0.78 -27.41
N ILE A 122 -1.06 -0.67 -26.17
CA ILE A 122 -0.37 0.19 -25.22
C ILE A 122 0.11 -0.70 -24.08
N GLN A 123 1.37 -0.59 -23.73
CA GLN A 123 1.92 -1.39 -22.64
C GLN A 123 2.45 -0.47 -21.54
N ASN A 124 1.81 -0.54 -20.38
CA ASN A 124 2.19 0.30 -19.24
C ASN A 124 2.70 -0.53 -18.06
N ASP A 125 3.98 -0.37 -17.77
CA ASP A 125 4.66 -1.15 -16.73
C ASP A 125 4.10 -0.91 -15.30
N ILE A 126 3.84 -2.04 -14.63
CA ILE A 126 3.31 -2.06 -13.26
C ILE A 126 4.46 -2.23 -12.27
N THR A 127 5.74 -2.25 -12.73
CA THR A 127 6.90 -2.43 -11.84
C THR A 127 7.05 -1.33 -10.79
N LYS A 128 6.84 -0.06 -11.15
CA LYS A 128 7.00 1.02 -10.18
C LYS A 128 6.02 0.79 -9.03
N GLN A 129 4.81 0.40 -9.39
CA GLN A 129 3.79 0.08 -8.40
C GLN A 129 4.24 -1.11 -7.58
N LYS A 130 4.85 -2.13 -8.18
CA LYS A 130 5.25 -3.28 -7.35
C LYS A 130 6.27 -2.85 -6.33
N GLU A 131 7.19 -2.01 -6.75
CA GLU A 131 8.24 -1.55 -5.84
C GLU A 131 7.62 -0.79 -4.66
N TYR A 132 6.58 -0.03 -4.95
CA TYR A 132 5.85 0.68 -3.90
C TYR A 132 5.22 -0.32 -2.91
N GLU A 133 4.58 -1.37 -3.43
CA GLU A 133 3.95 -2.36 -2.56
C GLU A 133 5.02 -3.06 -1.73
N LYS A 134 6.16 -3.32 -2.34
CA LYS A 134 7.24 -3.98 -1.61
C LYS A 134 7.71 -3.08 -0.46
N LEU A 135 7.78 -1.78 -0.71
CA LEU A 135 8.25 -0.86 0.33
C LEU A 135 7.28 -0.97 1.51
N LEU A 136 5.98 -1.00 1.22
CA LEU A 136 4.97 -1.14 2.25
C LEU A 136 5.13 -2.47 2.96
N GLU A 137 5.41 -3.54 2.23
CA GLU A 137 5.55 -4.85 2.90
C GLU A 137 6.71 -4.80 3.87
N ASP A 138 7.82 -4.19 3.48
CA ASP A 138 8.99 -4.15 4.33
C ASP A 138 8.61 -3.46 5.63
N SER A 139 7.85 -2.37 5.51
CA SER A 139 7.36 -1.64 6.67
C SER A 139 6.45 -2.52 7.55
N LEU A 140 5.58 -3.30 6.92
CA LEU A 140 4.71 -4.19 7.67
C LEU A 140 5.55 -5.21 8.42
N THR A 141 6.58 -5.74 7.76
CA THR A 141 7.42 -6.78 8.36
C THR A 141 8.12 -6.27 9.62
N GLU A 142 8.68 -5.07 9.56
CA GLU A 142 9.35 -4.52 10.74
C GLU A 142 8.29 -4.30 11.82
N ILE A 143 7.14 -3.81 11.35
CA ILE A 143 6.00 -3.58 12.20
C ILE A 143 5.44 -4.90 12.76
N THR A 144 5.36 -5.95 11.93
CA THR A 144 4.81 -7.23 12.40
C THR A 144 5.64 -7.84 13.52
N ALA A 145 6.97 -7.87 13.39
CA ALA A 145 7.77 -8.46 14.46
C ALA A 145 7.58 -7.64 15.74
N LEU A 146 7.53 -6.31 15.58
CA LEU A 146 7.34 -5.40 16.73
C LEU A 146 5.97 -5.61 17.42
N SER A 147 4.89 -5.78 16.65
CA SER A 147 3.57 -5.91 17.26
C SER A 147 3.59 -7.13 18.18
N THR A 148 4.26 -8.16 17.64
CA THR A 148 4.41 -9.45 18.32
C THR A 148 4.32 -9.17 19.82
N PRO A 149 3.13 -9.03 20.36
CA PRO A 149 2.97 -8.66 21.79
C PRO A 149 3.55 -9.68 22.75
N ILE A 150 4.08 -9.12 23.78
CA ILE A 150 4.63 -9.86 24.89
C ILE A 150 3.78 -9.40 26.04
N VAL A 151 3.30 -10.28 26.92
CA VAL A 151 2.51 -9.83 28.05
C VAL A 151 2.38 -11.03 28.95
N PRO A 152 3.26 -11.21 29.92
CA PRO A 152 3.16 -12.43 30.77
C PRO A 152 1.83 -12.42 31.52
N ILE A 153 1.16 -13.57 31.56
CA ILE A 153 -0.11 -13.65 32.28
C ILE A 153 0.13 -13.47 33.78
N ARG A 154 1.15 -14.17 34.31
CA ARG A 154 1.49 -14.08 35.74
C ARG A 154 2.95 -14.50 35.94
N ASN A 155 3.28 -14.94 37.14
CA ASN A 155 4.65 -15.34 37.44
C ASN A 155 4.88 -16.81 37.08
N GLY A 156 5.58 -16.99 35.97
CA GLY A 156 5.89 -18.31 35.44
C GLY A 156 4.80 -18.75 34.48
N ILE A 157 3.89 -17.84 34.16
CA ILE A 157 2.86 -18.16 33.16
C ILE A 157 2.93 -17.11 32.05
N SER A 158 3.11 -17.55 30.81
CA SER A 158 3.18 -16.64 29.65
C SER A 158 2.29 -17.15 28.54
N ALA A 159 1.77 -16.26 27.69
CA ALA A 159 0.93 -16.70 26.57
C ALA A 159 1.24 -15.89 25.30
N LEU A 160 1.22 -16.58 24.15
CA LEU A 160 1.48 -15.96 22.86
C LEU A 160 0.41 -16.35 21.84
N PRO A 161 -0.73 -15.68 21.86
CA PRO A 161 -1.87 -15.99 20.94
C PRO A 161 -1.57 -15.61 19.48
N LEU A 162 -2.19 -16.36 18.56
CA LEU A 162 -2.01 -16.09 17.12
C LEU A 162 -3.35 -15.77 16.47
N VAL A 163 -3.42 -14.65 15.77
CA VAL A 163 -4.63 -14.25 15.07
C VAL A 163 -4.29 -14.03 13.59
N GLY A 164 -5.08 -14.60 12.70
CA GLY A 164 -4.84 -14.44 11.25
C GLY A 164 -4.55 -15.76 10.56
N ASN A 165 -4.56 -15.75 9.22
CA ASN A 165 -4.31 -16.98 8.45
C ASN A 165 -2.81 -17.16 8.27
N LEU A 166 -2.23 -18.21 8.83
CA LEU A 166 -0.78 -18.38 8.72
C LEU A 166 -0.29 -18.85 7.36
N THR A 167 0.26 -17.92 6.58
CA THR A 167 0.80 -18.24 5.26
C THR A 167 2.24 -18.75 5.37
N GLU A 168 2.76 -19.29 4.28
CA GLU A 168 4.12 -19.80 4.28
C GLU A 168 5.16 -18.68 4.46
N GLU A 169 4.84 -17.52 3.92
CA GLU A 169 5.72 -16.36 4.05
C GLU A 169 5.83 -15.95 5.52
N ARG A 170 4.70 -15.90 6.19
CA ARG A 170 4.61 -15.55 7.58
C ARG A 170 5.34 -16.56 8.48
N PHE A 171 5.34 -17.83 8.10
CA PHE A 171 5.98 -18.89 8.90
C PHE A 171 7.43 -18.56 9.24
N ASN A 172 8.14 -17.79 8.40
CA ASN A 172 9.54 -17.54 8.71
C ASN A 172 9.66 -16.80 10.05
N SER A 173 8.77 -15.87 10.31
CA SER A 173 8.82 -15.13 11.57
C SER A 173 8.70 -16.09 12.77
N ILE A 174 7.82 -17.08 12.64
CA ILE A 174 7.59 -18.06 13.71
C ILE A 174 8.82 -18.92 13.99
N VAL A 175 9.50 -19.40 12.96
CA VAL A 175 10.66 -20.26 13.17
C VAL A 175 11.73 -19.46 13.92
N CYS A 176 11.88 -18.19 13.54
CA CYS A 176 12.86 -17.32 14.19
C CYS A 176 12.49 -17.13 15.67
N THR A 177 11.19 -17.11 15.94
CA THR A 177 10.69 -16.93 17.30
C THR A 177 11.17 -18.08 18.18
N LEU A 178 11.56 -19.19 17.57
CA LEU A 178 11.98 -20.34 18.36
C LEU A 178 13.18 -19.93 19.21
N THR A 179 14.10 -19.17 18.61
CA THR A 179 15.30 -18.73 19.32
C THR A 179 14.89 -17.89 20.54
N ASN A 180 13.92 -17.00 20.37
CA ASN A 180 13.41 -16.16 21.45
C ASN A 180 12.80 -17.02 22.58
N ILE A 181 12.13 -18.11 22.23
CA ILE A 181 11.50 -18.98 23.24
C ILE A 181 12.55 -19.48 24.20
N LEU A 182 13.74 -19.80 23.71
CA LEU A 182 14.77 -20.34 24.59
C LEU A 182 15.07 -19.30 25.68
N SER A 183 15.13 -18.05 25.27
CA SER A 183 15.36 -16.96 26.21
C SER A 183 14.22 -16.89 27.25
N THR A 184 13.00 -17.22 26.83
CA THR A 184 11.83 -17.19 27.72
C THR A 184 11.65 -18.53 28.45
N SER A 185 12.74 -19.28 28.60
CA SER A 185 12.68 -20.59 29.25
C SER A 185 12.28 -20.45 30.71
N LYS A 186 12.46 -19.25 31.25
CA LYS A 186 12.15 -18.98 32.64
C LYS A 186 10.67 -19.23 32.93
N ASP A 187 9.80 -18.89 31.97
CA ASP A 187 8.36 -19.08 32.18
C ASP A 187 7.99 -20.57 32.15
N ASP A 188 7.57 -21.07 33.30
CA ASP A 188 7.24 -22.49 33.45
C ASP A 188 6.07 -22.92 32.57
N TYR A 189 5.02 -22.09 32.50
CA TYR A 189 3.86 -22.43 31.72
C TYR A 189 3.70 -21.48 30.54
N LEU A 190 3.48 -22.06 29.36
CA LEU A 190 3.29 -21.29 28.14
C LEU A 190 1.92 -21.67 27.59
N ILE A 191 1.07 -20.69 27.29
CA ILE A 191 -0.25 -20.99 26.70
C ILE A 191 -0.31 -20.37 25.30
N ILE A 192 -0.67 -21.19 24.31
CA ILE A 192 -0.79 -20.70 22.94
C ILE A 192 -2.24 -20.74 22.50
N ASP A 193 -2.76 -19.63 22.01
CA ASP A 193 -4.15 -19.57 21.52
C ASP A 193 -4.20 -19.79 19.98
N LEU A 194 -4.90 -20.84 19.58
CA LEU A 194 -5.12 -21.13 18.15
C LEU A 194 -6.49 -20.66 17.69
N SER A 195 -7.28 -20.15 18.64
CA SER A 195 -8.63 -19.67 18.34
C SER A 195 -8.64 -18.48 17.37
N GLY A 196 -7.60 -17.65 17.43
CA GLY A 196 -7.58 -16.52 16.52
C GLY A 196 -7.53 -17.06 15.08
N LEU A 197 -6.68 -18.05 14.93
CA LEU A 197 -6.45 -18.69 13.64
C LEU A 197 -7.74 -19.45 13.21
N ALA A 198 -8.18 -19.19 11.98
CA ALA A 198 -9.40 -19.83 11.49
C ALA A 198 -9.24 -21.35 11.47
N GLN A 199 -8.13 -21.77 10.87
CA GLN A 199 -7.86 -23.21 10.67
C GLN A 199 -6.45 -23.64 11.05
N VAL A 200 -6.24 -24.89 11.36
CA VAL A 200 -4.89 -25.33 11.68
C VAL A 200 -4.45 -26.34 10.63
N ASN A 201 -3.25 -26.14 10.08
CA ASN A 201 -2.70 -27.02 9.05
C ASN A 201 -2.02 -28.23 9.68
N GLU A 202 -1.92 -29.34 8.95
CA GLU A 202 -1.28 -30.53 9.51
C GLU A 202 0.20 -30.25 9.79
N GLN A 203 0.86 -29.51 8.90
CA GLN A 203 2.28 -29.21 9.06
C GLN A 203 2.50 -28.51 10.40
N THR A 204 1.50 -27.74 10.82
CA THR A 204 1.55 -27.03 12.08
C THR A 204 1.66 -28.01 13.25
N ALA A 205 0.90 -29.10 13.19
CA ALA A 205 0.91 -30.06 14.29
C ALA A 205 2.32 -30.53 14.55
N ASP A 206 3.09 -30.75 13.49
CA ASP A 206 4.46 -31.24 13.65
C ASP A 206 5.28 -30.23 14.46
N GLN A 207 5.03 -28.94 14.22
CA GLN A 207 5.72 -27.89 14.95
C GLN A 207 5.35 -27.93 16.43
N ILE A 208 4.07 -28.21 16.73
CA ILE A 208 3.65 -28.23 18.13
C ILE A 208 4.41 -29.34 18.85
N PHE A 209 4.51 -30.52 18.21
CA PHE A 209 5.17 -31.66 18.83
C PHE A 209 6.65 -31.36 19.08
N LYS A 210 7.33 -30.75 18.13
CA LYS A 210 8.75 -30.48 18.35
C LYS A 210 8.91 -29.55 19.53
N LEU A 211 8.05 -28.54 19.62
CA LEU A 211 8.12 -27.57 20.71
C LEU A 211 7.89 -28.24 22.07
N SER A 212 6.94 -29.16 22.18
CA SER A 212 6.70 -29.79 23.47
C SER A 212 7.95 -30.54 23.94
N HIS A 213 8.61 -31.24 23.02
CA HIS A 213 9.80 -31.99 23.38
C HIS A 213 10.93 -31.07 23.85
N LEU A 214 11.18 -29.98 23.12
CA LEU A 214 12.24 -29.08 23.53
C LEU A 214 11.87 -28.52 24.89
N LEU A 215 10.63 -28.07 25.02
CA LEU A 215 10.12 -27.49 26.25
C LEU A 215 10.17 -28.47 27.41
N LYS A 216 9.82 -29.73 27.16
CA LYS A 216 9.81 -30.70 28.25
C LYS A 216 11.21 -30.82 28.84
N LEU A 217 12.22 -30.89 27.98
CA LEU A 217 13.61 -31.01 28.45
C LEU A 217 13.98 -29.78 29.26
N THR A 218 13.54 -28.62 28.81
CA THR A 218 13.83 -27.37 29.49
C THR A 218 12.95 -27.23 30.73
N GLY A 219 11.94 -28.10 30.87
CA GLY A 219 11.06 -28.03 32.03
C GLY A 219 9.94 -27.00 31.88
N THR A 220 9.35 -26.83 30.70
CA THR A 220 8.27 -25.86 30.52
C THR A 220 7.00 -26.51 29.96
N GLU A 221 5.95 -26.51 30.78
CA GLU A 221 4.67 -27.09 30.38
C GLU A 221 4.09 -26.26 29.23
N LEU A 222 3.53 -26.95 28.22
CA LEU A 222 2.92 -26.29 27.06
C LEU A 222 1.40 -26.52 27.08
N ILE A 223 0.64 -25.46 26.93
CA ILE A 223 -0.83 -25.53 26.92
C ILE A 223 -1.37 -25.05 25.56
N ILE A 224 -2.30 -25.82 24.98
CA ILE A 224 -2.88 -25.48 23.66
C ILE A 224 -4.37 -25.19 23.83
N THR A 225 -4.83 -24.08 23.28
CA THR A 225 -6.25 -23.71 23.40
C THR A 225 -6.85 -23.28 22.08
N GLY A 226 -8.17 -23.16 22.02
CA GLY A 226 -8.83 -22.72 20.80
C GLY A 226 -8.92 -23.85 19.78
N ILE A 227 -8.77 -25.04 20.32
CA ILE A 227 -8.83 -26.25 19.50
C ILE A 227 -10.29 -26.59 19.28
N LYS A 228 -10.67 -26.80 18.02
CA LYS A 228 -12.05 -27.13 17.70
C LYS A 228 -12.33 -28.58 18.11
N PRO A 229 -13.48 -28.91 18.66
CA PRO A 229 -13.78 -30.32 19.06
C PRO A 229 -13.61 -31.31 17.91
N GLU A 230 -14.00 -30.89 16.71
CA GLU A 230 -13.88 -31.76 15.54
C GLU A 230 -12.42 -32.05 15.25
N LEU A 231 -11.59 -31.01 15.41
CA LEU A 231 -10.15 -31.13 15.22
C LEU A 231 -9.50 -32.09 16.23
N ALA A 232 -9.90 -32.02 17.49
CA ALA A 232 -9.30 -32.89 18.50
C ALA A 232 -9.62 -34.35 18.22
N MET A 233 -10.83 -34.61 17.75
CA MET A 233 -11.22 -35.98 17.48
C MET A 233 -10.34 -36.57 16.39
N LYS A 234 -10.06 -35.75 15.38
CA LYS A 234 -9.18 -36.17 14.29
C LYS A 234 -7.76 -36.43 14.82
N MET A 235 -7.31 -35.57 15.75
CA MET A 235 -6.00 -35.70 16.37
C MET A 235 -5.90 -36.95 17.21
N ASN A 236 -6.97 -37.34 17.90
CA ASN A 236 -6.90 -38.50 18.79
C ASN A 236 -6.56 -39.73 17.98
N LYS A 237 -7.16 -39.85 16.81
CA LYS A 237 -6.91 -41.00 15.96
C LYS A 237 -5.42 -41.06 15.56
N LEU A 238 -4.85 -39.90 15.27
CA LEU A 238 -3.43 -39.78 14.94
C LEU A 238 -2.49 -40.18 16.10
N ASP A 239 -2.83 -39.77 17.33
CA ASP A 239 -1.98 -40.08 18.48
C ASP A 239 -2.68 -39.78 19.83
N ALA A 240 -2.72 -40.80 20.66
CA ALA A 240 -3.33 -40.70 21.99
C ALA A 240 -2.62 -39.62 22.82
N ASN A 241 -1.35 -39.39 22.53
CA ASN A 241 -0.54 -38.40 23.25
C ASN A 241 -1.11 -37.00 23.08
N PHE A 242 -1.81 -36.75 22.00
CA PHE A 242 -2.32 -35.41 21.75
C PHE A 242 -3.17 -34.97 22.95
N SER A 243 -4.02 -35.88 23.43
CA SER A 243 -4.86 -35.60 24.58
C SER A 243 -4.01 -35.29 25.84
N SER A 244 -2.76 -35.72 25.86
CA SER A 244 -1.87 -35.49 26.99
C SER A 244 -1.73 -34.01 27.32
N LEU A 245 -1.77 -33.16 26.30
CA LEU A 245 -1.66 -31.73 26.53
C LEU A 245 -3.02 -31.05 26.81
N LYS A 246 -3.08 -30.44 28.00
CA LYS A 246 -4.31 -29.77 28.42
C LYS A 246 -4.85 -28.91 27.26
N THR A 247 -6.17 -29.01 27.08
CA THR A 247 -6.89 -28.27 26.05
C THR A 247 -8.07 -27.50 26.66
N TYR A 248 -8.18 -26.24 26.27
CA TYR A 248 -9.28 -25.38 26.73
C TYR A 248 -10.13 -24.91 25.57
N SER A 249 -11.45 -24.89 25.78
CA SER A 249 -12.33 -24.49 24.69
C SER A 249 -11.98 -23.07 24.31
N ASN A 250 -11.73 -22.21 25.30
CA ASN A 250 -11.38 -20.83 25.02
C ASN A 250 -10.34 -20.30 26.05
N VAL A 251 -9.68 -19.21 25.64
CA VAL A 251 -8.64 -18.55 26.45
C VAL A 251 -9.20 -17.99 27.76
N LYS A 252 -10.35 -17.34 27.69
CA LYS A 252 -10.93 -16.76 28.89
C LYS A 252 -11.21 -17.87 29.89
N ASP A 253 -11.78 -18.96 29.40
CA ASP A 253 -12.13 -20.08 30.27
C ASP A 253 -10.88 -20.70 30.91
N ALA A 254 -9.81 -20.88 30.13
CA ALA A 254 -8.60 -21.49 30.70
C ALA A 254 -8.03 -20.58 31.77
N VAL A 255 -8.02 -19.30 31.46
CA VAL A 255 -7.49 -18.32 32.38
C VAL A 255 -8.29 -18.29 33.68
N LYS A 256 -9.62 -18.26 33.56
CA LYS A 256 -10.46 -18.24 34.75
C LYS A 256 -10.30 -19.51 35.58
N VAL A 257 -10.33 -20.69 34.95
CA VAL A 257 -10.17 -21.91 35.72
C VAL A 257 -8.77 -22.04 36.30
N LEU A 258 -7.76 -21.67 35.52
CA LEU A 258 -6.37 -21.80 35.96
C LEU A 258 -6.25 -21.70 37.49
N PRO A 259 -6.36 -20.54 38.08
CA PRO A 259 -6.25 -20.42 39.56
C PRO A 259 -7.37 -21.17 40.28
N ILE A 260 -7.02 -21.84 41.38
CA ILE A 260 -8.03 -22.57 42.18
C ILE A 260 -7.63 -22.67 43.64
N MET A 261 -6.32 -22.64 43.92
CA MET A 261 -5.84 -22.78 45.30
C MET A 261 -4.74 -21.77 45.60
N GLY B 1 16.39 10.57 -38.70
CA GLY B 1 16.23 12.05 -38.55
C GLY B 1 16.03 12.68 -39.91
N ALA B 2 15.06 12.18 -40.64
CA ALA B 2 14.77 12.69 -41.95
C ALA B 2 13.34 12.35 -42.30
N SER B 3 12.82 13.00 -43.34
CA SER B 3 11.45 12.74 -43.80
C SER B 3 11.28 11.30 -44.39
N PHE B 4 12.38 10.64 -44.65
CA PHE B 4 12.32 9.27 -45.20
C PHE B 4 12.04 8.28 -44.06
N GLN B 5 12.99 8.21 -43.12
CA GLN B 5 12.89 7.31 -41.97
C GLN B 5 11.76 7.69 -41.03
N SER B 6 11.59 9.00 -40.81
CA SER B 6 10.57 9.45 -39.89
C SER B 6 9.19 8.96 -40.35
N PHE B 7 8.95 9.05 -41.66
CA PHE B 7 7.71 8.57 -42.26
C PHE B 7 6.62 9.66 -42.20
N GLY B 8 6.56 10.48 -43.26
CA GLY B 8 5.58 11.57 -43.33
C GLY B 8 4.16 11.02 -43.34
N ILE B 9 3.30 11.67 -44.13
CA ILE B 9 1.89 11.28 -44.25
C ILE B 9 1.04 11.91 -43.12
N PRO B 10 0.14 12.84 -43.41
CA PRO B 10 -0.67 13.50 -42.33
C PRO B 10 -1.59 12.49 -41.63
N GLY B 11 -1.91 11.41 -42.33
CA GLY B 11 -2.79 10.39 -41.79
C GLY B 11 -2.21 9.74 -40.55
N GLN B 12 -0.90 9.49 -40.56
CA GLN B 12 -0.25 8.88 -39.41
C GLN B 12 -0.33 9.84 -38.21
N LEU B 13 -0.15 11.12 -38.50
CA LEU B 13 -0.15 12.14 -37.44
C LEU B 13 -1.51 12.23 -36.70
N GLU B 14 -2.61 12.16 -37.43
CA GLU B 14 -3.95 12.22 -36.84
C GLU B 14 -4.22 10.98 -35.91
N VAL B 15 -3.59 9.89 -36.33
CA VAL B 15 -3.64 8.61 -35.58
C VAL B 15 -3.00 8.76 -34.20
N ILE B 16 -1.83 9.38 -34.18
CA ILE B 16 -1.10 9.53 -32.93
C ILE B 16 -1.90 10.41 -31.99
N LYS B 17 -2.44 11.51 -32.53
CA LYS B 17 -3.22 12.45 -31.72
C LYS B 17 -4.50 11.84 -31.13
N LYS B 18 -5.24 11.05 -31.89
CA LYS B 18 -6.46 10.47 -31.33
C LYS B 18 -6.10 9.55 -30.17
N ALA B 19 -5.03 8.78 -30.35
CA ALA B 19 -4.60 7.84 -29.31
C ALA B 19 -4.27 8.57 -28.02
N LEU B 20 -3.64 9.74 -28.13
CA LEU B 20 -3.36 10.56 -26.95
C LEU B 20 -4.67 11.03 -26.30
N ASP B 21 -5.63 11.43 -27.14
CA ASP B 21 -6.94 11.92 -26.70
C ASP B 21 -7.73 10.83 -25.96
N HIS B 22 -7.66 9.60 -26.43
CA HIS B 22 -8.41 8.50 -25.81
C HIS B 22 -8.05 8.34 -24.34
N VAL B 23 -6.77 8.48 -23.99
CA VAL B 23 -6.34 8.35 -22.59
C VAL B 23 -5.81 9.69 -22.10
N ARG B 24 -6.30 10.14 -20.94
CA ARG B 24 -5.90 11.43 -20.38
C ARG B 24 -4.47 11.43 -19.86
N VAL B 25 -3.60 12.14 -20.57
CA VAL B 25 -2.22 12.27 -20.14
C VAL B 25 -1.69 13.64 -20.44
N GLY B 26 -1.04 14.25 -19.48
CA GLY B 26 -0.56 15.60 -19.70
C GLY B 26 0.80 15.68 -20.35
N VAL B 27 0.80 15.83 -21.67
CA VAL B 27 2.03 16.03 -22.42
C VAL B 27 1.85 17.31 -23.22
N VAL B 28 2.81 18.22 -23.14
CA VAL B 28 2.74 19.47 -23.90
C VAL B 28 4.10 19.83 -24.47
N ILE B 29 4.09 20.62 -25.54
CA ILE B 29 5.36 21.08 -26.16
C ILE B 29 5.50 22.60 -26.11
N THR B 30 6.63 23.00 -25.56
CA THR B 30 6.97 24.43 -25.39
C THR B 30 8.01 24.81 -26.41
N ASP B 31 8.10 26.09 -26.73
CA ASP B 31 9.08 26.55 -27.72
C ASP B 31 9.97 27.64 -27.10
N PRO B 32 11.18 27.33 -26.72
CA PRO B 32 12.09 28.35 -26.10
C PRO B 32 12.46 29.43 -27.11
N ALA B 33 12.28 29.16 -28.41
CA ALA B 33 12.60 30.14 -29.44
C ALA B 33 11.73 31.37 -29.29
N LEU B 34 10.44 31.19 -28.99
CA LEU B 34 9.52 32.32 -28.84
C LEU B 34 9.73 33.04 -27.50
N GLU B 35 8.81 33.97 -27.16
CA GLU B 35 8.92 34.75 -25.93
C GLU B 35 8.38 33.98 -24.72
N ASP B 36 9.17 33.97 -23.65
CA ASP B 36 8.76 33.32 -22.41
C ASP B 36 8.41 31.86 -22.65
N ASN B 37 9.11 31.19 -23.56
CA ASN B 37 8.83 29.79 -23.86
C ASN B 37 7.35 29.44 -23.73
N PRO B 38 6.52 29.92 -24.62
CA PRO B 38 5.06 29.66 -24.61
C PRO B 38 4.73 28.24 -25.03
N ILE B 39 3.59 27.74 -24.56
CA ILE B 39 3.16 26.39 -24.92
C ILE B 39 2.40 26.45 -26.23
N VAL B 40 2.80 25.59 -27.18
CA VAL B 40 2.15 25.55 -28.49
C VAL B 40 1.32 24.29 -28.69
N TYR B 41 1.84 23.14 -28.27
CA TYR B 41 1.12 21.88 -28.44
C TYR B 41 0.38 21.48 -27.18
N VAL B 42 -0.93 21.29 -27.32
CA VAL B 42 -1.77 20.86 -26.22
C VAL B 42 -2.84 19.89 -26.75
N ASN B 43 -3.14 18.85 -25.99
CA ASN B 43 -4.16 17.89 -26.42
C ASN B 43 -5.49 18.18 -25.70
N GLN B 44 -6.58 17.66 -26.27
CA GLN B 44 -7.91 17.87 -25.70
C GLN B 44 -8.03 17.25 -24.30
N GLY B 45 -7.42 16.09 -24.11
CA GLY B 45 -7.47 15.41 -22.82
C GLY B 45 -6.84 16.27 -21.72
N PHE B 46 -5.95 17.16 -22.11
CA PHE B 46 -5.28 18.05 -21.16
C PHE B 46 -6.33 18.90 -20.46
N VAL B 47 -7.27 19.40 -21.25
CA VAL B 47 -8.34 20.24 -20.73
C VAL B 47 -9.18 19.51 -19.71
N GLN B 48 -9.57 18.28 -20.02
CA GLN B 48 -10.37 17.51 -19.08
C GLN B 48 -9.59 17.25 -17.80
N MET B 49 -8.32 16.90 -17.94
CA MET B 49 -7.46 16.61 -16.79
C MET B 49 -7.25 17.83 -15.90
N THR B 50 -7.04 19.01 -16.49
CA THR B 50 -6.80 20.20 -15.68
C THR B 50 -8.08 21.02 -15.47
N GLY B 51 -9.09 20.74 -16.28
CA GLY B 51 -10.37 21.44 -16.16
C GLY B 51 -10.24 22.86 -16.69
N TYR B 52 -9.21 23.08 -17.48
CA TYR B 52 -8.94 24.40 -18.08
C TYR B 52 -9.17 24.33 -19.58
N GLU B 53 -9.67 25.41 -20.17
CA GLU B 53 -9.91 25.45 -21.60
C GLU B 53 -8.59 25.57 -22.37
N THR B 54 -8.57 24.97 -23.55
CA THR B 54 -7.36 24.95 -24.39
C THR B 54 -6.91 26.36 -24.81
N GLU B 55 -7.88 27.21 -25.08
CA GLU B 55 -7.56 28.57 -25.50
C GLU B 55 -6.84 29.35 -24.39
N GLU B 56 -7.26 29.16 -23.15
CA GLU B 56 -6.62 29.80 -21.99
C GLU B 56 -5.24 29.22 -21.62
N ILE B 57 -5.05 27.92 -21.85
CA ILE B 57 -3.76 27.29 -21.55
C ILE B 57 -2.73 27.86 -22.54
N LEU B 58 -2.89 27.48 -23.80
CA LEU B 58 -2.02 27.95 -24.86
C LEU B 58 -1.66 29.44 -24.67
N GLY B 59 -0.36 29.75 -24.78
CA GLY B 59 0.11 31.14 -24.63
C GLY B 59 0.56 31.44 -23.18
N LYS B 60 0.30 30.51 -22.27
CA LYS B 60 0.61 30.75 -20.85
C LYS B 60 1.36 29.59 -20.19
N ASN B 61 2.20 29.96 -19.22
CA ASN B 61 2.97 28.98 -18.48
C ASN B 61 2.10 28.29 -17.41
N CYS B 62 2.43 27.04 -17.11
CA CYS B 62 1.68 26.25 -16.13
C CYS B 62 1.73 26.85 -14.72
N ARG B 63 2.27 28.08 -14.63
CA ARG B 63 2.43 28.77 -13.35
C ARG B 63 1.09 28.99 -12.63
N PHE B 64 0.00 29.17 -13.38
CA PHE B 64 -1.31 29.37 -12.76
C PHE B 64 -1.73 28.17 -11.90
N LEU B 65 -1.32 26.97 -12.25
CA LEU B 65 -1.72 25.78 -11.49
C LEU B 65 -1.19 25.91 -10.05
N GLN B 66 0.06 26.33 -9.92
CA GLN B 66 0.69 26.47 -8.60
C GLN B 66 -0.26 27.19 -7.66
N GLY B 67 -0.23 26.76 -6.38
CA GLY B 67 -1.03 27.41 -5.33
C GLY B 67 -0.43 27.21 -3.92
N LYS B 68 -1.30 27.25 -2.91
CA LYS B 68 -0.88 27.18 -1.50
C LYS B 68 -0.15 25.86 -1.21
N HIS B 69 -0.67 24.77 -1.77
CA HIS B 69 -0.09 23.44 -1.54
C HIS B 69 1.19 23.26 -2.35
N THR B 70 1.48 24.19 -3.26
CA THR B 70 2.68 24.07 -4.06
C THR B 70 3.90 24.07 -3.15
N ASP B 71 4.80 23.14 -3.40
CA ASP B 71 6.01 23.04 -2.58
C ASP B 71 7.13 23.88 -3.16
N PRO B 72 7.54 24.96 -2.52
CA PRO B 72 8.63 25.81 -3.07
C PRO B 72 9.89 25.02 -3.38
N ALA B 73 10.20 24.05 -2.52
CA ALA B 73 11.42 23.26 -2.69
C ALA B 73 11.39 22.54 -4.03
N GLU B 74 10.23 22.02 -4.38
CA GLU B 74 10.07 21.34 -5.65
C GLU B 74 10.21 22.35 -6.79
N VAL B 75 9.66 23.54 -6.60
CA VAL B 75 9.75 24.59 -7.62
C VAL B 75 11.22 24.97 -7.83
N ASP B 76 11.96 25.16 -6.74
CA ASP B 76 13.36 25.54 -6.82
C ASP B 76 14.18 24.44 -7.52
N ASN B 77 13.85 23.18 -7.27
CA ASN B 77 14.60 22.12 -7.90
C ASN B 77 14.44 22.23 -9.42
N ILE B 78 13.22 22.50 -9.86
CA ILE B 78 12.95 22.60 -11.29
C ILE B 78 13.72 23.74 -11.91
N ARG B 79 13.73 24.87 -11.23
CA ARG B 79 14.43 26.05 -11.73
C ARG B 79 15.92 25.73 -11.86
N THR B 80 16.45 25.04 -10.84
CA THR B 80 17.87 24.68 -10.84
C THR B 80 18.17 23.78 -12.05
N ALA B 81 17.33 22.77 -12.28
CA ALA B 81 17.54 21.82 -13.39
C ALA B 81 17.54 22.48 -14.76
N LEU B 82 16.63 23.40 -14.99
CA LEU B 82 16.56 24.04 -16.30
C LEU B 82 17.86 24.77 -16.55
N GLN B 83 18.37 25.45 -15.53
CA GLN B 83 19.61 26.18 -15.68
C GLN B 83 20.73 25.20 -16.01
N ASN B 84 20.69 24.05 -15.35
CA ASN B 84 21.67 22.98 -15.58
C ASN B 84 21.33 22.19 -16.82
N LYS B 85 20.21 22.47 -17.46
CA LYS B 85 19.86 21.76 -18.69
C LYS B 85 19.93 20.24 -18.51
N GLU B 86 19.40 19.74 -17.39
CA GLU B 86 19.42 18.30 -17.13
C GLU B 86 18.01 17.82 -16.76
N PRO B 87 17.62 16.62 -17.15
CA PRO B 87 16.24 16.13 -16.85
C PRO B 87 15.93 16.03 -15.35
N VAL B 88 14.70 16.42 -14.99
CA VAL B 88 14.29 16.37 -13.59
C VAL B 88 12.86 15.89 -13.43
N THR B 89 12.63 15.00 -12.47
CA THR B 89 11.26 14.51 -12.20
C THR B 89 10.89 14.80 -10.75
N VAL B 90 9.78 15.52 -10.57
CA VAL B 90 9.31 15.87 -9.23
C VAL B 90 7.78 15.76 -9.11
N GLN B 91 7.27 15.72 -7.88
CA GLN B 91 5.82 15.69 -7.67
C GLN B 91 5.40 16.99 -6.98
N ILE B 92 4.52 17.72 -7.65
CA ILE B 92 4.08 19.02 -7.18
C ILE B 92 2.55 19.12 -7.13
N GLN B 93 2.05 19.60 -6.00
CA GLN B 93 0.62 19.81 -5.81
C GLN B 93 0.12 20.97 -6.66
N ASN B 94 -1.07 20.83 -7.23
CA ASN B 94 -1.62 21.86 -8.11
C ASN B 94 -3.09 22.17 -7.76
N TYR B 95 -3.67 23.08 -8.52
CA TYR B 95 -5.06 23.50 -8.38
C TYR B 95 -5.79 23.49 -9.71
N LYS B 96 -7.09 23.20 -9.68
CA LYS B 96 -7.91 23.22 -10.91
C LYS B 96 -8.78 24.47 -10.95
N LYS B 97 -9.57 24.58 -12.00
CA LYS B 97 -10.45 25.73 -12.16
C LYS B 97 -11.45 25.82 -11.02
N ASP B 98 -11.95 24.71 -10.48
CA ASP B 98 -12.90 24.77 -9.36
C ASP B 98 -12.21 24.83 -8.00
N GLY B 99 -10.89 24.81 -7.96
CA GLY B 99 -10.15 24.87 -6.69
C GLY B 99 -9.84 23.49 -6.16
N THR B 100 -10.18 22.46 -6.90
CA THR B 100 -9.86 21.12 -6.48
C THR B 100 -8.34 20.92 -6.53
N MET B 101 -7.79 20.43 -5.44
CA MET B 101 -6.34 20.20 -5.36
C MET B 101 -6.05 18.78 -5.83
N PHE B 102 -4.94 18.59 -6.54
CA PHE B 102 -4.58 17.25 -6.99
C PHE B 102 -3.07 17.18 -7.16
N TRP B 103 -2.52 15.97 -7.24
CA TRP B 103 -1.07 15.83 -7.41
C TRP B 103 -0.70 15.68 -8.87
N ASN B 104 0.40 16.32 -9.25
CA ASN B 104 0.84 16.32 -10.64
C ASN B 104 2.34 16.03 -10.82
N GLU B 105 2.65 14.83 -11.28
CA GLU B 105 4.04 14.47 -11.49
C GLU B 105 4.55 15.20 -12.73
N LEU B 106 5.67 15.92 -12.58
CA LEU B 106 6.24 16.68 -13.70
C LEU B 106 7.59 16.15 -14.14
N ASN B 107 7.70 15.85 -15.45
CA ASN B 107 8.95 15.40 -16.03
C ASN B 107 9.37 16.40 -17.12
N ILE B 108 10.61 16.87 -17.02
CA ILE B 108 11.16 17.82 -18.00
C ILE B 108 12.44 17.23 -18.58
N ASP B 109 12.58 17.28 -19.91
CA ASP B 109 13.76 16.74 -20.58
C ASP B 109 14.10 17.62 -21.80
N PRO B 110 15.30 18.16 -21.89
CA PRO B 110 15.70 19.04 -23.04
C PRO B 110 15.89 18.26 -24.33
N MET B 111 15.68 18.92 -25.47
CA MET B 111 15.90 18.26 -26.77
C MET B 111 16.80 19.14 -27.63
N GLU B 112 17.67 18.50 -28.41
CA GLU B 112 18.57 19.24 -29.30
C GLU B 112 18.13 18.88 -30.71
N ILE B 113 17.57 19.84 -31.45
CA ILE B 113 17.14 19.60 -32.83
C ILE B 113 17.51 20.77 -33.77
N GLU B 114 18.18 20.44 -34.86
CA GLU B 114 18.56 21.45 -35.84
C GLU B 114 19.30 22.60 -35.13
N ASP B 115 20.13 22.23 -34.16
CA ASP B 115 20.90 23.20 -33.38
C ASP B 115 19.97 24.15 -32.64
N LYS B 116 18.84 23.61 -32.17
CA LYS B 116 17.87 24.39 -31.41
C LYS B 116 17.47 23.57 -30.17
N THR B 117 17.08 24.26 -29.11
CA THR B 117 16.70 23.57 -27.86
C THR B 117 15.18 23.55 -27.72
N TYR B 118 14.64 22.58 -27.00
CA TYR B 118 13.18 22.48 -26.83
C TYR B 118 12.83 21.88 -25.46
N PHE B 119 11.73 22.34 -24.87
CA PHE B 119 11.30 21.85 -23.55
C PHE B 119 9.95 21.16 -23.61
N VAL B 120 9.81 20.05 -22.89
CA VAL B 120 8.56 19.28 -22.89
C VAL B 120 8.12 19.04 -21.47
N GLY B 121 6.82 19.22 -21.22
CA GLY B 121 6.26 19.00 -19.91
C GLY B 121 5.34 17.78 -19.92
N ILE B 122 5.58 16.86 -19.00
CA ILE B 122 4.75 15.65 -18.91
C ILE B 122 4.06 15.64 -17.57
N GLN B 123 2.76 15.45 -17.57
CA GLN B 123 1.99 15.41 -16.33
C GLN B 123 1.32 14.04 -16.22
N ASN B 124 1.64 13.33 -15.14
CA ASN B 124 1.08 12.01 -14.89
C ASN B 124 0.33 12.05 -13.56
N ASP B 125 -0.96 11.73 -13.63
CA ASP B 125 -1.83 11.76 -12.48
C ASP B 125 -1.50 10.65 -11.46
N ILE B 126 -1.44 11.00 -10.16
CA ILE B 126 -1.17 10.04 -9.08
C ILE B 126 -2.50 9.79 -8.28
N THR B 127 -3.59 10.17 -8.93
CA THR B 127 -4.96 9.94 -8.40
C THR B 127 -5.31 8.43 -8.26
N LYS B 128 -4.99 7.63 -9.29
CA LYS B 128 -5.32 6.20 -9.25
C LYS B 128 -4.60 5.55 -8.06
N GLN B 129 -3.33 5.89 -7.91
CA GLN B 129 -2.48 5.37 -6.82
C GLN B 129 -3.02 5.79 -5.43
N LYS B 130 -3.52 6.99 -5.43
CA LYS B 130 -4.18 7.52 -4.24
C LYS B 130 -5.41 6.71 -3.90
N GLU B 131 -6.15 6.34 -4.92
CA GLU B 131 -7.34 5.57 -4.66
C GLU B 131 -6.91 4.22 -4.10
N TYR B 132 -5.85 3.62 -4.65
CA TYR B 132 -5.36 2.34 -4.17
C TYR B 132 -4.92 2.41 -2.70
N GLU B 133 -4.18 3.45 -2.33
CA GLU B 133 -3.72 3.58 -0.94
C GLU B 133 -4.94 3.72 -0.02
N LYS B 134 -5.95 4.43 -0.50
CA LYS B 134 -7.19 4.61 0.24
C LYS B 134 -7.89 3.27 0.46
N LEU B 135 -7.87 2.41 -0.54
CA LEU B 135 -8.48 1.08 -0.43
C LEU B 135 -7.79 0.29 0.67
N LEU B 136 -6.46 0.40 0.69
CA LEU B 136 -5.63 -0.26 1.71
C LEU B 136 -5.94 0.26 3.12
N GLU B 137 -6.09 1.56 3.18
CA GLU B 137 -6.38 2.25 4.43
C GLU B 137 -7.74 1.81 4.98
N ASP B 138 -8.70 1.59 4.09
CA ASP B 138 -10.01 1.13 4.53
C ASP B 138 -9.87 -0.26 5.17
N SER B 139 -9.08 -1.14 4.52
CA SER B 139 -8.87 -2.49 5.03
C SER B 139 -8.22 -2.42 6.42
N LEU B 140 -7.22 -1.55 6.52
CA LEU B 140 -6.47 -1.41 7.76
C LEU B 140 -7.42 -0.95 8.85
N THR B 141 -8.32 -0.05 8.49
CA THR B 141 -9.30 0.45 9.43
C THR B 141 -10.21 -0.65 9.97
N GLU B 142 -10.72 -1.52 9.09
CA GLU B 142 -11.58 -2.62 9.55
C GLU B 142 -10.73 -3.56 10.39
N ILE B 143 -9.53 -3.80 9.90
CA ILE B 143 -8.57 -4.65 10.57
C ILE B 143 -8.17 -4.06 11.91
N THR B 144 -7.93 -2.75 11.96
CA THR B 144 -7.49 -2.10 13.19
C THR B 144 -8.54 -2.23 14.32
N ALA B 145 -9.83 -2.00 14.03
CA ALA B 145 -10.83 -2.13 15.08
C ALA B 145 -10.89 -3.59 15.54
N LEU B 146 -10.80 -4.52 14.58
CA LEU B 146 -10.78 -5.96 14.88
C LEU B 146 -9.53 -6.38 15.68
N SER B 147 -8.35 -5.83 15.34
CA SER B 147 -7.15 -6.23 16.04
C SER B 147 -7.31 -5.86 17.46
N THR B 148 -7.89 -4.65 17.70
CA THR B 148 -8.17 -4.19 19.07
C THR B 148 -8.42 -5.38 19.99
N PRO B 149 -7.38 -5.96 20.52
CA PRO B 149 -7.48 -7.18 21.37
C PRO B 149 -8.29 -7.01 22.66
N ILE B 150 -8.98 -8.12 23.03
CA ILE B 150 -9.70 -8.16 24.29
C ILE B 150 -9.21 -9.42 25.07
N VAL B 151 -8.68 -9.19 26.22
CA VAL B 151 -8.17 -10.32 27.05
C VAL B 151 -8.25 -9.98 28.51
N PRO B 152 -9.31 -10.34 29.22
CA PRO B 152 -9.38 -9.97 30.66
C PRO B 152 -8.21 -10.59 31.41
N ILE B 153 -7.60 -9.83 32.30
CA ILE B 153 -6.48 -10.34 33.07
C ILE B 153 -6.96 -11.41 34.06
N ARG B 154 -8.09 -11.14 34.74
CA ARG B 154 -8.68 -12.09 35.69
C ARG B 154 -10.17 -11.77 35.82
N ASN B 155 -10.75 -12.13 36.95
CA ASN B 155 -12.16 -11.87 37.20
C ASN B 155 -12.32 -10.49 37.80
N GLY B 156 -12.85 -9.55 37.02
CA GLY B 156 -13.04 -8.18 37.49
C GLY B 156 -11.92 -7.27 36.97
N ILE B 157 -10.81 -7.89 36.55
CA ILE B 157 -9.65 -7.14 36.08
C ILE B 157 -9.48 -7.26 34.56
N SER B 158 -9.43 -6.09 33.91
CA SER B 158 -9.26 -6.02 32.45
C SER B 158 -8.21 -4.96 32.10
N ALA B 159 -7.50 -5.18 30.99
CA ALA B 159 -6.47 -4.23 30.55
C ALA B 159 -6.60 -4.00 29.06
N LEU B 160 -6.27 -2.78 28.64
CA LEU B 160 -6.35 -2.43 27.21
C LEU B 160 -5.11 -1.61 26.84
N PRO B 161 -4.00 -2.25 26.61
CA PRO B 161 -2.72 -1.55 26.28
C PRO B 161 -2.69 -0.90 24.89
N LEU B 162 -1.96 0.21 24.78
CA LEU B 162 -1.84 0.95 23.53
C LEU B 162 -0.38 0.90 23.06
N VAL B 163 -0.21 0.60 21.76
CA VAL B 163 1.12 0.57 21.16
C VAL B 163 1.08 1.39 19.89
N GLY B 164 2.06 2.27 19.67
CA GLY B 164 2.08 3.07 18.43
C GLY B 164 1.88 4.56 18.73
N ASN B 165 2.13 5.41 17.72
CA ASN B 165 1.99 6.88 17.91
C ASN B 165 0.59 7.42 17.62
N LEU B 166 -0.13 7.79 18.67
CA LEU B 166 -1.52 8.21 18.54
C LEU B 166 -1.70 9.51 17.73
N THR B 167 -2.17 9.33 16.50
CA THR B 167 -2.48 10.44 15.58
C THR B 167 -3.89 10.96 15.81
N GLU B 168 -4.19 12.09 15.19
CA GLU B 168 -5.51 12.67 15.28
C GLU B 168 -6.53 11.78 14.60
N GLU B 169 -6.17 11.14 13.47
CA GLU B 169 -7.09 10.28 12.74
C GLU B 169 -7.46 9.01 13.53
N ARG B 170 -6.44 8.49 14.19
CA ARG B 170 -6.54 7.29 15.05
C ARG B 170 -7.48 7.56 16.24
N PHE B 171 -7.44 8.76 16.74
CA PHE B 171 -8.23 9.17 17.90
C PHE B 171 -9.74 8.92 17.74
N ASN B 172 -10.23 8.87 16.53
CA ASN B 172 -11.66 8.60 16.33
C ASN B 172 -12.03 7.21 16.86
N SER B 173 -11.17 6.23 16.62
CA SER B 173 -11.43 4.87 17.08
C SER B 173 -11.57 4.84 18.62
N ILE B 174 -10.69 5.58 19.29
CA ILE B 174 -10.69 5.65 20.76
C ILE B 174 -11.96 6.25 21.34
N VAL B 175 -12.44 7.34 20.77
CA VAL B 175 -13.64 7.99 21.30
C VAL B 175 -14.81 7.02 21.19
N CYS B 176 -14.86 6.31 20.07
CA CYS B 176 -15.92 5.32 19.84
C CYS B 176 -15.83 4.20 20.89
N THR B 177 -14.61 3.86 21.28
CA THR B 177 -14.37 2.79 22.26
C THR B 177 -15.03 3.15 23.59
N LEU B 178 -15.30 4.43 23.76
CA LEU B 178 -15.90 4.93 25.00
C LEU B 178 -17.26 4.27 25.21
N THR B 179 -18.01 4.11 24.13
CA THR B 179 -19.30 3.43 24.19
C THR B 179 -19.12 1.97 24.66
N ASN B 180 -18.12 1.28 24.10
CA ASN B 180 -17.86 -0.13 24.47
C ASN B 180 -17.51 -0.24 25.96
N ILE B 181 -16.72 0.71 26.45
CA ILE B 181 -16.30 0.68 27.84
C ILE B 181 -17.50 0.62 28.78
N LEU B 182 -18.60 1.26 28.36
CA LEU B 182 -19.79 1.23 29.18
C LEU B 182 -20.28 -0.20 29.30
N SER B 183 -20.24 -0.96 28.22
CA SER B 183 -20.63 -2.37 28.25
C SER B 183 -19.71 -3.16 29.16
N THR B 184 -18.44 -2.77 29.21
CA THR B 184 -17.46 -3.50 30.03
C THR B 184 -17.46 -3.01 31.47
N SER B 185 -18.52 -2.33 31.87
CA SER B 185 -18.62 -1.77 33.21
C SER B 185 -18.55 -2.86 34.28
N LYS B 186 -18.75 -4.11 33.87
CA LYS B 186 -18.70 -5.21 34.82
C LYS B 186 -17.30 -5.32 35.45
N ASP B 187 -16.26 -5.14 34.65
CA ASP B 187 -14.89 -5.26 35.15
C ASP B 187 -14.57 -4.13 36.13
N ASP B 188 -14.37 -4.52 37.39
CA ASP B 188 -14.10 -3.56 38.45
C ASP B 188 -12.80 -2.79 38.25
N TYR B 189 -11.75 -3.50 37.82
CA TYR B 189 -10.45 -2.86 37.63
C TYR B 189 -10.06 -2.83 36.17
N LEU B 190 -9.64 -1.65 35.70
CA LEU B 190 -9.21 -1.49 34.32
C LEU B 190 -7.78 -0.92 34.24
N ILE B 191 -6.85 -1.68 33.66
CA ILE B 191 -5.45 -1.23 33.56
C ILE B 191 -5.09 -0.81 32.14
N ILE B 192 -4.59 0.42 31.99
CA ILE B 192 -4.20 0.92 30.66
C ILE B 192 -2.69 1.17 30.50
N ASP B 193 -2.07 0.44 29.58
CA ASP B 193 -0.62 0.55 29.39
C ASP B 193 -0.28 1.64 28.39
N LEU B 194 0.40 2.72 28.86
CA LEU B 194 0.84 3.78 27.99
C LEU B 194 2.32 3.56 27.59
N SER B 195 2.94 2.50 28.11
CA SER B 195 4.34 2.20 27.82
C SER B 195 4.54 1.97 26.33
N GLY B 196 3.58 1.33 25.68
CA GLY B 196 3.71 1.07 24.28
C GLY B 196 3.83 2.37 23.53
N LEU B 197 3.12 3.41 23.99
CA LEU B 197 3.14 4.69 23.31
C LEU B 197 4.46 5.40 23.59
N ALA B 198 5.09 5.92 22.54
CA ALA B 198 6.35 6.59 22.73
C ALA B 198 6.18 7.78 23.64
N GLN B 199 5.18 8.64 23.39
CA GLN B 199 4.97 9.83 24.21
C GLN B 199 3.49 10.07 24.58
N VAL B 200 3.23 10.92 25.55
CA VAL B 200 1.82 11.20 25.87
C VAL B 200 1.55 12.68 25.67
N ASN B 201 0.47 12.98 24.95
CA ASN B 201 0.10 14.37 24.67
C ASN B 201 -0.77 14.95 25.80
N GLU B 202 -0.67 16.26 25.98
CA GLU B 202 -1.42 16.95 27.03
C GLU B 202 -2.93 16.81 26.83
N GLN B 203 -3.38 16.74 25.58
CA GLN B 203 -4.81 16.56 25.31
C GLN B 203 -5.26 15.21 25.85
N THR B 204 -4.35 14.24 25.80
CA THR B 204 -4.63 12.89 26.28
C THR B 204 -4.99 12.91 27.78
N ALA B 205 -4.24 13.67 28.55
CA ALA B 205 -4.47 13.74 29.99
C ALA B 205 -5.89 14.21 30.31
N ASP B 206 -6.48 15.03 29.43
CA ASP B 206 -7.85 15.47 29.63
C ASP B 206 -8.79 14.26 29.52
N GLN B 207 -8.48 13.36 28.58
CA GLN B 207 -9.28 12.15 28.36
C GLN B 207 -9.20 11.19 29.54
N ILE B 208 -8.01 11.10 30.15
CA ILE B 208 -7.84 10.17 31.27
C ILE B 208 -8.75 10.63 32.43
N PHE B 209 -8.73 11.94 32.67
CA PHE B 209 -9.53 12.54 33.73
C PHE B 209 -11.04 12.35 33.51
N LYS B 210 -11.52 12.52 32.29
CA LYS B 210 -12.94 12.32 32.05
C LYS B 210 -13.31 10.86 32.32
N LEU B 211 -12.44 9.95 31.88
CA LEU B 211 -12.68 8.51 32.07
C LEU B 211 -12.74 8.11 33.54
N SER B 212 -11.86 8.65 34.37
CA SER B 212 -11.88 8.29 35.80
C SER B 212 -13.19 8.72 36.49
N HIS B 213 -13.71 9.88 36.05
CA HIS B 213 -14.95 10.40 36.61
C HIS B 213 -16.16 9.51 36.23
N LEU B 214 -16.24 9.13 34.96
CA LEU B 214 -17.32 8.27 34.50
C LEU B 214 -17.20 6.89 35.16
N LEU B 215 -15.94 6.42 35.22
CA LEU B 215 -15.63 5.14 35.84
C LEU B 215 -15.96 5.13 37.33
N LYS B 216 -15.61 6.21 38.02
CA LYS B 216 -15.82 6.29 39.46
C LYS B 216 -17.32 6.21 39.80
N LEU B 217 -18.15 6.86 38.98
CA LEU B 217 -19.60 6.77 39.18
C LEU B 217 -20.12 5.34 38.98
N THR B 218 -19.59 4.68 37.94
CA THR B 218 -19.99 3.32 37.60
C THR B 218 -19.37 2.34 38.60
N GLY B 219 -18.38 2.83 39.33
CA GLY B 219 -17.69 2.01 40.30
C GLY B 219 -16.70 1.15 39.51
N THR B 220 -15.64 1.78 39.03
CA THR B 220 -14.60 1.04 38.30
C THR B 220 -13.21 1.64 38.39
N GLU B 221 -12.40 1.12 39.28
CA GLU B 221 -11.06 1.67 39.49
C GLU B 221 -10.26 1.69 38.19
N LEU B 222 -9.51 2.78 37.99
CA LEU B 222 -8.68 2.95 36.78
C LEU B 222 -7.19 3.02 37.12
N ILE B 223 -6.43 2.09 36.55
CA ILE B 223 -4.99 2.04 36.78
C ILE B 223 -4.22 2.45 35.53
N ILE B 224 -3.27 3.37 35.71
CA ILE B 224 -2.45 3.86 34.58
C ILE B 224 -1.01 3.39 34.76
N THR B 225 -0.44 2.75 33.75
CA THR B 225 0.94 2.27 33.86
C THR B 225 1.77 2.57 32.62
N GLY B 226 3.07 2.58 32.84
CA GLY B 226 4.01 2.90 31.78
C GLY B 226 4.30 4.36 31.76
N ILE B 227 4.00 5.07 32.84
CA ILE B 227 4.23 6.50 32.87
C ILE B 227 5.68 6.81 33.26
N LYS B 228 6.33 7.60 32.41
CA LYS B 228 7.73 7.95 32.63
C LYS B 228 7.87 8.78 33.92
N PRO B 229 8.89 8.56 34.73
CA PRO B 229 9.09 9.36 35.97
C PRO B 229 9.11 10.86 35.71
N GLU B 230 9.72 11.28 34.59
CA GLU B 230 9.80 12.70 34.28
C GLU B 230 8.38 13.24 34.10
N LEU B 231 7.58 12.46 33.37
CA LEU B 231 6.18 12.84 33.08
C LEU B 231 5.34 12.99 34.36
N ALA B 232 5.52 12.06 35.30
CA ALA B 232 4.75 12.10 36.55
C ALA B 232 5.09 13.35 37.36
N MET B 233 6.35 13.77 37.33
CA MET B 233 6.75 14.97 38.05
C MET B 233 6.03 16.18 37.46
N LYS B 234 5.95 16.22 36.13
CA LYS B 234 5.29 17.34 35.45
C LYS B 234 3.81 17.39 35.88
N MET B 235 3.20 16.20 35.89
CA MET B 235 1.78 16.02 36.24
C MET B 235 1.50 16.42 37.69
N ASN B 236 2.45 16.17 38.57
CA ASN B 236 2.28 16.47 39.98
C ASN B 236 2.06 17.96 40.16
N LYS B 237 2.81 18.75 39.41
CA LYS B 237 2.68 20.19 39.49
C LYS B 237 1.28 20.61 39.05
N LEU B 238 0.79 20.02 37.94
CA LEU B 238 -0.54 20.38 37.45
C LEU B 238 -1.66 20.05 38.45
N ASP B 239 -1.60 18.85 39.05
CA ASP B 239 -2.62 18.43 40.00
C ASP B 239 -2.11 17.37 40.95
N ALA B 240 -2.33 17.51 42.25
CA ALA B 240 -1.91 16.45 43.15
C ALA B 240 -2.67 15.19 42.77
N ASN B 241 -3.99 15.35 42.61
CA ASN B 241 -4.91 14.24 42.32
C ASN B 241 -4.35 13.28 41.29
N PHE B 242 -3.37 13.70 40.53
CA PHE B 242 -2.78 12.80 39.56
C PHE B 242 -2.18 11.59 40.27
N SER B 243 -1.46 11.83 41.37
CA SER B 243 -0.83 10.72 42.08
C SER B 243 -1.94 9.77 42.50
N SER B 244 -3.04 10.31 42.97
CA SER B 244 -4.19 9.52 43.42
C SER B 244 -4.41 8.23 42.65
N LEU B 245 -4.11 8.20 41.36
CA LEU B 245 -4.27 6.97 40.60
C LEU B 245 -3.01 6.15 40.59
N LYS B 246 -3.12 4.86 40.90
CA LYS B 246 -1.95 4.00 41.02
C LYS B 246 -1.14 3.99 39.74
N THR B 247 0.17 4.11 39.91
CA THR B 247 1.07 4.09 38.76
C THR B 247 2.16 3.05 38.91
N TYR B 248 2.32 2.20 37.90
CA TYR B 248 3.36 1.17 37.91
C TYR B 248 4.37 1.48 36.82
N SER B 249 5.65 1.19 37.10
CA SER B 249 6.71 1.47 36.15
C SER B 249 6.55 0.63 34.88
N ASN B 250 6.01 -0.58 35.07
CA ASN B 250 5.78 -1.50 33.95
C ASN B 250 4.57 -2.38 34.17
N VAL B 251 4.03 -2.92 33.08
CA VAL B 251 2.88 -3.82 33.12
C VAL B 251 3.19 -5.12 33.85
N LYS B 252 4.36 -5.70 33.57
CA LYS B 252 4.72 -6.97 34.19
C LYS B 252 4.78 -6.79 35.70
N ASP B 253 5.43 -5.70 36.13
CA ASP B 253 5.57 -5.40 37.54
C ASP B 253 4.22 -5.18 38.23
N ALA B 254 3.31 -4.45 37.59
CA ALA B 254 2.00 -4.24 38.19
C ALA B 254 1.23 -5.54 38.29
N VAL B 255 1.33 -6.37 37.25
CA VAL B 255 0.63 -7.63 37.27
C VAL B 255 1.17 -8.54 38.36
N LYS B 256 2.50 -8.63 38.46
CA LYS B 256 3.10 -9.52 39.47
C LYS B 256 2.72 -9.09 40.91
N VAL B 257 2.89 -7.80 41.17
CA VAL B 257 2.58 -7.23 42.47
C VAL B 257 1.08 -7.32 42.77
N LEU B 258 0.24 -7.06 41.78
CA LEU B 258 -1.21 -7.08 42.00
C LEU B 258 -1.60 -8.10 43.07
N PRO B 259 -1.57 -9.39 42.76
CA PRO B 259 -1.97 -10.44 43.76
C PRO B 259 -1.06 -10.42 44.97
N ILE B 260 -1.61 -10.62 46.20
CA ILE B 260 -0.76 -10.65 47.40
C ILE B 260 -1.45 -11.38 48.58
N MET B 261 -2.75 -11.61 48.48
CA MET B 261 -3.47 -12.29 49.56
C MET B 261 -4.59 -13.16 49.02
N1 FMN C . -0.41 -9.37 -25.82
C2 FMN C . 0.52 -9.31 -24.77
O2 FMN C . 0.60 -10.23 -23.97
N3 FMN C . 1.40 -8.23 -24.69
C4 FMN C . 1.37 -7.22 -25.65
O4 FMN C . 2.13 -6.26 -25.56
C4A FMN C . 0.44 -7.28 -26.69
N5 FMN C . 0.37 -6.28 -27.58
C5A FMN C . -0.59 -6.28 -28.52
C6 FMN C . -0.77 -5.15 -29.32
C7 FMN C . -1.87 -5.08 -30.18
C7M FMN C . -2.04 -3.94 -30.96
C8 FMN C . -2.76 -6.14 -30.25
C8M FMN C . -3.82 -6.11 -31.16
C9 FMN C . -2.58 -7.27 -29.46
C9A FMN C . -1.49 -7.33 -28.58
N10 FMN C . -1.31 -8.41 -27.79
C10 FMN C . -0.43 -8.35 -26.78
C1' FMN C . -2.01 -9.68 -28.08
C2' FMN C . -1.30 -10.35 -29.26
O2' FMN C . -0.59 -9.35 -30.01
C3' FMN C . -2.32 -11.04 -30.16
O3' FMN C . -3.34 -10.11 -30.53
C4' FMN C . -2.95 -12.22 -29.41
O4' FMN C . -1.91 -12.99 -28.79
C5' FMN C . -3.73 -13.09 -30.38
O5' FMN C . -2.89 -13.28 -31.53
P FMN C . -2.36 -14.75 -31.90
O1P FMN C . -1.10 -14.49 -32.64
O2P FMN C . -3.45 -15.32 -32.72
O3P FMN C . -2.17 -15.40 -30.59
HN3 FMN C . 2.06 -8.18 -23.93
H6 FMN C . -0.05 -4.34 -29.29
HM71 FMN C . -2.73 -3.26 -30.46
HM72 FMN C . -2.45 -4.22 -31.93
HM73 FMN C . -1.08 -3.45 -31.10
HM81 FMN C . -4.27 -5.12 -31.16
HM82 FMN C . -4.57 -6.85 -30.85
HM83 FMN C . -3.46 -6.35 -32.16
H9 FMN C . -3.29 -8.08 -29.50
H1'1 FMN C . -3.04 -9.56 -28.41
H1'2 FMN C . -1.89 -10.37 -27.25
H2' FMN C . -0.59 -11.09 -28.88
HO2' FMN C . -1.16 -9.04 -30.76
H3' FMN C . -1.82 -11.41 -31.05
HO3' FMN C . -2.92 -9.27 -30.86
H4' FMN C . -3.62 -11.83 -28.64
HO4' FMN C . -2.15 -13.14 -27.83
H5'1 FMN C . -4.64 -12.64 -30.77
H5'2 FMN C . -3.86 -14.09 -29.95
N1 FMN D . 4.66 23.31 -13.21
C2 FMN D . 3.55 22.71 -12.61
O2 FMN D . 3.31 22.90 -11.42
N3 FMN D . 2.69 21.93 -13.38
C4 FMN D . 2.93 21.76 -14.75
O4 FMN D . 2.16 21.08 -15.42
C4A FMN D . 4.03 22.37 -15.34
N5 FMN D . 4.29 22.18 -16.65
C5A FMN D . 5.41 22.65 -17.19
C6 FMN D . 5.77 22.29 -18.48
C7 FMN D . 7.01 22.65 -19.00
C7M FMN D . 7.35 22.25 -20.29
C8 FMN D . 7.89 23.40 -18.22
C8M FMN D . 9.10 23.83 -18.75
C9 FMN D . 7.53 23.77 -16.93
C9A FMN D . 6.30 23.41 -16.41
N10 FMN D . 5.94 23.74 -15.16
C10 FMN D . 4.90 23.15 -14.58
C1' FMN D . 6.67 24.81 -14.43
C2' FMN D . 6.19 26.15 -14.99
O2' FMN D . 5.65 25.95 -16.31
C3' FMN D . 7.35 27.14 -15.05
O3' FMN D . 8.45 26.55 -15.77
C4' FMN D . 7.80 27.49 -13.63
O4' FMN D . 6.66 27.80 -12.84
C5' FMN D . 8.75 28.70 -13.68
O5' FMN D . 8.14 29.66 -14.54
P FMN D . 7.65 31.08 -13.96
O1P FMN D . 6.56 31.47 -14.88
O2P FMN D . 8.86 31.92 -14.03
O3P FMN D . 7.20 30.75 -12.59
HN3 FMN D . 1.90 21.48 -12.96
H6 FMN D . 5.07 21.72 -19.09
HM71 FMN D . 7.94 21.34 -20.24
HM72 FMN D . 7.94 23.04 -20.77
HM73 FMN D . 6.45 22.06 -20.87
HM81 FMN D . 9.57 23.02 -19.31
HM82 FMN D . 9.75 24.13 -17.94
HM83 FMN D . 8.93 24.68 -19.41
H9 FMN D . 8.23 24.34 -16.32
H1'1 FMN D . 7.75 24.81 -14.59
H1'2 FMN D . 6.37 24.82 -13.39
H2' FMN D . 5.41 26.55 -14.34
HO2' FMN D . 6.37 26.13 -16.99
H3' FMN D . 7.04 28.04 -15.58
HO3' FMN D . 8.12 26.18 -16.64
H4' FMN D . 8.32 26.64 -13.20
HO4' FMN D . 6.68 27.28 -11.99
H5'1 FMN D . 9.72 28.48 -14.11
H5'2 FMN D . 8.77 29.17 -12.70
N GLY A 1 -9.38 16.89 -39.05
CA GLY A 1 -9.07 15.70 -39.89
C GLY A 1 -8.56 16.18 -41.25
N ALA A 2 -7.56 17.04 -41.24
CA ALA A 2 -7.00 17.57 -42.48
C ALA A 2 -5.55 17.94 -42.27
N SER A 3 -4.82 18.14 -43.36
CA SER A 3 -3.39 18.58 -43.29
C SER A 3 -3.26 20.05 -42.81
N PHE A 4 -4.38 20.77 -42.91
CA PHE A 4 -4.44 22.13 -42.40
C PHE A 4 -4.46 22.17 -40.85
N GLN A 5 -5.52 21.64 -40.26
CA GLN A 5 -5.67 21.59 -38.81
C GLN A 5 -4.65 20.65 -38.15
N SER A 6 -4.39 19.52 -38.82
CA SER A 6 -3.48 18.53 -38.26
C SER A 6 -2.11 19.14 -38.03
N PHE A 7 -1.66 19.94 -38.99
CA PHE A 7 -0.38 20.65 -38.86
C PHE A 7 0.82 19.78 -39.26
N GLY A 8 1.13 19.78 -40.56
CA GLY A 8 2.23 18.96 -41.09
C GLY A 8 3.56 19.37 -40.48
N ILE A 9 4.62 19.34 -41.31
CA ILE A 9 5.97 19.69 -40.88
C ILE A 9 6.67 18.46 -40.24
N PRO A 10 7.68 17.88 -40.89
CA PRO A 10 8.38 16.68 -40.32
C PRO A 10 9.09 17.00 -39.01
N GLY A 11 9.40 18.27 -38.77
CA GLY A 11 10.07 18.67 -37.53
C GLY A 11 9.21 18.42 -36.31
N GLN A 12 7.91 18.65 -36.46
CA GLN A 12 6.99 18.41 -35.35
C GLN A 12 6.95 16.92 -35.03
N LEU A 13 6.98 16.10 -36.06
CA LEU A 13 6.94 14.65 -35.91
C LEU A 13 8.16 14.10 -35.15
N GLU A 14 9.34 14.63 -35.46
CA GLU A 14 10.56 14.17 -34.81
C GLU A 14 10.44 14.49 -33.32
N VAL A 15 9.91 15.66 -32.99
CA VAL A 15 9.76 16.08 -31.58
C VAL A 15 8.88 15.11 -30.82
N ILE A 16 7.77 14.70 -31.41
CA ILE A 16 6.87 13.80 -30.72
C ILE A 16 7.59 12.48 -30.44
N LYS A 17 8.32 11.95 -31.43
CA LYS A 17 9.03 10.68 -31.21
C LYS A 17 10.07 10.79 -30.08
N LYS A 18 10.90 11.84 -30.08
CA LYS A 18 11.95 11.91 -29.07
C LYS A 18 11.31 11.92 -27.70
N ALA A 19 10.21 12.64 -27.55
CA ALA A 19 9.54 12.71 -26.25
C ALA A 19 9.12 11.32 -25.78
N LEU A 20 8.59 10.52 -26.70
CA LEU A 20 8.19 9.16 -26.39
C LEU A 20 9.43 8.34 -25.96
N ASP A 21 10.53 8.55 -26.67
CA ASP A 21 11.81 7.86 -26.39
C ASP A 21 12.38 8.20 -25.00
N HIS A 22 12.24 9.46 -24.59
CA HIS A 22 12.77 9.88 -23.29
C HIS A 22 12.18 9.07 -22.14
N VAL A 23 10.88 8.77 -22.20
CA VAL A 23 10.25 7.98 -21.15
C VAL A 23 9.79 6.64 -21.74
N ARG A 24 10.16 5.55 -21.05
CA ARG A 24 9.83 4.21 -21.52
C ARG A 24 8.35 3.89 -21.38
N VAL A 25 7.67 3.81 -22.53
CA VAL A 25 6.26 3.47 -22.57
C VAL A 25 6.04 2.56 -23.76
N GLY A 26 5.13 1.62 -23.61
CA GLY A 26 4.87 0.68 -24.67
C GLY A 26 3.67 1.06 -25.50
N VAL A 27 3.91 1.80 -26.57
CA VAL A 27 2.85 2.17 -27.50
C VAL A 27 3.29 1.71 -28.89
N VAL A 28 2.42 0.99 -29.57
CA VAL A 28 2.73 0.49 -30.92
C VAL A 28 1.53 0.66 -31.81
N ILE A 29 1.76 0.65 -33.14
CA ILE A 29 0.66 0.75 -34.10
C ILE A 29 0.69 -0.47 -34.99
N THR A 30 -0.45 -1.11 -35.12
CA THR A 30 -0.58 -2.29 -35.95
C THR A 30 -1.33 -1.89 -37.21
N ASP A 31 -1.34 -2.75 -38.20
CA ASP A 31 -2.05 -2.46 -39.45
C ASP A 31 -2.87 -3.66 -39.89
N PRO A 32 -4.17 -3.65 -39.68
CA PRO A 32 -5.03 -4.82 -40.06
C PRO A 32 -5.00 -5.06 -41.58
N ALA A 33 -4.69 -4.02 -42.33
CA ALA A 33 -4.63 -4.09 -43.79
C ALA A 33 -3.56 -5.08 -44.29
N LEU A 34 -2.44 -5.14 -43.56
CA LEU A 34 -1.37 -6.09 -43.90
C LEU A 34 -1.65 -7.45 -43.28
N GLU A 35 -1.07 -8.52 -43.83
CA GLU A 35 -1.33 -9.88 -43.35
C GLU A 35 -0.98 -10.07 -41.87
N ASP A 36 -1.88 -10.74 -41.15
CA ASP A 36 -1.71 -11.04 -39.72
C ASP A 36 -1.59 -9.77 -38.85
N ASN A 37 -2.10 -8.67 -39.40
CA ASN A 37 -2.01 -7.37 -38.73
C ASN A 37 -0.64 -7.20 -38.04
N PRO A 38 0.40 -7.05 -38.82
CA PRO A 38 1.79 -6.89 -38.31
C PRO A 38 2.02 -5.52 -37.65
N ILE A 39 3.02 -5.45 -36.77
CA ILE A 39 3.32 -4.20 -36.08
C ILE A 39 4.30 -3.40 -36.92
N VAL A 40 3.93 -2.15 -37.23
CA VAL A 40 4.76 -1.28 -38.04
C VAL A 40 5.46 -0.21 -37.21
N TYR A 41 4.73 0.39 -36.26
CA TYR A 41 5.33 1.46 -35.44
C TYR A 41 5.82 0.95 -34.11
N VAL A 42 7.10 1.18 -33.85
CA VAL A 42 7.72 0.80 -32.59
C VAL A 42 8.74 1.87 -32.18
N ASN A 43 8.81 2.18 -30.89
CA ASN A 43 9.77 3.18 -30.41
C ASN A 43 11.01 2.49 -29.86
N GLN A 44 12.08 3.25 -29.62
CA GLN A 44 13.30 2.69 -29.05
C GLN A 44 13.09 2.23 -27.60
N GLY A 45 12.31 3.01 -26.86
CA GLY A 45 12.02 2.69 -25.46
C GLY A 45 11.33 1.36 -25.36
N PHE A 46 10.62 0.95 -26.42
CA PHE A 46 9.93 -0.32 -26.36
C PHE A 46 11.01 -1.35 -26.11
N VAL A 47 12.12 -1.31 -26.87
CA VAL A 47 13.14 -2.35 -26.75
C VAL A 47 13.71 -2.42 -25.35
N GLN A 48 14.02 -1.29 -24.78
CA GLN A 48 14.58 -1.28 -23.44
C GLN A 48 13.60 -1.82 -22.39
N MET A 49 12.32 -1.51 -22.57
CA MET A 49 11.27 -2.02 -21.70
C MET A 49 11.06 -3.54 -21.79
N THR A 50 11.05 -4.08 -23.02
CA THR A 50 10.79 -5.51 -23.21
C THR A 50 12.08 -6.30 -23.27
N GLY A 51 13.17 -5.60 -23.55
CA GLY A 51 14.48 -6.23 -23.65
C GLY A 51 14.61 -6.98 -24.97
N TYR A 52 13.80 -6.59 -25.95
CA TYR A 52 13.82 -7.19 -27.29
C TYR A 52 14.23 -6.17 -28.34
N GLU A 53 15.06 -6.60 -29.27
CA GLU A 53 15.52 -5.74 -30.34
C GLU A 53 14.34 -5.32 -31.20
N THR A 54 14.41 -4.11 -31.75
CA THR A 54 13.35 -3.58 -32.60
C THR A 54 13.18 -4.35 -33.89
N GLU A 55 14.27 -4.89 -34.44
CA GLU A 55 14.14 -5.64 -35.68
C GLU A 55 13.31 -6.91 -35.48
N GLU A 56 13.57 -7.65 -34.41
CA GLU A 56 12.80 -8.87 -34.17
C GLU A 56 11.34 -8.50 -33.92
N ILE A 57 11.08 -7.48 -33.10
CA ILE A 57 9.69 -7.14 -32.74
C ILE A 57 8.84 -6.74 -33.92
N LEU A 58 9.31 -5.84 -34.75
CA LEU A 58 8.57 -5.46 -35.94
C LEU A 58 8.35 -6.73 -36.75
N GLY A 59 7.21 -6.80 -37.43
CA GLY A 59 6.91 -7.95 -38.28
C GLY A 59 6.33 -9.12 -37.51
N LYS A 60 6.23 -9.04 -36.18
CA LYS A 60 5.68 -10.14 -35.39
C LYS A 60 4.73 -9.66 -34.31
N ASN A 61 3.76 -10.51 -33.94
CA ASN A 61 2.77 -10.17 -32.94
C ASN A 61 3.33 -10.36 -31.54
N CYS A 62 2.81 -9.59 -30.61
CA CYS A 62 3.26 -9.66 -29.23
C CYS A 62 2.96 -11.02 -28.61
N ARG A 63 2.67 -12.03 -29.44
CA ARG A 63 2.36 -13.36 -28.94
C ARG A 63 3.54 -13.95 -28.18
N PHE A 64 4.74 -13.77 -28.70
CA PHE A 64 5.96 -14.31 -28.06
C PHE A 64 6.16 -13.88 -26.59
N LEU A 65 5.53 -12.78 -26.18
CA LEU A 65 5.60 -12.30 -24.80
C LEU A 65 4.88 -13.22 -23.82
N GLN A 66 3.79 -13.79 -24.29
CA GLN A 66 2.94 -14.67 -23.49
C GLN A 66 3.67 -15.96 -23.09
N GLY A 67 3.42 -16.47 -21.88
CA GLY A 67 4.12 -17.66 -21.41
C GLY A 67 3.29 -18.41 -20.35
N LYS A 68 3.97 -19.05 -19.40
CA LYS A 68 3.30 -19.85 -18.36
C LYS A 68 2.40 -19.00 -17.45
N HIS A 69 2.87 -17.81 -17.08
CA HIS A 69 2.13 -16.93 -16.18
C HIS A 69 0.99 -16.22 -16.91
N THR A 70 0.96 -16.37 -18.23
CA THR A 70 -0.07 -15.72 -19.01
C THR A 70 -1.43 -16.27 -18.62
N ASP A 71 -2.37 -15.36 -18.35
CA ASP A 71 -3.71 -15.75 -17.94
C ASP A 71 -4.57 -16.00 -19.19
N PRO A 72 -4.93 -17.24 -19.48
CA PRO A 72 -5.78 -17.56 -20.67
C PRO A 72 -7.12 -16.82 -20.68
N ALA A 73 -7.67 -16.55 -19.50
CA ALA A 73 -8.96 -15.85 -19.41
C ALA A 73 -8.84 -14.43 -19.96
N GLU A 74 -7.73 -13.78 -19.65
CA GLU A 74 -7.47 -12.42 -20.14
C GLU A 74 -7.31 -12.48 -21.67
N VAL A 75 -6.57 -13.48 -22.13
CA VAL A 75 -6.27 -13.65 -23.54
C VAL A 75 -7.60 -13.79 -24.27
N ASP A 76 -8.48 -14.59 -23.70
CA ASP A 76 -9.81 -14.81 -24.28
C ASP A 76 -10.66 -13.51 -24.31
N ASN A 77 -10.54 -12.69 -23.28
CA ASN A 77 -11.27 -11.43 -23.24
C ASN A 77 -10.80 -10.51 -24.38
N ILE A 78 -9.49 -10.52 -24.61
CA ILE A 78 -8.91 -9.71 -25.69
C ILE A 78 -9.42 -10.14 -27.08
N ARG A 79 -9.43 -11.44 -27.26
CA ARG A 79 -9.88 -12.05 -28.51
C ARG A 79 -11.36 -11.71 -28.71
N THR A 80 -12.13 -11.79 -27.61
CA THR A 80 -13.55 -11.47 -27.69
C THR A 80 -13.70 -9.99 -28.09
N ALA A 81 -12.95 -9.10 -27.41
CA ALA A 81 -13.14 -7.64 -27.62
C ALA A 81 -12.88 -7.24 -29.06
N LEU A 82 -11.84 -7.80 -29.69
CA LEU A 82 -11.50 -7.47 -31.08
C LEU A 82 -12.62 -7.88 -32.04
N GLN A 83 -13.21 -9.04 -31.75
CA GLN A 83 -14.31 -9.53 -32.55
C GLN A 83 -15.47 -8.55 -32.39
N ASN A 84 -15.58 -7.96 -31.20
CA ASN A 84 -16.66 -7.03 -30.89
C ASN A 84 -16.25 -5.60 -31.26
N LYS A 85 -15.04 -5.46 -31.77
CA LYS A 85 -14.52 -4.16 -32.17
C LYS A 85 -14.79 -3.12 -31.09
N GLU A 86 -14.73 -3.54 -29.83
CA GLU A 86 -14.96 -2.62 -28.72
C GLU A 86 -13.72 -2.54 -27.84
N PRO A 87 -13.38 -1.38 -27.29
CA PRO A 87 -12.15 -1.24 -26.45
C PRO A 87 -12.15 -2.12 -25.20
N VAL A 88 -10.98 -2.63 -24.86
CA VAL A 88 -10.82 -3.53 -23.71
C VAL A 88 -9.55 -3.23 -22.95
N THR A 89 -9.57 -3.33 -21.61
CA THR A 89 -8.36 -3.12 -20.83
C THR A 89 -8.17 -4.32 -19.90
N VAL A 90 -7.04 -5.01 -20.03
CA VAL A 90 -6.74 -6.13 -19.16
C VAL A 90 -5.27 -6.14 -18.74
N GLN A 91 -4.95 -6.80 -17.64
CA GLN A 91 -3.54 -6.90 -17.19
C GLN A 91 -3.09 -8.31 -17.59
N ILE A 92 -1.87 -8.52 -18.21
CA ILE A 92 -1.44 -9.86 -18.50
C ILE A 92 0.08 -10.06 -18.28
N GLN A 93 0.41 -11.14 -17.57
CA GLN A 93 1.79 -11.49 -17.25
C GLN A 93 2.56 -11.81 -18.54
N ASN A 94 3.77 -11.25 -18.66
CA ASN A 94 4.61 -11.46 -19.85
C ASN A 94 6.07 -11.76 -19.48
N TYR A 95 6.82 -12.39 -20.41
CA TYR A 95 8.22 -12.76 -20.16
C TYR A 95 9.20 -12.04 -21.11
N LYS A 96 10.31 -11.51 -20.56
CA LYS A 96 11.30 -10.79 -21.36
C LYS A 96 12.29 -11.75 -22.04
N LYS A 97 13.33 -11.18 -22.65
CA LYS A 97 14.36 -11.97 -23.31
C LYS A 97 15.07 -12.87 -22.29
N ASP A 98 15.41 -12.31 -21.11
CA ASP A 98 16.12 -13.06 -20.07
C ASP A 98 15.17 -13.88 -19.20
N GLY A 99 13.89 -13.96 -19.55
CA GLY A 99 12.95 -14.79 -18.79
C GLY A 99 12.35 -14.05 -17.60
N THR A 100 12.77 -12.82 -17.42
CA THR A 100 12.25 -12.03 -16.32
C THR A 100 10.74 -11.96 -16.52
N MET A 101 10.00 -12.09 -15.45
CA MET A 101 8.53 -12.04 -15.53
C MET A 101 8.02 -10.71 -15.00
N PHE A 102 7.19 -10.05 -15.81
CA PHE A 102 6.70 -8.74 -15.43
C PHE A 102 5.25 -8.59 -15.86
N TRP A 103 4.52 -7.72 -15.20
CA TRP A 103 3.12 -7.49 -15.56
C TRP A 103 3.05 -6.42 -16.62
N ASN A 104 2.12 -6.55 -17.55
CA ASN A 104 2.00 -5.60 -18.66
C ASN A 104 0.57 -5.21 -18.98
N GLU A 105 0.11 -4.05 -18.53
CA GLU A 105 -1.27 -3.68 -18.77
C GLU A 105 -1.44 -3.47 -20.26
N LEU A 106 -2.54 -3.97 -20.81
CA LEU A 106 -2.79 -3.84 -22.25
C LEU A 106 -4.10 -3.14 -22.55
N ASN A 107 -4.04 -2.03 -23.31
CA ASN A 107 -5.25 -1.31 -23.70
C ASN A 107 -5.41 -1.29 -25.22
N ILE A 108 -6.54 -1.81 -25.72
CA ILE A 108 -6.80 -1.86 -27.16
C ILE A 108 -8.06 -1.09 -27.53
N ASP A 109 -7.95 -0.19 -28.51
CA ASP A 109 -9.09 0.62 -28.96
C ASP A 109 -9.10 0.77 -30.49
N PRO A 110 -10.16 0.37 -31.17
CA PRO A 110 -10.25 0.46 -32.66
C PRO A 110 -10.39 1.90 -33.14
N MET A 111 -9.90 2.14 -34.34
CA MET A 111 -9.95 3.48 -34.94
C MET A 111 -10.71 3.37 -36.26
N GLU A 112 -11.34 4.44 -36.74
CA GLU A 112 -12.02 4.43 -38.05
C GLU A 112 -11.52 5.63 -38.86
N ILE A 113 -10.51 5.38 -39.68
CA ILE A 113 -9.92 6.43 -40.52
C ILE A 113 -10.06 6.11 -42.00
N GLU A 114 -10.55 7.06 -42.81
CA GLU A 114 -10.62 6.83 -44.25
C GLU A 114 -11.34 5.55 -44.59
N ASP A 115 -12.38 5.26 -43.83
CA ASP A 115 -13.15 4.04 -44.01
C ASP A 115 -12.26 2.80 -43.86
N LYS A 116 -11.23 2.93 -43.04
CA LYS A 116 -10.31 1.80 -42.76
C LYS A 116 -10.19 1.64 -41.25
N THR A 117 -9.97 0.41 -40.77
CA THR A 117 -9.88 0.19 -39.33
C THR A 117 -8.45 0.45 -38.87
N TYR A 118 -8.12 0.16 -37.62
CA TYR A 118 -6.75 0.27 -37.10
C TYR A 118 -6.76 -0.34 -35.71
N PHE A 119 -5.59 -0.79 -35.22
CA PHE A 119 -5.47 -1.30 -33.86
C PHE A 119 -4.26 -0.65 -33.21
N VAL A 120 -4.33 -0.40 -31.90
CA VAL A 120 -3.20 0.16 -31.17
C VAL A 120 -3.00 -0.59 -29.87
N GLY A 121 -1.77 -0.93 -29.57
CA GLY A 121 -1.47 -1.62 -28.32
C GLY A 121 -0.77 -0.68 -27.38
N ILE A 122 -1.25 -0.58 -26.15
CA ILE A 122 -0.61 0.28 -25.18
C ILE A 122 -0.14 -0.59 -24.04
N GLN A 123 1.12 -0.46 -23.65
CA GLN A 123 1.66 -1.25 -22.56
C GLN A 123 2.17 -0.33 -21.46
N ASN A 124 1.50 -0.37 -20.32
CA ASN A 124 1.87 0.48 -19.18
C ASN A 124 2.39 -0.34 -18.01
N ASP A 125 3.67 -0.16 -17.72
CA ASP A 125 4.35 -0.93 -16.67
C ASP A 125 3.78 -0.71 -15.25
N ILE A 126 3.48 -1.85 -14.60
CA ILE A 126 2.94 -1.89 -13.24
C ILE A 126 4.08 -2.04 -12.23
N THR A 127 5.34 -2.08 -12.68
CA THR A 127 6.52 -2.24 -11.78
C THR A 127 6.65 -1.13 -10.74
N LYS A 128 6.46 0.13 -11.12
CA LYS A 128 6.61 1.22 -10.16
C LYS A 128 5.64 1.01 -9.00
N GLN A 129 4.43 0.61 -9.36
CA GLN A 129 3.42 0.32 -8.35
C GLN A 129 3.86 -0.85 -7.50
N LYS A 130 4.48 -1.88 -8.08
CA LYS A 130 4.88 -3.02 -7.23
C LYS A 130 5.88 -2.59 -6.20
N GLU A 131 6.81 -1.75 -6.61
CA GLU A 131 7.84 -1.30 -5.69
C GLU A 131 7.20 -0.53 -4.53
N TYR A 132 6.16 0.23 -4.85
CA TYR A 132 5.40 0.93 -3.81
C TYR A 132 4.77 -0.07 -2.83
N GLU A 133 4.14 -1.12 -3.36
CA GLU A 133 3.50 -2.10 -2.49
C GLU A 133 4.55 -2.80 -1.64
N LYS A 134 5.70 -3.08 -2.23
CA LYS A 134 6.78 -3.74 -1.49
C LYS A 134 7.23 -2.84 -0.34
N LEU A 135 7.30 -1.53 -0.59
CA LEU A 135 7.79 -0.62 0.42
C LEU A 135 6.85 -0.71 1.62
N LEU A 136 5.56 -0.75 1.35
CA LEU A 136 4.56 -0.87 2.40
C LEU A 136 4.73 -2.18 3.13
N GLU A 137 5.01 -3.27 2.41
CA GLU A 137 5.15 -4.56 3.09
C GLU A 137 6.31 -4.50 4.07
N ASP A 138 7.41 -3.89 3.67
CA ASP A 138 8.58 -3.83 4.54
C ASP A 138 8.18 -3.09 5.82
N SER A 139 7.42 -2.02 5.65
CA SER A 139 6.91 -1.26 6.80
C SER A 139 5.99 -2.12 7.68
N LEU A 140 5.13 -2.93 7.05
CA LEU A 140 4.25 -3.80 7.82
C LEU A 140 5.08 -4.81 8.61
N THR A 141 6.12 -5.35 7.98
CA THR A 141 6.96 -6.37 8.62
C THR A 141 7.65 -5.83 9.86
N GLU A 142 8.21 -4.64 9.77
CA GLU A 142 8.87 -4.05 10.92
C GLU A 142 7.81 -3.78 11.99
N ILE A 143 6.67 -3.33 11.52
CA ILE A 143 5.51 -3.08 12.34
C ILE A 143 4.99 -4.38 12.96
N THR A 144 4.90 -5.46 12.17
CA THR A 144 4.37 -6.73 12.68
C THR A 144 5.21 -7.29 13.82
N ALA A 145 6.54 -7.33 13.68
CA ALA A 145 7.36 -7.87 14.76
C ALA A 145 7.17 -7.00 16.01
N LEU A 146 7.11 -5.69 15.80
CA LEU A 146 6.90 -4.75 16.92
C LEU A 146 5.54 -4.94 17.60
N SER A 147 4.46 -5.13 16.83
CA SER A 147 3.14 -5.28 17.45
C SER A 147 3.17 -6.49 18.36
N THR A 148 3.91 -7.50 17.86
CA THR A 148 4.03 -8.81 18.50
C THR A 148 3.89 -8.55 20.00
N PRO A 149 2.69 -8.45 20.51
CA PRO A 149 2.50 -8.10 21.93
C PRO A 149 3.09 -9.09 22.92
N ILE A 150 3.58 -8.52 23.98
CA ILE A 150 4.12 -9.23 25.10
C ILE A 150 3.27 -8.77 26.23
N VAL A 151 2.79 -9.64 27.10
CA VAL A 151 2.02 -9.19 28.24
C VAL A 151 1.88 -10.40 29.14
N PRO A 152 2.73 -10.57 30.12
CA PRO A 152 2.61 -11.78 30.99
C PRO A 152 1.28 -11.77 31.72
N ILE A 153 0.62 -12.91 31.81
CA ILE A 153 -0.65 -12.97 32.51
C ILE A 153 -0.43 -12.76 34.01
N ARG A 154 0.60 -13.44 34.55
CA ARG A 154 0.92 -13.32 35.99
C ARG A 154 2.39 -13.70 36.20
N ASN A 155 2.73 -14.11 37.42
CA ASN A 155 4.11 -14.47 37.73
C ASN A 155 4.38 -15.94 37.40
N GLY A 156 5.09 -16.13 36.29
CA GLY A 156 5.41 -17.45 35.81
C GLY A 156 4.34 -17.93 34.85
N ILE A 157 3.43 -17.04 34.48
CA ILE A 157 2.41 -17.39 33.47
C ILE A 157 2.45 -16.34 32.36
N SER A 158 2.64 -16.80 31.11
CA SER A 158 2.72 -15.90 29.96
C SER A 158 1.83 -16.41 28.84
N ALA A 159 1.32 -15.53 27.99
CA ALA A 159 0.50 -15.97 26.85
C ALA A 159 0.85 -15.22 25.57
N LEU A 160 0.86 -15.96 24.45
CA LEU A 160 1.19 -15.40 23.13
C LEU A 160 0.14 -15.81 22.10
N PRO A 161 -1.01 -15.17 22.09
CA PRO A 161 -2.10 -15.49 21.13
C PRO A 161 -1.77 -15.08 19.68
N LEU A 162 -2.34 -15.83 18.74
CA LEU A 162 -2.15 -15.55 17.30
C LEU A 162 -3.46 -15.25 16.62
N VAL A 163 -3.53 -14.11 15.93
CA VAL A 163 -4.74 -13.73 15.21
C VAL A 163 -4.37 -13.53 13.73
N GLY A 164 -5.15 -14.12 12.84
CA GLY A 164 -4.90 -13.98 11.39
C GLY A 164 -4.57 -15.30 10.73
N ASN A 165 -4.54 -15.31 9.37
CA ASN A 165 -4.26 -16.53 8.64
C ASN A 165 -2.76 -16.71 8.48
N LEU A 166 -2.18 -17.74 9.07
CA LEU A 166 -0.74 -17.92 8.99
C LEU A 166 -0.22 -18.41 7.66
N THR A 167 0.39 -17.51 6.89
CA THR A 167 0.95 -17.84 5.58
C THR A 167 2.38 -18.32 5.73
N GLU A 168 2.94 -18.90 4.66
CA GLU A 168 4.30 -19.41 4.71
C GLU A 168 5.33 -18.28 4.91
N GLU A 169 5.03 -17.13 4.34
CA GLU A 169 5.91 -15.97 4.48
C GLU A 169 5.98 -15.53 5.94
N ARG A 170 4.83 -15.51 6.60
CA ARG A 170 4.69 -15.15 7.99
C ARG A 170 5.40 -16.12 8.92
N PHE A 171 5.41 -17.41 8.55
CA PHE A 171 6.03 -18.44 9.41
C PHE A 171 7.48 -18.12 9.76
N ASN A 172 8.21 -17.38 8.93
CA ASN A 172 9.61 -17.11 9.27
C ASN A 172 9.69 -16.34 10.59
N SER A 173 8.80 -15.39 10.80
CA SER A 173 8.84 -14.62 12.04
C SER A 173 8.67 -15.54 13.25
N ILE A 174 7.77 -16.51 13.14
CA ILE A 174 7.52 -17.46 14.23
C ILE A 174 8.72 -18.34 14.57
N VAL A 175 9.41 -18.85 13.55
CA VAL A 175 10.57 -19.71 13.80
C VAL A 175 11.64 -18.90 14.53
N CYS A 176 11.81 -17.65 14.12
CA CYS A 176 12.76 -16.74 14.76
C CYS A 176 12.37 -16.50 16.23
N THR A 177 11.06 -16.48 16.47
CA THR A 177 10.54 -16.29 17.81
C THR A 177 10.98 -17.40 18.73
N LEU A 178 11.40 -18.54 18.15
CA LEU A 178 11.80 -19.67 18.97
C LEU A 178 12.99 -19.25 19.83
N THR A 179 13.90 -18.50 19.25
CA THR A 179 15.09 -18.04 19.97
C THR A 179 14.67 -17.21 21.20
N ASN A 180 13.69 -16.34 21.01
CA ASN A 180 13.16 -15.50 22.10
C ASN A 180 12.54 -16.37 23.21
N ILE A 181 11.88 -17.45 22.85
CA ILE A 181 11.24 -18.33 23.85
C ILE A 181 12.27 -18.80 24.85
N LEU A 182 13.48 -19.08 24.41
CA LEU A 182 14.49 -19.60 25.32
C LEU A 182 14.75 -18.56 26.42
N SER A 183 14.78 -17.31 26.01
CA SER A 183 14.98 -16.21 26.96
C SER A 183 13.80 -16.16 27.96
N THR A 184 12.60 -16.48 27.50
CA THR A 184 11.41 -16.45 28.35
C THR A 184 11.19 -17.78 29.06
N SER A 185 12.28 -18.53 29.25
CA SER A 185 12.20 -19.84 29.90
C SER A 185 11.77 -19.69 31.36
N LYS A 186 11.95 -18.50 31.89
CA LYS A 186 11.62 -18.21 33.28
C LYS A 186 10.14 -18.45 33.55
N ASP A 187 9.28 -18.12 32.59
CA ASP A 187 7.84 -18.31 32.79
C ASP A 187 7.48 -19.79 32.73
N ASP A 188 7.02 -20.32 33.86
CA ASP A 188 6.68 -21.74 33.99
C ASP A 188 5.54 -22.15 33.07
N TYR A 189 4.50 -21.32 32.98
CA TYR A 189 3.35 -21.66 32.16
C TYR A 189 3.25 -20.73 30.95
N LEU A 190 3.08 -21.33 29.78
CA LEU A 190 2.92 -20.59 28.55
C LEU A 190 1.57 -20.97 27.95
N ILE A 191 0.74 -19.99 27.60
CA ILE A 191 -0.56 -20.30 26.99
C ILE A 191 -0.61 -19.72 25.57
N ILE A 192 -0.97 -20.53 24.60
CA ILE A 192 -1.07 -20.07 23.21
C ILE A 192 -2.51 -20.13 22.76
N ASP A 193 -3.02 -19.03 22.22
CA ASP A 193 -4.40 -19.00 21.68
C ASP A 193 -4.39 -19.26 20.14
N LEU A 194 -5.07 -20.32 19.73
CA LEU A 194 -5.22 -20.63 18.32
C LEU A 194 -6.59 -20.15 17.81
N SER A 195 -7.41 -19.65 18.73
CA SER A 195 -8.75 -19.17 18.38
C SER A 195 -8.73 -17.99 17.41
N GLY A 196 -7.71 -17.15 17.50
CA GLY A 196 -7.66 -16.03 16.58
C GLY A 196 -7.53 -16.57 15.15
N LEU A 197 -6.66 -17.56 15.06
CA LEU A 197 -6.34 -18.17 13.78
C LEU A 197 -7.57 -18.96 13.30
N ALA A 198 -7.99 -18.71 12.04
CA ALA A 198 -9.17 -19.37 11.52
C ALA A 198 -9.00 -20.90 11.53
N GLN A 199 -7.84 -21.32 10.99
CA GLN A 199 -7.57 -22.76 10.79
C GLN A 199 -6.19 -23.18 11.20
N VAL A 200 -5.99 -24.46 11.48
CA VAL A 200 -4.67 -24.93 11.85
C VAL A 200 -4.20 -25.94 10.82
N ASN A 201 -2.97 -25.78 10.34
CA ASN A 201 -2.40 -26.67 9.32
C ASN A 201 -1.70 -27.85 9.98
N GLU A 202 -1.55 -28.96 9.26
CA GLU A 202 -0.89 -30.13 9.84
C GLU A 202 0.57 -29.81 10.16
N GLN A 203 1.23 -29.06 9.28
CA GLN A 203 2.65 -28.72 9.47
C GLN A 203 2.80 -27.98 10.80
N THR A 204 1.78 -27.23 11.16
CA THR A 204 1.75 -26.50 12.42
C THR A 204 1.84 -27.45 13.60
N ALA A 205 1.10 -28.56 13.54
CA ALA A 205 1.06 -29.49 14.66
C ALA A 205 2.48 -29.95 14.98
N ASP A 206 3.29 -30.18 13.95
CA ASP A 206 4.66 -30.64 14.18
C ASP A 206 5.42 -29.59 14.99
N GLN A 207 5.14 -28.32 14.74
CA GLN A 207 5.76 -27.24 15.49
C GLN A 207 5.33 -27.28 16.96
N ILE A 208 4.07 -27.60 17.22
CA ILE A 208 3.60 -27.63 18.60
C ILE A 208 4.37 -28.71 19.34
N PHE A 209 4.51 -29.88 18.70
CA PHE A 209 5.20 -31.01 19.34
C PHE A 209 6.65 -30.69 19.65
N LYS A 210 7.35 -30.05 18.72
CA LYS A 210 8.76 -29.75 18.97
C LYS A 210 8.85 -28.81 20.16
N LEU A 211 7.96 -27.83 20.23
CA LEU A 211 7.97 -26.86 21.32
C LEU A 211 7.71 -27.54 22.67
N SER A 212 6.79 -28.48 22.74
CA SER A 212 6.53 -29.12 24.03
C SER A 212 7.77 -29.82 24.53
N HIS A 213 8.48 -30.51 23.64
CA HIS A 213 9.68 -31.24 24.04
C HIS A 213 10.77 -30.28 24.53
N LEU A 214 11.02 -29.19 23.80
CA LEU A 214 12.03 -28.25 24.25
C LEU A 214 11.59 -27.69 25.59
N LEU A 215 10.33 -27.29 25.67
CA LEU A 215 9.78 -26.69 26.87
C LEU A 215 9.82 -27.66 28.05
N LYS A 216 9.51 -28.93 27.80
CA LYS A 216 9.51 -29.90 28.89
C LYS A 216 10.89 -29.98 29.52
N LEU A 217 11.92 -30.04 28.69
CA LEU A 217 13.30 -30.14 29.19
C LEU A 217 13.63 -28.89 30.01
N THR A 218 13.17 -27.75 29.55
CA THR A 218 13.41 -26.49 30.24
C THR A 218 12.53 -26.39 31.46
N GLY A 219 11.54 -27.28 31.61
CA GLY A 219 10.63 -27.21 32.73
C GLY A 219 9.49 -26.21 32.55
N THR A 220 8.96 -26.05 31.33
CA THR A 220 7.86 -25.09 31.12
C THR A 220 6.62 -25.77 30.52
N GLU A 221 5.55 -25.75 31.27
CA GLU A 221 4.29 -26.35 30.84
C GLU A 221 3.71 -25.54 29.66
N LEU A 222 3.21 -26.23 28.64
CA LEU A 222 2.62 -25.59 27.45
C LEU A 222 1.12 -25.87 27.42
N ILE A 223 0.32 -24.83 27.24
CA ILE A 223 -1.14 -24.95 27.17
C ILE A 223 -1.63 -24.50 25.79
N ILE A 224 -2.54 -25.29 25.19
CA ILE A 224 -3.07 -24.98 23.85
C ILE A 224 -4.57 -24.71 23.95
N THR A 225 -5.03 -23.61 23.36
CA THR A 225 -6.44 -23.22 23.45
C THR A 225 -7.01 -22.82 22.11
N GLY A 226 -8.33 -22.74 22.02
CA GLY A 226 -8.96 -22.34 20.76
C GLY A 226 -8.99 -23.50 19.77
N ILE A 227 -8.90 -24.69 20.34
CA ILE A 227 -8.90 -25.90 19.56
C ILE A 227 -10.33 -26.28 19.28
N LYS A 228 -10.65 -26.52 18.02
CA LYS A 228 -12.02 -26.88 17.64
C LYS A 228 -12.28 -28.35 17.98
N PRO A 229 -13.45 -28.72 18.48
CA PRO A 229 -13.72 -30.15 18.82
C PRO A 229 -13.46 -31.10 17.66
N GLU A 230 -13.83 -30.68 16.45
CA GLU A 230 -13.64 -31.52 15.28
C GLU A 230 -12.14 -31.78 15.05
N LEU A 231 -11.35 -30.73 15.27
CA LEU A 231 -9.90 -30.82 15.15
C LEU A 231 -9.28 -31.78 16.16
N ALA A 232 -9.74 -31.74 17.41
CA ALA A 232 -9.17 -32.60 18.44
C ALA A 232 -9.43 -34.06 18.12
N MET A 233 -10.61 -34.35 17.60
CA MET A 233 -10.96 -35.73 17.31
C MET A 233 -10.02 -36.29 16.26
N LYS A 234 -9.71 -35.48 15.26
CA LYS A 234 -8.76 -35.86 14.22
C LYS A 234 -7.37 -36.06 14.81
N MET A 235 -7.02 -35.19 15.76
CA MET A 235 -5.73 -35.28 16.45
C MET A 235 -5.64 -36.54 17.30
N ASN A 236 -6.73 -36.95 17.93
CA ASN A 236 -6.67 -38.12 18.81
C ASN A 236 -6.26 -39.33 18.02
N LYS A 237 -6.81 -39.47 16.84
CA LYS A 237 -6.48 -40.59 15.98
C LYS A 237 -4.98 -40.60 15.64
N LEU A 238 -4.44 -39.43 15.36
CA LEU A 238 -3.01 -39.25 15.07
C LEU A 238 -2.10 -39.61 16.26
N ASP A 239 -2.49 -39.22 17.47
CA ASP A 239 -1.67 -39.51 18.66
C ASP A 239 -2.42 -39.25 19.97
N ALA A 240 -2.46 -40.29 20.79
CA ALA A 240 -3.11 -40.21 22.10
C ALA A 240 -2.44 -39.13 22.98
N ASN A 241 -1.18 -38.85 22.70
CA ASN A 241 -0.40 -37.85 23.43
C ASN A 241 -0.99 -36.47 23.28
N PHE A 242 -1.65 -36.20 22.17
CA PHE A 242 -2.16 -34.86 21.93
C PHE A 242 -3.09 -34.47 23.10
N SER A 243 -3.94 -35.40 23.49
CA SER A 243 -4.87 -35.15 24.61
C SER A 243 -4.10 -34.86 25.91
N SER A 244 -2.84 -35.26 25.98
CA SER A 244 -2.00 -35.01 27.16
C SER A 244 -1.96 -33.52 27.51
N LEU A 245 -1.86 -32.66 26.49
CA LEU A 245 -1.81 -31.25 26.77
C LEU A 245 -3.18 -30.61 27.02
N LYS A 246 -3.31 -30.00 28.19
CA LYS A 246 -4.53 -29.30 28.55
C LYS A 246 -5.05 -28.49 27.36
N THR A 247 -6.35 -28.63 27.13
CA THR A 247 -7.06 -27.91 26.07
C THR A 247 -8.29 -27.19 26.63
N TYR A 248 -8.44 -25.93 26.23
CA TYR A 248 -9.58 -25.10 26.66
C TYR A 248 -10.41 -24.65 25.48
N SER A 249 -11.75 -24.67 25.64
CA SER A 249 -12.60 -24.29 24.54
C SER A 249 -12.30 -22.87 24.18
N ASN A 250 -12.14 -22.00 25.19
CA ASN A 250 -11.82 -20.60 24.94
C ASN A 250 -10.83 -20.04 25.97
N VAL A 251 -10.17 -18.96 25.58
CA VAL A 251 -9.17 -18.28 26.42
C VAL A 251 -9.77 -17.74 27.71
N LYS A 252 -10.92 -17.10 27.62
CA LYS A 252 -11.54 -16.53 28.81
C LYS A 252 -11.83 -17.64 29.80
N ASP A 253 -12.37 -18.74 29.30
CA ASP A 253 -12.72 -19.87 30.17
C ASP A 253 -11.47 -20.47 30.83
N ALA A 254 -10.36 -20.60 30.08
CA ALA A 254 -9.14 -21.17 30.68
C ALA A 254 -8.63 -20.27 31.79
N VAL A 255 -8.63 -18.99 31.47
CA VAL A 255 -8.13 -18.01 32.42
C VAL A 255 -8.99 -17.99 33.68
N LYS A 256 -10.32 -17.98 33.52
CA LYS A 256 -11.21 -17.98 34.66
C LYS A 256 -11.05 -19.25 35.49
N VAL A 257 -11.01 -20.43 34.85
CA VAL A 257 -10.86 -21.66 35.61
C VAL A 257 -9.48 -21.77 36.24
N LEU A 258 -8.45 -21.37 35.49
CA LEU A 258 -7.07 -21.49 35.97
C LEU A 258 -7.01 -21.39 37.50
N PRO A 259 -7.16 -20.22 38.08
CA PRO A 259 -7.08 -20.09 39.57
C PRO A 259 -8.19 -20.86 40.27
N ILE A 260 -7.86 -21.51 41.39
CA ILE A 260 -8.85 -22.26 42.17
C ILE A 260 -8.48 -22.35 43.65
N MET A 261 -7.18 -22.33 43.94
CA MET A 261 -6.72 -22.47 45.33
C MET A 261 -5.65 -21.42 45.65
N GLY B 1 16.44 10.61 -38.62
CA GLY B 1 16.27 12.09 -38.56
C GLY B 1 16.07 12.64 -39.96
N ALA B 2 15.10 12.07 -40.66
CA ALA B 2 14.81 12.49 -42.00
C ALA B 2 13.36 12.16 -42.33
N SER B 3 12.79 12.90 -43.28
CA SER B 3 11.43 12.62 -43.73
C SER B 3 11.29 11.19 -44.27
N PHE B 4 12.39 10.59 -44.79
CA PHE B 4 12.33 9.23 -45.27
C PHE B 4 12.06 8.25 -44.15
N GLN B 5 13.01 8.18 -43.22
CA GLN B 5 12.91 7.30 -42.05
C GLN B 5 11.79 7.71 -41.11
N SER B 6 11.60 9.02 -40.94
CA SER B 6 10.57 9.50 -40.02
C SER B 6 9.21 8.99 -40.45
N PHE B 7 8.96 9.04 -41.76
CA PHE B 7 7.70 8.55 -42.34
C PHE B 7 6.61 9.63 -42.26
N GLY B 8 6.52 10.44 -43.32
CA GLY B 8 5.54 11.52 -43.36
C GLY B 8 4.12 10.97 -43.39
N ILE B 9 3.24 11.64 -44.15
CA ILE B 9 1.82 11.24 -44.27
C ILE B 9 0.99 11.86 -43.13
N PRO B 10 0.12 12.81 -43.40
CA PRO B 10 -0.71 13.45 -42.32
C PRO B 10 -1.63 12.44 -41.64
N GLY B 11 -1.96 11.38 -42.36
CA GLY B 11 -2.84 10.34 -41.83
C GLY B 11 -2.23 9.68 -40.60
N GLN B 12 -0.92 9.44 -40.61
CA GLN B 12 -0.26 8.83 -39.47
C GLN B 12 -0.35 9.79 -38.27
N LEU B 13 -0.19 11.08 -38.55
CA LEU B 13 -0.20 12.11 -37.50
C LEU B 13 -1.55 12.17 -36.75
N GLU B 14 -2.65 12.09 -37.48
CA GLU B 14 -4.00 12.14 -36.88
C GLU B 14 -4.24 10.90 -35.97
N VAL B 15 -3.63 9.79 -36.40
CA VAL B 15 -3.68 8.53 -35.66
C VAL B 15 -3.04 8.68 -34.28
N ILE B 16 -1.87 9.30 -34.25
CA ILE B 16 -1.15 9.47 -33.00
C ILE B 16 -1.95 10.36 -32.06
N LYS B 17 -2.50 11.44 -32.61
CA LYS B 17 -3.28 12.39 -31.81
C LYS B 17 -4.56 11.79 -31.21
N LYS B 18 -5.30 10.98 -31.97
CA LYS B 18 -6.50 10.40 -31.40
C LYS B 18 -6.14 9.48 -30.24
N ALA B 19 -5.09 8.70 -30.42
CA ALA B 19 -4.67 7.76 -29.39
C ALA B 19 -4.33 8.49 -28.09
N LEU B 20 -3.69 9.64 -28.20
CA LEU B 20 -3.41 10.46 -27.02
C LEU B 20 -4.72 10.94 -26.37
N ASP B 21 -5.67 11.36 -27.22
CA ASP B 21 -6.98 11.85 -26.77
C ASP B 21 -7.79 10.77 -26.05
N HIS B 22 -7.71 9.53 -26.53
CA HIS B 22 -8.47 8.43 -25.92
C HIS B 22 -8.13 8.27 -24.44
N VAL B 23 -6.86 8.40 -24.07
CA VAL B 23 -6.45 8.29 -22.66
C VAL B 23 -5.93 9.64 -22.18
N ARG B 24 -6.45 10.10 -21.03
CA ARG B 24 -6.08 11.40 -20.49
C ARG B 24 -4.66 11.41 -19.92
N VAL B 25 -3.77 12.10 -20.64
CA VAL B 25 -2.39 12.23 -20.19
C VAL B 25 -1.86 13.60 -20.51
N GLY B 26 -1.20 14.22 -19.55
CA GLY B 26 -0.71 15.56 -19.78
C GLY B 26 0.65 15.61 -20.43
N VAL B 27 0.65 15.75 -21.75
CA VAL B 27 1.88 15.94 -22.51
C VAL B 27 1.71 17.22 -23.31
N VAL B 28 2.67 18.13 -23.22
CA VAL B 28 2.61 19.38 -23.98
C VAL B 28 3.98 19.74 -24.54
N ILE B 29 3.98 20.55 -25.61
CA ILE B 29 5.25 21.00 -26.22
C ILE B 29 5.38 22.53 -26.20
N THR B 30 6.52 22.94 -25.70
CA THR B 30 6.83 24.37 -25.52
C THR B 30 7.87 24.77 -26.51
N ASP B 31 7.95 26.05 -26.84
CA ASP B 31 8.90 26.53 -27.83
C ASP B 31 9.76 27.64 -27.23
N PRO B 32 10.99 27.37 -26.84
CA PRO B 32 11.88 28.40 -26.24
C PRO B 32 12.19 29.51 -27.23
N ALA B 33 12.05 29.22 -28.53
CA ALA B 33 12.32 30.24 -29.55
C ALA B 33 11.36 31.41 -29.39
N LEU B 34 10.07 31.14 -29.18
CA LEU B 34 9.10 32.23 -28.97
C LEU B 34 9.30 32.92 -27.60
N GLU B 35 8.50 33.96 -27.33
CA GLU B 35 8.65 34.76 -26.12
C GLU B 35 8.05 34.08 -24.90
N ASP B 36 8.85 34.05 -23.83
CA ASP B 36 8.43 33.41 -22.58
C ASP B 36 8.09 31.95 -22.81
N ASN B 37 8.84 31.27 -23.68
CA ASN B 37 8.56 29.88 -24.01
C ASN B 37 7.08 29.51 -23.85
N PRO B 38 6.24 29.95 -24.73
CA PRO B 38 4.78 29.67 -24.72
C PRO B 38 4.48 28.23 -25.12
N ILE B 39 3.35 27.71 -24.67
CA ILE B 39 2.96 26.35 -25.02
C ILE B 39 2.20 26.39 -26.34
N VAL B 40 2.61 25.52 -27.28
CA VAL B 40 1.98 25.45 -28.59
C VAL B 40 1.15 24.18 -28.78
N TYR B 41 1.68 23.05 -28.32
CA TYR B 41 0.97 21.77 -28.49
C TYR B 41 0.21 21.39 -27.23
N VAL B 42 -1.09 21.18 -27.38
CA VAL B 42 -1.94 20.74 -26.28
C VAL B 42 -2.99 19.77 -26.81
N ASN B 43 -3.32 18.74 -26.04
CA ASN B 43 -4.33 17.77 -26.47
C ASN B 43 -5.66 18.04 -25.75
N GLN B 44 -6.74 17.49 -26.30
CA GLN B 44 -8.07 17.66 -25.71
C GLN B 44 -8.14 17.05 -24.31
N GLY B 45 -7.49 15.91 -24.12
CA GLY B 45 -7.49 15.24 -22.82
C GLY B 45 -6.89 16.13 -21.73
N PHE B 46 -6.01 17.03 -22.14
CA PHE B 46 -5.37 17.95 -21.21
C PHE B 46 -6.44 18.80 -20.52
N VAL B 47 -7.40 19.26 -21.32
CA VAL B 47 -8.48 20.09 -20.82
C VAL B 47 -9.31 19.35 -19.79
N GLN B 48 -9.68 18.11 -20.09
CA GLN B 48 -10.48 17.34 -19.16
C GLN B 48 -9.72 17.10 -17.85
N MET B 49 -8.46 16.73 -17.98
CA MET B 49 -7.61 16.47 -16.82
C MET B 49 -7.40 17.69 -15.94
N THR B 50 -7.19 18.85 -16.54
CA THR B 50 -6.93 20.06 -15.75
C THR B 50 -8.20 20.88 -15.54
N GLY B 51 -9.22 20.58 -16.32
CA GLY B 51 -10.51 21.27 -16.19
C GLY B 51 -10.40 22.70 -16.73
N TYR B 52 -9.38 22.93 -17.54
CA TYR B 52 -9.14 24.23 -18.17
C TYR B 52 -9.35 24.13 -19.67
N GLU B 53 -9.87 25.19 -20.27
CA GLU B 53 -10.09 25.20 -21.71
C GLU B 53 -8.77 25.33 -22.48
N THR B 54 -8.74 24.74 -23.65
CA THR B 54 -7.52 24.72 -24.49
C THR B 54 -7.11 26.13 -24.92
N GLU B 55 -8.09 26.98 -25.17
CA GLU B 55 -7.80 28.33 -25.62
C GLU B 55 -7.07 29.13 -24.54
N GLU B 56 -7.47 28.98 -23.29
CA GLU B 56 -6.81 29.64 -22.16
C GLU B 56 -5.43 29.06 -21.80
N ILE B 57 -5.25 27.75 -21.99
CA ILE B 57 -3.94 27.13 -21.71
C ILE B 57 -2.94 27.68 -22.71
N LEU B 58 -3.06 27.23 -23.94
CA LEU B 58 -2.25 27.76 -25.04
C LEU B 58 -1.99 29.27 -24.85
N GLY B 59 -0.72 29.66 -25.01
CA GLY B 59 -0.31 31.06 -24.85
C GLY B 59 0.19 31.38 -23.43
N LYS B 60 0.03 30.43 -22.51
CA LYS B 60 0.36 30.70 -21.10
C LYS B 60 1.11 29.53 -20.44
N ASN B 61 1.97 29.90 -19.49
CA ASN B 61 2.75 28.92 -18.75
C ASN B 61 1.90 28.25 -17.67
N CYS B 62 2.26 27.00 -17.34
CA CYS B 62 1.52 26.23 -16.34
C CYS B 62 1.59 26.86 -14.94
N ARG B 63 2.14 28.06 -14.87
CA ARG B 63 2.32 28.78 -13.61
C ARG B 63 1.00 29.01 -12.86
N PHE B 64 -0.10 29.15 -13.60
CA PHE B 64 -1.41 29.35 -12.97
C PHE B 64 -1.81 28.15 -12.10
N LEU B 65 -1.39 26.94 -12.45
CA LEU B 65 -1.77 25.77 -11.68
C LEU B 65 -1.26 25.88 -10.24
N GLN B 66 -0.01 26.34 -10.11
CA GLN B 66 0.61 26.46 -8.81
C GLN B 66 -0.32 27.19 -7.85
N GLY B 67 -0.22 26.84 -6.56
CA GLY B 67 -0.99 27.53 -5.52
C GLY B 67 -0.40 27.30 -4.11
N LYS B 68 -1.27 27.35 -3.10
CA LYS B 68 -0.84 27.25 -1.70
C LYS B 68 -0.12 25.94 -1.41
N HIS B 69 -0.64 24.85 -1.95
CA HIS B 69 -0.06 23.53 -1.72
C HIS B 69 1.21 23.33 -2.53
N THR B 70 1.50 24.25 -3.45
CA THR B 70 2.68 24.11 -4.28
C THR B 70 3.91 24.12 -3.39
N ASP B 71 4.84 23.22 -3.66
CA ASP B 71 6.05 23.12 -2.87
C ASP B 71 7.15 23.99 -3.47
N PRO B 72 7.52 25.08 -2.85
CA PRO B 72 8.58 25.97 -3.41
C PRO B 72 9.86 25.21 -3.73
N ALA B 73 10.22 24.26 -2.85
CA ALA B 73 11.46 23.52 -3.02
C ALA B 73 11.44 22.77 -4.34
N GLU B 74 10.30 22.21 -4.66
CA GLU B 74 10.14 21.50 -5.92
C GLU B 74 10.23 22.50 -7.08
N VAL B 75 9.66 23.67 -6.89
CA VAL B 75 9.72 24.72 -7.92
C VAL B 75 11.18 25.10 -8.19
N ASP B 76 11.93 25.31 -7.12
CA ASP B 76 13.34 25.71 -7.23
C ASP B 76 14.15 24.63 -7.94
N ASN B 77 13.85 23.36 -7.67
CA ASN B 77 14.59 22.30 -8.32
C ASN B 77 14.36 22.40 -9.83
N ILE B 78 13.12 22.65 -10.22
CA ILE B 78 12.80 22.74 -11.65
C ILE B 78 13.53 23.90 -12.29
N ARG B 79 13.55 25.03 -11.63
CA ARG B 79 14.22 26.21 -12.15
C ARG B 79 15.72 25.91 -12.29
N THR B 80 16.27 25.23 -11.27
CA THR B 80 17.69 24.89 -11.28
C THR B 80 17.99 23.97 -12.48
N ALA B 81 17.15 22.97 -12.70
CA ALA B 81 17.36 22.00 -13.78
C ALA B 81 17.36 22.63 -15.18
N LEU B 82 16.45 23.57 -15.41
CA LEU B 82 16.39 24.21 -16.72
C LEU B 82 17.69 24.95 -16.98
N GLN B 83 18.18 25.63 -15.95
CA GLN B 83 19.41 26.40 -16.07
C GLN B 83 20.54 25.42 -16.39
N ASN B 84 20.45 24.23 -15.82
CA ASN B 84 21.44 23.18 -16.04
C ASN B 84 21.05 22.29 -17.21
N LYS B 85 20.04 22.70 -17.98
CA LYS B 85 19.67 21.94 -19.17
C LYS B 85 19.79 20.42 -18.95
N GLU B 86 19.44 19.98 -17.75
CA GLU B 86 19.47 18.54 -17.42
C GLU B 86 18.08 18.05 -17.03
N PRO B 87 17.68 16.87 -17.44
CA PRO B 87 16.29 16.37 -17.12
C PRO B 87 16.01 16.24 -15.63
N VAL B 88 14.79 16.61 -15.23
CA VAL B 88 14.42 16.57 -13.81
C VAL B 88 12.99 16.09 -13.60
N THR B 89 12.81 15.24 -12.61
CA THR B 89 11.46 14.72 -12.31
C THR B 89 11.09 15.05 -10.87
N VAL B 90 9.97 15.75 -10.69
CA VAL B 90 9.49 16.13 -9.37
C VAL B 90 7.98 15.97 -9.24
N GLN B 91 7.46 15.95 -8.01
CA GLN B 91 6.01 15.90 -7.80
C GLN B 91 5.54 17.19 -7.13
N ILE B 92 4.62 17.87 -7.79
CA ILE B 92 4.13 19.16 -7.33
C ILE B 92 2.61 19.21 -7.27
N GLN B 93 2.10 19.70 -6.14
CA GLN B 93 0.66 19.87 -5.95
C GLN B 93 0.15 21.02 -6.82
N ASN B 94 -1.06 20.89 -7.34
CA ASN B 94 -1.63 21.88 -8.24
C ASN B 94 -3.10 22.18 -7.87
N TYR B 95 -3.69 23.06 -8.66
CA TYR B 95 -5.10 23.47 -8.50
C TYR B 95 -5.85 23.44 -9.82
N LYS B 96 -7.13 23.08 -9.78
CA LYS B 96 -7.96 23.06 -10.99
C LYS B 96 -8.87 24.27 -11.05
N LYS B 97 -9.66 24.36 -12.11
CA LYS B 97 -10.56 25.48 -12.29
C LYS B 97 -11.56 25.56 -11.14
N ASP B 98 -12.02 24.44 -10.59
CA ASP B 98 -12.96 24.49 -9.46
C ASP B 98 -12.25 24.58 -8.09
N GLY B 99 -10.92 24.57 -8.08
CA GLY B 99 -10.17 24.65 -6.82
C GLY B 99 -9.83 23.29 -6.26
N THR B 100 -10.13 22.24 -7.01
CA THR B 100 -9.79 20.91 -6.57
C THR B 100 -8.28 20.74 -6.55
N MET B 101 -7.74 20.27 -5.45
CA MET B 101 -6.30 20.05 -5.32
C MET B 101 -5.98 18.66 -5.83
N PHE B 102 -4.86 18.49 -6.52
CA PHE B 102 -4.50 17.17 -7.03
C PHE B 102 -2.97 17.13 -7.20
N TRP B 103 -2.41 15.93 -7.30
CA TRP B 103 -0.96 15.81 -7.48
C TRP B 103 -0.61 15.64 -8.95
N ASN B 104 0.46 16.33 -9.35
CA ASN B 104 0.89 16.32 -10.74
C ASN B 104 2.39 16.07 -10.93
N GLU B 105 2.72 14.88 -11.37
CA GLU B 105 4.13 14.53 -11.58
C GLU B 105 4.65 15.20 -12.84
N LEU B 106 5.72 15.99 -12.70
CA LEU B 106 6.26 16.74 -13.84
C LEU B 106 7.63 16.21 -14.27
N ASN B 107 7.73 15.89 -15.56
CA ASN B 107 9.00 15.43 -16.13
C ASN B 107 9.42 16.42 -17.23
N ILE B 108 10.65 16.90 -17.13
CA ILE B 108 11.20 17.85 -18.11
C ILE B 108 12.49 17.27 -18.69
N ASP B 109 12.63 17.34 -20.01
CA ASP B 109 13.83 16.84 -20.67
C ASP B 109 14.15 17.69 -21.92
N PRO B 110 15.30 18.32 -21.99
CA PRO B 110 15.66 19.20 -23.16
C PRO B 110 15.90 18.41 -24.44
N MET B 111 15.68 19.04 -25.60
CA MET B 111 15.90 18.35 -26.87
C MET B 111 16.80 19.23 -27.76
N GLU B 112 17.67 18.59 -28.52
CA GLU B 112 18.56 19.31 -29.44
C GLU B 112 18.11 18.93 -30.83
N ILE B 113 17.49 19.86 -31.57
CA ILE B 113 17.07 19.59 -32.95
C ILE B 113 17.44 20.76 -33.90
N GLU B 114 18.11 20.42 -34.99
CA GLU B 114 18.47 21.43 -35.98
C GLU B 114 19.20 22.59 -35.29
N ASP B 115 20.04 22.25 -34.32
CA ASP B 115 20.80 23.24 -33.57
C ASP B 115 19.87 24.18 -32.84
N LYS B 116 18.75 23.66 -32.36
CA LYS B 116 17.77 24.43 -31.61
C LYS B 116 17.36 23.62 -30.37
N THR B 117 16.97 24.31 -29.31
CA THR B 117 16.60 23.64 -28.05
C THR B 117 15.09 23.57 -27.92
N TYR B 118 14.57 22.59 -27.20
CA TYR B 118 13.11 22.45 -27.02
C TYR B 118 12.78 21.84 -25.65
N PHE B 119 11.65 22.24 -25.08
CA PHE B 119 11.25 21.76 -23.76
C PHE B 119 9.88 21.10 -23.79
N VAL B 120 9.74 19.99 -23.06
CA VAL B 120 8.49 19.22 -23.06
C VAL B 120 8.04 18.97 -21.64
N GLY B 121 6.76 19.18 -21.40
CA GLY B 121 6.21 18.98 -20.07
C GLY B 121 5.30 17.76 -20.04
N ILE B 122 5.59 16.85 -19.13
CA ILE B 122 4.80 15.62 -19.01
C ILE B 122 4.10 15.63 -17.67
N GLN B 123 2.79 15.42 -17.67
CA GLN B 123 2.03 15.38 -16.43
C GLN B 123 1.37 14.01 -16.31
N ASN B 124 1.73 13.28 -15.27
CA ASN B 124 1.18 11.96 -15.01
C ASN B 124 0.41 12.00 -13.68
N ASP B 125 -0.87 11.69 -13.77
CA ASP B 125 -1.77 11.71 -12.63
C ASP B 125 -1.43 10.62 -11.60
N ILE B 126 -1.39 10.98 -10.30
CA ILE B 126 -1.12 10.04 -9.20
C ILE B 126 -2.44 9.77 -8.41
N THR B 127 -3.54 10.14 -9.05
CA THR B 127 -4.91 9.92 -8.53
C THR B 127 -5.24 8.42 -8.39
N LYS B 128 -4.90 7.61 -9.40
CA LYS B 128 -5.23 6.19 -9.39
C LYS B 128 -4.54 5.54 -8.19
N GLN B 129 -3.26 5.87 -8.02
CA GLN B 129 -2.43 5.34 -6.93
C GLN B 129 -2.97 5.76 -5.54
N LYS B 130 -3.50 6.97 -5.55
CA LYS B 130 -4.16 7.49 -4.35
C LYS B 130 -5.37 6.67 -4.01
N GLU B 131 -6.13 6.28 -5.01
CA GLU B 131 -7.31 5.49 -4.76
C GLU B 131 -6.85 4.15 -4.18
N TYR B 132 -5.79 3.58 -4.73
CA TYR B 132 -5.28 2.30 -4.24
C TYR B 132 -4.83 2.39 -2.78
N GLU B 133 -4.12 3.45 -2.42
CA GLU B 133 -3.66 3.59 -1.04
C GLU B 133 -4.86 3.73 -0.11
N LYS B 134 -5.89 4.43 -0.59
CA LYS B 134 -7.13 4.61 0.16
C LYS B 134 -7.82 3.27 0.39
N LEU B 135 -7.79 2.40 -0.61
CA LEU B 135 -8.43 1.09 -0.52
C LEU B 135 -7.76 0.28 0.60
N LEU B 136 -6.43 0.39 0.65
CA LEU B 136 -5.64 -0.29 1.68
C LEU B 136 -5.98 0.24 3.09
N GLU B 137 -6.14 1.54 3.16
CA GLU B 137 -6.45 2.22 4.40
C GLU B 137 -7.80 1.78 4.93
N ASP B 138 -8.77 1.56 4.04
CA ASP B 138 -10.06 1.06 4.46
C ASP B 138 -9.89 -0.33 5.08
N SER B 139 -9.09 -1.19 4.41
CA SER B 139 -8.87 -2.54 4.91
C SER B 139 -8.22 -2.47 6.30
N LEU B 140 -7.23 -1.61 6.43
CA LEU B 140 -6.49 -1.47 7.67
C LEU B 140 -7.45 -1.04 8.76
N THR B 141 -8.35 -0.14 8.42
CA THR B 141 -9.34 0.35 9.36
C THR B 141 -10.25 -0.78 9.86
N GLU B 142 -10.74 -1.64 8.96
CA GLU B 142 -11.60 -2.74 9.39
C GLU B 142 -10.77 -3.70 10.23
N ILE B 143 -9.55 -3.92 9.75
CA ILE B 143 -8.60 -4.77 10.42
C ILE B 143 -8.22 -4.21 11.80
N THR B 144 -7.99 -2.90 11.87
CA THR B 144 -7.59 -2.28 13.14
C THR B 144 -8.67 -2.43 14.23
N ALA B 145 -9.94 -2.20 13.90
CA ALA B 145 -10.98 -2.36 14.92
C ALA B 145 -11.04 -3.82 15.36
N LEU B 146 -10.92 -4.73 14.38
CA LEU B 146 -10.89 -6.18 14.65
C LEU B 146 -9.67 -6.60 15.47
N SER B 147 -8.48 -6.03 15.15
CA SER B 147 -7.29 -6.41 15.88
C SER B 147 -7.48 -6.02 17.30
N THR B 148 -8.05 -4.82 17.52
CA THR B 148 -8.36 -4.35 18.88
C THR B 148 -8.57 -5.53 19.80
N PRO B 149 -7.51 -6.06 20.37
CA PRO B 149 -7.59 -7.26 21.26
C PRO B 149 -8.44 -7.08 22.52
N ILE B 150 -9.07 -8.20 22.90
CA ILE B 150 -9.83 -8.27 24.14
C ILE B 150 -9.35 -9.51 24.92
N VAL B 151 -8.84 -9.29 26.10
CA VAL B 151 -8.33 -10.40 26.90
C VAL B 151 -8.40 -10.07 28.38
N PRO B 152 -9.46 -10.42 29.08
CA PRO B 152 -9.55 -10.07 30.53
C PRO B 152 -8.38 -10.68 31.28
N ILE B 153 -7.77 -9.92 32.18
CA ILE B 153 -6.66 -10.44 32.96
C ILE B 153 -7.14 -11.53 33.93
N ARG B 154 -8.28 -11.25 34.59
CA ARG B 154 -8.87 -12.22 35.53
C ARG B 154 -10.37 -11.93 35.63
N ASN B 155 -10.98 -12.32 36.74
CA ASN B 155 -12.40 -12.09 36.95
C ASN B 155 -12.60 -10.72 37.57
N GLY B 156 -13.15 -9.79 36.80
CA GLY B 156 -13.35 -8.42 37.26
C GLY B 156 -12.25 -7.49 36.76
N ILE B 157 -11.13 -8.09 36.35
CA ILE B 157 -9.97 -7.32 35.90
C ILE B 157 -9.78 -7.44 34.40
N SER B 158 -9.72 -6.27 33.74
CA SER B 158 -9.53 -6.21 32.28
C SER B 158 -8.48 -5.15 31.92
N ALA B 159 -7.76 -5.37 30.82
CA ALA B 159 -6.75 -4.41 30.38
C ALA B 159 -6.91 -4.13 28.90
N LEU B 160 -6.59 -2.91 28.48
CA LEU B 160 -6.71 -2.52 27.08
C LEU B 160 -5.51 -1.65 26.70
N PRO B 161 -4.35 -2.27 26.49
CA PRO B 161 -3.10 -1.53 26.15
C PRO B 161 -3.09 -0.92 24.75
N LEU B 162 -2.41 0.23 24.60
CA LEU B 162 -2.32 0.93 23.33
C LEU B 162 -0.86 0.91 22.84
N VAL B 163 -0.67 0.58 21.56
CA VAL B 163 0.65 0.57 20.97
C VAL B 163 0.61 1.40 19.69
N GLY B 164 1.56 2.31 19.48
CA GLY B 164 1.58 3.11 18.25
C GLY B 164 1.35 4.59 18.56
N ASN B 165 1.55 5.45 17.55
CA ASN B 165 1.41 6.91 17.75
C ASN B 165 0.00 7.43 17.44
N LEU B 166 -0.73 7.77 18.51
CA LEU B 166 -2.13 8.16 18.36
C LEU B 166 -2.34 9.47 17.58
N THR B 167 -2.80 9.31 16.33
CA THR B 167 -3.13 10.41 15.44
C THR B 167 -4.56 10.89 15.68
N GLU B 168 -4.90 12.01 15.05
CA GLU B 168 -6.23 12.56 15.16
C GLU B 168 -7.25 11.64 14.51
N GLU B 169 -6.90 11.01 13.38
CA GLU B 169 -7.82 10.14 12.65
C GLU B 169 -8.17 8.87 13.46
N ARG B 170 -7.12 8.36 14.08
CA ARG B 170 -7.19 7.17 14.94
C ARG B 170 -8.12 7.40 16.15
N PHE B 171 -8.08 8.61 16.66
CA PHE B 171 -8.87 8.99 17.83
C PHE B 171 -10.38 8.72 17.69
N ASN B 172 -10.89 8.68 16.47
CA ASN B 172 -12.31 8.40 16.28
C ASN B 172 -12.66 6.99 16.79
N SER B 173 -11.78 6.03 16.53
CA SER B 173 -12.02 4.66 16.96
C SER B 173 -12.14 4.59 18.49
N ILE B 174 -11.26 5.32 19.17
CA ILE B 174 -11.24 5.36 20.65
C ILE B 174 -12.51 5.94 21.26
N VAL B 175 -13.00 7.05 20.71
CA VAL B 175 -14.20 7.67 21.25
C VAL B 175 -15.37 6.71 21.10
N CYS B 176 -15.43 6.03 19.98
CA CYS B 176 -16.46 5.03 19.73
C CYS B 176 -16.35 3.88 20.75
N THR B 177 -15.12 3.56 21.14
CA THR B 177 -14.87 2.48 22.10
C THR B 177 -15.52 2.81 23.44
N LEU B 178 -15.82 4.08 23.63
CA LEU B 178 -16.41 4.56 24.88
C LEU B 178 -17.75 3.88 25.10
N THR B 179 -18.49 3.71 24.02
CA THR B 179 -19.78 3.02 24.08
C THR B 179 -19.59 1.56 24.57
N ASN B 180 -18.57 0.88 24.03
CA ASN B 180 -18.30 -0.51 24.42
C ASN B 180 -17.95 -0.60 25.91
N ILE B 181 -17.18 0.36 26.40
CA ILE B 181 -16.75 0.35 27.78
C ILE B 181 -17.96 0.27 28.72
N LEU B 182 -19.07 0.85 28.30
CA LEU B 182 -20.27 0.79 29.13
C LEU B 182 -20.70 -0.66 29.27
N SER B 183 -20.64 -1.44 28.19
CA SER B 183 -21.00 -2.84 28.24
C SER B 183 -20.05 -3.61 29.15
N THR B 184 -18.79 -3.20 29.18
CA THR B 184 -17.78 -3.91 29.98
C THR B 184 -17.76 -3.42 31.43
N SER B 185 -18.81 -2.73 31.83
CA SER B 185 -18.91 -2.16 33.17
C SER B 185 -18.82 -3.26 34.23
N LYS B 186 -19.03 -4.50 33.84
CA LYS B 186 -18.96 -5.60 34.79
C LYS B 186 -17.57 -5.70 35.42
N ASP B 187 -16.53 -5.50 34.62
CA ASP B 187 -15.15 -5.62 35.12
C ASP B 187 -14.82 -4.46 36.07
N ASP B 188 -14.61 -4.82 37.33
CA ASP B 188 -14.34 -3.83 38.38
C ASP B 188 -13.05 -3.05 38.14
N TYR B 189 -12.00 -3.75 37.72
CA TYR B 189 -10.71 -3.09 37.50
C TYR B 189 -10.36 -3.05 36.03
N LEU B 190 -9.98 -1.85 35.57
CA LEU B 190 -9.56 -1.68 34.17
C LEU B 190 -8.16 -1.08 34.07
N ILE B 191 -7.22 -1.80 33.45
CA ILE B 191 -5.83 -1.32 33.37
C ILE B 191 -5.48 -0.89 31.95
N ILE B 192 -4.95 0.33 31.81
CA ILE B 192 -4.59 0.84 30.47
C ILE B 192 -3.08 1.12 30.31
N ASP B 193 -2.45 0.43 29.37
CA ASP B 193 -1.00 0.58 29.17
C ASP B 193 -0.69 1.68 28.17
N LEU B 194 -0.11 2.78 28.66
CA LEU B 194 0.34 3.86 27.77
C LEU B 194 1.81 3.65 27.36
N SER B 195 2.44 2.60 27.88
CA SER B 195 3.85 2.33 27.57
C SER B 195 4.04 2.08 26.09
N GLY B 196 3.08 1.42 25.45
CA GLY B 196 3.21 1.15 24.05
C GLY B 196 3.26 2.46 23.28
N LEU B 197 2.54 3.46 23.77
CA LEU B 197 2.46 4.74 23.07
C LEU B 197 3.75 5.53 23.33
N ALA B 198 4.33 6.09 22.28
CA ALA B 198 5.57 6.79 22.43
C ALA B 198 5.41 8.01 23.30
N GLN B 199 4.33 8.77 23.11
CA GLN B 199 4.11 10.00 23.90
C GLN B 199 2.63 10.19 24.31
N VAL B 200 2.38 11.08 25.25
CA VAL B 200 1.00 11.35 25.64
C VAL B 200 0.69 12.83 25.41
N ASN B 201 -0.45 13.11 24.78
CA ASN B 201 -0.84 14.48 24.47
C ASN B 201 -1.74 15.06 25.57
N GLU B 202 -1.64 16.37 25.76
CA GLU B 202 -2.43 17.05 26.79
C GLU B 202 -3.93 16.85 26.58
N GLN B 203 -4.36 16.75 25.33
CA GLN B 203 -5.78 16.53 25.04
C GLN B 203 -6.19 15.15 25.56
N THR B 204 -5.24 14.21 25.51
CA THR B 204 -5.48 12.85 25.99
C THR B 204 -5.81 12.86 27.47
N ALA B 205 -5.07 13.63 28.26
CA ALA B 205 -5.27 13.68 29.70
C ALA B 205 -6.70 14.10 30.05
N ASP B 206 -7.33 14.90 29.19
CA ASP B 206 -8.71 15.28 29.40
C ASP B 206 -9.62 14.03 29.28
N GLN B 207 -9.27 13.14 28.35
CA GLN B 207 -10.00 11.89 28.14
C GLN B 207 -9.89 10.97 29.35
N ILE B 208 -8.70 10.91 29.94
CA ILE B 208 -8.49 10.02 31.08
C ILE B 208 -9.38 10.45 32.26
N PHE B 209 -9.42 11.76 32.47
CA PHE B 209 -10.25 12.36 33.51
C PHE B 209 -11.76 12.11 33.29
N LYS B 210 -12.24 12.24 32.07
CA LYS B 210 -13.66 11.99 31.83
C LYS B 210 -13.98 10.52 32.13
N LEU B 211 -13.07 9.63 31.70
CA LEU B 211 -13.27 8.19 31.90
C LEU B 211 -13.31 7.82 33.40
N SER B 212 -12.45 8.40 34.21
CA SER B 212 -12.44 8.06 35.64
C SER B 212 -13.77 8.46 36.31
N HIS B 213 -14.33 9.58 35.87
CA HIS B 213 -15.60 10.05 36.41
C HIS B 213 -16.77 9.12 36.04
N LEU B 214 -16.83 8.74 34.77
CA LEU B 214 -17.87 7.81 34.31
C LEU B 214 -17.70 6.45 35.00
N LEU B 215 -16.42 6.04 35.05
CA LEU B 215 -16.07 4.76 35.68
C LEU B 215 -16.41 4.75 37.18
N LYS B 216 -16.09 5.84 37.87
CA LYS B 216 -16.31 5.93 39.31
C LYS B 216 -17.81 5.80 39.64
N LEU B 217 -18.65 6.42 38.81
CA LEU B 217 -20.10 6.30 39.00
C LEU B 217 -20.58 4.85 38.82
N THR B 218 -20.04 4.20 37.81
CA THR B 218 -20.39 2.82 37.48
C THR B 218 -19.77 1.86 38.50
N GLY B 219 -18.78 2.39 39.22
CA GLY B 219 -18.08 1.59 40.21
C GLY B 219 -17.05 0.76 39.46
N THR B 220 -16.05 1.43 38.88
CA THR B 220 -14.98 0.70 38.18
C THR B 220 -13.62 1.36 38.26
N GLU B 221 -12.74 0.83 39.10
CA GLU B 221 -11.44 1.45 39.30
C GLU B 221 -10.64 1.48 38.01
N LEU B 222 -9.93 2.60 37.80
CA LEU B 222 -9.11 2.79 36.59
C LEU B 222 -7.63 2.93 36.92
N ILE B 223 -6.82 2.05 36.34
CA ILE B 223 -5.38 2.05 36.59
C ILE B 223 -4.62 2.49 35.33
N ILE B 224 -3.72 3.47 35.50
CA ILE B 224 -2.93 3.98 34.38
C ILE B 224 -1.47 3.55 34.54
N THR B 225 -0.90 2.91 33.52
CA THR B 225 0.49 2.46 33.62
C THR B 225 1.31 2.81 32.39
N GLY B 226 2.61 2.84 32.61
CA GLY B 226 3.54 3.20 31.56
C GLY B 226 3.79 4.69 31.55
N ILE B 227 3.44 5.38 32.62
CA ILE B 227 3.65 6.82 32.67
C ILE B 227 5.08 7.17 33.03
N LYS B 228 5.71 7.98 32.19
CA LYS B 228 7.08 8.38 32.40
C LYS B 228 7.20 9.26 33.65
N PRO B 229 8.24 9.13 34.45
CA PRO B 229 8.41 9.98 35.66
C PRO B 229 8.36 11.48 35.34
N GLU B 230 8.94 11.88 34.20
CA GLU B 230 8.96 13.30 33.86
C GLU B 230 7.52 13.78 33.67
N LEU B 231 6.73 12.97 32.98
CA LEU B 231 5.34 13.29 32.70
C LEU B 231 4.52 13.43 33.99
N ALA B 232 4.75 12.55 34.95
CA ALA B 232 3.99 12.60 36.21
C ALA B 232 4.28 13.88 36.98
N MET B 233 5.52 14.34 36.94
CA MET B 233 5.87 15.57 37.63
C MET B 233 5.11 16.75 37.03
N LYS B 234 5.00 16.75 35.69
CA LYS B 234 4.28 17.83 35.00
C LYS B 234 2.79 17.79 35.42
N MET B 235 2.26 16.57 35.47
CA MET B 235 0.86 16.32 35.85
C MET B 235 0.57 16.74 37.29
N ASN B 236 1.55 16.55 38.15
CA ASN B 236 1.37 16.87 39.57
C ASN B 236 1.10 18.35 39.72
N LYS B 237 1.81 19.16 38.94
CA LYS B 237 1.59 20.59 38.98
C LYS B 237 0.18 20.92 38.52
N LEU B 238 -0.27 20.29 37.42
CA LEU B 238 -1.62 20.58 36.91
C LEU B 238 -2.72 20.21 37.92
N ASP B 239 -2.61 19.04 38.52
CA ASP B 239 -3.62 18.60 39.49
C ASP B 239 -3.07 17.58 40.45
N ALA B 240 -3.29 17.75 41.76
CA ALA B 240 -2.83 16.73 42.70
C ALA B 240 -3.58 15.45 42.35
N ASN B 241 -4.89 15.57 42.18
CA ASN B 241 -5.79 14.44 41.92
C ASN B 241 -5.20 13.46 40.92
N PHE B 242 -4.23 13.88 40.13
CA PHE B 242 -3.63 12.98 39.18
C PHE B 242 -2.97 11.81 39.91
N SER B 243 -2.22 12.12 40.98
CA SER B 243 -1.53 11.06 41.71
C SER B 243 -2.60 10.08 42.17
N SER B 244 -3.71 10.59 42.67
CA SER B 244 -4.81 9.77 43.15
C SER B 244 -4.96 8.44 42.44
N LEU B 245 -4.79 8.40 41.14
CA LEU B 245 -4.88 7.12 40.41
C LEU B 245 -3.58 6.36 40.45
N LYS B 246 -3.65 5.03 40.59
CA LYS B 246 -2.44 4.23 40.76
C LYS B 246 -1.63 4.23 39.49
N THR B 247 -0.33 4.45 39.66
CA THR B 247 0.59 4.46 38.52
C THR B 247 1.72 3.47 38.70
N TYR B 248 1.90 2.58 37.73
CA TYR B 248 2.99 1.60 37.77
C TYR B 248 4.01 1.94 36.67
N SER B 249 5.27 1.74 36.97
CA SER B 249 6.34 2.04 36.01
C SER B 249 6.22 1.15 34.78
N ASN B 250 5.73 -0.07 34.99
CA ASN B 250 5.56 -1.04 33.91
C ASN B 250 4.37 -1.95 34.14
N VAL B 251 3.87 -2.52 33.04
CA VAL B 251 2.74 -3.45 33.07
C VAL B 251 3.08 -4.73 33.82
N LYS B 252 4.26 -5.29 33.54
CA LYS B 252 4.65 -6.54 34.18
C LYS B 252 4.70 -6.35 35.69
N ASP B 253 5.34 -5.24 36.08
CA ASP B 253 5.46 -4.91 37.50
C ASP B 253 4.12 -4.72 38.18
N ALA B 254 3.18 -4.04 37.54
CA ALA B 254 1.87 -3.85 38.14
C ALA B 254 1.14 -5.17 38.27
N VAL B 255 1.24 -6.02 37.25
CA VAL B 255 0.58 -7.30 37.29
C VAL B 255 1.15 -8.18 38.38
N LYS B 256 2.50 -8.22 38.48
CA LYS B 256 3.12 -9.08 39.48
C LYS B 256 2.75 -8.63 40.92
N VAL B 257 2.88 -7.33 41.15
CA VAL B 257 2.55 -6.74 42.45
C VAL B 257 1.06 -6.88 42.76
N LEU B 258 0.20 -6.65 41.77
CA LEU B 258 -1.25 -6.70 41.99
C LEU B 258 -1.62 -7.74 43.07
N PRO B 259 -1.54 -9.02 42.78
CA PRO B 259 -1.92 -10.07 43.78
C PRO B 259 -1.02 -10.01 45.01
N ILE B 260 -1.56 -10.21 46.22
CA ILE B 260 -0.72 -10.22 47.44
C ILE B 260 -1.40 -10.97 48.61
N MET B 261 -2.71 -11.18 48.53
CA MET B 261 -3.43 -11.84 49.61
C MET B 261 -4.50 -12.78 49.07
N1 FMN C . -0.51 -9.30 -25.82
C2 FMN C . 0.38 -9.22 -24.74
O2 FMN C . 0.49 -10.16 -23.95
N3 FMN C . 1.19 -8.08 -24.59
C4 FMN C . 1.11 -7.05 -25.52
O4 FMN C . 1.82 -6.06 -25.38
C4A FMN C . 0.22 -7.13 -26.59
N5 FMN C . 0.12 -6.12 -27.46
C5A FMN C . -0.80 -6.15 -28.43
C6 FMN C . -0.99 -5.03 -29.22
C7 FMN C . -2.03 -5.01 -30.15
C7M FMN C . -2.24 -3.86 -30.92
C8 FMN C . -2.86 -6.11 -30.29
C8M FMN C . -3.88 -6.12 -31.24
C9 FMN C . -2.67 -7.23 -29.48
C9A FMN C . -1.63 -7.26 -28.56
N10 FMN C . -1.44 -8.33 -27.78
C10 FMN C . -0.59 -8.25 -26.73
C1' FMN C . -2.11 -9.62 -28.07
C2' FMN C . -1.32 -10.29 -29.20
O2' FMN C . -0.60 -9.29 -29.93
C3' FMN C . -2.29 -11.02 -30.14
O3' FMN C . -3.17 -10.08 -30.73
C4' FMN C . -3.09 -12.05 -29.34
O4' FMN C . -2.20 -12.86 -28.57
C5' FMN C . -3.89 -12.94 -30.29
O5' FMN C . -2.97 -13.38 -31.31
P FMN C . -2.66 -14.94 -31.48
O1P FMN C . -1.37 -14.96 -32.21
O2P FMN C . -3.81 -15.44 -32.28
O3P FMN C . -2.59 -15.45 -30.09
HN3 FMN C . 1.81 -8.03 -23.81
H6 FMN C . -0.30 -4.19 -29.16
HM71 FMN C . -2.97 -3.22 -30.42
HM72 FMN C . -2.61 -4.15 -31.90
HM73 FMN C . -1.30 -3.33 -31.03
HM81 FMN C . -4.53 -5.27 -31.10
HM82 FMN C . -4.46 -7.05 -31.14
HM83 FMN C . -3.44 -6.07 -32.24
H9 FMN C . -3.32 -8.09 -29.60
H1'1 FMN C . -3.12 -9.51 -28.46
H1'2 FMN C . -2.02 -10.29 -27.22
H2' FMN C . -0.62 -11.00 -28.77
HO2' FMN C . -1.16 -8.98 -30.70
H3' FMN C . -1.71 -11.53 -30.91
HO3' FMN C . -2.70 -9.22 -30.90
H4' FMN C . -3.78 -11.54 -28.67
HO4' FMN C . -2.58 -13.01 -27.66
H5'1 FMN C . -4.68 -12.42 -30.83
H5'2 FMN C . -4.20 -13.85 -29.77
N1 FMN D . 4.57 23.35 -13.37
C2 FMN D . 3.49 22.70 -12.76
O2 FMN D . 3.21 22.94 -11.59
N3 FMN D . 2.69 21.82 -13.51
C4 FMN D . 2.98 21.60 -14.86
O4 FMN D . 2.27 20.82 -15.50
C4A FMN D . 4.06 22.24 -15.46
N5 FMN D . 4.34 21.99 -16.74
C5A FMN D . 5.44 22.53 -17.30
C6 FMN D . 5.81 22.16 -18.58
C7 FMN D . 7.01 22.61 -19.12
C7M FMN D . 7.39 22.19 -20.39
C8 FMN D . 7.83 23.46 -18.38
C8M FMN D . 9.00 23.96 -18.92
C9 FMN D . 7.44 23.84 -17.09
C9A FMN D . 6.25 23.37 -16.55
N10 FMN D . 5.89 23.73 -15.32
C10 FMN D . 4.85 23.11 -14.72
C1' FMN D . 6.57 24.83 -14.60
C2' FMN D . 6.01 26.15 -15.14
O2' FMN D . 5.47 25.92 -16.44
C3' FMN D . 7.13 27.19 -15.22
O3' FMN D . 8.14 26.74 -16.12
C4' FMN D . 7.72 27.41 -13.83
O4' FMN D . 6.68 27.63 -12.88
C5' FMN D . 8.67 28.60 -13.85
O5' FMN D . 7.95 29.68 -14.48
P FMN D . 7.66 31.03 -13.67
O1P FMN D . 6.53 31.65 -14.40
O2P FMN D . 8.94 31.78 -13.75
O3P FMN D . 7.31 30.56 -12.31
HN3 FMN D . 1.92 21.35 -13.07
H6 FMN D . 5.14 21.54 -19.18
HM71 FMN D . 8.03 21.31 -20.31
HM72 FMN D . 7.95 22.98 -20.89
HM73 FMN D . 6.51 21.94 -20.97
HM81 FMN D . 9.65 23.15 -19.25
HM82 FMN D . 9.52 24.55 -18.17
HM83 FMN D . 8.76 24.61 -19.77
H9 FMN D . 8.09 24.50 -16.52
H1'1 FMN D . 7.64 24.88 -14.79
H1'2 FMN D . 6.30 24.82 -13.54
H2' FMN D . 5.22 26.51 -14.48
HO2' FMN D . 6.16 26.11 -17.14
H3' FMN D . 6.71 28.13 -15.58
HO3' FMN D . 7.72 26.25 -16.88
H4' FMN D . 8.28 26.52 -13.54
HO4' FMN D . 6.88 27.15 -12.04
H5'1 FMN D . 9.56 28.46 -14.46
H5'2 FMN D . 8.86 28.94 -12.83
N GLY A 1 -9.24 17.12 -38.99
CA GLY A 1 -8.93 15.89 -39.78
C GLY A 1 -8.46 16.31 -41.17
N ALA A 2 -7.41 17.11 -41.21
CA ALA A 2 -6.87 17.58 -42.49
C ALA A 2 -5.41 17.98 -42.32
N SER A 3 -4.74 18.29 -43.41
CA SER A 3 -3.32 18.74 -43.39
C SER A 3 -3.22 20.20 -42.88
N PHE A 4 -4.38 20.84 -42.75
CA PHE A 4 -4.47 22.18 -42.21
C PHE A 4 -4.50 22.19 -40.67
N GLN A 5 -5.55 21.60 -40.12
CA GLN A 5 -5.72 21.50 -38.66
C GLN A 5 -4.69 20.56 -38.03
N SER A 6 -4.40 19.44 -38.71
CA SER A 6 -3.48 18.46 -38.16
C SER A 6 -2.11 19.09 -37.94
N PHE A 7 -1.69 19.91 -38.89
CA PHE A 7 -0.42 20.64 -38.77
C PHE A 7 0.78 19.77 -39.20
N GLY A 8 1.12 19.83 -40.48
CA GLY A 8 2.22 19.02 -41.02
C GLY A 8 3.55 19.40 -40.40
N ILE A 9 4.60 19.43 -41.23
CA ILE A 9 5.95 19.76 -40.78
C ILE A 9 6.64 18.52 -40.17
N PRO A 10 7.62 17.92 -40.82
CA PRO A 10 8.30 16.70 -40.26
C PRO A 10 9.04 17.00 -38.97
N GLY A 11 9.39 18.28 -38.74
CA GLY A 11 10.09 18.67 -37.52
C GLY A 11 9.24 18.43 -36.27
N GLN A 12 7.95 18.69 -36.39
CA GLN A 12 7.05 18.48 -35.25
C GLN A 12 6.99 16.99 -34.93
N LEU A 13 6.98 16.16 -35.97
CA LEU A 13 6.92 14.71 -35.81
C LEU A 13 8.15 14.15 -35.10
N GLU A 14 9.34 14.67 -35.43
CA GLU A 14 10.56 14.19 -34.81
C GLU A 14 10.48 14.49 -33.32
N VAL A 15 9.96 15.66 -32.95
CA VAL A 15 9.83 16.05 -31.54
C VAL A 15 8.95 15.06 -30.79
N ILE A 16 7.82 14.68 -31.38
CA ILE A 16 6.93 13.77 -30.69
C ILE A 16 7.64 12.44 -30.44
N LYS A 17 8.36 11.93 -31.45
CA LYS A 17 9.06 10.65 -31.25
C LYS A 17 10.13 10.73 -30.15
N LYS A 18 10.96 11.76 -30.14
CA LYS A 18 12.01 11.81 -29.13
C LYS A 18 11.37 11.79 -27.74
N ALA A 19 10.28 12.51 -27.58
CA ALA A 19 9.62 12.56 -26.28
C ALA A 19 9.21 11.16 -25.84
N LEU A 20 8.69 10.37 -26.75
CA LEU A 20 8.30 9.00 -26.45
C LEU A 20 9.54 8.18 -26.04
N ASP A 21 10.64 8.40 -26.75
CA ASP A 21 11.91 7.72 -26.48
C ASP A 21 12.48 8.05 -25.08
N HIS A 22 12.34 9.29 -24.64
CA HIS A 22 12.87 9.71 -23.33
C HIS A 22 12.27 8.88 -22.20
N VAL A 23 10.97 8.59 -22.28
CA VAL A 23 10.32 7.77 -21.24
C VAL A 23 9.89 6.44 -21.84
N ARG A 24 10.25 5.35 -21.15
CA ARG A 24 9.93 4.02 -21.64
C ARG A 24 8.45 3.68 -21.50
N VAL A 25 7.77 3.63 -22.65
CA VAL A 25 6.36 3.30 -22.70
C VAL A 25 6.14 2.43 -23.92
N GLY A 26 5.26 1.45 -23.79
CA GLY A 26 5.01 0.55 -24.87
C GLY A 26 3.78 0.92 -25.69
N VAL A 27 4.01 1.68 -26.75
CA VAL A 27 2.92 2.04 -27.66
C VAL A 27 3.35 1.62 -29.06
N VAL A 28 2.48 0.92 -29.76
CA VAL A 28 2.78 0.45 -31.11
C VAL A 28 1.58 0.65 -32.00
N ILE A 29 1.79 0.68 -33.32
CA ILE A 29 0.68 0.80 -34.26
C ILE A 29 0.71 -0.39 -35.18
N THR A 30 -0.44 -1.03 -35.32
CA THR A 30 -0.58 -2.20 -36.16
C THR A 30 -1.33 -1.77 -37.40
N ASP A 31 -1.36 -2.62 -38.41
CA ASP A 31 -2.08 -2.30 -39.64
C ASP A 31 -2.92 -3.50 -40.08
N PRO A 32 -4.22 -3.48 -39.86
CA PRO A 32 -5.09 -4.64 -40.23
C PRO A 32 -5.11 -4.87 -41.74
N ALA A 33 -4.79 -3.82 -42.49
CA ALA A 33 -4.78 -3.88 -43.97
C ALA A 33 -3.73 -4.88 -44.49
N LEU A 34 -2.59 -4.97 -43.79
CA LEU A 34 -1.54 -5.92 -44.18
C LEU A 34 -1.80 -7.30 -43.55
N GLU A 35 -1.20 -8.35 -44.11
CA GLU A 35 -1.44 -9.71 -43.63
C GLU A 35 -1.12 -9.90 -42.14
N ASP A 36 -2.04 -10.56 -41.44
CA ASP A 36 -1.88 -10.86 -40.01
C ASP A 36 -1.74 -9.58 -39.15
N ASN A 37 -2.24 -8.48 -39.68
CA ASN A 37 -2.15 -7.18 -39.00
C ASN A 37 -0.79 -7.02 -38.30
N PRO A 38 0.27 -6.95 -39.07
CA PRO A 38 1.67 -6.82 -38.56
C PRO A 38 1.92 -5.47 -37.91
N ILE A 39 2.90 -5.42 -37.00
CA ILE A 39 3.22 -4.18 -36.31
C ILE A 39 4.21 -3.39 -37.15
N VAL A 40 3.87 -2.14 -37.46
CA VAL A 40 4.72 -1.28 -38.26
C VAL A 40 5.44 -0.23 -37.42
N TYR A 41 4.73 0.38 -36.46
CA TYR A 41 5.33 1.43 -35.64
C TYR A 41 5.85 0.88 -34.32
N VAL A 42 7.13 1.10 -34.08
CA VAL A 42 7.78 0.69 -32.84
C VAL A 42 8.80 1.75 -32.43
N ASN A 43 8.88 2.06 -31.14
CA ASN A 43 9.83 3.04 -30.65
C ASN A 43 11.08 2.34 -30.10
N GLN A 44 12.15 3.09 -29.87
CA GLN A 44 13.38 2.52 -29.30
C GLN A 44 13.17 2.03 -27.87
N GLY A 45 12.42 2.80 -27.09
CA GLY A 45 12.14 2.45 -25.71
C GLY A 45 11.44 1.12 -25.63
N PHE A 46 10.72 0.73 -26.69
CA PHE A 46 10.01 -0.53 -26.63
C PHE A 46 11.07 -1.57 -26.40
N VAL A 47 12.17 -1.57 -27.18
CA VAL A 47 13.17 -2.63 -27.08
C VAL A 47 13.75 -2.71 -25.68
N GLN A 48 14.07 -1.60 -25.09
CA GLN A 48 14.64 -1.62 -23.76
C GLN A 48 13.66 -2.18 -22.72
N MET A 49 12.38 -1.87 -22.89
CA MET A 49 11.33 -2.40 -22.00
C MET A 49 11.10 -3.91 -22.15
N THR A 50 11.06 -4.39 -23.40
CA THR A 50 10.80 -5.82 -23.64
C THR A 50 12.09 -6.61 -23.70
N GLY A 51 13.17 -5.92 -23.99
CA GLY A 51 14.48 -6.56 -24.10
C GLY A 51 14.61 -7.30 -25.43
N TYR A 52 13.79 -6.91 -26.40
CA TYR A 52 13.79 -7.49 -27.74
C TYR A 52 14.22 -6.47 -28.79
N GLU A 53 15.04 -6.92 -29.73
CA GLU A 53 15.53 -6.04 -30.78
C GLU A 53 14.35 -5.58 -31.64
N THR A 54 14.49 -4.39 -32.20
CA THR A 54 13.44 -3.80 -33.04
C THR A 54 13.21 -4.57 -34.33
N GLU A 55 14.26 -5.15 -34.89
CA GLU A 55 14.09 -5.89 -36.13
C GLU A 55 13.22 -7.13 -35.94
N GLU A 56 13.48 -7.88 -34.87
CA GLU A 56 12.67 -9.08 -34.60
C GLU A 56 11.23 -8.67 -34.34
N ILE A 57 11.01 -7.64 -33.50
CA ILE A 57 9.63 -7.28 -33.10
C ILE A 57 8.76 -6.85 -34.26
N LEU A 58 9.22 -5.94 -35.09
CA LEU A 58 8.46 -5.54 -36.25
C LEU A 58 8.19 -6.79 -37.08
N GLY A 59 7.03 -6.85 -37.72
CA GLY A 59 6.70 -7.98 -38.57
C GLY A 59 6.10 -9.15 -37.80
N LYS A 60 6.06 -9.09 -36.48
CA LYS A 60 5.48 -10.20 -35.70
C LYS A 60 4.56 -9.69 -34.59
N ASN A 61 3.58 -10.52 -34.20
CA ASN A 61 2.62 -10.16 -33.18
C ASN A 61 3.22 -10.38 -31.80
N CYS A 62 2.73 -9.61 -30.83
CA CYS A 62 3.22 -9.71 -29.47
C CYS A 62 2.92 -11.07 -28.87
N ARG A 63 2.60 -12.06 -29.71
CA ARG A 63 2.31 -13.40 -29.20
C ARG A 63 3.51 -14.01 -28.48
N PHE A 64 4.69 -13.82 -29.03
CA PHE A 64 5.91 -14.38 -28.42
C PHE A 64 6.15 -13.96 -26.95
N LEU A 65 5.53 -12.89 -26.51
CA LEU A 65 5.66 -12.43 -25.11
C LEU A 65 4.92 -13.33 -24.15
N GLN A 66 3.83 -13.91 -24.63
CA GLN A 66 2.98 -14.79 -23.82
C GLN A 66 3.70 -16.08 -23.43
N GLY A 67 3.49 -16.58 -22.20
CA GLY A 67 4.18 -17.78 -21.75
C GLY A 67 3.34 -18.54 -20.71
N LYS A 68 4.00 -19.22 -19.78
CA LYS A 68 3.33 -20.03 -18.75
C LYS A 68 2.43 -19.20 -17.83
N HIS A 69 2.89 -18.02 -17.45
CA HIS A 69 2.15 -17.14 -16.54
C HIS A 69 1.01 -16.42 -17.27
N THR A 70 1.00 -16.55 -18.58
CA THR A 70 -0.04 -15.90 -19.37
C THR A 70 -1.40 -16.43 -18.97
N ASP A 71 -2.32 -15.53 -18.66
CA ASP A 71 -3.67 -15.91 -18.25
C ASP A 71 -4.55 -16.12 -19.49
N PRO A 72 -4.96 -17.33 -19.80
CA PRO A 72 -5.83 -17.59 -20.98
C PRO A 72 -7.14 -16.82 -20.96
N ALA A 73 -7.67 -16.56 -19.76
CA ALA A 73 -8.95 -15.85 -19.64
C ALA A 73 -8.81 -14.42 -20.17
N GLU A 74 -7.68 -13.79 -19.85
CA GLU A 74 -7.41 -12.44 -20.31
C GLU A 74 -7.27 -12.46 -21.86
N VAL A 75 -6.55 -13.46 -22.34
CA VAL A 75 -6.26 -13.61 -23.75
C VAL A 75 -7.60 -13.72 -24.48
N ASP A 76 -8.49 -14.50 -23.91
CA ASP A 76 -9.83 -14.71 -24.48
C ASP A 76 -10.66 -13.40 -24.47
N ASN A 77 -10.52 -12.61 -23.43
CA ASN A 77 -11.24 -11.34 -23.34
C ASN A 77 -10.78 -10.41 -24.48
N ILE A 78 -9.48 -10.43 -24.74
CA ILE A 78 -8.92 -9.61 -25.82
C ILE A 78 -9.45 -10.03 -27.21
N ARG A 79 -9.47 -11.33 -27.38
CA ARG A 79 -9.95 -11.94 -28.62
C ARG A 79 -11.44 -11.57 -28.80
N THR A 80 -12.18 -11.65 -27.69
CA THR A 80 -13.60 -11.30 -27.73
C THR A 80 -13.74 -9.82 -28.13
N ALA A 81 -12.98 -8.94 -27.45
CA ALA A 81 -13.14 -7.48 -27.64
C ALA A 81 -12.91 -7.07 -29.09
N LEU A 82 -11.88 -7.62 -29.74
CA LEU A 82 -11.55 -7.27 -31.13
C LEU A 82 -12.69 -7.64 -32.07
N GLN A 83 -13.27 -8.79 -31.83
CA GLN A 83 -14.39 -9.25 -32.63
C GLN A 83 -15.56 -8.28 -32.40
N ASN A 84 -15.61 -7.72 -31.19
CA ASN A 84 -16.68 -6.79 -30.83
C ASN A 84 -16.27 -5.36 -31.18
N LYS A 85 -15.06 -5.22 -31.69
CA LYS A 85 -14.52 -3.92 -32.08
C LYS A 85 -14.76 -2.90 -30.97
N GLU A 86 -14.60 -3.32 -29.72
CA GLU A 86 -14.80 -2.42 -28.59
C GLU A 86 -13.52 -2.38 -27.74
N PRO A 87 -13.17 -1.24 -27.17
CA PRO A 87 -11.93 -1.12 -26.35
C PRO A 87 -11.93 -2.02 -25.10
N VAL A 88 -10.75 -2.54 -24.77
CA VAL A 88 -10.60 -3.44 -23.64
C VAL A 88 -9.33 -3.12 -22.87
N THR A 89 -9.37 -3.23 -21.53
CA THR A 89 -8.16 -3.01 -20.74
C THR A 89 -7.97 -4.21 -19.82
N VAL A 90 -6.87 -4.92 -19.98
CA VAL A 90 -6.57 -6.07 -19.13
C VAL A 90 -5.09 -6.10 -18.72
N GLN A 91 -4.77 -6.78 -17.63
CA GLN A 91 -3.36 -6.93 -17.20
C GLN A 91 -2.94 -8.33 -17.64
N ILE A 92 -1.74 -8.55 -18.29
CA ILE A 92 -1.35 -9.89 -18.66
C ILE A 92 0.17 -10.14 -18.47
N GLN A 93 0.47 -11.21 -17.75
CA GLN A 93 1.85 -11.62 -17.47
C GLN A 93 2.59 -11.95 -18.77
N ASN A 94 3.83 -11.45 -18.89
CA ASN A 94 4.65 -11.67 -20.09
C ASN A 94 6.11 -11.99 -19.74
N TYR A 95 6.85 -12.59 -20.69
CA TYR A 95 8.26 -12.96 -20.46
C TYR A 95 9.24 -12.24 -21.39
N LYS A 96 10.36 -11.75 -20.86
CA LYS A 96 11.35 -11.03 -21.66
C LYS A 96 12.34 -11.97 -22.34
N LYS A 97 13.38 -11.39 -22.94
CA LYS A 97 14.40 -12.19 -23.62
C LYS A 97 15.12 -13.10 -22.60
N ASP A 98 15.46 -12.55 -21.43
CA ASP A 98 16.17 -13.31 -20.39
C ASP A 98 15.20 -14.13 -19.53
N GLY A 99 13.92 -14.19 -19.89
CA GLY A 99 12.96 -15.01 -19.14
C GLY A 99 12.39 -14.29 -17.94
N THR A 100 12.84 -13.07 -17.73
CA THR A 100 12.33 -12.30 -16.62
C THR A 100 10.83 -12.20 -16.82
N MET A 101 10.07 -12.35 -15.75
CA MET A 101 8.61 -12.28 -15.83
C MET A 101 8.11 -10.95 -15.26
N PHE A 102 7.27 -10.26 -16.02
CA PHE A 102 6.78 -8.96 -15.60
C PHE A 102 5.33 -8.81 -15.99
N TRP A 103 4.63 -7.91 -15.31
CA TRP A 103 3.23 -7.66 -15.64
C TRP A 103 3.14 -6.58 -16.69
N ASN A 104 2.22 -6.72 -17.63
CA ASN A 104 2.11 -5.77 -18.73
C ASN A 104 0.68 -5.38 -19.04
N GLU A 105 0.25 -4.18 -18.65
CA GLU A 105 -1.13 -3.80 -18.89
C GLU A 105 -1.31 -3.58 -20.37
N LEU A 106 -2.41 -4.09 -20.93
CA LEU A 106 -2.68 -3.92 -22.37
C LEU A 106 -3.99 -3.19 -22.64
N ASN A 107 -3.91 -2.08 -23.37
CA ASN A 107 -5.12 -1.34 -23.74
C ASN A 107 -5.26 -1.26 -25.27
N ILE A 108 -6.38 -1.76 -25.79
CA ILE A 108 -6.63 -1.75 -27.24
C ILE A 108 -7.89 -0.96 -27.59
N ASP A 109 -7.77 -0.02 -28.53
CA ASP A 109 -8.90 0.80 -28.94
C ASP A 109 -8.96 0.95 -30.48
N PRO A 110 -10.07 0.62 -31.11
CA PRO A 110 -10.22 0.75 -32.59
C PRO A 110 -10.30 2.19 -33.06
N MET A 111 -9.85 2.40 -34.28
CA MET A 111 -9.86 3.75 -34.86
C MET A 111 -10.65 3.67 -36.17
N GLU A 112 -11.26 4.77 -36.62
CA GLU A 112 -11.99 4.78 -37.91
C GLU A 112 -11.48 5.97 -38.73
N ILE A 113 -10.48 5.71 -39.54
CA ILE A 113 -9.87 6.75 -40.38
C ILE A 113 -10.02 6.47 -41.86
N GLU A 114 -10.47 7.44 -42.66
CA GLU A 114 -10.56 7.23 -44.11
C GLU A 114 -11.27 5.94 -44.44
N ASP A 115 -12.31 5.63 -43.67
CA ASP A 115 -13.08 4.41 -43.86
C ASP A 115 -12.18 3.17 -43.73
N LYS A 116 -11.15 3.28 -42.91
CA LYS A 116 -10.24 2.17 -42.66
C LYS A 116 -10.12 1.97 -41.16
N THR A 117 -9.96 0.72 -40.69
CA THR A 117 -9.87 0.49 -39.25
C THR A 117 -8.43 0.68 -38.79
N TYR A 118 -8.09 0.32 -37.57
CA TYR A 118 -6.72 0.41 -37.06
C TYR A 118 -6.71 -0.23 -35.66
N PHE A 119 -5.57 -0.72 -35.21
CA PHE A 119 -5.44 -1.24 -33.84
C PHE A 119 -4.21 -0.63 -33.20
N VAL A 120 -4.27 -0.37 -31.89
CA VAL A 120 -3.11 0.18 -31.18
C VAL A 120 -2.92 -0.59 -29.89
N GLY A 121 -1.68 -0.96 -29.61
CA GLY A 121 -1.38 -1.68 -28.37
C GLY A 121 -0.65 -0.75 -27.43
N ILE A 122 -1.14 -0.61 -26.21
CA ILE A 122 -0.46 0.24 -25.25
C ILE A 122 -0.02 -0.66 -24.11
N GLN A 123 1.26 -0.56 -23.75
CA GLN A 123 1.79 -1.38 -22.66
C GLN A 123 2.31 -0.49 -21.55
N ASN A 124 1.66 -0.58 -20.39
CA ASN A 124 2.04 0.24 -19.24
C ASN A 124 2.52 -0.60 -18.07
N ASP A 125 3.80 -0.49 -17.76
CA ASP A 125 4.44 -1.30 -16.72
C ASP A 125 3.88 -1.07 -15.30
N ILE A 126 3.59 -2.20 -14.64
CA ILE A 126 3.06 -2.21 -13.28
C ILE A 126 4.22 -2.40 -12.28
N THR A 127 5.48 -2.44 -12.75
CA THR A 127 6.65 -2.64 -11.86
C THR A 127 6.81 -1.54 -10.80
N LYS A 128 6.62 -0.27 -11.15
CA LYS A 128 6.80 0.80 -10.17
C LYS A 128 5.82 0.59 -9.02
N GLN A 129 4.60 0.21 -9.37
CA GLN A 129 3.59 -0.08 -8.38
C GLN A 129 4.01 -1.28 -7.55
N LYS A 130 4.60 -2.32 -8.14
CA LYS A 130 4.97 -3.46 -7.30
C LYS A 130 5.98 -3.07 -6.26
N GLU A 131 6.93 -2.25 -6.68
CA GLU A 131 7.98 -1.82 -5.75
C GLU A 131 7.37 -1.07 -4.58
N TYR A 132 6.34 -0.28 -4.87
CA TYR A 132 5.61 0.43 -3.81
C TYR A 132 4.96 -0.57 -2.83
N GLU A 133 4.32 -1.61 -3.37
CA GLU A 133 3.68 -2.59 -2.51
C GLU A 133 4.73 -3.31 -1.68
N LYS A 134 5.87 -3.60 -2.29
CA LYS A 134 6.94 -4.27 -1.57
C LYS A 134 7.42 -3.39 -0.40
N LEU A 135 7.52 -2.09 -0.65
CA LEU A 135 8.01 -1.19 0.39
C LEU A 135 7.04 -1.29 1.57
N LEU A 136 5.75 -1.31 1.28
CA LEU A 136 4.74 -1.43 2.31
C LEU A 136 4.88 -2.75 3.03
N GLU A 137 5.16 -3.83 2.31
CA GLU A 137 5.26 -5.13 2.98
C GLU A 137 6.44 -5.12 3.96
N ASP A 138 7.55 -4.53 3.56
CA ASP A 138 8.72 -4.52 4.42
C ASP A 138 8.35 -3.79 5.70
N SER A 139 7.62 -2.70 5.57
CA SER A 139 7.14 -1.95 6.72
C SER A 139 6.21 -2.79 7.61
N LEU A 140 5.33 -3.57 6.99
CA LEU A 140 4.45 -4.44 7.77
C LEU A 140 5.28 -5.48 8.53
N THR A 141 6.30 -6.03 7.86
CA THR A 141 7.13 -7.07 8.47
C THR A 141 7.84 -6.55 9.71
N GLU A 142 8.43 -5.36 9.63
CA GLU A 142 9.11 -4.80 10.79
C GLU A 142 8.06 -4.53 11.86
N ILE A 143 6.94 -4.03 11.40
CA ILE A 143 5.79 -3.76 12.25
C ILE A 143 5.22 -5.05 12.84
N THR A 144 5.09 -6.12 12.03
CA THR A 144 4.53 -7.37 12.53
C THR A 144 5.37 -7.99 13.64
N ALA A 145 6.69 -8.06 13.48
CA ALA A 145 7.49 -8.65 14.56
C ALA A 145 7.36 -7.79 15.82
N LEU A 146 7.35 -6.47 15.62
CA LEU A 146 7.18 -5.55 16.76
C LEU A 146 5.81 -5.68 17.44
N SER A 147 4.73 -5.81 16.66
CA SER A 147 3.40 -5.92 17.28
C SER A 147 3.38 -7.15 18.17
N THR A 148 4.06 -8.19 17.64
CA THR A 148 4.14 -9.49 18.29
C THR A 148 4.03 -9.24 19.79
N PRO A 149 2.85 -9.13 20.32
CA PRO A 149 2.69 -8.77 21.75
C PRO A 149 3.30 -9.78 22.70
N ILE A 150 3.83 -9.22 23.75
CA ILE A 150 4.38 -9.96 24.86
C ILE A 150 3.55 -9.47 26.01
N VAL A 151 3.06 -10.33 26.89
CA VAL A 151 2.31 -9.86 28.04
C VAL A 151 2.18 -11.05 28.96
N PRO A 152 3.04 -11.20 29.93
CA PRO A 152 2.93 -12.38 30.83
C PRO A 152 1.63 -12.33 31.62
N ILE A 153 1.02 -13.48 31.86
CA ILE A 153 -0.22 -13.49 32.62
C ILE A 153 0.10 -13.30 34.11
N ARG A 154 0.74 -14.30 34.72
CA ARG A 154 1.15 -14.23 36.14
C ARG A 154 2.61 -14.66 36.27
N ASN A 155 3.01 -15.04 37.47
CA ASN A 155 4.38 -15.44 37.71
C ASN A 155 4.60 -16.91 37.35
N GLY A 156 5.26 -17.09 36.21
CA GLY A 156 5.53 -18.41 35.67
C GLY A 156 4.45 -18.80 34.69
N ILE A 157 3.56 -17.87 34.35
CA ILE A 157 2.54 -18.15 33.36
C ILE A 157 2.61 -17.08 32.26
N SER A 158 2.79 -17.51 31.00
CA SER A 158 2.87 -16.59 29.87
C SER A 158 1.99 -17.08 28.74
N ALA A 159 1.48 -16.17 27.91
CA ALA A 159 0.66 -16.60 26.76
C ALA A 159 1.00 -15.80 25.50
N LEU A 160 1.02 -16.51 24.37
CA LEU A 160 1.33 -15.91 23.06
C LEU A 160 0.26 -16.29 22.03
N PRO A 161 -0.87 -15.62 22.02
CA PRO A 161 -1.99 -15.91 21.08
C PRO A 161 -1.68 -15.53 19.62
N LEU A 162 -2.31 -16.24 18.70
CA LEU A 162 -2.14 -15.96 17.25
C LEU A 162 -3.47 -15.63 16.59
N VAL A 163 -3.53 -14.49 15.91
CA VAL A 163 -4.76 -14.07 15.24
C VAL A 163 -4.43 -13.86 13.75
N GLY A 164 -5.25 -14.43 12.88
CA GLY A 164 -5.03 -14.26 11.42
C GLY A 164 -4.74 -15.58 10.73
N ASN A 165 -4.75 -15.58 9.38
CA ASN A 165 -4.50 -16.80 8.63
C ASN A 165 -3.01 -17.01 8.45
N LEU A 166 -2.45 -18.08 9.02
CA LEU A 166 -1.02 -18.30 8.92
C LEU A 166 -0.54 -18.76 7.56
N THR A 167 0.08 -17.84 6.82
CA THR A 167 0.61 -18.14 5.48
C THR A 167 2.03 -18.70 5.58
N GLU A 168 2.53 -19.26 4.50
CA GLU A 168 3.88 -19.82 4.50
C GLU A 168 4.95 -18.74 4.67
N GLU A 169 4.67 -17.57 4.12
CA GLU A 169 5.60 -16.44 4.26
C GLU A 169 5.72 -16.04 5.72
N ARG A 170 4.58 -16.00 6.41
CA ARG A 170 4.48 -15.65 7.80
C ARG A 170 5.18 -16.67 8.71
N PHE A 171 5.14 -17.94 8.31
CA PHE A 171 5.74 -19.01 9.11
C PHE A 171 7.21 -18.74 9.44
N ASN A 172 7.94 -18.01 8.60
CA ASN A 172 9.35 -17.78 8.91
C ASN A 172 9.48 -17.04 10.25
N SER A 173 8.61 -16.09 10.50
CA SER A 173 8.68 -15.34 11.76
C SER A 173 8.53 -16.29 12.96
N ILE A 174 7.61 -17.24 12.84
CA ILE A 174 7.34 -18.21 13.92
C ILE A 174 8.54 -19.10 14.24
N VAL A 175 9.21 -19.61 13.21
CA VAL A 175 10.36 -20.49 13.45
C VAL A 175 11.43 -19.71 14.19
N CYS A 176 11.62 -18.46 13.81
CA CYS A 176 12.61 -17.59 14.46
C CYS A 176 12.23 -17.38 15.93
N THR A 177 10.93 -17.34 16.20
CA THR A 177 10.43 -17.16 17.56
C THR A 177 10.86 -18.31 18.44
N LEU A 178 11.23 -19.44 17.84
CA LEU A 178 11.61 -20.60 18.63
C LEU A 178 12.82 -20.23 19.48
N THR A 179 13.77 -19.51 18.89
CA THR A 179 14.97 -19.10 19.61
C THR A 179 14.57 -18.25 20.84
N ASN A 180 13.63 -17.33 20.67
CA ASN A 180 13.14 -16.48 21.75
C ASN A 180 12.51 -17.33 22.87
N ILE A 181 11.80 -18.40 22.52
CA ILE A 181 11.15 -19.24 23.54
C ILE A 181 12.19 -19.77 24.52
N LEU A 182 13.38 -20.09 24.04
CA LEU A 182 14.38 -20.64 24.93
C LEU A 182 14.70 -19.61 26.03
N SER A 183 14.77 -18.36 25.61
CA SER A 183 14.99 -17.27 26.57
C SER A 183 13.85 -17.19 27.58
N THR A 184 12.64 -17.53 27.15
CA THR A 184 11.46 -17.48 28.02
C THR A 184 11.24 -18.81 28.76
N SER A 185 12.31 -19.59 28.89
CA SER A 185 12.24 -20.88 29.55
C SER A 185 11.83 -20.73 31.02
N LYS A 186 12.05 -19.55 31.54
CA LYS A 186 11.74 -19.25 32.93
C LYS A 186 10.25 -19.45 33.20
N ASP A 187 9.40 -19.08 32.24
CA ASP A 187 7.95 -19.23 32.43
C ASP A 187 7.54 -20.70 32.37
N ASP A 188 7.09 -21.21 33.52
CA ASP A 188 6.70 -22.61 33.65
C ASP A 188 5.54 -22.99 32.75
N TYR A 189 4.53 -22.13 32.67
CA TYR A 189 3.35 -22.42 31.87
C TYR A 189 3.27 -21.47 30.68
N LEU A 190 3.06 -22.04 29.51
CA LEU A 190 2.90 -21.27 28.28
C LEU A 190 1.53 -21.60 27.69
N ILE A 191 0.73 -20.60 27.37
CA ILE A 191 -0.59 -20.85 26.77
C ILE A 191 -0.64 -20.24 25.36
N ILE A 192 -1.02 -21.05 24.38
CA ILE A 192 -1.11 -20.57 23.00
C ILE A 192 -2.57 -20.57 22.57
N ASP A 193 -3.06 -19.45 22.07
CA ASP A 193 -4.44 -19.36 21.57
C ASP A 193 -4.49 -19.60 20.03
N LEU A 194 -5.17 -20.66 19.62
CA LEU A 194 -5.37 -20.95 18.21
C LEU A 194 -6.73 -20.42 17.73
N SER A 195 -7.52 -19.91 18.66
CA SER A 195 -8.84 -19.38 18.33
C SER A 195 -8.80 -18.19 17.39
N GLY A 196 -7.75 -17.38 17.48
CA GLY A 196 -7.66 -16.24 16.59
C GLY A 196 -7.62 -16.75 15.14
N LEU A 197 -6.78 -17.77 14.99
CA LEU A 197 -6.56 -18.39 13.70
C LEU A 197 -7.84 -19.12 13.26
N ALA A 198 -8.30 -18.82 12.03
CA ALA A 198 -9.53 -19.43 11.54
C ALA A 198 -9.38 -20.97 11.50
N GLN A 199 -8.27 -21.40 10.89
CA GLN A 199 -8.04 -22.85 10.68
C GLN A 199 -6.65 -23.29 11.08
N VAL A 200 -6.47 -24.56 11.36
CA VAL A 200 -5.14 -25.06 11.72
C VAL A 200 -4.71 -26.09 10.66
N ASN A 201 -3.48 -25.94 10.18
CA ASN A 201 -2.95 -26.84 9.15
C ASN A 201 -2.29 -28.05 9.78
N GLU A 202 -2.20 -29.16 9.05
CA GLU A 202 -1.59 -30.36 9.60
C GLU A 202 -0.11 -30.11 9.89
N GLN A 203 0.56 -29.39 9.00
CA GLN A 203 2.00 -29.11 9.17
C GLN A 203 2.22 -28.39 10.50
N THR A 204 1.23 -27.62 10.90
CA THR A 204 1.28 -26.90 12.17
C THR A 204 1.38 -27.89 13.34
N ALA A 205 0.62 -28.97 13.28
CA ALA A 205 0.60 -29.93 14.38
C ALA A 205 2.02 -30.43 14.61
N ASP A 206 2.78 -30.64 13.55
CA ASP A 206 4.14 -31.14 13.70
C ASP A 206 4.97 -30.16 14.53
N GLN A 207 4.73 -28.87 14.33
CA GLN A 207 5.42 -27.84 15.10
C GLN A 207 5.02 -27.88 16.57
N ILE A 208 3.74 -28.15 16.84
CA ILE A 208 3.27 -28.18 18.22
C ILE A 208 4.01 -29.30 18.95
N PHE A 209 4.11 -30.46 18.31
CA PHE A 209 4.75 -31.62 18.93
C PHE A 209 6.23 -31.34 19.21
N LYS A 210 6.94 -30.72 18.28
CA LYS A 210 8.35 -30.46 18.50
C LYS A 210 8.50 -29.54 19.70
N LEU A 211 7.64 -28.53 19.79
CA LEU A 211 7.68 -27.59 20.90
C LEU A 211 7.42 -28.27 22.25
N SER A 212 6.47 -29.19 22.32
CA SER A 212 6.19 -29.84 23.58
C SER A 212 7.42 -30.61 24.06
N HIS A 213 8.08 -31.32 23.15
CA HIS A 213 9.25 -32.10 23.54
C HIS A 213 10.39 -31.19 24.02
N LEU A 214 10.67 -30.10 23.29
CA LEU A 214 11.73 -29.20 23.73
C LEU A 214 11.34 -28.65 25.09
N LEU A 215 10.10 -28.21 25.20
CA LEU A 215 9.58 -27.61 26.43
C LEU A 215 9.61 -28.61 27.58
N LYS A 216 9.26 -29.86 27.33
CA LYS A 216 9.22 -30.84 28.41
C LYS A 216 10.62 -30.99 29.00
N LEU A 217 11.64 -31.07 28.16
CA LEU A 217 13.00 -31.21 28.64
C LEU A 217 13.39 -30.00 29.47
N THR A 218 12.97 -28.83 29.03
CA THR A 218 13.26 -27.59 29.73
C THR A 218 12.38 -27.47 30.96
N GLY A 219 11.35 -28.31 31.09
CA GLY A 219 10.45 -28.22 32.23
C GLY A 219 9.37 -27.16 32.07
N THR A 220 8.81 -26.98 30.87
CA THR A 220 7.76 -25.97 30.68
C THR A 220 6.47 -26.58 30.09
N GLU A 221 5.41 -26.56 30.88
CA GLU A 221 4.12 -27.09 30.44
C GLU A 221 3.58 -26.24 29.29
N LEU A 222 3.01 -26.89 28.27
CA LEU A 222 2.42 -26.20 27.12
C LEU A 222 0.91 -26.44 27.10
N ILE A 223 0.13 -25.37 26.98
CA ILE A 223 -1.33 -25.45 26.92
C ILE A 223 -1.83 -24.95 25.55
N ILE A 224 -2.76 -25.70 24.95
CA ILE A 224 -3.29 -25.36 23.62
C ILE A 224 -4.79 -25.06 23.75
N THR A 225 -5.23 -23.94 23.17
CA THR A 225 -6.64 -23.53 23.29
C THR A 225 -7.22 -23.11 21.97
N GLY A 226 -8.54 -23.01 21.89
CA GLY A 226 -9.19 -22.57 20.65
C GLY A 226 -9.23 -23.71 19.64
N ILE A 227 -9.16 -24.90 20.18
CA ILE A 227 -9.19 -26.10 19.37
C ILE A 227 -10.64 -26.45 19.10
N LYS A 228 -10.97 -26.66 17.83
CA LYS A 228 -12.34 -27.00 17.46
C LYS A 228 -12.63 -28.46 17.81
N PRO A 229 -13.79 -28.80 18.35
CA PRO A 229 -14.09 -30.22 18.70
C PRO A 229 -13.91 -31.17 17.52
N GLU A 230 -14.32 -30.72 16.34
CA GLU A 230 -14.20 -31.55 15.14
C GLU A 230 -12.73 -31.83 14.85
N LEU A 231 -11.91 -30.81 15.03
CA LEU A 231 -10.47 -30.92 14.85
C LEU A 231 -9.83 -31.91 15.84
N ALA A 232 -10.24 -31.85 17.10
CA ALA A 232 -9.66 -32.73 18.11
C ALA A 232 -9.98 -34.19 17.82
N MET A 233 -11.17 -34.44 17.31
CA MET A 233 -11.57 -35.81 17.02
C MET A 233 -10.66 -36.38 15.95
N LYS A 234 -10.36 -35.57 14.95
CA LYS A 234 -9.45 -35.98 13.88
C LYS A 234 -8.05 -36.26 14.43
N MET A 235 -7.64 -35.43 15.39
CA MET A 235 -6.35 -35.56 16.05
C MET A 235 -6.28 -36.85 16.87
N ASN A 236 -7.37 -37.24 17.52
CA ASN A 236 -7.33 -38.40 18.39
C ASN A 236 -6.97 -39.63 17.57
N LYS A 237 -7.57 -39.72 16.40
CA LYS A 237 -7.30 -40.86 15.53
C LYS A 237 -5.81 -40.93 15.16
N LEU A 238 -5.22 -39.78 14.90
CA LEU A 238 -3.80 -39.67 14.59
C LEU A 238 -2.87 -40.10 15.75
N ASP A 239 -3.23 -39.72 16.98
CA ASP A 239 -2.39 -40.06 18.14
C ASP A 239 -3.10 -39.77 19.48
N ALA A 240 -3.16 -40.78 20.31
CA ALA A 240 -3.77 -40.67 21.62
C ALA A 240 -3.06 -39.61 22.48
N ASN A 241 -1.79 -39.38 22.19
CA ASN A 241 -0.97 -38.41 22.92
C ASN A 241 -1.53 -37.01 22.77
N PHE A 242 -2.20 -36.73 21.68
CA PHE A 242 -2.70 -35.38 21.45
C PHE A 242 -3.58 -34.97 22.64
N SER A 243 -4.45 -35.88 23.06
CA SER A 243 -5.33 -35.63 24.20
C SER A 243 -4.52 -35.36 25.49
N SER A 244 -3.27 -35.81 25.52
CA SER A 244 -2.40 -35.59 26.69
C SER A 244 -2.30 -34.10 27.04
N LEU A 245 -2.25 -33.24 26.03
CA LEU A 245 -2.13 -31.82 26.30
C LEU A 245 -3.46 -31.13 26.57
N LYS A 246 -3.55 -30.54 27.76
CA LYS A 246 -4.76 -29.84 28.17
C LYS A 246 -5.27 -28.95 27.03
N THR A 247 -6.59 -29.04 26.82
CA THR A 247 -7.27 -28.24 25.80
C THR A 247 -8.48 -27.51 26.41
N TYR A 248 -8.59 -26.23 26.07
CA TYR A 248 -9.69 -25.39 26.55
C TYR A 248 -10.53 -24.89 25.38
N SER A 249 -11.85 -24.87 25.57
CA SER A 249 -12.72 -24.44 24.48
C SER A 249 -12.34 -23.03 24.13
N ASN A 250 -12.13 -22.18 25.14
CA ASN A 250 -11.76 -20.79 24.90
C ASN A 250 -10.74 -20.27 25.93
N VAL A 251 -10.07 -19.18 25.56
CA VAL A 251 -9.06 -18.54 26.40
C VAL A 251 -9.64 -18.02 27.71
N LYS A 252 -10.79 -17.37 27.65
CA LYS A 252 -11.40 -16.83 28.85
C LYS A 252 -11.70 -17.96 29.80
N ASP A 253 -12.25 -19.04 29.27
CA ASP A 253 -12.61 -20.20 30.09
C ASP A 253 -11.37 -20.83 30.74
N ALA A 254 -10.28 -20.99 29.99
CA ALA A 254 -9.07 -21.59 30.57
C ALA A 254 -8.54 -20.71 31.68
N VAL A 255 -8.53 -19.42 31.39
CA VAL A 255 -8.00 -18.45 32.33
C VAL A 255 -8.83 -18.44 33.62
N LYS A 256 -10.16 -18.42 33.48
CA LYS A 256 -11.02 -18.41 34.65
C LYS A 256 -10.86 -19.69 35.46
N VAL A 257 -10.86 -20.86 34.82
CA VAL A 257 -10.70 -22.10 35.57
C VAL A 257 -9.33 -22.22 36.18
N LEU A 258 -8.29 -21.82 35.44
CA LEU A 258 -6.92 -21.96 35.92
C LEU A 258 -6.84 -21.85 37.44
N PRO A 259 -7.02 -20.68 38.03
CA PRO A 259 -6.95 -20.55 39.51
C PRO A 259 -8.06 -21.34 40.21
N ILE A 260 -7.72 -22.00 41.32
CA ILE A 260 -8.72 -22.77 42.09
C ILE A 260 -8.33 -22.90 43.55
N MET A 261 -7.03 -22.79 43.85
CA MET A 261 -6.55 -22.95 45.23
C MET A 261 -5.46 -21.92 45.54
N GLY B 1 16.38 10.54 -38.80
CA GLY B 1 16.21 12.02 -38.65
C GLY B 1 16.02 12.65 -40.01
N ALA B 2 15.02 12.17 -40.72
CA ALA B 2 14.73 12.69 -42.04
C ALA B 2 13.29 12.34 -42.41
N SER B 3 12.77 13.05 -43.41
CA SER B 3 11.42 12.76 -43.89
C SER B 3 11.28 11.32 -44.39
N PHE B 4 12.40 10.67 -44.76
CA PHE B 4 12.34 9.31 -45.23
C PHE B 4 12.10 8.33 -44.07
N GLN B 5 13.05 8.31 -43.14
CA GLN B 5 12.97 7.45 -41.97
C GLN B 5 11.84 7.84 -41.04
N SER B 6 11.64 9.15 -40.86
CA SER B 6 10.60 9.62 -39.95
C SER B 6 9.25 9.11 -40.41
N PHE B 7 9.01 9.18 -41.71
CA PHE B 7 7.77 8.68 -42.31
C PHE B 7 6.68 9.75 -42.24
N GLY B 8 6.56 10.56 -43.30
CA GLY B 8 5.57 11.64 -43.34
C GLY B 8 4.15 11.08 -43.33
N ILE B 9 3.28 11.70 -44.13
CA ILE B 9 1.86 11.32 -44.22
C ILE B 9 1.05 11.94 -43.06
N PRO B 10 0.20 12.93 -43.31
CA PRO B 10 -0.60 13.56 -42.21
C PRO B 10 -1.55 12.56 -41.55
N GLY B 11 -1.90 11.52 -42.30
CA GLY B 11 -2.81 10.49 -41.80
C GLY B 11 -2.21 9.79 -40.57
N GLN B 12 -0.91 9.52 -40.60
CA GLN B 12 -0.27 8.88 -39.46
C GLN B 12 -0.33 9.80 -38.24
N LEU B 13 -0.14 11.10 -38.50
CA LEU B 13 -0.14 12.09 -37.43
C LEU B 13 -1.49 12.17 -36.69
N GLU B 14 -2.59 12.14 -37.43
CA GLU B 14 -3.95 12.21 -36.86
C GLU B 14 -4.21 10.96 -35.94
N VAL B 15 -3.59 9.87 -36.37
CA VAL B 15 -3.67 8.59 -35.62
C VAL B 15 -3.02 8.74 -34.24
N ILE B 16 -1.84 9.35 -34.21
CA ILE B 16 -1.12 9.51 -32.97
C ILE B 16 -1.90 10.41 -32.03
N LYS B 17 -2.44 11.51 -32.58
CA LYS B 17 -3.21 12.46 -31.78
C LYS B 17 -4.50 11.87 -31.18
N LYS B 18 -5.25 11.07 -31.93
CA LYS B 18 -6.46 10.51 -31.36
C LYS B 18 -6.11 9.60 -30.19
N ALA B 19 -5.05 8.81 -30.36
CA ALA B 19 -4.64 7.87 -29.32
C ALA B 19 -4.30 8.60 -28.02
N LEU B 20 -3.67 9.76 -28.13
CA LEU B 20 -3.38 10.56 -26.95
C LEU B 20 -4.70 11.04 -26.30
N ASP B 21 -5.65 11.46 -27.15
CA ASP B 21 -6.96 11.94 -26.70
C ASP B 21 -7.76 10.86 -25.97
N HIS B 22 -7.69 9.63 -26.46
CA HIS B 22 -8.44 8.52 -25.84
C HIS B 22 -8.07 8.36 -24.36
N VAL B 23 -6.79 8.50 -24.01
CA VAL B 23 -6.37 8.37 -22.60
C VAL B 23 -5.87 9.73 -22.11
N ARG B 24 -6.38 10.17 -20.96
CA ARG B 24 -6.02 11.47 -20.41
C ARG B 24 -4.59 11.49 -19.85
N VAL B 25 -3.71 12.16 -20.59
CA VAL B 25 -2.32 12.30 -20.14
C VAL B 25 -1.79 13.66 -20.49
N GLY B 26 -1.14 14.30 -19.53
CA GLY B 26 -0.67 15.64 -19.78
C GLY B 26 0.71 15.69 -20.42
N VAL B 27 0.72 15.84 -21.73
CA VAL B 27 1.97 16.03 -22.47
C VAL B 27 1.80 17.29 -23.29
N VAL B 28 2.77 18.21 -23.20
CA VAL B 28 2.71 19.44 -23.98
C VAL B 28 4.08 19.79 -24.55
N ILE B 29 4.09 20.57 -25.62
CA ILE B 29 5.36 21.00 -26.24
C ILE B 29 5.50 22.53 -26.23
N THR B 30 6.64 22.95 -25.71
CA THR B 30 6.95 24.36 -25.54
C THR B 30 7.99 24.76 -26.55
N ASP B 31 8.09 26.05 -26.86
CA ASP B 31 9.06 26.52 -27.86
C ASP B 31 9.94 27.61 -27.24
N PRO B 32 11.17 27.30 -26.88
CA PRO B 32 12.06 28.31 -26.25
C PRO B 32 12.40 29.44 -27.22
N ALA B 33 12.25 29.17 -28.52
CA ALA B 33 12.55 30.19 -29.52
C ALA B 33 11.63 31.40 -29.36
N LEU B 34 10.33 31.16 -29.16
CA LEU B 34 9.38 32.26 -28.97
C LEU B 34 9.55 32.93 -27.59
N GLU B 35 8.75 33.96 -27.31
CA GLU B 35 8.88 34.76 -26.10
C GLU B 35 8.33 34.03 -24.87
N ASP B 36 9.15 33.98 -23.82
CA ASP B 36 8.74 33.33 -22.58
C ASP B 36 8.38 31.88 -22.83
N ASN B 37 9.12 31.22 -23.72
CA ASN B 37 8.83 29.81 -24.05
C ASN B 37 7.35 29.44 -23.86
N PRO B 38 6.50 29.96 -24.70
CA PRO B 38 5.03 29.69 -24.65
C PRO B 38 4.72 28.27 -25.09
N ILE B 39 3.60 27.75 -24.59
CA ILE B 39 3.18 26.39 -24.96
C ILE B 39 2.40 26.47 -26.27
N VAL B 40 2.78 25.61 -27.23
CA VAL B 40 2.12 25.57 -28.52
C VAL B 40 1.28 24.31 -28.71
N TYR B 41 1.82 23.15 -28.28
CA TYR B 41 1.08 21.89 -28.44
C TYR B 41 0.31 21.53 -27.19
N VAL B 42 -0.99 21.34 -27.34
CA VAL B 42 -1.85 20.94 -26.25
C VAL B 42 -2.91 19.97 -26.78
N ASN B 43 -3.24 18.93 -26.00
CA ASN B 43 -4.25 17.97 -26.44
C ASN B 43 -5.58 18.23 -25.72
N GLN B 44 -6.66 17.70 -26.26
CA GLN B 44 -7.99 17.88 -25.67
C GLN B 44 -8.06 17.28 -24.26
N GLY B 45 -7.42 16.13 -24.07
CA GLY B 45 -7.43 15.46 -22.77
C GLY B 45 -6.83 16.35 -21.69
N PHE B 46 -5.94 17.24 -22.10
CA PHE B 46 -5.28 18.14 -21.17
C PHE B 46 -6.32 19.00 -20.45
N VAL B 47 -7.28 19.48 -21.24
CA VAL B 47 -8.34 20.33 -20.72
C VAL B 47 -9.18 19.61 -19.68
N GLN B 48 -9.56 18.37 -19.97
CA GLN B 48 -10.38 17.62 -19.03
C GLN B 48 -9.60 17.38 -17.74
N MET B 49 -8.34 16.99 -17.87
CA MET B 49 -7.49 16.73 -16.70
C MET B 49 -7.25 17.97 -15.84
N THR B 50 -7.00 19.12 -16.47
CA THR B 50 -6.74 20.34 -15.69
C THR B 50 -8.01 21.16 -15.47
N GLY B 51 -9.02 20.89 -16.26
CA GLY B 51 -10.30 21.57 -16.12
C GLY B 51 -10.19 23.00 -16.65
N TYR B 52 -9.17 23.22 -17.46
CA TYR B 52 -8.92 24.54 -18.08
C TYR B 52 -9.15 24.47 -19.58
N GLU B 53 -9.65 25.55 -20.16
CA GLU B 53 -9.91 25.58 -21.58
C GLU B 53 -8.61 25.68 -22.39
N THR B 54 -8.62 25.10 -23.57
CA THR B 54 -7.43 25.06 -24.44
C THR B 54 -6.98 26.48 -24.83
N GLU B 55 -7.94 27.35 -25.09
CA GLU B 55 -7.61 28.70 -25.50
C GLU B 55 -6.83 29.46 -24.41
N GLU B 56 -7.22 29.27 -23.15
CA GLU B 56 -6.53 29.91 -22.02
C GLU B 56 -5.17 29.28 -21.69
N ILE B 57 -5.02 27.97 -21.90
CA ILE B 57 -3.74 27.31 -21.63
C ILE B 57 -2.71 27.84 -22.62
N LEU B 58 -2.86 27.43 -23.87
CA LEU B 58 -2.02 27.92 -24.95
C LEU B 58 -1.69 29.42 -24.76
N GLY B 59 -0.41 29.76 -24.89
CA GLY B 59 0.05 31.14 -24.73
C GLY B 59 0.58 31.44 -23.32
N LYS B 60 0.34 30.51 -22.38
CA LYS B 60 0.71 30.77 -20.98
C LYS B 60 1.42 29.57 -20.34
N ASN B 61 2.30 29.89 -19.39
CA ASN B 61 3.05 28.88 -18.67
C ASN B 61 2.18 28.22 -17.60
N CYS B 62 2.50 26.97 -17.26
CA CYS B 62 1.74 26.20 -16.27
C CYS B 62 1.80 26.82 -14.87
N ARG B 63 2.37 28.02 -14.79
CA ARG B 63 2.54 28.72 -13.51
C ARG B 63 1.20 28.96 -12.79
N PHE B 64 0.12 29.16 -13.52
CA PHE B 64 -1.19 29.37 -12.90
C PHE B 64 -1.63 28.18 -12.03
N LEU B 65 -1.22 26.97 -12.38
CA LEU B 65 -1.61 25.79 -11.62
C LEU B 65 -1.08 25.89 -10.19
N GLN B 66 0.16 26.33 -10.05
CA GLN B 66 0.79 26.44 -8.76
C GLN B 66 -0.13 27.19 -7.79
N GLY B 67 -0.07 26.79 -6.52
CA GLY B 67 -0.84 27.47 -5.45
C GLY B 67 -0.23 27.26 -4.05
N LYS B 68 -1.08 27.32 -3.04
CA LYS B 68 -0.63 27.23 -1.63
C LYS B 68 0.10 25.92 -1.35
N HIS B 69 -0.43 24.84 -1.90
CA HIS B 69 0.15 23.51 -1.67
C HIS B 69 1.41 23.31 -2.50
N THR B 70 1.70 24.22 -3.42
CA THR B 70 2.87 24.09 -4.24
C THR B 70 4.12 24.09 -3.37
N ASP B 71 5.02 23.17 -3.64
CA ASP B 71 6.23 23.04 -2.84
C ASP B 71 7.35 23.88 -3.46
N PRO B 72 7.78 24.96 -2.84
CA PRO B 72 8.84 25.81 -3.43
C PRO B 72 10.11 24.99 -3.76
N ALA B 73 10.44 24.05 -2.87
CA ALA B 73 11.66 23.27 -3.05
C ALA B 73 11.62 22.52 -4.36
N GLU B 74 10.45 21.98 -4.68
CA GLU B 74 10.27 21.28 -5.94
C GLU B 74 10.38 22.27 -7.10
N VAL B 75 9.83 23.47 -6.90
CA VAL B 75 9.90 24.50 -7.93
C VAL B 75 11.37 24.87 -8.21
N ASP B 76 12.14 25.07 -7.15
CA ASP B 76 13.54 25.44 -7.27
C ASP B 76 14.34 24.34 -7.96
N ASN B 77 14.01 23.08 -7.69
CA ASN B 77 14.74 22.01 -8.34
C ASN B 77 14.52 22.10 -9.85
N ILE B 78 13.28 22.38 -10.25
CA ILE B 78 12.97 22.49 -11.68
C ILE B 78 13.72 23.64 -12.30
N ARG B 79 13.77 24.76 -11.62
CA ARG B 79 14.46 25.94 -12.12
C ARG B 79 15.95 25.60 -12.26
N THR B 80 16.48 24.90 -11.25
CA THR B 80 17.89 24.52 -11.27
C THR B 80 18.18 23.62 -12.48
N ALA B 81 17.32 22.62 -12.71
CA ALA B 81 17.53 21.67 -13.80
C ALA B 81 17.54 22.30 -15.18
N LEU B 82 16.64 23.25 -15.43
CA LEU B 82 16.59 23.88 -16.73
C LEU B 82 17.89 24.60 -17.01
N GLN B 83 18.39 25.29 -15.99
CA GLN B 83 19.64 26.03 -16.12
C GLN B 83 20.76 25.03 -16.42
N ASN B 84 20.62 23.85 -15.83
CA ASN B 84 21.60 22.77 -16.03
C ASN B 84 21.19 21.88 -17.21
N LYS B 85 20.17 22.29 -17.96
CA LYS B 85 19.79 21.53 -19.16
C LYS B 85 19.86 20.02 -18.92
N GLU B 86 19.41 19.58 -17.75
CA GLU B 86 19.41 18.15 -17.42
C GLU B 86 18.00 17.70 -17.03
N PRO B 87 17.58 16.51 -17.43
CA PRO B 87 16.20 16.05 -17.12
C PRO B 87 15.91 15.92 -15.62
N VAL B 88 14.70 16.30 -15.22
CA VAL B 88 14.34 16.24 -13.80
C VAL B 88 12.91 15.76 -13.59
N THR B 89 12.74 14.86 -12.62
CA THR B 89 11.39 14.33 -12.31
C THR B 89 11.03 14.66 -10.86
N VAL B 90 9.93 15.38 -10.68
CA VAL B 90 9.47 15.77 -9.34
C VAL B 90 7.96 15.65 -9.21
N GLN B 91 7.45 15.63 -7.97
CA GLN B 91 6.00 15.61 -7.74
C GLN B 91 5.57 16.92 -7.08
N ILE B 92 4.69 17.63 -7.78
CA ILE B 92 4.25 18.95 -7.35
C ILE B 92 2.73 19.05 -7.27
N GLN B 93 2.25 19.57 -6.15
CA GLN B 93 0.82 19.77 -5.94
C GLN B 93 0.33 20.94 -6.80
N ASN B 94 -0.92 20.85 -7.28
CA ASN B 94 -1.47 21.87 -8.15
C ASN B 94 -2.94 22.16 -7.78
N TYR B 95 -3.53 23.08 -8.53
CA TYR B 95 -4.95 23.46 -8.36
C TYR B 95 -5.69 23.43 -9.69
N LYS B 96 -6.99 23.12 -9.65
CA LYS B 96 -7.80 23.10 -10.87
C LYS B 96 -8.71 24.32 -10.92
N LYS B 97 -9.52 24.40 -11.97
CA LYS B 97 -10.42 25.53 -12.14
C LYS B 97 -11.40 25.63 -10.98
N ASP B 98 -11.88 24.51 -10.43
CA ASP B 98 -12.80 24.57 -9.29
C ASP B 98 -12.06 24.63 -7.93
N GLY B 99 -10.73 24.60 -7.94
CA GLY B 99 -9.97 24.68 -6.70
C GLY B 99 -9.64 23.31 -6.14
N THR B 100 -9.97 22.27 -6.88
CA THR B 100 -9.65 20.93 -6.43
C THR B 100 -8.14 20.74 -6.45
N MET B 101 -7.59 20.29 -5.35
CA MET B 101 -6.14 20.06 -5.25
C MET B 101 -5.86 18.64 -5.74
N PHE B 102 -4.74 18.45 -6.42
CA PHE B 102 -4.38 17.11 -6.91
C PHE B 102 -2.87 17.03 -7.07
N TRP B 103 -2.33 15.83 -7.19
CA TRP B 103 -0.88 15.68 -7.35
C TRP B 103 -0.53 15.52 -8.82
N ASN B 104 0.55 16.20 -9.21
CA ASN B 104 0.97 16.21 -10.61
C ASN B 104 2.47 15.94 -10.79
N GLU B 105 2.79 14.78 -11.35
CA GLU B 105 4.18 14.44 -11.56
C GLU B 105 4.70 15.13 -12.81
N LEU B 106 5.77 15.90 -12.68
CA LEU B 106 6.33 16.65 -13.82
C LEU B 106 7.68 16.10 -14.26
N ASN B 107 7.78 15.76 -15.54
CA ASN B 107 9.03 15.29 -16.14
C ASN B 107 9.43 16.25 -17.26
N ILE B 108 10.66 16.75 -17.19
CA ILE B 108 11.19 17.68 -18.19
C ILE B 108 12.46 17.09 -18.78
N ASP B 109 12.59 17.11 -20.11
CA ASP B 109 13.78 16.58 -20.77
C ASP B 109 14.12 17.45 -21.99
N PRO B 110 15.32 18.00 -22.08
CA PRO B 110 15.74 18.88 -23.23
C PRO B 110 15.91 18.10 -24.52
N MET B 111 15.70 18.77 -25.66
CA MET B 111 15.88 18.09 -26.94
C MET B 111 16.82 18.94 -27.81
N GLU B 112 17.67 18.28 -28.59
CA GLU B 112 18.58 18.98 -29.50
C GLU B 112 18.13 18.63 -30.90
N ILE B 113 17.51 19.57 -31.62
CA ILE B 113 17.07 19.32 -32.99
C ILE B 113 17.43 20.47 -33.94
N GLU B 114 18.09 20.14 -35.04
CA GLU B 114 18.47 21.15 -36.03
C GLU B 114 19.19 22.30 -35.33
N ASP B 115 20.02 21.96 -34.35
CA ASP B 115 20.78 22.95 -33.60
C ASP B 115 19.83 23.91 -32.87
N LYS B 116 18.71 23.37 -32.41
CA LYS B 116 17.74 24.14 -31.64
C LYS B 116 17.34 23.33 -30.39
N THR B 117 17.02 24.02 -29.31
CA THR B 117 16.66 23.35 -28.06
C THR B 117 15.16 23.34 -27.88
N TYR B 118 14.61 22.37 -27.16
CA TYR B 118 13.17 22.27 -26.96
C TYR B 118 12.83 21.67 -25.58
N PHE B 119 11.71 22.12 -25.00
CA PHE B 119 11.32 21.63 -23.66
C PHE B 119 9.94 20.99 -23.70
N VAL B 120 9.78 19.87 -23.00
CA VAL B 120 8.51 19.12 -23.01
C VAL B 120 8.07 18.88 -21.58
N GLY B 121 6.79 19.13 -21.32
CA GLY B 121 6.24 18.94 -19.99
C GLY B 121 5.31 17.73 -19.97
N ILE B 122 5.61 16.77 -19.10
CA ILE B 122 4.79 15.56 -19.00
C ILE B 122 4.12 15.55 -17.65
N GLN B 123 2.80 15.38 -17.64
CA GLN B 123 2.05 15.34 -16.38
C GLN B 123 1.38 13.98 -16.25
N ASN B 124 1.71 13.29 -15.17
CA ASN B 124 1.15 11.96 -14.90
C ASN B 124 0.43 12.01 -13.55
N ASP B 125 -0.86 11.74 -13.60
CA ASP B 125 -1.71 11.77 -12.42
C ASP B 125 -1.39 10.65 -11.42
N ILE B 126 -1.33 10.99 -10.11
CA ILE B 126 -1.05 10.02 -9.04
C ILE B 126 -2.38 9.77 -8.25
N THR B 127 -3.48 10.15 -8.89
CA THR B 127 -4.85 9.95 -8.36
C THR B 127 -5.22 8.46 -8.20
N LYS B 128 -4.89 7.64 -9.21
CA LYS B 128 -5.24 6.22 -9.18
C LYS B 128 -4.53 5.57 -8.00
N GLN B 129 -3.26 5.88 -7.86
CA GLN B 129 -2.41 5.33 -6.79
C GLN B 129 -2.92 5.75 -5.38
N LYS B 130 -3.43 6.97 -5.37
CA LYS B 130 -4.05 7.49 -4.17
C LYS B 130 -5.27 6.69 -3.81
N GLU B 131 -6.05 6.32 -4.81
CA GLU B 131 -7.24 5.55 -4.53
C GLU B 131 -6.81 4.21 -3.97
N TYR B 132 -5.76 3.60 -4.53
CA TYR B 132 -5.27 2.32 -4.06
C TYR B 132 -4.82 2.40 -2.60
N GLU B 133 -4.09 3.44 -2.23
CA GLU B 133 -3.62 3.55 -0.86
C GLU B 133 -4.82 3.71 0.08
N LYS B 134 -5.84 4.43 -0.40
CA LYS B 134 -7.07 4.64 0.36
C LYS B 134 -7.78 3.30 0.59
N LEU B 135 -7.77 2.44 -0.42
CA LEU B 135 -8.41 1.13 -0.31
C LEU B 135 -7.73 0.32 0.80
N LEU B 136 -6.40 0.42 0.81
CA LEU B 136 -5.58 -0.26 1.82
C LEU B 136 -5.89 0.24 3.24
N GLU B 137 -6.05 1.55 3.30
CA GLU B 137 -6.31 2.22 4.57
C GLU B 137 -7.66 1.80 5.13
N ASP B 138 -8.64 1.62 4.25
CA ASP B 138 -9.94 1.16 4.70
C ASP B 138 -9.82 -0.25 5.31
N SER B 139 -9.04 -1.12 4.62
CA SER B 139 -8.85 -2.49 5.12
C SER B 139 -8.19 -2.45 6.50
N LEU B 140 -7.18 -1.59 6.62
CA LEU B 140 -6.43 -1.48 7.86
C LEU B 140 -7.37 -1.03 8.96
N THR B 141 -8.25 -0.11 8.61
CA THR B 141 -9.23 0.39 9.57
C THR B 141 -10.17 -0.72 10.06
N GLU B 142 -10.68 -1.56 9.16
CA GLU B 142 -11.55 -2.66 9.59
C GLU B 142 -10.72 -3.63 10.41
N ILE B 143 -9.53 -3.88 9.91
CA ILE B 143 -8.58 -4.78 10.56
C ILE B 143 -8.16 -4.22 11.93
N THR B 144 -7.89 -2.92 11.99
CA THR B 144 -7.46 -2.31 13.25
C THR B 144 -8.51 -2.43 14.36
N ALA B 145 -9.79 -2.16 14.06
CA ALA B 145 -10.81 -2.30 15.09
C ALA B 145 -10.92 -3.75 15.52
N LEU B 146 -10.86 -4.66 14.55
CA LEU B 146 -10.87 -6.10 14.80
C LEU B 146 -9.62 -6.57 15.57
N SER B 147 -8.44 -6.05 15.21
CA SER B 147 -7.23 -6.47 15.89
C SER B 147 -7.35 -6.09 17.31
N THR B 148 -7.88 -4.88 17.57
CA THR B 148 -8.14 -4.42 18.95
C THR B 148 -8.37 -5.61 19.87
N PRO B 149 -7.32 -6.16 20.41
CA PRO B 149 -7.44 -7.37 21.27
C PRO B 149 -8.28 -7.21 22.53
N ILE B 150 -8.97 -8.30 22.90
CA ILE B 150 -9.71 -8.34 24.16
C ILE B 150 -9.25 -9.61 24.90
N VAL B 151 -8.72 -9.42 26.08
CA VAL B 151 -8.22 -10.56 26.86
C VAL B 151 -8.32 -10.27 28.35
N PRO B 152 -9.38 -10.67 29.03
CA PRO B 152 -9.49 -10.37 30.48
C PRO B 152 -8.34 -11.05 31.23
N ILE B 153 -7.81 -10.40 32.25
CA ILE B 153 -6.73 -10.99 33.02
C ILE B 153 -7.29 -12.07 33.96
N ARG B 154 -8.09 -11.64 34.94
CA ARG B 154 -8.75 -12.58 35.87
C ARG B 154 -10.23 -12.20 35.97
N ASN B 155 -10.87 -12.60 37.05
CA ASN B 155 -12.27 -12.29 37.25
C ASN B 155 -12.41 -10.91 37.85
N GLY B 156 -12.93 -9.97 37.06
CA GLY B 156 -13.07 -8.58 37.52
C GLY B 156 -11.94 -7.70 36.97
N ILE B 157 -10.85 -8.34 36.55
CA ILE B 157 -9.68 -7.62 36.07
C ILE B 157 -9.53 -7.76 34.55
N SER B 158 -9.47 -6.60 33.88
CA SER B 158 -9.30 -6.54 32.43
C SER B 158 -8.26 -5.48 32.04
N ALA B 159 -7.55 -5.70 30.94
CA ALA B 159 -6.54 -4.75 30.49
C ALA B 159 -6.69 -4.49 29.00
N LEU B 160 -6.40 -3.27 28.58
CA LEU B 160 -6.50 -2.91 27.16
C LEU B 160 -5.29 -2.06 26.78
N PRO B 161 -4.16 -2.69 26.53
CA PRO B 161 -2.88 -1.97 26.20
C PRO B 161 -2.87 -1.34 24.82
N LEU B 162 -2.13 -0.22 24.69
CA LEU B 162 -2.01 0.50 23.41
C LEU B 162 -0.55 0.42 22.94
N VAL B 163 -0.37 0.14 21.66
CA VAL B 163 0.96 0.08 21.06
C VAL B 163 0.95 0.92 19.78
N GLY B 164 1.93 1.78 19.58
CA GLY B 164 1.99 2.59 18.36
C GLY B 164 1.80 4.08 18.67
N ASN B 165 2.04 4.94 17.66
CA ASN B 165 1.94 6.40 17.87
C ASN B 165 0.53 6.96 17.60
N LEU B 166 -0.17 7.31 18.67
CA LEU B 166 -1.56 7.76 18.55
C LEU B 166 -1.75 9.06 17.76
N THR B 167 -2.24 8.88 16.51
CA THR B 167 -2.53 9.99 15.61
C THR B 167 -3.93 10.55 15.89
N GLU B 168 -4.21 11.69 15.26
CA GLU B 168 -5.52 12.31 15.38
C GLU B 168 -6.59 11.44 14.72
N GLU B 169 -6.26 10.81 13.60
CA GLU B 169 -7.22 9.98 12.86
C GLU B 169 -7.61 8.71 13.67
N ARG B 170 -6.57 8.16 14.29
CA ARG B 170 -6.69 6.97 15.15
C ARG B 170 -7.59 7.25 16.38
N PHE B 171 -7.51 8.46 16.87
CA PHE B 171 -8.27 8.88 18.04
C PHE B 171 -9.79 8.67 17.91
N ASN B 172 -10.31 8.65 16.69
CA ASN B 172 -11.74 8.40 16.52
C ASN B 172 -12.13 7.02 17.03
N SER B 173 -11.28 6.02 16.77
CA SER B 173 -11.57 4.66 17.22
C SER B 173 -11.68 4.61 18.75
N ILE B 174 -10.78 5.33 19.42
CA ILE B 174 -10.73 5.35 20.89
C ILE B 174 -11.99 5.95 21.53
N VAL B 175 -12.46 7.07 20.99
CA VAL B 175 -13.65 7.71 21.55
C VAL B 175 -14.83 6.76 21.43
N CYS B 176 -14.91 6.07 20.30
CA CYS B 176 -15.97 5.09 20.08
C CYS B 176 -15.88 3.96 21.11
N THR B 177 -14.65 3.60 21.47
CA THR B 177 -14.41 2.53 22.45
C THR B 177 -15.06 2.88 23.79
N LEU B 178 -15.31 4.16 23.98
CA LEU B 178 -15.86 4.66 25.23
C LEU B 178 -17.22 4.02 25.47
N THR B 179 -18.00 3.88 24.41
CA THR B 179 -19.30 3.23 24.49
C THR B 179 -19.14 1.76 24.94
N ASN B 180 -18.17 1.04 24.37
CA ASN B 180 -17.93 -0.37 24.72
C ASN B 180 -17.55 -0.49 26.21
N ILE B 181 -16.73 0.43 26.69
CA ILE B 181 -16.29 0.37 28.07
C ILE B 181 -17.49 0.33 29.03
N LEU B 182 -18.59 0.96 28.64
CA LEU B 182 -19.78 0.92 29.47
C LEU B 182 -20.27 -0.51 29.59
N SER B 183 -20.24 -1.26 28.49
CA SER B 183 -20.65 -2.66 28.54
C SER B 183 -19.71 -3.47 29.42
N THR B 184 -18.43 -3.07 29.47
CA THR B 184 -17.44 -3.80 30.26
C THR B 184 -17.42 -3.33 31.70
N SER B 185 -18.47 -2.63 32.11
CA SER B 185 -18.56 -2.08 33.47
C SER B 185 -18.50 -3.19 34.52
N LYS B 186 -18.73 -4.42 34.11
CA LYS B 186 -18.68 -5.54 35.03
C LYS B 186 -17.27 -5.68 35.62
N ASP B 187 -16.24 -5.49 34.80
CA ASP B 187 -14.86 -5.65 35.26
C ASP B 187 -14.49 -4.53 36.22
N ASP B 188 -14.27 -4.92 37.47
CA ASP B 188 -13.94 -3.97 38.54
C ASP B 188 -12.63 -3.23 38.30
N TYR B 189 -11.61 -3.95 37.83
CA TYR B 189 -10.31 -3.34 37.62
C TYR B 189 -9.97 -3.29 36.13
N LEU B 190 -9.56 -2.11 35.67
CA LEU B 190 -9.15 -1.94 34.27
C LEU B 190 -7.73 -1.39 34.15
N ILE B 191 -6.82 -2.14 33.52
CA ILE B 191 -5.42 -1.70 33.41
C ILE B 191 -5.09 -1.27 32.00
N ILE B 192 -4.54 -0.05 31.86
CA ILE B 192 -4.18 0.46 30.53
C ILE B 192 -2.67 0.69 30.35
N ASP B 193 -2.05 -0.04 29.41
CA ASP B 193 -0.61 0.06 29.20
C ASP B 193 -0.25 1.15 28.20
N LEU B 194 0.34 2.23 28.70
CA LEU B 194 0.82 3.32 27.82
C LEU B 194 2.27 3.07 27.38
N SER B 195 2.88 2.00 27.90
CA SER B 195 4.27 1.68 27.55
C SER B 195 4.42 1.43 26.06
N GLY B 196 3.43 0.80 25.45
CA GLY B 196 3.51 0.53 24.03
C GLY B 196 3.62 1.83 23.29
N LEU B 197 2.99 2.88 23.79
CA LEU B 197 3.00 4.16 23.09
C LEU B 197 4.32 4.86 23.35
N ALA B 198 4.93 5.39 22.28
CA ALA B 198 6.22 6.02 22.45
C ALA B 198 6.10 7.24 23.34
N GLN B 199 5.06 8.07 23.13
CA GLN B 199 4.88 9.27 23.94
C GLN B 199 3.41 9.50 24.36
N VAL B 200 3.18 10.39 25.31
CA VAL B 200 1.80 10.69 25.70
C VAL B 200 1.53 12.18 25.51
N ASN B 201 0.41 12.50 24.87
CA ASN B 201 0.05 13.88 24.58
C ASN B 201 -0.81 14.47 25.72
N GLU B 202 -0.68 15.77 25.93
CA GLU B 202 -1.40 16.47 26.99
C GLU B 202 -2.92 16.34 26.81
N GLN B 203 -3.38 16.29 25.57
CA GLN B 203 -4.81 16.13 25.28
C GLN B 203 -5.28 14.77 25.80
N THR B 204 -4.37 13.80 25.74
CA THR B 204 -4.65 12.45 26.21
C THR B 204 -5.01 12.47 27.70
N ALA B 205 -4.24 13.21 28.48
CA ALA B 205 -4.46 13.27 29.91
C ALA B 205 -5.87 13.77 30.24
N ASP B 206 -6.45 14.58 29.37
CA ASP B 206 -7.82 15.03 29.57
C ASP B 206 -8.78 13.84 29.48
N GLN B 207 -8.49 12.93 28.55
CA GLN B 207 -9.29 11.71 28.36
C GLN B 207 -9.18 10.77 29.55
N ILE B 208 -8.00 10.66 30.12
CA ILE B 208 -7.79 9.75 31.24
C ILE B 208 -8.64 10.18 32.44
N PHE B 209 -8.63 11.50 32.67
CA PHE B 209 -9.44 12.10 33.73
C PHE B 209 -10.95 11.90 33.54
N LYS B 210 -11.45 12.06 32.31
CA LYS B 210 -12.88 11.86 32.08
C LYS B 210 -13.24 10.40 32.38
N LEU B 211 -12.37 9.49 31.93
CA LEU B 211 -12.59 8.06 32.14
C LEU B 211 -12.62 7.68 33.62
N SER B 212 -11.72 8.22 34.42
CA SER B 212 -11.71 7.89 35.85
C SER B 212 -12.99 8.33 36.55
N HIS B 213 -13.51 9.48 36.14
CA HIS B 213 -14.76 9.99 36.71
C HIS B 213 -15.97 9.12 36.36
N LEU B 214 -16.08 8.75 35.07
CA LEU B 214 -17.15 7.87 34.63
C LEU B 214 -17.03 6.50 35.30
N LEU B 215 -15.78 6.04 35.34
CA LEU B 215 -15.45 4.76 35.96
C LEU B 215 -15.79 4.75 37.46
N LYS B 216 -15.42 5.82 38.15
CA LYS B 216 -15.60 5.91 39.60
C LYS B 216 -17.10 5.84 39.96
N LEU B 217 -17.94 6.49 39.15
CA LEU B 217 -19.39 6.42 39.36
C LEU B 217 -19.91 4.99 39.17
N THR B 218 -19.40 4.33 38.13
CA THR B 218 -19.81 2.96 37.81
C THR B 218 -19.19 1.98 38.80
N GLY B 219 -18.16 2.47 39.50
CA GLY B 219 -17.46 1.63 40.46
C GLY B 219 -16.49 0.77 39.67
N THR B 220 -15.46 1.39 39.10
CA THR B 220 -14.45 0.62 38.37
C THR B 220 -13.05 1.23 38.43
N GLU B 221 -12.20 0.67 39.27
CA GLU B 221 -10.86 1.24 39.46
C GLU B 221 -10.08 1.23 38.14
N LEU B 222 -9.34 2.32 37.92
CA LEU B 222 -8.52 2.46 36.69
C LEU B 222 -7.03 2.56 37.00
N ILE B 223 -6.26 1.64 36.43
CA ILE B 223 -4.81 1.60 36.65
C ILE B 223 -4.07 2.01 35.39
N ILE B 224 -3.14 2.97 35.55
CA ILE B 224 -2.34 3.45 34.41
C ILE B 224 -0.90 2.99 34.56
N THR B 225 -0.33 2.34 33.53
CA THR B 225 1.05 1.85 33.62
C THR B 225 1.87 2.20 32.39
N GLY B 226 3.17 2.20 32.61
CA GLY B 226 4.11 2.53 31.57
C GLY B 226 4.37 4.01 31.53
N ILE B 227 4.09 4.71 32.62
CA ILE B 227 4.31 6.14 32.65
C ILE B 227 5.76 6.48 33.01
N LYS B 228 6.38 7.27 32.15
CA LYS B 228 7.77 7.64 32.34
C LYS B 228 7.92 8.51 33.60
N PRO B 229 8.94 8.32 34.42
CA PRO B 229 9.13 9.14 35.64
C PRO B 229 9.17 10.64 35.34
N GLU B 230 9.78 11.02 34.20
CA GLU B 230 9.87 12.44 33.87
C GLU B 230 8.47 12.98 33.66
N LEU B 231 7.65 12.22 32.95
CA LEU B 231 6.27 12.59 32.66
C LEU B 231 5.43 12.74 33.94
N ALA B 232 5.61 11.83 34.89
CA ALA B 232 4.85 11.89 36.15
C ALA B 232 5.19 13.14 36.95
N MET B 233 6.44 13.56 36.90
CA MET B 233 6.85 14.76 37.62
C MET B 233 6.13 15.97 37.03
N LYS B 234 6.01 16.01 35.71
CA LYS B 234 5.33 17.12 35.03
C LYS B 234 3.85 17.14 35.47
N MET B 235 3.26 15.96 35.53
CA MET B 235 1.86 15.78 35.91
C MET B 235 1.60 16.20 37.36
N ASN B 236 2.57 15.96 38.23
CA ASN B 236 2.43 16.28 39.63
C ASN B 236 2.22 17.77 39.81
N LYS B 237 2.96 18.56 39.04
CA LYS B 237 2.81 19.99 39.09
C LYS B 237 1.41 20.40 38.67
N LEU B 238 0.90 19.81 37.59
CA LEU B 238 -0.44 20.16 37.09
C LEU B 238 -1.54 19.84 38.13
N ASP B 239 -1.47 18.67 38.74
CA ASP B 239 -2.48 18.27 39.72
C ASP B 239 -1.98 17.19 40.64
N ALA B 240 -2.19 17.32 41.96
CA ALA B 240 -1.76 16.25 42.85
C ALA B 240 -2.55 15.01 42.47
N ASN B 241 -3.86 15.18 42.33
CA ASN B 241 -4.79 14.09 42.04
C ASN B 241 -4.24 13.11 41.02
N PHE B 242 -3.25 13.51 40.24
CA PHE B 242 -2.68 12.61 39.27
C PHE B 242 -2.06 11.41 39.99
N SER B 243 -1.31 11.69 41.07
CA SER B 243 -0.66 10.60 41.80
C SER B 243 -1.76 9.65 42.25
N SER B 244 -2.84 10.19 42.77
CA SER B 244 -3.98 9.40 43.23
C SER B 244 -4.16 8.09 42.50
N LEU B 245 -3.91 8.05 41.20
CA LEU B 245 -4.10 6.81 40.45
C LEU B 245 -2.84 5.99 40.48
N LYS B 246 -2.97 4.69 40.75
CA LYS B 246 -1.80 3.83 40.88
C LYS B 246 -1.04 3.79 39.56
N THR B 247 0.28 3.92 39.68
CA THR B 247 1.16 3.87 38.52
C THR B 247 2.26 2.84 38.69
N TYR B 248 2.42 1.96 37.70
CA TYR B 248 3.47 0.95 37.73
C TYR B 248 4.48 1.23 36.63
N SER B 249 5.74 0.95 36.90
CA SER B 249 6.81 1.21 35.94
C SER B 249 6.63 0.36 34.69
N ASN B 250 6.10 -0.85 34.89
CA ASN B 250 5.87 -1.78 33.79
C ASN B 250 4.65 -2.66 34.03
N VAL B 251 4.14 -3.22 32.94
CA VAL B 251 2.99 -4.15 33.00
C VAL B 251 3.33 -5.43 33.76
N LYS B 252 4.50 -6.00 33.48
CA LYS B 252 4.88 -7.24 34.14
C LYS B 252 4.96 -7.02 35.65
N ASP B 253 5.60 -5.92 36.02
CA ASP B 253 5.74 -5.58 37.43
C ASP B 253 4.41 -5.37 38.12
N ALA B 254 3.48 -4.66 37.49
CA ALA B 254 2.17 -4.46 38.11
C ALA B 254 1.41 -5.76 38.23
N VAL B 255 1.51 -6.60 37.20
CA VAL B 255 0.82 -7.87 37.24
C VAL B 255 1.38 -8.76 38.33
N LYS B 256 2.71 -8.85 38.43
CA LYS B 256 3.32 -9.72 39.44
C LYS B 256 2.94 -9.28 40.88
N VAL B 257 3.11 -7.97 41.12
CA VAL B 257 2.79 -7.40 42.42
C VAL B 257 1.29 -7.52 42.73
N LEU B 258 0.43 -7.28 41.74
CA LEU B 258 -1.01 -7.33 41.98
C LEU B 258 -1.37 -8.38 43.04
N PRO B 259 -1.28 -9.67 42.74
CA PRO B 259 -1.64 -10.73 43.72
C PRO B 259 -0.75 -10.67 44.95
N ILE B 260 -1.29 -10.88 46.16
CA ILE B 260 -0.44 -10.89 47.38
C ILE B 260 -1.13 -11.61 48.56
N MET B 261 -2.43 -11.87 48.45
CA MET B 261 -3.14 -12.55 49.53
C MET B 261 -4.24 -13.45 48.98
N1 FMN C . -0.42 -9.46 -25.89
C2 FMN C . 0.50 -9.40 -24.82
O2 FMN C . 0.57 -10.33 -24.02
N3 FMN C . 1.36 -8.30 -24.70
C4 FMN C . 1.31 -7.26 -25.64
O4 FMN C . 2.11 -6.34 -25.57
C4A FMN C . 0.38 -7.32 -26.68
N5 FMN C . 0.29 -6.30 -27.54
C5A FMN C . -0.66 -6.31 -28.50
C6 FMN C . -0.83 -5.19 -29.31
C7 FMN C . -1.88 -5.13 -30.22
C7M FMN C . -2.03 -4.00 -31.02
C8 FMN C . -2.77 -6.20 -30.30
C8M FMN C . -3.81 -6.18 -31.23
C9 FMN C . -2.61 -7.31 -29.48
C9A FMN C . -1.55 -7.37 -28.59
N10 FMN C . -1.35 -8.46 -27.82
C10 FMN C . -0.46 -8.41 -26.81
C1' FMN C . -2.06 -9.72 -28.11
C2' FMN C . -1.37 -10.36 -29.32
O2' FMN C . -0.63 -9.36 -30.03
C3' FMN C . -2.41 -10.99 -30.25
O3' FMN C . -3.35 -9.99 -30.66
C4' FMN C . -3.15 -12.10 -29.50
O4' FMN C . -2.20 -12.95 -28.85
C5' FMN C . -3.97 -12.93 -30.49
O5' FMN C . -3.09 -13.28 -31.56
P FMN C . -2.61 -14.80 -31.73
O1P FMN C . -1.21 -14.67 -32.21
O2P FMN C . -3.55 -15.36 -32.74
O3P FMN C . -2.74 -15.37 -30.38
HN3 FMN C . 2.01 -8.26 -23.95
H6 FMN C . -0.10 -4.37 -29.26
HM71 FMN C . -2.79 -3.35 -30.58
HM72 FMN C . -2.35 -4.31 -32.01
HM73 FMN C . -1.09 -3.48 -31.08
HM81 FMN C . -4.26 -5.19 -31.25
HM82 FMN C . -4.57 -6.91 -30.94
HM83 FMN C . -3.42 -6.43 -32.21
H9 FMN C . -3.30 -8.14 -29.56
H1'1 FMN C . -3.09 -9.60 -28.42
H1'2 FMN C . -1.91 -10.43 -27.30
H2' FMN C . -0.67 -11.14 -28.98
HO2' FMN C . -1.28 -8.75 -30.49
H3' FMN C . -1.92 -11.41 -31.13
HO3' FMN C . -2.87 -9.27 -31.17
H4' FMN C . -3.82 -11.66 -28.76
HO4' FMN C . -2.47 -13.07 -27.89
H5'1 FMN C . -4.80 -12.38 -30.95
H5'2 FMN C . -4.26 -13.87 -30.03
N1 FMN D . 4.62 23.26 -13.16
C2 FMN D . 3.52 22.65 -12.55
O2 FMN D . 3.27 22.84 -11.37
N3 FMN D . 2.67 21.83 -13.32
C4 FMN D . 2.94 21.64 -14.68
O4 FMN D . 2.15 20.97 -15.36
C4A FMN D . 4.04 22.25 -15.27
N5 FMN D . 4.33 22.00 -16.56
C5A FMN D . 5.44 22.52 -17.11
C6 FMN D . 5.78 22.18 -18.42
C7 FMN D . 6.99 22.60 -18.95
C7M FMN D . 7.32 22.25 -20.25
C8 FMN D . 7.85 23.37 -18.18
C8M FMN D . 9.05 23.84 -18.71
C9 FMN D . 7.50 23.72 -16.88
C9A FMN D . 6.30 23.29 -16.34
N10 FMN D . 5.93 23.65 -15.09
C10 FMN D . 4.88 23.06 -14.52
C1' FMN D . 6.65 24.73 -14.38
C2' FMN D . 6.19 26.06 -14.97
O2' FMN D . 5.65 25.82 -16.27
C3' FMN D . 7.39 27.01 -15.08
O3' FMN D . 8.41 26.42 -15.89
C4' FMN D . 7.94 27.30 -13.69
O4' FMN D . 6.86 27.62 -12.80
C5' FMN D . 8.92 28.47 -13.75
O5' FMN D . 8.25 29.52 -14.46
P FMN D . 7.79 30.85 -13.67
O1P FMN D . 6.51 31.20 -14.33
O2P FMN D . 8.89 31.80 -13.90
O3P FMN D . 7.64 30.39 -12.26
HN3 FMN D . 1.89 21.38 -12.89
H6 FMN D . 5.08 21.62 -19.03
HM71 FMN D . 7.99 21.39 -20.24
HM72 FMN D . 7.81 23.08 -20.75
HM73 FMN D . 6.41 21.98 -20.80
HM81 FMN D . 9.53 23.04 -19.29
HM82 FMN D . 9.71 24.14 -17.91
HM83 FMN D . 8.85 24.70 -19.36
H9 FMN D . 8.19 24.31 -16.28
H1'1 FMN D . 7.73 24.71 -14.52
H1'2 FMN D . 6.34 24.75 -13.33
H2' FMN D . 5.44 26.50 -14.32
HO2' FMN D . 6.38 25.59 -16.91
H3' FMN D . 7.06 27.95 -15.54
HO3' FMN D . 8.05 26.26 -16.81
H4' FMN D . 8.46 26.41 -13.31
HO4' FMN D . 6.95 27.08 -11.97
H5'1 FMN D . 9.82 28.26 -14.31
H5'2 FMN D . 9.09 28.85 -12.74
N GLY A 1 -9.22 17.05 -38.95
CA GLY A 1 -9.00 15.83 -39.78
C GLY A 1 -8.51 16.25 -41.16
N ALA A 2 -7.43 17.01 -41.20
CA ALA A 2 -6.86 17.47 -42.45
C ALA A 2 -5.41 17.87 -42.26
N SER A 3 -4.71 18.15 -43.35
CA SER A 3 -3.29 18.60 -43.29
C SER A 3 -3.18 20.06 -42.81
N PHE A 4 -4.33 20.73 -42.81
CA PHE A 4 -4.43 22.08 -42.27
C PHE A 4 -4.46 22.12 -40.73
N GLN A 5 -5.52 21.59 -40.15
CA GLN A 5 -5.69 21.55 -38.70
C GLN A 5 -4.67 20.63 -38.03
N SER A 6 -4.40 19.49 -38.67
CA SER A 6 -3.47 18.51 -38.09
C SER A 6 -2.11 19.15 -37.88
N PHE A 7 -1.68 19.95 -38.86
CA PHE A 7 -0.41 20.68 -38.75
C PHE A 7 0.79 19.81 -39.18
N GLY A 8 1.10 19.83 -40.48
CA GLY A 8 2.18 19.02 -41.02
C GLY A 8 3.52 19.41 -40.42
N ILE A 9 4.55 19.48 -41.28
CA ILE A 9 5.91 19.82 -40.84
C ILE A 9 6.60 18.60 -40.21
N PRO A 10 7.59 17.99 -40.85
CA PRO A 10 8.28 16.79 -40.29
C PRO A 10 9.00 17.09 -38.97
N GLY A 11 9.32 18.37 -38.74
CA GLY A 11 10.00 18.76 -37.50
C GLY A 11 9.14 18.49 -36.26
N GLN A 12 7.84 18.72 -36.41
CA GLN A 12 6.92 18.48 -35.30
C GLN A 12 6.88 16.98 -34.99
N LEU A 13 6.90 16.16 -36.04
CA LEU A 13 6.86 14.71 -35.90
C LEU A 13 8.08 14.15 -35.16
N GLU A 14 9.27 14.68 -35.48
CA GLU A 14 10.48 14.21 -34.84
C GLU A 14 10.39 14.51 -33.35
N VAL A 15 9.85 15.69 -32.99
CA VAL A 15 9.72 16.08 -31.59
C VAL A 15 8.84 15.10 -30.82
N ILE A 16 7.74 14.70 -31.42
CA ILE A 16 6.85 13.79 -30.72
C ILE A 16 7.58 12.47 -30.45
N LYS A 17 8.31 11.96 -31.45
CA LYS A 17 9.02 10.69 -31.23
C LYS A 17 10.07 10.79 -30.10
N LYS A 18 10.89 11.84 -30.09
CA LYS A 18 11.94 11.92 -29.07
C LYS A 18 11.30 11.92 -27.70
N ALA A 19 10.19 12.62 -27.56
CA ALA A 19 9.51 12.69 -26.27
C ALA A 19 9.10 11.27 -25.82
N LEU A 20 8.59 10.48 -26.75
CA LEU A 20 8.22 9.11 -26.46
C LEU A 20 9.47 8.30 -26.05
N ASP A 21 10.58 8.56 -26.75
CA ASP A 21 11.85 7.89 -26.48
C ASP A 21 12.40 8.19 -25.07
N HIS A 22 12.27 9.43 -24.62
CA HIS A 22 12.78 9.81 -23.29
C HIS A 22 12.16 8.97 -22.17
N VAL A 23 10.86 8.69 -22.28
CA VAL A 23 10.19 7.90 -21.25
C VAL A 23 9.76 6.56 -21.84
N ARG A 24 10.08 5.48 -21.13
CA ARG A 24 9.78 4.13 -21.61
C ARG A 24 8.29 3.81 -21.48
N VAL A 25 7.63 3.72 -22.65
CA VAL A 25 6.21 3.40 -22.70
C VAL A 25 6.01 2.49 -23.90
N GLY A 26 5.12 1.54 -23.78
CA GLY A 26 4.88 0.60 -24.84
C GLY A 26 3.65 0.96 -25.67
N VAL A 27 3.87 1.72 -26.73
CA VAL A 27 2.79 2.07 -27.64
C VAL A 27 3.23 1.64 -29.03
N VAL A 28 2.38 0.91 -29.75
CA VAL A 28 2.71 0.45 -31.09
C VAL A 28 1.51 0.64 -32.00
N ILE A 29 1.77 0.66 -33.32
CA ILE A 29 0.68 0.78 -34.29
C ILE A 29 0.70 -0.43 -35.18
N THR A 30 -0.46 -1.04 -35.33
CA THR A 30 -0.62 -2.22 -36.16
C THR A 30 -1.36 -1.79 -37.41
N ASP A 31 -1.39 -2.64 -38.42
CA ASP A 31 -2.10 -2.32 -39.65
C ASP A 31 -2.96 -3.49 -40.09
N PRO A 32 -4.27 -3.43 -39.91
CA PRO A 32 -5.16 -4.57 -40.28
C PRO A 32 -5.13 -4.83 -41.79
N ALA A 33 -4.79 -3.79 -42.56
CA ALA A 33 -4.74 -3.88 -44.01
C ALA A 33 -3.67 -4.89 -44.50
N LEU A 34 -2.56 -4.95 -43.78
CA LEU A 34 -1.49 -5.90 -44.11
C LEU A 34 -1.77 -7.27 -43.50
N GLU A 35 -1.18 -8.33 -44.07
CA GLU A 35 -1.44 -9.70 -43.61
C GLU A 35 -1.14 -9.90 -42.11
N ASP A 36 -2.06 -10.57 -41.42
CA ASP A 36 -1.91 -10.87 -39.99
C ASP A 36 -1.79 -9.62 -39.11
N ASN A 37 -2.30 -8.52 -39.63
CA ASN A 37 -2.19 -7.23 -38.94
C ASN A 37 -0.82 -7.07 -38.27
N PRO A 38 0.22 -6.92 -39.05
CA PRO A 38 1.61 -6.78 -38.56
C PRO A 38 1.85 -5.44 -37.86
N ILE A 39 2.84 -5.41 -36.97
CA ILE A 39 3.17 -4.18 -36.25
C ILE A 39 4.19 -3.39 -37.06
N VAL A 40 3.82 -2.15 -37.40
CA VAL A 40 4.68 -1.29 -38.21
C VAL A 40 5.41 -0.24 -37.37
N TYR A 41 4.68 0.42 -36.46
CA TYR A 41 5.31 1.48 -35.64
C TYR A 41 5.79 0.94 -34.32
N VAL A 42 7.07 1.16 -34.06
CA VAL A 42 7.68 0.77 -32.81
C VAL A 42 8.72 1.82 -32.40
N ASN A 43 8.78 2.15 -31.10
CA ASN A 43 9.75 3.13 -30.63
C ASN A 43 11.00 2.41 -30.10
N GLN A 44 12.08 3.16 -29.89
CA GLN A 44 13.31 2.57 -29.33
C GLN A 44 13.12 2.11 -27.89
N GLY A 45 12.38 2.91 -27.10
CA GLY A 45 12.14 2.59 -25.71
C GLY A 45 11.42 1.26 -25.59
N PHE A 46 10.71 0.85 -26.65
CA PHE A 46 9.99 -0.40 -26.57
C PHE A 46 11.05 -1.45 -26.31
N VAL A 47 12.15 -1.45 -27.06
CA VAL A 47 13.14 -2.52 -26.94
C VAL A 47 13.70 -2.61 -25.54
N GLN A 48 14.03 -1.49 -24.95
CA GLN A 48 14.57 -1.50 -23.60
C GLN A 48 13.57 -2.04 -22.58
N MET A 49 12.29 -1.72 -22.78
CA MET A 49 11.23 -2.25 -21.91
C MET A 49 11.01 -3.77 -22.04
N THR A 50 11.02 -4.27 -23.28
CA THR A 50 10.75 -5.70 -23.49
C THR A 50 12.05 -6.50 -23.56
N GLY A 51 13.13 -5.80 -23.84
CA GLY A 51 14.44 -6.43 -23.95
C GLY A 51 14.56 -7.18 -25.28
N TYR A 52 13.71 -6.80 -26.23
CA TYR A 52 13.71 -7.39 -27.58
C TYR A 52 14.14 -6.38 -28.63
N GLU A 53 14.98 -6.82 -29.55
CA GLU A 53 15.46 -5.96 -30.61
C GLU A 53 14.29 -5.49 -31.47
N THR A 54 14.38 -4.28 -31.98
CA THR A 54 13.33 -3.70 -32.82
C THR A 54 13.14 -4.45 -34.13
N GLU A 55 14.21 -5.00 -34.69
CA GLU A 55 14.06 -5.73 -35.94
C GLU A 55 13.23 -7.01 -35.74
N GLU A 56 13.49 -7.75 -34.66
CA GLU A 56 12.73 -8.96 -34.42
C GLU A 56 11.27 -8.60 -34.16
N ILE A 57 11.01 -7.57 -33.33
CA ILE A 57 9.62 -7.24 -32.97
C ILE A 57 8.76 -6.85 -34.15
N LEU A 58 9.22 -5.93 -35.00
CA LEU A 58 8.48 -5.58 -36.18
C LEU A 58 8.23 -6.86 -36.97
N GLY A 59 7.10 -6.91 -37.66
CA GLY A 59 6.79 -8.07 -38.49
C GLY A 59 6.20 -9.23 -37.70
N LYS A 60 6.10 -9.11 -36.38
CA LYS A 60 5.54 -10.21 -35.57
C LYS A 60 4.58 -9.69 -34.48
N ASN A 61 3.61 -10.53 -34.12
CA ASN A 61 2.62 -10.16 -33.12
C ASN A 61 3.17 -10.37 -31.72
N CYS A 62 2.67 -9.58 -30.79
CA CYS A 62 3.11 -9.65 -29.41
C CYS A 62 2.81 -11.02 -28.80
N ARG A 63 2.51 -12.01 -29.64
CA ARG A 63 2.20 -13.35 -29.13
C ARG A 63 3.40 -13.94 -28.38
N PHE A 64 4.60 -13.76 -28.91
CA PHE A 64 5.81 -14.31 -28.28
C PHE A 64 6.03 -13.88 -26.81
N LEU A 65 5.42 -12.78 -26.41
CA LEU A 65 5.51 -12.30 -25.02
C LEU A 65 4.79 -13.22 -24.03
N GLN A 66 3.69 -13.78 -24.49
CA GLN A 66 2.86 -14.68 -23.68
C GLN A 66 3.60 -15.94 -23.28
N GLY A 67 3.29 -16.48 -22.08
CA GLY A 67 3.99 -17.66 -21.58
C GLY A 67 3.15 -18.41 -20.54
N LYS A 68 3.82 -19.09 -19.61
CA LYS A 68 3.14 -19.89 -18.59
C LYS A 68 2.25 -19.04 -17.65
N HIS A 69 2.74 -17.87 -17.26
CA HIS A 69 2.01 -16.98 -16.35
C HIS A 69 0.89 -16.26 -17.09
N THR A 70 0.87 -16.39 -18.40
CA THR A 70 -0.17 -15.73 -19.19
C THR A 70 -1.53 -16.28 -18.80
N ASP A 71 -2.45 -15.38 -18.49
CA ASP A 71 -3.80 -15.77 -18.09
C ASP A 71 -4.67 -16.00 -19.32
N PRO A 72 -5.06 -17.23 -19.61
CA PRO A 72 -5.93 -17.52 -20.79
C PRO A 72 -7.26 -16.75 -20.77
N ALA A 73 -7.78 -16.48 -19.58
CA ALA A 73 -9.04 -15.76 -19.48
C ALA A 73 -8.92 -14.35 -20.03
N GLU A 74 -7.77 -13.71 -19.75
CA GLU A 74 -7.52 -12.37 -20.24
C GLU A 74 -7.42 -12.42 -21.78
N VAL A 75 -6.70 -13.43 -22.26
CA VAL A 75 -6.44 -13.60 -23.69
C VAL A 75 -7.77 -13.72 -24.39
N ASP A 76 -8.65 -14.52 -23.80
CA ASP A 76 -9.99 -14.73 -24.35
C ASP A 76 -10.83 -13.43 -24.37
N ASN A 77 -10.70 -12.61 -23.34
CA ASN A 77 -11.42 -11.35 -23.29
C ASN A 77 -10.97 -10.43 -24.43
N ILE A 78 -9.66 -10.45 -24.69
CA ILE A 78 -9.08 -9.63 -25.76
C ILE A 78 -9.61 -10.05 -27.15
N ARG A 79 -9.64 -11.35 -27.34
CA ARG A 79 -10.12 -11.95 -28.58
C ARG A 79 -11.59 -11.58 -28.77
N THR A 80 -12.36 -11.65 -27.66
CA THR A 80 -13.77 -11.31 -27.72
C THR A 80 -13.90 -9.83 -28.15
N ALA A 81 -13.13 -8.94 -27.48
CA ALA A 81 -13.31 -7.49 -27.68
C ALA A 81 -13.06 -7.11 -29.13
N LEU A 82 -12.03 -7.66 -29.76
CA LEU A 82 -11.69 -7.33 -31.16
C LEU A 82 -12.80 -7.74 -32.11
N GLN A 83 -13.39 -8.89 -31.84
CA GLN A 83 -14.48 -9.37 -32.66
C GLN A 83 -15.66 -8.40 -32.51
N ASN A 84 -15.78 -7.82 -31.31
CA ASN A 84 -16.87 -6.89 -31.02
C ASN A 84 -16.45 -5.47 -31.38
N LYS A 85 -15.21 -5.32 -31.82
CA LYS A 85 -14.69 -4.02 -32.21
C LYS A 85 -14.95 -2.98 -31.13
N GLU A 86 -14.79 -3.39 -29.87
CA GLU A 86 -15.02 -2.49 -28.74
C GLU A 86 -13.75 -2.40 -27.89
N PRO A 87 -13.43 -1.24 -27.32
CA PRO A 87 -12.20 -1.10 -26.49
C PRO A 87 -12.18 -2.00 -25.25
N VAL A 88 -11.00 -2.51 -24.92
CA VAL A 88 -10.84 -3.42 -23.78
C VAL A 88 -9.55 -3.10 -23.04
N THR A 89 -9.58 -3.20 -21.70
CA THR A 89 -8.37 -3.00 -20.92
C THR A 89 -8.19 -4.19 -19.97
N VAL A 90 -7.08 -4.90 -20.12
CA VAL A 90 -6.80 -6.03 -19.23
C VAL A 90 -5.32 -6.07 -18.83
N GLN A 91 -5.02 -6.75 -17.72
CA GLN A 91 -3.62 -6.89 -17.29
C GLN A 91 -3.17 -8.28 -17.70
N ILE A 92 -1.98 -8.50 -18.36
CA ILE A 92 -1.56 -9.84 -18.68
C ILE A 92 -0.04 -10.07 -18.45
N GLN A 93 0.26 -11.13 -17.73
CA GLN A 93 1.65 -11.50 -17.42
C GLN A 93 2.41 -11.83 -18.71
N ASN A 94 3.64 -11.28 -18.83
CA ASN A 94 4.47 -11.49 -20.03
C ASN A 94 5.92 -11.81 -19.66
N TYR A 95 6.66 -12.45 -20.58
CA TYR A 95 8.06 -12.83 -20.35
C TYR A 95 9.05 -12.12 -21.29
N LYS A 96 10.16 -11.62 -20.74
CA LYS A 96 11.18 -10.91 -21.53
C LYS A 96 12.14 -11.88 -22.21
N LYS A 97 13.18 -11.34 -22.82
CA LYS A 97 14.20 -12.16 -23.49
C LYS A 97 14.92 -13.05 -22.46
N ASP A 98 15.25 -12.47 -21.29
CA ASP A 98 15.95 -13.21 -20.23
C ASP A 98 15.00 -14.04 -19.37
N GLY A 99 13.72 -14.11 -19.73
CA GLY A 99 12.77 -14.94 -18.98
C GLY A 99 12.19 -14.22 -17.77
N THR A 100 12.63 -13.00 -17.57
CA THR A 100 12.12 -12.22 -16.46
C THR A 100 10.62 -12.11 -16.67
N MET A 101 9.85 -12.26 -15.60
CA MET A 101 8.39 -12.17 -15.69
C MET A 101 7.89 -10.85 -15.14
N PHE A 102 7.08 -10.16 -15.92
CA PHE A 102 6.60 -8.85 -15.51
C PHE A 102 5.15 -8.68 -15.92
N TRP A 103 4.46 -7.77 -15.26
CA TRP A 103 3.04 -7.53 -15.60
C TRP A 103 2.97 -6.44 -16.65
N ASN A 104 2.05 -6.60 -17.60
CA ASN A 104 1.94 -5.64 -18.70
C ASN A 104 0.51 -5.25 -19.04
N GLU A 105 0.09 -4.03 -18.68
CA GLU A 105 -1.28 -3.65 -18.92
C GLU A 105 -1.45 -3.43 -20.40
N LEU A 106 -2.53 -3.95 -20.97
CA LEU A 106 -2.78 -3.80 -22.41
C LEU A 106 -4.09 -3.11 -22.70
N ASN A 107 -4.01 -2.00 -23.45
CA ASN A 107 -5.24 -1.27 -23.85
C ASN A 107 -5.39 -1.24 -25.37
N ILE A 108 -6.54 -1.72 -25.86
CA ILE A 108 -6.80 -1.75 -27.31
C ILE A 108 -8.05 -0.94 -27.65
N ASP A 109 -7.92 -0.02 -28.62
CA ASP A 109 -9.05 0.82 -29.04
C ASP A 109 -9.08 0.96 -30.57
N PRO A 110 -10.18 0.59 -31.23
CA PRO A 110 -10.29 0.70 -32.71
C PRO A 110 -10.39 2.14 -33.20
N MET A 111 -9.91 2.35 -34.40
CA MET A 111 -9.92 3.70 -35.00
C MET A 111 -10.69 3.60 -36.30
N GLU A 112 -11.32 4.69 -36.77
CA GLU A 112 -12.03 4.70 -38.06
C GLU A 112 -11.50 5.88 -38.89
N ILE A 113 -10.48 5.61 -39.68
CA ILE A 113 -9.88 6.64 -40.53
C ILE A 113 -10.00 6.32 -42.00
N GLU A 114 -10.47 7.26 -42.84
CA GLU A 114 -10.54 7.01 -44.28
C GLU A 114 -11.29 5.74 -44.59
N ASP A 115 -12.33 5.48 -43.81
CA ASP A 115 -13.13 4.26 -43.97
C ASP A 115 -12.27 3.01 -43.82
N LYS A 116 -11.23 3.11 -43.01
CA LYS A 116 -10.33 1.97 -42.75
C LYS A 116 -10.21 1.77 -41.25
N THR A 117 -9.99 0.54 -40.78
CA THR A 117 -9.91 0.30 -39.36
C THR A 117 -8.47 0.54 -38.90
N TYR A 118 -8.14 0.24 -37.64
CA TYR A 118 -6.77 0.32 -37.14
C TYR A 118 -6.77 -0.29 -35.73
N PHE A 119 -5.62 -0.77 -35.27
CA PHE A 119 -5.49 -1.26 -33.89
C PHE A 119 -4.25 -0.64 -33.26
N VAL A 120 -4.31 -0.37 -31.96
CA VAL A 120 -3.15 0.16 -31.25
C VAL A 120 -2.95 -0.59 -29.96
N GLY A 121 -1.71 -0.96 -29.68
CA GLY A 121 -1.41 -1.65 -28.43
C GLY A 121 -0.69 -0.71 -27.50
N ILE A 122 -1.19 -0.58 -26.28
CA ILE A 122 -0.54 0.29 -25.31
C ILE A 122 -0.10 -0.59 -24.15
N GLN A 123 1.15 -0.49 -23.77
CA GLN A 123 1.68 -1.29 -22.67
C GLN A 123 2.18 -0.37 -21.56
N ASN A 124 1.53 -0.46 -20.41
CA ASN A 124 1.89 0.39 -19.25
C ASN A 124 2.41 -0.44 -18.09
N ASP A 125 3.69 -0.28 -17.80
CA ASP A 125 4.37 -1.06 -16.76
C ASP A 125 3.85 -0.80 -15.32
N ILE A 126 3.43 -1.91 -14.70
CA ILE A 126 2.90 -1.92 -13.33
C ILE A 126 4.06 -2.07 -12.33
N THR A 127 5.31 -2.11 -12.80
CA THR A 127 6.50 -2.31 -11.92
C THR A 127 6.65 -1.20 -10.87
N LYS A 128 6.45 0.06 -11.23
CA LYS A 128 6.64 1.13 -10.27
C LYS A 128 5.68 0.92 -9.10
N GLN A 129 4.45 0.54 -9.43
CA GLN A 129 3.45 0.24 -8.42
C GLN A 129 3.91 -0.95 -7.59
N LYS A 130 4.53 -1.96 -8.18
CA LYS A 130 4.93 -3.12 -7.35
C LYS A 130 5.92 -2.69 -6.32
N GLU A 131 6.86 -1.84 -6.71
CA GLU A 131 7.88 -1.40 -5.78
C GLU A 131 7.23 -0.64 -4.62
N TYR A 132 6.19 0.12 -4.93
CA TYR A 132 5.45 0.83 -3.89
C TYR A 132 4.81 -0.18 -2.91
N GLU A 133 4.19 -1.24 -3.44
CA GLU A 133 3.56 -2.23 -2.58
C GLU A 133 4.63 -2.92 -1.73
N LYS A 134 5.78 -3.20 -2.33
CA LYS A 134 6.86 -3.85 -1.61
C LYS A 134 7.31 -2.95 -0.44
N LEU A 135 7.39 -1.65 -0.70
CA LEU A 135 7.86 -0.72 0.33
C LEU A 135 6.89 -0.82 1.51
N LEU A 136 5.60 -0.84 1.20
CA LEU A 136 4.56 -0.96 2.22
C LEU A 136 4.71 -2.28 2.94
N GLU A 137 5.00 -3.36 2.22
CA GLU A 137 5.12 -4.66 2.88
C GLU A 137 6.27 -4.62 3.88
N ASP A 138 7.38 -4.00 3.49
CA ASP A 138 8.55 -3.97 4.37
C ASP A 138 8.16 -3.25 5.66
N SER A 139 7.41 -2.17 5.51
CA SER A 139 6.90 -1.43 6.67
C SER A 139 6.00 -2.28 7.54
N LEU A 140 5.12 -3.07 6.91
CA LEU A 140 4.24 -3.94 7.67
C LEU A 140 5.06 -4.97 8.44
N THR A 141 6.09 -5.52 7.80
CA THR A 141 6.93 -6.55 8.43
C THR A 141 7.63 -6.03 9.67
N GLU A 142 8.20 -4.83 9.58
CA GLU A 142 8.87 -4.27 10.75
C GLU A 142 7.82 -4.02 11.83
N ILE A 143 6.69 -3.52 11.37
CA ILE A 143 5.55 -3.29 12.22
C ILE A 143 4.99 -4.61 12.78
N THR A 144 4.88 -5.65 11.93
CA THR A 144 4.33 -6.93 12.41
C THR A 144 5.18 -7.55 13.51
N ALA A 145 6.50 -7.61 13.36
CA ALA A 145 7.31 -8.20 14.42
C ALA A 145 7.16 -7.37 15.69
N LEU A 146 7.15 -6.04 15.54
CA LEU A 146 6.97 -5.14 16.68
C LEU A 146 5.59 -5.30 17.35
N SER A 147 4.52 -5.42 16.55
CA SER A 147 3.19 -5.52 17.16
C SER A 147 3.14 -6.75 18.04
N THR A 148 3.82 -7.78 17.54
CA THR A 148 3.91 -9.09 18.19
C THR A 148 3.79 -8.83 19.68
N PRO A 149 2.60 -8.69 20.20
CA PRO A 149 2.44 -8.32 21.62
C PRO A 149 3.00 -9.33 22.60
N ILE A 150 3.52 -8.77 23.66
CA ILE A 150 4.06 -9.51 24.76
C ILE A 150 3.20 -9.06 25.92
N VAL A 151 2.73 -9.93 26.79
CA VAL A 151 1.95 -9.49 27.93
C VAL A 151 1.86 -10.68 28.84
N PRO A 152 2.73 -10.81 29.81
CA PRO A 152 2.67 -11.99 30.72
C PRO A 152 1.37 -11.98 31.50
N ILE A 153 0.79 -13.15 31.75
CA ILE A 153 -0.46 -13.19 32.50
C ILE A 153 -0.15 -13.00 34.00
N ARG A 154 0.51 -13.98 34.61
CA ARG A 154 0.89 -13.91 36.04
C ARG A 154 2.35 -14.33 36.18
N ASN A 155 2.73 -14.69 37.40
CA ASN A 155 4.10 -15.08 37.67
C ASN A 155 4.32 -16.56 37.32
N GLY A 156 5.01 -16.75 36.20
CA GLY A 156 5.28 -18.06 35.67
C GLY A 156 4.21 -18.47 34.69
N ILE A 157 3.35 -17.53 34.32
CA ILE A 157 2.33 -17.81 33.30
C ILE A 157 2.43 -16.75 32.20
N SER A 158 2.58 -17.19 30.94
CA SER A 158 2.69 -16.28 29.80
C SER A 158 1.76 -16.74 28.69
N ALA A 159 1.29 -15.82 27.86
CA ALA A 159 0.43 -16.22 26.73
C ALA A 159 0.78 -15.45 25.44
N LEU A 160 0.72 -16.16 24.32
CA LEU A 160 1.02 -15.58 23.01
C LEU A 160 -0.04 -16.00 21.97
N PRO A 161 -1.18 -15.35 21.96
CA PRO A 161 -2.28 -15.67 21.00
C PRO A 161 -1.95 -15.28 19.55
N LEU A 162 -2.55 -16.03 18.63
CA LEU A 162 -2.38 -15.75 17.18
C LEU A 162 -3.71 -15.40 16.53
N VAL A 163 -3.75 -14.27 15.85
CA VAL A 163 -4.95 -13.83 15.15
C VAL A 163 -4.62 -13.63 13.67
N GLY A 164 -5.44 -14.20 12.78
CA GLY A 164 -5.21 -14.04 11.34
C GLY A 164 -4.90 -15.37 10.65
N ASN A 165 -4.94 -15.39 9.31
CA ASN A 165 -4.70 -16.62 8.56
C ASN A 165 -3.21 -16.82 8.39
N LEU A 166 -2.64 -17.88 8.95
CA LEU A 166 -1.19 -18.08 8.85
C LEU A 166 -0.70 -18.55 7.49
N THR A 167 -0.10 -17.63 6.74
CA THR A 167 0.43 -17.95 5.41
C THR A 167 1.86 -18.48 5.52
N GLU A 168 2.36 -19.05 4.44
CA GLU A 168 3.72 -19.60 4.43
C GLU A 168 4.78 -18.50 4.58
N GLU A 169 4.48 -17.34 4.03
CA GLU A 169 5.39 -16.20 4.14
C GLU A 169 5.52 -15.75 5.60
N ARG A 170 4.37 -15.69 6.29
CA ARG A 170 4.31 -15.32 7.68
C ARG A 170 4.99 -16.34 8.60
N PHE A 171 5.00 -17.61 8.19
CA PHE A 171 5.64 -18.67 9.00
C PHE A 171 7.09 -18.35 9.35
N ASN A 172 7.81 -17.59 8.53
CA ASN A 172 9.21 -17.34 8.86
C ASN A 172 9.30 -16.61 10.19
N SER A 173 8.41 -15.66 10.43
CA SER A 173 8.46 -14.90 11.69
C SER A 173 8.30 -15.85 12.88
N ILE A 174 7.40 -16.82 12.76
CA ILE A 174 7.14 -17.79 13.83
C ILE A 174 8.34 -18.65 14.18
N VAL A 175 9.04 -19.16 13.18
CA VAL A 175 10.20 -20.02 13.44
C VAL A 175 11.26 -19.20 14.19
N CYS A 176 11.43 -17.95 13.78
CA CYS A 176 12.39 -17.06 14.43
C CYS A 176 12.01 -16.83 15.90
N THR A 177 10.71 -16.81 16.16
CA THR A 177 10.19 -16.63 17.51
C THR A 177 10.65 -17.76 18.40
N LEU A 178 11.05 -18.88 17.81
CA LEU A 178 11.45 -20.04 18.60
C LEU A 178 12.65 -19.63 19.47
N THR A 179 13.56 -18.88 18.89
CA THR A 179 14.75 -18.43 19.61
C THR A 179 14.33 -17.61 20.85
N ASN A 180 13.35 -16.74 20.68
CA ASN A 180 12.83 -15.92 21.79
C ASN A 180 12.22 -16.81 22.89
N ILE A 181 11.59 -17.90 22.53
CA ILE A 181 10.96 -18.80 23.52
C ILE A 181 12.01 -19.29 24.49
N LEU A 182 13.20 -19.63 24.01
CA LEU A 182 14.22 -20.16 24.90
C LEU A 182 14.53 -19.10 25.98
N SER A 183 14.57 -17.85 25.54
CA SER A 183 14.78 -16.74 26.47
C SER A 183 13.63 -16.67 27.50
N THR A 184 12.42 -17.04 27.07
CA THR A 184 11.24 -17.02 27.95
C THR A 184 11.04 -18.38 28.66
N SER A 185 12.13 -19.14 28.78
CA SER A 185 12.06 -20.46 29.41
C SER A 185 11.66 -20.34 30.88
N LYS A 186 11.85 -19.15 31.44
CA LYS A 186 11.54 -18.90 32.83
C LYS A 186 10.06 -19.12 33.11
N ASP A 187 9.19 -18.74 32.16
CA ASP A 187 7.76 -18.92 32.36
C ASP A 187 7.36 -20.39 32.29
N ASP A 188 6.91 -20.91 33.44
CA ASP A 188 6.56 -22.32 33.56
C ASP A 188 5.39 -22.71 32.66
N TYR A 189 4.36 -21.86 32.59
CA TYR A 189 3.19 -22.17 31.78
C TYR A 189 3.09 -21.22 30.59
N LEU A 190 2.89 -21.80 29.41
CA LEU A 190 2.72 -21.02 28.20
C LEU A 190 1.35 -21.36 27.62
N ILE A 191 0.53 -20.35 27.33
CA ILE A 191 -0.78 -20.59 26.73
C ILE A 191 -0.83 -20.00 25.32
N ILE A 192 -1.19 -20.82 24.34
CA ILE A 192 -1.30 -20.33 22.96
C ILE A 192 -2.75 -20.37 22.52
N ASP A 193 -3.28 -19.26 22.04
CA ASP A 193 -4.66 -19.19 21.54
C ASP A 193 -4.70 -19.40 20.00
N LEU A 194 -5.36 -20.47 19.58
CA LEU A 194 -5.57 -20.74 18.16
C LEU A 194 -6.96 -20.26 17.71
N SER A 195 -7.74 -19.75 18.66
CA SER A 195 -9.09 -19.25 18.37
C SER A 195 -9.07 -18.06 17.40
N GLY A 196 -8.04 -17.23 17.47
CA GLY A 196 -7.99 -16.10 16.56
C GLY A 196 -7.94 -16.63 15.13
N LEU A 197 -7.08 -17.63 14.98
CA LEU A 197 -6.84 -18.24 13.68
C LEU A 197 -8.09 -19.01 13.26
N ALA A 198 -8.57 -18.74 12.03
CA ALA A 198 -9.78 -19.39 11.55
C ALA A 198 -9.60 -20.91 11.50
N GLN A 199 -8.46 -21.31 10.92
CA GLN A 199 -8.18 -22.74 10.68
C GLN A 199 -6.78 -23.17 11.05
N VAL A 200 -6.57 -24.44 11.32
CA VAL A 200 -5.24 -24.91 11.66
C VAL A 200 -4.81 -25.93 10.61
N ASN A 201 -3.59 -25.75 10.10
CA ASN A 201 -3.04 -26.63 9.07
C ASN A 201 -2.36 -27.84 9.70
N GLU A 202 -2.26 -28.94 8.96
CA GLU A 202 -1.63 -30.14 9.51
C GLU A 202 -0.15 -29.85 9.82
N GLN A 203 0.51 -29.11 8.93
CA GLN A 203 1.93 -28.80 9.11
C GLN A 203 2.14 -28.10 10.46
N THR A 204 1.12 -27.35 10.86
CA THR A 204 1.15 -26.65 12.15
C THR A 204 1.26 -27.64 13.30
N ALA A 205 0.51 -28.75 13.22
CA ALA A 205 0.49 -29.72 14.31
C ALA A 205 1.91 -30.20 14.56
N ASP A 206 2.69 -30.41 13.50
CA ASP A 206 4.06 -30.90 13.66
C ASP A 206 4.88 -29.89 14.49
N GLN A 207 4.62 -28.61 14.27
CA GLN A 207 5.29 -27.56 15.03
C GLN A 207 4.88 -27.61 16.50
N ILE A 208 3.60 -27.91 16.77
CA ILE A 208 3.14 -27.94 18.15
C ILE A 208 3.91 -29.05 18.88
N PHE A 209 4.04 -30.20 18.23
CA PHE A 209 4.71 -31.35 18.86
C PHE A 209 6.17 -31.04 19.14
N LYS A 210 6.87 -30.41 18.21
CA LYS A 210 8.28 -30.13 18.44
C LYS A 210 8.42 -29.21 19.64
N LEU A 211 7.56 -28.20 19.74
CA LEU A 211 7.61 -27.27 20.84
C LEU A 211 7.38 -27.95 22.19
N SER A 212 6.43 -28.87 22.28
CA SER A 212 6.18 -29.52 23.56
C SER A 212 7.42 -30.26 24.02
N HIS A 213 8.08 -30.96 23.11
CA HIS A 213 9.27 -31.72 23.48
C HIS A 213 10.39 -30.82 23.97
N LEU A 214 10.66 -29.71 23.25
CA LEU A 214 11.71 -28.81 23.70
C LEU A 214 11.32 -28.26 25.07
N LEU A 215 10.06 -27.85 25.17
CA LEU A 215 9.54 -27.25 26.40
C LEU A 215 9.57 -28.25 27.54
N LYS A 216 9.24 -29.51 27.29
CA LYS A 216 9.19 -30.49 28.37
C LYS A 216 10.57 -30.60 29.00
N LEU A 217 11.61 -30.69 28.18
CA LEU A 217 12.97 -30.81 28.69
C LEU A 217 13.32 -29.59 29.53
N THR A 218 12.91 -28.42 29.07
CA THR A 218 13.17 -27.19 29.78
C THR A 218 12.27 -27.07 31.00
N GLY A 219 11.24 -27.93 31.11
CA GLY A 219 10.33 -27.84 32.23
C GLY A 219 9.22 -26.81 32.03
N THR A 220 8.72 -26.62 30.81
CA THR A 220 7.63 -25.63 30.60
C THR A 220 6.37 -26.29 30.01
N GLU A 221 5.33 -26.28 30.80
CA GLU A 221 4.04 -26.85 30.38
C GLU A 221 3.46 -26.01 29.24
N LEU A 222 2.93 -26.68 28.21
CA LEU A 222 2.33 -26.00 27.05
C LEU A 222 0.82 -26.28 27.04
N ILE A 223 0.02 -25.23 26.92
CA ILE A 223 -1.43 -25.34 26.86
C ILE A 223 -1.94 -24.85 25.51
N ILE A 224 -2.86 -25.61 24.89
CA ILE A 224 -3.40 -25.26 23.57
C ILE A 224 -4.92 -24.97 23.72
N THR A 225 -5.36 -23.83 23.17
CA THR A 225 -6.77 -23.44 23.30
C THR A 225 -7.36 -22.99 21.97
N GLY A 226 -8.68 -22.91 21.90
CA GLY A 226 -9.33 -22.46 20.67
C GLY A 226 -9.37 -23.59 19.64
N ILE A 227 -9.24 -24.79 20.17
CA ILE A 227 -9.26 -25.97 19.34
C ILE A 227 -10.72 -26.34 19.07
N LYS A 228 -11.06 -26.52 17.81
CA LYS A 228 -12.43 -26.86 17.44
C LYS A 228 -12.70 -28.33 17.78
N PRO A 229 -13.87 -28.69 18.29
CA PRO A 229 -14.16 -30.12 18.62
C PRO A 229 -13.94 -31.05 17.42
N GLU A 230 -14.32 -30.59 16.23
CA GLU A 230 -14.16 -31.41 15.04
C GLU A 230 -12.68 -31.67 14.77
N LEU A 231 -11.87 -30.63 15.01
CA LEU A 231 -10.43 -30.74 14.86
C LEU A 231 -9.80 -31.73 15.85
N ALA A 232 -10.24 -31.71 17.10
CA ALA A 232 -9.67 -32.60 18.10
C ALA A 232 -9.96 -34.06 17.78
N MET A 233 -11.14 -34.32 17.26
CA MET A 233 -11.51 -35.69 16.95
C MET A 233 -10.58 -36.24 15.88
N LYS A 234 -10.28 -35.41 14.89
CA LYS A 234 -9.36 -35.79 13.82
C LYS A 234 -7.96 -36.04 14.38
N MET A 235 -7.56 -35.20 15.34
CA MET A 235 -6.27 -35.33 16.01
C MET A 235 -6.19 -36.60 16.84
N ASN A 236 -7.27 -36.99 17.49
CA ASN A 236 -7.21 -38.16 18.36
C ASN A 236 -6.84 -39.38 17.54
N LYS A 237 -7.44 -39.49 16.38
CA LYS A 237 -7.16 -40.63 15.50
C LYS A 237 -5.67 -40.67 15.13
N LEU A 238 -5.10 -39.50 14.87
CA LEU A 238 -3.68 -39.36 14.56
C LEU A 238 -2.75 -39.78 15.71
N ASP A 239 -3.11 -39.43 16.95
CA ASP A 239 -2.27 -39.78 18.11
C ASP A 239 -2.98 -39.52 19.45
N ALA A 240 -2.98 -40.56 20.26
CA ALA A 240 -3.58 -40.50 21.60
C ALA A 240 -2.90 -39.40 22.45
N ASN A 241 -1.65 -39.12 22.13
CA ASN A 241 -0.86 -38.11 22.84
C ASN A 241 -1.47 -36.73 22.72
N PHE A 242 -2.16 -36.46 21.63
CA PHE A 242 -2.69 -35.13 21.41
C PHE A 242 -3.57 -34.73 22.60
N SER A 243 -4.42 -35.66 23.02
CA SER A 243 -5.29 -35.41 24.18
C SER A 243 -4.47 -35.16 25.46
N SER A 244 -3.23 -35.60 25.48
CA SER A 244 -2.34 -35.39 26.62
C SER A 244 -2.24 -33.91 27.01
N LEU A 245 -2.18 -33.04 26.01
CA LEU A 245 -2.09 -31.62 26.31
C LEU A 245 -3.44 -30.96 26.59
N LYS A 246 -3.56 -30.42 27.79
CA LYS A 246 -4.79 -29.73 28.20
C LYS A 246 -5.30 -28.87 27.06
N THR A 247 -6.62 -28.97 26.84
CA THR A 247 -7.32 -28.18 25.82
C THR A 247 -8.53 -27.45 26.43
N TYR A 248 -8.65 -26.18 26.07
CA TYR A 248 -9.76 -25.34 26.55
C TYR A 248 -10.61 -24.86 25.39
N SER A 249 -11.94 -24.85 25.58
CA SER A 249 -12.81 -24.44 24.50
C SER A 249 -12.47 -23.01 24.17
N ASN A 250 -12.27 -22.17 25.19
CA ASN A 250 -11.95 -20.77 24.96
C ASN A 250 -10.94 -20.24 26.01
N VAL A 251 -10.29 -19.14 25.65
CA VAL A 251 -9.27 -18.49 26.50
C VAL A 251 -9.87 -17.99 27.81
N LYS A 252 -11.01 -17.34 27.73
CA LYS A 252 -11.64 -16.81 28.95
C LYS A 252 -11.94 -17.96 29.89
N ASP A 253 -12.47 -19.05 29.35
CA ASP A 253 -12.83 -20.20 30.16
C ASP A 253 -11.59 -20.85 30.79
N ALA A 254 -10.49 -20.97 30.03
CA ALA A 254 -9.28 -21.58 30.60
C ALA A 254 -8.74 -20.71 31.72
N VAL A 255 -8.75 -19.42 31.46
CA VAL A 255 -8.25 -18.47 32.43
C VAL A 255 -9.09 -18.49 33.71
N LYS A 256 -10.41 -18.50 33.56
CA LYS A 256 -11.28 -18.53 34.73
C LYS A 256 -11.11 -19.83 35.51
N VAL A 257 -11.09 -20.97 34.83
CA VAL A 257 -10.91 -22.24 35.55
C VAL A 257 -9.52 -22.35 36.17
N LEU A 258 -8.50 -21.91 35.43
CA LEU A 258 -7.12 -22.03 35.92
C LEU A 258 -7.05 -21.99 37.45
N PRO A 259 -7.20 -20.83 38.06
CA PRO A 259 -7.13 -20.76 39.56
C PRO A 259 -8.26 -21.56 40.22
N ILE A 260 -7.92 -22.26 41.32
CA ILE A 260 -8.93 -23.03 42.06
C ILE A 260 -8.57 -23.15 43.54
N MET A 261 -7.28 -23.09 43.86
CA MET A 261 -6.82 -23.26 45.25
C MET A 261 -5.77 -22.22 45.61
N GLY B 1 16.29 10.52 -38.64
CA GLY B 1 16.22 12.01 -38.52
C GLY B 1 16.04 12.62 -39.89
N ALA B 2 15.00 12.19 -40.56
CA ALA B 2 14.71 12.69 -41.89
C ALA B 2 13.27 12.33 -42.27
N SER B 3 12.74 13.04 -43.25
CA SER B 3 11.38 12.76 -43.74
C SER B 3 11.25 11.33 -44.27
N PHE B 4 12.37 10.71 -44.64
CA PHE B 4 12.32 9.34 -45.15
C PHE B 4 12.07 8.34 -44.03
N GLN B 5 13.02 8.26 -43.10
CA GLN B 5 12.93 7.36 -41.96
C GLN B 5 11.79 7.74 -41.02
N SER B 6 11.60 9.04 -40.80
CA SER B 6 10.56 9.49 -39.89
C SER B 6 9.20 8.99 -40.36
N PHE B 7 8.98 9.07 -41.67
CA PHE B 7 7.74 8.59 -42.29
C PHE B 7 6.65 9.67 -42.22
N GLY B 8 6.56 10.48 -43.29
CA GLY B 8 5.59 11.57 -43.33
C GLY B 8 4.17 11.04 -43.35
N ILE B 9 3.32 11.64 -44.19
CA ILE B 9 1.91 11.25 -44.31
C ILE B 9 1.08 11.86 -43.15
N PRO B 10 0.22 12.84 -43.41
CA PRO B 10 -0.58 13.48 -42.31
C PRO B 10 -1.52 12.47 -41.63
N GLY B 11 -1.85 11.40 -42.35
CA GLY B 11 -2.74 10.37 -41.84
C GLY B 11 -2.14 9.70 -40.60
N GLN B 12 -0.84 9.45 -40.62
CA GLN B 12 -0.19 8.84 -39.47
C GLN B 12 -0.27 9.80 -38.26
N LEU B 13 -0.09 11.08 -38.55
CA LEU B 13 -0.10 12.11 -37.50
C LEU B 13 -1.45 12.18 -36.76
N GLU B 14 -2.55 12.12 -37.49
CA GLU B 14 -3.90 12.17 -36.90
C GLU B 14 -4.16 10.94 -36.00
N VAL B 15 -3.54 9.83 -36.42
CA VAL B 15 -3.60 8.55 -35.68
C VAL B 15 -2.97 8.70 -34.30
N ILE B 16 -1.80 9.33 -34.26
CA ILE B 16 -1.09 9.49 -33.00
C ILE B 16 -1.91 10.36 -32.05
N LYS B 17 -2.46 11.46 -32.61
CA LYS B 17 -3.25 12.39 -31.80
C LYS B 17 -4.52 11.78 -31.21
N LYS B 18 -5.26 10.98 -31.97
CA LYS B 18 -6.47 10.39 -31.41
C LYS B 18 -6.11 9.47 -30.26
N ALA B 19 -5.03 8.70 -30.44
CA ALA B 19 -4.61 7.75 -29.40
C ALA B 19 -4.29 8.48 -28.10
N LEU B 20 -3.66 9.65 -28.21
CA LEU B 20 -3.40 10.47 -27.03
C LEU B 20 -4.73 10.94 -26.41
N ASP B 21 -5.67 11.32 -27.28
CA ASP B 21 -7.00 11.82 -26.84
C ASP B 21 -7.78 10.74 -26.09
N HIS B 22 -7.71 9.50 -26.55
CA HIS B 22 -8.46 8.42 -25.90
C HIS B 22 -8.08 8.26 -24.42
N VAL B 23 -6.80 8.41 -24.09
CA VAL B 23 -6.37 8.28 -22.69
C VAL B 23 -5.85 9.63 -22.20
N ARG B 24 -6.35 10.05 -21.03
CA ARG B 24 -5.98 11.36 -20.47
C ARG B 24 -4.56 11.38 -19.92
N VAL B 25 -3.68 12.08 -20.64
CA VAL B 25 -2.30 12.22 -20.20
C VAL B 25 -1.77 13.59 -20.53
N GLY B 26 -1.12 14.22 -19.57
CA GLY B 26 -0.66 15.57 -19.79
C GLY B 26 0.72 15.64 -20.41
N VAL B 27 0.74 15.77 -21.74
CA VAL B 27 1.99 15.98 -22.47
C VAL B 27 1.81 17.24 -23.28
N VAL B 28 2.77 18.17 -23.19
CA VAL B 28 2.69 19.41 -23.95
C VAL B 28 4.05 19.77 -24.54
N ILE B 29 4.03 20.58 -25.60
CA ILE B 29 5.29 21.02 -26.24
C ILE B 29 5.43 22.56 -26.21
N THR B 30 6.58 22.95 -25.70
CA THR B 30 6.91 24.36 -25.52
C THR B 30 7.97 24.75 -26.53
N ASP B 31 8.06 26.04 -26.84
CA ASP B 31 9.02 26.50 -27.84
C ASP B 31 9.92 27.58 -27.24
N PRO B 32 11.14 27.27 -26.91
CA PRO B 32 12.07 28.27 -26.31
C PRO B 32 12.38 29.41 -27.27
N ALA B 33 12.21 29.15 -28.57
CA ALA B 33 12.47 30.19 -29.58
C ALA B 33 11.52 31.36 -29.38
N LEU B 34 10.25 31.09 -29.13
CA LEU B 34 9.27 32.17 -28.92
C LEU B 34 9.46 32.85 -27.55
N GLU B 35 8.69 33.92 -27.30
CA GLU B 35 8.84 34.70 -26.07
C GLU B 35 8.29 33.98 -24.84
N ASP B 36 9.09 33.96 -23.79
CA ASP B 36 8.70 33.31 -22.54
C ASP B 36 8.34 31.85 -22.77
N ASN B 37 9.08 31.18 -23.65
CA ASN B 37 8.80 29.78 -23.97
C ASN B 37 7.32 29.42 -23.81
N PRO B 38 6.49 29.89 -24.70
CA PRO B 38 5.03 29.63 -24.68
C PRO B 38 4.70 28.19 -25.07
N ILE B 39 3.57 27.69 -24.59
CA ILE B 39 3.14 26.33 -24.93
C ILE B 39 2.36 26.38 -26.23
N VAL B 40 2.75 25.55 -27.19
CA VAL B 40 2.09 25.51 -28.49
C VAL B 40 1.25 24.26 -28.69
N TYR B 41 1.79 23.10 -28.32
CA TYR B 41 1.05 21.84 -28.50
C TYR B 41 0.30 21.45 -27.24
N VAL B 42 -1.00 21.26 -27.39
CA VAL B 42 -1.85 20.82 -26.28
C VAL B 42 -2.91 19.86 -26.82
N ASN B 43 -3.23 18.81 -26.07
CA ASN B 43 -4.25 17.87 -26.50
C ASN B 43 -5.58 18.15 -25.79
N GLN B 44 -6.67 17.65 -26.34
CA GLN B 44 -8.01 17.85 -25.76
C GLN B 44 -8.11 17.22 -24.37
N GLY B 45 -7.49 16.06 -24.19
CA GLY B 45 -7.53 15.37 -22.90
C GLY B 45 -6.92 16.22 -21.80
N PHE B 46 -6.04 17.12 -22.19
CA PHE B 46 -5.37 18.01 -21.24
C PHE B 46 -6.42 18.84 -20.50
N VAL B 47 -7.38 19.35 -21.27
CA VAL B 47 -8.44 20.18 -20.74
C VAL B 47 -9.26 19.44 -19.70
N GLN B 48 -9.65 18.21 -20.01
CA GLN B 48 -10.44 17.44 -19.05
C GLN B 48 -9.65 17.21 -17.78
N MET B 49 -8.39 16.84 -17.92
CA MET B 49 -7.53 16.57 -16.77
C MET B 49 -7.31 17.79 -15.89
N THR B 50 -7.09 18.96 -16.49
CA THR B 50 -6.84 20.17 -15.69
C THR B 50 -8.10 20.99 -15.48
N GLY B 51 -9.13 20.70 -16.28
CA GLY B 51 -10.40 21.40 -16.15
C GLY B 51 -10.29 22.83 -16.67
N TYR B 52 -9.24 23.06 -17.46
CA TYR B 52 -8.98 24.36 -18.08
C TYR B 52 -9.20 24.29 -19.58
N GLU B 53 -9.74 25.36 -20.16
CA GLU B 53 -9.99 25.38 -21.58
C GLU B 53 -8.67 25.49 -22.37
N THR B 54 -8.65 24.88 -23.54
CA THR B 54 -7.45 24.84 -24.38
C THR B 54 -7.02 26.25 -24.81
N GLU B 55 -7.98 27.11 -25.07
CA GLU B 55 -7.66 28.45 -25.50
C GLU B 55 -6.92 29.24 -24.41
N GLU B 56 -7.33 29.07 -23.16
CA GLU B 56 -6.68 29.73 -22.02
C GLU B 56 -5.30 29.14 -21.66
N ILE B 57 -5.11 27.83 -21.88
CA ILE B 57 -3.83 27.21 -21.60
C ILE B 57 -2.83 27.78 -22.61
N LEU B 58 -2.98 27.39 -23.83
CA LEU B 58 -2.14 27.92 -24.94
C LEU B 58 -1.85 29.41 -24.71
N GLY B 59 -0.57 29.78 -24.85
CA GLY B 59 -0.13 31.17 -24.65
C GLY B 59 0.37 31.45 -23.23
N LYS B 60 0.20 30.47 -22.33
CA LYS B 60 0.53 30.68 -20.91
C LYS B 60 1.29 29.50 -20.30
N ASN B 61 2.15 29.84 -19.34
CA ASN B 61 2.93 28.84 -18.62
C ASN B 61 2.09 28.15 -17.55
N CYS B 62 2.44 26.91 -17.25
CA CYS B 62 1.71 26.11 -16.26
C CYS B 62 1.77 26.72 -14.84
N ARG B 63 2.34 27.93 -14.77
CA ARG B 63 2.51 28.63 -13.50
C ARG B 63 1.18 28.86 -12.76
N PHE B 64 0.09 29.04 -13.50
CA PHE B 64 -1.22 29.23 -12.87
C PHE B 64 -1.65 28.03 -12.02
N LEU B 65 -1.23 26.83 -12.38
CA LEU B 65 -1.63 25.64 -11.64
C LEU B 65 -1.11 25.72 -10.20
N GLN B 66 0.12 26.18 -10.05
CA GLN B 66 0.75 26.28 -8.75
C GLN B 66 -0.21 26.97 -7.77
N GLY B 67 -0.07 26.63 -6.47
CA GLY B 67 -0.85 27.28 -5.42
C GLY B 67 -0.24 27.06 -4.03
N LYS B 68 -1.10 27.10 -3.00
CA LYS B 68 -0.65 27.01 -1.61
C LYS B 68 0.06 25.69 -1.33
N HIS B 69 -0.48 24.61 -1.85
CA HIS B 69 0.08 23.28 -1.63
C HIS B 69 1.34 23.07 -2.47
N THR B 70 1.63 23.99 -3.38
CA THR B 70 2.81 23.86 -4.20
C THR B 70 4.04 23.87 -3.33
N ASP B 71 4.96 22.94 -3.58
CA ASP B 71 6.16 22.83 -2.78
C ASP B 71 7.28 23.69 -3.38
N PRO B 72 7.67 24.78 -2.76
CA PRO B 72 8.75 25.65 -3.32
C PRO B 72 10.02 24.85 -3.63
N ALA B 73 10.34 23.88 -2.76
CA ALA B 73 11.57 23.11 -2.94
C ALA B 73 11.54 22.38 -4.27
N GLU B 74 10.38 21.86 -4.61
CA GLU B 74 10.21 21.18 -5.89
C GLU B 74 10.35 22.20 -7.02
N VAL B 75 9.81 23.39 -6.83
CA VAL B 75 9.90 24.44 -7.85
C VAL B 75 11.36 24.80 -8.09
N ASP B 76 12.11 24.98 -7.01
CA ASP B 76 13.52 25.37 -7.10
C ASP B 76 14.34 24.29 -7.81
N ASN B 77 14.02 23.03 -7.57
CA ASN B 77 14.76 21.97 -8.22
C ASN B 77 14.54 22.07 -9.73
N ILE B 78 13.31 22.36 -10.14
CA ILE B 78 12.98 22.46 -11.56
C ILE B 78 13.74 23.60 -12.20
N ARG B 79 13.78 24.73 -11.52
CA ARG B 79 14.48 25.90 -12.03
C ARG B 79 15.96 25.57 -12.17
N THR B 80 16.50 24.88 -11.17
CA THR B 80 17.92 24.50 -11.19
C THR B 80 18.20 23.61 -12.41
N ALA B 81 17.35 22.62 -12.65
CA ALA B 81 17.56 21.67 -13.74
C ALA B 81 17.57 22.33 -15.12
N LEU B 82 16.67 23.28 -15.35
CA LEU B 82 16.60 23.92 -16.66
C LEU B 82 17.90 24.67 -16.91
N GLN B 83 18.38 25.34 -15.88
CA GLN B 83 19.61 26.11 -16.00
C GLN B 83 20.75 25.16 -16.34
N ASN B 84 20.67 23.96 -15.78
CA ASN B 84 21.67 22.93 -16.01
C ASN B 84 21.29 22.05 -17.20
N LYS B 85 20.24 22.42 -17.92
CA LYS B 85 19.86 21.66 -19.12
C LYS B 85 19.97 20.14 -18.89
N GLU B 86 19.52 19.70 -17.72
CA GLU B 86 19.54 18.26 -17.41
C GLU B 86 18.14 17.79 -17.04
N PRO B 87 17.74 16.59 -17.46
CA PRO B 87 16.36 16.10 -17.15
C PRO B 87 16.06 15.96 -15.66
N VAL B 88 14.84 16.33 -15.28
CA VAL B 88 14.46 16.29 -13.85
C VAL B 88 13.03 15.83 -13.65
N THR B 89 12.83 14.94 -12.69
CA THR B 89 11.49 14.43 -12.39
C THR B 89 11.13 14.72 -10.94
N VAL B 90 10.03 15.44 -10.74
CA VAL B 90 9.57 15.80 -9.40
C VAL B 90 8.05 15.68 -9.27
N GLN B 91 7.55 15.65 -8.03
CA GLN B 91 6.10 15.62 -7.80
C GLN B 91 5.66 16.92 -7.13
N ILE B 92 4.74 17.62 -7.80
CA ILE B 92 4.28 18.92 -7.35
C ILE B 92 2.77 18.99 -7.26
N GLN B 93 2.27 19.48 -6.13
CA GLN B 93 0.83 19.66 -5.92
C GLN B 93 0.33 20.82 -6.76
N ASN B 94 -0.88 20.68 -7.31
CA ASN B 94 -1.44 21.69 -8.19
C ASN B 94 -2.91 22.00 -7.80
N TYR B 95 -3.51 22.89 -8.57
CA TYR B 95 -4.91 23.31 -8.39
C TYR B 95 -5.67 23.29 -9.72
N LYS B 96 -6.96 22.96 -9.66
CA LYS B 96 -7.80 22.97 -10.86
C LYS B 96 -8.69 24.20 -10.89
N LYS B 97 -9.48 24.32 -11.94
CA LYS B 97 -10.39 25.45 -12.09
C LYS B 97 -11.38 25.51 -10.94
N ASP B 98 -11.84 24.38 -10.41
CA ASP B 98 -12.77 24.41 -9.27
C ASP B 98 -12.05 24.48 -7.91
N GLY B 99 -10.72 24.46 -7.92
CA GLY B 99 -9.95 24.53 -6.67
C GLY B 99 -9.62 23.17 -6.11
N THR B 100 -9.96 22.13 -6.84
CA THR B 100 -9.65 20.79 -6.40
C THR B 100 -8.13 20.59 -6.42
N MET B 101 -7.57 20.13 -5.32
CA MET B 101 -6.13 19.89 -5.23
C MET B 101 -5.85 18.50 -5.74
N PHE B 102 -4.72 18.30 -6.42
CA PHE B 102 -4.38 16.98 -6.93
C PHE B 102 -2.86 16.91 -7.09
N TRP B 103 -2.33 15.71 -7.23
CA TRP B 103 -0.88 15.55 -7.40
C TRP B 103 -0.52 15.39 -8.86
N ASN B 104 0.55 16.08 -9.26
CA ASN B 104 0.98 16.09 -10.65
C ASN B 104 2.48 15.82 -10.84
N GLU B 105 2.79 14.69 -11.44
CA GLU B 105 4.20 14.33 -11.64
C GLU B 105 4.70 15.01 -12.90
N LEU B 106 5.75 15.83 -12.76
CA LEU B 106 6.29 16.58 -13.89
C LEU B 106 7.66 16.06 -14.33
N ASN B 107 7.76 15.74 -15.62
CA ASN B 107 9.03 15.29 -16.20
C ASN B 107 9.44 16.28 -17.28
N ILE B 108 10.69 16.73 -17.21
CA ILE B 108 11.25 17.68 -18.19
C ILE B 108 12.51 17.08 -18.78
N ASP B 109 12.63 17.13 -20.11
CA ASP B 109 13.83 16.60 -20.79
C ASP B 109 14.16 17.48 -22.01
N PRO B 110 15.34 18.06 -22.08
CA PRO B 110 15.74 18.94 -23.23
C PRO B 110 15.92 18.16 -24.52
N MET B 111 15.71 18.82 -25.67
CA MET B 111 15.89 18.16 -26.96
C MET B 111 16.80 19.02 -27.83
N GLU B 112 17.66 18.37 -28.60
CA GLU B 112 18.58 19.09 -29.50
C GLU B 112 18.14 18.75 -30.90
N ILE B 113 17.47 19.68 -31.60
CA ILE B 113 17.04 19.44 -32.97
C ILE B 113 17.39 20.63 -33.90
N GLU B 114 18.07 20.33 -35.00
CA GLU B 114 18.43 21.38 -35.96
C GLU B 114 19.19 22.49 -35.24
N ASP B 115 20.02 22.10 -34.27
CA ASP B 115 20.81 23.05 -33.50
C ASP B 115 19.90 24.01 -32.75
N LYS B 116 18.75 23.50 -32.28
CA LYS B 116 17.80 24.29 -31.51
C LYS B 116 17.40 23.48 -30.27
N THR B 117 17.01 24.17 -29.21
CA THR B 117 16.65 23.51 -27.96
C THR B 117 15.14 23.46 -27.80
N TYR B 118 14.60 22.49 -27.11
CA TYR B 118 13.15 22.35 -26.92
C TYR B 118 12.81 21.73 -25.56
N PHE B 119 11.69 22.15 -24.98
CA PHE B 119 11.29 21.64 -23.65
C PHE B 119 9.90 21.02 -23.70
N VAL B 120 9.74 19.89 -23.01
CA VAL B 120 8.47 19.15 -23.02
C VAL B 120 8.01 18.89 -21.60
N GLY B 121 6.73 19.14 -21.36
CA GLY B 121 6.17 18.94 -20.03
C GLY B 121 5.25 17.72 -20.01
N ILE B 122 5.57 16.77 -19.16
CA ILE B 122 4.79 15.54 -19.05
C ILE B 122 4.11 15.52 -17.70
N GLN B 123 2.79 15.33 -17.69
CA GLN B 123 2.05 15.26 -16.43
C GLN B 123 1.40 13.89 -16.32
N ASN B 124 1.72 13.19 -15.23
CA ASN B 124 1.18 11.87 -14.97
C ASN B 124 0.40 11.91 -13.65
N ASP B 125 -0.88 11.58 -13.74
CA ASP B 125 -1.77 11.61 -12.59
C ASP B 125 -1.50 10.47 -11.59
N ILE B 126 -1.32 10.81 -10.30
CA ILE B 126 -1.07 9.82 -9.23
C ILE B 126 -2.40 9.56 -8.46
N THR B 127 -3.50 9.96 -9.11
CA THR B 127 -4.86 9.74 -8.60
C THR B 127 -5.21 8.24 -8.46
N LYS B 128 -4.88 7.44 -9.47
CA LYS B 128 -5.22 6.02 -9.47
C LYS B 128 -4.55 5.35 -8.27
N GLN B 129 -3.27 5.68 -8.10
CA GLN B 129 -2.45 5.14 -6.99
C GLN B 129 -2.99 5.56 -5.61
N LYS B 130 -3.51 6.76 -5.61
CA LYS B 130 -4.18 7.28 -4.42
C LYS B 130 -5.37 6.45 -4.07
N GLU B 131 -6.14 6.07 -5.08
CA GLU B 131 -7.32 5.27 -4.82
C GLU B 131 -6.86 3.94 -4.26
N TYR B 132 -5.80 3.35 -4.81
CA TYR B 132 -5.29 2.08 -4.35
C TYR B 132 -4.86 2.16 -2.88
N GLU B 133 -4.16 3.22 -2.50
CA GLU B 133 -3.70 3.34 -1.12
C GLU B 133 -4.92 3.48 -0.20
N LYS B 134 -5.94 4.18 -0.68
CA LYS B 134 -7.18 4.36 0.06
C LYS B 134 -7.88 3.01 0.27
N LEU B 135 -7.86 2.16 -0.73
CA LEU B 135 -8.48 0.84 -0.64
C LEU B 135 -7.77 0.02 0.44
N LEU B 136 -6.44 0.14 0.46
CA LEU B 136 -5.60 -0.53 1.46
C LEU B 136 -5.92 -0.02 2.88
N GLU B 137 -6.09 1.28 2.96
CA GLU B 137 -6.39 1.95 4.21
C GLU B 137 -7.73 1.51 4.75
N ASP B 138 -8.70 1.30 3.87
CA ASP B 138 -9.99 0.80 4.32
C ASP B 138 -9.84 -0.59 4.93
N SER B 139 -9.05 -1.45 4.25
CA SER B 139 -8.84 -2.81 4.76
C SER B 139 -8.19 -2.75 6.13
N LEU B 140 -7.19 -1.89 6.26
CA LEU B 140 -6.45 -1.77 7.50
C LEU B 140 -7.39 -1.34 8.61
N THR B 141 -8.29 -0.42 8.27
CA THR B 141 -9.27 0.06 9.22
C THR B 141 -10.19 -1.06 9.72
N GLU B 142 -10.70 -1.90 8.81
CA GLU B 142 -11.57 -3.00 9.24
C GLU B 142 -10.75 -3.96 10.07
N ILE B 143 -9.54 -4.20 9.58
CA ILE B 143 -8.58 -5.07 10.26
C ILE B 143 -8.18 -4.47 11.61
N THR B 144 -7.93 -3.17 11.65
CA THR B 144 -7.51 -2.52 12.90
C THR B 144 -8.58 -2.64 14.01
N ALA B 145 -9.85 -2.38 13.69
CA ALA B 145 -10.88 -2.50 14.72
C ALA B 145 -10.97 -3.95 15.18
N LEU B 146 -10.92 -4.87 14.22
CA LEU B 146 -10.92 -6.31 14.51
C LEU B 146 -9.68 -6.77 15.28
N SER B 147 -8.50 -6.24 14.92
CA SER B 147 -7.28 -6.66 15.59
C SER B 147 -7.41 -6.28 17.02
N THR B 148 -7.94 -5.06 17.26
CA THR B 148 -8.21 -4.61 18.65
C THR B 148 -8.43 -5.79 19.57
N PRO B 149 -7.37 -6.37 20.09
CA PRO B 149 -7.48 -7.58 20.96
C PRO B 149 -8.29 -7.41 22.23
N ILE B 150 -8.99 -8.50 22.59
CA ILE B 150 -9.73 -8.58 23.83
C ILE B 150 -9.24 -9.82 24.61
N VAL B 151 -8.71 -9.60 25.78
CA VAL B 151 -8.21 -10.71 26.59
C VAL B 151 -8.35 -10.41 28.08
N PRO B 152 -9.43 -10.82 28.72
CA PRO B 152 -9.57 -10.52 30.17
C PRO B 152 -8.44 -11.18 30.95
N ILE B 153 -7.94 -10.52 31.98
CA ILE B 153 -6.85 -11.07 32.77
C ILE B 153 -7.41 -12.15 33.71
N ARG B 154 -8.23 -11.74 34.69
CA ARG B 154 -8.88 -12.67 35.63
C ARG B 154 -10.35 -12.31 35.73
N ASN B 155 -10.98 -12.74 36.81
CA ASN B 155 -12.40 -12.45 37.02
C ASN B 155 -12.56 -11.07 37.63
N GLY B 156 -13.08 -10.13 36.85
CA GLY B 156 -13.24 -8.76 37.32
C GLY B 156 -12.12 -7.86 36.78
N ILE B 157 -11.05 -8.48 36.32
CA ILE B 157 -9.88 -7.74 35.83
C ILE B 157 -9.73 -7.86 34.31
N SER B 158 -9.65 -6.70 33.65
CA SER B 158 -9.49 -6.64 32.20
C SER B 158 -8.42 -5.61 31.82
N ALA B 159 -7.72 -5.85 30.71
CA ALA B 159 -6.68 -4.94 30.25
C ALA B 159 -6.84 -4.66 28.77
N LEU B 160 -6.45 -3.46 28.35
CA LEU B 160 -6.54 -3.08 26.94
C LEU B 160 -5.35 -2.20 26.59
N PRO B 161 -4.20 -2.80 26.36
CA PRO B 161 -2.94 -2.05 26.05
C PRO B 161 -2.92 -1.42 24.66
N LEU B 162 -2.20 -0.29 24.54
CA LEU B 162 -2.08 0.44 23.28
C LEU B 162 -0.63 0.37 22.79
N VAL B 163 -0.46 0.06 21.51
CA VAL B 163 0.86 -0.01 20.89
C VAL B 163 0.83 0.84 19.63
N GLY B 164 1.83 1.70 19.42
CA GLY B 164 1.87 2.52 18.20
C GLY B 164 1.69 4.01 18.53
N ASN B 165 1.95 4.88 17.55
CA ASN B 165 1.83 6.34 17.77
C ASN B 165 0.43 6.89 17.47
N LEU B 166 -0.28 7.24 18.54
CA LEU B 166 -1.68 7.67 18.40
C LEU B 166 -1.86 8.98 17.60
N THR B 167 -2.34 8.81 16.36
CA THR B 167 -2.63 9.91 15.46
C THR B 167 -4.03 10.47 15.72
N GLU B 168 -4.32 11.61 15.09
CA GLU B 168 -5.63 12.21 15.19
C GLU B 168 -6.68 11.34 14.50
N GLU B 169 -6.33 10.74 13.37
CA GLU B 169 -7.27 9.90 12.61
C GLU B 169 -7.66 8.62 13.39
N ARG B 170 -6.64 8.07 14.01
CA ARG B 170 -6.75 6.87 14.86
C ARG B 170 -7.68 7.12 16.07
N PHE B 171 -7.64 8.34 16.56
CA PHE B 171 -8.43 8.75 17.72
C PHE B 171 -9.93 8.48 17.56
N ASN B 172 -10.45 8.44 16.35
CA ASN B 172 -11.87 8.16 16.15
C ASN B 172 -12.23 6.77 16.67
N SER B 173 -11.36 5.80 16.42
CA SER B 173 -11.62 4.43 16.86
C SER B 173 -11.73 4.37 18.40
N ILE B 174 -10.86 5.12 19.07
CA ILE B 174 -10.82 5.14 20.55
C ILE B 174 -12.10 5.71 21.17
N VAL B 175 -12.60 6.81 20.62
CA VAL B 175 -13.81 7.42 21.19
C VAL B 175 -14.96 6.45 21.05
N CYS B 176 -15.01 5.77 19.91
CA CYS B 176 -16.06 4.77 19.66
C CYS B 176 -15.96 3.63 20.68
N THR B 177 -14.74 3.30 21.08
CA THR B 177 -14.50 2.22 22.04
C THR B 177 -15.16 2.55 23.38
N LEU B 178 -15.45 3.83 23.58
CA LEU B 178 -16.03 4.31 24.82
C LEU B 178 -17.38 3.64 25.03
N THR B 179 -18.13 3.48 23.95
CA THR B 179 -19.42 2.80 24.02
C THR B 179 -19.24 1.35 24.51
N ASN B 180 -18.22 0.65 23.97
CA ASN B 180 -17.95 -0.74 24.37
C ASN B 180 -17.62 -0.82 25.86
N ILE B 181 -16.86 0.14 26.34
CA ILE B 181 -16.45 0.12 27.74
C ILE B 181 -17.66 0.06 28.67
N LEU B 182 -18.75 0.71 28.28
CA LEU B 182 -19.95 0.67 29.08
C LEU B 182 -20.43 -0.78 29.18
N SER B 183 -20.38 -1.52 28.07
CA SER B 183 -20.75 -2.93 28.09
C SER B 183 -19.82 -3.72 28.99
N THR B 184 -18.56 -3.30 29.06
CA THR B 184 -17.58 -4.02 29.88
C THR B 184 -17.58 -3.52 31.33
N SER B 185 -18.61 -2.81 31.71
CA SER B 185 -18.71 -2.22 33.04
C SER B 185 -18.67 -3.31 34.11
N LYS B 186 -18.89 -4.55 33.73
CA LYS B 186 -18.84 -5.65 34.69
C LYS B 186 -17.44 -5.77 35.31
N ASP B 187 -16.40 -5.61 34.49
CA ASP B 187 -15.03 -5.76 34.99
C ASP B 187 -14.68 -4.62 35.95
N ASP B 188 -14.47 -4.99 37.21
CA ASP B 188 -14.17 -4.03 38.26
C ASP B 188 -12.87 -3.28 38.04
N TYR B 189 -11.83 -3.99 37.60
CA TYR B 189 -10.53 -3.37 37.39
C TYR B 189 -10.18 -3.33 35.91
N LEU B 190 -9.76 -2.15 35.44
CA LEU B 190 -9.34 -1.98 34.05
C LEU B 190 -7.91 -1.44 33.95
N ILE B 191 -7.00 -2.22 33.35
CA ILE B 191 -5.60 -1.80 33.24
C ILE B 191 -5.25 -1.36 31.83
N ILE B 192 -4.74 -0.12 31.69
CA ILE B 192 -4.35 0.37 30.36
C ILE B 192 -2.85 0.62 30.20
N ASP B 193 -2.21 -0.10 29.29
CA ASP B 193 -0.76 0.00 29.11
C ASP B 193 -0.40 1.09 28.11
N LEU B 194 0.21 2.18 28.58
CA LEU B 194 0.68 3.25 27.70
C LEU B 194 2.15 3.01 27.32
N SER B 195 2.74 1.93 27.84
CA SER B 195 4.14 1.62 27.55
C SER B 195 4.34 1.37 26.06
N GLY B 196 3.37 0.74 25.43
CA GLY B 196 3.51 0.47 24.02
C GLY B 196 3.62 1.78 23.27
N LEU B 197 2.95 2.82 23.74
CA LEU B 197 2.94 4.09 23.06
C LEU B 197 4.25 4.82 23.36
N ALA B 198 4.90 5.35 22.31
CA ALA B 198 6.15 6.02 22.52
C ALA B 198 5.99 7.26 23.37
N GLN B 199 4.93 8.05 23.14
CA GLN B 199 4.70 9.27 23.90
C GLN B 199 3.21 9.49 24.29
N VAL B 200 2.96 10.38 25.23
CA VAL B 200 1.57 10.67 25.58
C VAL B 200 1.30 12.15 25.37
N ASN B 201 0.18 12.46 24.70
CA ASN B 201 -0.18 13.84 24.41
C ASN B 201 -1.05 14.44 25.52
N GLU B 202 -0.92 15.74 25.72
CA GLU B 202 -1.68 16.43 26.76
C GLU B 202 -3.20 16.28 26.56
N GLN B 203 -3.63 16.19 25.31
CA GLN B 203 -5.06 16.01 25.02
C GLN B 203 -5.50 14.65 25.56
N THR B 204 -4.59 13.70 25.53
CA THR B 204 -4.86 12.35 26.02
C THR B 204 -5.22 12.39 27.50
N ALA B 205 -4.47 13.16 28.27
CA ALA B 205 -4.70 13.24 29.71
C ALA B 205 -6.12 13.71 30.04
N ASP B 206 -6.70 14.53 29.16
CA ASP B 206 -8.07 14.96 29.34
C ASP B 206 -9.02 13.76 29.23
N GLN B 207 -8.70 12.84 28.31
CA GLN B 207 -9.49 11.63 28.10
C GLN B 207 -9.38 10.68 29.30
N ILE B 208 -8.20 10.61 29.90
CA ILE B 208 -7.99 9.70 31.03
C ILE B 208 -8.89 10.13 32.20
N PHE B 209 -8.90 11.45 32.43
CA PHE B 209 -9.73 12.05 33.47
C PHE B 209 -11.24 11.82 33.24
N LYS B 210 -11.71 11.97 32.01
CA LYS B 210 -13.13 11.75 31.76
C LYS B 210 -13.50 10.30 32.06
N LEU B 211 -12.62 9.38 31.63
CA LEU B 211 -12.85 7.95 31.83
C LEU B 211 -12.93 7.57 33.31
N SER B 212 -12.05 8.10 34.14
CA SER B 212 -12.06 7.77 35.56
C SER B 212 -13.36 8.21 36.25
N HIS B 213 -13.88 9.35 35.81
CA HIS B 213 -15.13 9.87 36.36
C HIS B 213 -16.34 8.98 36.00
N LEU B 214 -16.42 8.60 34.73
CA LEU B 214 -17.50 7.71 34.29
C LEU B 214 -17.37 6.35 34.97
N LEU B 215 -16.11 5.88 35.02
CA LEU B 215 -15.78 4.60 35.65
C LEU B 215 -16.12 4.61 37.15
N LYS B 216 -15.76 5.69 37.82
CA LYS B 216 -15.96 5.78 39.27
C LYS B 216 -17.44 5.67 39.64
N LEU B 217 -18.30 6.30 38.84
CA LEU B 217 -19.74 6.21 39.05
C LEU B 217 -20.25 4.76 38.88
N THR B 218 -19.73 4.11 37.85
CA THR B 218 -20.12 2.74 37.53
C THR B 218 -19.47 1.76 38.50
N GLY B 219 -18.47 2.26 39.20
CA GLY B 219 -17.75 1.45 40.17
C GLY B 219 -16.75 0.60 39.37
N THR B 220 -15.77 1.28 38.73
CA THR B 220 -14.72 0.54 38.03
C THR B 220 -13.35 1.17 38.13
N GLU B 221 -12.49 0.60 38.98
CA GLU B 221 -11.17 1.18 39.20
C GLU B 221 -10.35 1.20 37.91
N LEU B 222 -9.64 2.30 37.69
CA LEU B 222 -8.80 2.47 36.49
C LEU B 222 -7.32 2.58 36.83
N ILE B 223 -6.52 1.67 36.28
CA ILE B 223 -5.08 1.65 36.53
C ILE B 223 -4.31 2.05 35.27
N ILE B 224 -3.39 3.02 35.44
CA ILE B 224 -2.58 3.49 34.31
C ILE B 224 -1.14 3.03 34.48
N THR B 225 -0.58 2.35 33.47
CA THR B 225 0.80 1.87 33.58
C THR B 225 1.63 2.17 32.35
N GLY B 226 2.93 2.19 32.57
CA GLY B 226 3.87 2.52 31.53
C GLY B 226 4.13 4.00 31.48
N ILE B 227 3.80 4.72 32.55
CA ILE B 227 4.02 6.16 32.56
C ILE B 227 5.46 6.49 32.93
N LYS B 228 6.10 7.27 32.08
CA LYS B 228 7.48 7.65 32.28
C LYS B 228 7.62 8.53 33.53
N PRO B 229 8.66 8.35 34.35
CA PRO B 229 8.85 9.21 35.55
C PRO B 229 8.85 10.69 35.22
N GLU B 230 9.43 11.08 34.08
CA GLU B 230 9.49 12.48 33.73
C GLU B 230 8.07 13.01 33.52
N LEU B 231 7.27 12.20 32.84
CA LEU B 231 5.87 12.54 32.55
C LEU B 231 5.05 12.70 33.84
N ALA B 232 5.27 11.81 34.81
CA ALA B 232 4.51 11.88 36.07
C ALA B 232 4.82 13.15 36.85
N MET B 233 6.06 13.60 36.79
CA MET B 233 6.44 14.82 37.50
C MET B 233 5.69 16.01 36.89
N LYS B 234 5.59 16.02 35.56
CA LYS B 234 4.89 17.11 34.86
C LYS B 234 3.41 17.13 35.29
N MET B 235 2.84 15.93 35.32
CA MET B 235 1.43 15.72 35.70
C MET B 235 1.15 16.13 37.16
N ASN B 236 2.12 15.90 38.02
CA ASN B 236 1.96 16.23 39.42
C ASN B 236 1.73 17.72 39.59
N LYS B 237 2.47 18.51 38.84
CA LYS B 237 2.31 19.95 38.89
C LYS B 237 0.91 20.33 38.43
N LEU B 238 0.42 19.72 37.35
CA LEU B 238 -0.91 20.05 36.84
C LEU B 238 -2.03 19.74 37.86
N ASP B 239 -1.95 18.57 38.48
CA ASP B 239 -2.98 18.19 39.46
C ASP B 239 -2.47 17.15 40.43
N ALA B 240 -2.74 17.30 41.72
CA ALA B 240 -2.32 16.27 42.65
C ALA B 240 -3.07 15.00 42.27
N ASN B 241 -4.38 15.15 42.05
CA ASN B 241 -5.28 14.02 41.76
C ASN B 241 -4.69 13.04 40.76
N PHE B 242 -3.69 13.46 40.02
CA PHE B 242 -3.07 12.55 39.08
C PHE B 242 -2.47 11.36 39.80
N SER B 243 -1.73 11.64 40.89
CA SER B 243 -1.11 10.56 41.64
C SER B 243 -2.21 9.63 42.08
N SER B 244 -3.30 10.18 42.59
CA SER B 244 -4.45 9.42 43.06
C SER B 244 -4.65 8.09 42.35
N LEU B 245 -4.40 8.03 41.05
CA LEU B 245 -4.55 6.76 40.33
C LEU B 245 -3.27 5.97 40.38
N LYS B 246 -3.37 4.65 40.59
CA LYS B 246 -2.18 3.84 40.76
C LYS B 246 -1.37 3.78 39.48
N THR B 247 -0.06 3.95 39.63
CA THR B 247 0.83 3.90 38.49
C THR B 247 1.94 2.87 38.69
N TYR B 248 2.10 1.98 37.72
CA TYR B 248 3.15 0.97 37.76
C TYR B 248 4.17 1.26 36.67
N SER B 249 5.44 1.01 36.98
CA SER B 249 6.52 1.27 36.03
C SER B 249 6.37 0.40 34.78
N ASN B 250 5.87 -0.82 35.00
CA ASN B 250 5.66 -1.77 33.90
C ASN B 250 4.46 -2.66 34.15
N VAL B 251 3.94 -3.23 33.06
CA VAL B 251 2.80 -4.15 33.12
C VAL B 251 3.13 -5.43 33.88
N LYS B 252 4.31 -6.00 33.61
CA LYS B 252 4.70 -7.24 34.28
C LYS B 252 4.76 -7.01 35.78
N ASP B 253 5.41 -5.90 36.15
CA ASP B 253 5.54 -5.54 37.56
C ASP B 253 4.19 -5.31 38.24
N ALA B 254 3.27 -4.61 37.59
CA ALA B 254 1.96 -4.40 38.18
C ALA B 254 1.21 -5.70 38.33
N VAL B 255 1.32 -6.56 37.33
CA VAL B 255 0.65 -7.84 37.40
C VAL B 255 1.21 -8.70 38.50
N LYS B 256 2.53 -8.77 38.62
CA LYS B 256 3.15 -9.61 39.66
C LYS B 256 2.76 -9.13 41.07
N VAL B 257 2.88 -7.81 41.27
CA VAL B 257 2.55 -7.20 42.55
C VAL B 257 1.06 -7.31 42.86
N LEU B 258 0.20 -7.14 41.85
CA LEU B 258 -1.24 -7.20 42.08
C LEU B 258 -1.61 -8.20 43.18
N PRO B 259 -1.54 -9.49 42.92
CA PRO B 259 -1.91 -10.53 43.95
C PRO B 259 -1.00 -10.44 45.16
N ILE B 260 -1.53 -10.63 46.39
CA ILE B 260 -0.68 -10.61 47.60
C ILE B 260 -1.35 -11.33 48.80
N MET B 261 -2.65 -11.58 48.71
CA MET B 261 -3.36 -12.26 49.80
C MET B 261 -4.42 -13.19 49.27
N1 FMN C . -0.37 -9.50 -26.03
C2 FMN C . 0.55 -9.46 -24.98
O2 FMN C . 0.72 -10.45 -24.27
N3 FMN C . 1.31 -8.31 -24.76
C4 FMN C . 1.15 -7.20 -25.60
O4 FMN C . 1.80 -6.18 -25.38
C4A FMN C . 0.25 -7.24 -26.65
N5 FMN C . 0.14 -6.21 -27.49
C5A FMN C . -0.79 -6.21 -28.46
C6 FMN C . -0.99 -5.07 -29.22
C7 FMN C . -2.06 -5.00 -30.10
C7M FMN C . -2.28 -3.83 -30.82
C8 FMN C . -2.92 -6.10 -30.24
C8M FMN C . -3.94 -6.08 -31.18
C9 FMN C . -2.71 -7.23 -29.48
C9A FMN C . -1.64 -7.30 -28.59
N10 FMN C . -1.42 -8.41 -27.86
C10 FMN C . -0.51 -8.39 -26.87
C1' FMN C . -2.11 -9.68 -28.19
C2' FMN C . -1.30 -10.36 -29.30
O2' FMN C . -0.55 -9.38 -30.00
C3' FMN C . -2.26 -11.07 -30.26
O3' FMN C . -3.19 -10.12 -30.80
C4' FMN C . -3.02 -12.16 -29.51
O4' FMN C . -2.10 -13.06 -28.90
C5' FMN C . -3.90 -12.94 -30.51
O5' FMN C . -3.09 -13.22 -31.64
P FMN C . -2.52 -14.72 -31.88
O1P FMN C . -1.20 -14.50 -32.50
O2P FMN C . -3.53 -15.33 -32.76
O3P FMN C . -2.47 -15.28 -30.51
HN3 FMN C . 1.96 -8.28 -24.00
H6 FMN C . -0.28 -4.24 -29.16
HM71 FMN C . -3.06 -3.24 -30.32
HM72 FMN C . -2.62 -4.07 -31.83
HM73 FMN C . -1.37 -3.25 -30.86
HM81 FMN C . -4.42 -5.09 -31.18
HM82 FMN C . -4.67 -6.83 -30.92
HM83 FMN C . -3.53 -6.29 -32.17
H9 FMN C . -3.39 -8.08 -29.57
H1'1 FMN C . -3.10 -9.55 -28.60
H1'2 FMN C . -2.05 -10.36 -27.34
H2' FMN C . -0.63 -11.09 -28.86
HO2' FMN C . -1.12 -8.95 -30.71
H3' FMN C . -1.69 -11.52 -31.08
HO3' FMN C . -2.91 -9.20 -30.54
H4' FMN C . -3.65 -11.71 -28.76
HO4' FMN C . -2.04 -12.86 -27.93
H5'1 FMN C . -4.75 -12.37 -30.89
H5'2 FMN C . -4.16 -13.90 -30.07
N1 FMN D . 4.48 23.45 -13.28
C2 FMN D . 3.37 22.84 -12.67
O2 FMN D . 3.04 23.17 -11.53
N3 FMN D . 2.60 21.92 -13.39
C4 FMN D . 2.95 21.60 -14.70
O4 FMN D . 2.29 20.76 -15.31
C4A FMN D . 4.04 22.20 -15.31
N5 FMN D . 4.35 21.92 -16.58
C5A FMN D . 5.44 22.45 -17.14
C6 FMN D . 5.82 22.05 -18.43
C7 FMN D . 7.05 22.43 -18.95
C7M FMN D . 7.44 21.97 -20.19
C8 FMN D . 7.88 23.26 -18.19
C8M FMN D . 9.08 23.73 -18.73
C9 FMN D . 7.50 23.66 -16.92
C9A FMN D . 6.28 23.26 -16.40
N10 FMN D . 5.89 23.68 -15.18
C10 FMN D . 4.81 23.11 -14.60
C1' FMN D . 6.61 24.77 -14.48
C2' FMN D . 6.02 26.09 -15.00
O2' FMN D . 5.44 25.87 -16.29
C3' FMN D . 7.13 27.14 -15.10
O3' FMN D . 8.17 26.65 -15.96
C4' FMN D . 7.71 27.41 -13.70
O4' FMN D . 6.65 27.80 -12.82
C5' FMN D . 8.75 28.52 -13.78
O5' FMN D . 8.16 29.56 -14.58
P FMN D . 7.63 30.91 -13.87
O1P FMN D . 6.46 31.30 -14.70
O2P FMN D . 8.78 31.84 -13.96
O3P FMN D . 7.28 30.47 -12.50
HN3 FMN D . 1.82 21.47 -12.95
H6 FMN D . 5.14 21.45 -19.04
HM71 FMN D . 8.10 21.11 -20.08
HM72 FMN D . 7.96 22.77 -20.73
HM73 FMN D . 6.55 21.67 -20.76
HM81 FMN D . 9.56 22.93 -19.29
HM82 FMN D . 9.73 24.05 -17.92
HM83 FMN D . 8.87 24.57 -19.40
H9 FMN D . 8.18 24.30 -16.33
H1'1 FMN D . 7.67 24.83 -14.70
H1'2 FMN D . 6.36 24.76 -13.41
H2' FMN D . 5.26 26.44 -14.30
HO2' FMN D . 6.15 25.92 -16.99
H3' FMN D . 6.72 28.06 -15.51
HO3' FMN D . 7.86 25.82 -16.40
H4' FMN D . 8.18 26.50 -13.33
HO4' FMN D . 6.43 27.03 -12.22
H5'1 FMN D . 9.67 28.25 -14.30
H5'2 FMN D . 8.89 28.96 -12.79
#